data_5V2C
#
_entry.id   5V2C
#
_cell.length_a   122.190
_cell.length_b   228.510
_cell.length_c   286.400
_cell.angle_alpha   90.00
_cell.angle_beta   90.00
_cell.angle_gamma   90.00
#
_symmetry.space_group_name_H-M   'P 21 21 21'
#
loop_
_entity.id
_entity.type
_entity.pdbx_description
1 polymer 'Photosystem II protein D1'
2 polymer 'Photosystem II CP47 reaction center protein'
3 polymer 'Photosystem II CP43 reaction center protein'
4 polymer 'Photosystem II D2 protein'
5 polymer 'Cytochrome b559 subunit alpha'
6 polymer 'Cytochrome b559 subunit beta'
7 polymer 'Photosystem II reaction center protein H'
8 polymer 'Photosystem II reaction center protein I'
9 polymer 'Photosystem II reaction center protein J'
10 polymer 'Photosystem II reaction center protein K'
11 polymer 'Photosystem II reaction center protein L'
12 polymer 'Photosystem II reaction center protein M'
13 polymer 'Photosystem II manganese-stabilizing polypeptide'
14 polymer 'Photosystem II reaction center protein T'
15 polymer 'Photosystem II 12 kDa extrinsic protein'
16 polymer 'Cytochrome c-550'
17 polymer 'Photosystem II reaction center protein Ycf12'
18 polymer 'Photosystem II reaction center protein X'
19 polymer 'Photosystem II reaction center protein Z'
20 non-polymer 'CA-MN4-O5 CLUSTER'
21 non-polymer 'FE (II) ION'
22 non-polymer 'CHLORIDE ION'
23 non-polymer 'BICARBONATE ION'
24 non-polymer 'CHLOROPHYLL A'
25 non-polymer 'PHEOPHYTIN A'
26 non-polymer BETA-CAROTENE
27 non-polymer 2,3-DIMETHYL-5-(3,7,11,15,19,23,27,31,35-NONAMETHYL-2,6,10,14,18,22,26,30,34-HEXATRIACONTANONAENYL-2,5-CYCLOHEXADIENE-1,4-DIONE-2,3-DIMETHYL-5-SOLANESYL-1,4-BENZOQUINONE
28 non-polymer 1,2-DI-O-ACYL-3-O-[6-DEOXY-6-SULFO-ALPHA-D-GLUCOPYRANOSYL]-SN-GLYCEROL
29 non-polymer 1,2-DISTEAROYL-MONOGALACTOSYL-DIGLYCERIDE
30 non-polymer GLYCEROL
31 non-polymer DODECYL-BETA-D-MALTOSIDE
32 non-polymer 1,2-DIPALMITOYL-PHOSPHATIDYL-GLYCEROLE
33 non-polymer 'TETRAETHYLENE GLYCOL'
34 non-polymer 'TRIETHYLENE GLYCOL'
35 non-polymer 'HEXAETHYLENE GLYCOL'
36 non-polymer 1,2-ETHANEDIOL
37 non-polymer 'CALCIUM ION'
38 non-polymer 'heptyl 1-thio-beta-D-glucopyranoside'
39 non-polymer 'PENTAETHYLENE GLYCOL'
40 non-polymer 'DIGALACTOSYL DIACYL GLYCEROL (DGDG)'
41 non-polymer 'PROTOPORPHYRIN IX CONTAINING FE'
42 non-polymer 'MAGNESIUM ION'
43 non-polymer 'HEME C'
44 non-polymer 'NONAETHYLENE GLYCOL'
45 non-polymer 3,6,9,12,15,18,21-HEPTAOXATRICOSANE-1,23-DIOL
46 water water
#
loop_
_entity_poly.entity_id
_entity_poly.type
_entity_poly.pdbx_seq_one_letter_code
_entity_poly.pdbx_strand_id
1 'polypeptide(L)'
;MTTTLQRRESANLWERFCNWVTSTDNRLYVGWFGVIMIPTLLAATICFVIAFIAAPPVDIDGIREPVSGSLLYGNNIITG
AVVPSSNAIGLHFYPIWEAASLDEWLYNGGPYQLIIFHFLLGASCYMGRQWELSYRLGMRPWICVAYSAPLASAFAVFLI
YPIGQGSFSDGMPLGISGTFNFMIVFQAEHNILMHPFHQLGVAGVFGGALFCAMHGSLVTSSLIRETTETESANYGYKFG
QEEETYNIVAAHGYFGRLIFQYASFNNSRSLHFFLAAWPVVGVWFAALGISTMAFNLNGFNFNHSVIDAKGNVINTWADI
INRANLGMEVMHERNAHNFPLDLA
;
A,a
2 'polypeptide(L)'
;GLPWYRVHTVLINDPGRLIAAHLMHTALVAGWAGSMALYELATFDPSDPVLNPMWRQGMFVLPFMARLGVTGSWSGWSIT
GETGIDPGFWSFEGVALAHIVLSGLLFLAACWHWVYWDLELFRDPRTGEPALDLPKMFGIHLFLAGLLCFGFGAFHLTGL
FGPGMWVSDPYGLTGSVQPVAPEWGPDGFNPYNPGGVVAHHIAAGIVGIIAGLFHILVRPPQRLYKALRMGNIETVLSSS
IAAVFFAAFVVAGTMWYGSATTPIELFGPTRYQWDSSYFQQEINRRVQASLASGATLEEAWSAIPEKLAFYDYIGNNPAK
GGLFRTGPMNKGDGIAQAWKGHAVFRNKEGEELFVRRMPAFFESFPVILTDKNGVVKADIPFRRAESKYSFEQQGVTVSF
YGGELNGQTFTDPPTVKSYARKAIFGEIFEFDTETLNSDGIFRTSPRGWFTFAHAVFALLFFFGHIWHGARTLFRDVFSG
IDPELSPEQVEWGFYQKVGDVTTRSD
;
B,b
3 'polypeptide(L)'
;EAANSIFATNRDQESSGFAWWAGNARLINLSGKLLGAHVAHAGLIVFWAGAMTLFELAHFIPEKPMYEQGLILIPHIATL
GWGVGPGGEVVDTFPFFVVGVVHLISSAVLGFGGVYHAIRGPETLEEYSSFFGYDWKDKNKMTTILGFHLIVLGIGALLL
VAKAMFFGGLYDTWAPGGGDVRVITNPTLDPRVIFGYLLKSPFGGEGWIVSVNNLEDVVGGHIWIGLICIAGGIWHILTT
PFGWARRAFIWSGEAYLSYSLGALSMMGFIATCFVWFNNTVYPSEFYGPTGPEASQAQAMTFLIRDQKLGANVGSAQGPT
GLGKYLMRSPTGEIIFGGETMRFWDFRGPWLEPLRGPNGLDLNKIKNDIQPWQERRAAEYMTHAPLGSLNSVGGVATEIN
SVNFVSPRSWLATSHFVLAFFFLVGHLWHAGRARAAAAGFEKGIDRESEPVLSMPSLD
;
C,c
4 'polypeptide(L)'
;ERGWFDILDDWLKRDRFVFVGWSGILLFPCAYLALGGWLTGTTFVTSWYTHGLASSYLEGCNFLTVAVSTPANSMGHSLL
LLWGPEAQGDFTRWCQLGGLWTFIALHGAFGLIGFMLRQFEIARLVGVRPYNAIAFSAPIAVFVSVFLIYPLGQSSWFFA
PSFGVAAIFRFLLFFQGFHNWTLNPFHMMGVAGVLGGALLCAIHGATVENTLFQDGEGASTFRAFNPTQAEETYSMVTAN
RFWSQIFGIAFSNKRWLHFFMLFVPVTGLWMSAIGVVGLALNLRSYDFISQEIRAAEDPEFETFYTKNLLLNEGIRAWMA
PQDQP(MHS)ENFVFPEEVLPRGNAL
;
D,d
5 'polypeptide(L)'
;AGTTGERPFSDIITSVRYWVIHSITIPALFIAGWLFVSTGLAYDVFGTPRPDSYYAQEQRSIPLVTDRFEAKQQVETFLE
QLK
;
E,e
6 'polypeptide(L)' TSNTPNQEPVSYPIFTVRWVAVHTLAVPTIFFLGAIAAMQFIQR F,f
7 'polypeptide(L)' ARRTWLGDILRPLNSEYGKVAPGWGTTPLMAVFMGLFLVFLLIILEIYNSTLILDGVNVSWKALG H,h
8 'polypeptide(L)' (FME)ETLKITVYIVVTFFVLLFVFGFLSGDPARNPKRKDLE I,i
9 'polypeptide(L)' MESEGGRIPLWIVATVAGMGVIVIVGLFFYGAYAGLGSSL J,j
10 'polypeptide(L)' KLPEAYAIFDPLVDVLPVIPVLFLALAFVWQAAVGFR K,k
11 'polypeptide(L)' MEPNPNRQPVELNRTSLYLGLLLILVLALLFSSYFFN L,l
12 'polypeptide(L)' (FME)EVNQLGLIATALFVLVPSVFLIILYVQTESQQKSS M,m
13 'polypeptide(L)'
;AATLTYDDIVGTGLANKCPTLDDTARGAYPIDSSQTYRIARLCLQPTTFLVKEEPKNKRQEAEFVPTKLVTRETTSLDQI
QGELKVNSDGSLTFVEEDGIDFQPVTVQMAGGERIPLLFTVKNLVASTQPNVTSITTSTDFKGEFNVPSYRTANFLDPKG
RGLASGYDSAIALPQAKEEELARANVKRFSLTKGQISLNVAKVDGRTGEIAGTFESEQLSDDDMGAHEPHEVKIQGVFYA
SIEPA
;
O,o
14 'polypeptide(L)' (FME)ETITYVFIFACIIALFFFAIFFREPPRITKK T,t
15 'polypeptide(L)'
;ATASTEEELVNVVDEKLGTAYGEKIDLNNTNIAAFIQYRGLYPTLAKLIVKNAPYESVEDVLNIPGLTERQKQILRENLE
HFTVTEVETALVEGGDRYNNGLYK
;
U,u
16 'polypeptide(L)'
;AELTPEVLTVPLNSEGKTITLTEKQYLEGKRLFQYACASCHVGGITKTNPSLDLRTETLALATPPRDNIEGLVDYMKNPT
TYDGEQEIAEVHPSLRSADIFPKMRNLTEKDLVAIAGHILVEPKILGDKWGGGKVYY
;
V,v
17 'polypeptide(L)' EVIAQLTMIAMIGIAGPMIIFLLAVRRGNL Y,y
18 'polypeptide(L)' MTITPSLKGFFIGLLSGAVVLGLTFAVLIAISQIDKVQRSL X,x
19 'polypeptide(L)' MTILFQLALAALVILSFVMVIGVPVAYASPQDWDRSKQLIFLGSGLWIALVLVVGVLNFFVV Z,z
#
loop_
_chem_comp.id
_chem_comp.type
_chem_comp.name
_chem_comp.formula
1PE non-polymer 'PENTAETHYLENE GLYCOL' 'C10 H22 O6'
2PE non-polymer 'NONAETHYLENE GLYCOL' 'C18 H38 O10'
BCR non-polymer BETA-CAROTENE 'C40 H56'
BCT non-polymer 'BICARBONATE ION' 'C H O3 -1'
CA non-polymer 'CALCIUM ION' 'Ca 2'
CL non-polymer 'CHLORIDE ION' 'Cl -1'
CLA non-polymer 'CHLOROPHYLL A' 'C55 H72 Mg N4 O5'
DGD saccharide 'DIGALACTOSYL DIACYL GLYCEROL (DGDG)' 'C51 H96 O15'
EDO non-polymer 1,2-ETHANEDIOL 'C2 H6 O2'
FE2 non-polymer 'FE (II) ION' 'Fe 2'
GOL non-polymer GLYCEROL 'C3 H8 O3'
HEC non-polymer 'HEME C' 'C34 H34 Fe N4 O4'
HEM non-polymer 'PROTOPORPHYRIN IX CONTAINING FE' 'C34 H32 Fe N4 O4'
HTG D-saccharide 'heptyl 1-thio-beta-D-glucopyranoside' 'C13 H26 O5 S'
LHG non-polymer 1,2-DIPALMITOYL-PHOSPHATIDYL-GLYCEROLE 'C38 H75 O10 P'
LMG non-polymer 1,2-DISTEAROYL-MONOGALACTOSYL-DIGLYCERIDE 'C45 H86 O10'
LMT D-saccharide DODECYL-BETA-D-MALTOSIDE 'C24 H46 O11'
MG non-polymer 'MAGNESIUM ION' 'Mg 2'
OEX non-polymer 'CA-MN4-O5 CLUSTER' 'Ca Mn4 O5'
P6G non-polymer 'HEXAETHYLENE GLYCOL' 'C12 H26 O7'
PE8 non-polymer 3,6,9,12,15,18,21-HEPTAOXATRICOSANE-1,23-DIOL 'C16 H34 O9'
PG4 non-polymer 'TETRAETHYLENE GLYCOL' 'C8 H18 O5'
PGE non-polymer 'TRIETHYLENE GLYCOL' 'C6 H14 O4'
PHO non-polymer 'PHEOPHYTIN A' 'C55 H74 N4 O5'
PL9 non-polymer 2,3-DIMETHYL-5-(3,7,11,15,19,23,27,31,35-NONAMETHYL-2,6,10,14,18,22,26,30,34-HEXATRIACONTANONAENYL-2,5-CYCLOHEXADIENE-1,4-DIONE-2,3-DIMETHYL-5-SOLANESYL-1,4-BENZOQUINONE 'C53 H80 O2'
SQD non-polymer 1,2-DI-O-ACYL-3-O-[6-DEOXY-6-SULFO-ALPHA-D-GLUCOPYRANOSYL]-SN-GLYCEROL 'C41 H78 O12 S'
#
# COMPACT_ATOMS: atom_id res chain seq x y z
N ALA A 11 17.62 -59.66 -11.81
CA ALA A 11 16.42 -59.13 -12.57
C ALA A 11 16.78 -58.24 -13.80
N ASN A 12 16.04 -58.41 -14.90
CA ASN A 12 16.16 -57.52 -16.07
C ASN A 12 15.51 -56.17 -15.84
N LEU A 13 15.75 -55.26 -16.77
CA LEU A 13 15.32 -53.90 -16.67
C LEU A 13 13.80 -53.71 -16.50
N TRP A 14 13.01 -54.44 -17.29
CA TRP A 14 11.58 -54.34 -17.26
C TRP A 14 11.05 -54.80 -15.88
N GLU A 15 11.60 -55.90 -15.42
CA GLU A 15 11.28 -56.43 -14.10
C GLU A 15 11.59 -55.44 -12.97
N ARG A 16 12.79 -54.90 -13.02
CA ARG A 16 13.18 -53.88 -12.09
C ARG A 16 12.26 -52.68 -12.16
N PHE A 17 11.96 -52.25 -13.36
CA PHE A 17 11.09 -51.09 -13.54
C PHE A 17 9.71 -51.39 -12.94
N CYS A 18 9.19 -52.56 -13.23
CA CYS A 18 7.86 -52.96 -12.70
C CYS A 18 7.85 -52.99 -11.17
N ASN A 19 8.93 -53.49 -10.60
CA ASN A 19 9.08 -53.53 -9.15
C ASN A 19 9.09 -52.17 -8.52
N TRP A 20 9.72 -51.19 -9.21
CA TRP A 20 9.74 -49.81 -8.75
C TRP A 20 8.37 -49.14 -8.87
N VAL A 21 7.78 -49.25 -10.03
CA VAL A 21 6.42 -48.69 -10.25
C VAL A 21 5.45 -49.19 -9.19
N THR A 22 5.44 -50.47 -8.92
CA THR A 22 4.48 -51.03 -7.98
C THR A 22 4.99 -51.09 -6.56
N SER A 23 6.09 -50.41 -6.27
CA SER A 23 6.70 -50.54 -4.96
C SER A 23 5.84 -49.95 -3.85
N THR A 24 5.73 -50.70 -2.75
CA THR A 24 5.02 -50.18 -1.57
C THR A 24 5.90 -49.25 -0.77
N ASP A 25 7.17 -49.10 -1.18
CA ASP A 25 8.07 -48.24 -0.41
C ASP A 25 8.30 -46.82 -0.96
N ASN A 26 7.71 -46.46 -2.07
CA ASN A 26 7.82 -45.09 -2.58
C ASN A 26 7.00 -44.16 -1.73
N ARG A 27 7.57 -42.99 -1.41
CA ARG A 27 6.91 -42.00 -0.57
C ARG A 27 5.51 -41.66 -1.05
N LEU A 28 5.37 -41.52 -2.36
CA LEU A 28 4.10 -41.43 -3.04
C LEU A 28 4.03 -42.66 -3.94
N TYR A 29 2.91 -43.40 -3.86
CA TYR A 29 2.74 -44.58 -4.70
C TYR A 29 2.63 -44.16 -6.15
N VAL A 30 3.34 -44.89 -7.01
CA VAL A 30 3.21 -44.64 -8.45
C VAL A 30 2.14 -45.60 -9.00
N GLY A 31 2.54 -46.84 -9.30
CA GLY A 31 1.60 -47.85 -9.81
C GLY A 31 1.26 -47.61 -11.27
N TRP A 32 0.57 -48.58 -11.90
CA TRP A 32 0.27 -48.53 -13.32
C TRP A 32 -0.72 -47.44 -13.62
N PHE A 33 -1.75 -47.35 -12.81
CA PHE A 33 -2.63 -46.14 -12.90
C PHE A 33 -1.85 -44.82 -12.81
N GLY A 34 -0.89 -44.76 -11.86
CA GLY A 34 -0.08 -43.62 -11.69
C GLY A 34 0.79 -43.25 -12.91
N VAL A 35 1.18 -44.24 -13.69
CA VAL A 35 1.93 -44.01 -14.90
C VAL A 35 1.18 -43.12 -15.92
N ILE A 36 -0.15 -43.19 -15.91
CA ILE A 36 -1.01 -42.37 -16.76
C ILE A 36 -1.38 -41.11 -15.96
N MET A 37 -1.64 -41.28 -14.66
CA MET A 37 -2.10 -40.17 -13.85
C MET A 37 -1.10 -39.01 -13.76
N ILE A 38 0.16 -39.40 -13.62
CA ILE A 38 1.19 -38.41 -13.27
C ILE A 38 1.39 -37.42 -14.44
N PRO A 39 1.61 -37.92 -15.64
CA PRO A 39 1.75 -37.00 -16.77
C PRO A 39 0.48 -36.21 -17.12
N THR A 40 -0.69 -36.84 -17.03
CA THR A 40 -1.91 -36.17 -17.41
C THR A 40 -2.26 -35.10 -16.39
N LEU A 41 -2.08 -35.39 -15.09
CA LEU A 41 -2.35 -34.37 -14.08
C LEU A 41 -1.37 -33.18 -14.12
N LEU A 42 -0.12 -33.48 -14.44
CA LEU A 42 0.85 -32.44 -14.55
C LEU A 42 0.58 -31.52 -15.75
N ALA A 43 0.20 -32.10 -16.88
CA ALA A 43 -0.17 -31.33 -18.08
C ALA A 43 -1.39 -30.43 -17.77
N ALA A 44 -2.40 -31.03 -17.09
CA ALA A 44 -3.64 -30.29 -16.84
C ALA A 44 -3.34 -29.12 -15.89
N THR A 45 -2.53 -29.41 -14.86
CA THR A 45 -2.17 -28.44 -13.83
C THR A 45 -1.36 -27.28 -14.44
N ILE A 46 -0.34 -27.60 -15.20
CA ILE A 46 0.55 -26.60 -15.76
C ILE A 46 -0.22 -25.72 -16.73
N CYS A 47 -1.02 -26.32 -17.63
CA CYS A 47 -1.84 -25.54 -18.51
C CYS A 47 -2.85 -24.64 -17.75
N PHE A 48 -3.51 -25.20 -16.74
CA PHE A 48 -4.46 -24.44 -15.97
C PHE A 48 -3.83 -23.23 -15.32
N VAL A 49 -2.69 -23.44 -14.66
CA VAL A 49 -2.01 -22.35 -13.97
C VAL A 49 -1.63 -21.22 -14.97
N ILE A 50 -1.01 -21.60 -16.05
CA ILE A 50 -0.59 -20.62 -17.03
C ILE A 50 -1.79 -19.88 -17.64
N ALA A 51 -2.84 -20.64 -17.99
CA ALA A 51 -4.03 -20.06 -18.60
C ALA A 51 -4.72 -19.13 -17.61
N PHE A 52 -4.82 -19.57 -16.34
CA PHE A 52 -5.53 -18.77 -15.32
C PHE A 52 -4.85 -17.42 -15.08
N ILE A 53 -3.53 -17.44 -15.15
CA ILE A 53 -2.71 -16.23 -15.06
C ILE A 53 -2.75 -15.36 -16.32
N ALA A 54 -2.48 -15.97 -17.48
CA ALA A 54 -2.05 -15.23 -18.66
C ALA A 54 -2.87 -15.40 -19.95
N ALA A 55 -3.91 -16.23 -19.96
CA ALA A 55 -4.67 -16.48 -21.21
C ALA A 55 -5.47 -15.25 -21.64
N PRO A 56 -5.52 -15.01 -22.96
CA PRO A 56 -6.34 -13.90 -23.45
C PRO A 56 -7.84 -14.27 -23.45
N PRO A 57 -8.71 -13.32 -23.81
CA PRO A 57 -10.12 -13.65 -23.79
C PRO A 57 -10.54 -14.72 -24.76
N VAL A 58 -11.61 -15.43 -24.43
CA VAL A 58 -12.04 -16.62 -25.17
C VAL A 58 -13.47 -16.42 -25.64
N ASP A 59 -13.73 -16.76 -26.92
CA ASP A 59 -15.05 -16.65 -27.47
C ASP A 59 -15.92 -17.84 -27.10
N ILE A 60 -16.32 -17.93 -25.81
CA ILE A 60 -17.08 -19.07 -25.32
C ILE A 60 -18.34 -19.44 -26.14
N ASP A 61 -19.08 -18.42 -26.53
CA ASP A 61 -20.37 -18.64 -27.17
C ASP A 61 -20.34 -18.61 -28.68
N GLY A 62 -19.11 -18.63 -29.27
CA GLY A 62 -19.01 -18.64 -30.73
C GLY A 62 -19.58 -17.46 -31.53
N ILE A 63 -19.86 -16.35 -30.84
CA ILE A 63 -20.41 -15.15 -31.36
C ILE A 63 -19.44 -13.98 -31.40
N ARG A 64 -18.15 -14.32 -31.43
CA ARG A 64 -17.06 -13.33 -31.53
C ARG A 64 -17.27 -12.28 -30.43
N GLU A 65 -17.48 -12.79 -29.24
CA GLU A 65 -17.68 -11.95 -28.05
C GLU A 65 -16.77 -12.51 -26.95
N PRO A 66 -15.49 -12.22 -27.03
CA PRO A 66 -14.57 -12.89 -26.09
C PRO A 66 -14.65 -12.50 -24.64
N VAL A 67 -14.66 -13.52 -23.80
CA VAL A 67 -14.79 -13.37 -22.35
C VAL A 67 -13.43 -13.52 -21.71
N SER A 68 -13.06 -12.55 -20.89
CA SER A 68 -11.77 -12.56 -20.24
C SER A 68 -11.81 -13.39 -18.97
N GLY A 69 -10.96 -14.37 -18.90
CA GLY A 69 -10.86 -15.25 -17.70
C GLY A 69 -9.59 -15.06 -16.86
N SER A 70 -8.50 -14.52 -17.42
CA SER A 70 -7.23 -14.52 -16.71
C SER A 70 -6.93 -13.34 -15.84
N LEU A 71 -6.09 -13.55 -14.86
CA LEU A 71 -5.69 -12.50 -13.94
C LEU A 71 -5.07 -11.29 -14.64
N LEU A 72 -4.14 -11.52 -15.58
CA LEU A 72 -3.49 -10.43 -16.27
C LEU A 72 -4.44 -9.61 -17.20
N TYR A 73 -5.62 -10.18 -17.56
CA TYR A 73 -6.61 -9.55 -18.45
C TYR A 73 -7.82 -9.04 -17.65
N GLY A 74 -7.55 -8.71 -16.39
CA GLY A 74 -8.50 -7.91 -15.59
C GLY A 74 -9.35 -8.70 -14.59
N ASN A 75 -8.94 -9.93 -14.26
CA ASN A 75 -9.71 -10.72 -13.30
C ASN A 75 -9.03 -10.81 -11.97
N ASN A 76 -9.83 -11.06 -10.92
CA ASN A 76 -9.27 -11.41 -9.64
C ASN A 76 -9.51 -12.92 -9.44
N ILE A 77 -9.21 -13.43 -8.26
CA ILE A 77 -9.33 -14.88 -8.01
C ILE A 77 -10.80 -15.33 -8.14
N ILE A 78 -11.71 -14.50 -7.71
CA ILE A 78 -13.13 -14.80 -7.76
C ILE A 78 -13.77 -14.71 -9.13
N THR A 79 -13.34 -13.77 -9.97
CA THR A 79 -13.91 -13.62 -11.31
C THR A 79 -13.21 -14.46 -12.35
N GLY A 80 -12.00 -14.81 -12.03
CA GLY A 80 -11.14 -15.54 -13.00
C GLY A 80 -11.59 -16.90 -13.37
N ALA A 81 -11.14 -17.39 -14.54
CA ALA A 81 -11.48 -18.72 -14.99
C ALA A 81 -10.65 -19.09 -16.15
N VAL A 82 -10.50 -20.41 -16.39
CA VAL A 82 -10.24 -20.86 -17.72
C VAL A 82 -11.63 -21.08 -18.38
N VAL A 83 -11.86 -20.36 -19.46
CA VAL A 83 -13.13 -20.26 -20.17
C VAL A 83 -13.34 -21.42 -21.11
N PRO A 84 -14.58 -22.04 -21.10
CA PRO A 84 -14.89 -23.13 -22.04
C PRO A 84 -14.60 -22.83 -23.51
N SER A 85 -14.34 -23.91 -24.29
CA SER A 85 -14.12 -23.79 -25.72
C SER A 85 -15.41 -23.31 -26.44
N SER A 86 -15.19 -22.73 -27.60
CA SER A 86 -16.19 -22.04 -28.39
C SER A 86 -17.33 -22.93 -28.84
N ASN A 87 -18.52 -22.35 -28.83
CA ASN A 87 -19.73 -23.02 -29.35
C ASN A 87 -19.60 -23.39 -30.82
N ALA A 88 -18.74 -22.67 -31.55
CA ALA A 88 -18.44 -23.00 -32.95
C ALA A 88 -17.81 -24.37 -33.09
N ILE A 89 -17.02 -24.72 -32.07
CA ILE A 89 -16.36 -26.02 -32.02
C ILE A 89 -17.36 -27.12 -31.59
N GLY A 90 -18.20 -26.81 -30.64
CA GLY A 90 -19.24 -27.81 -30.21
C GLY A 90 -18.54 -28.92 -29.50
N LEU A 91 -18.77 -30.14 -29.99
CA LEU A 91 -18.11 -31.33 -29.44
C LEU A 91 -16.89 -31.76 -30.24
N HIS A 92 -16.50 -30.97 -31.20
CA HIS A 92 -15.31 -31.34 -31.94
C HIS A 92 -14.09 -31.31 -31.05
N PHE A 93 -13.16 -32.20 -31.35
CA PHE A 93 -11.90 -32.33 -30.65
C PHE A 93 -10.97 -31.24 -31.14
N TYR A 94 -10.52 -30.40 -30.25
CA TYR A 94 -9.70 -29.23 -30.63
C TYR A 94 -8.38 -29.26 -29.89
N PRO A 95 -7.46 -30.20 -30.29
CA PRO A 95 -6.13 -30.18 -29.78
C PRO A 95 -5.30 -29.00 -30.39
N ILE A 96 -4.15 -28.73 -29.79
CA ILE A 96 -3.30 -27.59 -30.21
C ILE A 96 -3.06 -27.69 -31.70
N TRP A 97 -2.78 -28.92 -32.15
CA TRP A 97 -2.39 -29.14 -33.52
C TRP A 97 -3.49 -29.04 -34.55
N GLU A 98 -4.75 -28.91 -34.15
CA GLU A 98 -5.86 -28.56 -35.08
C GLU A 98 -5.98 -27.05 -35.31
N ALA A 99 -5.32 -26.22 -34.49
CA ALA A 99 -5.28 -24.76 -34.69
C ALA A 99 -4.18 -24.34 -35.67
N ALA A 100 -4.42 -23.26 -36.41
CA ALA A 100 -3.39 -22.71 -37.33
C ALA A 100 -2.25 -22.12 -36.51
N SER A 101 -2.54 -21.68 -35.28
CA SER A 101 -1.55 -21.03 -34.43
C SER A 101 -2.03 -21.08 -32.97
N LEU A 102 -1.11 -20.85 -32.07
CA LEU A 102 -1.50 -20.73 -30.66
C LEU A 102 -2.41 -19.54 -30.46
N ASP A 103 -2.23 -18.45 -31.20
CA ASP A 103 -3.18 -17.35 -31.05
C ASP A 103 -4.62 -17.75 -31.35
N GLU A 104 -4.80 -18.56 -32.38
CA GLU A 104 -6.16 -19.02 -32.70
C GLU A 104 -6.65 -19.97 -31.59
N TRP A 105 -5.77 -20.93 -31.24
CA TRP A 105 -6.05 -21.91 -30.21
C TRP A 105 -6.58 -21.20 -28.95
N LEU A 106 -5.91 -20.16 -28.58
CA LEU A 106 -6.31 -19.35 -27.42
C LEU A 106 -7.65 -18.62 -27.58
N TYR A 107 -7.86 -17.98 -28.71
CA TYR A 107 -9.14 -17.29 -28.97
C TYR A 107 -10.32 -18.23 -28.83
N ASN A 108 -10.11 -19.47 -29.26
CA ASN A 108 -11.21 -20.45 -29.36
C ASN A 108 -11.37 -21.32 -28.13
N GLY A 109 -10.52 -21.11 -27.15
CA GLY A 109 -10.70 -21.78 -25.84
C GLY A 109 -10.09 -23.17 -25.80
N GLY A 110 -9.03 -23.36 -26.58
CA GLY A 110 -8.29 -24.60 -26.58
C GLY A 110 -7.78 -25.06 -25.22
N PRO A 111 -7.34 -24.11 -24.35
CA PRO A 111 -6.83 -24.60 -23.04
C PRO A 111 -7.87 -25.39 -22.24
N TYR A 112 -9.12 -24.95 -22.30
CA TYR A 112 -10.19 -25.67 -21.62
C TYR A 112 -10.21 -27.17 -21.94
N GLN A 113 -10.22 -27.49 -23.22
CA GLN A 113 -10.28 -28.89 -23.64
C GLN A 113 -9.03 -29.65 -23.18
N LEU A 114 -7.86 -29.06 -23.35
CA LEU A 114 -6.66 -29.72 -22.91
C LEU A 114 -6.70 -29.99 -21.43
N ILE A 115 -7.10 -29.02 -20.64
CA ILE A 115 -7.20 -29.19 -19.21
C ILE A 115 -8.25 -30.22 -18.82
N ILE A 116 -9.49 -30.12 -19.29
CA ILE A 116 -10.51 -31.04 -18.80
C ILE A 116 -10.28 -32.47 -19.24
N PHE A 117 -9.76 -32.69 -20.45
CA PHE A 117 -9.52 -34.04 -20.90
C PHE A 117 -8.36 -34.68 -20.13
N HIS A 118 -7.28 -33.91 -19.92
CA HIS A 118 -6.15 -34.47 -19.15
C HIS A 118 -6.64 -34.71 -17.71
N PHE A 119 -7.39 -33.75 -17.14
CA PHE A 119 -7.88 -33.94 -15.79
C PHE A 119 -8.79 -35.14 -15.60
N LEU A 120 -9.80 -35.32 -16.44
CA LEU A 120 -10.74 -36.42 -16.30
C LEU A 120 -9.99 -37.78 -16.43
N LEU A 121 -9.03 -37.84 -17.34
CA LEU A 121 -8.21 -39.06 -17.46
CA LEU A 121 -8.22 -39.04 -17.46
C LEU A 121 -7.39 -39.24 -16.18
N GLY A 122 -6.76 -38.17 -15.73
CA GLY A 122 -5.95 -38.30 -14.57
C GLY A 122 -6.72 -38.63 -13.32
N ALA A 123 -7.88 -38.01 -13.10
CA ALA A 123 -8.65 -38.27 -11.94
C ALA A 123 -9.26 -39.74 -11.97
N SER A 124 -9.63 -40.20 -13.13
CA SER A 124 -10.03 -41.61 -13.30
C SER A 124 -8.88 -42.53 -12.90
N CYS A 125 -7.65 -42.14 -13.24
CA CYS A 125 -6.54 -42.95 -12.82
C CYS A 125 -6.23 -42.78 -11.36
N TYR A 126 -6.56 -41.62 -10.78
CA TYR A 126 -6.44 -41.48 -9.33
C TYR A 126 -7.34 -42.47 -8.62
N MET A 127 -8.56 -42.65 -9.12
CA MET A 127 -9.48 -43.67 -8.59
C MET A 127 -8.91 -45.09 -8.73
N GLY A 128 -8.42 -45.42 -9.91
CA GLY A 128 -7.78 -46.72 -10.09
C GLY A 128 -6.62 -46.94 -9.15
N ARG A 129 -5.83 -45.87 -8.99
CA ARG A 129 -4.67 -45.93 -8.07
C ARG A 129 -5.04 -46.22 -6.59
N GLN A 130 -6.16 -45.67 -6.13
CA GLN A 130 -6.68 -46.00 -4.84
C GLN A 130 -7.00 -47.51 -4.71
N TRP A 131 -7.62 -48.10 -5.71
CA TRP A 131 -7.80 -49.57 -5.71
C TRP A 131 -6.41 -50.20 -5.59
N GLU A 132 -5.51 -49.80 -6.47
CA GLU A 132 -4.20 -50.47 -6.65
C GLU A 132 -3.38 -50.48 -5.39
N LEU A 133 -3.25 -49.33 -4.75
CA LEU A 133 -2.51 -49.34 -3.51
C LEU A 133 -3.21 -50.18 -2.42
N SER A 134 -4.53 -50.12 -2.35
CA SER A 134 -5.28 -50.92 -1.34
C SER A 134 -4.90 -52.38 -1.53
N TYR A 135 -4.76 -52.77 -2.78
CA TYR A 135 -4.36 -54.16 -3.08
C TYR A 135 -2.92 -54.48 -2.64
N ARG A 136 -1.99 -53.57 -2.89
CA ARG A 136 -0.62 -53.81 -2.49
C ARG A 136 -0.44 -53.88 -1.00
N LEU A 137 -1.23 -53.12 -0.26
CA LEU A 137 -1.14 -53.07 1.20
C LEU A 137 -2.04 -54.09 1.97
N GLY A 138 -2.78 -54.90 1.24
CA GLY A 138 -3.65 -55.87 1.82
C GLY A 138 -4.86 -55.33 2.52
N MET A 139 -5.31 -54.17 2.06
CA MET A 139 -6.53 -53.56 2.54
C MET A 139 -7.76 -54.12 1.75
N ARG A 140 -8.94 -53.82 2.30
CA ARG A 140 -10.17 -53.96 1.54
C ARG A 140 -10.22 -52.84 0.47
N PRO A 141 -11.03 -53.03 -0.63
CA PRO A 141 -10.77 -52.31 -1.89
C PRO A 141 -11.62 -51.09 -2.19
N TRP A 142 -12.53 -50.68 -1.30
CA TRP A 142 -13.63 -49.83 -1.71
C TRP A 142 -13.49 -48.34 -1.43
N ILE A 143 -12.35 -47.90 -0.93
CA ILE A 143 -12.15 -46.41 -0.86
C ILE A 143 -12.42 -45.78 -2.26
N CYS A 144 -11.92 -46.44 -3.31
CA CYS A 144 -12.09 -45.95 -4.66
C CYS A 144 -13.55 -45.78 -5.04
N VAL A 145 -14.40 -46.60 -4.44
CA VAL A 145 -15.81 -46.52 -4.73
C VAL A 145 -16.39 -45.24 -4.10
N ALA A 146 -15.88 -44.86 -2.94
CA ALA A 146 -16.35 -43.59 -2.36
C ALA A 146 -15.89 -42.37 -3.20
N TYR A 147 -14.66 -42.45 -3.70
CA TYR A 147 -14.14 -41.43 -4.62
C TYR A 147 -14.88 -41.36 -5.96
N SER A 148 -15.61 -42.40 -6.30
CA SER A 148 -16.38 -42.40 -7.54
C SER A 148 -17.48 -41.37 -7.49
N ALA A 149 -17.86 -40.96 -6.29
CA ALA A 149 -18.92 -39.96 -6.18
C ALA A 149 -18.51 -38.53 -6.64
N PRO A 150 -17.45 -37.97 -6.04
CA PRO A 150 -16.96 -36.71 -6.63
C PRO A 150 -16.46 -36.84 -8.06
N LEU A 151 -15.85 -37.96 -8.37
CA LEU A 151 -15.40 -38.15 -9.72
C LEU A 151 -16.54 -38.13 -10.73
N ALA A 152 -17.62 -38.87 -10.45
CA ALA A 152 -18.78 -38.91 -11.32
C ALA A 152 -19.32 -37.49 -11.49
N SER A 153 -19.26 -36.70 -10.40
CA SER A 153 -19.78 -35.33 -10.46
C SER A 153 -18.95 -34.43 -11.42
N ALA A 154 -17.63 -34.58 -11.40
CA ALA A 154 -16.75 -33.89 -12.31
C ALA A 154 -17.01 -34.33 -13.76
N PHE A 155 -17.20 -35.66 -13.98
CA PHE A 155 -17.61 -36.13 -15.28
C PHE A 155 -18.91 -35.49 -15.75
N ALA A 156 -19.86 -35.37 -14.85
CA ALA A 156 -21.14 -34.86 -15.23
C ALA A 156 -21.01 -33.41 -15.79
N VAL A 157 -20.26 -32.57 -15.11
CA VAL A 157 -20.20 -31.14 -15.44
C VAL A 157 -19.20 -30.80 -16.53
N PHE A 158 -18.20 -31.67 -16.71
CA PHE A 158 -17.20 -31.38 -17.72
C PHE A 158 -17.33 -32.20 -19.00
N LEU A 159 -18.00 -33.34 -18.96
CA LEU A 159 -18.13 -34.19 -20.13
C LEU A 159 -19.58 -34.54 -20.48
N ILE A 160 -20.38 -35.04 -19.52
CA ILE A 160 -21.69 -35.55 -19.88
C ILE A 160 -22.66 -34.42 -20.26
N TYR A 161 -22.71 -33.36 -19.46
CA TYR A 161 -23.52 -32.25 -19.82
C TYR A 161 -23.17 -31.68 -21.19
N PRO A 162 -21.87 -31.38 -21.43
CA PRO A 162 -21.53 -30.99 -22.84
C PRO A 162 -22.02 -31.96 -23.89
N ILE A 163 -21.86 -33.25 -23.64
CA ILE A 163 -22.30 -34.20 -24.70
C ILE A 163 -23.80 -34.06 -24.98
N GLY A 164 -24.59 -34.06 -23.91
CA GLY A 164 -26.03 -33.93 -24.06
C GLY A 164 -26.47 -32.69 -24.81
N GLN A 165 -25.85 -31.56 -24.44
CA GLN A 165 -26.19 -30.26 -25.06
C GLN A 165 -25.50 -29.95 -26.38
N GLY A 166 -24.54 -30.79 -26.72
CA GLY A 166 -23.85 -30.69 -27.99
C GLY A 166 -22.65 -29.71 -28.05
N SER A 167 -22.14 -29.26 -26.91
CA SER A 167 -21.02 -28.35 -26.88
C SER A 167 -20.26 -28.34 -25.55
N PHE A 168 -18.95 -28.29 -25.66
CA PHE A 168 -18.09 -28.02 -24.51
C PHE A 168 -18.20 -26.59 -24.04
N SER A 169 -18.81 -25.73 -24.85
CA SER A 169 -19.12 -24.37 -24.39
C SER A 169 -20.10 -24.34 -23.21
N ASP A 170 -20.88 -25.42 -23.02
CA ASP A 170 -21.80 -25.55 -21.92
C ASP A 170 -21.24 -26.39 -20.72
N GLY A 171 -20.00 -26.83 -20.83
CA GLY A 171 -19.25 -27.38 -19.71
C GLY A 171 -19.02 -26.37 -18.63
N MET A 172 -18.86 -26.83 -17.38
CA MET A 172 -18.68 -25.89 -16.29
C MET A 172 -17.34 -25.17 -16.52
N PRO A 173 -17.35 -23.83 -16.40
CA PRO A 173 -16.07 -23.12 -16.49
C PRO A 173 -15.12 -23.45 -15.34
N LEU A 174 -13.81 -23.32 -15.59
CA LEU A 174 -12.81 -23.58 -14.55
C LEU A 174 -12.51 -22.32 -13.78
N GLY A 175 -13.46 -21.98 -12.96
CA GLY A 175 -13.36 -20.77 -12.17
C GLY A 175 -14.53 -20.57 -11.25
N ILE A 176 -14.31 -19.69 -10.28
CA ILE A 176 -15.29 -19.51 -9.19
C ILE A 176 -16.61 -18.87 -9.67
N SER A 177 -16.54 -17.70 -10.30
CA SER A 177 -17.72 -17.09 -10.86
C SER A 177 -18.30 -17.86 -12.03
N GLY A 178 -17.41 -18.51 -12.80
CA GLY A 178 -17.83 -19.35 -13.86
C GLY A 178 -18.75 -20.49 -13.39
N THR A 179 -18.40 -21.04 -12.26
CA THR A 179 -19.17 -22.07 -11.62
C THR A 179 -20.59 -21.55 -11.31
N PHE A 180 -20.66 -20.34 -10.69
CA PHE A 180 -21.97 -19.79 -10.39
C PHE A 180 -22.80 -19.54 -11.68
N ASN A 181 -22.16 -19.08 -12.77
CA ASN A 181 -22.84 -18.88 -14.03
C ASN A 181 -23.46 -20.21 -14.49
N PHE A 182 -22.65 -21.27 -14.49
CA PHE A 182 -23.12 -22.60 -14.85
C PHE A 182 -24.38 -23.00 -13.98
N MET A 183 -24.33 -22.68 -12.70
CA MET A 183 -25.42 -23.05 -11.79
C MET A 183 -26.69 -22.30 -12.13
N ILE A 184 -26.55 -21.01 -12.37
CA ILE A 184 -27.78 -20.16 -12.59
C ILE A 184 -28.43 -20.54 -13.93
N VAL A 185 -27.60 -20.69 -14.97
CA VAL A 185 -28.14 -21.10 -16.27
C VAL A 185 -28.72 -22.51 -16.20
N PHE A 186 -28.11 -23.39 -15.41
CA PHE A 186 -28.65 -24.77 -15.25
C PHE A 186 -30.05 -24.75 -14.62
N GLN A 187 -30.23 -23.86 -13.65
CA GLN A 187 -31.50 -23.66 -13.00
C GLN A 187 -32.61 -23.14 -13.92
N ALA A 188 -32.26 -22.12 -14.74
CA ALA A 188 -33.12 -21.62 -15.78
C ALA A 188 -33.59 -22.67 -16.76
N GLU A 189 -32.66 -23.53 -17.16
CA GLU A 189 -32.85 -24.47 -18.25
C GLU A 189 -33.43 -25.86 -17.80
N HIS A 190 -33.23 -26.23 -16.53
CA HIS A 190 -33.60 -27.55 -16.05
C HIS A 190 -34.37 -27.54 -14.76
N ASN A 191 -34.55 -26.38 -14.16
CA ASN A 191 -35.22 -26.29 -12.84
C ASN A 191 -34.63 -27.38 -11.87
N ILE A 192 -33.30 -27.42 -11.78
CA ILE A 192 -32.60 -28.38 -11.02
C ILE A 192 -33.08 -28.42 -9.57
N LEU A 193 -33.42 -27.25 -8.98
CA LEU A 193 -33.85 -27.26 -7.60
C LEU A 193 -35.06 -28.18 -7.39
N MET A 194 -35.92 -28.29 -8.41
CA MET A 194 -37.09 -29.09 -8.33
C MET A 194 -36.88 -30.54 -8.77
N HIS A 195 -35.62 -30.93 -8.98
CA HIS A 195 -35.32 -32.29 -9.43
C HIS A 195 -34.95 -33.15 -8.22
N PRO A 196 -35.57 -34.34 -8.07
CA PRO A 196 -35.34 -35.12 -6.84
C PRO A 196 -33.93 -35.63 -6.69
N PHE A 197 -33.19 -35.83 -7.82
CA PHE A 197 -31.80 -36.20 -7.72
C PHE A 197 -30.88 -35.09 -7.17
N HIS A 198 -31.15 -33.83 -7.47
CA HIS A 198 -30.39 -32.76 -6.82
C HIS A 198 -30.86 -32.70 -5.37
N GLN A 199 -32.14 -32.95 -5.11
CA GLN A 199 -32.63 -32.94 -3.71
C GLN A 199 -31.95 -34.02 -2.87
N LEU A 200 -31.81 -35.23 -3.43
CA LEU A 200 -31.04 -36.28 -2.81
C LEU A 200 -29.59 -35.83 -2.59
N GLY A 201 -29.04 -35.11 -3.57
CA GLY A 201 -27.67 -34.59 -3.45
C GLY A 201 -27.54 -33.65 -2.26
N VAL A 202 -28.51 -32.78 -2.15
CA VAL A 202 -28.55 -31.87 -0.96
C VAL A 202 -28.64 -32.65 0.34
N ALA A 203 -29.52 -33.64 0.40
CA ALA A 203 -29.61 -34.48 1.57
C ALA A 203 -28.27 -35.16 1.81
N GLY A 204 -27.63 -35.57 0.74
CA GLY A 204 -26.33 -36.14 0.83
C GLY A 204 -25.24 -35.24 1.44
N VAL A 205 -25.17 -33.97 1.07
CA VAL A 205 -24.10 -33.11 1.57
C VAL A 205 -24.45 -32.42 2.85
N PHE A 206 -25.68 -32.01 2.99
CA PHE A 206 -26.14 -31.45 4.32
C PHE A 206 -26.06 -32.56 5.37
N GLY A 207 -26.51 -33.78 5.01
CA GLY A 207 -26.46 -34.92 5.88
C GLY A 207 -25.03 -35.37 6.12
N GLY A 208 -24.21 -35.41 5.08
CA GLY A 208 -22.77 -35.71 5.29
C GLY A 208 -22.14 -34.71 6.28
N ALA A 209 -22.45 -33.43 6.14
CA ALA A 209 -21.93 -32.42 7.07
C ALA A 209 -22.47 -32.64 8.47
N LEU A 210 -23.75 -32.91 8.57
CA LEU A 210 -24.41 -33.14 9.89
C LEU A 210 -23.72 -34.36 10.61
N PHE A 211 -23.65 -35.46 9.90
CA PHE A 211 -23.08 -36.70 10.45
C PHE A 211 -21.56 -36.57 10.71
N CYS A 212 -20.86 -35.81 9.89
CA CYS A 212 -19.48 -35.47 10.16
C CYS A 212 -19.35 -34.77 11.51
N ALA A 213 -20.13 -33.72 11.70
CA ALA A 213 -20.12 -33.00 12.97
C ALA A 213 -20.57 -33.90 14.11
N MET A 214 -21.57 -34.72 13.83
CA MET A 214 -22.12 -35.58 14.88
C MET A 214 -21.05 -36.62 15.32
N HIS A 215 -20.46 -37.34 14.35
CA HIS A 215 -19.41 -38.30 14.65
C HIS A 215 -18.22 -37.63 15.38
N GLY A 216 -17.73 -36.52 14.82
CA GLY A 216 -16.66 -35.84 15.46
C GLY A 216 -16.98 -35.47 16.89
N SER A 217 -18.17 -34.95 17.11
CA SER A 217 -18.56 -34.46 18.45
C SER A 217 -18.70 -35.65 19.43
N LEU A 218 -19.22 -36.76 18.94
CA LEU A 218 -19.51 -37.90 19.84
C LEU A 218 -18.21 -38.63 20.23
N VAL A 219 -17.31 -38.81 19.27
CA VAL A 219 -16.03 -39.40 19.63
C VAL A 219 -15.23 -38.46 20.50
N THR A 220 -15.20 -37.17 20.14
CA THR A 220 -14.52 -36.18 20.98
C THR A 220 -15.13 -36.15 22.41
N SER A 221 -16.45 -36.31 22.54
CA SER A 221 -17.17 -36.32 23.84
CA SER A 221 -17.07 -36.23 23.86
C SER A 221 -16.67 -37.40 24.74
N SER A 222 -16.28 -38.51 24.12
CA SER A 222 -16.09 -39.71 24.87
C SER A 222 -14.61 -40.15 24.96
N LEU A 223 -13.70 -39.23 24.69
CA LEU A 223 -12.29 -39.54 24.74
C LEU A 223 -11.98 -39.89 26.18
N ILE A 224 -11.13 -40.90 26.35
CA ILE A 224 -10.72 -41.39 27.67
C ILE A 224 -9.65 -40.43 28.25
N ARG A 225 -9.75 -40.08 29.54
CA ARG A 225 -8.78 -39.19 30.18
CA ARG A 225 -8.79 -39.19 30.16
C ARG A 225 -7.41 -39.83 30.18
N GLU A 226 -6.47 -39.22 29.46
CA GLU A 226 -5.07 -39.66 29.43
C GLU A 226 -4.10 -38.48 29.55
N THR A 227 -4.59 -37.27 29.83
CA THR A 227 -3.78 -36.07 29.79
C THR A 227 -4.22 -35.19 30.92
N THR A 228 -3.42 -34.15 31.16
CA THR A 228 -3.76 -33.13 32.17
C THR A 228 -4.36 -31.91 31.52
N GLU A 229 -4.92 -31.02 32.34
CA GLU A 229 -5.57 -29.75 31.84
C GLU A 229 -4.64 -28.77 31.06
N THR A 230 -3.33 -28.82 31.31
CA THR A 230 -2.33 -27.97 30.58
C THR A 230 -1.70 -28.62 29.30
N GLU A 231 -2.28 -29.73 28.81
CA GLU A 231 -1.94 -30.25 27.54
C GLU A 231 -3.19 -30.58 26.70
N SER A 232 -2.94 -30.57 25.40
CA SER A 232 -3.92 -30.97 24.43
C SER A 232 -4.31 -32.40 24.75
N ALA A 233 -5.62 -32.66 24.75
CA ALA A 233 -6.13 -34.04 24.86
C ALA A 233 -5.60 -34.93 23.74
N ASN A 234 -5.14 -34.33 22.64
CA ASN A 234 -4.64 -35.14 21.48
C ASN A 234 -3.44 -36.01 21.84
N TYR A 235 -2.66 -35.56 22.83
CA TYR A 235 -1.48 -36.31 23.26
C TYR A 235 -1.88 -37.61 23.99
N GLY A 236 -3.15 -37.74 24.33
CA GLY A 236 -3.69 -38.94 24.94
C GLY A 236 -3.81 -40.13 24.01
N TYR A 237 -3.71 -39.85 22.68
CA TYR A 237 -3.64 -40.88 21.65
C TYR A 237 -2.24 -40.88 21.05
N LYS A 238 -1.72 -42.11 20.92
CA LYS A 238 -0.42 -42.39 20.26
C LYS A 238 -0.69 -43.22 19.00
N PHE A 239 -0.13 -42.77 17.88
CA PHE A 239 -0.21 -43.44 16.57
C PHE A 239 0.11 -44.91 16.67
N GLY A 240 -0.84 -45.72 16.21
CA GLY A 240 -0.65 -47.17 16.24
C GLY A 240 -0.90 -47.86 17.55
N GLN A 241 -1.35 -47.18 18.62
CA GLN A 241 -1.72 -47.89 19.84
C GLN A 241 -2.84 -48.93 19.53
N GLU A 242 -2.82 -50.05 20.23
CA GLU A 242 -3.83 -51.11 20.03
C GLU A 242 -5.22 -50.79 20.58
N GLU A 243 -5.25 -50.11 21.73
CA GLU A 243 -6.51 -49.80 22.47
C GLU A 243 -7.29 -48.62 21.84
N GLU A 244 -8.62 -48.76 21.73
CA GLU A 244 -9.43 -47.67 21.22
C GLU A 244 -9.25 -46.47 22.22
N THR A 245 -9.44 -45.26 21.73
CA THR A 245 -9.05 -44.06 22.48
C THR A 245 -10.28 -43.32 23.06
N TYR A 246 -11.47 -43.80 22.71
CA TYR A 246 -12.74 -43.22 23.22
C TYR A 246 -13.54 -44.44 23.69
N ASN A 247 -14.59 -44.16 24.45
CA ASN A 247 -15.46 -45.19 24.97
C ASN A 247 -16.76 -45.15 24.20
N ILE A 248 -16.89 -46.06 23.21
CA ILE A 248 -18.08 -46.14 22.31
C ILE A 248 -19.34 -46.49 23.10
N VAL A 249 -19.17 -47.24 24.18
CA VAL A 249 -20.28 -47.54 25.04
C VAL A 249 -20.87 -46.25 25.67
N ALA A 250 -19.99 -45.36 26.15
CA ALA A 250 -20.41 -44.04 26.65
C ALA A 250 -21.04 -43.18 25.53
N ALA A 251 -20.40 -43.13 24.35
CA ALA A 251 -20.93 -42.36 23.24
C ALA A 251 -22.36 -42.85 22.84
N HIS A 252 -22.50 -44.17 22.75
CA HIS A 252 -23.82 -44.78 22.46
C HIS A 252 -24.85 -44.50 23.60
N GLY A 253 -24.37 -44.62 24.86
CA GLY A 253 -25.14 -44.25 26.05
C GLY A 253 -25.69 -42.85 25.98
N TYR A 254 -24.86 -41.96 25.42
CA TYR A 254 -25.26 -40.59 25.25
C TYR A 254 -26.29 -40.45 24.11
N PHE A 255 -25.88 -40.88 22.94
CA PHE A 255 -26.66 -40.62 21.76
C PHE A 255 -27.99 -41.34 21.77
N GLY A 256 -27.97 -42.55 22.30
CA GLY A 256 -29.18 -43.33 22.45
C GLY A 256 -30.17 -42.68 23.41
N ARG A 257 -29.70 -41.89 24.36
CA ARG A 257 -30.64 -41.15 25.21
C ARG A 257 -31.07 -39.83 24.55
N LEU A 258 -30.16 -39.26 23.75
CA LEU A 258 -30.50 -38.00 23.06
C LEU A 258 -31.72 -38.20 22.20
N ILE A 259 -31.74 -39.30 21.46
CA ILE A 259 -32.88 -39.64 20.62
C ILE A 259 -33.70 -40.74 21.36
N PHE A 260 -33.50 -41.99 20.97
CA PHE A 260 -33.90 -43.16 21.77
C PHE A 260 -32.90 -44.28 21.42
N GLN A 261 -32.85 -45.32 22.24
CA GLN A 261 -31.77 -46.33 22.15
C GLN A 261 -31.44 -46.96 20.76
N TYR A 262 -32.51 -47.37 20.08
CA TYR A 262 -32.44 -48.10 18.81
C TYR A 262 -32.21 -47.17 17.59
N ALA A 263 -32.09 -45.85 17.84
CA ALA A 263 -31.72 -44.86 16.80
C ALA A 263 -30.20 -44.57 16.81
N SER A 264 -29.48 -45.22 17.72
CA SER A 264 -28.05 -44.97 17.90
C SER A 264 -27.34 -46.27 17.52
N PHE A 265 -26.17 -46.14 16.93
CA PHE A 265 -25.33 -47.25 16.55
C PHE A 265 -24.46 -47.67 17.74
N ASN A 266 -24.52 -48.95 18.10
CA ASN A 266 -23.51 -49.47 19.05
C ASN A 266 -22.40 -50.29 18.36
N ASN A 267 -22.50 -50.36 17.01
CA ASN A 267 -21.52 -51.12 16.18
C ASN A 267 -20.76 -50.13 15.33
N SER A 268 -19.48 -50.01 15.62
CA SER A 268 -18.59 -49.06 14.95
C SER A 268 -18.51 -49.28 13.44
N ARG A 269 -18.54 -50.55 13.02
CA ARG A 269 -18.47 -50.90 11.64
C ARG A 269 -19.71 -50.42 10.89
N SER A 270 -20.86 -50.66 11.50
CA SER A 270 -22.13 -50.26 10.96
CA SER A 270 -22.09 -50.27 10.89
C SER A 270 -22.18 -48.70 10.87
N LEU A 271 -21.76 -48.03 11.96
CA LEU A 271 -21.64 -46.56 11.97
C LEU A 271 -20.75 -46.01 10.84
N HIS A 272 -19.54 -46.56 10.73
CA HIS A 272 -18.60 -46.06 9.78
C HIS A 272 -19.10 -46.38 8.33
N PHE A 273 -19.84 -47.48 8.16
CA PHE A 273 -20.42 -47.77 6.86
C PHE A 273 -21.49 -46.74 6.49
N PHE A 274 -22.35 -46.43 7.47
CA PHE A 274 -23.35 -45.39 7.26
C PHE A 274 -22.65 -44.03 6.89
N LEU A 275 -21.62 -43.68 7.62
CA LEU A 275 -20.86 -42.46 7.33
C LEU A 275 -20.34 -42.42 5.90
N ALA A 276 -19.87 -43.56 5.39
CA ALA A 276 -19.52 -43.65 3.97
C ALA A 276 -20.71 -43.53 3.02
N ALA A 277 -21.73 -44.33 3.30
CA ALA A 277 -22.80 -44.54 2.36
C ALA A 277 -23.72 -43.34 2.13
N TRP A 278 -24.06 -42.64 3.22
CA TRP A 278 -24.96 -41.54 3.13
C TRP A 278 -24.50 -40.44 2.10
N PRO A 279 -23.32 -39.82 2.33
CA PRO A 279 -22.81 -38.84 1.34
C PRO A 279 -22.49 -39.40 -0.05
N VAL A 280 -21.92 -40.60 -0.12
CA VAL A 280 -21.57 -41.23 -1.39
C VAL A 280 -22.83 -41.46 -2.24
N VAL A 281 -23.88 -42.07 -1.66
CA VAL A 281 -25.05 -42.36 -2.41
C VAL A 281 -25.73 -41.05 -2.79
N GLY A 282 -25.80 -40.12 -1.86
CA GLY A 282 -26.43 -38.84 -2.22
C GLY A 282 -25.71 -38.12 -3.36
N VAL A 283 -24.39 -38.14 -3.29
CA VAL A 283 -23.58 -37.49 -4.35
C VAL A 283 -23.65 -38.24 -5.66
N TRP A 284 -23.78 -39.57 -5.61
CA TRP A 284 -24.03 -40.31 -6.85
C TRP A 284 -25.35 -39.81 -7.47
N PHE A 285 -26.42 -39.64 -6.66
CA PHE A 285 -27.66 -39.08 -7.22
C PHE A 285 -27.47 -37.63 -7.73
N ALA A 286 -26.67 -36.81 -7.02
CA ALA A 286 -26.35 -35.46 -7.54
C ALA A 286 -25.75 -35.56 -8.95
N ALA A 287 -24.74 -36.39 -9.06
CA ALA A 287 -24.07 -36.60 -10.34
C ALA A 287 -25.01 -37.10 -11.43
N LEU A 288 -25.90 -38.04 -11.05
CA LEU A 288 -26.88 -38.55 -11.96
C LEU A 288 -27.94 -37.51 -12.31
N GLY A 289 -28.21 -36.57 -11.39
CA GLY A 289 -29.08 -35.46 -11.68
C GLY A 289 -28.55 -34.64 -12.87
N ILE A 290 -27.29 -34.20 -12.73
CA ILE A 290 -26.62 -33.44 -13.79
C ILE A 290 -26.54 -34.28 -15.09
N SER A 291 -26.20 -35.56 -14.93
CA SER A 291 -25.99 -36.42 -16.10
C SER A 291 -27.29 -36.76 -16.83
N THR A 292 -28.43 -36.62 -16.15
CA THR A 292 -29.72 -36.90 -16.79
C THR A 292 -30.45 -35.65 -17.24
N MET A 293 -30.23 -34.56 -16.50
CA MET A 293 -30.64 -33.22 -17.03
C MET A 293 -29.82 -32.86 -18.30
N ALA A 294 -28.67 -33.51 -18.45
CA ALA A 294 -27.87 -33.48 -19.72
C ALA A 294 -28.65 -33.88 -20.93
N PHE A 295 -29.64 -34.74 -20.73
CA PHE A 295 -30.54 -35.15 -21.81
C PHE A 295 -31.97 -34.63 -21.62
N ASN A 296 -32.06 -33.52 -20.90
CA ASN A 296 -33.23 -32.67 -20.70
C ASN A 296 -34.46 -33.36 -20.12
N LEU A 297 -34.21 -34.31 -19.21
CA LEU A 297 -35.25 -34.75 -18.30
C LEU A 297 -35.14 -33.92 -17.05
N ASN A 298 -36.06 -32.96 -16.92
CA ASN A 298 -35.78 -31.90 -16.02
C ASN A 298 -36.57 -31.98 -14.72
N GLY A 299 -36.34 -31.02 -13.85
CA GLY A 299 -37.02 -30.92 -12.57
C GLY A 299 -38.52 -30.93 -12.73
N PHE A 300 -39.23 -31.22 -11.63
CA PHE A 300 -40.68 -31.12 -11.63
C PHE A 300 -41.18 -29.73 -12.04
N ASN A 301 -42.17 -29.73 -12.92
CA ASN A 301 -42.82 -28.54 -13.47
C ASN A 301 -44.29 -28.48 -13.03
N PHE A 302 -44.54 -27.68 -12.01
CA PHE A 302 -45.85 -27.43 -11.52
C PHE A 302 -46.32 -26.01 -11.88
N ASN A 303 -45.87 -25.51 -13.02
CA ASN A 303 -46.27 -24.17 -13.49
C ASN A 303 -47.76 -24.11 -13.85
N HIS A 304 -48.51 -23.30 -13.10
CA HIS A 304 -49.98 -23.22 -13.26
C HIS A 304 -50.69 -24.58 -12.91
N SER A 305 -50.12 -25.38 -12.01
CA SER A 305 -50.80 -26.63 -11.62
C SER A 305 -52.09 -26.41 -10.82
N VAL A 306 -52.16 -25.28 -10.09
CA VAL A 306 -53.34 -24.97 -9.26
C VAL A 306 -54.18 -23.89 -9.93
N ILE A 307 -55.43 -24.23 -10.17
CA ILE A 307 -56.43 -23.46 -10.94
C ILE A 307 -57.70 -23.39 -10.10
N ASP A 308 -58.39 -22.25 -10.09
CA ASP A 308 -59.64 -22.12 -9.35
C ASP A 308 -60.85 -22.62 -10.19
N ALA A 309 -62.03 -22.45 -9.61
CA ALA A 309 -63.28 -22.97 -10.21
C ALA A 309 -63.58 -22.36 -11.63
N LYS A 310 -63.16 -21.12 -11.83
CA LYS A 310 -63.32 -20.44 -13.11
C LYS A 310 -62.26 -20.83 -14.11
N GLY A 311 -61.09 -21.16 -13.59
CA GLY A 311 -59.92 -21.39 -14.44
C GLY A 311 -58.83 -20.34 -14.20
N ASN A 312 -58.99 -19.44 -13.24
CA ASN A 312 -57.89 -18.52 -12.88
C ASN A 312 -56.72 -19.31 -12.32
N VAL A 313 -55.52 -18.91 -12.70
CA VAL A 313 -54.32 -19.52 -12.14
C VAL A 313 -54.12 -19.02 -10.74
N ILE A 314 -53.92 -19.93 -9.81
CA ILE A 314 -53.63 -19.56 -8.39
C ILE A 314 -52.18 -19.95 -8.21
N ASN A 315 -51.29 -18.98 -8.21
CA ASN A 315 -49.89 -19.27 -8.01
C ASN A 315 -49.56 -20.07 -6.76
N THR A 316 -48.55 -20.91 -6.87
CA THR A 316 -47.89 -21.44 -5.72
C THR A 316 -46.41 -21.03 -5.76
N TRP A 317 -45.65 -21.45 -4.75
CA TRP A 317 -44.27 -21.14 -4.70
C TRP A 317 -43.56 -21.69 -5.93
N ALA A 318 -44.03 -22.76 -6.59
CA ALA A 318 -43.45 -23.20 -7.86
C ALA A 318 -43.54 -22.09 -8.91
N ASP A 319 -44.66 -21.36 -8.97
CA ASP A 319 -44.79 -20.29 -9.99
C ASP A 319 -43.84 -19.12 -9.75
N ILE A 320 -43.50 -18.86 -8.48
CA ILE A 320 -42.57 -17.81 -8.12
C ILE A 320 -41.17 -18.25 -8.52
N ILE A 321 -40.82 -19.50 -8.25
CA ILE A 321 -39.57 -20.03 -8.77
C ILE A 321 -39.52 -19.79 -10.29
N ASN A 322 -40.63 -20.11 -10.95
CA ASN A 322 -40.70 -19.99 -12.40
C ASN A 322 -40.35 -18.56 -12.89
N ARG A 323 -40.86 -17.56 -12.18
CA ARG A 323 -40.56 -16.16 -12.52
C ARG A 323 -39.06 -15.86 -12.42
N ALA A 324 -38.40 -16.38 -11.35
CA ALA A 324 -36.97 -16.21 -11.19
C ALA A 324 -36.24 -16.89 -12.36
N ASN A 325 -36.63 -18.14 -12.60
CA ASN A 325 -36.05 -18.88 -13.73
C ASN A 325 -36.15 -18.11 -15.07
N LEU A 326 -37.30 -17.50 -15.34
CA LEU A 326 -37.54 -16.74 -16.54
C LEU A 326 -36.52 -15.58 -16.68
N GLY A 327 -36.30 -14.85 -15.59
CA GLY A 327 -35.26 -13.84 -15.51
C GLY A 327 -33.90 -14.27 -15.96
N MET A 328 -33.49 -15.44 -15.48
CA MET A 328 -32.24 -16.07 -15.86
C MET A 328 -32.23 -16.44 -17.32
N GLU A 329 -33.34 -17.03 -17.78
CA GLU A 329 -33.45 -17.53 -19.12
C GLU A 329 -33.33 -16.35 -20.08
N VAL A 330 -34.13 -15.33 -19.87
CA VAL A 330 -34.19 -14.26 -20.90
C VAL A 330 -32.89 -13.47 -20.97
N MET A 331 -32.14 -13.38 -19.89
CA MET A 331 -30.87 -12.59 -19.84
C MET A 331 -29.59 -13.35 -20.20
N HIS A 332 -29.57 -14.67 -20.04
CA HIS A 332 -28.36 -15.41 -20.27
C HIS A 332 -27.94 -15.37 -21.75
N GLU A 333 -26.63 -15.26 -21.95
CA GLU A 333 -26.05 -15.25 -23.30
C GLU A 333 -26.87 -14.36 -24.25
N ARG A 334 -27.03 -13.11 -23.81
CA ARG A 334 -27.93 -12.13 -24.37
C ARG A 334 -27.81 -11.79 -25.86
N ASN A 335 -26.72 -12.18 -26.51
CA ASN A 335 -26.56 -11.95 -27.93
C ASN A 335 -26.53 -13.24 -28.73
N ALA A 336 -26.73 -14.42 -28.07
CA ALA A 336 -26.51 -15.70 -28.76
C ALA A 336 -27.73 -16.33 -29.41
N HIS A 337 -28.91 -15.94 -29.02
CA HIS A 337 -30.16 -16.57 -29.55
C HIS A 337 -30.80 -15.69 -30.58
N ASN A 338 -31.13 -16.30 -31.73
CA ASN A 338 -31.86 -15.62 -32.80
C ASN A 338 -33.30 -16.06 -32.98
N PHE A 339 -33.62 -17.23 -32.36
CA PHE A 339 -34.91 -17.90 -32.54
C PHE A 339 -35.52 -18.08 -31.16
N PRO A 340 -36.86 -18.22 -31.12
CA PRO A 340 -37.59 -18.03 -29.85
C PRO A 340 -37.35 -19.05 -28.71
N LEU A 341 -36.97 -20.25 -29.10
CA LEU A 341 -36.76 -21.34 -28.14
C LEU A 341 -35.29 -21.69 -27.95
N ASP A 342 -34.90 -21.88 -26.67
CA ASP A 342 -33.55 -22.28 -26.33
C ASP A 342 -33.60 -23.82 -26.22
N LEU A 343 -33.25 -24.47 -27.30
CA LEU A 343 -33.40 -25.97 -27.44
C LEU A 343 -32.17 -26.74 -27.06
N ALA A 344 -31.10 -26.03 -26.80
CA ALA A 344 -29.90 -26.63 -26.20
C ALA A 344 -29.01 -25.51 -25.74
N GLY B 1 3.57 -28.71 26.04
CA GLY B 1 3.17 -27.43 26.70
C GLY B 1 1.75 -27.06 26.41
N LEU B 2 1.34 -25.85 26.77
CA LEU B 2 0.02 -25.38 26.43
C LEU B 2 -0.08 -25.16 24.92
N PRO B 3 -1.19 -25.56 24.31
CA PRO B 3 -1.51 -25.17 22.92
C PRO B 3 -1.73 -23.68 22.80
N TRP B 4 -1.57 -23.17 21.57
CA TRP B 4 -1.63 -21.74 21.34
C TRP B 4 -2.90 -21.12 21.82
N TYR B 5 -4.02 -21.84 21.68
CA TYR B 5 -5.33 -21.35 22.00
C TYR B 5 -5.66 -21.37 23.53
N ARG B 6 -4.72 -21.83 24.36
CA ARG B 6 -4.86 -21.85 25.83
C ARG B 6 -3.87 -20.96 26.59
N VAL B 7 -3.05 -20.16 25.89
CA VAL B 7 -1.99 -19.47 26.57
C VAL B 7 -2.51 -18.59 27.71
N HIS B 8 -3.68 -18.04 27.57
CA HIS B 8 -4.13 -17.06 28.59
C HIS B 8 -4.69 -17.77 29.84
N THR B 9 -4.80 -19.10 29.79
CA THR B 9 -5.28 -19.87 30.97
C THR B 9 -4.34 -19.77 32.16
N VAL B 10 -3.10 -19.32 31.93
CA VAL B 10 -2.18 -19.14 33.01
C VAL B 10 -2.71 -18.13 34.02
N LEU B 11 -3.69 -17.35 33.64
CA LEU B 11 -4.23 -16.35 34.58
C LEU B 11 -5.35 -16.83 35.51
N ILE B 12 -5.85 -18.05 35.34
CA ILE B 12 -7.07 -18.50 36.03
C ILE B 12 -6.89 -18.48 37.53
N ASN B 13 -5.72 -18.90 37.99
CA ASN B 13 -5.42 -18.87 39.42
C ASN B 13 -4.40 -17.86 39.82
N ASP B 14 -4.45 -16.69 39.16
CA ASP B 14 -3.48 -15.61 39.41
C ASP B 14 -4.18 -14.27 39.34
N PRO B 15 -4.88 -13.91 40.44
CA PRO B 15 -5.73 -12.73 40.41
C PRO B 15 -4.98 -11.47 40.05
N GLY B 16 -3.76 -11.32 40.57
CA GLY B 16 -2.95 -10.14 40.26
C GLY B 16 -2.61 -10.03 38.77
N ARG B 17 -2.23 -11.13 38.14
CA ARG B 17 -1.97 -11.03 36.74
C ARG B 17 -3.20 -10.92 35.85
N LEU B 18 -4.31 -11.45 36.34
CA LEU B 18 -5.59 -11.28 35.70
C LEU B 18 -5.96 -9.80 35.69
N ILE B 19 -5.77 -9.15 36.83
CA ILE B 19 -6.01 -7.71 36.93
C ILE B 19 -5.07 -6.96 35.98
N ALA B 20 -3.81 -7.41 35.92
CA ALA B 20 -2.88 -6.82 34.97
C ALA B 20 -3.35 -6.97 33.55
N ALA B 21 -3.75 -8.15 33.13
CA ALA B 21 -4.24 -8.36 31.79
C ALA B 21 -5.49 -7.55 31.49
N HIS B 22 -6.36 -7.46 32.48
CA HIS B 22 -7.56 -6.65 32.34
C HIS B 22 -7.21 -5.17 32.19
N LEU B 23 -6.21 -4.73 32.96
CA LEU B 23 -5.71 -3.36 32.87
C LEU B 23 -5.15 -3.06 31.51
N MET B 24 -4.38 -4.00 30.94
CA MET B 24 -3.82 -3.83 29.62
C MET B 24 -4.94 -3.80 28.56
N HIS B 25 -5.97 -4.69 28.64
CA HIS B 25 -7.09 -4.64 27.70
C HIS B 25 -7.73 -3.27 27.80
N THR B 26 -7.97 -2.80 29.04
CA THR B 26 -8.63 -1.52 29.26
C THR B 26 -7.76 -0.35 28.68
N ALA B 27 -6.45 -0.45 28.84
CA ALA B 27 -5.51 0.52 28.21
C ALA B 27 -5.63 0.54 26.69
N LEU B 28 -5.69 -0.65 26.09
CA LEU B 28 -5.84 -0.77 24.67
C LEU B 28 -7.14 -0.18 24.16
N VAL B 29 -8.23 -0.48 24.86
CA VAL B 29 -9.54 0.01 24.44
C VAL B 29 -9.58 1.56 24.57
N ALA B 30 -9.08 2.08 25.67
CA ALA B 30 -9.14 3.51 25.87
C ALA B 30 -8.18 4.22 24.86
N GLY B 31 -7.03 3.60 24.59
CA GLY B 31 -6.11 4.07 23.53
C GLY B 31 -6.76 4.06 22.16
N TRP B 32 -7.56 3.04 21.89
CA TRP B 32 -8.34 3.01 20.69
C TRP B 32 -9.27 4.18 20.60
N ALA B 33 -9.99 4.45 21.67
CA ALA B 33 -10.99 5.47 21.59
C ALA B 33 -10.34 6.82 21.36
N GLY B 34 -9.19 7.03 21.99
CA GLY B 34 -8.45 8.30 21.84
C GLY B 34 -7.90 8.48 20.42
N SER B 35 -7.28 7.39 19.88
CA SER B 35 -6.73 7.38 18.55
CA SER B 35 -6.70 7.49 18.58
C SER B 35 -7.77 7.57 17.51
N MET B 36 -8.91 6.87 17.69
CA MET B 36 -10.04 6.95 16.75
C MET B 36 -10.58 8.39 16.70
N ALA B 37 -10.76 8.97 17.89
CA ALA B 37 -11.25 10.34 17.95
C ALA B 37 -10.25 11.31 17.22
N LEU B 38 -8.97 11.10 17.40
CA LEU B 38 -7.94 11.93 16.74
C LEU B 38 -7.94 11.82 15.22
N TYR B 39 -8.11 10.60 14.70
CA TYR B 39 -8.20 10.36 13.30
C TYR B 39 -9.44 11.01 12.73
N GLU B 40 -10.54 10.90 13.44
CA GLU B 40 -11.80 11.53 13.01
C GLU B 40 -11.66 13.04 12.93
N LEU B 41 -11.03 13.62 13.95
CA LEU B 41 -10.81 15.09 14.00
C LEU B 41 -9.89 15.56 12.88
N ALA B 42 -8.95 14.71 12.49
CA ALA B 42 -8.04 15.03 11.42
C ALA B 42 -8.64 14.85 10.03
N THR B 43 -9.78 14.21 9.91
CA THR B 43 -10.46 14.01 8.67
C THR B 43 -11.84 14.69 8.58
N PHE B 44 -12.42 15.13 9.69
CA PHE B 44 -13.80 15.60 9.72
C PHE B 44 -13.88 17.05 9.23
N ASP B 45 -14.81 17.34 8.36
CA ASP B 45 -15.08 18.68 7.85
C ASP B 45 -16.34 19.22 8.53
N PRO B 46 -16.17 20.21 9.39
CA PRO B 46 -17.30 20.74 10.13
C PRO B 46 -18.05 21.81 9.41
N SER B 47 -17.74 22.07 8.15
CA SER B 47 -18.23 23.27 7.55
C SER B 47 -19.71 23.22 7.03
N ASP B 48 -20.35 22.05 7.05
CA ASP B 48 -21.71 21.94 6.51
C ASP B 48 -22.52 20.85 7.20
N PRO B 49 -23.08 21.17 8.38
CA PRO B 49 -23.95 20.19 9.08
C PRO B 49 -25.25 19.83 8.32
N VAL B 50 -25.62 20.60 7.26
CA VAL B 50 -26.87 20.40 6.58
C VAL B 50 -26.69 19.27 5.58
N LEU B 51 -25.75 19.44 4.65
CA LEU B 51 -25.51 18.43 3.60
C LEU B 51 -24.23 17.61 3.70
N ASN B 52 -23.38 17.95 4.64
CA ASN B 52 -22.19 17.16 4.94
C ASN B 52 -22.01 16.87 6.43
N PRO B 53 -23.07 16.33 7.09
CA PRO B 53 -22.90 16.03 8.51
C PRO B 53 -21.99 14.83 8.73
N MET B 54 -21.68 14.61 9.99
CA MET B 54 -20.75 13.56 10.42
C MET B 54 -21.06 12.17 9.85
N TRP B 55 -22.35 11.83 9.73
CA TRP B 55 -22.74 10.49 9.25
C TRP B 55 -22.54 10.27 7.76
N ARG B 56 -22.33 11.36 6.98
CA ARG B 56 -21.96 11.25 5.59
C ARG B 56 -20.42 11.02 5.42
N GLN B 57 -19.67 11.30 6.46
CA GLN B 57 -18.20 11.31 6.49
C GLN B 57 -17.54 10.12 7.17
N GLY B 58 -18.30 9.07 7.48
CA GLY B 58 -17.70 7.88 8.04
C GLY B 58 -17.29 8.03 9.47
N MET B 59 -17.94 8.96 10.19
CA MET B 59 -17.60 9.24 11.58
C MET B 59 -18.35 8.22 12.47
N PHE B 60 -17.60 7.55 13.32
CA PHE B 60 -18.08 6.45 14.15
C PHE B 60 -18.05 6.82 15.62
N VAL B 61 -16.95 7.42 16.09
CA VAL B 61 -16.96 7.91 17.50
C VAL B 61 -17.46 9.31 17.73
N LEU B 62 -17.30 10.20 16.75
CA LEU B 62 -17.87 11.56 16.86
C LEU B 62 -19.32 11.57 17.37
N PRO B 63 -20.21 10.75 16.76
CA PRO B 63 -21.58 10.78 17.23
C PRO B 63 -21.80 10.34 18.69
N PHE B 64 -20.97 9.46 19.20
CA PHE B 64 -21.01 9.07 20.60
C PHE B 64 -20.61 10.23 21.51
N MET B 65 -19.64 11.03 21.08
CA MET B 65 -19.25 12.18 21.86
C MET B 65 -20.38 13.16 21.89
N ALA B 66 -20.96 13.43 20.73
CA ALA B 66 -22.06 14.32 20.59
C ALA B 66 -23.31 13.87 21.32
N ARG B 67 -23.59 12.58 21.30
CA ARG B 67 -24.86 12.12 22.00
C ARG B 67 -24.90 12.56 23.46
N LEU B 68 -23.74 12.56 24.11
CA LEU B 68 -23.66 12.86 25.54
C LEU B 68 -23.23 14.28 25.88
N GLY B 69 -23.14 15.15 24.87
CA GLY B 69 -22.93 16.57 25.15
C GLY B 69 -21.64 17.17 24.69
N VAL B 70 -20.77 16.36 24.07
CA VAL B 70 -19.49 16.92 23.48
C VAL B 70 -19.78 17.31 22.04
N THR B 71 -19.89 18.59 21.78
CA THR B 71 -20.33 19.14 20.46
C THR B 71 -19.36 20.16 19.84
N GLY B 72 -18.32 20.58 20.56
CA GLY B 72 -17.41 21.68 20.13
C GLY B 72 -15.97 21.25 20.03
N SER B 73 -15.24 21.95 19.20
CA SER B 73 -13.82 21.84 19.08
C SER B 73 -13.11 23.07 19.70
N TRP B 74 -11.89 22.84 20.23
CA TRP B 74 -11.01 23.92 20.65
C TRP B 74 -10.73 24.91 19.52
N SER B 75 -10.80 24.45 18.29
CA SER B 75 -10.65 25.27 17.11
CA SER B 75 -10.62 25.31 17.13
C SER B 75 -11.79 26.27 16.87
N GLY B 76 -12.90 26.14 17.61
CA GLY B 76 -14.00 27.17 17.62
C GLY B 76 -15.31 26.76 16.91
N TRP B 77 -15.34 25.61 16.24
CA TRP B 77 -16.58 25.19 15.63
C TRP B 77 -17.39 24.25 16.52
N SER B 78 -18.68 24.08 16.20
CA SER B 78 -19.55 23.10 16.87
C SER B 78 -20.26 22.28 15.81
N ILE B 79 -20.69 21.07 16.15
CA ILE B 79 -21.34 20.21 15.16
C ILE B 79 -22.73 20.68 14.79
N THR B 80 -23.30 21.61 15.55
CA THR B 80 -24.50 22.26 15.11
C THR B 80 -24.26 23.41 14.16
N GLY B 81 -23.02 23.70 13.81
CA GLY B 81 -22.76 24.77 12.88
C GLY B 81 -22.56 26.13 13.51
N GLU B 82 -22.53 26.20 14.85
CA GLU B 82 -22.13 27.44 15.47
C GLU B 82 -20.64 27.74 15.27
N THR B 83 -20.31 29.04 15.38
CA THR B 83 -18.91 29.59 15.41
C THR B 83 -18.62 30.35 16.69
N GLY B 84 -17.31 30.61 16.90
CA GLY B 84 -16.81 31.34 18.06
C GLY B 84 -17.32 30.75 19.37
N ILE B 85 -17.42 29.45 19.41
CA ILE B 85 -17.90 28.76 20.64
C ILE B 85 -16.68 28.34 21.44
N ASP B 86 -16.80 28.40 22.76
CA ASP B 86 -15.71 27.97 23.64
C ASP B 86 -16.17 26.73 24.38
N PRO B 87 -15.71 25.55 23.95
CA PRO B 87 -16.26 24.35 24.67
C PRO B 87 -15.65 24.00 26.03
N GLY B 88 -14.71 24.80 26.51
CA GLY B 88 -13.91 24.45 27.66
C GLY B 88 -13.00 23.26 27.30
N PHE B 89 -12.55 22.56 28.34
CA PHE B 89 -11.64 21.49 28.18
C PHE B 89 -12.30 20.38 27.42
N TRP B 90 -13.58 20.10 27.72
CA TRP B 90 -14.21 18.89 27.15
C TRP B 90 -14.80 19.07 25.71
N SER B 91 -13.88 19.46 24.81
CA SER B 91 -14.09 19.45 23.38
C SER B 91 -13.83 18.05 22.93
N PHE B 92 -14.05 17.77 21.66
CA PHE B 92 -13.66 16.46 21.07
C PHE B 92 -12.19 16.18 21.36
N GLU B 93 -11.34 17.22 21.28
CA GLU B 93 -9.91 17.06 21.48
C GLU B 93 -9.62 16.72 22.94
N GLY B 94 -10.29 17.40 23.88
CA GLY B 94 -10.02 17.10 25.26
C GLY B 94 -10.45 15.69 25.64
N VAL B 95 -11.57 15.23 25.08
CA VAL B 95 -11.98 13.88 25.31
C VAL B 95 -10.96 12.95 24.76
N ALA B 96 -10.45 13.21 23.57
CA ALA B 96 -9.44 12.31 23.00
C ALA B 96 -8.15 12.27 23.89
N LEU B 97 -7.69 13.44 24.33
CA LEU B 97 -6.50 13.52 25.15
C LEU B 97 -6.73 12.78 26.45
N ALA B 98 -7.87 13.02 27.09
CA ALA B 98 -8.21 12.27 28.30
C ALA B 98 -8.12 10.77 28.13
N HIS B 99 -8.61 10.25 27.01
CA HIS B 99 -8.56 8.82 26.72
C HIS B 99 -7.11 8.29 26.57
N ILE B 100 -6.29 9.11 25.95
CA ILE B 100 -4.90 8.74 25.72
C ILE B 100 -4.12 8.71 27.05
N VAL B 101 -4.36 9.70 27.90
CA VAL B 101 -3.71 9.76 29.21
C VAL B 101 -4.15 8.57 30.10
N LEU B 102 -5.44 8.30 30.06
CA LEU B 102 -6.03 7.16 30.76
C LEU B 102 -5.34 5.90 30.33
N SER B 103 -5.16 5.76 29.01
CA SER B 103 -4.53 4.58 28.42
C SER B 103 -3.15 4.39 29.06
N GLY B 104 -2.36 5.48 29.10
CA GLY B 104 -1.04 5.45 29.66
C GLY B 104 -1.02 5.02 31.12
N LEU B 105 -1.91 5.61 31.92
CA LEU B 105 -1.98 5.31 33.33
C LEU B 105 -2.36 3.86 33.56
N LEU B 106 -3.28 3.35 32.76
CA LEU B 106 -3.71 1.97 32.87
C LEU B 106 -2.58 1.01 32.49
N PHE B 107 -1.80 1.38 31.48
CA PHE B 107 -0.63 0.62 31.05
C PHE B 107 0.35 0.53 32.23
N LEU B 108 0.60 1.66 32.90
CA LEU B 108 1.54 1.63 34.00
C LEU B 108 1.04 0.77 35.17
N ALA B 109 -0.23 0.92 35.52
CA ALA B 109 -0.83 0.09 36.56
C ALA B 109 -0.75 -1.42 36.22
N ALA B 110 -0.93 -1.74 34.94
CA ALA B 110 -0.75 -3.14 34.52
C ALA B 110 0.62 -3.69 34.82
N CYS B 111 1.62 -2.88 34.52
CA CYS B 111 3.01 -3.24 34.81
C CYS B 111 3.21 -3.56 36.28
N TRP B 112 2.65 -2.70 37.13
CA TRP B 112 2.81 -2.90 38.55
C TRP B 112 2.10 -4.17 38.97
N HIS B 113 0.88 -4.40 38.48
CA HIS B 113 0.08 -5.54 38.90
C HIS B 113 0.67 -6.84 38.37
N TRP B 114 1.37 -6.79 37.21
CA TRP B 114 2.07 -7.92 36.68
C TRP B 114 3.30 -8.32 37.53
N VAL B 115 4.09 -7.32 37.91
CA VAL B 115 5.29 -7.56 38.69
C VAL B 115 4.95 -8.01 40.11
N TYR B 116 4.06 -7.22 40.73
CA TYR B 116 3.64 -7.47 42.08
C TYR B 116 2.34 -8.30 42.12
N TRP B 117 2.43 -9.46 41.48
CA TRP B 117 1.24 -10.36 41.39
C TRP B 117 0.92 -11.05 42.71
N ASP B 118 1.96 -11.28 43.51
CA ASP B 118 1.80 -12.13 44.70
C ASP B 118 1.39 -11.33 45.93
N LEU B 119 0.22 -10.77 45.89
CA LEU B 119 -0.27 -10.01 47.00
C LEU B 119 -1.09 -10.91 47.93
N GLU B 120 -0.91 -10.66 49.21
CA GLU B 120 -1.64 -11.37 50.26
C GLU B 120 -3.14 -11.30 50.06
N LEU B 121 -3.60 -10.14 49.60
CA LEU B 121 -5.03 -9.91 49.32
C LEU B 121 -5.66 -11.01 48.48
N PHE B 122 -4.86 -11.54 47.53
CA PHE B 122 -5.37 -12.54 46.62
C PHE B 122 -5.33 -13.98 47.14
N ARG B 123 -4.89 -14.15 48.41
CA ARG B 123 -4.82 -15.46 49.04
C ARG B 123 -5.95 -15.62 50.01
N ASP B 124 -6.55 -16.80 49.95
CA ASP B 124 -7.51 -17.24 50.97
C ASP B 124 -6.80 -17.39 52.30
N PRO B 125 -7.24 -16.62 53.32
CA PRO B 125 -6.56 -16.69 54.63
C PRO B 125 -6.58 -18.06 55.31
N ARG B 126 -7.54 -18.91 54.96
CA ARG B 126 -7.64 -20.21 55.59
CA ARG B 126 -7.69 -20.20 55.58
C ARG B 126 -6.72 -21.20 54.92
N THR B 127 -6.54 -21.12 53.61
CA THR B 127 -5.73 -22.16 52.88
C THR B 127 -4.40 -21.69 52.33
N GLY B 128 -4.21 -20.38 52.25
CA GLY B 128 -3.01 -19.85 51.57
C GLY B 128 -3.05 -19.98 50.08
N GLU B 129 -4.13 -20.49 49.52
CA GLU B 129 -4.26 -20.65 48.08
CA GLU B 129 -4.22 -20.65 48.08
C GLU B 129 -4.86 -19.36 47.44
N PRO B 130 -4.47 -19.05 46.23
CA PRO B 130 -5.09 -17.95 45.53
C PRO B 130 -6.59 -18.14 45.45
N ALA B 131 -7.35 -17.11 45.74
CA ALA B 131 -8.78 -17.20 45.70
C ALA B 131 -9.43 -15.83 45.59
N LEU B 132 -10.50 -15.76 44.82
CA LEU B 132 -11.35 -14.62 44.73
C LEU B 132 -12.75 -14.98 45.22
N ASP B 133 -13.30 -14.17 46.13
CA ASP B 133 -14.67 -14.36 46.62
C ASP B 133 -15.65 -13.65 45.68
N LEU B 134 -15.97 -14.35 44.61
CA LEU B 134 -16.71 -13.79 43.48
C LEU B 134 -18.14 -13.29 43.84
N PRO B 135 -18.86 -14.04 44.72
CA PRO B 135 -20.19 -13.51 45.08
C PRO B 135 -20.13 -12.13 45.75
N LYS B 136 -19.14 -11.91 46.64
CA LYS B 136 -19.02 -10.62 47.31
C LYS B 136 -18.47 -9.54 46.34
N MET B 137 -17.51 -9.93 45.50
CA MET B 137 -17.08 -9.08 44.40
C MET B 137 -18.24 -8.61 43.54
N PHE B 138 -19.17 -9.50 43.19
CA PHE B 138 -20.31 -9.12 42.41
C PHE B 138 -21.12 -8.03 43.09
N GLY B 139 -21.43 -8.26 44.36
CA GLY B 139 -22.13 -7.22 45.16
C GLY B 139 -21.42 -5.87 45.14
N ILE B 140 -20.10 -5.93 45.32
CA ILE B 140 -19.29 -4.67 45.39
C ILE B 140 -19.40 -3.94 44.03
N HIS B 141 -19.11 -4.68 42.98
CA HIS B 141 -19.13 -4.13 41.65
C HIS B 141 -20.57 -3.67 41.20
N LEU B 142 -21.62 -4.40 41.62
CA LEU B 142 -22.98 -4.05 41.28
C LEU B 142 -23.37 -2.77 41.99
N PHE B 143 -22.97 -2.66 43.24
CA PHE B 143 -23.23 -1.44 44.03
C PHE B 143 -22.59 -0.23 43.31
N LEU B 144 -21.33 -0.39 42.92
CA LEU B 144 -20.60 0.67 42.17
C LEU B 144 -21.29 1.05 40.87
N ALA B 145 -21.65 0.04 40.09
CA ALA B 145 -22.36 0.23 38.82
C ALA B 145 -23.66 0.95 39.08
N GLY B 146 -24.35 0.60 40.17
CA GLY B 146 -25.60 1.26 40.47
C GLY B 146 -25.45 2.75 40.79
N LEU B 147 -24.46 3.05 41.61
CA LEU B 147 -24.13 4.45 41.97
C LEU B 147 -23.88 5.23 40.72
N LEU B 148 -23.04 4.68 39.87
CA LEU B 148 -22.65 5.36 38.62
C LEU B 148 -23.81 5.59 37.64
N CYS B 149 -24.61 4.53 37.46
CA CYS B 149 -25.80 4.55 36.62
C CYS B 149 -26.77 5.62 37.16
N PHE B 150 -26.94 5.57 38.43
CA PHE B 150 -27.87 6.59 39.09
C PHE B 150 -27.36 7.98 38.86
N GLY B 151 -26.06 8.16 39.11
CA GLY B 151 -25.42 9.48 38.95
C GLY B 151 -25.48 10.04 37.53
N PHE B 152 -25.29 9.15 36.56
CA PHE B 152 -25.38 9.47 35.16
C PHE B 152 -26.76 9.99 34.83
N GLY B 153 -27.77 9.22 35.24
CA GLY B 153 -29.13 9.63 35.02
C GLY B 153 -29.53 10.94 35.74
N ALA B 154 -29.22 11.01 37.05
CA ALA B 154 -29.71 12.08 37.94
C ALA B 154 -28.99 13.40 37.76
N PHE B 155 -27.74 13.35 37.40
CA PHE B 155 -26.87 14.54 37.23
C PHE B 155 -26.54 14.87 35.74
N HIS B 156 -25.98 13.88 35.01
CA HIS B 156 -25.56 14.14 33.64
C HIS B 156 -26.74 14.38 32.73
N LEU B 157 -27.64 13.41 32.65
CA LEU B 157 -28.77 13.48 31.64
C LEU B 157 -29.80 14.59 31.93
N THR B 158 -30.05 14.84 33.19
CA THR B 158 -30.99 15.91 33.60
C THR B 158 -30.45 17.30 33.44
N GLY B 159 -29.13 17.41 33.28
CA GLY B 159 -28.51 18.73 33.31
C GLY B 159 -28.34 19.32 34.71
N LEU B 160 -28.68 18.57 35.72
CA LEU B 160 -28.56 19.07 37.11
C LEU B 160 -27.07 19.31 37.44
N PHE B 161 -26.20 18.40 37.01
CA PHE B 161 -24.76 18.61 37.07
C PHE B 161 -24.19 17.83 35.89
N GLY B 162 -24.21 18.47 34.72
CA GLY B 162 -23.78 17.87 33.45
C GLY B 162 -24.53 18.51 32.27
N PRO B 163 -24.23 18.06 31.06
CA PRO B 163 -24.68 18.71 29.85
C PRO B 163 -26.08 18.25 29.31
N GLY B 164 -26.61 17.10 29.73
CA GLY B 164 -27.82 16.58 29.12
C GLY B 164 -27.48 15.55 28.04
N MET B 165 -28.33 15.43 27.02
CA MET B 165 -28.09 14.46 25.93
C MET B 165 -28.69 15.05 24.67
N TRP B 166 -28.28 14.51 23.53
CA TRP B 166 -28.79 14.95 22.22
C TRP B 166 -30.26 14.63 22.11
N VAL B 167 -31.04 15.67 21.78
CA VAL B 167 -32.43 15.49 21.41
C VAL B 167 -32.77 16.24 20.11
N SER B 168 -33.84 15.83 19.44
CA SER B 168 -34.26 16.52 18.23
C SER B 168 -35.78 16.46 18.03
N ASP B 169 -36.23 17.10 16.97
CA ASP B 169 -37.60 17.07 16.54
C ASP B 169 -37.79 15.76 15.75
N PRO B 170 -39.02 15.42 15.40
CA PRO B 170 -39.27 14.12 14.72
C PRO B 170 -38.64 13.95 13.35
N TYR B 171 -38.17 15.06 12.75
CA TYR B 171 -37.54 14.95 11.41
C TYR B 171 -36.04 15.27 11.43
N GLY B 172 -35.42 15.30 12.63
CA GLY B 172 -33.97 15.46 12.73
C GLY B 172 -33.42 16.75 12.06
N LEU B 173 -34.11 17.84 12.27
CA LEU B 173 -33.79 19.13 11.66
C LEU B 173 -33.14 20.10 12.63
N THR B 174 -33.43 19.99 13.91
CA THR B 174 -33.09 21.04 14.87
C THR B 174 -32.41 20.47 16.11
N GLY B 175 -31.64 19.44 15.92
CA GLY B 175 -31.05 18.70 17.05
C GLY B 175 -30.04 19.48 17.84
N SER B 176 -30.03 19.23 19.12
CA SER B 176 -29.04 19.85 20.01
C SER B 176 -28.95 19.01 21.31
N VAL B 177 -27.96 19.32 22.12
CA VAL B 177 -27.82 18.74 23.45
C VAL B 177 -28.68 19.55 24.39
N GLN B 178 -29.56 18.83 25.11
CA GLN B 178 -30.46 19.52 26.12
C GLN B 178 -30.53 18.71 27.38
N PRO B 179 -30.75 19.38 28.49
CA PRO B 179 -31.13 18.66 29.66
C PRO B 179 -32.46 17.90 29.43
N VAL B 180 -32.61 16.74 30.03
CA VAL B 180 -33.83 15.93 29.84
C VAL B 180 -34.33 15.48 31.22
N ALA B 181 -35.60 15.79 31.47
CA ALA B 181 -36.26 15.34 32.70
C ALA B 181 -36.80 13.93 32.60
N PRO B 182 -36.76 13.17 33.70
CA PRO B 182 -37.21 11.80 33.66
C PRO B 182 -38.68 11.72 33.33
N GLU B 183 -39.08 10.72 32.55
CA GLU B 183 -40.51 10.41 32.36
C GLU B 183 -40.89 9.19 33.18
N TRP B 184 -41.78 9.40 34.13
CA TRP B 184 -42.13 8.36 35.10
C TRP B 184 -43.44 7.61 34.87
N GLY B 185 -44.12 7.97 33.77
CA GLY B 185 -45.32 7.33 33.30
C GLY B 185 -45.00 6.28 32.29
N PRO B 186 -46.05 5.64 31.75
CA PRO B 186 -45.81 4.56 30.81
C PRO B 186 -45.01 4.95 29.55
N ASP B 187 -45.04 6.22 29.14
CA ASP B 187 -44.29 6.61 27.94
C ASP B 187 -42.78 6.59 28.18
N GLY B 188 -42.37 6.39 29.43
CA GLY B 188 -40.99 6.17 29.76
C GLY B 188 -40.43 4.91 29.07
N PHE B 189 -41.29 3.98 28.69
CA PHE B 189 -40.82 2.73 28.00
C PHE B 189 -40.93 2.80 26.49
N ASN B 190 -41.30 3.98 25.98
CA ASN B 190 -41.26 4.23 24.59
C ASN B 190 -39.81 4.45 24.18
N PRO B 191 -39.26 3.61 23.28
CA PRO B 191 -37.87 3.85 22.97
C PRO B 191 -37.55 5.25 22.38
N TYR B 192 -38.52 5.94 21.83
CA TYR B 192 -38.26 7.23 21.16
C TYR B 192 -38.40 8.42 22.11
N ASN B 193 -38.72 8.15 23.38
CA ASN B 193 -38.91 9.19 24.39
C ASN B 193 -37.62 9.33 25.28
N PRO B 194 -36.86 10.47 25.14
CA PRO B 194 -35.61 10.64 25.84
C PRO B 194 -35.79 10.61 27.33
N GLY B 195 -36.94 11.04 27.83
CA GLY B 195 -37.22 11.09 29.24
C GLY B 195 -37.20 9.73 29.91
N GLY B 196 -37.48 8.70 29.14
CA GLY B 196 -37.39 7.37 29.65
C GLY B 196 -35.97 6.89 29.76
N VAL B 197 -35.04 7.40 28.95
CA VAL B 197 -33.66 7.03 29.12
C VAL B 197 -33.22 7.59 30.47
N VAL B 198 -33.71 8.78 30.86
CA VAL B 198 -33.31 9.36 32.11
C VAL B 198 -33.89 8.58 33.26
N ALA B 199 -35.19 8.26 33.17
CA ALA B 199 -35.87 7.56 34.25
C ALA B 199 -35.27 6.18 34.39
N HIS B 200 -34.89 5.55 33.27
CA HIS B 200 -34.19 4.24 33.36
C HIS B 200 -32.98 4.29 34.26
N HIS B 201 -32.10 5.28 34.01
CA HIS B 201 -30.82 5.35 34.72
C HIS B 201 -30.99 5.66 36.24
N ILE B 202 -31.96 6.46 36.49
CA ILE B 202 -32.32 6.82 37.87
C ILE B 202 -32.83 5.58 38.59
N ALA B 203 -33.81 4.93 37.99
CA ALA B 203 -34.48 3.74 38.61
C ALA B 203 -33.64 2.45 38.61
N ALA B 204 -33.09 2.05 37.45
CA ALA B 204 -32.19 0.94 37.47
C ALA B 204 -30.99 1.18 38.40
N GLY B 205 -30.51 2.41 38.44
CA GLY B 205 -29.40 2.74 39.35
C GLY B 205 -29.75 2.49 40.80
N ILE B 206 -30.92 2.98 41.23
CA ILE B 206 -31.38 2.72 42.60
C ILE B 206 -31.48 1.15 42.82
N VAL B 207 -32.05 0.42 41.85
CA VAL B 207 -32.18 -1.02 41.96
C VAL B 207 -30.80 -1.68 42.08
N GLY B 208 -29.86 -1.17 41.33
CA GLY B 208 -28.52 -1.69 41.38
C GLY B 208 -27.84 -1.46 42.74
N ILE B 209 -28.07 -0.30 43.33
CA ILE B 209 -27.53 -0.02 44.64
C ILE B 209 -28.12 -1.01 45.63
N ILE B 210 -29.42 -1.19 45.58
CA ILE B 210 -30.11 -2.08 46.55
C ILE B 210 -29.66 -3.50 46.36
N ALA B 211 -29.69 -3.98 45.13
CA ALA B 211 -29.24 -5.34 44.84
C ALA B 211 -27.77 -5.54 45.12
N GLY B 212 -26.96 -4.52 44.87
CA GLY B 212 -25.56 -4.55 45.26
C GLY B 212 -25.39 -4.81 46.76
N LEU B 213 -26.09 -4.00 47.58
CA LEU B 213 -26.06 -4.19 49.06
C LEU B 213 -26.47 -5.59 49.41
N PHE B 214 -27.52 -6.09 48.77
CA PHE B 214 -27.94 -7.46 49.03
C PHE B 214 -26.78 -8.45 48.76
N HIS B 215 -26.18 -8.27 47.59
CA HIS B 215 -25.14 -9.21 47.14
C HIS B 215 -23.81 -9.10 47.99
N ILE B 216 -23.62 -7.95 48.63
CA ILE B 216 -22.50 -7.78 49.58
C ILE B 216 -22.81 -8.49 50.86
N LEU B 217 -24.05 -8.34 51.35
CA LEU B 217 -24.41 -8.83 52.67
C LEU B 217 -24.95 -10.24 52.77
N VAL B 218 -25.46 -10.86 51.72
CA VAL B 218 -26.10 -12.16 51.82
C VAL B 218 -25.37 -13.17 50.95
N ARG B 219 -24.94 -14.24 51.57
CA ARG B 219 -24.21 -15.28 50.85
C ARG B 219 -25.13 -16.04 49.91
N PRO B 220 -24.59 -16.60 48.81
CA PRO B 220 -25.37 -17.47 47.93
C PRO B 220 -25.87 -18.71 48.66
N PRO B 221 -27.05 -19.23 48.34
CA PRO B 221 -27.46 -20.54 48.79
C PRO B 221 -26.49 -21.61 48.36
N GLN B 222 -26.21 -22.54 49.24
CA GLN B 222 -25.39 -23.72 48.90
CA GLN B 222 -25.33 -23.68 48.85
C GLN B 222 -25.83 -24.34 47.56
N ARG B 223 -27.14 -24.50 47.41
CA ARG B 223 -27.67 -25.13 46.20
C ARG B 223 -27.31 -24.38 44.92
N LEU B 224 -27.35 -23.05 44.98
CA LEU B 224 -26.93 -22.21 43.84
C LEU B 224 -25.41 -22.13 43.71
N TYR B 225 -24.71 -22.06 44.84
CA TYR B 225 -23.24 -22.04 44.78
C TYR B 225 -22.71 -23.27 44.03
N LYS B 226 -23.21 -24.43 44.40
CA LYS B 226 -22.79 -25.71 43.73
C LYS B 226 -23.30 -25.76 42.31
N ALA B 227 -24.59 -25.46 42.06
CA ALA B 227 -25.14 -25.56 40.69
C ALA B 227 -24.37 -24.69 39.69
N LEU B 228 -24.10 -23.45 40.08
CA LEU B 228 -23.41 -22.53 39.18
C LEU B 228 -21.89 -22.50 39.32
N ARG B 229 -21.35 -23.39 40.12
CA ARG B 229 -19.91 -23.50 40.33
C ARG B 229 -19.30 -22.15 40.70
N MET B 230 -19.84 -21.52 41.73
CA MET B 230 -19.46 -20.16 42.06
C MET B 230 -18.05 -19.97 42.65
N GLY B 231 -17.37 -21.06 42.95
CA GLY B 231 -15.92 -21.06 43.24
C GLY B 231 -15.02 -20.99 42.01
N ASN B 232 -15.58 -21.11 40.80
CA ASN B 232 -14.84 -21.16 39.55
C ASN B 232 -15.10 -19.88 38.75
N ILE B 233 -14.04 -19.10 38.57
CA ILE B 233 -14.10 -17.81 37.89
C ILE B 233 -14.66 -17.94 36.45
N GLU B 234 -14.50 -19.13 35.84
CA GLU B 234 -15.07 -19.36 34.52
C GLU B 234 -16.60 -19.30 34.47
N THR B 235 -17.30 -19.57 35.60
CA THR B 235 -18.73 -19.41 35.57
C THR B 235 -19.08 -17.93 35.35
N VAL B 236 -18.32 -17.04 35.96
CA VAL B 236 -18.56 -15.58 35.78
C VAL B 236 -18.33 -15.18 34.27
N LEU B 237 -17.29 -15.71 33.69
CA LEU B 237 -17.01 -15.46 32.28
C LEU B 237 -18.23 -15.91 31.42
N SER B 238 -18.75 -17.11 31.71
CA SER B 238 -19.89 -17.62 30.95
CA SER B 238 -19.88 -17.65 30.95
C SER B 238 -21.11 -16.71 31.04
N SER B 239 -21.48 -16.32 32.27
CA SER B 239 -22.68 -15.54 32.47
C SER B 239 -22.45 -14.11 32.00
N SER B 240 -21.24 -13.58 32.19
CA SER B 240 -20.93 -12.22 31.73
C SER B 240 -21.04 -12.15 30.20
N ILE B 241 -20.50 -13.16 29.52
CA ILE B 241 -20.56 -13.17 28.06
C ILE B 241 -22.00 -13.23 27.61
N ALA B 242 -22.84 -14.02 28.31
CA ALA B 242 -24.27 -14.02 28.02
C ALA B 242 -24.91 -12.61 28.15
N ALA B 243 -24.62 -11.93 29.24
CA ALA B 243 -25.15 -10.58 29.44
C ALA B 243 -24.71 -9.64 28.32
N VAL B 244 -23.45 -9.77 27.91
CA VAL B 244 -22.88 -8.92 26.89
C VAL B 244 -23.48 -9.19 25.50
N PHE B 245 -23.73 -10.46 25.12
CA PHE B 245 -24.41 -10.72 23.85
C PHE B 245 -25.84 -10.21 23.83
N PHE B 246 -26.51 -10.25 25.00
CA PHE B 246 -27.84 -9.68 25.14
C PHE B 246 -27.77 -8.16 24.83
N ALA B 247 -26.87 -7.50 25.55
CA ALA B 247 -26.71 -6.07 25.39
C ALA B 247 -26.33 -5.69 23.95
N ALA B 248 -25.48 -6.52 23.32
CA ALA B 248 -25.06 -6.25 21.97
C ALA B 248 -26.19 -6.39 20.93
N PHE B 249 -27.05 -7.37 21.11
CA PHE B 249 -28.22 -7.50 20.24
C PHE B 249 -29.14 -6.34 20.43
N VAL B 250 -29.28 -5.90 21.66
CA VAL B 250 -30.16 -4.77 21.94
C VAL B 250 -29.64 -3.50 21.27
N VAL B 251 -28.34 -3.19 21.41
CA VAL B 251 -27.85 -2.00 20.76
C VAL B 251 -27.84 -2.10 19.21
N ALA B 252 -27.72 -3.31 18.67
CA ALA B 252 -27.89 -3.51 17.20
C ALA B 252 -29.32 -3.16 16.81
N GLY B 253 -30.29 -3.67 17.57
CA GLY B 253 -31.69 -3.44 17.20
C GLY B 253 -32.08 -1.97 17.31
N THR B 254 -31.66 -1.33 18.38
CA THR B 254 -32.07 0.10 18.59
C THR B 254 -31.34 1.03 17.61
N MET B 255 -30.15 0.65 17.20
CA MET B 255 -29.46 1.36 16.08
C MET B 255 -30.24 1.16 14.79
N TRP B 256 -30.70 -0.07 14.48
CA TRP B 256 -31.36 -0.31 13.20
C TRP B 256 -32.74 0.33 13.08
N TYR B 257 -33.56 0.27 14.17
CA TYR B 257 -34.95 0.70 14.16
C TYR B 257 -35.01 2.18 14.58
N GLY B 258 -33.96 2.65 15.26
CA GLY B 258 -33.99 4.00 15.82
C GLY B 258 -34.57 4.00 17.21
N SER B 259 -34.05 4.91 17.98
CA SER B 259 -34.50 5.22 19.30
C SER B 259 -34.02 6.62 19.69
N ALA B 260 -34.40 7.04 20.87
CA ALA B 260 -33.92 8.30 21.44
C ALA B 260 -32.41 8.35 21.64
N THR B 261 -31.72 7.20 21.60
CA THR B 261 -30.32 7.16 21.75
C THR B 261 -29.53 6.86 20.44
N THR B 262 -30.23 6.76 19.30
CA THR B 262 -29.61 6.62 18.00
C THR B 262 -30.21 7.70 17.05
N PRO B 263 -30.03 9.01 17.40
CA PRO B 263 -30.67 10.05 16.65
C PRO B 263 -30.12 10.19 15.21
N ILE B 264 -30.97 10.63 14.29
CA ILE B 264 -30.64 10.56 12.86
C ILE B 264 -29.62 11.62 12.46
N GLU B 265 -29.54 12.72 13.22
CA GLU B 265 -28.47 13.71 12.97
C GLU B 265 -27.06 13.23 13.30
N LEU B 266 -26.94 12.20 14.13
CA LEU B 266 -25.67 11.65 14.47
C LEU B 266 -25.30 10.39 13.71
N PHE B 267 -26.27 9.50 13.44
CA PHE B 267 -26.00 8.27 12.80
C PHE B 267 -26.56 8.13 11.41
N GLY B 268 -27.36 9.07 10.98
CA GLY B 268 -28.05 8.97 9.68
C GLY B 268 -29.48 8.51 9.83
N PRO B 269 -30.28 8.62 8.77
CA PRO B 269 -31.67 8.17 8.91
C PRO B 269 -31.75 6.61 8.92
N THR B 270 -32.96 6.05 9.13
CA THR B 270 -33.10 4.53 9.14
C THR B 270 -33.59 4.06 7.79
N ARG B 271 -33.40 2.78 7.50
CA ARG B 271 -34.03 2.24 6.33
C ARG B 271 -35.54 2.39 6.32
N TYR B 272 -36.18 2.34 7.49
CA TYR B 272 -37.64 2.29 7.61
C TYR B 272 -38.23 3.64 7.24
N GLN B 273 -37.46 4.72 7.45
CA GLN B 273 -37.97 6.07 7.01
C GLN B 273 -38.11 6.16 5.46
N TRP B 274 -37.21 5.50 4.74
CA TRP B 274 -37.37 5.38 3.28
C TRP B 274 -38.54 4.46 2.89
N ASP B 275 -38.59 3.26 3.51
CA ASP B 275 -39.65 2.33 3.23
C ASP B 275 -41.06 2.95 3.31
N SER B 276 -41.26 3.77 4.36
CA SER B 276 -42.55 4.37 4.63
C SER B 276 -42.70 5.82 4.11
N SER B 277 -41.69 6.30 3.40
CA SER B 277 -41.70 7.63 2.79
C SER B 277 -41.94 8.67 3.87
N TYR B 278 -41.33 8.40 5.04
CA TYR B 278 -41.48 9.24 6.21
C TYR B 278 -41.20 10.72 5.95
N PHE B 279 -40.09 10.98 5.31
CA PHE B 279 -39.72 12.36 5.00
C PHE B 279 -40.52 12.93 3.84
N GLN B 280 -40.80 12.14 2.82
CA GLN B 280 -41.59 12.59 1.69
C GLN B 280 -42.96 13.05 2.16
N GLN B 281 -43.57 12.32 3.10
CA GLN B 281 -44.92 12.66 3.58
C GLN B 281 -44.93 14.00 4.27
N GLU B 282 -43.89 14.29 5.05
CA GLU B 282 -43.77 15.56 5.77
C GLU B 282 -43.48 16.74 4.83
N ILE B 283 -42.57 16.53 3.88
CA ILE B 283 -42.32 17.50 2.84
C ILE B 283 -43.65 17.89 2.15
N ASN B 284 -44.37 16.87 1.67
CA ASN B 284 -45.67 17.07 1.00
C ASN B 284 -46.66 17.82 1.88
N ARG B 285 -46.66 17.46 3.19
CA ARG B 285 -47.50 18.18 4.15
C ARG B 285 -47.18 19.66 4.18
N ARG B 286 -45.88 19.97 4.27
CA ARG B 286 -45.42 21.34 4.36
CA ARG B 286 -45.43 21.35 4.36
C ARG B 286 -45.79 22.13 3.10
N VAL B 287 -45.54 21.52 1.95
CA VAL B 287 -45.84 22.13 0.62
C VAL B 287 -47.33 22.44 0.52
N GLN B 288 -48.16 21.44 0.80
CA GLN B 288 -49.62 21.63 0.81
C GLN B 288 -50.08 22.71 1.80
N ALA B 289 -49.49 22.77 2.99
CA ALA B 289 -49.81 23.89 3.93
C ALA B 289 -49.44 25.24 3.32
N SER B 290 -48.29 25.26 2.66
CA SER B 290 -47.81 26.49 1.99
C SER B 290 -48.79 26.92 0.85
N LEU B 291 -49.19 25.98 -0.01
CA LEU B 291 -50.13 26.26 -1.07
C LEU B 291 -51.45 26.75 -0.49
N ALA B 292 -51.94 26.12 0.57
CA ALA B 292 -53.23 26.48 1.18
C ALA B 292 -53.13 27.88 1.74
N SER B 293 -51.97 28.26 2.29
CA SER B 293 -51.80 29.61 2.83
C SER B 293 -51.68 30.61 1.71
N GLY B 294 -51.53 30.18 0.45
CA GLY B 294 -51.53 31.09 -0.72
C GLY B 294 -50.17 31.26 -1.40
N ALA B 295 -49.27 30.34 -1.15
CA ALA B 295 -47.98 30.41 -1.77
C ALA B 295 -48.05 29.88 -3.22
N THR B 296 -47.15 30.39 -4.07
CA THR B 296 -46.94 29.82 -5.38
C THR B 296 -46.23 28.47 -5.19
N LEU B 297 -46.22 27.70 -6.26
CA LEU B 297 -45.61 26.38 -6.22
C LEU B 297 -44.09 26.55 -5.99
N GLU B 298 -43.45 27.48 -6.72
CA GLU B 298 -42.01 27.84 -6.44
C GLU B 298 -41.73 28.22 -4.97
N GLU B 299 -42.60 29.06 -4.42
CA GLU B 299 -42.48 29.52 -3.06
C GLU B 299 -42.61 28.36 -2.08
N ALA B 300 -43.63 27.52 -2.29
CA ALA B 300 -43.93 26.38 -1.41
C ALA B 300 -42.73 25.40 -1.33
N TRP B 301 -42.23 25.02 -2.49
CA TRP B 301 -41.05 24.15 -2.60
C TRP B 301 -39.78 24.82 -2.10
N SER B 302 -39.69 26.12 -2.35
CA SER B 302 -38.55 26.87 -1.89
C SER B 302 -38.54 26.95 -0.36
N ALA B 303 -39.69 26.89 0.31
CA ALA B 303 -39.76 26.84 1.77
C ALA B 303 -39.28 25.52 2.40
N ILE B 304 -39.02 24.46 1.62
CA ILE B 304 -38.57 23.21 2.20
C ILE B 304 -37.08 23.30 2.57
N PRO B 305 -36.70 23.01 3.83
CA PRO B 305 -35.30 23.07 4.20
C PRO B 305 -34.53 22.03 3.41
N GLU B 306 -33.34 22.40 2.93
CA GLU B 306 -32.46 21.43 2.21
C GLU B 306 -32.19 20.19 3.05
N LYS B 307 -32.09 20.38 4.35
CA LYS B 307 -31.80 19.25 5.25
C LYS B 307 -32.96 18.21 5.26
N LEU B 308 -34.20 18.69 5.15
CA LEU B 308 -35.36 17.85 5.07
C LEU B 308 -35.39 17.10 3.76
N ALA B 309 -35.15 17.81 2.66
CA ALA B 309 -35.10 17.19 1.35
C ALA B 309 -34.05 16.07 1.32
N PHE B 310 -32.92 16.34 2.00
CA PHE B 310 -31.75 15.42 1.93
C PHE B 310 -32.04 14.08 2.64
N TYR B 311 -32.86 14.08 3.67
CA TYR B 311 -33.26 12.81 4.26
C TYR B 311 -34.20 11.98 3.34
N ASP B 312 -34.88 12.61 2.36
CA ASP B 312 -35.78 11.97 1.43
C ASP B 312 -35.04 11.58 0.16
N TYR B 313 -33.86 11.02 0.37
CA TYR B 313 -32.95 10.58 -0.70
C TYR B 313 -32.35 9.20 -0.29
N ILE B 314 -32.38 8.25 -1.21
CA ILE B 314 -32.05 6.88 -0.90
C ILE B 314 -30.54 6.70 -0.66
N GLY B 315 -29.70 7.66 -1.12
CA GLY B 315 -28.27 7.60 -0.87
C GLY B 315 -27.93 7.72 0.60
N ASN B 316 -28.88 8.17 1.42
CA ASN B 316 -28.70 8.26 2.84
C ASN B 316 -29.38 7.10 3.62
N ASN B 317 -30.03 6.23 2.89
CA ASN B 317 -30.65 5.01 3.47
C ASN B 317 -29.53 4.05 3.77
N PRO B 318 -29.43 3.59 5.03
CA PRO B 318 -28.34 2.70 5.45
C PRO B 318 -28.39 1.29 4.88
N ALA B 319 -29.49 0.93 4.19
CA ALA B 319 -29.65 -0.40 3.60
C ALA B 319 -29.33 -0.37 2.12
N LYS B 320 -28.43 0.51 1.73
CA LYS B 320 -28.06 0.62 0.31
C LYS B 320 -26.55 0.37 0.02
N GLY B 321 -25.82 -0.12 1.01
CA GLY B 321 -24.43 -0.28 1.00
C GLY B 321 -23.93 -1.62 0.46
N GLY B 322 -22.65 -1.84 0.74
CA GLY B 322 -21.97 -3.07 0.41
C GLY B 322 -20.93 -3.38 1.45
N LEU B 323 -20.70 -4.69 1.72
CA LEU B 323 -19.78 -5.12 2.78
C LEU B 323 -18.35 -4.69 2.47
N PHE B 324 -17.91 -4.74 1.21
CA PHE B 324 -16.59 -4.29 0.84
C PHE B 324 -16.48 -2.91 0.19
N ARG B 325 -17.58 -2.16 0.21
CA ARG B 325 -17.66 -0.75 -0.27
C ARG B 325 -17.26 0.09 0.92
N THR B 326 -15.96 0.34 0.99
CA THR B 326 -15.39 0.92 2.22
C THR B 326 -15.45 2.44 2.29
N GLY B 327 -15.49 2.96 3.51
CA GLY B 327 -15.35 4.34 3.80
C GLY B 327 -16.63 5.16 4.01
N PRO B 328 -16.53 6.50 3.88
CA PRO B 328 -17.64 7.38 4.09
C PRO B 328 -18.64 7.32 2.93
N MET B 329 -19.88 7.64 3.23
CA MET B 329 -20.93 7.76 2.20
C MET B 329 -20.45 8.69 1.08
N ASN B 330 -19.73 9.77 1.44
CA ASN B 330 -19.23 10.72 0.46
C ASN B 330 -18.35 10.10 -0.64
N LYS B 331 -17.69 8.97 -0.34
CA LYS B 331 -16.89 8.27 -1.33
C LYS B 331 -17.71 7.66 -2.46
N GLY B 332 -19.00 7.46 -2.25
CA GLY B 332 -19.85 6.89 -3.27
C GLY B 332 -20.53 7.89 -4.15
N ASP B 333 -21.69 8.43 -3.69
CA ASP B 333 -22.40 9.41 -4.48
C ASP B 333 -21.70 10.78 -4.53
N GLY B 334 -20.74 11.00 -3.66
CA GLY B 334 -20.01 12.26 -3.59
C GLY B 334 -20.36 13.10 -2.38
N ILE B 335 -19.72 14.27 -2.25
CA ILE B 335 -20.08 15.21 -1.17
C ILE B 335 -21.23 16.08 -1.60
N ALA B 336 -22.38 15.93 -0.93
CA ALA B 336 -23.59 16.67 -1.31
C ALA B 336 -23.33 18.18 -1.22
N GLN B 337 -23.68 18.92 -2.28
CA GLN B 337 -23.47 20.39 -2.30
C GLN B 337 -24.73 21.22 -2.18
N ALA B 338 -25.83 20.79 -2.76
CA ALA B 338 -27.03 21.59 -2.88
C ALA B 338 -28.17 20.74 -3.37
N TRP B 339 -29.37 21.05 -2.92
CA TRP B 339 -30.58 20.46 -3.49
C TRP B 339 -30.85 21.08 -4.87
N LYS B 340 -31.15 20.28 -5.87
CA LYS B 340 -31.51 20.78 -7.20
C LYS B 340 -32.92 21.32 -7.21
N GLY B 341 -33.72 21.01 -6.18
CA GLY B 341 -35.11 21.36 -6.18
C GLY B 341 -35.96 20.18 -6.47
N HIS B 342 -37.29 20.38 -6.32
CA HIS B 342 -38.23 19.29 -6.53
C HIS B 342 -38.59 19.16 -7.98
N ALA B 343 -38.41 17.96 -8.53
CA ALA B 343 -38.75 17.67 -9.96
C ALA B 343 -40.21 17.26 -10.13
N VAL B 344 -40.92 17.93 -11.02
CA VAL B 344 -42.28 17.63 -11.36
C VAL B 344 -42.24 17.22 -12.82
N PHE B 345 -42.60 15.97 -13.11
CA PHE B 345 -42.70 15.48 -14.46
C PHE B 345 -44.11 15.62 -14.98
N ARG B 346 -44.21 15.90 -16.27
CA ARG B 346 -45.50 16.09 -16.95
CA ARG B 346 -45.50 16.05 -16.94
C ARG B 346 -45.40 15.52 -18.37
N ASN B 347 -46.49 15.01 -18.87
CA ASN B 347 -46.50 14.56 -20.27
C ASN B 347 -47.03 15.69 -21.17
N LYS B 348 -47.12 15.42 -22.46
CA LYS B 348 -47.55 16.42 -23.43
C LYS B 348 -48.98 16.87 -23.21
N GLU B 349 -49.82 16.07 -22.55
CA GLU B 349 -51.15 16.55 -22.16
C GLU B 349 -51.13 17.40 -20.90
N GLY B 350 -50.01 17.51 -20.23
CA GLY B 350 -49.89 18.35 -19.06
C GLY B 350 -50.27 17.65 -17.76
N GLU B 351 -50.47 16.33 -17.79
CA GLU B 351 -50.79 15.59 -16.56
C GLU B 351 -49.50 15.40 -15.76
N GLU B 352 -49.55 15.64 -14.46
CA GLU B 352 -48.44 15.29 -13.60
C GLU B 352 -48.17 13.77 -13.53
N LEU B 353 -46.92 13.40 -13.76
CA LEU B 353 -46.43 12.05 -13.64
C LEU B 353 -45.42 11.92 -12.49
N PHE B 354 -45.36 10.70 -11.97
CA PHE B 354 -44.63 10.38 -10.74
C PHE B 354 -43.72 9.21 -10.99
N VAL B 355 -42.41 9.41 -10.71
CA VAL B 355 -41.43 8.37 -10.90
C VAL B 355 -41.56 7.35 -9.78
N ARG B 356 -41.60 6.08 -10.14
CA ARG B 356 -41.60 5.00 -9.15
C ARG B 356 -40.21 4.93 -8.48
N ARG B 357 -40.23 5.05 -7.16
CA ARG B 357 -39.00 4.99 -6.39
C ARG B 357 -38.42 3.58 -6.25
N MET B 358 -37.11 3.59 -6.14
CA MET B 358 -36.34 2.37 -5.93
C MET B 358 -36.54 1.87 -4.48
N PRO B 359 -37.02 0.61 -4.29
CA PRO B 359 -36.90 -0.02 -2.99
C PRO B 359 -35.47 -0.37 -2.64
N ALA B 360 -35.17 -0.38 -1.33
CA ALA B 360 -33.81 -0.71 -0.89
C ALA B 360 -33.30 -2.05 -1.37
N PHE B 361 -34.17 -3.01 -1.62
CA PHE B 361 -33.67 -4.28 -2.14
C PHE B 361 -32.93 -4.24 -3.41
N PHE B 362 -33.19 -3.26 -4.25
CA PHE B 362 -32.75 -3.33 -5.61
C PHE B 362 -31.45 -2.53 -5.89
N GLU B 363 -30.42 -3.21 -6.44
CA GLU B 363 -29.21 -2.51 -6.84
C GLU B 363 -29.44 -1.62 -8.05
N SER B 364 -30.34 -2.03 -8.92
CA SER B 364 -30.78 -1.30 -10.09
C SER B 364 -32.30 -1.41 -10.19
N PHE B 365 -32.94 -0.46 -10.85
CA PHE B 365 -34.38 -0.35 -10.91
C PHE B 365 -34.82 0.37 -12.16
N PRO B 366 -35.89 -0.08 -12.77
CA PRO B 366 -36.29 0.61 -14.07
C PRO B 366 -36.87 1.94 -13.80
N VAL B 367 -37.05 2.70 -14.88
CA VAL B 367 -37.61 4.07 -14.77
C VAL B 367 -39.05 4.04 -15.32
N ILE B 368 -40.01 4.16 -14.40
CA ILE B 368 -41.41 4.02 -14.78
C ILE B 368 -42.13 5.20 -14.16
N LEU B 369 -42.95 5.90 -14.96
CA LEU B 369 -43.72 7.05 -14.46
C LEU B 369 -45.23 6.75 -14.59
N THR B 370 -45.99 7.07 -13.53
CA THR B 370 -47.39 6.81 -13.50
C THR B 370 -48.17 8.07 -13.23
N ASP B 371 -49.46 8.05 -13.54
CA ASP B 371 -50.30 9.19 -13.13
C ASP B 371 -50.58 9.03 -11.63
N LYS B 372 -51.36 9.96 -11.09
CA LYS B 372 -51.71 9.88 -9.68
C LYS B 372 -52.44 8.60 -9.26
N ASN B 373 -53.17 7.96 -10.17
CA ASN B 373 -53.82 6.65 -9.91
C ASN B 373 -52.98 5.40 -10.09
N GLY B 374 -51.69 5.54 -10.38
CA GLY B 374 -50.81 4.41 -10.58
C GLY B 374 -50.82 3.87 -12.01
N VAL B 375 -51.47 4.57 -12.95
CA VAL B 375 -51.54 4.06 -14.30
C VAL B 375 -50.21 4.40 -14.96
N VAL B 376 -49.55 3.46 -15.64
CA VAL B 376 -48.30 3.77 -16.33
C VAL B 376 -48.52 4.76 -17.50
N LYS B 377 -47.70 5.82 -17.54
CA LYS B 377 -47.81 6.86 -18.58
C LYS B 377 -46.52 7.08 -19.40
N ALA B 378 -45.37 6.70 -18.83
CA ALA B 378 -44.09 6.89 -19.50
C ALA B 378 -43.07 5.96 -18.86
N ASP B 379 -42.10 5.53 -19.64
CA ASP B 379 -40.98 4.79 -19.11
C ASP B 379 -39.70 4.97 -19.95
N ILE B 380 -38.59 4.48 -19.45
CA ILE B 380 -37.45 4.27 -20.31
C ILE B 380 -37.44 2.84 -20.77
N PRO B 381 -37.64 2.58 -22.10
CA PRO B 381 -37.72 1.18 -22.53
C PRO B 381 -36.36 0.55 -22.63
N PHE B 382 -36.38 -0.76 -22.49
CA PHE B 382 -35.25 -1.61 -22.77
C PHE B 382 -35.33 -2.00 -24.26
N ARG B 383 -36.19 -2.92 -24.66
CA ARG B 383 -36.46 -3.09 -26.08
C ARG B 383 -37.21 -1.88 -26.62
N ARG B 384 -36.74 -1.31 -27.75
CA ARG B 384 -37.40 -0.14 -28.39
C ARG B 384 -38.46 -0.48 -29.39
N ALA B 385 -38.32 -1.63 -30.06
CA ALA B 385 -39.21 -1.92 -31.21
C ALA B 385 -40.69 -1.89 -30.91
N GLU B 386 -41.10 -2.17 -29.68
CA GLU B 386 -42.59 -2.14 -29.44
C GLU B 386 -42.92 -1.15 -28.34
N SER B 387 -42.01 -0.21 -28.16
CA SER B 387 -42.18 0.79 -27.12
C SER B 387 -43.43 1.63 -27.37
N LYS B 388 -44.19 1.89 -26.30
CA LYS B 388 -45.32 2.75 -26.38
C LYS B 388 -45.36 3.90 -25.36
N TYR B 389 -44.49 3.81 -24.39
CA TYR B 389 -44.43 4.77 -23.28
C TYR B 389 -43.11 5.60 -23.26
N SER B 390 -42.32 5.59 -24.32
CA SER B 390 -41.07 6.36 -24.29
C SER B 390 -41.36 7.82 -24.02
N PHE B 391 -40.39 8.48 -23.42
CA PHE B 391 -40.46 9.92 -23.11
C PHE B 391 -40.61 10.75 -24.38
N GLU B 392 -40.02 10.25 -25.49
CA GLU B 392 -40.14 10.86 -26.80
C GLU B 392 -41.58 10.80 -27.27
N GLN B 393 -42.15 9.60 -27.26
CA GLN B 393 -43.56 9.44 -27.60
C GLN B 393 -44.49 10.24 -26.72
N GLN B 394 -44.22 10.29 -25.42
CA GLN B 394 -45.18 10.91 -24.49
C GLN B 394 -44.94 12.40 -24.19
N GLY B 395 -43.86 12.93 -24.75
CA GLY B 395 -43.51 14.35 -24.61
C GLY B 395 -43.34 14.75 -23.15
N VAL B 396 -42.59 13.91 -22.45
CA VAL B 396 -42.38 14.10 -21.04
C VAL B 396 -41.42 15.28 -20.84
N THR B 397 -41.81 16.18 -19.95
CA THR B 397 -40.98 17.33 -19.54
C THR B 397 -40.75 17.29 -18.03
N VAL B 398 -39.77 18.05 -17.56
CA VAL B 398 -39.54 18.15 -16.13
C VAL B 398 -39.34 19.63 -15.76
N SER B 399 -40.04 20.05 -14.71
CA SER B 399 -39.93 21.39 -14.16
C SER B 399 -39.52 21.31 -12.71
N PHE B 400 -38.65 22.22 -12.29
CA PHE B 400 -38.12 22.21 -10.93
C PHE B 400 -38.67 23.35 -10.08
N TYR B 401 -38.96 23.00 -8.84
CA TYR B 401 -39.48 23.97 -7.85
C TYR B 401 -38.64 23.87 -6.59
N GLY B 402 -38.11 25.00 -6.15
CA GLY B 402 -37.17 25.05 -5.05
C GLY B 402 -35.76 24.75 -5.52
N GLY B 403 -34.82 24.90 -4.62
CA GLY B 403 -33.40 24.49 -4.89
C GLY B 403 -32.70 25.22 -6.05
N GLU B 404 -31.59 24.67 -6.53
CA GLU B 404 -30.80 25.42 -7.50
CA GLU B 404 -30.76 25.34 -7.54
C GLU B 404 -31.52 25.55 -8.85
N LEU B 405 -32.42 24.63 -9.20
CA LEU B 405 -33.07 24.66 -10.50
C LEU B 405 -34.44 25.31 -10.51
N ASN B 406 -34.82 25.92 -9.39
CA ASN B 406 -36.12 26.52 -9.22
C ASN B 406 -36.49 27.37 -10.46
N GLY B 407 -37.72 27.18 -10.96
CA GLY B 407 -38.27 27.92 -12.08
C GLY B 407 -37.85 27.45 -13.43
N GLN B 408 -37.00 26.43 -13.50
CA GLN B 408 -36.51 25.92 -14.80
C GLN B 408 -37.30 24.73 -15.27
N THR B 409 -37.46 24.61 -16.59
CA THR B 409 -38.11 23.52 -17.23
C THR B 409 -37.19 22.99 -18.35
N PHE B 410 -37.13 21.66 -18.46
CA PHE B 410 -36.36 20.93 -19.49
C PHE B 410 -37.30 20.06 -20.31
N THR B 411 -37.14 20.15 -21.62
CA THR B 411 -38.01 19.41 -22.54
C THR B 411 -37.19 18.45 -23.40
N ASP B 412 -35.88 18.56 -23.40
CA ASP B 412 -35.14 17.65 -24.30
C ASP B 412 -35.06 16.24 -23.69
N PRO B 413 -35.49 15.22 -24.44
CA PRO B 413 -35.59 13.89 -23.86
C PRO B 413 -34.38 13.38 -23.07
N PRO B 414 -33.12 13.59 -23.57
CA PRO B 414 -31.98 13.11 -22.78
C PRO B 414 -31.87 13.70 -21.40
N THR B 415 -32.17 14.98 -21.28
CA THR B 415 -32.09 15.66 -19.99
C THR B 415 -33.25 15.25 -19.10
N VAL B 416 -34.46 15.13 -19.66
CA VAL B 416 -35.63 14.78 -18.85
C VAL B 416 -35.43 13.37 -18.31
N LYS B 417 -34.90 12.48 -19.13
CA LYS B 417 -34.60 11.11 -18.69
C LYS B 417 -33.56 11.09 -17.59
N SER B 418 -32.52 11.93 -17.73
CA SER B 418 -31.49 11.99 -16.72
C SER B 418 -32.05 12.31 -15.39
N TYR B 419 -32.90 13.31 -15.35
CA TYR B 419 -33.53 13.64 -14.08
C TYR B 419 -34.49 12.54 -13.59
N ALA B 420 -35.18 11.86 -14.50
CA ALA B 420 -36.07 10.77 -14.08
C ALA B 420 -35.24 9.64 -13.44
N ARG B 421 -34.06 9.36 -13.98
CA ARG B 421 -33.19 8.34 -13.40
C ARG B 421 -32.81 8.67 -11.95
N LYS B 422 -32.64 9.96 -11.66
CA LYS B 422 -32.28 10.38 -10.33
C LYS B 422 -33.47 10.43 -9.41
N ALA B 423 -34.67 10.68 -9.95
CA ALA B 423 -35.88 10.74 -9.18
C ALA B 423 -36.24 9.37 -8.55
N ILE B 424 -35.77 8.29 -9.13
CA ILE B 424 -35.97 6.99 -8.47
C ILE B 424 -35.31 6.94 -7.06
N PHE B 425 -34.29 7.78 -6.85
CA PHE B 425 -33.60 7.86 -5.58
C PHE B 425 -34.26 8.85 -4.63
N GLY B 426 -35.36 9.45 -5.06
CA GLY B 426 -36.01 10.48 -4.27
C GLY B 426 -35.59 11.89 -4.67
N GLU B 427 -35.44 12.78 -3.70
CA GLU B 427 -35.00 14.15 -3.98
C GLU B 427 -33.57 14.16 -4.59
N ILE B 428 -33.41 15.09 -5.52
CA ILE B 428 -32.22 15.22 -6.37
C ILE B 428 -31.22 16.28 -5.86
N PHE B 429 -29.95 15.84 -5.80
CA PHE B 429 -28.87 16.68 -5.25
C PHE B 429 -27.74 16.81 -6.23
N GLU B 430 -27.03 17.93 -6.09
CA GLU B 430 -25.75 18.13 -6.82
CA GLU B 430 -25.76 18.19 -6.78
C GLU B 430 -24.65 17.65 -5.89
N PHE B 431 -23.71 16.85 -6.44
CA PHE B 431 -22.65 16.29 -5.66
C PHE B 431 -21.31 16.69 -6.23
N ASP B 432 -20.40 16.89 -5.31
CA ASP B 432 -18.94 16.96 -5.63
C ASP B 432 -18.35 15.53 -5.57
N THR B 433 -18.04 14.95 -6.75
CA THR B 433 -17.50 13.61 -6.87
C THR B 433 -16.00 13.64 -7.13
N GLU B 434 -15.46 14.84 -7.31
CA GLU B 434 -14.02 15.03 -7.67
CA GLU B 434 -14.04 15.02 -7.67
C GLU B 434 -13.11 14.98 -6.46
N THR B 435 -13.49 15.69 -5.41
CA THR B 435 -12.66 15.83 -4.22
C THR B 435 -12.23 14.49 -3.68
N LEU B 436 -13.12 13.52 -3.59
CA LEU B 436 -12.73 12.22 -3.02
C LEU B 436 -12.60 11.13 -4.08
N ASN B 437 -12.63 11.55 -5.34
CA ASN B 437 -12.64 10.58 -6.45
C ASN B 437 -13.76 9.54 -6.20
N SER B 438 -14.94 10.07 -5.89
CA SER B 438 -16.10 9.20 -5.59
C SER B 438 -16.49 8.31 -6.77
N ASP B 439 -16.92 7.10 -6.52
CA ASP B 439 -17.09 6.13 -7.60
C ASP B 439 -18.53 5.91 -8.06
N GLY B 440 -19.46 6.57 -7.39
CA GLY B 440 -20.87 6.56 -7.79
C GLY B 440 -21.69 5.41 -7.25
N ILE B 441 -21.10 4.64 -6.30
CA ILE B 441 -21.73 3.45 -5.79
C ILE B 441 -22.05 3.64 -4.30
N PHE B 442 -23.29 3.38 -3.90
CA PHE B 442 -23.73 3.65 -2.57
C PHE B 442 -23.00 2.87 -1.47
N ARG B 443 -22.75 3.57 -0.35
CA ARG B 443 -22.16 3.02 0.85
C ARG B 443 -23.11 3.27 1.99
N THR B 444 -23.02 2.40 3.00
CA THR B 444 -23.80 2.59 4.22
C THR B 444 -23.23 3.64 5.16
N SER B 445 -24.09 4.06 6.08
CA SER B 445 -23.74 5.04 7.11
C SER B 445 -23.19 4.34 8.36
N PRO B 446 -22.76 5.12 9.34
CA PRO B 446 -22.41 4.56 10.64
C PRO B 446 -23.57 3.80 11.30
N ARG B 447 -24.80 4.13 11.03
CA ARG B 447 -25.96 3.35 11.55
C ARG B 447 -25.83 1.90 11.04
N GLY B 448 -25.55 1.74 9.75
CA GLY B 448 -25.34 0.41 9.17
C GLY B 448 -24.14 -0.37 9.69
N TRP B 449 -23.01 0.29 9.73
CA TRP B 449 -21.78 -0.33 10.15
C TRP B 449 -21.84 -0.69 11.62
N PHE B 450 -22.39 0.16 12.48
CA PHE B 450 -22.51 -0.18 13.85
C PHE B 450 -23.42 -1.41 14.00
N THR B 451 -24.55 -1.48 13.28
CA THR B 451 -25.51 -2.53 13.44
C THR B 451 -24.88 -3.84 12.97
N PHE B 452 -24.15 -3.81 11.85
CA PHE B 452 -23.52 -5.02 11.38
C PHE B 452 -22.52 -5.59 12.39
N ALA B 453 -21.57 -4.75 12.82
CA ALA B 453 -20.54 -5.21 13.73
C ALA B 453 -21.15 -5.77 15.01
N HIS B 454 -22.14 -5.09 15.56
CA HIS B 454 -22.73 -5.52 16.82
C HIS B 454 -23.60 -6.80 16.72
N ALA B 455 -24.35 -6.96 15.65
CA ALA B 455 -25.07 -8.17 15.43
C ALA B 455 -24.13 -9.33 15.23
N VAL B 456 -23.06 -9.10 14.51
CA VAL B 456 -22.07 -10.17 14.29
C VAL B 456 -21.37 -10.58 15.57
N PHE B 457 -20.88 -9.60 16.30
CA PHE B 457 -20.16 -9.87 17.54
C PHE B 457 -21.12 -10.46 18.52
N ALA B 458 -22.36 -9.97 18.58
CA ALA B 458 -23.38 -10.61 19.43
C ALA B 458 -23.51 -12.11 19.16
N LEU B 459 -23.68 -12.45 17.92
CA LEU B 459 -23.81 -13.85 17.55
C LEU B 459 -22.59 -14.68 17.92
N LEU B 460 -21.39 -14.13 17.71
CA LEU B 460 -20.14 -14.84 18.05
C LEU B 460 -20.02 -15.01 19.56
N PHE B 461 -20.46 -14.01 20.33
CA PHE B 461 -20.45 -14.12 21.74
C PHE B 461 -21.43 -15.19 22.28
N PHE B 462 -22.48 -15.53 21.54
CA PHE B 462 -23.29 -16.66 21.90
C PHE B 462 -22.41 -17.94 21.93
N PHE B 463 -21.53 -18.09 20.97
CA PHE B 463 -20.67 -19.27 20.98
C PHE B 463 -19.75 -19.20 22.20
N GLY B 464 -19.17 -18.04 22.45
CA GLY B 464 -18.38 -17.86 23.65
C GLY B 464 -19.10 -18.29 24.95
N HIS B 465 -20.38 -17.96 25.07
CA HIS B 465 -21.18 -18.27 26.24
C HIS B 465 -21.30 -19.80 26.37
N ILE B 466 -21.70 -20.43 25.29
CA ILE B 466 -21.85 -21.92 25.22
C ILE B 466 -20.59 -22.63 25.60
N TRP B 467 -19.50 -22.17 25.02
CA TRP B 467 -18.21 -22.73 25.27
C TRP B 467 -17.75 -22.64 26.74
N HIS B 468 -17.80 -21.46 27.31
CA HIS B 468 -17.30 -21.22 28.66
C HIS B 468 -18.26 -21.77 29.70
N GLY B 469 -19.55 -21.69 29.38
CA GLY B 469 -20.58 -22.44 30.18
C GLY B 469 -20.35 -23.97 30.26
N ALA B 470 -20.02 -24.53 29.11
CA ALA B 470 -19.64 -25.94 29.00
C ALA B 470 -18.39 -26.21 29.82
N ARG B 471 -17.33 -25.44 29.61
CA ARG B 471 -16.11 -25.60 30.39
C ARG B 471 -16.33 -25.55 31.92
N THR B 472 -17.20 -24.64 32.36
CA THR B 472 -17.56 -24.51 33.74
C THR B 472 -18.27 -25.76 34.32
N LEU B 473 -19.32 -26.18 33.70
CA LEU B 473 -20.16 -27.29 34.21
C LEU B 473 -19.56 -28.65 34.00
N PHE B 474 -18.62 -28.73 33.09
CA PHE B 474 -17.96 -29.99 32.77
C PHE B 474 -16.47 -29.97 33.09
N ARG B 475 -16.05 -29.10 34.01
CA ARG B 475 -14.63 -28.98 34.34
C ARG B 475 -14.01 -30.33 34.68
N ASP B 476 -14.75 -31.18 35.39
CA ASP B 476 -14.21 -32.48 35.79
C ASP B 476 -13.83 -33.42 34.63
N VAL B 477 -14.50 -33.27 33.48
CA VAL B 477 -14.22 -34.19 32.37
C VAL B 477 -13.56 -33.52 31.21
N PHE B 478 -13.09 -32.31 31.40
CA PHE B 478 -12.54 -31.65 30.29
C PHE B 478 -11.18 -32.12 29.74
N SER B 479 -10.50 -32.99 30.47
CA SER B 479 -9.31 -33.77 29.92
C SER B 479 -9.70 -35.19 29.43
N GLY B 480 -11.00 -35.51 29.52
CA GLY B 480 -11.52 -36.80 29.12
C GLY B 480 -12.41 -37.40 30.19
N ILE B 481 -13.08 -38.46 29.78
CA ILE B 481 -14.01 -39.17 30.70
C ILE B 481 -13.27 -40.20 31.56
N ASP B 482 -13.98 -40.60 32.62
CA ASP B 482 -13.49 -41.57 33.57
C ASP B 482 -12.92 -42.79 32.85
N PRO B 483 -11.58 -43.02 32.99
CA PRO B 483 -11.05 -44.25 32.41
C PRO B 483 -11.72 -45.50 33.00
N GLU B 484 -12.20 -45.42 34.26
CA GLU B 484 -12.95 -46.53 34.90
C GLU B 484 -14.48 -46.43 34.75
N LEU B 485 -15.00 -45.78 33.69
CA LEU B 485 -16.45 -45.69 33.52
C LEU B 485 -17.07 -47.11 33.33
N SER B 486 -17.88 -47.49 34.34
CA SER B 486 -18.64 -48.74 34.34
C SER B 486 -19.66 -48.68 33.21
N PRO B 487 -19.65 -49.71 32.31
CA PRO B 487 -20.77 -49.93 31.36
C PRO B 487 -22.18 -49.77 31.97
N GLU B 488 -22.36 -50.05 33.26
CA GLU B 488 -23.67 -49.94 33.97
C GLU B 488 -24.31 -48.55 34.01
N GLN B 489 -23.47 -47.50 34.10
CA GLN B 489 -23.88 -46.06 34.06
C GLN B 489 -24.46 -45.61 32.67
N VAL B 490 -24.24 -46.43 31.64
CA VAL B 490 -24.71 -46.14 30.27
C VAL B 490 -25.53 -47.26 29.62
N GLU B 491 -25.71 -48.33 30.39
CA GLU B 491 -26.60 -49.42 30.09
C GLU B 491 -27.99 -48.98 30.49
N TRP B 492 -28.94 -49.29 29.61
CA TRP B 492 -30.33 -48.94 29.80
C TRP B 492 -30.93 -49.87 30.85
N GLY B 493 -31.68 -49.25 31.77
CA GLY B 493 -32.40 -49.97 32.81
C GLY B 493 -31.59 -50.39 34.03
N PHE B 494 -30.24 -50.31 34.01
CA PHE B 494 -29.46 -50.73 35.21
C PHE B 494 -29.76 -49.80 36.42
N TYR B 495 -29.74 -48.49 36.16
CA TYR B 495 -30.13 -47.48 37.13
C TYR B 495 -31.53 -46.93 36.76
N GLN B 496 -32.42 -46.80 37.75
CA GLN B 496 -33.73 -46.19 37.48
C GLN B 496 -33.64 -44.73 37.03
N LYS B 497 -32.73 -43.97 37.67
CA LYS B 497 -32.46 -42.57 37.32
C LYS B 497 -31.09 -42.50 36.64
N VAL B 498 -31.06 -41.89 35.44
CA VAL B 498 -29.86 -41.88 34.60
C VAL B 498 -28.73 -41.26 35.44
N GLY B 499 -27.60 -41.98 35.48
CA GLY B 499 -26.39 -41.51 36.16
C GLY B 499 -26.44 -41.48 37.67
N ASP B 500 -27.41 -42.14 38.28
CA ASP B 500 -27.54 -42.14 39.74
C ASP B 500 -27.36 -43.55 40.25
N VAL B 501 -26.15 -43.85 40.76
CA VAL B 501 -25.81 -45.20 41.23
C VAL B 501 -26.61 -45.68 42.48
N THR B 502 -27.21 -44.74 43.22
CA THR B 502 -28.12 -45.11 44.32
C THR B 502 -29.47 -45.70 43.87
N THR B 503 -29.71 -45.79 42.54
CA THR B 503 -31.00 -46.20 41.99
C THR B 503 -30.97 -47.49 41.13
N ARG B 504 -29.98 -48.35 41.36
CA ARG B 504 -29.84 -49.68 40.67
C ARG B 504 -31.11 -50.54 40.50
N ALA C 8 -32.26 -76.57 4.92
CA ALA C 8 -31.84 -75.21 4.46
C ALA C 8 -30.31 -75.10 4.31
N THR C 9 -29.80 -75.54 3.14
CA THR C 9 -28.35 -75.54 2.88
C THR C 9 -27.79 -74.19 2.55
N ASN C 10 -26.97 -73.69 3.46
CA ASN C 10 -26.26 -72.43 3.22
C ASN C 10 -27.17 -71.22 3.19
N ARG C 11 -28.36 -71.32 3.83
CA ARG C 11 -29.39 -70.24 3.84
C ARG C 11 -29.54 -69.44 5.16
N ASP C 12 -28.41 -69.25 5.84
CA ASP C 12 -28.28 -68.26 6.89
C ASP C 12 -26.84 -67.71 6.91
N GLN C 13 -26.63 -66.69 7.73
CA GLN C 13 -25.32 -66.02 7.75
C GLN C 13 -24.25 -66.90 8.38
N GLU C 14 -24.65 -67.65 9.43
CA GLU C 14 -23.67 -68.44 10.21
C GLU C 14 -23.07 -69.54 9.31
N SER C 15 -23.89 -70.19 8.48
CA SER C 15 -23.37 -71.25 7.61
C SER C 15 -22.68 -70.71 6.33
N SER C 16 -23.23 -69.66 5.73
CA SER C 16 -22.75 -69.15 4.43
C SER C 16 -21.67 -68.10 4.52
N GLY C 17 -21.66 -67.37 5.63
CA GLY C 17 -20.75 -66.23 5.80
C GLY C 17 -21.25 -64.91 5.23
N PHE C 18 -22.43 -64.96 4.60
CA PHE C 18 -23.04 -63.79 4.01
C PHE C 18 -24.35 -63.45 4.66
N ALA C 19 -24.49 -62.17 5.00
CA ALA C 19 -25.76 -61.66 5.56
C ALA C 19 -26.87 -61.70 4.52
N TRP C 20 -28.11 -61.57 5.00
CA TRP C 20 -29.28 -61.63 4.14
C TRP C 20 -29.22 -60.63 2.95
N TRP C 21 -28.68 -59.45 3.22
CA TRP C 21 -28.60 -58.40 2.23
C TRP C 21 -27.54 -58.67 1.18
N ALA C 22 -26.68 -59.64 1.43
CA ALA C 22 -25.79 -60.17 0.38
C ALA C 22 -26.13 -61.64 0.11
N GLY C 23 -27.40 -61.95 0.29
CA GLY C 23 -27.83 -63.33 0.23
C GLY C 23 -27.56 -64.07 -1.07
N ASN C 24 -27.59 -63.38 -2.20
CA ASN C 24 -27.29 -64.01 -3.50
C ASN C 24 -25.86 -64.47 -3.68
N ALA C 25 -24.98 -63.95 -2.85
CA ALA C 25 -23.59 -64.44 -2.78
C ALA C 25 -23.49 -65.86 -2.17
N ARG C 26 -24.54 -66.25 -1.43
CA ARG C 26 -24.65 -67.63 -0.95
C ARG C 26 -24.77 -68.63 -2.10
N LEU C 27 -25.02 -68.15 -3.32
CA LEU C 27 -25.20 -68.99 -4.49
C LEU C 27 -23.95 -69.27 -5.31
N ILE C 28 -22.84 -68.65 -4.95
CA ILE C 28 -21.68 -68.61 -5.80
C ILE C 28 -21.29 -70.03 -6.22
N ASN C 29 -21.29 -70.95 -5.26
CA ASN C 29 -20.87 -72.35 -5.55
C ASN C 29 -21.99 -73.39 -5.51
N LEU C 30 -23.19 -72.95 -5.88
CA LEU C 30 -24.36 -73.81 -5.88
C LEU C 30 -24.98 -73.69 -7.24
N SER C 31 -24.41 -74.44 -8.19
CA SER C 31 -24.66 -74.24 -9.60
C SER C 31 -26.12 -74.43 -10.04
N GLY C 32 -26.88 -75.28 -9.33
CA GLY C 32 -28.26 -75.59 -9.69
C GLY C 32 -29.20 -74.47 -9.29
N LYS C 33 -29.11 -74.06 -8.03
CA LYS C 33 -29.84 -72.92 -7.53
C LYS C 33 -29.45 -71.62 -8.28
N LEU C 34 -28.17 -71.44 -8.55
CA LEU C 34 -27.73 -70.27 -9.35
C LEU C 34 -28.27 -70.30 -10.80
N LEU C 35 -28.30 -71.47 -11.42
CA LEU C 35 -28.99 -71.63 -12.71
C LEU C 35 -30.44 -71.17 -12.61
N GLY C 36 -31.13 -71.59 -11.56
CA GLY C 36 -32.54 -71.16 -11.37
C GLY C 36 -32.67 -69.64 -11.28
N ALA C 37 -31.74 -69.00 -10.53
CA ALA C 37 -31.82 -67.54 -10.33
C ALA C 37 -31.67 -66.89 -11.68
N HIS C 38 -30.75 -67.42 -12.50
CA HIS C 38 -30.43 -66.84 -13.82
C HIS C 38 -31.60 -67.04 -14.80
N VAL C 39 -32.19 -68.25 -14.80
CA VAL C 39 -33.27 -68.54 -15.69
C VAL C 39 -34.50 -67.78 -15.24
N ALA C 40 -34.77 -67.69 -13.93
CA ALA C 40 -35.92 -66.95 -13.44
C ALA C 40 -35.79 -65.44 -13.84
N HIS C 41 -34.55 -64.95 -13.74
CA HIS C 41 -34.25 -63.55 -14.09
C HIS C 41 -34.50 -63.31 -15.56
N ALA C 42 -34.06 -64.23 -16.41
CA ALA C 42 -34.30 -64.08 -17.84
C ALA C 42 -35.81 -64.03 -18.14
N GLY C 43 -36.58 -64.83 -17.38
CA GLY C 43 -38.02 -64.75 -17.36
C GLY C 43 -38.58 -63.38 -17.03
N LEU C 44 -37.98 -62.73 -16.05
CA LEU C 44 -38.42 -61.36 -15.67
C LEU C 44 -38.19 -60.37 -16.83
N ILE C 45 -37.06 -60.56 -17.53
CA ILE C 45 -36.75 -59.67 -18.65
C ILE C 45 -37.76 -59.87 -19.80
N VAL C 46 -37.96 -61.13 -20.12
CA VAL C 46 -38.88 -61.51 -21.18
C VAL C 46 -40.34 -61.14 -20.83
N PHE C 47 -40.70 -61.33 -19.57
CA PHE C 47 -42.02 -60.90 -19.07
C PHE C 47 -42.24 -59.42 -19.33
N TRP C 48 -41.28 -58.60 -18.93
CA TRP C 48 -41.42 -57.17 -19.14
C TRP C 48 -41.52 -56.83 -20.60
N ALA C 49 -40.70 -57.44 -21.45
CA ALA C 49 -40.81 -57.12 -22.88
C ALA C 49 -42.21 -57.39 -23.39
N GLY C 50 -42.76 -58.52 -22.99
CA GLY C 50 -44.11 -58.94 -23.40
C GLY C 50 -45.19 -58.05 -22.83
N ALA C 51 -45.16 -57.92 -21.52
CA ALA C 51 -46.21 -57.12 -20.82
C ALA C 51 -46.21 -55.66 -21.19
N MET C 52 -45.00 -55.12 -21.25
CA MET C 52 -44.86 -53.70 -21.64
C MET C 52 -45.36 -53.43 -23.09
N THR C 53 -45.07 -54.34 -24.01
CA THR C 53 -45.55 -54.19 -25.37
C THR C 53 -47.09 -54.17 -25.42
N LEU C 54 -47.74 -55.10 -24.69
CA LEU C 54 -49.18 -55.16 -24.71
C LEU C 54 -49.77 -53.91 -24.08
N PHE C 55 -49.10 -53.42 -23.02
CA PHE C 55 -49.54 -52.15 -22.39
C PHE C 55 -49.42 -51.02 -23.40
N GLU C 56 -48.27 -50.96 -24.08
CA GLU C 56 -48.08 -49.92 -25.11
C GLU C 56 -49.14 -50.02 -26.18
N LEU C 57 -49.39 -51.25 -26.64
CA LEU C 57 -50.38 -51.43 -27.73
C LEU C 57 -51.79 -51.02 -27.31
N ALA C 58 -52.15 -51.41 -26.09
CA ALA C 58 -53.43 -51.02 -25.51
C ALA C 58 -53.64 -49.53 -25.45
N HIS C 59 -52.54 -48.84 -25.15
CA HIS C 59 -52.51 -47.40 -25.01
C HIS C 59 -52.20 -46.69 -26.30
N PHE C 60 -52.13 -47.36 -27.43
CA PHE C 60 -51.66 -46.76 -28.65
C PHE C 60 -52.80 -46.28 -29.52
N ILE C 61 -52.67 -45.04 -29.92
CA ILE C 61 -53.53 -44.35 -30.89
C ILE C 61 -52.73 -44.23 -32.20
N PRO C 62 -53.10 -44.98 -33.22
CA PRO C 62 -52.31 -45.08 -34.49
C PRO C 62 -51.99 -43.78 -35.23
N GLU C 63 -52.91 -42.83 -35.15
CA GLU C 63 -52.76 -41.59 -35.85
C GLU C 63 -52.00 -40.50 -35.12
N LYS C 64 -51.61 -40.68 -33.84
CA LYS C 64 -50.64 -39.81 -33.24
C LYS C 64 -49.24 -40.43 -33.42
N PRO C 65 -48.22 -39.58 -33.51
CA PRO C 65 -46.86 -40.13 -33.50
C PRO C 65 -46.61 -41.00 -32.26
N MET C 66 -45.81 -42.02 -32.44
CA MET C 66 -45.45 -42.90 -31.33
C MET C 66 -44.85 -42.10 -30.20
N TYR C 67 -44.02 -41.11 -30.61
CA TYR C 67 -43.26 -40.36 -29.65
C TYR C 67 -44.11 -39.38 -28.82
N GLU C 68 -45.35 -39.11 -29.21
CA GLU C 68 -46.30 -38.41 -28.37
C GLU C 68 -46.97 -39.33 -27.35
N GLN C 69 -46.59 -40.61 -27.30
CA GLN C 69 -47.40 -41.61 -26.53
C GLN C 69 -46.57 -42.43 -25.53
N GLY C 70 -45.35 -41.99 -25.23
CA GLY C 70 -44.56 -42.68 -24.23
C GLY C 70 -44.17 -44.10 -24.59
N LEU C 71 -44.01 -44.34 -25.88
CA LEU C 71 -43.62 -45.63 -26.38
C LEU C 71 -42.10 -45.79 -26.59
N ILE C 72 -41.56 -46.91 -26.09
CA ILE C 72 -40.18 -47.29 -26.30
C ILE C 72 -40.02 -48.63 -27.01
N LEU C 73 -40.97 -49.55 -26.83
CA LEU C 73 -40.89 -50.87 -27.42
C LEU C 73 -41.52 -50.96 -28.80
N ILE C 74 -42.71 -50.38 -28.99
CA ILE C 74 -43.28 -50.36 -30.35
C ILE C 74 -42.29 -49.76 -31.34
N PRO C 75 -41.62 -48.69 -30.97
CA PRO C 75 -40.58 -48.15 -31.92
C PRO C 75 -39.45 -49.14 -32.29
N HIS C 76 -39.05 -50.01 -31.37
CA HIS C 76 -38.07 -51.03 -31.71
C HIS C 76 -38.61 -52.02 -32.70
N ILE C 77 -39.88 -52.41 -32.50
CA ILE C 77 -40.51 -53.37 -33.45
C ILE C 77 -40.68 -52.74 -34.83
N ALA C 78 -41.13 -51.48 -34.85
CA ALA C 78 -41.31 -50.74 -36.12
C ALA C 78 -40.01 -50.54 -36.94
N THR C 79 -38.94 -50.28 -36.22
CA THR C 79 -37.67 -50.11 -36.85
C THR C 79 -37.22 -51.37 -37.61
N LEU C 80 -37.63 -52.54 -37.10
CA LEU C 80 -37.40 -53.81 -37.85
C LEU C 80 -38.30 -54.04 -39.07
N GLY C 81 -39.19 -53.07 -39.36
CA GLY C 81 -40.03 -53.11 -40.55
C GLY C 81 -41.39 -53.70 -40.26
N TRP C 82 -41.69 -54.01 -39.03
CA TRP C 82 -42.99 -54.61 -38.71
C TRP C 82 -44.03 -53.54 -38.38
N GLY C 83 -45.17 -53.67 -39.05
CA GLY C 83 -46.36 -52.86 -38.70
C GLY C 83 -46.44 -51.49 -39.29
N VAL C 84 -45.39 -51.11 -40.06
CA VAL C 84 -45.29 -49.79 -40.60
C VAL C 84 -45.09 -49.73 -42.11
N GLY C 85 -45.40 -48.56 -42.69
CA GLY C 85 -45.33 -48.33 -44.09
C GLY C 85 -44.61 -47.01 -44.32
N PRO C 86 -44.85 -46.38 -45.47
CA PRO C 86 -44.17 -45.14 -45.83
C PRO C 86 -44.29 -44.07 -44.75
N GLY C 87 -43.20 -43.38 -44.46
CA GLY C 87 -43.21 -42.31 -43.47
C GLY C 87 -43.25 -42.84 -42.04
N GLY C 88 -43.26 -44.18 -41.87
CA GLY C 88 -43.44 -44.76 -40.56
C GLY C 88 -44.88 -44.82 -40.11
N GLU C 89 -45.81 -44.63 -41.03
CA GLU C 89 -47.20 -44.76 -40.68
C GLU C 89 -47.52 -46.20 -40.29
N VAL C 90 -48.32 -46.31 -39.24
CA VAL C 90 -48.71 -47.64 -38.79
C VAL C 90 -49.78 -48.22 -39.72
N VAL C 91 -49.48 -49.35 -40.31
CA VAL C 91 -50.42 -49.96 -41.24
C VAL C 91 -51.06 -51.21 -40.65
N ASP C 92 -50.51 -51.76 -39.60
CA ASP C 92 -51.04 -52.98 -39.02
C ASP C 92 -50.46 -53.15 -37.61
N THR C 93 -51.28 -53.09 -36.57
CA THR C 93 -50.73 -53.31 -35.24
C THR C 93 -50.50 -54.77 -34.86
N PHE C 94 -50.96 -55.75 -35.68
CA PHE C 94 -50.88 -57.14 -35.28
C PHE C 94 -49.44 -57.60 -35.00
N PRO C 95 -48.44 -57.20 -35.82
CA PRO C 95 -47.07 -57.61 -35.45
C PRO C 95 -46.67 -57.18 -34.02
N PHE C 96 -47.16 -56.03 -33.53
CA PHE C 96 -46.83 -55.57 -32.17
C PHE C 96 -47.50 -56.51 -31.15
N PHE C 97 -48.76 -56.88 -31.43
CA PHE C 97 -49.47 -57.79 -30.56
C PHE C 97 -48.75 -59.15 -30.50
N VAL C 98 -48.33 -59.65 -31.65
CA VAL C 98 -47.62 -60.93 -31.71
C VAL C 98 -46.33 -60.90 -30.87
N VAL C 99 -45.52 -59.89 -31.08
CA VAL C 99 -44.28 -59.80 -30.31
C VAL C 99 -44.54 -59.78 -28.79
N GLY C 100 -45.54 -59.03 -28.36
CA GLY C 100 -45.89 -58.90 -26.97
C GLY C 100 -46.38 -60.21 -26.38
N VAL C 101 -47.33 -60.84 -27.08
CA VAL C 101 -47.89 -62.12 -26.63
C VAL C 101 -46.81 -63.21 -26.58
N VAL C 102 -46.00 -63.31 -27.62
CA VAL C 102 -45.07 -64.41 -27.64
C VAL C 102 -44.04 -64.23 -26.54
N HIS C 103 -43.57 -62.99 -26.31
CA HIS C 103 -42.66 -62.72 -25.17
C HIS C 103 -43.36 -63.10 -23.79
N LEU C 104 -44.61 -62.70 -23.58
CA LEU C 104 -45.31 -62.97 -22.34
C LEU C 104 -45.46 -64.47 -22.10
N ILE C 105 -45.85 -65.19 -23.15
CA ILE C 105 -46.00 -66.67 -23.04
C ILE C 105 -44.66 -67.28 -22.70
N SER C 106 -43.62 -66.86 -23.45
CA SER C 106 -42.26 -67.43 -23.27
C SER C 106 -41.77 -67.22 -21.83
N SER C 107 -42.15 -66.09 -21.21
CA SER C 107 -41.72 -65.77 -19.86
C SER C 107 -42.20 -66.79 -18.81
N ALA C 108 -43.41 -67.32 -19.03
CA ALA C 108 -43.97 -68.39 -18.18
C ALA C 108 -43.06 -69.62 -18.19
N VAL C 109 -42.56 -69.92 -19.37
CA VAL C 109 -41.70 -71.10 -19.53
C VAL C 109 -40.38 -70.87 -18.81
N LEU C 110 -39.82 -69.68 -19.04
CA LEU C 110 -38.57 -69.33 -18.33
C LEU C 110 -38.79 -69.25 -16.79
N GLY C 111 -39.94 -68.68 -16.36
CA GLY C 111 -40.25 -68.61 -14.96
C GLY C 111 -40.41 -70.01 -14.35
N PHE C 112 -41.00 -70.93 -15.11
CA PHE C 112 -41.19 -72.33 -14.64
C PHE C 112 -39.83 -72.97 -14.42
N GLY C 113 -38.97 -72.91 -15.43
CA GLY C 113 -37.62 -73.49 -15.32
C GLY C 113 -36.80 -72.87 -14.21
N GLY C 114 -36.89 -71.56 -14.12
CA GLY C 114 -36.21 -70.81 -13.07
C GLY C 114 -36.64 -71.21 -11.68
N VAL C 115 -37.95 -71.25 -11.45
CA VAL C 115 -38.47 -71.64 -10.14
C VAL C 115 -38.08 -73.10 -9.83
N TYR C 116 -38.14 -73.96 -10.83
CA TYR C 116 -37.83 -75.38 -10.61
C TYR C 116 -36.37 -75.54 -10.16
N HIS C 117 -35.45 -75.01 -10.97
CA HIS C 117 -34.02 -75.12 -10.64
C HIS C 117 -33.72 -74.40 -9.30
N ALA C 118 -34.42 -73.30 -9.02
CA ALA C 118 -34.16 -72.56 -7.79
C ALA C 118 -34.58 -73.22 -6.50
N ILE C 119 -35.76 -73.86 -6.49
CA ILE C 119 -36.25 -74.39 -5.23
C ILE C 119 -36.47 -75.89 -5.24
N ARG C 120 -36.57 -76.54 -6.40
CA ARG C 120 -36.78 -77.99 -6.46
C ARG C 120 -35.65 -78.82 -7.00
N GLY C 121 -35.03 -78.39 -8.06
CA GLY C 121 -33.94 -79.18 -8.71
C GLY C 121 -32.70 -79.37 -7.84
N PRO C 122 -31.72 -80.12 -8.35
CA PRO C 122 -30.46 -80.29 -7.65
C PRO C 122 -29.78 -78.95 -7.40
N GLU C 123 -29.45 -78.75 -6.15
CA GLU C 123 -28.86 -77.50 -5.71
C GLU C 123 -27.43 -77.28 -6.28
N THR C 124 -26.66 -78.34 -6.45
CA THR C 124 -25.43 -78.34 -7.27
C THR C 124 -25.60 -79.26 -8.48
N LEU C 125 -24.98 -78.94 -9.60
CA LEU C 125 -25.16 -79.69 -10.80
C LEU C 125 -24.06 -80.71 -11.07
N GLU C 126 -22.98 -80.67 -10.29
CA GLU C 126 -21.72 -81.36 -10.70
C GLU C 126 -21.82 -82.87 -10.55
N GLU C 127 -22.53 -83.32 -9.51
CA GLU C 127 -22.69 -84.76 -9.30
C GLU C 127 -23.85 -85.26 -10.14
N TYR C 128 -24.75 -84.37 -10.56
CA TYR C 128 -25.74 -84.71 -11.58
C TYR C 128 -25.14 -84.84 -12.98
N SER C 129 -24.36 -83.89 -13.46
CA SER C 129 -23.87 -83.91 -14.84
C SER C 129 -22.49 -83.24 -14.98
N SER C 130 -21.55 -83.93 -15.63
CA SER C 130 -20.25 -83.33 -15.94
CA SER C 130 -20.26 -83.34 -15.93
C SER C 130 -20.37 -82.23 -16.98
N PHE C 131 -21.39 -82.35 -17.83
CA PHE C 131 -21.62 -81.35 -18.92
C PHE C 131 -22.14 -80.01 -18.39
N PHE C 132 -23.15 -80.10 -17.51
CA PHE C 132 -23.81 -78.90 -16.94
C PHE C 132 -23.18 -78.31 -15.70
N GLY C 133 -22.57 -79.16 -14.89
CA GLY C 133 -21.83 -78.70 -13.72
C GLY C 133 -20.59 -77.95 -14.09
N TYR C 134 -20.09 -77.16 -13.18
CA TYR C 134 -18.88 -76.39 -13.45
C TYR C 134 -18.28 -75.91 -12.13
N ASP C 135 -16.97 -75.72 -12.20
CA ASP C 135 -16.18 -75.04 -11.18
C ASP C 135 -15.70 -73.74 -11.83
N TRP C 136 -15.96 -72.61 -11.18
CA TRP C 136 -15.53 -71.30 -11.69
C TRP C 136 -14.04 -71.27 -12.06
N LYS C 137 -13.28 -71.99 -11.26
CA LYS C 137 -11.84 -72.03 -11.40
C LYS C 137 -11.37 -72.96 -12.51
N ASP C 138 -12.27 -73.69 -13.15
CA ASP C 138 -11.91 -74.56 -14.31
C ASP C 138 -11.96 -73.68 -15.55
N LYS C 139 -10.77 -73.28 -16.00
CA LYS C 139 -10.62 -72.27 -17.08
C LYS C 139 -11.18 -72.80 -18.39
N ASN C 140 -10.98 -74.08 -18.64
CA ASN C 140 -11.44 -74.65 -19.91
CA ASN C 140 -11.41 -74.72 -19.88
C ASN C 140 -12.98 -74.72 -19.98
N LYS C 141 -13.61 -75.17 -18.92
CA LYS C 141 -15.08 -75.18 -18.86
C LYS C 141 -15.68 -73.78 -18.92
N MET C 142 -15.01 -72.79 -18.33
CA MET C 142 -15.55 -71.46 -18.41
C MET C 142 -15.50 -70.98 -19.85
N THR C 143 -14.40 -71.26 -20.57
CA THR C 143 -14.30 -70.77 -21.96
C THR C 143 -15.26 -71.51 -22.91
N THR C 144 -15.52 -72.78 -22.61
CA THR C 144 -16.56 -73.55 -23.26
C THR C 144 -17.95 -72.95 -23.18
N ILE C 145 -18.37 -72.59 -21.95
CA ILE C 145 -19.69 -72.04 -21.76
C ILE C 145 -19.71 -70.67 -22.43
N LEU C 146 -18.68 -69.86 -22.19
CA LEU C 146 -18.53 -68.61 -22.95
C LEU C 146 -18.70 -68.84 -24.46
N GLY C 147 -18.02 -69.88 -24.99
CA GLY C 147 -18.10 -70.23 -26.39
C GLY C 147 -19.51 -70.52 -26.84
N PHE C 148 -20.26 -71.30 -26.03
CA PHE C 148 -21.65 -71.62 -26.42
C PHE C 148 -22.43 -70.32 -26.58
N HIS C 149 -22.25 -69.44 -25.59
CA HIS C 149 -23.04 -68.21 -25.53
C HIS C 149 -22.66 -67.23 -26.69
N LEU C 150 -21.41 -67.27 -27.12
CA LEU C 150 -20.97 -66.49 -28.29
C LEU C 150 -21.66 -66.96 -29.57
N ILE C 151 -21.78 -68.29 -29.72
CA ILE C 151 -22.48 -68.85 -30.85
C ILE C 151 -23.94 -68.40 -30.86
N VAL C 152 -24.57 -68.49 -29.69
CA VAL C 152 -25.95 -68.02 -29.55
C VAL C 152 -26.09 -66.54 -29.97
N LEU C 153 -25.18 -65.70 -29.47
CA LEU C 153 -25.24 -64.30 -29.80
C LEU C 153 -25.00 -64.05 -31.28
N GLY C 154 -24.05 -64.77 -31.87
CA GLY C 154 -23.85 -64.64 -33.32
C GLY C 154 -25.06 -65.04 -34.18
N ILE C 155 -25.76 -66.07 -33.78
CA ILE C 155 -27.01 -66.47 -34.43
C ILE C 155 -28.01 -65.33 -34.27
N GLY C 156 -28.14 -64.72 -33.10
CA GLY C 156 -29.02 -63.56 -32.98
C GLY C 156 -28.70 -62.41 -33.94
N ALA C 157 -27.41 -62.09 -34.08
CA ALA C 157 -27.01 -61.02 -35.01
C ALA C 157 -27.38 -61.40 -36.44
N LEU C 158 -27.26 -62.69 -36.79
CA LEU C 158 -27.65 -63.14 -38.11
C LEU C 158 -29.18 -63.16 -38.29
N LEU C 159 -29.94 -63.27 -37.21
CA LEU C 159 -31.41 -63.08 -37.29
C LEU C 159 -31.78 -61.69 -37.81
N LEU C 160 -31.12 -60.67 -37.27
CA LEU C 160 -31.29 -59.31 -37.82
C LEU C 160 -30.97 -59.24 -39.33
N VAL C 161 -29.86 -59.83 -39.70
CA VAL C 161 -29.48 -59.89 -41.08
C VAL C 161 -30.61 -60.57 -41.89
N ALA C 162 -31.10 -61.70 -41.39
CA ALA C 162 -32.17 -62.46 -42.09
C ALA C 162 -33.46 -61.64 -42.25
N LYS C 163 -33.88 -60.96 -41.17
CA LYS C 163 -34.99 -60.03 -41.25
C LYS C 163 -34.80 -58.96 -42.34
N ALA C 164 -33.64 -58.32 -42.37
CA ALA C 164 -33.38 -57.22 -43.30
C ALA C 164 -33.24 -57.66 -44.76
N MET C 165 -32.67 -58.86 -44.98
CA MET C 165 -32.42 -59.34 -46.35
C MET C 165 -33.47 -60.29 -46.92
N PHE C 166 -34.09 -61.12 -46.07
CA PHE C 166 -34.97 -62.19 -46.53
C PHE C 166 -36.37 -62.12 -46.01
N PHE C 167 -36.66 -61.37 -44.94
CA PHE C 167 -37.98 -61.40 -44.40
C PHE C 167 -38.55 -59.99 -44.27
N GLY C 168 -38.46 -59.22 -45.38
CA GLY C 168 -39.27 -58.01 -45.58
C GLY C 168 -38.53 -56.70 -45.34
N GLY C 169 -37.34 -56.77 -44.80
CA GLY C 169 -36.49 -55.59 -44.70
C GLY C 169 -36.48 -54.93 -43.35
N LEU C 170 -35.99 -53.69 -43.32
CA LEU C 170 -35.99 -52.83 -42.14
C LEU C 170 -36.59 -51.47 -42.48
N TYR C 171 -37.03 -50.69 -41.51
CA TYR C 171 -37.51 -49.33 -41.74
C TYR C 171 -36.30 -48.46 -42.07
N ASP C 172 -36.30 -47.86 -43.25
CA ASP C 172 -35.18 -47.03 -43.73
C ASP C 172 -35.61 -45.59 -43.82
N THR C 173 -35.27 -44.79 -42.82
CA THR C 173 -35.62 -43.34 -42.84
C THR C 173 -35.01 -42.62 -44.04
N TRP C 174 -33.94 -43.19 -44.59
CA TRP C 174 -33.21 -42.57 -45.72
C TRP C 174 -33.69 -42.98 -47.08
N ALA C 175 -34.71 -43.83 -47.14
CA ALA C 175 -35.15 -44.41 -48.41
C ALA C 175 -35.50 -43.33 -49.42
N PRO C 176 -35.06 -43.52 -50.72
CA PRO C 176 -35.30 -42.54 -51.78
C PRO C 176 -36.77 -42.24 -51.87
N GLY C 177 -37.10 -40.96 -51.84
CA GLY C 177 -38.48 -40.52 -51.97
C GLY C 177 -39.25 -40.56 -50.66
N GLY C 178 -38.62 -40.89 -49.55
CA GLY C 178 -39.29 -40.85 -48.23
C GLY C 178 -39.05 -42.15 -47.51
N GLY C 179 -38.99 -42.04 -46.19
CA GLY C 179 -38.79 -43.20 -45.37
C GLY C 179 -39.78 -44.32 -45.68
N ASP C 180 -39.31 -45.54 -45.62
CA ASP C 180 -40.16 -46.68 -45.90
C ASP C 180 -39.43 -47.95 -45.51
N VAL C 181 -40.18 -49.03 -45.37
CA VAL C 181 -39.58 -50.32 -45.14
C VAL C 181 -38.90 -50.71 -46.46
N ARG C 182 -37.67 -51.21 -46.36
CA ARG C 182 -36.87 -51.55 -47.52
C ARG C 182 -36.03 -52.84 -47.28
N VAL C 183 -36.02 -53.71 -48.25
CA VAL C 183 -35.18 -54.93 -48.18
C VAL C 183 -33.73 -54.58 -48.50
N ILE C 184 -32.78 -55.09 -47.74
CA ILE C 184 -31.38 -54.75 -47.96
C ILE C 184 -30.75 -55.84 -48.78
N THR C 185 -30.42 -55.56 -50.02
CA THR C 185 -29.91 -56.57 -50.90
C THR C 185 -28.38 -56.53 -50.97
N ASN C 186 -27.76 -55.38 -50.74
CA ASN C 186 -26.30 -55.22 -50.83
C ASN C 186 -25.67 -54.73 -49.53
N PRO C 187 -25.61 -55.62 -48.52
CA PRO C 187 -24.98 -55.25 -47.26
C PRO C 187 -23.51 -55.00 -47.47
N THR C 188 -23.00 -54.02 -46.71
CA THR C 188 -21.64 -53.62 -46.82
C THR C 188 -20.72 -54.65 -46.20
N LEU C 189 -19.94 -55.34 -47.05
CA LEU C 189 -19.00 -56.35 -46.54
C LEU C 189 -17.56 -55.87 -46.40
N ASP C 190 -17.24 -54.78 -47.08
CA ASP C 190 -15.86 -54.28 -47.12
C ASP C 190 -15.40 -53.98 -45.68
N PRO C 191 -14.39 -54.72 -45.21
CA PRO C 191 -13.91 -54.51 -43.86
C PRO C 191 -13.26 -53.17 -43.67
N ARG C 192 -12.76 -52.53 -44.73
CA ARG C 192 -12.29 -51.15 -44.53
C ARG C 192 -13.42 -50.24 -44.05
N VAL C 193 -14.65 -50.42 -44.55
CA VAL C 193 -15.82 -49.60 -44.09
C VAL C 193 -16.30 -50.04 -42.72
N ILE C 194 -16.47 -51.35 -42.57
CA ILE C 194 -17.05 -51.91 -41.35
C ILE C 194 -16.12 -51.61 -40.16
N PHE C 195 -14.87 -52.00 -40.25
CA PHE C 195 -13.96 -51.72 -39.15
C PHE C 195 -13.50 -50.25 -39.07
N GLY C 196 -13.65 -49.50 -40.15
CA GLY C 196 -13.45 -48.05 -40.20
C GLY C 196 -14.29 -47.33 -39.15
N TYR C 197 -15.57 -47.68 -39.02
CA TYR C 197 -16.38 -47.06 -37.94
C TYR C 197 -15.72 -47.20 -36.58
N LEU C 198 -15.11 -48.35 -36.37
CA LEU C 198 -14.53 -48.69 -35.07
CA LEU C 198 -14.50 -48.66 -35.05
C LEU C 198 -13.31 -47.78 -34.72
N LEU C 199 -12.64 -47.27 -35.74
CA LEU C 199 -11.48 -46.40 -35.53
C LEU C 199 -11.81 -44.93 -35.74
N LYS C 200 -13.08 -44.58 -35.89
CA LYS C 200 -13.43 -43.16 -35.99
C LYS C 200 -13.38 -42.57 -34.59
N SER C 201 -12.86 -41.37 -34.52
CA SER C 201 -13.02 -40.57 -33.30
C SER C 201 -14.47 -40.51 -32.79
N PRO C 202 -14.68 -40.54 -31.46
CA PRO C 202 -15.98 -40.34 -30.83
C PRO C 202 -16.38 -38.87 -30.68
N PHE C 203 -15.49 -37.97 -31.04
CA PHE C 203 -15.79 -36.53 -30.97
C PHE C 203 -16.65 -36.00 -32.13
N GLY C 204 -16.95 -34.71 -32.07
CA GLY C 204 -17.90 -34.09 -32.96
C GLY C 204 -17.56 -34.22 -34.42
N GLY C 205 -18.57 -34.51 -35.22
CA GLY C 205 -18.36 -34.66 -36.66
C GLY C 205 -17.81 -36.02 -37.02
N GLU C 206 -17.56 -36.89 -36.03
CA GLU C 206 -16.99 -38.21 -36.29
C GLU C 206 -17.93 -39.22 -35.65
N GLY C 207 -18.03 -39.19 -34.32
CA GLY C 207 -19.01 -40.00 -33.54
C GLY C 207 -18.87 -41.50 -33.54
N TRP C 208 -17.69 -42.00 -33.86
CA TRP C 208 -17.38 -43.42 -33.68
C TRP C 208 -18.50 -44.23 -34.32
N ILE C 209 -18.95 -45.32 -33.68
CA ILE C 209 -19.97 -46.19 -34.32
C ILE C 209 -21.35 -45.59 -34.38
N VAL C 210 -21.57 -44.59 -33.56
CA VAL C 210 -22.88 -43.92 -33.43
C VAL C 210 -23.20 -43.15 -34.73
N SER C 211 -22.17 -42.89 -35.56
CA SER C 211 -22.36 -42.20 -36.82
C SER C 211 -22.94 -43.08 -37.93
N VAL C 212 -23.09 -44.39 -37.71
CA VAL C 212 -23.63 -45.26 -38.73
C VAL C 212 -24.95 -44.70 -39.29
N ASN C 213 -24.99 -44.48 -40.60
CA ASN C 213 -26.03 -43.70 -41.20
C ASN C 213 -26.73 -44.30 -42.39
N ASN C 214 -26.57 -45.62 -42.57
CA ASN C 214 -27.26 -46.30 -43.62
C ASN C 214 -27.39 -47.77 -43.28
N LEU C 215 -28.46 -48.39 -43.75
CA LEU C 215 -28.78 -49.76 -43.37
C LEU C 215 -27.84 -50.78 -44.00
N GLU C 216 -27.26 -50.45 -45.13
CA GLU C 216 -26.29 -51.38 -45.73
C GLU C 216 -25.13 -51.67 -44.77
N ASP C 217 -24.61 -50.60 -44.14
CA ASP C 217 -23.51 -50.69 -43.16
C ASP C 217 -23.98 -51.39 -41.91
N VAL C 218 -25.22 -51.12 -41.46
CA VAL C 218 -25.77 -51.78 -40.28
C VAL C 218 -25.87 -53.30 -40.49
N VAL C 219 -26.46 -53.70 -41.62
CA VAL C 219 -26.61 -55.13 -41.93
C VAL C 219 -25.28 -55.83 -42.11
N GLY C 220 -24.41 -55.19 -42.87
CA GLY C 220 -23.05 -55.68 -43.09
C GLY C 220 -22.26 -55.84 -41.80
N GLY C 221 -22.43 -54.85 -40.94
CA GLY C 221 -21.88 -54.93 -39.60
C GLY C 221 -22.36 -56.20 -38.87
N HIS C 222 -23.65 -56.52 -38.96
CA HIS C 222 -24.14 -57.71 -38.22
C HIS C 222 -23.73 -59.01 -38.87
N ILE C 223 -23.51 -58.96 -40.14
CA ILE C 223 -22.96 -60.15 -40.83
C ILE C 223 -21.56 -60.46 -40.21
N TRP C 224 -20.72 -59.43 -40.12
CA TRP C 224 -19.39 -59.55 -39.55
C TRP C 224 -19.42 -60.03 -38.08
N ILE C 225 -20.23 -59.35 -37.29
CA ILE C 225 -20.36 -59.65 -35.91
C ILE C 225 -20.85 -61.06 -35.69
N GLY C 226 -21.80 -61.47 -36.49
CA GLY C 226 -22.34 -62.83 -36.34
C GLY C 226 -21.30 -63.87 -36.66
N LEU C 227 -20.50 -63.59 -37.66
CA LEU C 227 -19.49 -64.55 -38.05
C LEU C 227 -18.32 -64.50 -37.06
N ILE C 228 -17.97 -63.31 -36.60
CA ILE C 228 -16.95 -63.15 -35.59
C ILE C 228 -17.34 -63.89 -34.30
N CYS C 229 -18.57 -63.70 -33.86
CA CYS C 229 -19.02 -64.35 -32.65
C CYS C 229 -19.10 -65.90 -32.75
N ILE C 230 -19.58 -66.41 -33.87
CA ILE C 230 -19.66 -67.87 -34.06
C ILE C 230 -18.25 -68.46 -34.06
N ALA C 231 -17.33 -67.82 -34.77
CA ALA C 231 -15.91 -68.23 -34.84
C ALA C 231 -15.25 -68.14 -33.48
N GLY C 232 -15.43 -67.00 -32.80
CA GLY C 232 -14.95 -66.90 -31.45
C GLY C 232 -15.49 -67.97 -30.53
N GLY C 233 -16.76 -68.33 -30.66
CA GLY C 233 -17.33 -69.40 -29.83
C GLY C 233 -16.69 -70.75 -30.10
N ILE C 234 -16.52 -71.08 -31.37
CA ILE C 234 -15.86 -72.33 -31.69
C ILE C 234 -14.42 -72.37 -31.11
N TRP C 235 -13.71 -71.25 -31.33
CA TRP C 235 -12.39 -71.06 -30.80
C TRP C 235 -12.34 -71.33 -29.29
N HIS C 236 -13.28 -70.73 -28.58
CA HIS C 236 -13.24 -70.82 -27.10
C HIS C 236 -13.66 -72.22 -26.60
N ILE C 237 -14.47 -72.93 -27.37
CA ILE C 237 -14.81 -74.33 -27.09
C ILE C 237 -13.59 -75.19 -27.31
N LEU C 238 -12.85 -74.89 -28.38
CA LEU C 238 -11.76 -75.75 -28.79
C LEU C 238 -10.42 -75.41 -28.19
N THR C 239 -10.30 -74.37 -27.37
CA THR C 239 -9.03 -74.00 -26.72
C THR C 239 -9.22 -73.73 -25.24
N THR C 240 -8.10 -73.57 -24.55
CA THR C 240 -8.08 -73.17 -23.14
C THR C 240 -7.22 -71.89 -23.00
N PRO C 241 -7.48 -71.05 -22.00
CA PRO C 241 -6.76 -69.78 -21.99
C PRO C 241 -5.21 -69.90 -21.97
N PHE C 242 -4.54 -69.07 -22.77
CA PHE C 242 -3.07 -69.10 -22.88
C PHE C 242 -2.42 -68.58 -21.62
N GLY C 243 -1.12 -68.84 -21.51
CA GLY C 243 -0.35 -68.47 -20.33
C GLY C 243 -0.42 -66.98 -19.98
N TRP C 244 -0.32 -66.12 -20.98
CA TRP C 244 -0.34 -64.68 -20.67
C TRP C 244 -1.72 -64.25 -20.09
N ALA C 245 -2.82 -64.85 -20.61
CA ALA C 245 -4.15 -64.56 -20.05
C ALA C 245 -4.30 -65.14 -18.65
N ARG C 246 -3.78 -66.37 -18.43
CA ARG C 246 -3.81 -66.97 -17.10
C ARG C 246 -3.18 -66.03 -16.09
N ARG C 247 -2.06 -65.38 -16.45
CA ARG C 247 -1.34 -64.49 -15.55
C ARG C 247 -1.95 -63.09 -15.35
N ALA C 248 -2.89 -62.69 -16.20
CA ALA C 248 -3.43 -61.31 -16.22
C ALA C 248 -4.72 -61.19 -15.44
N PHE C 249 -5.47 -62.29 -15.42
CA PHE C 249 -6.80 -62.29 -14.83
C PHE C 249 -6.91 -62.96 -13.49
N ILE C 250 -7.97 -62.58 -12.78
CA ILE C 250 -8.47 -63.31 -11.64
C ILE C 250 -9.53 -64.29 -12.16
N TRP C 251 -9.40 -65.53 -11.68
CA TRP C 251 -10.26 -66.64 -12.12
C TRP C 251 -11.21 -67.07 -10.99
N SER C 252 -12.36 -66.41 -10.91
CA SER C 252 -13.36 -66.69 -9.93
C SER C 252 -14.69 -66.20 -10.44
N GLY C 253 -15.77 -66.74 -9.90
CA GLY C 253 -17.12 -66.30 -10.30
C GLY C 253 -17.33 -64.81 -10.13
N GLU C 254 -16.85 -64.27 -9.00
CA GLU C 254 -17.02 -62.83 -8.78
C GLU C 254 -16.19 -61.98 -9.74
N ALA C 255 -14.99 -62.44 -10.05
CA ALA C 255 -14.15 -61.78 -11.05
C ALA C 255 -14.87 -61.76 -12.37
N TYR C 256 -15.44 -62.89 -12.78
CA TYR C 256 -16.11 -62.93 -14.09
C TYR C 256 -17.33 -61.98 -14.13
N LEU C 257 -18.11 -61.97 -13.05
CA LEU C 257 -19.17 -61.01 -12.91
C LEU C 257 -18.63 -59.61 -13.14
N SER C 258 -17.56 -59.30 -12.44
CA SER C 258 -16.94 -57.96 -12.58
C SER C 258 -16.61 -57.56 -14.01
N TYR C 259 -16.07 -58.48 -14.78
CA TYR C 259 -15.70 -58.17 -16.14
C TYR C 259 -16.94 -57.86 -16.96
N SER C 260 -17.99 -58.66 -16.75
CA SER C 260 -19.22 -58.42 -17.48
C SER C 260 -19.88 -57.14 -17.05
N LEU C 261 -19.77 -56.79 -15.78
CA LEU C 261 -20.35 -55.50 -15.32
C LEU C 261 -19.67 -54.33 -16.01
N GLY C 262 -18.34 -54.40 -16.08
CA GLY C 262 -17.56 -53.43 -16.83
C GLY C 262 -18.07 -53.30 -18.27
N ALA C 263 -18.23 -54.46 -18.93
CA ALA C 263 -18.68 -54.51 -20.32
C ALA C 263 -20.08 -53.93 -20.49
N LEU C 264 -21.01 -54.31 -19.60
CA LEU C 264 -22.36 -53.81 -19.69
C LEU C 264 -22.37 -52.29 -19.44
N SER C 265 -21.52 -51.81 -18.56
CA SER C 265 -21.44 -50.34 -18.28
C SER C 265 -21.08 -49.59 -19.55
N MET C 266 -20.00 -50.08 -20.19
CA MET C 266 -19.54 -49.52 -21.43
C MET C 266 -20.68 -49.52 -22.52
N MET C 267 -21.42 -50.60 -22.59
CA MET C 267 -22.48 -50.76 -23.57
C MET C 267 -23.60 -49.82 -23.25
N GLY C 268 -23.88 -49.68 -21.97
CA GLY C 268 -24.89 -48.72 -21.59
C GLY C 268 -24.64 -47.25 -21.98
N PHE C 269 -23.41 -46.80 -21.77
CA PHE C 269 -23.02 -45.44 -22.16
C PHE C 269 -23.10 -45.30 -23.72
N ILE C 270 -22.68 -46.34 -24.43
CA ILE C 270 -22.79 -46.33 -25.89
C ILE C 270 -24.24 -46.23 -26.36
N ALA C 271 -25.13 -47.01 -25.72
CA ALA C 271 -26.55 -47.00 -26.05
C ALA C 271 -27.14 -45.60 -25.79
N THR C 272 -26.70 -44.98 -24.68
CA THR C 272 -27.15 -43.63 -24.34
C THR C 272 -26.82 -42.70 -25.50
N CYS C 273 -25.59 -42.80 -26.03
CA CYS C 273 -25.18 -41.92 -27.11
C CYS C 273 -25.87 -42.26 -28.44
N PHE C 274 -26.06 -43.54 -28.67
CA PHE C 274 -26.76 -43.98 -29.85
C PHE C 274 -28.17 -43.37 -29.96
N VAL C 275 -28.97 -43.47 -28.91
CA VAL C 275 -30.34 -42.98 -28.97
C VAL C 275 -30.40 -41.45 -28.89
N TRP C 276 -29.35 -40.83 -28.36
CA TRP C 276 -29.32 -39.38 -28.30
C TRP C 276 -28.94 -38.76 -29.65
N PHE C 277 -28.03 -39.37 -30.40
CA PHE C 277 -27.59 -38.77 -31.65
C PHE C 277 -28.05 -39.44 -32.93
N ASN C 278 -28.18 -40.77 -32.89
CA ASN C 278 -28.43 -41.53 -34.10
C ASN C 278 -29.90 -41.52 -34.49
N ASN C 279 -30.16 -41.19 -35.75
CA ASN C 279 -31.52 -41.17 -36.28
C ASN C 279 -31.72 -42.16 -37.44
N THR C 280 -30.84 -43.14 -37.51
CA THR C 280 -30.90 -44.20 -38.54
C THR C 280 -31.50 -45.49 -37.92
N VAL C 281 -30.84 -46.02 -36.91
CA VAL C 281 -31.35 -47.20 -36.17
C VAL C 281 -32.35 -46.81 -35.06
N TYR C 282 -32.42 -45.54 -34.82
CA TYR C 282 -33.47 -44.92 -34.01
C TYR C 282 -34.15 -43.84 -34.87
N PRO C 283 -35.06 -44.27 -35.73
CA PRO C 283 -35.68 -43.31 -36.65
C PRO C 283 -36.49 -42.27 -35.90
N SER C 284 -36.34 -41.03 -36.33
CA SER C 284 -37.03 -39.93 -35.70
C SER C 284 -38.55 -39.97 -35.83
N GLU C 285 -39.02 -40.64 -36.90
CA GLU C 285 -40.43 -40.96 -37.11
C GLU C 285 -41.02 -41.70 -35.90
N PHE C 286 -40.22 -42.54 -35.23
CA PHE C 286 -40.66 -43.34 -34.08
C PHE C 286 -40.23 -42.80 -32.74
N TYR C 287 -38.98 -42.27 -32.69
CA TYR C 287 -38.39 -41.82 -31.43
C TYR C 287 -38.46 -40.32 -31.13
N GLY C 288 -38.92 -39.57 -32.11
CA GLY C 288 -38.96 -38.14 -32.11
C GLY C 288 -37.60 -37.63 -32.61
N PRO C 289 -37.48 -36.33 -32.83
CA PRO C 289 -36.23 -35.74 -33.30
C PRO C 289 -35.13 -35.84 -32.26
N THR C 290 -33.89 -35.93 -32.71
CA THR C 290 -32.78 -35.75 -31.80
C THR C 290 -32.69 -34.28 -31.36
N GLY C 291 -31.95 -34.06 -30.25
CA GLY C 291 -31.70 -32.73 -29.75
C GLY C 291 -31.09 -31.85 -30.84
N PRO C 292 -30.05 -32.34 -31.48
CA PRO C 292 -29.47 -31.59 -32.57
C PRO C 292 -30.50 -31.33 -33.71
N GLU C 293 -31.26 -32.38 -34.06
CA GLU C 293 -32.23 -32.26 -35.10
C GLU C 293 -33.28 -31.19 -34.85
N ALA C 294 -33.82 -31.14 -33.62
CA ALA C 294 -34.85 -30.19 -33.30
C ALA C 294 -34.34 -28.74 -33.32
N SER C 295 -33.10 -28.56 -32.87
CA SER C 295 -32.44 -27.20 -32.87
C SER C 295 -32.20 -26.72 -34.32
N GLN C 296 -31.71 -27.63 -35.13
CA GLN C 296 -31.58 -27.38 -36.60
C GLN C 296 -32.95 -27.05 -37.23
N ALA C 297 -33.96 -27.80 -36.81
CA ALA C 297 -35.31 -27.60 -37.31
C ALA C 297 -35.87 -26.25 -36.97
N GLN C 298 -35.58 -25.75 -35.79
CA GLN C 298 -35.99 -24.39 -35.43
C GLN C 298 -35.36 -23.33 -36.39
N ALA C 299 -34.07 -23.43 -36.65
CA ALA C 299 -33.45 -22.48 -37.54
C ALA C 299 -34.04 -22.55 -38.94
N MET C 300 -34.33 -23.77 -39.38
CA MET C 300 -34.96 -24.03 -40.67
C MET C 300 -36.33 -23.38 -40.71
N THR C 301 -37.09 -23.53 -39.61
CA THR C 301 -38.45 -22.98 -39.54
C THR C 301 -38.48 -21.47 -39.75
N PHE C 302 -37.59 -20.77 -39.08
CA PHE C 302 -37.60 -19.32 -39.09
C PHE C 302 -36.92 -18.76 -40.35
N LEU C 303 -35.96 -19.50 -40.87
CA LEU C 303 -35.45 -19.19 -42.20
C LEU C 303 -36.58 -19.24 -43.21
N ILE C 304 -37.37 -20.33 -43.22
CA ILE C 304 -38.50 -20.41 -44.14
C ILE C 304 -39.50 -19.28 -43.93
N ARG C 305 -39.87 -19.04 -42.67
CA ARG C 305 -40.86 -18.02 -42.39
C ARG C 305 -40.39 -16.64 -42.90
N ASP C 306 -39.15 -16.28 -42.57
CA ASP C 306 -38.70 -14.89 -42.80
C ASP C 306 -38.38 -14.69 -44.29
N GLN C 307 -37.89 -15.74 -44.93
CA GLN C 307 -37.69 -15.72 -46.37
C GLN C 307 -39.04 -15.58 -47.10
N LYS C 308 -40.09 -16.27 -46.63
CA LYS C 308 -41.41 -16.04 -47.22
C LYS C 308 -41.82 -14.60 -47.11
N LEU C 309 -41.39 -13.93 -46.05
CA LEU C 309 -41.73 -12.53 -45.86
C LEU C 309 -40.88 -11.53 -46.66
N GLY C 310 -39.84 -12.04 -47.32
CA GLY C 310 -38.97 -11.25 -48.17
C GLY C 310 -37.53 -11.18 -47.73
N ALA C 311 -37.16 -11.80 -46.63
CA ALA C 311 -35.75 -11.76 -46.17
C ALA C 311 -34.83 -12.47 -47.15
N ASN C 312 -33.69 -11.83 -47.40
CA ASN C 312 -32.59 -12.45 -48.09
C ASN C 312 -31.72 -13.14 -47.06
N VAL C 313 -31.93 -14.44 -46.91
CA VAL C 313 -31.38 -15.11 -45.74
C VAL C 313 -29.90 -15.35 -45.81
N GLY C 314 -29.31 -15.32 -46.99
CA GLY C 314 -27.86 -15.46 -47.03
C GLY C 314 -27.12 -14.22 -46.62
N SER C 315 -27.70 -13.07 -46.87
CA SER C 315 -27.06 -11.80 -46.63
C SER C 315 -27.51 -11.14 -45.31
N ALA C 316 -28.38 -11.79 -44.56
CA ALA C 316 -28.91 -11.18 -43.31
C ALA C 316 -27.90 -11.37 -42.17
N GLN C 317 -27.36 -10.23 -41.70
CA GLN C 317 -26.38 -10.19 -40.65
C GLN C 317 -27.13 -10.10 -39.31
N GLY C 318 -26.80 -11.01 -38.43
CA GLY C 318 -27.31 -11.01 -37.09
C GLY C 318 -26.66 -9.99 -36.16
N PRO C 319 -27.16 -9.85 -34.92
CA PRO C 319 -26.63 -8.86 -33.97
C PRO C 319 -25.16 -8.94 -33.69
N THR C 320 -24.59 -10.16 -33.74
CA THR C 320 -23.20 -10.37 -33.43
C THR C 320 -22.27 -10.10 -34.62
N GLY C 321 -22.81 -9.99 -35.84
CA GLY C 321 -22.04 -9.92 -37.02
C GLY C 321 -22.03 -11.23 -37.80
N LEU C 322 -22.32 -12.33 -37.11
CA LEU C 322 -22.56 -13.61 -37.80
C LEU C 322 -23.90 -13.56 -38.49
N GLY C 323 -24.04 -14.37 -39.53
CA GLY C 323 -25.30 -14.55 -40.21
C GLY C 323 -26.41 -14.96 -39.26
N LYS C 324 -27.55 -14.31 -39.39
CA LYS C 324 -28.72 -14.57 -38.53
C LYS C 324 -29.26 -16.01 -38.79
N TYR C 325 -29.28 -16.42 -40.05
CA TYR C 325 -29.81 -17.67 -40.50
C TYR C 325 -28.74 -18.64 -40.92
N LEU C 326 -27.72 -18.11 -41.58
CA LEU C 326 -26.65 -18.92 -42.22
C LEU C 326 -25.28 -18.34 -41.93
N MET C 327 -24.33 -19.21 -41.66
CA MET C 327 -22.97 -18.84 -41.37
C MET C 327 -22.05 -19.96 -41.81
N ARG C 328 -20.74 -19.83 -41.51
CA ARG C 328 -19.81 -20.89 -41.82
C ARG C 328 -19.36 -21.64 -40.55
N SER C 329 -19.20 -22.95 -40.73
CA SER C 329 -18.52 -23.82 -39.78
C SER C 329 -17.03 -23.47 -39.79
N PRO C 330 -16.27 -23.97 -38.79
CA PRO C 330 -14.82 -23.65 -38.73
C PRO C 330 -13.99 -24.14 -39.90
N THR C 331 -14.55 -25.05 -40.73
CA THR C 331 -13.90 -25.47 -41.95
C THR C 331 -14.61 -24.90 -43.23
N GLY C 332 -15.59 -24.01 -43.02
CA GLY C 332 -16.14 -23.20 -44.11
C GLY C 332 -17.51 -23.60 -44.66
N GLU C 333 -18.04 -24.73 -44.18
CA GLU C 333 -19.29 -25.30 -44.73
C GLU C 333 -20.37 -24.34 -44.34
N ILE C 334 -21.34 -24.14 -45.20
CA ILE C 334 -22.47 -23.27 -44.88
C ILE C 334 -23.40 -24.08 -43.96
N ILE C 335 -23.72 -23.48 -42.81
CA ILE C 335 -24.53 -24.10 -41.71
C ILE C 335 -25.56 -23.12 -41.17
N PHE C 336 -26.57 -23.60 -40.44
CA PHE C 336 -27.47 -22.70 -39.82
C PHE C 336 -26.76 -21.94 -38.67
N GLY C 337 -27.19 -20.71 -38.48
CA GLY C 337 -26.68 -19.84 -37.46
C GLY C 337 -27.53 -19.81 -36.18
N GLY C 338 -27.20 -18.90 -35.31
CA GLY C 338 -27.64 -18.97 -33.93
C GLY C 338 -26.91 -20.07 -33.17
N GLU C 339 -27.42 -20.39 -31.98
CA GLU C 339 -26.75 -21.37 -31.17
C GLU C 339 -26.62 -22.73 -31.84
N THR C 340 -27.49 -23.06 -32.79
CA THR C 340 -27.41 -24.30 -33.48
C THR C 340 -26.12 -24.44 -34.34
N MET C 341 -25.28 -23.40 -34.42
CA MET C 341 -23.97 -23.60 -34.99
C MET C 341 -23.26 -24.86 -34.45
N ARG C 342 -23.55 -25.21 -33.18
CA ARG C 342 -22.93 -26.40 -32.54
C ARG C 342 -23.39 -27.70 -33.13
N PHE C 343 -24.54 -27.66 -33.77
CA PHE C 343 -25.17 -28.89 -34.31
C PHE C 343 -25.01 -29.10 -35.82
N TRP C 344 -24.04 -28.41 -36.43
CA TRP C 344 -23.90 -28.47 -37.89
C TRP C 344 -23.54 -29.83 -38.40
N ASP C 345 -23.09 -30.71 -37.51
CA ASP C 345 -22.84 -32.12 -37.93
C ASP C 345 -24.12 -32.95 -38.08
N PHE C 346 -25.23 -32.43 -37.60
CA PHE C 346 -26.51 -33.08 -37.85
C PHE C 346 -26.79 -33.40 -39.28
N ARG C 347 -27.35 -34.59 -39.51
CA ARG C 347 -27.81 -34.99 -40.85
C ARG C 347 -29.14 -35.70 -40.71
N GLY C 348 -30.06 -35.37 -41.62
CA GLY C 348 -31.41 -35.93 -41.59
C GLY C 348 -32.12 -35.78 -42.92
N PRO C 349 -33.03 -36.69 -43.25
CA PRO C 349 -33.55 -36.75 -44.58
C PRO C 349 -34.35 -35.53 -45.02
N TRP C 350 -34.95 -34.81 -44.08
CA TRP C 350 -35.70 -33.62 -44.40
C TRP C 350 -34.80 -32.42 -44.75
N LEU C 351 -33.58 -32.45 -44.28
CA LEU C 351 -32.61 -31.36 -44.47
C LEU C 351 -31.62 -31.60 -45.62
N GLU C 352 -31.21 -32.85 -45.81
CA GLU C 352 -30.20 -33.16 -46.84
C GLU C 352 -30.49 -32.69 -48.28
N PRO C 353 -31.76 -32.68 -48.72
CA PRO C 353 -32.01 -32.13 -50.07
C PRO C 353 -31.53 -30.65 -50.27
N LEU C 354 -31.33 -29.92 -49.18
CA LEU C 354 -30.85 -28.55 -49.25
C LEU C 354 -29.36 -28.41 -49.21
N ARG C 355 -28.67 -29.53 -49.07
CA ARG C 355 -27.23 -29.56 -48.88
C ARG C 355 -26.53 -29.78 -50.21
N GLY C 356 -25.52 -28.97 -50.47
CA GLY C 356 -24.68 -29.04 -51.62
C GLY C 356 -23.27 -29.41 -51.18
N PRO C 357 -22.34 -29.40 -52.13
CA PRO C 357 -20.99 -29.78 -51.78
C PRO C 357 -20.33 -28.91 -50.73
N ASN C 358 -20.71 -27.64 -50.65
CA ASN C 358 -20.12 -26.73 -49.70
C ASN C 358 -21.02 -26.49 -48.49
N GLY C 359 -22.04 -27.34 -48.33
CA GLY C 359 -22.99 -27.23 -47.20
C GLY C 359 -24.35 -26.77 -47.69
N LEU C 360 -25.09 -26.07 -46.82
CA LEU C 360 -26.40 -25.62 -47.15
C LEU C 360 -26.27 -24.70 -48.34
N ASP C 361 -27.07 -24.97 -49.37
CA ASP C 361 -26.99 -24.26 -50.64
C ASP C 361 -28.05 -23.16 -50.72
N LEU C 362 -27.59 -21.93 -50.93
CA LEU C 362 -28.49 -20.80 -50.93
C LEU C 362 -29.55 -20.88 -52.06
N ASN C 363 -29.18 -21.38 -53.25
CA ASN C 363 -30.19 -21.48 -54.36
C ASN C 363 -31.19 -22.54 -54.04
N LYS C 364 -30.75 -23.63 -53.42
CA LYS C 364 -31.74 -24.64 -53.03
C LYS C 364 -32.67 -24.08 -51.95
N ILE C 365 -32.08 -23.33 -51.04
CA ILE C 365 -32.86 -22.71 -49.98
C ILE C 365 -33.93 -21.74 -50.51
N LYS C 366 -33.52 -20.88 -51.44
CA LYS C 366 -34.40 -19.88 -52.05
C LYS C 366 -35.46 -20.52 -52.89
N ASN C 367 -35.17 -21.63 -53.57
CA ASN C 367 -36.13 -22.18 -54.59
C ASN C 367 -36.71 -23.57 -54.36
N ASP C 368 -36.11 -24.45 -53.55
CA ASP C 368 -36.43 -25.86 -53.56
C ASP C 368 -37.03 -26.36 -52.28
N ILE C 369 -37.29 -25.50 -51.31
CA ILE C 369 -37.85 -26.00 -50.04
C ILE C 369 -39.30 -26.43 -50.26
N GLN C 370 -39.62 -27.68 -49.99
CA GLN C 370 -40.98 -28.21 -50.22
C GLN C 370 -41.81 -28.11 -48.97
N PRO C 371 -43.13 -28.03 -49.15
CA PRO C 371 -44.00 -27.99 -47.96
C PRO C 371 -43.76 -29.16 -46.93
N TRP C 372 -43.43 -30.37 -47.41
CA TRP C 372 -43.15 -31.45 -46.51
C TRP C 372 -41.97 -31.17 -45.61
N GLN C 373 -40.99 -30.46 -46.14
CA GLN C 373 -39.83 -30.05 -45.33
C GLN C 373 -40.22 -29.01 -44.30
N GLU C 374 -41.00 -28.01 -44.69
CA GLU C 374 -41.54 -27.05 -43.71
C GLU C 374 -42.30 -27.79 -42.58
N ARG C 375 -43.15 -28.75 -42.94
CA ARG C 375 -43.96 -29.49 -41.97
C ARG C 375 -43.07 -30.23 -40.98
N ARG C 376 -42.09 -30.92 -41.55
CA ARG C 376 -41.22 -31.74 -40.76
C ARG C 376 -40.38 -30.92 -39.78
N ALA C 377 -39.83 -29.82 -40.27
CA ALA C 377 -39.06 -28.93 -39.43
C ALA C 377 -39.92 -28.35 -38.32
N ALA C 378 -41.14 -27.97 -38.64
CA ALA C 378 -42.06 -27.45 -37.61
C ALA C 378 -42.43 -28.49 -36.53
N GLU C 379 -42.71 -29.71 -36.99
CA GLU C 379 -42.97 -30.88 -36.16
C GLU C 379 -41.80 -31.11 -35.19
N TYR C 380 -40.59 -31.16 -35.74
CA TYR C 380 -39.43 -31.51 -34.94
C TYR C 380 -39.03 -30.38 -33.98
N MET C 381 -39.10 -29.11 -34.44
CA MET C 381 -38.85 -27.96 -33.58
C MET C 381 -39.77 -28.01 -32.32
N THR C 382 -41.01 -28.44 -32.51
CA THR C 382 -42.04 -28.43 -31.46
C THR C 382 -42.20 -29.76 -30.73
N HIS C 383 -41.29 -30.72 -31.01
CA HIS C 383 -41.16 -31.96 -30.26
C HIS C 383 -39.71 -32.21 -29.88
N ALA C 384 -39.01 -31.14 -29.60
CA ALA C 384 -37.66 -31.21 -29.16
C ALA C 384 -37.60 -32.05 -27.87
N PRO C 385 -36.50 -32.77 -27.64
CA PRO C 385 -36.41 -33.61 -26.44
C PRO C 385 -36.04 -32.84 -25.19
N LEU C 386 -36.97 -31.98 -24.74
CA LEU C 386 -36.89 -31.22 -23.53
C LEU C 386 -38.23 -31.39 -22.84
N GLY C 387 -38.18 -31.58 -21.54
CA GLY C 387 -39.40 -31.74 -20.76
C GLY C 387 -39.12 -32.13 -19.34
N SER C 388 -40.14 -32.00 -18.47
CA SER C 388 -39.98 -32.20 -17.06
C SER C 388 -40.16 -33.66 -16.65
N LEU C 389 -39.79 -33.95 -15.39
CA LEU C 389 -39.90 -35.32 -14.86
C LEU C 389 -41.38 -35.82 -14.79
N ASN C 390 -42.30 -34.91 -14.49
CA ASN C 390 -43.70 -35.17 -14.63
C ASN C 390 -44.32 -35.05 -16.03
N SER C 391 -43.46 -35.08 -17.05
CA SER C 391 -43.85 -35.10 -18.44
C SER C 391 -44.64 -33.87 -18.94
N VAL C 392 -44.24 -32.68 -18.44
CA VAL C 392 -44.64 -31.41 -19.04
C VAL C 392 -43.66 -31.08 -20.17
N GLY C 393 -44.13 -31.05 -21.39
CA GLY C 393 -43.24 -30.88 -22.57
C GLY C 393 -42.77 -29.43 -22.60
N GLY C 394 -41.52 -29.25 -23.01
CA GLY C 394 -40.95 -27.98 -23.39
C GLY C 394 -39.85 -27.56 -22.43
N VAL C 395 -39.50 -26.27 -22.52
CA VAL C 395 -38.49 -25.72 -21.65
C VAL C 395 -38.96 -25.73 -20.20
N ALA C 396 -38.00 -25.58 -19.28
CA ALA C 396 -38.27 -25.67 -17.88
C ALA C 396 -39.25 -24.58 -17.36
N THR C 397 -39.34 -23.47 -18.06
CA THR C 397 -40.22 -22.39 -17.67
C THR C 397 -41.59 -22.49 -18.38
N GLU C 398 -41.78 -23.50 -19.23
CA GLU C 398 -43.04 -23.61 -19.98
C GLU C 398 -44.19 -23.91 -18.99
N ILE C 399 -45.37 -23.46 -19.33
CA ILE C 399 -46.59 -23.74 -18.56
C ILE C 399 -47.06 -25.17 -18.83
N ASN C 400 -47.81 -25.71 -17.87
CA ASN C 400 -48.54 -26.93 -18.10
C ASN C 400 -49.44 -26.82 -19.35
N SER C 401 -49.48 -27.89 -20.17
CA SER C 401 -50.41 -27.99 -21.32
C SER C 401 -50.13 -29.21 -22.12
N VAL C 402 -48.85 -29.44 -22.42
CA VAL C 402 -48.46 -30.50 -23.33
C VAL C 402 -47.85 -31.60 -22.56
N ASN C 403 -48.40 -32.80 -22.69
CA ASN C 403 -47.89 -33.96 -21.94
C ASN C 403 -46.91 -34.65 -22.84
N PHE C 404 -45.60 -34.42 -22.66
CA PHE C 404 -44.56 -34.93 -23.57
C PHE C 404 -43.19 -34.94 -22.90
N VAL C 405 -42.54 -36.12 -22.92
CA VAL C 405 -41.11 -36.25 -22.81
C VAL C 405 -40.70 -37.22 -23.88
N SER C 406 -39.72 -36.83 -24.71
CA SER C 406 -39.26 -37.62 -25.75
C SER C 406 -38.78 -38.98 -25.31
N PRO C 407 -39.09 -40.00 -26.12
CA PRO C 407 -38.51 -41.32 -25.86
C PRO C 407 -36.97 -41.29 -25.84
N ARG C 408 -36.38 -40.37 -26.64
CA ARG C 408 -34.93 -40.25 -26.64
C ARG C 408 -34.42 -39.81 -25.27
N SER C 409 -35.13 -38.88 -24.60
CA SER C 409 -34.73 -38.49 -23.23
C SER C 409 -34.92 -39.65 -22.23
N TRP C 410 -36.04 -40.37 -22.30
CA TRP C 410 -36.26 -41.51 -21.42
C TRP C 410 -35.21 -42.53 -21.59
N LEU C 411 -34.89 -42.87 -22.85
CA LEU C 411 -33.92 -43.92 -23.10
C LEU C 411 -32.48 -43.52 -22.73
N ALA C 412 -32.10 -42.27 -23.03
CA ALA C 412 -30.74 -41.85 -22.73
C ALA C 412 -30.55 -41.70 -21.23
N THR C 413 -31.53 -41.13 -20.51
CA THR C 413 -31.33 -40.94 -19.10
C THR C 413 -31.28 -42.29 -18.33
N SER C 414 -32.25 -43.18 -18.59
CA SER C 414 -32.29 -44.45 -17.94
C SER C 414 -31.00 -45.20 -18.15
N HIS C 415 -30.50 -45.20 -19.38
CA HIS C 415 -29.32 -45.99 -19.69
C HIS C 415 -28.05 -45.35 -19.16
N PHE C 416 -28.07 -44.06 -18.92
CA PHE C 416 -26.93 -43.43 -18.28
C PHE C 416 -26.89 -43.88 -16.84
N VAL C 417 -28.01 -43.75 -16.14
CA VAL C 417 -28.12 -44.16 -14.78
C VAL C 417 -27.68 -45.61 -14.62
N LEU C 418 -28.15 -46.48 -15.48
CA LEU C 418 -27.85 -47.87 -15.35
C LEU C 418 -26.36 -48.13 -15.66
N ALA C 419 -25.83 -47.53 -16.73
CA ALA C 419 -24.39 -47.68 -17.05
C ALA C 419 -23.53 -47.20 -15.90
N PHE C 420 -23.93 -46.07 -15.28
CA PHE C 420 -23.15 -45.55 -14.20
C PHE C 420 -23.09 -46.54 -13.03
N PHE C 421 -24.26 -46.97 -12.55
CA PHE C 421 -24.25 -47.89 -11.43
C PHE C 421 -23.58 -49.20 -11.80
N PHE C 422 -23.59 -49.60 -13.09
CA PHE C 422 -22.87 -50.77 -13.49
C PHE C 422 -21.36 -50.60 -13.44
N LEU C 423 -20.87 -49.39 -13.66
CA LEU C 423 -19.45 -49.09 -13.49
C LEU C 423 -19.14 -49.20 -12.00
N VAL C 424 -20.03 -48.64 -11.16
CA VAL C 424 -19.78 -48.76 -9.78
C VAL C 424 -19.74 -50.27 -9.35
N GLY C 425 -20.66 -51.05 -9.88
CA GLY C 425 -20.65 -52.48 -9.59
C GLY C 425 -19.42 -53.16 -10.13
N HIS C 426 -18.94 -52.72 -11.30
CA HIS C 426 -17.68 -53.27 -11.79
C HIS C 426 -16.57 -53.03 -10.75
N LEU C 427 -16.45 -51.81 -10.26
CA LEU C 427 -15.38 -51.48 -9.33
C LEU C 427 -15.54 -52.28 -8.01
N TRP C 428 -16.75 -52.29 -7.48
CA TRP C 428 -17.04 -53.02 -6.28
C TRP C 428 -16.61 -54.49 -6.42
N HIS C 429 -17.10 -55.18 -7.44
CA HIS C 429 -16.86 -56.63 -7.60
C HIS C 429 -15.45 -56.93 -8.08
N ALA C 430 -14.86 -56.06 -8.90
CA ALA C 430 -13.45 -56.31 -9.32
C ALA C 430 -12.48 -56.15 -8.14
N GLY C 431 -12.69 -55.10 -7.37
CA GLY C 431 -11.90 -54.89 -6.17
C GLY C 431 -12.07 -56.01 -5.15
N ARG C 432 -13.30 -56.48 -5.05
CA ARG C 432 -13.58 -57.58 -4.08
C ARG C 432 -13.01 -58.87 -4.58
N ALA C 433 -13.15 -59.12 -5.88
CA ALA C 433 -12.62 -60.38 -6.47
C ALA C 433 -11.10 -60.47 -6.21
N ARG C 434 -10.40 -59.35 -6.42
CA ARG C 434 -9.00 -59.26 -6.19
C ARG C 434 -8.65 -59.58 -4.75
N ALA C 435 -9.29 -58.91 -3.82
CA ALA C 435 -9.01 -59.07 -2.43
C ALA C 435 -9.30 -60.51 -1.94
N ALA C 436 -10.41 -61.07 -2.38
CA ALA C 436 -10.80 -62.44 -2.05
C ALA C 436 -9.83 -63.41 -2.61
N ALA C 437 -9.36 -63.20 -3.82
CA ALA C 437 -8.41 -64.13 -4.42
C ALA C 437 -7.10 -64.12 -3.63
N ALA C 438 -6.72 -62.95 -3.15
CA ALA C 438 -5.46 -62.83 -2.43
C ALA C 438 -5.65 -63.17 -0.96
N GLY C 439 -6.88 -63.21 -0.47
CA GLY C 439 -7.15 -63.63 0.88
C GLY C 439 -7.30 -62.55 1.95
N PHE C 440 -7.58 -61.35 1.56
CA PHE C 440 -7.82 -60.29 2.60
C PHE C 440 -9.14 -59.52 2.45
N GLU C 441 -10.14 -60.13 1.82
CA GLU C 441 -11.46 -59.47 1.70
C GLU C 441 -12.25 -59.30 3.02
N LYS C 442 -11.87 -60.04 4.05
CA LYS C 442 -12.55 -59.92 5.35
C LYS C 442 -11.82 -59.02 6.33
N GLY C 443 -10.70 -58.44 5.91
CA GLY C 443 -9.88 -57.62 6.73
C GLY C 443 -8.45 -58.07 6.88
N ILE C 444 -7.69 -57.29 7.60
CA ILE C 444 -6.24 -57.43 7.80
C ILE C 444 -6.03 -58.40 8.94
N ASP C 445 -5.14 -59.34 8.74
CA ASP C 445 -4.76 -60.24 9.84
C ASP C 445 -3.96 -59.46 10.92
N ARG C 446 -4.50 -59.38 12.14
CA ARG C 446 -3.85 -58.63 13.20
C ARG C 446 -2.41 -59.08 13.45
N GLU C 447 -2.16 -60.36 13.34
CA GLU C 447 -0.85 -60.92 13.62
CA GLU C 447 -0.83 -60.92 13.62
C GLU C 447 0.02 -60.92 12.35
N SER C 448 -0.51 -60.54 11.20
CA SER C 448 0.30 -60.46 9.96
C SER C 448 -0.11 -59.24 9.12
N GLU C 449 -0.12 -58.05 9.75
CA GLU C 449 -0.52 -56.82 9.12
C GLU C 449 0.62 -56.39 8.16
N PRO C 450 0.43 -56.48 6.86
CA PRO C 450 1.50 -56.22 5.89
C PRO C 450 2.30 -54.90 6.09
N VAL C 451 1.61 -53.80 6.38
CA VAL C 451 2.30 -52.52 6.54
C VAL C 451 3.33 -52.54 7.68
N LEU C 452 3.05 -53.35 8.71
CA LEU C 452 3.94 -53.47 9.82
C LEU C 452 5.27 -54.12 9.43
N SER C 453 5.33 -54.85 8.31
CA SER C 453 6.60 -55.40 7.81
C SER C 453 7.27 -54.51 6.77
N MET C 454 6.75 -53.33 6.47
CA MET C 454 7.32 -52.51 5.41
C MET C 454 8.15 -51.42 6.08
N PRO C 455 9.19 -50.98 5.40
CA PRO C 455 9.91 -49.85 5.92
C PRO C 455 9.02 -48.58 6.01
N SER C 456 9.32 -47.72 6.95
CA SER C 456 8.59 -46.46 7.10
CA SER C 456 8.58 -46.47 7.09
C SER C 456 8.85 -45.62 5.87
N LEU C 457 7.91 -44.73 5.54
CA LEU C 457 8.05 -43.83 4.39
C LEU C 457 9.07 -42.75 4.63
N ASP C 458 9.19 -42.37 5.91
CA ASP C 458 10.14 -41.37 6.33
C ASP C 458 10.46 -41.53 7.80
N GLU D 1 -33.43 -30.99 50.62
CA GLU D 1 -32.73 -32.17 51.18
C GLU D 1 -33.37 -33.47 50.61
N ARG D 2 -34.68 -33.65 50.82
CA ARG D 2 -35.49 -34.70 50.14
C ARG D 2 -36.80 -34.11 49.59
N GLY D 3 -36.78 -32.80 49.27
CA GLY D 3 -38.00 -32.06 48.91
C GLY D 3 -38.54 -32.31 47.51
N TRP D 4 -39.63 -31.61 47.19
CA TRP D 4 -40.30 -31.80 45.92
C TRP D 4 -39.40 -31.57 44.68
N PHE D 5 -38.46 -30.62 44.77
CA PHE D 5 -37.57 -30.28 43.66
C PHE D 5 -36.77 -31.54 43.35
N ASP D 6 -36.23 -32.15 44.39
CA ASP D 6 -35.39 -33.31 44.23
C ASP D 6 -36.19 -34.54 43.75
N ILE D 7 -37.42 -34.67 44.28
CA ILE D 7 -38.33 -35.71 43.82
C ILE D 7 -38.71 -35.53 42.32
N LEU D 8 -39.00 -34.30 41.90
CA LEU D 8 -39.32 -34.04 40.53
C LEU D 8 -38.09 -34.34 39.67
N ASP D 9 -36.93 -33.95 40.20
CA ASP D 9 -35.64 -34.18 39.49
C ASP D 9 -35.45 -35.67 39.23
N ASP D 10 -35.74 -36.47 40.25
CA ASP D 10 -35.75 -37.94 40.11
C ASP D 10 -36.58 -38.41 38.95
N TRP D 11 -37.83 -37.94 38.94
CA TRP D 11 -38.78 -38.39 37.91
C TRP D 11 -38.38 -37.96 36.51
N LEU D 12 -38.01 -36.70 36.42
CA LEU D 12 -37.58 -36.17 35.14
C LEU D 12 -36.42 -36.93 34.52
N LYS D 13 -35.51 -37.42 35.37
CA LYS D 13 -34.32 -38.13 34.89
C LYS D 13 -34.34 -39.66 34.89
N ARG D 14 -35.52 -40.28 35.03
CA ARG D 14 -35.60 -41.74 34.94
C ARG D 14 -35.10 -42.23 33.60
N ASP D 15 -34.50 -43.39 33.60
CA ASP D 15 -33.95 -43.94 32.38
C ASP D 15 -35.05 -44.63 31.63
N ARG D 16 -35.71 -43.95 30.72
CA ARG D 16 -36.88 -44.48 30.06
C ARG D 16 -36.66 -44.38 28.53
N PHE D 17 -37.64 -44.89 27.76
CA PHE D 17 -37.47 -45.05 26.32
C PHE D 17 -37.13 -43.71 25.69
N VAL D 18 -37.93 -42.69 26.02
CA VAL D 18 -37.65 -41.32 25.67
C VAL D 18 -37.29 -40.54 26.93
N PHE D 19 -36.01 -40.20 27.06
CA PHE D 19 -35.58 -39.35 28.12
C PHE D 19 -36.31 -37.98 28.11
N VAL D 20 -36.64 -37.49 29.28
CA VAL D 20 -37.37 -36.24 29.43
C VAL D 20 -36.42 -35.16 29.89
N GLY D 21 -36.01 -35.23 31.14
CA GLY D 21 -35.21 -34.16 31.80
C GLY D 21 -35.88 -32.83 32.05
N TRP D 22 -35.19 -31.96 32.78
CA TRP D 22 -35.67 -30.58 32.93
C TRP D 22 -35.76 -29.93 31.57
N SER D 23 -34.77 -30.19 30.69
CA SER D 23 -34.80 -29.62 29.35
C SER D 23 -36.04 -30.02 28.55
N GLY D 24 -36.57 -31.21 28.86
CA GLY D 24 -37.78 -31.67 28.21
C GLY D 24 -39.02 -30.79 28.33
N ILE D 25 -39.10 -30.09 29.46
CA ILE D 25 -40.20 -29.20 29.74
C ILE D 25 -40.26 -28.09 28.72
N LEU D 26 -39.09 -27.62 28.27
CA LEU D 26 -39.04 -26.67 27.18
C LEU D 26 -39.08 -27.36 25.82
N LEU D 27 -38.24 -28.39 25.60
CA LEU D 27 -38.10 -28.99 24.31
C LEU D 27 -39.37 -29.64 23.74
N PHE D 28 -40.02 -30.48 24.53
CA PHE D 28 -41.11 -31.24 23.98
C PHE D 28 -42.31 -30.44 23.52
N PRO D 29 -42.83 -29.49 24.33
CA PRO D 29 -43.95 -28.70 23.79
C PRO D 29 -43.52 -27.85 22.58
N CYS D 30 -42.35 -27.23 22.65
CA CYS D 30 -41.93 -26.36 21.57
C CYS D 30 -41.67 -27.09 20.26
N ALA D 31 -41.01 -28.25 20.35
CA ALA D 31 -40.77 -29.05 19.16
C ALA D 31 -42.06 -29.58 18.61
N TYR D 32 -42.93 -30.09 19.48
CA TYR D 32 -44.18 -30.65 19.02
C TYR D 32 -45.00 -29.61 18.32
N LEU D 33 -45.06 -28.39 18.89
CA LEU D 33 -45.91 -27.33 18.30
C LEU D 33 -45.30 -26.81 16.99
N ALA D 34 -43.98 -26.71 16.92
CA ALA D 34 -43.36 -26.29 15.64
C ALA D 34 -43.65 -27.30 14.52
N LEU D 35 -43.47 -28.57 14.83
CA LEU D 35 -43.73 -29.63 13.85
C LEU D 35 -45.22 -29.69 13.54
N GLY D 36 -46.02 -29.64 14.59
CA GLY D 36 -47.50 -29.73 14.40
C GLY D 36 -48.06 -28.54 13.62
N GLY D 37 -47.55 -27.34 13.93
CA GLY D 37 -47.89 -26.14 13.17
C GLY D 37 -47.53 -26.25 11.71
N TRP D 38 -46.35 -26.78 11.42
CA TRP D 38 -45.95 -26.98 10.02
C TRP D 38 -46.87 -27.94 9.29
N LEU D 39 -47.17 -29.09 9.94
CA LEU D 39 -48.00 -30.08 9.33
C LEU D 39 -49.42 -29.51 9.17
N THR D 40 -49.91 -28.79 10.21
CA THR D 40 -51.23 -28.18 10.14
C THR D 40 -51.34 -27.21 8.99
N GLY D 41 -50.37 -26.33 8.90
CA GLY D 41 -50.41 -25.28 7.84
C GLY D 41 -50.26 -25.82 6.44
N THR D 42 -49.27 -26.72 6.24
CA THR D 42 -49.03 -27.29 4.92
C THR D 42 -50.25 -28.12 4.50
N THR D 43 -51.03 -28.63 5.46
CA THR D 43 -52.14 -29.50 5.11
C THR D 43 -53.39 -28.69 4.78
N PHE D 44 -53.66 -27.64 5.58
CA PHE D 44 -54.92 -26.93 5.55
C PHE D 44 -54.92 -25.45 5.24
N VAL D 45 -53.78 -24.76 5.41
CA VAL D 45 -53.76 -23.29 5.48
C VAL D 45 -53.26 -22.60 4.22
N THR D 46 -53.93 -21.50 3.84
CA THR D 46 -53.62 -20.81 2.60
C THR D 46 -52.49 -19.77 2.82
N SER D 47 -52.02 -19.21 1.74
CA SER D 47 -51.24 -18.01 1.74
C SER D 47 -51.82 -16.93 0.78
N TRP D 48 -53.13 -17.00 0.55
CA TRP D 48 -53.79 -16.11 -0.33
C TRP D 48 -53.76 -14.64 0.09
N TYR D 49 -53.96 -14.38 1.37
CA TYR D 49 -54.08 -13.02 1.89
C TYR D 49 -52.77 -12.38 2.22
N THR D 50 -51.74 -13.21 2.37
CA THR D 50 -50.42 -12.71 2.70
C THR D 50 -49.50 -12.61 1.49
N HIS D 51 -49.61 -13.55 0.53
CA HIS D 51 -48.76 -13.66 -0.64
C HIS D 51 -49.48 -13.76 -1.97
N GLY D 52 -50.78 -14.03 -1.98
CA GLY D 52 -51.44 -14.38 -3.24
C GLY D 52 -51.06 -15.76 -3.73
N LEU D 53 -50.84 -16.70 -2.81
CA LEU D 53 -50.42 -18.06 -3.16
C LEU D 53 -51.29 -19.10 -2.49
N ALA D 54 -51.53 -20.18 -3.22
CA ALA D 54 -52.00 -21.44 -2.60
C ALA D 54 -50.76 -22.13 -2.02
N SER D 55 -50.93 -22.74 -0.83
CA SER D 55 -49.81 -23.33 -0.10
C SER D 55 -50.09 -24.63 0.70
N SER D 56 -51.24 -25.23 0.50
CA SER D 56 -51.65 -26.39 1.30
C SER D 56 -52.11 -27.55 0.42
N TYR D 57 -52.06 -28.77 1.01
CA TYR D 57 -52.69 -29.92 0.35
C TYR D 57 -54.15 -29.63 0.04
N LEU D 58 -54.83 -28.95 0.96
CA LEU D 58 -56.22 -28.66 0.75
C LEU D 58 -56.55 -27.92 -0.55
N GLU D 59 -55.67 -27.01 -0.93
CA GLU D 59 -55.85 -26.18 -2.15
C GLU D 59 -55.29 -26.83 -3.39
N GLY D 60 -54.55 -27.94 -3.20
CA GLY D 60 -54.05 -28.72 -4.34
C GLY D 60 -52.52 -28.76 -4.54
N CYS D 61 -51.81 -28.20 -3.60
CA CYS D 61 -50.33 -28.29 -3.61
C CYS D 61 -49.88 -29.72 -3.23
N ASN D 62 -48.66 -30.04 -3.62
CA ASN D 62 -48.03 -31.29 -3.31
C ASN D 62 -46.91 -31.06 -2.26
N PHE D 63 -46.25 -32.13 -1.81
CA PHE D 63 -45.19 -32.05 -0.78
C PHE D 63 -44.11 -30.99 -1.17
N LEU D 64 -43.80 -30.91 -2.48
CA LEU D 64 -42.81 -29.92 -2.86
C LEU D 64 -43.28 -28.45 -2.79
N THR D 65 -44.55 -28.18 -3.00
CA THR D 65 -45.06 -26.80 -3.12
C THR D 65 -45.76 -26.30 -1.92
N VAL D 66 -46.12 -27.16 -0.98
CA VAL D 66 -46.79 -26.65 0.25
C VAL D 66 -45.84 -25.85 1.10
N ALA D 67 -46.38 -24.94 1.90
CA ALA D 67 -45.55 -24.17 2.80
C ALA D 67 -46.40 -23.56 3.86
N VAL D 68 -45.78 -23.24 5.00
CA VAL D 68 -46.35 -22.22 5.89
C VAL D 68 -45.60 -20.92 5.56
N SER D 69 -46.30 -19.99 4.93
CA SER D 69 -45.70 -18.80 4.36
C SER D 69 -45.68 -17.67 5.35
N THR D 70 -44.75 -16.78 5.11
CA THR D 70 -44.54 -15.65 5.99
C THR D 70 -45.76 -14.73 6.01
N PRO D 71 -45.90 -13.88 7.04
CA PRO D 71 -47.00 -12.93 7.04
C PRO D 71 -46.84 -11.82 5.98
N ALA D 72 -47.92 -11.05 5.69
CA ALA D 72 -47.87 -9.96 4.73
C ALA D 72 -46.80 -8.97 5.16
N ASN D 73 -46.23 -8.27 4.19
CA ASN D 73 -45.27 -7.24 4.49
C ASN D 73 -45.83 -6.17 5.44
N SER D 74 -47.08 -5.89 5.30
CA SER D 74 -47.73 -4.85 6.17
C SER D 74 -47.73 -5.23 7.64
N MET D 75 -47.50 -6.49 8.01
CA MET D 75 -47.41 -6.85 9.43
C MET D 75 -46.09 -6.41 10.05
N GLY D 76 -45.14 -5.99 9.22
CA GLY D 76 -43.82 -5.65 9.73
C GLY D 76 -43.23 -6.85 10.47
N HIS D 77 -42.67 -6.59 11.63
CA HIS D 77 -42.08 -7.67 12.48
C HIS D 77 -42.99 -8.00 13.66
N SER D 78 -44.29 -7.78 13.49
CA SER D 78 -45.29 -8.16 14.54
C SER D 78 -45.03 -9.57 15.02
N LEU D 79 -45.02 -9.75 16.30
CA LEU D 79 -45.02 -11.11 16.91
C LEU D 79 -46.21 -11.95 16.41
N LEU D 80 -47.28 -11.25 16.01
CA LEU D 80 -48.44 -11.91 15.46
C LEU D 80 -49.00 -12.98 16.45
N LEU D 81 -49.09 -12.57 17.72
CA LEU D 81 -49.62 -13.46 18.75
C LEU D 81 -51.11 -13.71 18.52
N LEU D 82 -51.61 -14.92 18.80
CA LEU D 82 -53.03 -15.19 18.58
C LEU D 82 -53.91 -14.13 19.26
N TRP D 83 -53.50 -13.74 20.46
CA TRP D 83 -54.26 -12.73 21.28
C TRP D 83 -53.80 -11.30 21.05
N GLY D 84 -52.92 -11.12 20.08
CA GLY D 84 -52.41 -9.81 19.74
C GLY D 84 -53.38 -8.91 19.00
N PRO D 85 -52.98 -7.67 18.71
CA PRO D 85 -53.89 -6.64 18.12
C PRO D 85 -54.30 -6.88 16.67
N GLU D 86 -53.54 -7.70 15.97
CA GLU D 86 -53.89 -8.07 14.57
C GLU D 86 -55.00 -9.15 14.50
N ALA D 87 -54.77 -10.27 15.12
CA ALA D 87 -55.77 -11.37 15.04
C ALA D 87 -56.85 -11.21 16.11
N GLN D 88 -56.49 -10.58 17.24
CA GLN D 88 -57.47 -10.29 18.31
C GLN D 88 -58.19 -11.55 18.80
N GLY D 89 -57.46 -12.68 18.93
CA GLY D 89 -58.04 -13.93 19.44
C GLY D 89 -58.76 -14.84 18.42
N ASP D 90 -58.90 -14.39 17.17
CA ASP D 90 -59.62 -15.12 16.15
C ASP D 90 -58.63 -16.04 15.43
N PHE D 91 -58.76 -17.33 15.74
CA PHE D 91 -57.88 -18.36 15.20
C PHE D 91 -57.90 -18.41 13.67
N THR D 92 -59.09 -18.33 13.08
CA THR D 92 -59.21 -18.37 11.63
C THR D 92 -58.42 -17.15 10.99
N ARG D 93 -58.69 -15.94 11.50
CA ARG D 93 -58.08 -14.73 11.01
C ARG D 93 -56.58 -14.82 11.19
N TRP D 94 -56.17 -15.28 12.38
CA TRP D 94 -54.76 -15.53 12.69
C TRP D 94 -54.14 -16.40 11.62
N CYS D 95 -54.80 -17.50 11.22
CA CYS D 95 -54.18 -18.32 10.16
C CYS D 95 -54.05 -17.56 8.86
N GLN D 96 -55.09 -16.80 8.52
CA GLN D 96 -55.16 -16.03 7.25
C GLN D 96 -54.12 -14.88 7.20
N LEU D 97 -53.69 -14.43 8.38
CA LEU D 97 -52.71 -13.36 8.47
C LEU D 97 -51.29 -13.83 8.56
N GLY D 98 -51.08 -15.15 8.59
CA GLY D 98 -49.75 -15.72 8.73
C GLY D 98 -49.25 -15.94 10.13
N GLY D 99 -50.16 -16.03 11.11
CA GLY D 99 -49.77 -16.28 12.50
C GLY D 99 -49.04 -17.59 12.65
N LEU D 100 -49.35 -18.59 11.87
CA LEU D 100 -48.59 -19.85 11.98
C LEU D 100 -47.12 -19.67 11.68
N TRP D 101 -46.76 -18.64 10.90
CA TRP D 101 -45.32 -18.48 10.58
C TRP D 101 -44.56 -18.08 11.86
N THR D 102 -45.03 -17.02 12.55
CA THR D 102 -44.32 -16.66 13.75
C THR D 102 -44.47 -17.74 14.80
N PHE D 103 -45.62 -18.41 14.84
CA PHE D 103 -45.80 -19.56 15.75
C PHE D 103 -44.72 -20.62 15.58
N ILE D 104 -44.46 -21.01 14.34
CA ILE D 104 -43.49 -22.03 14.05
C ILE D 104 -42.07 -21.49 14.29
N ALA D 105 -41.79 -20.27 13.85
CA ALA D 105 -40.44 -19.75 14.01
C ALA D 105 -40.11 -19.60 15.47
N LEU D 106 -41.03 -19.12 16.30
CA LEU D 106 -40.72 -18.86 17.69
C LEU D 106 -40.73 -20.14 18.55
N HIS D 107 -41.73 -21.03 18.38
CA HIS D 107 -41.69 -22.34 19.08
C HIS D 107 -40.48 -23.14 18.58
N GLY D 108 -40.14 -23.00 17.32
CA GLY D 108 -38.97 -23.68 16.79
C GLY D 108 -37.69 -23.17 17.45
N ALA D 109 -37.57 -21.84 17.59
CA ALA D 109 -36.38 -21.25 18.24
C ALA D 109 -36.24 -21.78 19.67
N PHE D 110 -37.33 -21.69 20.45
CA PHE D 110 -37.30 -22.22 21.83
C PHE D 110 -37.10 -23.69 21.92
N GLY D 111 -37.62 -24.38 20.92
CA GLY D 111 -37.37 -25.84 20.81
C GLY D 111 -35.92 -26.18 20.61
N LEU D 112 -35.25 -25.46 19.70
CA LEU D 112 -33.81 -25.65 19.51
C LEU D 112 -33.01 -25.39 20.77
N ILE D 113 -33.37 -24.35 21.53
CA ILE D 113 -32.71 -24.07 22.80
C ILE D 113 -32.89 -25.33 23.68
N GLY D 114 -34.12 -25.81 23.71
CA GLY D 114 -34.45 -26.99 24.53
C GLY D 114 -33.62 -28.20 24.08
N PHE D 115 -33.47 -28.36 22.78
CA PHE D 115 -32.66 -29.50 22.28
C PHE D 115 -31.20 -29.40 22.69
N MET D 116 -30.66 -28.17 22.64
CA MET D 116 -29.26 -28.00 23.01
C MET D 116 -29.13 -28.16 24.54
N LEU D 117 -30.11 -27.66 25.32
CA LEU D 117 -30.13 -27.95 26.75
C LEU D 117 -30.16 -29.43 27.04
N ARG D 118 -30.97 -30.16 26.30
CA ARG D 118 -31.01 -31.64 26.39
C ARG D 118 -29.67 -32.28 26.16
N GLN D 119 -28.96 -31.80 25.15
CA GLN D 119 -27.60 -32.35 24.84
C GLN D 119 -26.66 -32.16 26.05
N PHE D 120 -26.74 -30.95 26.65
CA PHE D 120 -25.97 -30.66 27.86
C PHE D 120 -26.40 -31.54 29.03
N GLU D 121 -27.71 -31.60 29.28
CA GLU D 121 -28.28 -32.33 30.41
C GLU D 121 -27.89 -33.83 30.32
N ILE D 122 -28.06 -34.44 29.16
CA ILE D 122 -27.73 -35.83 29.01
C ILE D 122 -26.21 -36.09 29.18
N ALA D 123 -25.40 -35.26 28.55
CA ALA D 123 -23.95 -35.37 28.65
C ALA D 123 -23.49 -35.37 30.11
N ARG D 124 -24.09 -34.46 30.87
CA ARG D 124 -23.76 -34.32 32.25
C ARG D 124 -24.16 -35.59 33.03
N LEU D 125 -25.32 -36.13 32.73
CA LEU D 125 -25.78 -37.34 33.42
C LEU D 125 -24.98 -38.58 33.15
N VAL D 126 -24.56 -38.78 31.92
CA VAL D 126 -23.78 -39.92 31.45
CA VAL D 126 -23.79 -39.94 31.55
C VAL D 126 -22.30 -39.73 31.74
N GLY D 127 -21.88 -38.48 32.03
CA GLY D 127 -20.46 -38.19 32.28
C GLY D 127 -19.56 -38.12 31.05
N VAL D 128 -20.08 -37.56 29.95
CA VAL D 128 -19.26 -37.28 28.79
C VAL D 128 -19.08 -35.74 28.66
N ARG D 129 -18.13 -35.37 27.81
CA ARG D 129 -17.88 -33.92 27.53
C ARG D 129 -18.95 -33.45 26.54
N PRO D 130 -19.32 -32.17 26.62
CA PRO D 130 -20.50 -31.64 25.91
C PRO D 130 -20.25 -31.11 24.52
N TYR D 131 -19.41 -31.81 23.76
CA TYR D 131 -19.08 -31.37 22.40
C TYR D 131 -20.23 -31.48 21.39
N ASN D 132 -21.15 -32.41 21.57
CA ASN D 132 -22.29 -32.49 20.73
C ASN D 132 -23.15 -31.24 20.86
N ALA D 133 -23.37 -30.79 22.09
CA ALA D 133 -24.08 -29.52 22.32
C ALA D 133 -23.31 -28.37 21.68
N ILE D 134 -22.00 -28.41 21.84
CA ILE D 134 -21.15 -27.36 21.28
C ILE D 134 -21.29 -27.32 19.77
N ALA D 135 -21.25 -28.47 19.13
CA ALA D 135 -21.46 -28.57 17.72
C ALA D 135 -22.82 -28.08 17.18
N PHE D 136 -23.84 -28.27 17.99
CA PHE D 136 -25.19 -27.89 17.63
C PHE D 136 -25.36 -26.34 17.64
N SER D 137 -24.37 -25.63 18.17
CA SER D 137 -24.37 -24.15 18.08
C SER D 137 -24.42 -23.69 16.62
N ALA D 138 -23.88 -24.50 15.70
CA ALA D 138 -23.94 -24.16 14.30
C ALA D 138 -25.38 -24.13 13.71
N PRO D 139 -26.16 -25.22 13.84
CA PRO D 139 -27.52 -25.15 13.47
C PRO D 139 -28.28 -24.00 14.13
N ILE D 140 -27.97 -23.73 15.39
CA ILE D 140 -28.64 -22.59 16.07
C ILE D 140 -28.28 -21.25 15.40
N ALA D 141 -26.99 -21.06 15.12
CA ALA D 141 -26.56 -19.83 14.46
C ALA D 141 -27.18 -19.66 13.08
N VAL D 142 -27.31 -20.72 12.30
CA VAL D 142 -28.02 -20.68 11.05
C VAL D 142 -29.49 -20.36 11.25
N PHE D 143 -30.16 -21.11 12.10
CA PHE D 143 -31.59 -20.81 12.27
C PHE D 143 -31.88 -19.37 12.69
N VAL D 144 -31.12 -18.91 13.68
CA VAL D 144 -31.29 -17.55 14.23
C VAL D 144 -30.94 -16.48 13.20
N SER D 145 -29.86 -16.73 12.48
CA SER D 145 -29.47 -15.73 11.46
C SER D 145 -30.43 -15.64 10.31
N VAL D 146 -30.89 -16.78 9.80
CA VAL D 146 -31.69 -16.78 8.59
C VAL D 146 -33.18 -16.47 8.92
N PHE D 147 -33.70 -17.12 9.97
CA PHE D 147 -35.14 -17.02 10.26
C PHE D 147 -35.52 -15.82 11.13
N LEU D 148 -34.55 -15.28 11.87
CA LEU D 148 -34.88 -14.18 12.78
C LEU D 148 -34.12 -12.91 12.44
N ILE D 149 -32.79 -12.98 12.44
CA ILE D 149 -31.98 -11.76 12.20
C ILE D 149 -32.23 -11.20 10.79
N TYR D 150 -32.13 -12.05 9.74
CA TYR D 150 -32.33 -11.62 8.39
C TYR D 150 -33.64 -10.79 8.23
N PRO D 151 -34.83 -11.35 8.59
CA PRO D 151 -36.03 -10.56 8.38
C PRO D 151 -36.07 -9.38 9.27
N LEU D 152 -35.50 -9.51 10.47
CA LEU D 152 -35.51 -8.33 11.39
C LEU D 152 -34.73 -7.12 10.83
N GLY D 153 -33.69 -7.39 10.04
CA GLY D 153 -33.00 -6.28 9.33
C GLY D 153 -33.75 -5.77 8.12
N GLN D 154 -34.59 -6.64 7.52
CA GLN D 154 -35.37 -6.27 6.40
C GLN D 154 -36.66 -5.58 6.83
N SER D 155 -37.59 -5.33 5.89
CA SER D 155 -38.83 -4.59 6.19
C SER D 155 -39.76 -5.34 7.13
N SER D 156 -39.75 -6.66 7.04
CA SER D 156 -40.79 -7.47 7.72
C SER D 156 -40.46 -8.95 7.68
N TRP D 157 -41.23 -9.73 8.47
CA TRP D 157 -41.05 -11.18 8.38
C TRP D 157 -41.37 -11.71 6.98
N PHE D 158 -42.12 -10.97 6.18
CA PHE D 158 -42.42 -11.37 4.80
C PHE D 158 -41.22 -12.00 4.04
N PHE D 159 -40.04 -11.40 4.23
CA PHE D 159 -38.81 -11.72 3.58
C PHE D 159 -37.96 -12.76 4.25
N ALA D 160 -38.40 -13.30 5.38
CA ALA D 160 -37.80 -14.50 5.92
C ALA D 160 -38.15 -15.68 4.97
N PRO D 161 -37.48 -16.81 5.14
CA PRO D 161 -37.91 -17.97 4.39
C PRO D 161 -39.25 -18.46 4.87
N SER D 162 -40.06 -18.83 3.92
CA SER D 162 -41.32 -19.49 4.20
C SER D 162 -40.95 -20.98 4.42
N PHE D 163 -41.68 -21.64 5.31
CA PHE D 163 -41.36 -23.03 5.66
C PHE D 163 -41.97 -23.98 4.62
N GLY D 164 -41.17 -24.32 3.61
CA GLY D 164 -41.67 -25.13 2.50
C GLY D 164 -40.54 -25.46 1.58
N VAL D 165 -40.68 -26.57 0.84
CA VAL D 165 -39.60 -27.02 -0.05
C VAL D 165 -39.39 -25.97 -1.19
N ALA D 166 -40.44 -25.72 -1.97
CA ALA D 166 -40.34 -24.75 -3.07
C ALA D 166 -40.11 -23.35 -2.55
N ALA D 167 -40.71 -23.07 -1.39
CA ALA D 167 -40.53 -21.76 -0.77
C ALA D 167 -39.08 -21.47 -0.40
N ILE D 168 -38.36 -22.50 0.07
CA ILE D 168 -36.97 -22.39 0.36
C ILE D 168 -36.17 -22.21 -0.92
N PHE D 169 -36.57 -22.93 -1.97
CA PHE D 169 -35.88 -22.73 -3.25
C PHE D 169 -36.03 -21.25 -3.74
N ARG D 170 -37.23 -20.72 -3.65
CA ARG D 170 -37.46 -19.33 -3.97
C ARG D 170 -36.51 -18.42 -3.14
N PHE D 171 -36.27 -18.76 -1.86
CA PHE D 171 -35.41 -17.97 -0.98
C PHE D 171 -33.95 -17.99 -1.51
N LEU D 172 -33.46 -19.14 -2.00
CA LEU D 172 -32.15 -19.24 -2.58
C LEU D 172 -32.03 -18.32 -3.80
N LEU D 173 -33.02 -18.37 -4.67
CA LEU D 173 -32.97 -17.63 -5.95
C LEU D 173 -33.12 -16.15 -5.70
N PHE D 174 -33.91 -15.77 -4.69
CA PHE D 174 -33.99 -14.41 -4.25
C PHE D 174 -32.62 -13.90 -3.81
N PHE D 175 -31.92 -14.70 -3.03
CA PHE D 175 -30.61 -14.31 -2.55
C PHE D 175 -29.59 -14.16 -3.68
N GLN D 176 -29.69 -14.99 -4.69
CA GLN D 176 -28.80 -14.83 -5.87
C GLN D 176 -29.09 -13.49 -6.56
N GLY D 177 -30.35 -13.30 -6.94
CA GLY D 177 -30.72 -12.16 -7.77
C GLY D 177 -30.58 -10.83 -7.05
N PHE D 178 -30.94 -10.79 -5.77
CA PHE D 178 -30.94 -9.52 -5.04
C PHE D 178 -29.64 -9.27 -4.25
N HIS D 179 -29.05 -10.31 -3.66
CA HIS D 179 -27.89 -10.17 -2.80
C HIS D 179 -26.58 -10.62 -3.45
N ASN D 180 -26.67 -11.21 -4.62
CA ASN D 180 -25.50 -11.92 -5.24
C ASN D 180 -24.76 -12.77 -4.20
N TRP D 181 -25.49 -13.57 -3.48
CA TRP D 181 -24.98 -14.26 -2.31
C TRP D 181 -23.90 -15.28 -2.64
N THR D 182 -23.92 -15.88 -3.82
CA THR D 182 -22.79 -16.72 -4.25
C THR D 182 -21.43 -16.04 -4.19
N LEU D 183 -21.41 -14.72 -4.41
CA LEU D 183 -20.18 -13.94 -4.41
C LEU D 183 -19.63 -13.69 -3.01
N ASN D 184 -20.42 -14.00 -1.96
CA ASN D 184 -20.03 -13.62 -0.65
C ASN D 184 -19.03 -14.61 -0.05
N PRO D 185 -17.83 -14.13 0.35
CA PRO D 185 -16.86 -15.04 0.94
C PRO D 185 -17.36 -15.76 2.21
N PHE D 186 -18.29 -15.18 2.96
CA PHE D 186 -18.83 -15.93 4.07
C PHE D 186 -19.70 -17.15 3.63
N HIS D 187 -20.44 -17.03 2.53
CA HIS D 187 -21.18 -18.12 1.99
C HIS D 187 -20.20 -19.14 1.46
N MET D 188 -19.14 -18.63 0.81
CA MET D 188 -18.12 -19.55 0.22
C MET D 188 -17.46 -20.42 1.30
N MET D 189 -17.18 -19.82 2.47
CA MET D 189 -16.65 -20.55 3.60
C MET D 189 -17.69 -21.58 4.11
N GLY D 190 -18.95 -21.19 4.13
CA GLY D 190 -20.03 -22.12 4.36
C GLY D 190 -19.99 -23.35 3.46
N VAL D 191 -19.93 -23.09 2.18
CA VAL D 191 -19.90 -24.13 1.15
C VAL D 191 -18.75 -25.06 1.46
N ALA D 192 -17.60 -24.50 1.70
CA ALA D 192 -16.41 -25.32 1.90
C ALA D 192 -16.56 -26.19 3.19
N GLY D 193 -17.22 -25.63 4.23
CA GLY D 193 -17.42 -26.42 5.42
C GLY D 193 -18.42 -27.56 5.22
N VAL D 194 -19.49 -27.29 4.45
CA VAL D 194 -20.50 -28.31 4.21
C VAL D 194 -19.92 -29.38 3.29
N LEU D 195 -19.34 -28.98 2.15
CA LEU D 195 -18.82 -29.94 1.21
C LEU D 195 -17.59 -30.68 1.81
N GLY D 196 -16.80 -29.94 2.54
CA GLY D 196 -15.66 -30.47 3.28
C GLY D 196 -16.08 -31.48 4.35
N GLY D 197 -17.13 -31.14 5.05
CA GLY D 197 -17.71 -32.07 6.02
C GLY D 197 -18.24 -33.34 5.39
N ALA D 198 -18.91 -33.18 4.26
CA ALA D 198 -19.42 -34.32 3.51
C ALA D 198 -18.28 -35.19 3.03
N LEU D 199 -17.23 -34.54 2.52
CA LEU D 199 -16.01 -35.22 2.14
C LEU D 199 -15.40 -36.05 3.31
N LEU D 200 -15.30 -35.42 4.48
CA LEU D 200 -14.68 -36.05 5.63
C LEU D 200 -15.54 -37.24 6.12
N CYS D 201 -16.85 -37.07 6.05
CA CYS D 201 -17.80 -38.12 6.41
C CYS D 201 -17.58 -39.35 5.54
N ALA D 202 -17.56 -39.12 4.24
CA ALA D 202 -17.39 -40.16 3.23
C ALA D 202 -16.04 -40.86 3.38
N ILE D 203 -15.00 -40.05 3.47
CA ILE D 203 -13.64 -40.56 3.42
C ILE D 203 -13.28 -41.29 4.74
N HIS D 204 -13.73 -40.78 5.87
CA HIS D 204 -13.46 -41.44 7.15
C HIS D 204 -14.24 -42.76 7.22
N GLY D 205 -15.54 -42.71 6.93
CA GLY D 205 -16.32 -43.97 6.88
C GLY D 205 -15.73 -45.02 5.96
N ALA D 206 -15.30 -44.62 4.76
CA ALA D 206 -14.75 -45.58 3.78
C ALA D 206 -13.39 -46.10 4.26
N THR D 207 -12.59 -45.22 4.83
CA THR D 207 -11.26 -45.63 5.29
C THR D 207 -11.32 -46.69 6.42
N VAL D 208 -12.19 -46.45 7.41
CA VAL D 208 -12.41 -47.38 8.52
C VAL D 208 -12.90 -48.73 7.94
N GLU D 209 -13.90 -48.68 7.08
CA GLU D 209 -14.43 -49.90 6.50
C GLU D 209 -13.49 -50.63 5.60
N ASN D 210 -12.44 -49.94 5.13
CA ASN D 210 -11.46 -50.59 4.23
C ASN D 210 -10.09 -50.86 4.86
N THR D 211 -9.99 -50.60 6.16
CA THR D 211 -8.79 -50.96 6.90
C THR D 211 -9.14 -51.83 8.07
N LEU D 212 -10.32 -52.45 8.01
CA LEU D 212 -10.81 -53.31 9.12
C LEU D 212 -9.86 -54.43 9.36
N PHE D 213 -9.74 -54.79 10.65
CA PHE D 213 -9.06 -56.04 10.99
C PHE D 213 -9.99 -57.24 10.77
N GLN D 214 -9.42 -58.36 10.39
CA GLN D 214 -10.27 -59.58 10.26
C GLN D 214 -10.53 -60.08 11.63
N ASP D 215 -11.72 -59.82 12.14
CA ASP D 215 -12.07 -60.23 13.50
C ASP D 215 -13.18 -61.32 13.53
N GLY D 216 -13.49 -61.90 12.39
CA GLY D 216 -14.46 -62.99 12.28
C GLY D 216 -14.19 -63.78 11.01
N GLU D 217 -14.95 -64.86 10.86
CA GLU D 217 -14.88 -65.69 9.66
C GLU D 217 -15.84 -65.25 8.57
N GLY D 218 -16.81 -64.41 8.92
CA GLY D 218 -17.82 -64.01 7.96
C GLY D 218 -17.30 -63.09 6.88
N ALA D 219 -17.81 -63.30 5.67
CA ALA D 219 -17.59 -62.36 4.55
C ALA D 219 -18.36 -61.00 4.71
N SER D 220 -19.45 -61.04 5.44
CA SER D 220 -20.17 -59.84 5.90
C SER D 220 -19.56 -59.57 7.27
N THR D 221 -18.95 -58.40 7.42
CA THR D 221 -17.95 -58.14 8.46
C THR D 221 -18.44 -57.35 9.70
N PHE D 222 -19.72 -56.99 9.70
CA PHE D 222 -20.30 -56.21 10.76
C PHE D 222 -20.38 -57.01 12.04
N ARG D 223 -20.61 -58.32 11.95
CA ARG D 223 -20.77 -59.08 13.18
C ARG D 223 -19.47 -59.22 13.92
N ALA D 224 -18.32 -59.04 13.27
CA ALA D 224 -17.00 -59.10 13.94
C ALA D 224 -16.61 -57.84 14.73
N PHE D 225 -17.56 -57.21 15.38
CA PHE D 225 -17.28 -56.09 16.26
C PHE D 225 -18.09 -56.32 17.55
N ASN D 226 -17.50 -55.99 18.69
CA ASN D 226 -18.15 -56.08 20.00
C ASN D 226 -17.98 -54.74 20.67
N PRO D 227 -19.10 -54.03 20.99
CA PRO D 227 -19.01 -52.64 21.58
C PRO D 227 -18.04 -52.51 22.74
N THR D 228 -17.93 -53.58 23.53
CA THR D 228 -17.09 -53.59 24.69
C THR D 228 -15.63 -53.97 24.40
N GLN D 229 -15.26 -54.30 23.16
CA GLN D 229 -13.87 -54.68 22.90
C GLN D 229 -12.89 -53.53 23.18
N ALA D 230 -11.70 -53.87 23.63
CA ALA D 230 -10.66 -52.87 23.95
C ALA D 230 -9.97 -52.30 22.71
N GLU D 231 -9.82 -53.15 21.69
CA GLU D 231 -8.96 -52.93 20.57
C GLU D 231 -9.65 -52.16 19.44
N GLU D 232 -8.86 -51.40 18.73
CA GLU D 232 -9.33 -50.67 17.53
C GLU D 232 -9.83 -51.70 16.53
N THR D 233 -10.96 -51.40 15.88
CA THR D 233 -11.53 -52.33 14.90
C THR D 233 -10.88 -52.27 13.50
N TYR D 234 -10.12 -51.18 13.26
CA TYR D 234 -9.42 -50.95 11.98
C TYR D 234 -8.01 -50.53 12.29
N SER D 235 -7.13 -50.61 11.30
CA SER D 235 -5.74 -50.26 11.45
C SER D 235 -5.46 -48.80 11.09
N MET D 236 -5.19 -48.00 12.11
CA MET D 236 -4.76 -46.62 11.88
C MET D 236 -3.41 -46.57 11.14
N VAL D 237 -2.54 -47.53 11.38
CA VAL D 237 -1.21 -47.53 10.78
C VAL D 237 -1.32 -47.78 9.27
N THR D 238 -2.16 -48.74 8.88
CA THR D 238 -2.36 -49.03 7.45
C THR D 238 -3.11 -47.89 6.80
N ALA D 239 -4.13 -47.34 7.49
CA ALA D 239 -4.90 -46.20 6.94
C ALA D 239 -3.91 -45.04 6.62
N ASN D 240 -3.04 -44.80 7.60
CA ASN D 240 -2.06 -43.70 7.55
C ASN D 240 -1.06 -43.88 6.39
N ARG D 241 -0.62 -45.09 6.22
CA ARG D 241 0.31 -45.35 5.13
C ARG D 241 -0.41 -45.12 3.81
N PHE D 242 -1.61 -45.66 3.68
CA PHE D 242 -2.38 -45.54 2.44
C PHE D 242 -2.51 -44.07 2.00
N TRP D 243 -3.07 -43.25 2.88
CA TRP D 243 -3.28 -41.87 2.54
C TRP D 243 -2.01 -41.07 2.31
N SER D 244 -0.98 -41.34 3.10
CA SER D 244 0.33 -40.70 2.93
C SER D 244 0.85 -40.96 1.52
N GLN D 245 0.61 -42.17 1.04
CA GLN D 245 1.10 -42.57 -0.27
C GLN D 245 0.18 -42.11 -1.42
N ILE D 246 -1.11 -42.05 -1.18
CA ILE D 246 -2.04 -41.62 -2.22
C ILE D 246 -2.07 -40.11 -2.34
N PHE D 247 -2.33 -39.42 -1.20
CA PHE D 247 -2.61 -38.02 -1.21
C PHE D 247 -1.43 -37.16 -0.73
N GLY D 248 -0.47 -37.77 -0.06
CA GLY D 248 0.68 -37.05 0.45
C GLY D 248 0.67 -36.81 1.93
N ILE D 249 -0.50 -36.55 2.51
CA ILE D 249 -0.64 -36.47 3.91
C ILE D 249 -1.75 -37.39 4.36
N ALA D 250 -1.72 -37.61 5.65
CA ALA D 250 -2.69 -38.51 6.29
C ALA D 250 -2.83 -38.15 7.75
N PHE D 251 -3.98 -38.46 8.34
CA PHE D 251 -4.11 -38.39 9.78
C PHE D 251 -3.20 -39.44 10.43
N SER D 252 -2.63 -39.08 11.57
CA SER D 252 -1.91 -40.02 12.45
C SER D 252 -2.49 -40.03 13.85
N ASN D 253 -3.33 -39.06 14.18
CA ASN D 253 -3.87 -38.90 15.53
C ASN D 253 -5.40 -38.91 15.48
N LYS D 254 -5.98 -39.97 16.07
CA LYS D 254 -7.45 -40.20 16.00
C LYS D 254 -8.22 -39.15 16.72
N ARG D 255 -7.66 -38.59 17.79
CA ARG D 255 -8.37 -37.53 18.52
C ARG D 255 -8.43 -36.28 17.65
N TRP D 256 -7.30 -35.94 17.02
CA TRP D 256 -7.28 -34.81 16.05
C TRP D 256 -8.30 -35.02 14.94
N LEU D 257 -8.25 -36.19 14.34
CA LEU D 257 -9.18 -36.50 13.23
C LEU D 257 -10.65 -36.17 13.58
N HIS D 258 -11.07 -36.69 14.73
CA HIS D 258 -12.49 -36.62 15.10
C HIS D 258 -12.78 -35.19 15.55
N PHE D 259 -11.82 -34.51 16.18
CA PHE D 259 -12.02 -33.05 16.41
C PHE D 259 -12.20 -32.24 15.14
N PHE D 260 -11.37 -32.53 14.16
CA PHE D 260 -11.44 -31.85 12.85
C PHE D 260 -12.82 -32.04 12.17
N MET D 261 -13.35 -33.25 12.35
CA MET D 261 -14.71 -33.58 11.84
C MET D 261 -15.76 -32.73 12.51
N LEU D 262 -15.60 -32.36 13.79
CA LEU D 262 -16.48 -31.35 14.39
C LEU D 262 -16.20 -29.97 13.77
N PHE D 263 -14.94 -29.57 13.79
CA PHE D 263 -14.54 -28.21 13.46
C PHE D 263 -15.00 -27.73 12.08
N VAL D 264 -14.82 -28.58 11.06
CA VAL D 264 -15.01 -28.18 9.64
C VAL D 264 -16.46 -27.74 9.33
N PRO D 265 -17.45 -28.65 9.51
CA PRO D 265 -18.79 -28.25 9.18
C PRO D 265 -19.37 -27.22 10.14
N VAL D 266 -18.95 -27.28 11.42
CA VAL D 266 -19.46 -26.34 12.45
C VAL D 266 -18.94 -24.94 12.09
N THR D 267 -17.65 -24.85 11.75
CA THR D 267 -17.09 -23.54 11.40
C THR D 267 -17.70 -22.99 10.10
N GLY D 268 -17.90 -23.86 9.12
CA GLY D 268 -18.55 -23.45 7.89
C GLY D 268 -19.90 -22.83 8.14
N LEU D 269 -20.73 -23.54 8.92
CA LEU D 269 -22.07 -23.01 9.17
C LEU D 269 -22.02 -21.67 9.85
N TRP D 270 -21.12 -21.57 10.83
CA TRP D 270 -21.01 -20.31 11.59
C TRP D 270 -20.60 -19.15 10.61
N MET D 271 -19.69 -19.43 9.66
CA MET D 271 -19.32 -18.37 8.70
C MET D 271 -20.52 -17.94 7.84
N SER D 272 -21.30 -18.92 7.38
CA SER D 272 -22.44 -18.59 6.54
C SER D 272 -23.40 -17.72 7.30
N ALA D 273 -23.52 -17.95 8.57
CA ALA D 273 -24.44 -17.13 9.38
C ALA D 273 -24.04 -15.66 9.46
N ILE D 274 -22.74 -15.45 9.63
CA ILE D 274 -22.18 -14.09 9.65
C ILE D 274 -22.53 -13.34 8.33
N GLY D 275 -22.39 -14.02 7.23
CA GLY D 275 -22.78 -13.41 5.96
C GLY D 275 -24.24 -13.00 5.89
N VAL D 276 -25.10 -13.91 6.36
CA VAL D 276 -26.53 -13.62 6.34
C VAL D 276 -26.82 -12.45 7.27
N VAL D 277 -26.10 -12.31 8.39
CA VAL D 277 -26.31 -11.13 9.25
C VAL D 277 -26.01 -9.84 8.44
N GLY D 278 -24.96 -9.87 7.62
CA GLY D 278 -24.71 -8.72 6.73
C GLY D 278 -25.84 -8.49 5.72
N LEU D 279 -26.39 -9.60 5.14
CA LEU D 279 -27.53 -9.49 4.21
C LEU D 279 -28.78 -8.94 4.85
N ALA D 280 -28.92 -9.11 6.17
CA ALA D 280 -30.05 -8.47 6.87
C ALA D 280 -30.14 -6.97 6.61
N LEU D 281 -28.94 -6.39 6.44
CA LEU D 281 -28.75 -4.96 6.24
C LEU D 281 -28.48 -4.58 4.75
N ASN D 282 -28.68 -5.54 3.83
CA ASN D 282 -28.27 -5.43 2.47
C ASN D 282 -26.78 -5.15 2.38
N LEU D 283 -26.02 -5.53 3.40
CA LEU D 283 -24.60 -5.33 3.32
C LEU D 283 -23.97 -6.52 2.61
N ARG D 284 -24.09 -6.48 1.31
CA ARG D 284 -23.70 -7.55 0.41
C ARG D 284 -22.27 -7.48 -0.07
N SER D 285 -21.76 -8.61 -0.52
CA SER D 285 -20.71 -8.68 -1.52
C SER D 285 -21.36 -8.78 -2.88
N TYR D 286 -21.85 -7.66 -3.37
CA TYR D 286 -22.61 -7.61 -4.64
C TYR D 286 -21.66 -7.39 -5.78
N ASP D 287 -20.69 -6.50 -5.58
CA ASP D 287 -19.90 -6.01 -6.70
C ASP D 287 -18.40 -6.00 -6.42
N PHE D 288 -17.62 -5.98 -7.49
CA PHE D 288 -16.20 -5.59 -7.46
C PHE D 288 -16.11 -4.23 -8.14
N ILE D 289 -15.85 -3.19 -7.37
CA ILE D 289 -15.88 -1.84 -7.94
C ILE D 289 -14.92 -1.67 -9.14
N SER D 290 -13.72 -2.28 -9.05
CA SER D 290 -12.76 -2.20 -10.12
C SER D 290 -13.29 -2.76 -11.43
N GLN D 291 -14.02 -3.87 -11.35
CA GLN D 291 -14.67 -4.46 -12.49
C GLN D 291 -15.69 -3.53 -13.13
N GLU D 292 -16.48 -2.87 -12.28
CA GLU D 292 -17.54 -2.02 -12.77
C GLU D 292 -17.01 -0.74 -13.44
N ILE D 293 -15.93 -0.20 -12.87
CA ILE D 293 -15.31 0.95 -13.47
C ILE D 293 -14.79 0.62 -14.87
N ARG D 294 -14.06 -0.49 -14.97
CA ARG D 294 -13.58 -0.92 -16.24
C ARG D 294 -14.71 -1.20 -17.24
N ALA D 295 -15.67 -2.00 -16.84
CA ALA D 295 -16.77 -2.38 -17.77
C ALA D 295 -17.61 -1.19 -18.24
N ALA D 296 -17.78 -0.21 -17.39
CA ALA D 296 -18.60 0.96 -17.74
C ALA D 296 -17.94 1.76 -18.87
N GLU D 297 -16.58 1.84 -18.81
CA GLU D 297 -15.73 2.57 -19.74
C GLU D 297 -15.36 1.76 -20.98
N ASP D 298 -15.34 0.43 -20.87
CA ASP D 298 -14.86 -0.43 -21.93
C ASP D 298 -15.93 -1.46 -22.27
N PRO D 299 -16.74 -1.17 -23.29
CA PRO D 299 -17.79 -2.12 -23.72
C PRO D 299 -17.33 -3.44 -24.33
N GLU D 300 -16.04 -3.70 -24.37
CA GLU D 300 -15.52 -5.03 -24.82
C GLU D 300 -15.07 -5.91 -23.63
N PHE D 301 -15.05 -5.34 -22.44
CA PHE D 301 -14.57 -6.04 -21.27
C PHE D 301 -15.68 -6.90 -20.64
N GLU D 302 -15.48 -8.19 -20.60
CA GLU D 302 -16.54 -9.13 -20.11
C GLU D 302 -15.88 -10.24 -19.28
N THR D 303 -16.46 -10.48 -18.10
CA THR D 303 -16.05 -11.63 -17.28
C THR D 303 -17.26 -12.43 -16.84
N PHE D 304 -16.99 -13.57 -16.21
CA PHE D 304 -18.13 -14.31 -15.68
C PHE D 304 -18.82 -13.53 -14.57
N TYR D 305 -18.09 -12.65 -13.91
CA TYR D 305 -18.71 -11.76 -12.91
C TYR D 305 -19.77 -10.82 -13.53
N THR D 306 -19.43 -10.13 -14.64
CA THR D 306 -20.40 -9.31 -15.32
C THR D 306 -21.60 -10.12 -15.87
N LYS D 307 -21.33 -11.32 -16.33
CA LYS D 307 -22.39 -12.15 -16.91
C LYS D 307 -23.41 -12.47 -15.82
N ASN D 308 -22.92 -12.77 -14.62
CA ASN D 308 -23.82 -13.15 -13.54
C ASN D 308 -24.70 -12.01 -13.10
N LEU D 309 -24.17 -10.81 -13.17
CA LEU D 309 -25.04 -9.67 -12.76
C LEU D 309 -26.19 -9.43 -13.72
N LEU D 310 -25.99 -9.70 -15.01
CA LEU D 310 -27.06 -9.63 -16.00
C LEU D 310 -28.14 -10.63 -15.62
N LEU D 311 -27.70 -11.83 -15.22
CA LEU D 311 -28.68 -12.84 -14.74
C LEU D 311 -29.46 -12.35 -13.53
N ASN D 312 -28.72 -11.72 -12.63
CA ASN D 312 -29.34 -11.16 -11.47
C ASN D 312 -30.40 -10.07 -11.76
N GLU D 313 -30.08 -9.19 -12.70
CA GLU D 313 -30.99 -8.18 -13.15
C GLU D 313 -32.28 -8.77 -13.76
N GLY D 314 -32.14 -9.87 -14.50
CA GLY D 314 -33.27 -10.62 -15.01
C GLY D 314 -34.12 -11.16 -13.88
N ILE D 315 -33.46 -11.85 -12.94
CA ILE D 315 -34.17 -12.42 -11.81
C ILE D 315 -35.02 -11.34 -11.11
N ARG D 316 -34.38 -10.25 -10.79
CA ARG D 316 -35.10 -9.19 -10.05
C ARG D 316 -36.30 -8.65 -10.81
N ALA D 317 -36.11 -8.30 -12.10
CA ALA D 317 -37.19 -7.71 -12.87
C ALA D 317 -38.36 -8.66 -13.12
N TRP D 318 -38.05 -9.91 -13.40
CA TRP D 318 -39.00 -10.92 -13.75
C TRP D 318 -39.73 -11.51 -12.51
N MET D 319 -39.08 -11.53 -11.34
CA MET D 319 -39.69 -12.13 -10.19
C MET D 319 -40.35 -11.14 -9.27
N ALA D 320 -39.87 -9.87 -9.27
CA ALA D 320 -40.34 -8.91 -8.24
C ALA D 320 -41.87 -8.67 -8.21
N PRO D 321 -42.54 -8.46 -9.37
CA PRO D 321 -43.94 -8.13 -9.29
C PRO D 321 -44.78 -9.21 -8.55
N GLN D 322 -44.55 -10.48 -8.80
CA GLN D 322 -45.33 -11.52 -8.13
C GLN D 322 -44.75 -11.87 -6.77
N ASP D 323 -43.43 -11.76 -6.63
CA ASP D 323 -42.77 -12.10 -5.35
C ASP D 323 -42.91 -11.01 -4.28
N GLN D 324 -43.18 -9.79 -4.70
CA GLN D 324 -43.33 -8.70 -3.76
C GLN D 324 -44.64 -7.93 -4.03
N PRO D 325 -45.79 -8.60 -3.88
CA PRO D 325 -47.06 -8.04 -4.27
C PRO D 325 -47.43 -6.73 -3.59
N MHS D 326 -46.94 -6.53 -2.37
CA MHS D 326 -47.23 -5.29 -1.62
C MHS D 326 -46.64 -4.09 -2.28
O MHS D 326 -47.09 -2.97 -2.00
CB MHS D 326 -46.73 -5.31 -0.18
CG MHS D 326 -45.27 -5.58 -0.11
ND1 MHS D 326 -44.66 -6.77 -0.16
CD2 MHS D 326 -44.30 -4.62 0.07
CE1 MHS D 326 -43.37 -6.56 -0.05
NE2 MHS D 326 -43.16 -5.25 0.12
CM MHS D 326 -45.19 -8.14 -0.35
N GLU D 327 -45.64 -4.27 -3.14
CA GLU D 327 -45.09 -3.08 -3.87
C GLU D 327 -45.94 -2.63 -5.07
N ASN D 328 -46.93 -3.44 -5.44
CA ASN D 328 -47.80 -3.13 -6.60
C ASN D 328 -46.98 -2.77 -7.81
N PHE D 329 -45.95 -3.57 -8.10
CA PHE D 329 -45.11 -3.26 -9.25
C PHE D 329 -45.87 -3.53 -10.53
N VAL D 330 -45.83 -2.59 -11.46
CA VAL D 330 -46.26 -2.81 -12.85
C VAL D 330 -45.08 -2.48 -13.76
N PHE D 331 -44.51 -3.49 -14.38
CA PHE D 331 -43.34 -3.28 -15.25
C PHE D 331 -43.83 -3.56 -16.64
N PRO D 332 -44.00 -2.53 -17.48
CA PRO D 332 -44.47 -2.72 -18.86
C PRO D 332 -43.55 -3.66 -19.58
N GLU D 333 -44.09 -4.46 -20.49
CA GLU D 333 -43.28 -5.33 -21.34
C GLU D 333 -41.98 -4.62 -21.79
N GLU D 334 -42.13 -3.41 -22.29
CA GLU D 334 -40.97 -2.68 -22.88
C GLU D 334 -39.78 -2.41 -21.93
N VAL D 335 -39.98 -2.40 -20.62
CA VAL D 335 -38.89 -2.20 -19.68
C VAL D 335 -38.20 -3.43 -19.22
N LEU D 336 -38.80 -4.56 -19.48
CA LEU D 336 -38.23 -5.81 -18.98
C LEU D 336 -36.89 -6.08 -19.67
N PRO D 337 -35.86 -6.39 -18.88
CA PRO D 337 -34.58 -6.70 -19.47
C PRO D 337 -34.66 -8.11 -20.12
N ARG D 338 -34.22 -8.18 -21.38
CA ARG D 338 -34.19 -9.43 -22.12
C ARG D 338 -33.04 -9.38 -23.09
N GLY D 339 -32.44 -10.52 -23.36
CA GLY D 339 -31.48 -10.62 -24.45
C GLY D 339 -32.24 -10.78 -25.77
N ASN D 340 -31.50 -11.07 -26.83
CA ASN D 340 -32.09 -11.26 -28.16
C ASN D 340 -33.00 -12.51 -28.17
N ALA D 341 -34.17 -12.36 -28.78
CA ALA D 341 -35.11 -13.48 -29.08
C ALA D 341 -35.86 -14.01 -27.89
N LEU D 342 -35.14 -14.37 -26.87
CA LEU D 342 -35.73 -14.98 -25.66
C LEU D 342 -36.55 -13.93 -24.87
N THR E 3 -32.53 -52.32 27.85
CA THR E 3 -33.98 -52.38 28.29
C THR E 3 -34.42 -51.30 29.32
N THR E 4 -35.45 -50.48 28.99
CA THR E 4 -35.94 -49.33 29.85
C THR E 4 -37.31 -49.52 30.60
N GLY E 5 -37.84 -50.75 30.65
CA GLY E 5 -39.05 -51.07 31.42
C GLY E 5 -40.34 -51.22 30.62
N GLU E 6 -40.45 -50.58 29.45
CA GLU E 6 -41.70 -50.58 28.69
C GLU E 6 -41.80 -51.88 27.93
N ARG E 7 -43.02 -52.25 27.55
CA ARG E 7 -43.22 -53.47 26.77
CA ARG E 7 -43.24 -53.46 26.77
C ARG E 7 -42.56 -53.28 25.41
N PRO E 8 -41.76 -54.29 24.94
CA PRO E 8 -41.25 -54.25 23.57
C PRO E 8 -42.32 -53.96 22.50
N PHE E 9 -42.06 -53.08 21.55
CA PHE E 9 -43.03 -52.81 20.46
C PHE E 9 -43.41 -54.03 19.72
N SER E 10 -42.43 -54.88 19.44
CA SER E 10 -42.68 -56.08 18.64
C SER E 10 -43.68 -57.03 19.33
N ASP E 11 -43.64 -57.15 20.66
CA ASP E 11 -44.68 -57.84 21.44
C ASP E 11 -46.01 -57.19 21.21
N ILE E 12 -46.06 -55.86 21.40
CA ILE E 12 -47.32 -55.13 21.31
C ILE E 12 -47.97 -55.33 19.93
N ILE E 13 -47.26 -55.02 18.86
CA ILE E 13 -47.92 -55.03 17.53
C ILE E 13 -48.18 -56.43 16.91
N THR E 14 -47.69 -57.46 17.57
CA THR E 14 -48.00 -58.84 17.13
C THR E 14 -49.07 -59.46 18.06
N SER E 15 -49.62 -58.69 18.98
CA SER E 15 -50.65 -59.19 19.91
C SER E 15 -52.03 -58.97 19.33
N VAL E 16 -52.94 -59.89 19.66
CA VAL E 16 -54.30 -59.78 19.19
C VAL E 16 -55.00 -58.54 19.82
N ARG E 17 -54.81 -58.30 21.12
CA ARG E 17 -55.51 -57.17 21.77
C ARG E 17 -55.15 -55.82 21.14
N TYR E 18 -53.86 -55.64 20.81
CA TYR E 18 -53.48 -54.42 20.09
C TYR E 18 -54.36 -54.21 18.84
N TRP E 19 -54.55 -55.26 18.05
CA TRP E 19 -55.33 -55.11 16.81
C TRP E 19 -56.86 -55.04 17.03
N VAL E 20 -57.36 -55.65 18.09
CA VAL E 20 -58.76 -55.45 18.43
C VAL E 20 -58.99 -53.95 18.64
N ILE E 21 -58.13 -53.33 19.44
CA ILE E 21 -58.23 -51.89 19.73
C ILE E 21 -58.04 -51.08 18.47
N HIS E 22 -56.94 -51.36 17.77
CA HIS E 22 -56.47 -50.46 16.69
C HIS E 22 -57.16 -50.70 15.34
N SER E 23 -57.79 -51.88 15.17
CA SER E 23 -58.66 -52.09 14.05
C SER E 23 -59.92 -51.19 14.16
N ILE E 24 -60.24 -50.67 15.35
CA ILE E 24 -61.25 -49.65 15.53
C ILE E 24 -60.69 -48.22 15.45
N THR E 25 -59.70 -47.91 16.31
CA THR E 25 -59.26 -46.55 16.51
C THR E 25 -58.59 -45.98 15.27
N ILE E 26 -57.82 -46.77 14.56
CA ILE E 26 -57.14 -46.31 13.37
C ILE E 26 -58.15 -45.93 12.27
N PRO E 27 -59.07 -46.84 11.90
CA PRO E 27 -60.03 -46.39 10.90
C PRO E 27 -60.96 -45.27 11.41
N ALA E 28 -61.24 -45.22 12.70
CA ALA E 28 -62.09 -44.15 13.23
C ALA E 28 -61.41 -42.79 12.97
N LEU E 29 -60.11 -42.71 13.27
CA LEU E 29 -59.38 -41.44 13.10
C LEU E 29 -59.31 -41.04 11.63
N PHE E 30 -59.06 -42.03 10.76
CA PHE E 30 -58.90 -41.78 9.35
C PHE E 30 -60.21 -41.25 8.75
N ILE E 31 -61.31 -41.88 9.14
CA ILE E 31 -62.61 -41.43 8.70
C ILE E 31 -62.93 -40.03 9.21
N ALA E 32 -62.61 -39.73 10.45
CA ALA E 32 -62.86 -38.39 11.01
C ALA E 32 -62.09 -37.33 10.27
N GLY E 33 -60.86 -37.63 9.90
CA GLY E 33 -60.09 -36.72 9.08
C GLY E 33 -60.67 -36.53 7.69
N TRP E 34 -61.09 -37.62 7.08
CA TRP E 34 -61.79 -37.60 5.82
C TRP E 34 -63.01 -36.64 5.87
N LEU E 35 -63.88 -36.83 6.87
CA LEU E 35 -65.06 -36.01 6.99
C LEU E 35 -64.73 -34.56 7.33
N PHE E 36 -63.67 -34.32 8.06
CA PHE E 36 -63.20 -32.91 8.33
C PHE E 36 -63.07 -32.13 7.01
N VAL E 37 -62.53 -32.79 6.00
CA VAL E 37 -62.45 -32.22 4.66
C VAL E 37 -63.78 -32.34 3.88
N SER E 38 -64.32 -33.54 3.80
CA SER E 38 -65.48 -33.76 2.92
C SER E 38 -66.73 -32.98 3.30
N THR E 39 -66.86 -32.68 4.58
CA THR E 39 -67.95 -31.84 5.03
C THR E 39 -67.71 -30.34 4.82
N GLY E 40 -66.46 -29.95 4.52
CA GLY E 40 -66.11 -28.57 4.30
C GLY E 40 -65.64 -27.89 5.57
N LEU E 41 -65.65 -28.61 6.67
CA LEU E 41 -65.29 -28.02 7.93
C LEU E 41 -63.85 -27.41 7.93
N ALA E 42 -62.91 -28.13 7.32
CA ALA E 42 -61.55 -27.64 7.20
C ALA E 42 -61.48 -26.23 6.62
N TYR E 43 -62.24 -25.94 5.58
CA TYR E 43 -62.18 -24.60 4.99
C TYR E 43 -62.60 -23.55 6.03
N ASP E 44 -63.60 -23.87 6.79
CA ASP E 44 -64.15 -22.88 7.74
C ASP E 44 -63.22 -22.62 8.94
N VAL E 45 -62.64 -23.68 9.46
CA VAL E 45 -61.76 -23.59 10.61
C VAL E 45 -60.54 -22.74 10.27
N PHE E 46 -59.92 -23.04 9.12
CA PHE E 46 -58.67 -22.39 8.78
C PHE E 46 -58.76 -21.14 7.87
N GLY E 47 -59.94 -20.87 7.33
CA GLY E 47 -60.14 -19.66 6.48
C GLY E 47 -59.55 -19.83 5.06
N THR E 48 -59.42 -21.06 4.59
CA THR E 48 -58.88 -21.39 3.28
C THR E 48 -59.93 -21.26 2.22
N PRO E 49 -59.60 -20.57 1.13
CA PRO E 49 -60.61 -20.47 0.08
C PRO E 49 -60.93 -21.81 -0.58
N ARG E 50 -62.21 -22.02 -0.83
CA ARG E 50 -62.65 -23.06 -1.70
C ARG E 50 -62.35 -22.59 -3.14
N PRO E 51 -62.45 -23.52 -4.08
CA PRO E 51 -62.04 -23.15 -5.46
C PRO E 51 -62.83 -22.02 -6.03
N ASP E 52 -64.07 -21.84 -5.58
CA ASP E 52 -64.87 -20.73 -6.05
C ASP E 52 -64.75 -19.46 -5.25
N SER E 53 -63.80 -19.38 -4.32
CA SER E 53 -63.77 -18.28 -3.37
CA SER E 53 -63.78 -18.25 -3.38
C SER E 53 -62.41 -17.50 -3.31
N TYR E 54 -61.57 -17.70 -4.33
CA TYR E 54 -60.32 -16.92 -4.46
C TYR E 54 -60.59 -15.49 -4.97
N TYR E 55 -61.55 -15.35 -5.88
CA TYR E 55 -61.88 -14.09 -6.53
C TYR E 55 -63.38 -14.00 -6.65
N ALA E 56 -63.88 -12.78 -6.61
CA ALA E 56 -65.18 -12.46 -7.12
C ALA E 56 -65.20 -12.72 -8.65
N GLN E 57 -66.40 -12.84 -9.20
CA GLN E 57 -66.53 -13.30 -10.57
C GLN E 57 -65.68 -12.51 -11.62
N GLU E 58 -65.68 -11.19 -11.51
CA GLU E 58 -64.97 -10.36 -12.50
C GLU E 58 -63.65 -9.78 -11.95
N GLN E 59 -63.31 -10.06 -10.69
CA GLN E 59 -62.10 -9.51 -10.06
C GLN E 59 -60.86 -10.32 -10.48
N ARG E 60 -59.75 -9.65 -10.74
CA ARG E 60 -58.46 -10.34 -11.01
C ARG E 60 -57.34 -9.55 -10.25
N SER E 61 -57.64 -9.18 -9.00
CA SER E 61 -56.72 -8.55 -8.03
CA SER E 61 -56.66 -8.60 -8.08
C SER E 61 -56.66 -9.38 -6.73
N ILE E 62 -55.49 -9.75 -6.24
CA ILE E 62 -55.31 -10.54 -5.04
C ILE E 62 -55.78 -9.72 -3.82
N PRO E 63 -56.50 -10.35 -2.88
CA PRO E 63 -56.96 -9.68 -1.67
C PRO E 63 -55.83 -9.57 -0.65
N LEU E 64 -54.80 -8.80 -0.97
CA LEU E 64 -53.68 -8.68 -0.08
C LEU E 64 -53.93 -7.76 1.15
N VAL E 65 -53.54 -8.29 2.31
CA VAL E 65 -53.56 -7.52 3.54
C VAL E 65 -52.49 -6.41 3.51
N THR E 66 -52.97 -5.18 3.68
CA THR E 66 -52.14 -3.96 3.59
C THR E 66 -52.18 -3.10 4.86
N ASP E 67 -52.92 -3.47 5.89
CA ASP E 67 -53.02 -2.64 7.11
C ASP E 67 -52.79 -3.60 8.23
N ARG E 68 -51.75 -3.36 9.02
CA ARG E 68 -51.45 -4.28 10.14
C ARG E 68 -52.58 -4.39 11.19
N PHE E 69 -53.08 -3.26 11.66
CA PHE E 69 -53.99 -3.26 12.75
C PHE E 69 -55.44 -3.40 12.31
N GLU E 70 -55.75 -3.18 11.04
CA GLU E 70 -57.11 -3.32 10.52
C GLU E 70 -57.16 -4.60 9.69
N ALA E 71 -56.15 -5.44 9.81
CA ALA E 71 -56.00 -6.54 8.89
C ALA E 71 -57.20 -7.49 8.98
N LYS E 72 -57.74 -7.66 10.19
CA LYS E 72 -58.87 -8.57 10.40
C LYS E 72 -60.09 -8.08 9.64
N GLN E 73 -60.33 -6.80 9.74
CA GLN E 73 -61.44 -6.16 9.04
C GLN E 73 -61.24 -6.18 7.51
N GLN E 74 -60.01 -5.98 7.06
CA GLN E 74 -59.74 -6.07 5.62
C GLN E 74 -60.07 -7.45 5.08
N VAL E 75 -59.66 -8.48 5.82
CA VAL E 75 -59.94 -9.84 5.38
C VAL E 75 -61.44 -10.04 5.33
N GLU E 76 -62.13 -9.52 6.33
CA GLU E 76 -63.60 -9.59 6.41
C GLU E 76 -64.30 -8.88 5.25
N THR E 77 -63.79 -7.72 4.87
CA THR E 77 -64.32 -6.98 3.73
C THR E 77 -64.04 -7.72 2.44
N PHE E 78 -62.84 -8.28 2.33
CA PHE E 78 -62.53 -9.13 1.16
C PHE E 78 -63.56 -10.27 1.08
N LEU E 79 -63.83 -10.93 2.21
CA LEU E 79 -64.79 -12.03 2.22
C LEU E 79 -66.19 -11.57 1.85
N GLU E 80 -66.61 -10.40 2.34
CA GLU E 80 -67.92 -9.84 1.95
C GLU E 80 -68.00 -9.65 0.41
N GLN E 81 -66.91 -9.21 -0.21
CA GLN E 81 -66.89 -8.89 -1.65
C GLN E 81 -67.12 -10.10 -2.58
N LEU E 82 -66.91 -11.32 -2.05
CA LEU E 82 -67.10 -12.53 -2.83
C LEU E 82 -68.53 -12.78 -3.24
N LYS E 83 -69.42 -12.73 -2.26
CA LYS E 83 -70.87 -12.78 -2.53
C LYS E 83 -71.41 -11.46 -3.11
N SER F 11 -46.95 -57.63 34.31
CA SER F 11 -45.54 -57.63 33.86
C SER F 11 -45.14 -56.21 33.37
N TYR F 12 -45.84 -55.64 32.38
CA TYR F 12 -45.54 -54.26 31.82
C TYR F 12 -46.68 -53.23 32.02
N PRO F 13 -46.36 -51.93 32.28
CA PRO F 13 -47.48 -50.97 32.28
C PRO F 13 -47.97 -50.69 30.86
N ILE F 14 -49.15 -50.11 30.71
CA ILE F 14 -49.61 -49.67 29.38
C ILE F 14 -49.30 -48.19 29.21
N PHE F 15 -49.78 -47.35 30.14
CA PHE F 15 -49.68 -45.90 29.96
C PHE F 15 -48.35 -45.44 30.55
N THR F 16 -47.44 -45.08 29.67
CA THR F 16 -46.10 -44.64 30.00
C THR F 16 -45.86 -43.31 29.27
N VAL F 17 -44.77 -42.63 29.61
CA VAL F 17 -44.33 -41.49 28.81
C VAL F 17 -44.21 -41.90 27.33
N ARG F 18 -43.60 -43.06 27.06
CA ARG F 18 -43.45 -43.54 25.69
C ARG F 18 -44.80 -43.64 24.94
N TRP F 19 -45.80 -44.22 25.60
CA TRP F 19 -47.16 -44.34 25.05
C TRP F 19 -47.72 -42.97 24.67
N VAL F 20 -47.52 -41.96 25.54
CA VAL F 20 -48.01 -40.61 25.29
C VAL F 20 -47.31 -40.03 24.06
N ALA F 21 -46.00 -40.15 24.05
CA ALA F 21 -45.19 -39.65 22.96
C ALA F 21 -45.62 -40.28 21.61
N VAL F 22 -45.78 -41.61 21.58
CA VAL F 22 -46.26 -42.31 20.38
C VAL F 22 -47.63 -41.77 19.92
N HIS F 23 -48.57 -41.65 20.82
CA HIS F 23 -49.88 -41.23 20.41
C HIS F 23 -49.98 -39.72 20.06
N THR F 24 -49.15 -38.86 20.65
CA THR F 24 -49.15 -37.43 20.27
C THR F 24 -48.81 -37.24 18.80
N LEU F 25 -48.02 -38.16 18.25
CA LEU F 25 -47.72 -38.15 16.82
C LEU F 25 -48.68 -39.00 15.95
N ALA F 26 -48.96 -40.19 16.44
CA ALA F 26 -49.69 -41.16 15.65
C ALA F 26 -51.18 -40.77 15.46
N VAL F 27 -51.81 -40.22 16.50
CA VAL F 27 -53.21 -39.91 16.40
C VAL F 27 -53.48 -38.84 15.32
N PRO F 28 -52.82 -37.69 15.42
CA PRO F 28 -52.94 -36.69 14.34
C PRO F 28 -52.48 -37.17 12.97
N THR F 29 -51.43 -37.98 12.92
CA THR F 29 -50.93 -38.46 11.62
C THR F 29 -52.02 -39.23 10.86
N ILE F 30 -52.70 -40.13 11.53
CA ILE F 30 -53.81 -40.86 10.89
C ILE F 30 -55.02 -39.96 10.53
N PHE F 31 -55.43 -39.05 11.43
CA PHE F 31 -56.44 -38.06 11.09
C PHE F 31 -56.04 -37.26 9.82
N PHE F 32 -54.80 -36.79 9.80
CA PHE F 32 -54.29 -36.03 8.65
C PHE F 32 -54.27 -36.84 7.33
N LEU F 33 -53.85 -38.10 7.43
CA LEU F 33 -53.80 -38.95 6.22
C LEU F 33 -55.20 -39.19 5.67
N GLY F 34 -56.19 -39.28 6.56
CA GLY F 34 -57.56 -39.37 6.14
C GLY F 34 -58.05 -38.10 5.43
N ALA F 35 -57.69 -36.95 6.00
CA ALA F 35 -58.01 -35.67 5.41
C ALA F 35 -57.39 -35.53 4.02
N ILE F 36 -56.10 -35.84 3.90
CA ILE F 36 -55.38 -35.69 2.62
C ILE F 36 -55.91 -36.69 1.58
N ALA F 37 -56.33 -37.88 2.03
CA ALA F 37 -56.99 -38.85 1.15
C ALA F 37 -58.25 -38.24 0.55
N ALA F 38 -59.08 -37.65 1.40
CA ALA F 38 -60.31 -37.06 0.91
C ALA F 38 -60.02 -35.98 -0.12
N MET F 39 -58.95 -35.22 0.13
CA MET F 39 -58.60 -34.09 -0.76
C MET F 39 -58.35 -34.51 -2.18
N GLN F 40 -57.91 -35.76 -2.36
CA GLN F 40 -57.63 -36.25 -3.70
C GLN F 40 -58.86 -36.33 -4.59
N PHE F 41 -60.06 -36.26 -4.00
CA PHE F 41 -61.27 -36.32 -4.74
C PHE F 41 -61.95 -34.98 -4.91
N ILE F 42 -61.29 -33.91 -4.48
CA ILE F 42 -61.86 -32.57 -4.64
C ILE F 42 -61.55 -32.13 -6.07
N GLN F 43 -62.56 -31.60 -6.75
CA GLN F 43 -62.48 -31.12 -8.13
C GLN F 43 -62.76 -29.61 -8.02
N ARG F 44 -62.09 -28.79 -8.85
CA ARG F 44 -62.39 -27.34 -8.86
C ARG F 44 -63.77 -27.11 -9.50
N ALA G 1 3.33 -14.26 50.51
CA ALA G 1 2.68 -13.24 49.68
C ALA G 1 2.94 -11.83 50.30
N ARG G 2 2.77 -10.78 49.52
CA ARG G 2 3.15 -9.44 49.93
C ARG G 2 1.98 -8.74 50.59
N ARG G 3 2.18 -8.24 51.81
CA ARG G 3 1.20 -7.34 52.43
C ARG G 3 1.42 -5.92 51.93
N THR G 4 0.36 -5.17 51.74
CA THR G 4 0.48 -3.73 51.51
C THR G 4 -0.60 -3.05 52.34
N TRP G 5 -0.42 -1.73 52.48
CA TRP G 5 -1.39 -0.89 53.20
C TRP G 5 -2.79 -1.10 52.65
N LEU G 6 -2.96 -0.95 51.34
CA LEU G 6 -4.26 -1.05 50.75
C LEU G 6 -4.77 -2.51 50.82
N GLY G 7 -3.88 -3.48 50.65
CA GLY G 7 -4.23 -4.92 50.68
C GLY G 7 -4.74 -5.28 52.07
N ASP G 8 -4.07 -4.75 53.09
CA ASP G 8 -4.57 -4.88 54.48
C ASP G 8 -5.95 -4.29 54.66
N ILE G 9 -6.19 -3.10 54.14
CA ILE G 9 -7.50 -2.45 54.28
C ILE G 9 -8.60 -3.26 53.59
N LEU G 10 -8.30 -3.79 52.43
CA LEU G 10 -9.29 -4.53 51.68
C LEU G 10 -9.44 -6.01 52.06
N ARG G 11 -8.53 -6.54 52.87
CA ARG G 11 -8.43 -7.95 53.22
CA ARG G 11 -8.43 -7.98 53.21
C ARG G 11 -9.79 -8.60 53.51
N PRO G 12 -10.59 -7.97 54.38
CA PRO G 12 -11.90 -8.59 54.70
C PRO G 12 -12.85 -8.78 53.50
N LEU G 13 -12.74 -7.93 52.50
CA LEU G 13 -13.60 -8.09 51.33
C LEU G 13 -13.29 -9.29 50.44
N ASN G 14 -12.09 -9.86 50.58
CA ASN G 14 -11.71 -11.12 49.92
C ASN G 14 -11.28 -12.20 50.90
N SER G 15 -12.02 -12.34 51.97
CA SER G 15 -11.71 -13.40 52.96
C SER G 15 -12.79 -14.50 53.12
N GLU G 16 -13.94 -14.41 52.44
CA GLU G 16 -15.01 -15.41 52.60
C GLU G 16 -15.24 -16.36 51.38
N TYR G 17 -14.14 -16.74 50.72
CA TYR G 17 -14.22 -17.64 49.59
C TYR G 17 -14.97 -18.87 50.03
N GLY G 18 -15.94 -19.31 49.26
CA GLY G 18 -16.65 -20.59 49.54
C GLY G 18 -17.81 -20.44 50.50
N LYS G 19 -17.89 -19.29 51.15
CA LYS G 19 -18.92 -19.09 52.12
C LYS G 19 -20.34 -19.11 51.52
N VAL G 20 -21.20 -19.91 52.14
CA VAL G 20 -22.57 -20.10 51.59
C VAL G 20 -23.63 -20.05 52.64
N ALA G 21 -24.85 -19.70 52.27
CA ALA G 21 -26.03 -19.82 53.17
C ALA G 21 -26.59 -21.25 53.04
N PRO G 22 -27.22 -21.79 54.10
CA PRO G 22 -27.64 -23.22 54.04
C PRO G 22 -28.72 -23.51 53.00
N GLY G 23 -28.58 -24.63 52.31
CA GLY G 23 -29.64 -25.17 51.43
C GLY G 23 -30.10 -24.23 50.33
N TRP G 24 -31.41 -23.98 50.22
CA TRP G 24 -32.00 -23.13 49.14
C TRP G 24 -31.92 -21.63 49.44
N GLY G 25 -31.72 -21.29 50.70
CA GLY G 25 -31.69 -19.91 51.13
C GLY G 25 -32.72 -19.03 50.44
N THR G 26 -32.24 -17.97 49.81
CA THR G 26 -33.08 -16.98 49.11
C THR G 26 -33.48 -17.33 47.67
N THR G 27 -33.28 -18.59 47.26
CA THR G 27 -33.61 -19.00 45.90
C THR G 27 -35.07 -18.65 45.48
N PRO G 28 -36.08 -18.83 46.38
CA PRO G 28 -37.46 -18.51 45.97
C PRO G 28 -37.69 -17.02 45.72
N LEU G 29 -37.14 -16.16 46.57
CA LEU G 29 -37.18 -14.72 46.33
C LEU G 29 -36.50 -14.38 45.00
N MET G 30 -35.35 -14.97 44.75
CA MET G 30 -34.67 -14.75 43.47
C MET G 30 -35.59 -15.11 42.28
N ALA G 31 -36.26 -16.27 42.40
CA ALA G 31 -37.13 -16.74 41.36
C ALA G 31 -38.28 -15.77 41.07
N VAL G 32 -38.84 -15.18 42.14
CA VAL G 32 -39.87 -14.15 41.97
C VAL G 32 -39.35 -12.93 41.16
N PHE G 33 -38.13 -12.50 41.50
CA PHE G 33 -37.49 -11.35 40.78
C PHE G 33 -37.22 -11.71 39.33
N MET G 34 -36.81 -12.96 39.07
CA MET G 34 -36.55 -13.36 37.72
C MET G 34 -37.85 -13.40 36.92
N GLY G 35 -38.93 -13.89 37.52
CA GLY G 35 -40.21 -13.88 36.82
C GLY G 35 -40.69 -12.48 36.53
N LEU G 36 -40.51 -11.59 37.50
CA LEU G 36 -41.01 -10.20 37.32
C LEU G 36 -40.18 -9.56 36.21
N PHE G 37 -38.91 -9.90 36.21
CA PHE G 37 -37.99 -9.37 35.14
C PHE G 37 -38.33 -9.92 33.74
N LEU G 38 -38.76 -11.18 33.65
CA LEU G 38 -39.19 -11.76 32.40
C LEU G 38 -40.41 -11.01 31.88
N VAL G 39 -41.33 -10.71 32.78
CA VAL G 39 -42.53 -9.96 32.40
C VAL G 39 -42.17 -8.53 31.97
N PHE G 40 -41.25 -7.89 32.70
CA PHE G 40 -40.76 -6.54 32.33
C PHE G 40 -40.20 -6.53 30.90
N LEU G 41 -39.34 -7.52 30.60
CA LEU G 41 -38.79 -7.61 29.29
C LEU G 41 -39.85 -7.85 28.22
N LEU G 42 -40.81 -8.73 28.53
CA LEU G 42 -41.88 -8.98 27.60
C LEU G 42 -42.68 -7.71 27.32
N ILE G 43 -42.95 -6.91 28.38
CA ILE G 43 -43.70 -5.64 28.21
C ILE G 43 -42.93 -4.71 27.29
N ILE G 44 -41.64 -4.53 27.56
CA ILE G 44 -40.87 -3.58 26.74
C ILE G 44 -40.71 -4.06 25.35
N LEU G 45 -40.53 -5.38 25.19
CA LEU G 45 -40.46 -5.95 23.85
C LEU G 45 -41.76 -5.72 23.08
N GLU G 46 -42.90 -6.02 23.70
CA GLU G 46 -44.16 -5.88 23.01
C GLU G 46 -44.55 -4.43 22.74
N ILE G 47 -44.15 -3.51 23.63
CA ILE G 47 -44.30 -2.07 23.32
C ILE G 47 -43.52 -1.70 22.04
N TYR G 48 -42.26 -2.08 22.01
CA TYR G 48 -41.40 -1.73 20.85
C TYR G 48 -41.93 -2.37 19.55
N ASN G 49 -42.49 -3.56 19.70
CA ASN G 49 -43.04 -4.33 18.59
C ASN G 49 -44.41 -3.92 18.16
N SER G 50 -45.05 -2.97 18.86
CA SER G 50 -46.44 -2.60 18.61
C SER G 50 -47.46 -3.74 18.80
N THR G 51 -47.11 -4.71 19.64
CA THR G 51 -48.03 -5.81 20.01
C THR G 51 -48.77 -5.37 21.22
N LEU G 52 -48.10 -4.58 22.08
CA LEU G 52 -48.78 -3.90 23.18
C LEU G 52 -48.82 -2.37 22.94
N ILE G 53 -50.04 -1.84 22.85
CA ILE G 53 -50.25 -0.45 22.49
C ILE G 53 -51.00 0.17 23.62
N LEU G 54 -50.39 1.23 24.16
CA LEU G 54 -50.85 1.91 25.37
C LEU G 54 -51.20 3.35 25.08
N ASP G 55 -52.23 3.87 25.73
CA ASP G 55 -52.54 5.28 25.60
C ASP G 55 -51.42 6.17 26.01
N GLY G 56 -51.24 7.24 25.27
CA GLY G 56 -50.13 8.19 25.57
C GLY G 56 -48.78 7.63 25.16
N VAL G 57 -48.75 6.46 24.53
CA VAL G 57 -47.45 5.84 24.20
C VAL G 57 -47.36 5.57 22.70
N ASN G 58 -46.86 6.57 21.99
CA ASN G 58 -46.74 6.51 20.57
C ASN G 58 -45.34 6.09 20.13
N VAL G 59 -45.13 4.82 19.75
CA VAL G 59 -43.81 4.32 19.44
C VAL G 59 -43.44 4.70 17.99
N SER G 60 -42.90 5.89 17.87
CA SER G 60 -42.59 6.50 16.61
C SER G 60 -41.63 7.65 16.87
N TRP G 61 -40.90 8.05 15.85
CA TRP G 61 -40.13 9.30 15.92
C TRP G 61 -41.04 10.47 16.24
N LYS G 62 -42.32 10.43 15.81
CA LYS G 62 -43.29 11.49 16.18
CA LYS G 62 -43.35 11.45 16.16
C LYS G 62 -43.83 11.35 17.62
N ALA G 63 -43.00 10.84 18.53
CA ALA G 63 -43.40 10.61 19.93
C ALA G 63 -43.71 11.90 20.68
N LEU G 64 -42.70 12.78 20.82
CA LEU G 64 -42.79 13.97 21.69
C LEU G 64 -43.64 15.14 21.11
N GLY G 65 -43.21 15.89 20.06
CA GLY G 65 -41.91 15.82 19.39
C GLY G 65 -41.05 17.12 19.42
N FME H 1 2.93 -27.65 -35.94
CN FME H 1 4.19 -27.85 -35.46
O1 FME H 1 4.45 -28.68 -34.59
CA FME H 1 1.80 -28.40 -35.46
CB FME H 1 0.54 -27.78 -36.02
CG FME H 1 0.27 -26.37 -35.46
SD FME H 1 0.31 -26.32 -33.71
CE FME H 1 -0.52 -24.81 -33.37
C FME H 1 1.90 -29.88 -35.80
O FME H 1 1.59 -30.70 -34.97
N GLU H 2 2.37 -30.22 -36.98
CA GLU H 2 2.52 -31.65 -37.37
C GLU H 2 3.50 -32.34 -36.46
N THR H 3 4.58 -31.64 -36.15
CA THR H 3 5.63 -32.19 -35.28
C THR H 3 5.13 -32.33 -33.84
N LEU H 4 4.40 -31.34 -33.37
CA LEU H 4 3.80 -31.48 -32.10
C LEU H 4 2.85 -32.67 -32.07
N LYS H 5 2.00 -32.83 -33.08
CA LYS H 5 1.05 -33.93 -33.08
C LYS H 5 1.73 -35.25 -32.96
N ILE H 6 2.76 -35.42 -33.74
CA ILE H 6 3.48 -36.69 -33.78
C ILE H 6 4.16 -36.95 -32.47
N THR H 7 4.65 -35.89 -31.83
CA THR H 7 5.36 -36.00 -30.58
C THR H 7 4.39 -36.46 -29.50
N VAL H 8 3.25 -35.82 -29.45
CA VAL H 8 2.25 -36.22 -28.49
C VAL H 8 1.74 -37.63 -28.74
N TYR H 9 1.51 -37.98 -29.98
CA TYR H 9 1.11 -39.36 -30.31
C TYR H 9 2.10 -40.39 -29.78
N ILE H 10 3.39 -40.09 -29.92
CA ILE H 10 4.47 -40.97 -29.48
C ILE H 10 4.48 -40.98 -27.98
N VAL H 11 4.35 -39.82 -27.36
CA VAL H 11 4.29 -39.76 -25.87
C VAL H 11 3.12 -40.58 -25.31
N VAL H 12 1.96 -40.43 -25.92
CA VAL H 12 0.76 -41.10 -25.41
C VAL H 12 0.91 -42.61 -25.61
N THR H 13 1.39 -43.02 -26.77
CA THR H 13 1.56 -44.43 -27.05
C THR H 13 2.56 -45.03 -26.05
N PHE H 14 3.65 -44.30 -25.76
CA PHE H 14 4.65 -44.78 -24.81
C PHE H 14 4.01 -45.07 -23.43
N PHE H 15 3.29 -44.09 -22.89
CA PHE H 15 2.68 -44.29 -21.61
C PHE H 15 1.57 -45.38 -21.59
N VAL H 16 0.75 -45.44 -22.63
CA VAL H 16 -0.29 -46.45 -22.73
C VAL H 16 0.34 -47.86 -22.80
N LEU H 17 1.43 -48.04 -23.59
CA LEU H 17 2.09 -49.28 -23.62
C LEU H 17 2.64 -49.65 -22.24
N LEU H 18 3.17 -48.66 -21.48
CA LEU H 18 3.62 -48.97 -20.12
C LEU H 18 2.45 -49.45 -19.26
N PHE H 19 1.31 -48.79 -19.37
CA PHE H 19 0.15 -49.19 -18.55
C PHE H 19 -0.28 -50.63 -18.89
N VAL H 20 -0.44 -50.92 -20.16
CA VAL H 20 -0.90 -52.25 -20.56
C VAL H 20 0.12 -53.33 -20.22
N PHE H 21 1.36 -53.17 -20.70
CA PHE H 21 2.36 -54.18 -20.37
C PHE H 21 2.60 -54.34 -18.86
N GLY H 22 2.44 -53.25 -18.13
CA GLY H 22 2.64 -53.27 -16.72
C GLY H 22 1.60 -54.12 -16.04
N PHE H 23 0.34 -53.89 -16.38
CA PHE H 23 -0.73 -54.72 -15.76
C PHE H 23 -0.68 -56.17 -16.27
N LEU H 24 -0.03 -56.41 -17.40
CA LEU H 24 0.15 -57.77 -17.89
C LEU H 24 1.29 -58.43 -17.22
N SER H 25 2.08 -57.69 -16.44
CA SER H 25 3.32 -58.24 -15.85
C SER H 25 3.11 -58.87 -14.43
N GLY H 26 2.22 -59.84 -14.37
CA GLY H 26 1.99 -60.63 -13.15
C GLY H 26 1.38 -59.79 -12.08
N ASP H 27 0.40 -58.99 -12.46
CA ASP H 27 -0.14 -58.03 -11.47
C ASP H 27 -0.87 -58.71 -10.29
N PRO H 28 -1.67 -59.78 -10.54
CA PRO H 28 -2.33 -60.42 -9.40
C PRO H 28 -1.38 -60.89 -8.26
N ALA H 29 -0.18 -61.27 -8.62
CA ALA H 29 0.82 -61.72 -7.68
C ALA H 29 1.49 -60.59 -6.85
N ARG H 30 1.32 -59.35 -7.27
CA ARG H 30 1.86 -58.21 -6.55
C ARG H 30 0.90 -57.79 -5.46
N ASN H 31 0.89 -58.60 -4.40
CA ASN H 31 0.11 -58.34 -3.21
C ASN H 31 0.83 -59.00 -2.06
N PRO H 32 0.48 -58.67 -0.83
CA PRO H 32 1.26 -59.15 0.33
C PRO H 32 0.92 -60.54 0.84
N LYS H 33 -0.10 -61.19 0.32
CA LYS H 33 -0.55 -62.53 0.83
C LYS H 33 -0.36 -63.52 -0.31
N ARG H 34 -1.44 -64.07 -0.87
CA ARG H 34 -1.41 -65.21 -1.83
C ARG H 34 -1.24 -64.75 -3.28
N LYS H 35 -0.10 -65.16 -3.82
CA LYS H 35 0.43 -64.78 -5.12
C LYS H 35 0.07 -65.75 -6.28
N ASP H 36 -0.13 -67.03 -5.96
CA ASP H 36 -0.40 -68.08 -6.97
C ASP H 36 -1.88 -68.03 -7.39
N LEU H 37 -2.24 -66.97 -8.11
CA LEU H 37 -3.64 -66.78 -8.51
C LEU H 37 -3.91 -67.22 -9.97
N GLU H 38 -2.90 -67.81 -10.65
CA GLU H 38 -2.88 -68.05 -12.15
C GLU H 38 -3.64 -69.32 -12.56
N GLU I 2 -54.83 -63.58 24.38
CA GLU I 2 -55.70 -62.36 24.30
C GLU I 2 -54.90 -61.16 23.91
N SER I 3 -53.81 -60.94 24.66
CA SER I 3 -52.76 -59.96 24.34
C SER I 3 -51.33 -60.55 24.40
N GLU I 4 -51.25 -61.88 24.19
CA GLU I 4 -50.00 -62.61 24.08
C GLU I 4 -49.25 -62.05 22.88
N GLY I 5 -47.99 -61.64 23.09
CA GLY I 5 -47.14 -61.20 21.99
C GLY I 5 -46.81 -62.38 21.08
N GLY I 6 -46.63 -62.09 19.79
CA GLY I 6 -46.34 -63.12 18.80
C GLY I 6 -47.53 -63.76 18.07
N ARG I 7 -48.78 -63.64 18.56
CA ARG I 7 -49.94 -64.31 17.90
CA ARG I 7 -49.91 -64.33 17.91
C ARG I 7 -50.08 -63.92 16.43
N ILE I 8 -49.83 -62.64 16.08
CA ILE I 8 -49.81 -62.27 14.65
C ILE I 8 -48.36 -62.10 14.22
N PRO I 9 -47.86 -62.96 13.30
CA PRO I 9 -46.43 -62.85 12.98
C PRO I 9 -46.00 -61.47 12.46
N LEU I 10 -44.78 -61.07 12.84
CA LEU I 10 -44.28 -59.74 12.52
C LEU I 10 -44.10 -59.53 11.02
N TRP I 11 -43.71 -60.57 10.29
CA TRP I 11 -43.60 -60.45 8.83
C TRP I 11 -44.93 -60.13 8.16
N ILE I 12 -46.04 -60.59 8.73
CA ILE I 12 -47.38 -60.27 8.19
C ILE I 12 -47.75 -58.82 8.50
N VAL I 13 -47.47 -58.39 9.72
CA VAL I 13 -47.72 -57.00 10.12
C VAL I 13 -46.95 -56.02 9.22
N ALA I 14 -45.70 -56.37 8.95
CA ALA I 14 -44.84 -55.54 8.11
C ALA I 14 -45.36 -55.48 6.67
N THR I 15 -45.77 -56.62 6.14
CA THR I 15 -46.22 -56.70 4.77
C THR I 15 -47.48 -55.93 4.57
N VAL I 16 -48.42 -56.12 5.49
CA VAL I 16 -49.72 -55.46 5.39
C VAL I 16 -49.51 -53.95 5.59
N ALA I 17 -48.75 -53.58 6.62
CA ALA I 17 -48.50 -52.16 6.86
C ALA I 17 -47.82 -51.49 5.64
N GLY I 18 -46.77 -52.12 5.15
CA GLY I 18 -46.11 -51.69 3.94
C GLY I 18 -47.06 -51.58 2.75
N MET I 19 -47.95 -52.54 2.59
CA MET I 19 -48.90 -52.44 1.48
C MET I 19 -49.83 -51.23 1.66
N GLY I 20 -50.18 -50.96 2.92
CA GLY I 20 -51.03 -49.83 3.27
C GLY I 20 -50.34 -48.54 2.89
N VAL I 21 -49.04 -48.44 3.16
CA VAL I 21 -48.26 -47.25 2.80
C VAL I 21 -48.24 -47.05 1.30
N ILE I 22 -48.06 -48.13 0.56
CA ILE I 22 -48.05 -48.03 -0.87
C ILE I 22 -49.40 -47.56 -1.44
N VAL I 23 -50.47 -48.07 -0.87
CA VAL I 23 -51.78 -47.69 -1.34
C VAL I 23 -52.03 -46.19 -1.12
N ILE I 24 -51.78 -45.71 0.10
CA ILE I 24 -52.06 -44.30 0.40
CA ILE I 24 -51.98 -44.32 0.48
C ILE I 24 -51.12 -43.38 -0.42
N VAL I 25 -49.87 -43.70 -0.52
CA VAL I 25 -48.96 -42.92 -1.38
C VAL I 25 -49.42 -42.97 -2.85
N GLY I 26 -49.84 -44.13 -3.33
CA GLY I 26 -50.39 -44.23 -4.65
C GLY I 26 -51.58 -43.33 -4.91
N LEU I 27 -52.47 -43.27 -3.91
CA LEU I 27 -53.65 -42.42 -3.96
C LEU I 27 -53.19 -40.99 -4.15
N PHE I 28 -52.18 -40.60 -3.39
CA PHE I 28 -51.60 -39.24 -3.47
C PHE I 28 -51.01 -38.93 -4.86
N PHE I 29 -50.31 -39.90 -5.49
CA PHE I 29 -49.88 -39.70 -6.86
C PHE I 29 -51.00 -39.66 -7.84
N TYR I 30 -52.04 -40.50 -7.65
CA TYR I 30 -53.25 -40.40 -8.47
C TYR I 30 -53.77 -38.96 -8.44
N GLY I 31 -53.81 -38.40 -7.24
CA GLY I 31 -54.34 -37.08 -7.03
C GLY I 31 -53.56 -35.93 -7.67
N ALA I 32 -52.28 -36.17 -7.97
CA ALA I 32 -51.47 -35.22 -8.75
C ALA I 32 -51.99 -35.07 -10.19
N TYR I 33 -52.75 -36.04 -10.67
CA TYR I 33 -53.26 -36.07 -12.07
C TYR I 33 -54.74 -35.77 -12.20
N ALA I 34 -55.40 -35.54 -11.07
CA ALA I 34 -56.84 -35.42 -11.03
C ALA I 34 -57.27 -34.43 -9.97
N GLY I 35 -58.28 -33.65 -10.29
CA GLY I 35 -58.81 -32.65 -9.37
C GLY I 35 -57.85 -31.53 -9.12
N LEU I 36 -57.86 -31.00 -7.91
CA LEU I 36 -57.01 -29.89 -7.59
C LEU I 36 -55.54 -30.24 -7.75
N GLY I 37 -54.77 -29.31 -8.34
CA GLY I 37 -53.35 -29.51 -8.51
C GLY I 37 -52.93 -30.25 -9.79
N SER I 38 -53.91 -30.63 -10.61
CA SER I 38 -53.69 -31.45 -11.78
C SER I 38 -53.28 -30.63 -12.99
N SER I 39 -53.42 -29.31 -12.84
CA SER I 39 -53.24 -28.30 -13.92
C SER I 39 -54.44 -28.22 -14.87
N LEU I 40 -55.43 -29.07 -14.69
CA LEU I 40 -56.53 -29.19 -15.67
C LEU I 40 -57.77 -28.50 -15.17
N LYS J 1 -54.77 -49.90 -29.43
CA LYS J 1 -55.78 -50.75 -28.72
C LYS J 1 -55.41 -52.18 -29.02
N LEU J 2 -55.77 -53.06 -28.11
CA LEU J 2 -55.73 -54.50 -28.39
C LEU J 2 -56.83 -54.81 -29.40
N PRO J 3 -56.70 -55.94 -30.12
CA PRO J 3 -57.80 -56.41 -30.94
C PRO J 3 -59.00 -56.52 -30.06
N GLU J 4 -60.16 -56.19 -30.62
CA GLU J 4 -61.45 -56.06 -29.90
C GLU J 4 -61.80 -57.24 -29.04
N ALA J 5 -61.50 -58.44 -29.54
CA ALA J 5 -61.78 -59.66 -28.77
C ALA J 5 -61.09 -59.69 -27.37
N TYR J 6 -59.93 -59.02 -27.25
CA TYR J 6 -59.15 -58.99 -26.01
C TYR J 6 -59.48 -57.80 -25.08
N ALA J 7 -60.34 -56.90 -25.56
CA ALA J 7 -60.62 -55.63 -24.84
C ALA J 7 -61.09 -55.81 -23.40
N ILE J 8 -61.68 -56.95 -23.11
CA ILE J 8 -62.19 -57.28 -21.80
C ILE J 8 -61.02 -57.35 -20.85
N PHE J 9 -59.87 -57.78 -21.35
CA PHE J 9 -58.68 -57.88 -20.56
C PHE J 9 -57.85 -56.57 -20.42
N ASP J 10 -58.33 -55.44 -20.94
CA ASP J 10 -57.61 -54.15 -20.82
C ASP J 10 -57.14 -53.83 -19.40
N PRO J 11 -58.02 -53.93 -18.38
CA PRO J 11 -57.58 -53.58 -17.02
C PRO J 11 -56.45 -54.48 -16.52
N LEU J 12 -56.48 -55.76 -16.91
CA LEU J 12 -55.43 -56.69 -16.57
C LEU J 12 -54.10 -56.26 -17.25
N VAL J 13 -54.21 -55.96 -18.55
CA VAL J 13 -53.02 -55.51 -19.32
C VAL J 13 -52.42 -54.23 -18.75
N ASP J 14 -53.24 -53.38 -18.15
CA ASP J 14 -52.76 -52.13 -17.54
C ASP J 14 -51.83 -52.38 -16.35
N VAL J 15 -52.04 -53.55 -15.69
CA VAL J 15 -51.34 -53.93 -14.50
C VAL J 15 -50.08 -54.78 -14.70
N LEU J 16 -50.08 -55.61 -15.73
CA LEU J 16 -48.97 -56.55 -15.94
C LEU J 16 -47.56 -55.97 -15.89
N PRO J 17 -47.31 -54.81 -16.52
CA PRO J 17 -45.89 -54.37 -16.55
C PRO J 17 -45.23 -54.15 -15.17
N VAL J 18 -46.05 -53.88 -14.19
CA VAL J 18 -45.58 -53.64 -12.84
C VAL J 18 -45.18 -54.93 -12.11
N ILE J 19 -45.65 -56.09 -12.58
CA ILE J 19 -45.40 -57.36 -11.87
C ILE J 19 -43.90 -57.64 -11.49
N PRO J 20 -42.92 -57.36 -12.40
CA PRO J 20 -41.51 -57.60 -12.02
C PRO J 20 -41.12 -56.90 -10.75
N VAL J 21 -41.62 -55.69 -10.53
CA VAL J 21 -41.33 -54.97 -9.30
C VAL J 21 -41.78 -55.73 -8.06
N LEU J 22 -42.92 -56.38 -8.21
CA LEU J 22 -43.48 -57.17 -7.11
C LEU J 22 -42.56 -58.35 -6.72
N PHE J 23 -41.79 -58.88 -7.67
CA PHE J 23 -40.82 -59.92 -7.33
C PHE J 23 -39.71 -59.40 -6.41
N LEU J 24 -39.25 -58.15 -6.62
CA LEU J 24 -38.29 -57.54 -5.69
C LEU J 24 -38.86 -57.44 -4.28
N ALA J 25 -40.10 -56.97 -4.22
CA ALA J 25 -40.77 -56.76 -2.98
C ALA J 25 -41.01 -58.11 -2.30
N LEU J 26 -41.29 -59.13 -3.12
CA LEU J 26 -41.53 -60.47 -2.61
C LEU J 26 -40.30 -61.03 -1.87
N ALA J 27 -39.10 -60.74 -2.38
CA ALA J 27 -37.90 -61.19 -1.74
C ALA J 27 -37.87 -60.73 -0.30
N PHE J 28 -38.35 -59.52 -0.09
CA PHE J 28 -38.45 -58.96 1.28
C PHE J 28 -39.46 -59.66 2.20
N VAL J 29 -40.62 -59.95 1.65
CA VAL J 29 -41.67 -60.65 2.40
C VAL J 29 -41.10 -62.00 2.86
N TRP J 30 -40.48 -62.67 1.91
CA TRP J 30 -39.86 -63.97 2.12
C TRP J 30 -38.80 -63.89 3.18
N GLN J 31 -37.88 -62.95 3.07
CA GLN J 31 -36.83 -62.82 4.08
C GLN J 31 -37.39 -62.47 5.47
N ALA J 32 -38.42 -61.61 5.51
CA ALA J 32 -39.07 -61.31 6.79
C ALA J 32 -39.63 -62.60 7.43
N ALA J 33 -40.23 -63.43 6.60
CA ALA J 33 -40.80 -64.70 7.05
C ALA J 33 -39.77 -65.61 7.62
N VAL J 34 -38.55 -65.65 7.06
CA VAL J 34 -37.44 -66.45 7.67
C VAL J 34 -36.52 -65.61 8.60
N GLY J 35 -36.97 -64.45 9.06
CA GLY J 35 -36.24 -63.68 10.03
C GLY J 35 -34.90 -63.08 9.57
N PHE J 36 -34.74 -62.89 8.27
CA PHE J 36 -33.53 -62.27 7.71
C PHE J 36 -32.29 -63.01 8.17
N ARG J 37 -32.40 -64.33 8.18
CA ARG J 37 -31.40 -65.17 8.80
C ARG J 37 -30.07 -65.24 8.02
N MET K 1 11.91 -10.45 42.46
CA MET K 1 10.71 -11.22 42.90
C MET K 1 10.98 -12.72 42.79
N GLU K 2 10.30 -13.46 43.67
CA GLU K 2 10.23 -14.90 43.53
C GLU K 2 9.45 -15.15 42.26
N PRO K 3 9.83 -16.24 41.51
CA PRO K 3 9.23 -16.52 40.19
C PRO K 3 7.72 -16.87 40.28
N ASN K 4 6.98 -16.63 39.22
CA ASN K 4 5.56 -16.93 39.19
C ASN K 4 5.33 -18.46 38.88
N PRO K 5 4.66 -19.17 39.79
CA PRO K 5 4.50 -20.64 39.61
C PRO K 5 3.40 -21.03 38.57
N ASN K 6 2.73 -20.03 37.99
CA ASN K 6 1.63 -20.25 37.04
C ASN K 6 2.11 -20.29 35.60
N ARG K 7 3.38 -19.96 35.37
CA ARG K 7 3.99 -20.01 34.04
C ARG K 7 3.88 -21.42 33.49
N GLN K 8 3.64 -21.52 32.21
CA GLN K 8 3.61 -22.81 31.50
C GLN K 8 4.31 -22.57 30.16
N PRO K 9 5.08 -23.59 29.69
CA PRO K 9 5.59 -23.48 28.30
C PRO K 9 4.46 -23.62 27.27
N VAL K 10 4.67 -23.03 26.13
CA VAL K 10 3.73 -23.00 25.00
C VAL K 10 4.33 -23.82 23.91
N GLU K 11 3.49 -24.51 23.14
CA GLU K 11 3.92 -25.35 22.03
C GLU K 11 3.05 -25.14 20.77
N LEU K 12 3.70 -25.26 19.63
CA LEU K 12 3.01 -25.39 18.36
C LEU K 12 3.84 -26.42 17.59
N ASN K 13 3.26 -27.57 17.31
CA ASN K 13 3.99 -28.61 16.61
C ASN K 13 4.04 -28.29 15.06
N ARG K 14 4.84 -29.03 14.32
CA ARG K 14 4.99 -28.76 12.91
C ARG K 14 3.70 -28.88 12.13
N THR K 15 2.94 -29.95 12.42
CA THR K 15 1.69 -30.14 11.70
C THR K 15 0.72 -28.93 11.92
N SER K 16 0.75 -28.39 13.12
CA SER K 16 -0.09 -27.29 13.48
C SER K 16 0.39 -26.03 12.78
N LEU K 17 1.72 -25.90 12.65
CA LEU K 17 2.27 -24.81 11.83
C LEU K 17 1.74 -24.89 10.41
N TYR K 18 1.84 -26.06 9.82
CA TYR K 18 1.37 -26.26 8.45
C TYR K 18 -0.10 -26.04 8.27
N LEU K 19 -0.89 -26.52 9.23
CA LEU K 19 -2.34 -26.30 9.19
C LEU K 19 -2.63 -24.84 9.31
N GLY K 20 -1.92 -24.16 10.22
CA GLY K 20 -2.14 -22.76 10.45
C GLY K 20 -1.77 -21.88 9.25
N LEU K 21 -0.61 -22.18 8.63
CA LEU K 21 -0.19 -21.50 7.42
C LEU K 21 -1.19 -21.71 6.26
N LEU K 22 -1.70 -22.93 6.12
CA LEU K 22 -2.71 -23.19 5.09
C LEU K 22 -3.97 -22.37 5.34
N LEU K 23 -4.46 -22.39 6.57
CA LEU K 23 -5.62 -21.59 6.90
C LEU K 23 -5.42 -20.14 6.49
N ILE K 24 -4.32 -19.58 6.93
CA ILE K 24 -4.05 -18.15 6.73
CA ILE K 24 -4.03 -18.15 6.72
C ILE K 24 -3.86 -17.85 5.23
N LEU K 25 -3.03 -18.66 4.53
CA LEU K 25 -2.81 -18.44 3.11
C LEU K 25 -4.13 -18.58 2.29
N VAL K 26 -4.95 -19.58 2.56
CA VAL K 26 -6.20 -19.77 1.83
C VAL K 26 -7.21 -18.67 2.19
N LEU K 27 -7.28 -18.32 3.46
CA LEU K 27 -8.11 -17.16 3.80
C LEU K 27 -7.66 -15.91 2.99
N ALA K 28 -6.38 -15.71 2.88
CA ALA K 28 -5.85 -14.55 2.16
C ALA K 28 -6.17 -14.64 0.68
N LEU K 29 -6.02 -15.83 0.14
CA LEU K 29 -6.40 -16.05 -1.26
C LEU K 29 -7.86 -15.79 -1.56
N LEU K 30 -8.72 -16.16 -0.60
CA LEU K 30 -10.13 -15.88 -0.66
C LEU K 30 -10.49 -14.39 -0.44
N PHE K 31 -9.95 -13.75 0.61
CA PHE K 31 -10.37 -12.40 0.98
C PHE K 31 -9.65 -11.33 0.17
N SER K 32 -8.52 -11.69 -0.47
CA SER K 32 -7.71 -10.64 -1.16
C SER K 32 -8.48 -9.90 -2.25
N SER K 33 -9.34 -10.61 -3.01
CA SER K 33 -10.13 -9.99 -4.08
C SER K 33 -11.01 -8.92 -3.57
N TYR K 34 -11.49 -9.14 -2.36
CA TYR K 34 -12.45 -8.25 -1.73
C TYR K 34 -11.76 -7.02 -1.17
N PHE K 35 -10.54 -7.28 -0.69
CA PHE K 35 -9.70 -6.18 -0.15
C PHE K 35 -9.25 -5.21 -1.29
N PHE K 36 -8.94 -5.76 -2.45
CA PHE K 36 -8.68 -4.95 -3.67
C PHE K 36 -9.92 -4.37 -4.28
N ASN K 37 -11.02 -5.09 -4.23
CA ASN K 37 -12.34 -4.61 -4.67
C ASN K 37 -12.26 -4.09 -6.14
N FME L 1 -6.62 -1.24 -13.50
CN FME L 1 -6.21 -0.08 -14.11
O1 FME L 1 -6.92 0.95 -14.10
CA FME L 1 -7.89 -1.33 -12.87
CB FME L 1 -8.20 -2.78 -12.56
CG FME L 1 -8.10 -3.89 -13.67
SD FME L 1 -9.44 -3.97 -14.77
CE FME L 1 -10.74 -4.71 -13.88
C FME L 1 -7.85 -0.48 -11.63
O FME L 1 -6.85 -0.36 -10.95
N GLU L 2 -8.94 0.15 -11.31
N GLU L 2 -8.97 0.11 -11.31
CA GLU L 2 -9.03 1.02 -10.17
CA GLU L 2 -9.10 0.99 -10.17
C GLU L 2 -9.43 0.24 -8.89
C GLU L 2 -9.45 0.21 -8.89
N VAL L 3 -8.44 -0.47 -8.36
CA VAL L 3 -8.56 -1.21 -7.11
C VAL L 3 -8.36 -0.28 -5.90
N ASN L 4 -8.79 -0.78 -4.74
CA ASN L 4 -8.57 -0.12 -3.46
C ASN L 4 -7.09 -0.24 -3.18
N GLN L 5 -6.55 0.92 -2.89
CA GLN L 5 -5.13 1.17 -2.81
C GLN L 5 -4.61 0.69 -1.42
N LEU L 6 -5.46 0.34 -0.50
CA LEU L 6 -5.11 -0.28 0.74
C LEU L 6 -5.23 -1.82 0.66
N GLY L 7 -5.72 -2.39 -0.43
CA GLY L 7 -5.82 -3.84 -0.58
C GLY L 7 -4.48 -4.58 -0.50
N LEU L 8 -3.40 -3.92 -0.97
CA LEU L 8 -2.12 -4.58 -0.94
C LEU L 8 -1.58 -4.76 0.49
N ILE L 9 -1.51 -3.65 1.22
CA ILE L 9 -1.05 -3.67 2.59
C ILE L 9 -2.03 -4.52 3.45
N ALA L 10 -3.33 -4.43 3.17
CA ALA L 10 -4.32 -5.24 3.93
C ALA L 10 -4.01 -6.73 3.72
N THR L 11 -3.82 -7.13 2.51
CA THR L 11 -3.52 -8.52 2.19
C THR L 11 -2.17 -8.97 2.78
N ALA L 12 -1.14 -8.13 2.64
CA ALA L 12 0.19 -8.46 3.13
C ALA L 12 0.22 -8.67 4.64
N LEU L 13 -0.42 -7.81 5.39
CA LEU L 13 -0.42 -7.93 6.80
C LEU L 13 -1.34 -9.08 7.28
N PHE L 14 -2.44 -9.30 6.60
CA PHE L 14 -3.34 -10.40 6.88
C PHE L 14 -2.58 -11.70 6.80
N VAL L 15 -1.68 -11.82 5.82
CA VAL L 15 -0.85 -13.03 5.75
C VAL L 15 0.26 -13.01 6.78
N LEU L 16 1.00 -11.91 6.81
N LEU L 16 1.00 -11.90 6.81
CA LEU L 16 2.27 -11.88 7.57
CA LEU L 16 2.26 -11.76 7.58
C LEU L 16 2.06 -11.87 9.10
C LEU L 16 2.03 -11.90 9.09
N VAL L 17 1.09 -11.14 9.63
CA VAL L 17 0.95 -11.09 11.05
C VAL L 17 0.62 -12.51 11.67
N PRO L 18 -0.37 -13.21 11.18
CA PRO L 18 -0.60 -14.48 11.83
C PRO L 18 0.44 -15.50 11.41
N SER L 19 0.97 -15.41 10.20
CA SER L 19 1.97 -16.38 9.81
C SER L 19 3.20 -16.25 10.73
N VAL L 20 3.62 -15.00 11.04
CA VAL L 20 4.73 -14.72 11.92
C VAL L 20 4.51 -15.26 13.33
N PHE L 21 3.29 -15.01 13.86
CA PHE L 21 2.88 -15.57 15.09
C PHE L 21 3.13 -17.08 15.16
N LEU L 22 2.69 -17.80 14.13
CA LEU L 22 2.81 -19.25 14.13
C LEU L 22 4.27 -19.68 14.01
N ILE L 23 5.06 -19.00 13.17
CA ILE L 23 6.47 -19.33 13.00
C ILE L 23 7.21 -19.08 14.32
N ILE L 24 6.95 -17.97 15.01
CA ILE L 24 7.56 -17.73 16.30
C ILE L 24 7.26 -18.90 17.27
N LEU L 25 6.00 -19.30 17.36
CA LEU L 25 5.62 -20.38 18.27
C LEU L 25 6.24 -21.68 17.86
N TYR L 26 6.27 -21.99 16.55
CA TYR L 26 6.86 -23.24 16.13
C TYR L 26 8.37 -23.33 16.50
N VAL L 27 9.12 -22.30 16.13
CA VAL L 27 10.57 -22.36 16.23
C VAL L 27 10.91 -22.46 17.74
N GLN L 28 10.22 -21.69 18.61
CA GLN L 28 10.54 -21.77 20.00
C GLN L 28 10.11 -23.14 20.63
N THR L 29 9.22 -23.85 19.97
CA THR L 29 8.87 -25.21 20.39
C THR L 29 10.00 -26.12 20.07
N GLU L 30 10.53 -26.06 18.82
CA GLU L 30 11.64 -26.88 18.44
C GLU L 30 12.89 -26.63 19.30
N SER L 31 13.13 -25.41 19.74
CA SER L 31 14.34 -25.14 20.44
C SER L 31 14.22 -25.57 21.93
N GLN L 32 13.03 -26.02 22.35
CA GLN L 32 12.89 -26.57 23.71
C GLN L 32 13.61 -27.93 23.84
N GLN L 33 14.02 -28.26 25.04
CA GLN L 33 14.74 -29.57 25.27
C GLN L 33 13.96 -30.85 24.90
N LYS L 34 14.63 -31.77 24.20
CA LYS L 34 14.01 -33.04 23.74
C LYS L 34 13.92 -34.10 24.83
N ALA M 1 -14.39 -35.88 -64.01
CA ALA M 1 -13.33 -36.03 -62.94
C ALA M 1 -13.80 -35.47 -61.59
N ALA M 2 -13.60 -36.26 -60.53
CA ALA M 2 -14.02 -35.93 -59.14
C ALA M 2 -15.54 -35.71 -58.96
N THR M 3 -16.04 -34.55 -59.38
CA THR M 3 -17.34 -34.00 -58.95
C THR M 3 -17.70 -34.34 -57.47
N LEU M 4 -17.13 -33.52 -56.60
CA LEU M 4 -17.07 -33.83 -55.18
C LEU M 4 -18.40 -33.63 -54.45
N THR M 5 -18.73 -34.50 -53.52
CA THR M 5 -19.96 -34.35 -52.72
C THR M 5 -19.66 -33.69 -51.36
N TYR M 6 -20.71 -33.34 -50.63
CA TYR M 6 -20.52 -32.78 -49.31
C TYR M 6 -19.66 -33.73 -48.43
N ASP M 7 -19.87 -35.05 -48.54
CA ASP M 7 -19.10 -35.94 -47.70
C ASP M 7 -17.60 -35.95 -48.09
N ASP M 8 -17.24 -35.66 -49.34
CA ASP M 8 -15.84 -35.59 -49.75
C ASP M 8 -15.17 -34.34 -49.17
N ILE M 9 -15.94 -33.28 -49.06
CA ILE M 9 -15.45 -31.95 -48.67
C ILE M 9 -15.44 -31.71 -47.17
N VAL M 10 -16.41 -32.31 -46.48
CA VAL M 10 -16.74 -31.83 -45.13
C VAL M 10 -15.52 -31.95 -44.22
N GLY M 11 -15.16 -30.86 -43.57
CA GLY M 11 -14.05 -30.82 -42.63
C GLY M 11 -12.67 -30.68 -43.25
N THR M 12 -12.61 -30.57 -44.56
CA THR M 12 -11.34 -30.43 -45.24
C THR M 12 -10.78 -29.05 -45.29
N GLY M 13 -11.63 -28.03 -45.18
CA GLY M 13 -11.25 -26.67 -45.48
C GLY M 13 -11.58 -26.24 -46.90
N LEU M 14 -11.87 -27.18 -47.79
CA LEU M 14 -12.20 -26.84 -49.19
C LEU M 14 -13.47 -25.99 -49.33
N ALA M 15 -14.39 -26.11 -48.39
CA ALA M 15 -15.62 -25.29 -48.42
C ALA M 15 -15.40 -23.79 -48.30
N ASN M 16 -14.29 -23.40 -47.67
CA ASN M 16 -13.93 -21.99 -47.63
C ASN M 16 -13.02 -21.54 -48.80
N LYS M 17 -12.80 -22.39 -49.79
CA LYS M 17 -12.00 -22.01 -50.94
C LYS M 17 -12.87 -21.70 -52.15
N CYS M 18 -12.45 -20.73 -52.96
CA CYS M 18 -13.11 -20.43 -54.23
C CYS M 18 -12.65 -21.44 -55.29
N PRO M 19 -13.53 -21.75 -56.24
CA PRO M 19 -13.08 -22.57 -57.33
C PRO M 19 -11.92 -21.90 -58.09
N THR M 20 -11.07 -22.71 -58.72
CA THR M 20 -9.98 -22.17 -59.50
C THR M 20 -10.19 -22.64 -60.94
N LEU M 21 -9.42 -22.06 -61.87
CA LEU M 21 -9.43 -22.45 -63.26
C LEU M 21 -8.04 -22.91 -63.58
N ASP M 22 -7.88 -23.92 -64.44
CA ASP M 22 -6.48 -24.34 -64.67
C ASP M 22 -5.71 -23.37 -65.59
N ASP M 23 -4.40 -23.55 -65.67
CA ASP M 23 -3.53 -22.61 -66.38
C ASP M 23 -3.84 -22.40 -67.87
N THR M 24 -4.54 -23.34 -68.49
CA THR M 24 -5.00 -23.20 -69.89
C THR M 24 -6.14 -22.20 -70.04
N ALA M 25 -6.72 -21.72 -68.97
CA ALA M 25 -7.89 -20.82 -69.07
C ALA M 25 -7.46 -19.36 -69.23
N ARG M 26 -7.07 -19.03 -70.46
CA ARG M 26 -6.56 -17.72 -70.85
C ARG M 26 -7.33 -17.16 -72.05
N GLY M 27 -8.64 -17.42 -72.11
CA GLY M 27 -9.46 -17.06 -73.28
C GLY M 27 -10.17 -15.74 -73.11
N ALA M 28 -11.24 -15.59 -73.87
CA ALA M 28 -12.01 -14.36 -73.97
C ALA M 28 -13.48 -14.76 -74.00
N TYR M 29 -14.26 -14.20 -73.11
CA TYR M 29 -15.67 -14.43 -73.09
C TYR M 29 -16.33 -13.26 -73.79
N PRO M 30 -16.89 -13.46 -75.01
CA PRO M 30 -17.56 -12.34 -75.70
C PRO M 30 -18.83 -11.82 -74.99
N ILE M 31 -18.97 -10.49 -75.07
CA ILE M 31 -20.11 -9.75 -74.57
C ILE M 31 -20.84 -9.23 -75.80
N ASP M 32 -22.06 -9.70 -75.97
CA ASP M 32 -23.04 -9.15 -76.88
C ASP M 32 -23.74 -8.01 -76.15
N SER M 33 -23.53 -6.79 -76.61
CA SER M 33 -24.14 -5.60 -75.98
C SER M 33 -25.67 -5.55 -76.08
N SER M 34 -26.26 -6.35 -76.95
CA SER M 34 -27.72 -6.53 -77.00
C SER M 34 -28.27 -7.59 -76.02
N GLN M 35 -27.38 -8.26 -75.29
CA GLN M 35 -27.78 -9.34 -74.38
C GLN M 35 -27.64 -8.84 -72.95
N THR M 36 -28.56 -9.25 -72.09
CA THR M 36 -28.43 -9.02 -70.65
C THR M 36 -27.69 -10.19 -69.98
N TYR M 37 -26.95 -9.88 -68.93
CA TYR M 37 -26.09 -10.83 -68.25
C TYR M 37 -26.21 -10.75 -66.76
N ARG M 38 -25.75 -11.82 -66.11
CA ARG M 38 -25.68 -11.89 -64.65
C ARG M 38 -24.37 -12.51 -64.25
N ILE M 39 -23.95 -12.18 -63.03
CA ILE M 39 -22.99 -13.02 -62.37
C ILE M 39 -23.82 -13.98 -61.52
N ALA M 40 -23.70 -15.27 -61.82
CA ALA M 40 -24.52 -16.30 -61.16
C ALA M 40 -23.88 -16.70 -59.83
N ARG M 41 -22.55 -16.65 -59.78
CA ARG M 41 -21.80 -16.89 -58.54
C ARG M 41 -20.53 -16.08 -58.53
N LEU M 42 -20.41 -15.18 -57.55
CA LEU M 42 -19.17 -14.51 -57.22
C LEU M 42 -18.68 -15.04 -55.86
N CYS M 43 -17.43 -15.44 -55.82
CA CYS M 43 -16.79 -15.97 -54.62
C CYS M 43 -15.49 -15.17 -54.37
N LEU M 44 -15.28 -14.78 -53.13
CA LEU M 44 -14.05 -14.10 -52.67
C LEU M 44 -13.43 -14.84 -51.48
N GLN M 45 -12.23 -15.36 -51.66
CA GLN M 45 -11.50 -16.08 -50.66
C GLN M 45 -10.30 -15.20 -50.26
N PRO M 46 -10.36 -14.56 -49.09
CA PRO M 46 -9.24 -13.78 -48.60
C PRO M 46 -8.08 -14.68 -48.19
N THR M 47 -6.88 -14.30 -48.59
CA THR M 47 -5.66 -15.01 -48.18
C THR M 47 -4.83 -14.15 -47.22
N THR M 48 -5.00 -12.82 -47.20
CA THR M 48 -4.24 -11.95 -46.27
CA THR M 48 -4.23 -11.94 -46.29
C THR M 48 -5.09 -10.79 -45.82
N PHE M 49 -4.99 -10.51 -44.52
CA PHE M 49 -5.63 -9.36 -43.93
C PHE M 49 -4.50 -8.48 -43.38
N LEU M 50 -4.45 -7.25 -43.84
CA LEU M 50 -3.41 -6.34 -43.39
C LEU M 50 -4.10 -5.18 -42.67
N VAL M 51 -3.53 -4.71 -41.58
CA VAL M 51 -4.12 -3.62 -40.79
C VAL M 51 -3.13 -2.47 -40.76
N LYS M 52 -3.66 -1.28 -41.00
CA LYS M 52 -2.84 -0.09 -41.02
C LYS M 52 -2.47 0.26 -39.60
N GLU M 53 -1.17 0.25 -39.32
CA GLU M 53 -0.65 0.61 -38.01
CA GLU M 53 -0.67 0.60 -37.99
C GLU M 53 -1.04 2.04 -37.76
N GLU M 54 -1.28 2.37 -36.49
CA GLU M 54 -1.67 3.74 -36.17
C GLU M 54 -0.51 4.50 -35.55
N PRO M 55 0.11 5.47 -36.30
CA PRO M 55 1.42 6.03 -35.87
C PRO M 55 1.33 7.09 -34.75
N LYS M 56 2.42 7.36 -34.02
CA LYS M 56 2.39 8.49 -33.06
C LYS M 56 2.59 9.80 -33.80
N ASN M 57 2.09 10.86 -33.18
CA ASN M 57 1.99 12.20 -33.78
C ASN M 57 2.80 12.46 -35.05
N LYS M 58 4.06 12.03 -35.08
CA LYS M 58 4.90 12.08 -36.29
C LYS M 58 4.26 12.44 -37.68
N ARG M 59 3.08 11.89 -38.05
CA ARG M 59 2.61 12.00 -39.43
C ARG M 59 3.69 11.39 -40.31
N GLN M 60 4.14 10.21 -39.88
CA GLN M 60 4.95 9.31 -40.71
C GLN M 60 3.99 8.62 -41.65
N GLU M 61 4.53 7.96 -42.67
CA GLU M 61 3.74 7.08 -43.53
C GLU M 61 3.44 5.78 -42.73
N ALA M 62 2.21 5.64 -42.25
CA ALA M 62 1.78 4.41 -41.58
C ALA M 62 1.66 3.27 -42.58
N GLU M 63 2.23 2.12 -42.24
CA GLU M 63 2.18 0.94 -43.11
C GLU M 63 1.05 -0.01 -42.73
N PHE M 64 0.53 -0.70 -43.70
CA PHE M 64 -0.33 -1.88 -43.45
C PHE M 64 0.58 -3.02 -43.03
N VAL M 65 0.27 -3.74 -41.95
CA VAL M 65 1.11 -4.80 -41.44
C VAL M 65 0.33 -6.12 -41.39
N PRO M 66 1.06 -7.24 -41.47
CA PRO M 66 0.41 -8.55 -41.47
C PRO M 66 -0.23 -8.86 -40.13
N THR M 67 -1.19 -9.79 -40.14
CA THR M 67 -1.93 -10.15 -38.94
C THR M 67 -2.19 -11.64 -38.98
N LYS M 68 -2.53 -12.21 -37.85
CA LYS M 68 -2.85 -13.64 -37.76
C LYS M 68 -4.34 -13.81 -37.64
N LEU M 69 -4.90 -14.63 -38.48
CA LEU M 69 -6.34 -14.92 -38.45
C LEU M 69 -6.63 -15.82 -37.25
N VAL M 70 -7.62 -15.44 -36.41
CA VAL M 70 -7.97 -16.30 -35.27
C VAL M 70 -9.36 -16.96 -35.31
N THR M 71 -10.16 -16.67 -36.33
CA THR M 71 -11.52 -17.19 -36.44
C THR M 71 -11.71 -18.32 -37.43
N ARG M 72 -10.58 -18.87 -37.91
CA ARG M 72 -10.53 -20.12 -38.65
C ARG M 72 -11.05 -19.95 -40.09
N GLU M 73 -11.44 -21.03 -40.76
CA GLU M 73 -11.74 -20.96 -42.18
CA GLU M 73 -11.73 -20.99 -42.18
C GLU M 73 -13.22 -20.61 -42.42
N THR M 74 -13.57 -19.40 -41.98
CA THR M 74 -14.90 -18.87 -41.92
C THR M 74 -14.97 -17.51 -42.60
N THR M 75 -14.01 -17.24 -43.50
CA THR M 75 -13.73 -15.88 -44.03
C THR M 75 -14.26 -15.54 -45.43
N SER M 76 -14.65 -16.52 -46.23
CA SER M 76 -14.98 -16.26 -47.61
C SER M 76 -16.38 -15.80 -47.87
N LEU M 77 -16.51 -15.01 -48.93
CA LEU M 77 -17.79 -14.53 -49.38
C LEU M 77 -18.13 -15.35 -50.58
N ASP M 78 -19.38 -15.76 -50.69
CA ASP M 78 -19.71 -16.71 -51.77
C ASP M 78 -21.21 -16.74 -52.00
N GLN M 79 -21.55 -17.38 -53.13
CA GLN M 79 -22.96 -17.52 -53.58
C GLN M 79 -23.57 -16.13 -53.85
N ILE M 80 -22.71 -15.21 -54.22
CA ILE M 80 -23.13 -13.88 -54.56
C ILE M 80 -23.56 -13.84 -56.01
N GLN M 81 -24.63 -13.08 -56.26
CA GLN M 81 -25.19 -13.00 -57.59
C GLN M 81 -25.65 -11.53 -57.81
N GLY M 82 -25.73 -11.15 -59.08
CA GLY M 82 -26.23 -9.85 -59.38
C GLY M 82 -26.22 -9.57 -60.85
N GLU M 83 -26.78 -8.43 -61.23
CA GLU M 83 -26.88 -8.01 -62.64
C GLU M 83 -25.49 -7.61 -63.15
N LEU M 84 -25.17 -7.99 -64.36
CA LEU M 84 -23.98 -7.49 -65.03
C LEU M 84 -24.40 -6.65 -66.22
N LYS M 85 -24.46 -5.35 -66.01
CA LYS M 85 -24.96 -4.37 -67.01
C LYS M 85 -23.93 -4.07 -68.08
N VAL M 86 -24.36 -3.93 -69.31
CA VAL M 86 -23.46 -3.47 -70.37
C VAL M 86 -23.80 -1.98 -70.52
N ASN M 87 -22.87 -1.08 -70.28
CA ASN M 87 -23.19 0.36 -70.32
C ASN M 87 -22.97 0.89 -71.72
N SER M 88 -23.39 2.13 -71.98
CA SER M 88 -23.34 2.65 -73.38
C SER M 88 -21.89 2.89 -73.87
N ASP M 89 -20.89 2.93 -72.97
CA ASP M 89 -19.50 3.08 -73.45
C ASP M 89 -18.79 1.73 -73.56
N GLY M 90 -19.55 0.62 -73.48
CA GLY M 90 -18.97 -0.73 -73.54
C GLY M 90 -18.36 -1.21 -72.23
N SER M 91 -18.34 -0.37 -71.21
CA SER M 91 -17.99 -0.87 -69.88
C SER M 91 -19.10 -1.80 -69.32
N LEU M 92 -18.67 -2.71 -68.46
CA LEU M 92 -19.59 -3.58 -67.68
C LEU M 92 -19.71 -3.08 -66.21
N THR M 93 -20.91 -3.15 -65.66
CA THR M 93 -21.11 -2.83 -64.23
C THR M 93 -21.84 -3.97 -63.56
N PHE M 94 -21.16 -4.54 -62.54
CA PHE M 94 -21.75 -5.54 -61.66
C PHE M 94 -22.46 -4.85 -60.50
N VAL M 95 -23.75 -5.16 -60.34
CA VAL M 95 -24.56 -4.64 -59.25
C VAL M 95 -24.93 -5.83 -58.39
N GLU M 96 -24.30 -5.91 -57.22
CA GLU M 96 -24.53 -7.02 -56.31
C GLU M 96 -25.92 -6.98 -55.81
N GLU M 97 -26.58 -8.11 -55.81
CA GLU M 97 -27.98 -8.21 -55.32
C GLU M 97 -28.14 -8.97 -54.02
N ASP M 98 -27.46 -10.11 -53.90
CA ASP M 98 -27.64 -10.99 -52.75
CA ASP M 98 -27.59 -10.93 -52.69
C ASP M 98 -26.55 -12.00 -52.67
N GLY M 99 -26.54 -12.73 -51.56
CA GLY M 99 -25.58 -13.79 -51.34
C GLY M 99 -24.98 -13.71 -49.96
N ILE M 100 -24.03 -14.61 -49.74
CA ILE M 100 -23.28 -14.65 -48.49
C ILE M 100 -22.15 -13.63 -48.69
N ASP M 101 -22.49 -12.37 -48.41
CA ASP M 101 -21.74 -11.24 -48.86
C ASP M 101 -21.02 -10.51 -47.73
N PHE M 102 -20.91 -11.17 -46.58
CA PHE M 102 -20.15 -10.67 -45.43
C PHE M 102 -19.67 -11.85 -44.62
N GLN M 103 -18.59 -11.61 -43.91
CA GLN M 103 -18.14 -12.49 -42.82
C GLN M 103 -17.53 -11.66 -41.74
N PRO M 104 -17.92 -11.90 -40.47
CA PRO M 104 -17.14 -11.29 -39.40
C PRO M 104 -15.82 -12.05 -39.35
N VAL M 105 -14.73 -11.31 -39.16
CA VAL M 105 -13.36 -11.87 -39.15
C VAL M 105 -12.66 -11.19 -38.01
N THR M 106 -11.88 -11.97 -37.26
CA THR M 106 -11.00 -11.39 -36.28
C THR M 106 -9.57 -11.74 -36.60
N VAL M 107 -8.74 -10.74 -36.71
CA VAL M 107 -7.31 -10.98 -36.95
C VAL M 107 -6.58 -10.33 -35.77
N GLN M 108 -5.40 -10.85 -35.49
CA GLN M 108 -4.61 -10.43 -34.35
C GLN M 108 -3.25 -9.89 -34.76
N MET M 109 -2.94 -8.69 -34.27
CA MET M 109 -1.69 -7.99 -34.53
C MET M 109 -0.61 -8.50 -33.61
N ALA M 110 0.63 -8.31 -34.06
CA ALA M 110 1.76 -8.54 -33.21
C ALA M 110 1.55 -7.87 -31.87
N GLY M 111 1.77 -8.61 -30.78
CA GLY M 111 1.49 -8.03 -29.47
C GLY M 111 0.12 -8.32 -28.90
N GLY M 112 -0.79 -8.89 -29.68
CA GLY M 112 -2.06 -9.36 -29.18
C GLY M 112 -3.34 -8.59 -29.52
N GLU M 113 -3.24 -7.36 -30.01
CA GLU M 113 -4.44 -6.57 -30.29
C GLU M 113 -5.29 -7.30 -31.31
N ARG M 114 -6.55 -7.54 -30.97
CA ARG M 114 -7.48 -8.16 -31.87
C ARG M 114 -8.24 -7.12 -32.63
N ILE M 115 -8.35 -7.35 -33.92
CA ILE M 115 -9.07 -6.45 -34.85
C ILE M 115 -10.23 -7.20 -35.50
N PRO M 116 -11.46 -7.04 -34.94
CA PRO M 116 -12.61 -7.55 -35.67
C PRO M 116 -12.98 -6.66 -36.83
N LEU M 117 -13.44 -7.27 -37.89
CA LEU M 117 -14.02 -6.53 -39.03
C LEU M 117 -15.18 -7.32 -39.68
N LEU M 118 -16.07 -6.61 -40.33
CA LEU M 118 -17.09 -7.16 -41.17
C LEU M 118 -16.60 -7.13 -42.61
N PHE M 119 -15.86 -8.16 -42.95
CA PHE M 119 -15.34 -8.35 -44.32
C PHE M 119 -16.50 -8.57 -45.27
N THR M 120 -16.65 -7.69 -46.27
CA THR M 120 -17.89 -7.60 -47.01
C THR M 120 -17.73 -6.97 -48.39
N VAL M 121 -18.71 -7.25 -49.24
CA VAL M 121 -18.94 -6.51 -50.47
C VAL M 121 -20.40 -6.12 -50.61
N LYS M 122 -21.09 -5.91 -49.48
CA LYS M 122 -22.50 -5.57 -49.49
C LYS M 122 -22.79 -4.36 -50.38
N ASN M 123 -23.81 -4.48 -51.23
CA ASN M 123 -24.21 -3.43 -52.17
C ASN M 123 -23.04 -3.03 -53.10
N LEU M 124 -22.20 -3.99 -53.45
CA LEU M 124 -21.11 -3.72 -54.40
C LEU M 124 -21.68 -3.24 -55.71
N VAL M 125 -21.02 -2.21 -56.24
CA VAL M 125 -21.21 -1.76 -57.62
C VAL M 125 -19.83 -1.60 -58.19
N ALA M 126 -19.47 -2.46 -59.14
CA ALA M 126 -18.09 -2.46 -59.68
C ALA M 126 -18.11 -2.50 -61.18
N SER M 127 -17.24 -1.68 -61.79
CA SER M 127 -17.24 -1.48 -63.23
C SER M 127 -15.87 -1.72 -63.82
N THR M 128 -15.90 -2.13 -65.07
CA THR M 128 -14.70 -2.31 -65.88
C THR M 128 -14.36 -1.02 -66.61
N GLN M 129 -13.27 -1.07 -67.38
CA GLN M 129 -12.93 -0.02 -68.31
C GLN M 129 -13.94 -0.01 -69.45
N PRO M 130 -13.97 1.09 -70.24
CA PRO M 130 -14.89 1.11 -71.41
C PRO M 130 -14.53 0.07 -72.50
N ASN M 131 -15.47 -0.16 -73.39
CA ASN M 131 -15.26 -0.94 -74.60
C ASN M 131 -14.80 -2.33 -74.25
N VAL M 132 -15.48 -3.02 -73.32
CA VAL M 132 -15.13 -4.42 -72.99
C VAL M 132 -16.01 -5.37 -73.82
N THR M 133 -15.48 -5.65 -75.01
CA THR M 133 -16.19 -6.42 -76.02
C THR M 133 -16.06 -7.89 -75.75
N SER M 134 -14.99 -8.27 -75.03
CA SER M 134 -14.82 -9.61 -74.44
C SER M 134 -14.21 -9.46 -73.06
N ILE M 135 -14.67 -10.25 -72.08
CA ILE M 135 -13.93 -10.32 -70.86
C ILE M 135 -12.65 -11.16 -71.08
N THR M 136 -11.50 -10.60 -70.71
CA THR M 136 -10.20 -11.24 -70.96
C THR M 136 -9.34 -11.10 -69.68
N THR M 137 -8.10 -11.57 -69.76
CA THR M 137 -7.18 -11.43 -68.65
C THR M 137 -6.67 -10.02 -68.54
N SER M 138 -7.13 -9.10 -69.40
CA SER M 138 -6.85 -7.67 -69.21
C SER M 138 -7.98 -6.95 -68.50
N THR M 139 -9.10 -7.62 -68.32
CA THR M 139 -10.23 -6.98 -67.68
C THR M 139 -10.00 -6.81 -66.16
N ASP M 140 -10.44 -5.68 -65.63
CA ASP M 140 -10.57 -5.56 -64.23
C ASP M 140 -11.84 -4.84 -63.88
N PHE M 141 -12.26 -5.02 -62.62
CA PHE M 141 -13.45 -4.36 -62.10
C PHE M 141 -13.01 -3.53 -60.90
N LYS M 142 -13.51 -2.31 -60.76
CA LYS M 142 -13.20 -1.50 -59.60
C LYS M 142 -14.49 -0.93 -59.12
N GLY M 143 -14.66 -0.92 -57.83
CA GLY M 143 -15.92 -0.46 -57.28
C GLY M 143 -15.94 -0.19 -55.79
N GLU M 144 -17.13 0.18 -55.34
CA GLU M 144 -17.40 0.52 -53.98
C GLU M 144 -18.53 -0.34 -53.40
N PHE M 145 -18.52 -0.47 -52.08
CA PHE M 145 -19.51 -1.21 -51.32
C PHE M 145 -19.75 -0.55 -49.98
N ASN M 146 -20.78 -1.01 -49.32
CA ASN M 146 -21.17 -0.50 -48.03
C ASN M 146 -20.64 -1.37 -46.92
N VAL M 147 -20.28 -0.75 -45.81
CA VAL M 147 -19.76 -1.44 -44.65
C VAL M 147 -20.62 -1.01 -43.45
N PRO M 148 -21.66 -1.80 -43.14
CA PRO M 148 -22.47 -1.41 -41.99
C PRO M 148 -21.75 -1.82 -40.71
N SER M 149 -22.23 -1.33 -39.59
CA SER M 149 -21.73 -1.71 -38.26
C SER M 149 -21.55 -3.21 -38.10
N TYR M 150 -20.41 -3.58 -37.53
CA TYR M 150 -20.03 -4.97 -37.33
C TYR M 150 -21.08 -5.71 -36.42
N ARG M 151 -21.51 -5.00 -35.38
CA ARG M 151 -22.68 -5.45 -34.61
C ARG M 151 -23.93 -4.75 -35.11
N THR M 152 -25.09 -5.42 -35.13
CA THR M 152 -26.39 -4.72 -35.49
C THR M 152 -27.05 -4.19 -34.26
N ALA M 153 -28.21 -3.58 -34.41
CA ALA M 153 -28.67 -2.63 -33.42
C ALA M 153 -29.10 -3.26 -32.07
N ASN M 154 -29.47 -4.56 -32.08
CA ASN M 154 -29.82 -5.27 -30.84
C ASN M 154 -28.65 -5.65 -29.94
N PHE M 155 -27.45 -5.60 -30.47
CA PHE M 155 -26.30 -6.08 -29.73
C PHE M 155 -26.12 -5.39 -28.36
N LEU M 156 -26.03 -6.20 -27.31
CA LEU M 156 -25.82 -5.75 -25.96
C LEU M 156 -24.41 -5.91 -25.48
N ASP M 157 -23.85 -4.81 -24.96
CA ASP M 157 -22.52 -4.91 -24.37
C ASP M 157 -22.58 -5.71 -23.04
N PRO M 158 -21.40 -5.97 -22.46
CA PRO M 158 -21.35 -6.79 -21.25
C PRO M 158 -22.03 -6.21 -20.03
N LYS M 159 -22.39 -4.92 -20.09
CA LYS M 159 -23.19 -4.32 -19.04
C LYS M 159 -24.62 -4.10 -19.43
N GLY M 160 -25.04 -4.72 -20.53
CA GLY M 160 -26.48 -4.67 -20.88
C GLY M 160 -26.90 -3.49 -21.73
N ARG M 161 -25.93 -2.69 -22.18
CA ARG M 161 -26.23 -1.45 -22.93
C ARG M 161 -26.30 -1.74 -24.41
N GLY M 162 -27.25 -1.07 -25.09
CA GLY M 162 -27.39 -1.28 -26.55
C GLY M 162 -28.06 -0.10 -27.23
N LEU M 163 -28.24 -0.22 -28.54
CA LEU M 163 -28.86 0.84 -29.35
C LEU M 163 -30.40 0.63 -29.42
N ALA M 164 -30.83 -0.46 -30.07
CA ALA M 164 -32.27 -0.77 -30.19
C ALA M 164 -32.85 -1.52 -28.99
N SER M 165 -31.95 -1.94 -28.10
CA SER M 165 -32.31 -2.63 -26.85
C SER M 165 -31.27 -2.27 -25.81
N GLY M 166 -31.55 -2.68 -24.57
CA GLY M 166 -30.59 -2.57 -23.51
C GLY M 166 -30.74 -1.32 -22.68
N TYR M 167 -29.95 -1.25 -21.61
CA TYR M 167 -29.93 -0.08 -20.75
C TYR M 167 -29.30 1.12 -21.48
N ASP M 168 -29.57 2.34 -21.02
CA ASP M 168 -29.03 3.55 -21.65
C ASP M 168 -28.05 4.25 -20.69
N SER M 169 -27.65 3.54 -19.65
CA SER M 169 -26.76 4.09 -18.67
C SER M 169 -25.95 2.95 -18.06
N ALA M 170 -25.00 3.35 -17.24
CA ALA M 170 -24.10 2.45 -16.53
C ALA M 170 -24.73 2.19 -15.16
N ILE M 171 -25.60 1.20 -15.13
CA ILE M 171 -26.45 1.00 -13.93
C ILE M 171 -25.67 0.53 -12.70
N ALA M 172 -24.50 -0.02 -12.89
CA ALA M 172 -23.65 -0.39 -11.75
C ALA M 172 -22.96 0.81 -11.05
N LEU M 173 -23.04 2.01 -11.63
CA LEU M 173 -22.46 3.22 -11.07
C LEU M 173 -23.61 4.22 -11.01
N PRO M 174 -24.55 3.97 -10.12
CA PRO M 174 -25.78 4.69 -10.17
C PRO M 174 -25.65 6.20 -10.02
N GLN M 175 -24.63 6.63 -9.29
CA GLN M 175 -24.47 8.07 -9.04
C GLN M 175 -23.17 8.60 -9.69
N ALA M 176 -22.63 7.89 -10.68
CA ALA M 176 -21.49 8.45 -11.43
C ALA M 176 -22.00 9.61 -12.32
N LYS M 177 -21.12 10.56 -12.57
CA LYS M 177 -21.40 11.62 -13.56
C LYS M 177 -21.49 11.03 -14.96
N GLU M 178 -22.55 11.33 -15.71
CA GLU M 178 -22.91 10.60 -16.94
C GLU M 178 -22.01 11.05 -18.09
N GLU M 179 -21.45 12.24 -17.97
CA GLU M 179 -20.79 12.90 -19.17
C GLU M 179 -19.59 12.09 -19.65
N GLU M 180 -18.75 11.60 -18.74
CA GLU M 180 -17.54 10.88 -19.19
C GLU M 180 -17.84 9.51 -19.67
N LEU M 181 -19.02 9.01 -19.37
CA LEU M 181 -19.45 7.73 -19.88
C LEU M 181 -20.34 7.81 -21.16
N ALA M 182 -20.61 9.03 -21.69
CA ALA M 182 -21.54 9.14 -22.78
C ALA M 182 -21.14 8.27 -24.00
N ARG M 183 -19.86 8.21 -24.32
CA ARG M 183 -19.44 7.48 -25.51
C ARG M 183 -19.64 5.99 -25.39
N ALA M 184 -19.58 5.48 -24.15
CA ALA M 184 -19.87 4.07 -23.92
C ALA M 184 -21.39 3.81 -23.77
N ASN M 185 -22.15 4.76 -23.22
CA ASN M 185 -23.58 4.59 -22.98
C ASN M 185 -24.45 4.79 -24.19
N VAL M 186 -24.04 5.69 -25.10
CA VAL M 186 -24.82 6.02 -26.28
C VAL M 186 -24.25 5.28 -27.47
N LYS M 187 -24.92 4.22 -27.87
CA LYS M 187 -24.43 3.39 -28.96
C LYS M 187 -24.77 4.04 -30.28
N ARG M 188 -23.84 3.94 -31.22
CA ARG M 188 -23.96 4.50 -32.57
C ARG M 188 -23.70 3.42 -33.58
N PHE M 189 -24.37 3.55 -34.71
CA PHE M 189 -24.37 2.51 -35.79
C PHE M 189 -23.62 3.13 -36.97
N SER M 190 -22.45 2.61 -37.22
CA SER M 190 -21.57 3.02 -38.33
C SER M 190 -22.08 2.53 -39.69
N LEU M 191 -21.89 3.36 -40.71
CA LEU M 191 -22.11 2.95 -42.09
C LEU M 191 -21.09 3.74 -42.92
N THR M 192 -20.09 3.02 -43.47
CA THR M 192 -19.01 3.60 -44.22
C THR M 192 -18.88 2.89 -45.57
N LYS M 193 -17.99 3.38 -46.39
CA LYS M 193 -17.76 2.85 -47.72
C LYS M 193 -16.47 2.07 -47.73
N GLY M 194 -16.42 1.05 -48.57
CA GLY M 194 -15.19 0.34 -48.86
C GLY M 194 -14.95 0.34 -50.36
N GLN M 195 -13.72 -0.01 -50.78
CA GLN M 195 -13.32 0.01 -52.17
C GLN M 195 -12.70 -1.35 -52.54
N ILE M 196 -12.94 -1.83 -53.75
CA ILE M 196 -12.38 -3.12 -54.15
C ILE M 196 -11.94 -3.14 -55.61
N SER M 197 -10.83 -3.82 -55.88
CA SER M 197 -10.35 -4.10 -57.24
C SER M 197 -10.34 -5.57 -57.42
N LEU M 198 -10.87 -6.02 -58.55
CA LEU M 198 -10.84 -7.42 -58.98
CA LEU M 198 -10.80 -7.41 -58.96
C LEU M 198 -10.00 -7.45 -60.27
N ASN M 199 -8.95 -8.24 -60.31
CA ASN M 199 -8.05 -8.30 -61.43
C ASN M 199 -8.18 -9.70 -62.01
N VAL M 200 -8.75 -9.81 -63.20
CA VAL M 200 -8.99 -11.12 -63.81
C VAL M 200 -7.69 -11.73 -64.29
N ALA M 201 -7.37 -12.95 -63.91
CA ALA M 201 -6.17 -13.65 -64.33
C ALA M 201 -6.45 -14.83 -65.25
N LYS M 202 -7.67 -15.35 -65.23
CA LYS M 202 -7.98 -16.52 -66.00
C LYS M 202 -9.43 -16.36 -66.46
N VAL M 203 -9.68 -16.71 -67.71
CA VAL M 203 -11.04 -16.71 -68.33
C VAL M 203 -11.15 -18.02 -69.14
N ASP M 204 -12.23 -18.75 -68.91
CA ASP M 204 -12.68 -19.84 -69.78
C ASP M 204 -13.78 -19.22 -70.63
N GLY M 205 -13.40 -18.87 -71.86
CA GLY M 205 -14.31 -18.27 -72.83
C GLY M 205 -15.56 -19.08 -73.15
N ARG M 206 -15.48 -20.40 -73.01
CA ARG M 206 -16.60 -21.30 -73.27
C ARG M 206 -17.63 -21.31 -72.14
N THR M 207 -17.18 -21.36 -70.89
CA THR M 207 -18.08 -21.50 -69.76
C THR M 207 -18.51 -20.20 -69.09
N GLY M 208 -17.92 -19.05 -69.43
CA GLY M 208 -18.27 -17.80 -68.73
C GLY M 208 -17.63 -17.64 -67.34
N GLU M 209 -16.70 -18.53 -67.02
CA GLU M 209 -16.03 -18.52 -65.75
C GLU M 209 -14.74 -17.73 -65.84
N ILE M 210 -14.55 -16.88 -64.85
CA ILE M 210 -13.38 -16.06 -64.65
C ILE M 210 -12.88 -16.19 -63.23
N ALA M 211 -11.56 -16.06 -63.08
CA ALA M 211 -10.91 -16.05 -61.80
C ALA M 211 -9.76 -15.06 -61.74
N GLY M 212 -9.45 -14.58 -60.55
CA GLY M 212 -8.26 -13.74 -60.44
C GLY M 212 -7.93 -13.39 -58.99
N THR M 213 -7.41 -12.18 -58.81
CA THR M 213 -7.02 -11.72 -57.50
C THR M 213 -7.82 -10.48 -57.18
N PHE M 214 -8.02 -10.24 -55.89
CA PHE M 214 -8.66 -8.99 -55.47
C PHE M 214 -7.91 -8.32 -54.37
N GLU M 215 -8.18 -7.04 -54.22
CA GLU M 215 -7.69 -6.29 -53.09
C GLU M 215 -8.81 -5.37 -52.73
N SER M 216 -9.19 -5.40 -51.46
CA SER M 216 -10.26 -4.56 -50.93
CA SER M 216 -10.24 -4.52 -50.97
C SER M 216 -9.74 -3.71 -49.77
N GLU M 217 -10.34 -2.54 -49.57
CA GLU M 217 -10.00 -1.68 -48.42
C GLU M 217 -11.26 -1.23 -47.74
N GLN M 218 -11.27 -1.35 -46.40
CA GLN M 218 -12.43 -0.96 -45.62
C GLN M 218 -12.05 -0.73 -44.20
N LEU M 219 -12.97 -0.15 -43.42
CA LEU M 219 -12.80 0.01 -41.99
C LEU M 219 -13.21 -1.25 -41.19
N SER M 220 -12.54 -1.42 -40.05
CA SER M 220 -12.86 -2.49 -39.09
C SER M 220 -13.99 -2.08 -38.12
N ASP M 221 -14.29 -2.96 -37.19
CA ASP M 221 -15.28 -2.68 -36.16
C ASP M 221 -14.92 -1.46 -35.31
N ASP M 222 -15.91 -0.66 -35.01
CA ASP M 222 -15.75 0.47 -34.10
C ASP M 222 -16.48 0.25 -32.77
N ASP M 223 -16.94 -0.97 -32.50
CA ASP M 223 -17.67 -1.26 -31.28
C ASP M 223 -18.81 -0.29 -30.98
N MET M 224 -19.71 -0.15 -31.95
CA MET M 224 -20.85 0.71 -31.83
C MET M 224 -20.54 2.11 -31.31
N GLY M 225 -19.43 2.63 -31.82
CA GLY M 225 -19.04 3.98 -31.56
C GLY M 225 -18.15 4.20 -30.38
N ALA M 226 -17.73 3.14 -29.75
CA ALA M 226 -16.93 3.27 -28.53
C ALA M 226 -15.48 3.55 -28.81
N HIS M 227 -15.01 3.16 -29.98
CA HIS M 227 -13.64 3.48 -30.33
C HIS M 227 -13.48 3.72 -31.84
N GLU M 228 -12.30 4.19 -32.24
CA GLU M 228 -12.01 4.40 -33.64
C GLU M 228 -11.72 3.08 -34.33
N PRO M 229 -12.26 2.94 -35.56
CA PRO M 229 -11.98 1.74 -36.34
C PRO M 229 -10.58 1.78 -36.93
N HIS M 230 -10.06 0.64 -37.38
CA HIS M 230 -8.78 0.57 -38.08
C HIS M 230 -9.05 0.45 -39.57
N GLU M 231 -8.03 0.80 -40.35
CA GLU M 231 -8.10 0.56 -41.80
C GLU M 231 -7.58 -0.80 -42.10
N VAL M 232 -8.32 -1.53 -42.91
CA VAL M 232 -7.93 -2.91 -43.23
C VAL M 232 -7.83 -3.07 -44.75
N LYS M 233 -6.78 -3.74 -45.19
CA LYS M 233 -6.64 -4.10 -46.58
C LYS M 233 -6.76 -5.65 -46.65
N ILE M 234 -7.70 -6.14 -47.48
CA ILE M 234 -7.86 -7.56 -47.72
C ILE M 234 -7.45 -7.95 -49.13
N GLN M 235 -6.64 -9.01 -49.23
CA GLN M 235 -6.17 -9.53 -50.50
C GLN M 235 -6.56 -10.97 -50.58
N GLY M 236 -6.92 -11.40 -51.77
CA GLY M 236 -7.19 -12.80 -52.00
C GLY M 236 -7.49 -13.12 -53.44
N VAL M 237 -8.21 -14.22 -53.62
CA VAL M 237 -8.51 -14.74 -54.95
C VAL M 237 -10.00 -14.67 -55.12
N PHE M 238 -10.46 -14.62 -56.37
CA PHE M 238 -11.91 -14.65 -56.63
C PHE M 238 -12.23 -15.54 -57.79
N TYR M 239 -13.52 -15.88 -57.86
CA TYR M 239 -14.10 -16.65 -58.98
C TYR M 239 -15.43 -16.04 -59.26
N ALA M 240 -15.76 -15.97 -60.56
CA ALA M 240 -17.11 -15.59 -60.96
C ALA M 240 -17.61 -16.44 -62.14
N SER M 241 -18.91 -16.75 -62.12
CA SER M 241 -19.59 -17.40 -63.26
C SER M 241 -20.51 -16.36 -63.89
N ILE M 242 -20.19 -16.01 -65.12
CA ILE M 242 -20.98 -15.03 -65.89
C ILE M 242 -21.94 -15.81 -66.78
N GLU M 243 -23.20 -15.36 -66.87
CA GLU M 243 -24.24 -16.03 -67.67
C GLU M 243 -25.07 -15.04 -68.38
N PRO M 244 -25.53 -15.38 -69.61
CA PRO M 244 -26.67 -14.62 -70.15
C PRO M 244 -27.85 -14.85 -69.24
N ALA M 245 -28.64 -13.77 -69.03
CA ALA M 245 -29.81 -13.79 -68.16
C ALA M 245 -31.01 -13.38 -68.92
N FME N 1 0.07 -5.09 -9.29
CN FME N 1 0.10 -6.01 -10.27
CN FME N 1 0.16 -6.00 -10.26
O1 FME N 1 0.26 -7.22 -10.09
O1 FME N 1 0.36 -7.19 -10.03
CA FME N 1 0.23 -5.42 -7.87
CA FME N 1 0.24 -5.43 -7.88
CB FME N 1 0.08 -4.18 -6.97
CB FME N 1 0.06 -4.17 -7.03
CG FME N 1 -1.31 -3.49 -6.86
CG FME N 1 1.30 -3.28 -6.94
SD FME N 1 -1.46 -2.22 -5.57
SD FME N 1 0.80 -1.70 -6.28
CE FME N 1 -0.39 -0.97 -6.21
CE FME N 1 -0.78 -2.01 -5.58
C FME N 1 -0.77 -6.49 -7.44
O FME N 1 -0.40 -7.37 -6.67
N GLU N 2 -2.00 -6.40 -7.98
CA GLU N 2 -3.05 -7.35 -7.62
C GLU N 2 -2.67 -8.74 -8.11
N THR N 3 -2.32 -8.81 -9.37
CA THR N 3 -1.98 -10.06 -9.95
C THR N 3 -0.81 -10.72 -9.23
N ILE N 4 0.21 -9.90 -8.94
CA ILE N 4 1.40 -10.36 -8.22
C ILE N 4 0.97 -10.93 -6.88
N THR N 5 0.08 -10.21 -6.16
CA THR N 5 -0.32 -10.65 -4.87
C THR N 5 -1.03 -12.05 -4.96
N TYR N 6 -1.93 -12.23 -5.93
CA TYR N 6 -2.65 -13.52 -6.08
C TYR N 6 -1.71 -14.64 -6.37
N VAL N 7 -0.79 -14.37 -7.28
CA VAL N 7 0.13 -15.40 -7.74
C VAL N 7 1.11 -15.78 -6.60
N PHE N 8 1.58 -14.75 -5.88
CA PHE N 8 2.44 -14.94 -4.71
C PHE N 8 1.75 -15.86 -3.66
N ILE N 9 0.48 -15.61 -3.33
CA ILE N 9 -0.21 -16.40 -2.33
C ILE N 9 -0.31 -17.84 -2.83
N PHE N 10 -0.74 -18.01 -4.04
CA PHE N 10 -0.83 -19.34 -4.64
C PHE N 10 0.50 -20.06 -4.58
N ALA N 11 1.61 -19.38 -4.97
CA ALA N 11 2.92 -20.01 -5.00
C ALA N 11 3.35 -20.40 -3.55
N CYS N 12 2.98 -19.57 -2.57
CA CYS N 12 3.28 -19.94 -1.17
C CYS N 12 2.52 -21.22 -0.75
N ILE N 13 1.28 -21.34 -1.22
CA ILE N 13 0.46 -22.50 -0.92
C ILE N 13 1.10 -23.74 -1.51
N ILE N 14 1.60 -23.60 -2.74
CA ILE N 14 2.24 -24.72 -3.42
C ILE N 14 3.52 -25.17 -2.70
N ALA N 15 4.30 -24.16 -2.27
CA ALA N 15 5.47 -24.50 -1.47
C ALA N 15 5.10 -25.18 -0.16
N LEU N 16 4.07 -24.73 0.46
CA LEU N 16 3.58 -25.34 1.67
C LEU N 16 3.23 -26.79 1.46
N PHE N 17 2.50 -27.11 0.38
CA PHE N 17 2.21 -28.48 0.06
C PHE N 17 3.49 -29.31 0.04
N PHE N 18 4.52 -28.80 -0.59
CA PHE N 18 5.79 -29.51 -0.67
C PHE N 18 6.41 -29.85 0.72
N PHE N 19 6.44 -28.85 1.56
CA PHE N 19 6.98 -29.00 2.89
C PHE N 19 6.07 -29.89 3.74
N ALA N 20 4.75 -29.71 3.61
CA ALA N 20 3.80 -30.53 4.38
C ALA N 20 3.89 -31.99 4.02
N ILE N 21 4.29 -32.28 2.78
CA ILE N 21 4.39 -33.67 2.34
C ILE N 21 5.79 -34.20 2.62
N PHE N 22 6.80 -33.54 2.09
CA PHE N 22 8.10 -34.11 2.13
C PHE N 22 8.85 -33.81 3.37
N PHE N 23 8.45 -32.78 4.09
CA PHE N 23 9.11 -32.42 5.34
C PHE N 23 8.11 -32.39 6.49
N ARG N 24 7.24 -33.38 6.48
CA ARG N 24 6.30 -33.56 7.58
C ARG N 24 7.02 -34.11 8.79
N GLU N 25 6.44 -33.95 9.97
CA GLU N 25 6.89 -34.73 11.14
CA GLU N 25 6.85 -34.71 11.12
C GLU N 25 6.52 -36.20 10.80
N PRO N 26 7.50 -37.10 10.82
CA PRO N 26 7.14 -38.45 10.42
C PRO N 26 6.25 -39.11 11.49
N PRO N 27 5.22 -39.86 11.08
CA PRO N 27 4.39 -40.56 12.06
C PRO N 27 5.20 -41.74 12.62
N ARG N 28 5.20 -41.89 13.94
CA ARG N 28 5.99 -42.95 14.64
C ARG N 28 5.08 -43.84 15.50
N ILE N 29 5.21 -45.16 15.35
CA ILE N 29 4.40 -46.13 16.12
C ILE N 29 4.95 -46.22 17.54
N THR N 30 4.11 -46.55 18.51
CA THR N 30 4.55 -47.01 19.86
C THR N 30 4.25 -48.52 20.06
N GLU O 8 -21.57 15.34 -30.31
CA GLU O 8 -22.84 15.27 -29.51
C GLU O 8 -23.65 13.99 -29.86
N LEU O 9 -23.72 13.09 -28.91
CA LEU O 9 -24.03 11.71 -29.17
C LEU O 9 -25.52 11.44 -28.94
N VAL O 10 -26.16 10.81 -29.89
CA VAL O 10 -27.60 10.60 -29.86
C VAL O 10 -27.86 9.11 -30.14
N ASN O 11 -28.75 8.50 -29.36
CA ASN O 11 -29.33 7.22 -29.72
C ASN O 11 -30.39 7.45 -30.82
N VAL O 12 -30.11 6.98 -32.04
CA VAL O 12 -31.01 7.30 -33.16
C VAL O 12 -32.38 6.61 -33.09
N VAL O 13 -32.46 5.47 -32.40
CA VAL O 13 -33.75 4.80 -32.25
C VAL O 13 -34.63 5.56 -31.28
N ASP O 14 -34.07 5.92 -30.13
CA ASP O 14 -34.85 6.75 -29.22
C ASP O 14 -35.33 8.03 -29.89
N GLU O 15 -34.42 8.66 -30.66
CA GLU O 15 -34.76 9.88 -31.35
C GLU O 15 -35.95 9.65 -32.34
N LYS O 16 -35.90 8.55 -33.07
CA LYS O 16 -36.96 8.22 -34.02
C LYS O 16 -38.32 8.05 -33.34
N LEU O 17 -38.33 7.59 -32.10
CA LEU O 17 -39.61 7.43 -31.35
C LEU O 17 -40.30 8.76 -31.12
N GLY O 18 -39.55 9.87 -31.21
CA GLY O 18 -40.17 11.17 -31.15
C GLY O 18 -40.66 11.72 -32.45
N THR O 19 -40.49 11.00 -33.54
CA THR O 19 -41.07 11.35 -34.85
C THR O 19 -42.36 10.51 -35.06
N ALA O 20 -42.93 10.62 -36.25
CA ALA O 20 -44.12 9.83 -36.61
C ALA O 20 -43.84 8.33 -36.57
N TYR O 21 -42.57 7.92 -36.66
CA TYR O 21 -42.18 6.50 -36.48
C TYR O 21 -42.72 5.92 -35.16
N GLY O 22 -42.84 6.79 -34.17
CA GLY O 22 -43.38 6.42 -32.86
C GLY O 22 -44.91 6.39 -32.73
N GLU O 23 -45.60 6.78 -33.81
CA GLU O 23 -47.03 6.96 -33.84
C GLU O 23 -47.73 6.11 -34.89
N LYS O 24 -47.02 5.67 -35.92
CA LYS O 24 -47.61 5.03 -37.08
C LYS O 24 -46.64 3.99 -37.60
N ILE O 25 -47.12 3.18 -38.55
CA ILE O 25 -46.29 2.24 -39.25
C ILE O 25 -45.51 3.07 -40.27
N ASP O 26 -44.20 3.13 -40.07
CA ASP O 26 -43.29 3.83 -41.00
C ASP O 26 -42.94 2.88 -42.13
N LEU O 27 -43.43 3.20 -43.31
CA LEU O 27 -43.24 2.34 -44.46
C LEU O 27 -41.76 2.16 -44.81
N ASN O 28 -40.93 3.10 -44.35
CA ASN O 28 -39.50 3.07 -44.65
C ASN O 28 -38.62 2.39 -43.62
N ASN O 29 -39.19 2.10 -42.45
CA ASN O 29 -38.40 1.63 -41.30
C ASN O 29 -39.01 0.52 -40.40
N THR O 30 -40.31 0.57 -40.18
CA THR O 30 -40.94 -0.28 -39.23
C THR O 30 -40.79 -1.76 -39.62
N ASN O 31 -40.50 -2.57 -38.61
CA ASN O 31 -40.51 -3.99 -38.81
C ASN O 31 -41.89 -4.56 -39.24
N ILE O 32 -41.82 -5.61 -40.07
CA ILE O 32 -42.94 -6.15 -40.87
C ILE O 32 -44.09 -6.69 -40.02
N ALA O 33 -43.79 -7.14 -38.79
CA ALA O 33 -44.87 -7.64 -37.88
C ALA O 33 -45.91 -6.55 -37.52
N ALA O 34 -45.50 -5.28 -37.59
CA ALA O 34 -46.41 -4.18 -37.26
C ALA O 34 -47.66 -4.14 -38.19
N PHE O 35 -47.54 -4.72 -39.41
CA PHE O 35 -48.65 -4.73 -40.37
C PHE O 35 -49.78 -5.66 -39.92
N ILE O 36 -49.50 -6.48 -38.90
CA ILE O 36 -50.54 -7.34 -38.29
C ILE O 36 -51.62 -6.55 -37.54
N GLN O 37 -51.29 -5.32 -37.17
CA GLN O 37 -52.24 -4.44 -36.44
C GLN O 37 -53.56 -4.13 -37.18
N TYR O 38 -53.57 -4.18 -38.50
CA TYR O 38 -54.72 -3.73 -39.29
C TYR O 38 -55.15 -4.84 -40.19
N ARG O 39 -56.44 -4.93 -40.42
CA ARG O 39 -57.00 -5.95 -41.32
C ARG O 39 -56.42 -5.87 -42.71
N GLY O 40 -56.04 -7.01 -43.23
CA GLY O 40 -55.77 -7.11 -44.64
C GLY O 40 -54.36 -6.85 -45.11
N LEU O 41 -53.50 -6.41 -44.19
CA LEU O 41 -52.13 -6.03 -44.63
C LEU O 41 -51.05 -7.12 -44.59
N TYR O 42 -51.25 -8.16 -43.77
CA TYR O 42 -50.18 -9.15 -43.56
C TYR O 42 -50.61 -10.55 -44.00
N PRO O 43 -49.79 -11.32 -44.72
CA PRO O 43 -48.40 -11.00 -45.00
C PRO O 43 -48.19 -10.39 -46.39
N THR O 44 -49.22 -10.38 -47.21
CA THR O 44 -49.05 -10.18 -48.67
C THR O 44 -48.61 -8.77 -48.98
N LEU O 45 -49.42 -7.82 -48.52
CA LEU O 45 -49.12 -6.40 -48.72
C LEU O 45 -47.88 -5.96 -47.95
N ALA O 46 -47.76 -6.47 -46.72
CA ALA O 46 -46.62 -6.20 -45.87
C ALA O 46 -45.29 -6.51 -46.58
N LYS O 47 -45.22 -7.68 -47.17
CA LYS O 47 -44.04 -8.07 -47.95
C LYS O 47 -43.77 -7.11 -49.13
N LEU O 48 -44.78 -6.83 -49.90
CA LEU O 48 -44.68 -5.89 -50.99
C LEU O 48 -44.20 -4.53 -50.52
N ILE O 49 -44.73 -4.07 -49.42
CA ILE O 49 -44.37 -2.73 -48.95
C ILE O 49 -42.93 -2.65 -48.54
N VAL O 50 -42.51 -3.65 -47.75
CA VAL O 50 -41.14 -3.64 -47.28
C VAL O 50 -40.20 -3.79 -48.46
N LYS O 51 -40.54 -4.68 -49.36
CA LYS O 51 -39.69 -4.93 -50.53
C LYS O 51 -39.53 -3.69 -51.39
N ASN O 52 -40.56 -2.85 -51.53
CA ASN O 52 -40.51 -1.71 -52.46
C ASN O 52 -40.16 -0.37 -51.80
N ALA O 53 -39.81 -0.41 -50.53
CA ALA O 53 -39.42 0.75 -49.77
C ALA O 53 -38.02 1.15 -50.23
N PRO O 54 -37.64 2.42 -50.09
CA PRO O 54 -38.39 3.47 -49.36
C PRO O 54 -39.31 4.31 -50.26
N TYR O 55 -40.21 5.06 -49.64
CA TYR O 55 -41.23 5.86 -50.28
C TYR O 55 -41.01 7.33 -49.91
N GLU O 56 -41.18 8.26 -50.86
CA GLU O 56 -41.07 9.71 -50.54
C GLU O 56 -42.29 10.18 -49.77
N SER O 57 -43.44 9.59 -50.07
CA SER O 57 -44.67 9.91 -49.40
C SER O 57 -45.47 8.62 -49.25
N VAL O 58 -46.37 8.65 -48.30
CA VAL O 58 -47.23 7.49 -47.98
C VAL O 58 -48.02 7.01 -49.20
N GLU O 59 -48.56 7.97 -49.97
CA GLU O 59 -49.35 7.63 -51.16
C GLU O 59 -48.54 6.87 -52.20
N ASP O 60 -47.21 6.97 -52.19
CA ASP O 60 -46.44 6.24 -53.22
C ASP O 60 -46.55 4.73 -53.09
N VAL O 61 -47.04 4.26 -51.96
CA VAL O 61 -47.24 2.84 -51.77
C VAL O 61 -48.29 2.28 -52.75
N LEU O 62 -49.21 3.13 -53.16
CA LEU O 62 -50.17 2.79 -54.21
C LEU O 62 -49.58 2.48 -55.58
N ASN O 63 -48.34 2.87 -55.82
CA ASN O 63 -47.70 2.62 -57.12
C ASN O 63 -46.86 1.36 -57.20
N ILE O 64 -46.92 0.48 -56.21
CA ILE O 64 -46.23 -0.78 -56.32
C ILE O 64 -46.79 -1.54 -57.54
N PRO O 65 -45.92 -2.00 -58.46
CA PRO O 65 -46.40 -2.75 -59.61
C PRO O 65 -47.14 -4.00 -59.22
N GLY O 66 -48.19 -4.34 -59.95
CA GLY O 66 -48.87 -5.65 -59.84
C GLY O 66 -49.97 -5.75 -58.81
N LEU O 67 -50.19 -4.69 -58.02
CA LEU O 67 -51.27 -4.68 -57.03
C LEU O 67 -52.60 -4.93 -57.69
N THR O 68 -53.42 -5.78 -57.10
CA THR O 68 -54.82 -5.92 -57.54
C THR O 68 -55.62 -4.69 -57.14
N GLU O 69 -56.81 -4.57 -57.69
CA GLU O 69 -57.69 -3.46 -57.31
C GLU O 69 -58.08 -3.52 -55.84
N ARG O 70 -58.37 -4.74 -55.37
CA ARG O 70 -58.63 -5.01 -53.93
C ARG O 70 -57.44 -4.54 -53.06
N GLN O 71 -56.24 -4.94 -53.45
CA GLN O 71 -55.04 -4.50 -52.71
C GLN O 71 -54.94 -2.99 -52.63
N LYS O 72 -55.23 -2.32 -53.75
CA LYS O 72 -55.15 -0.86 -53.74
C LYS O 72 -56.13 -0.27 -52.77
N GLN O 73 -57.35 -0.81 -52.75
CA GLN O 73 -58.37 -0.26 -51.87
CA GLN O 73 -58.43 -0.35 -51.87
C GLN O 73 -57.99 -0.50 -50.41
N ILE O 74 -57.42 -1.67 -50.09
CA ILE O 74 -56.94 -1.96 -48.72
C ILE O 74 -55.86 -0.95 -48.34
N LEU O 75 -54.93 -0.73 -49.26
CA LEU O 75 -53.92 0.30 -49.00
C LEU O 75 -54.51 1.67 -48.77
N ARG O 76 -55.46 2.06 -49.61
CA ARG O 76 -56.16 3.33 -49.44
C ARG O 76 -56.82 3.50 -48.07
N GLU O 77 -57.47 2.45 -47.61
CA GLU O 77 -58.13 2.46 -46.34
C GLU O 77 -57.16 2.58 -45.17
N ASN O 78 -55.91 2.20 -45.39
CA ASN O 78 -54.95 2.17 -44.29
C ASN O 78 -53.90 3.27 -44.33
N LEU O 79 -53.98 4.20 -45.31
CA LEU O 79 -52.98 5.23 -45.38
C LEU O 79 -52.92 6.05 -44.12
N GLU O 80 -54.04 6.30 -43.46
CA GLU O 80 -54.07 7.09 -42.22
C GLU O 80 -53.23 6.46 -41.07
N HIS O 81 -52.91 5.17 -41.18
CA HIS O 81 -52.10 4.47 -40.17
C HIS O 81 -50.63 4.35 -40.56
N PHE O 82 -50.27 4.92 -41.73
CA PHE O 82 -48.93 4.86 -42.22
C PHE O 82 -48.24 6.22 -42.13
N THR O 83 -46.93 6.23 -42.10
CA THR O 83 -46.15 7.43 -42.27
C THR O 83 -44.88 7.05 -43.04
N VAL O 84 -44.09 8.07 -43.39
CA VAL O 84 -42.75 7.84 -43.90
C VAL O 84 -41.80 8.79 -43.20
N THR O 85 -40.62 8.30 -42.81
CA THR O 85 -39.56 9.15 -42.34
C THR O 85 -38.29 8.69 -43.00
N GLU O 86 -37.23 9.45 -42.84
CA GLU O 86 -35.99 9.04 -43.52
CA GLU O 86 -35.94 9.08 -43.43
C GLU O 86 -35.51 7.64 -43.08
N VAL O 87 -34.88 6.92 -43.98
CA VAL O 87 -34.49 5.58 -43.66
C VAL O 87 -33.41 5.65 -42.60
N GLU O 88 -33.57 4.90 -41.51
CA GLU O 88 -32.59 4.78 -40.45
C GLU O 88 -31.81 3.46 -40.59
N THR O 89 -30.52 3.60 -40.89
CA THR O 89 -29.63 2.49 -41.09
C THR O 89 -29.79 1.47 -39.96
N ALA O 90 -29.87 1.97 -38.72
CA ALA O 90 -29.95 1.04 -37.57
C ALA O 90 -31.20 0.11 -37.52
N LEU O 91 -32.27 0.52 -38.17
CA LEU O 91 -33.53 -0.17 -38.17
C LEU O 91 -33.68 -1.10 -39.42
N VAL O 92 -32.89 -0.90 -40.47
CA VAL O 92 -33.09 -1.63 -41.71
C VAL O 92 -31.94 -2.52 -42.04
N GLU O 93 -30.80 -2.32 -41.41
CA GLU O 93 -29.70 -3.27 -41.55
C GLU O 93 -30.05 -4.58 -40.83
N GLY O 94 -29.25 -5.60 -41.12
CA GLY O 94 -29.36 -6.89 -40.51
C GLY O 94 -30.61 -7.69 -40.90
N GLY O 95 -31.29 -7.31 -41.98
CA GLY O 95 -32.59 -7.86 -42.23
C GLY O 95 -33.60 -7.58 -41.13
N ASP O 96 -33.35 -6.56 -40.31
CA ASP O 96 -34.20 -6.34 -39.16
C ASP O 96 -35.65 -6.00 -39.46
N ARG O 97 -35.96 -5.51 -40.65
CA ARG O 97 -37.37 -5.27 -40.97
C ARG O 97 -38.21 -6.59 -41.11
N TYR O 98 -37.52 -7.69 -41.37
CA TYR O 98 -38.13 -9.00 -41.53
C TYR O 98 -38.10 -9.79 -40.22
N ASN O 99 -37.05 -9.62 -39.44
CA ASN O 99 -36.94 -10.23 -38.10
C ASN O 99 -36.04 -9.35 -37.26
N ASN O 100 -36.64 -8.68 -36.27
CA ASN O 100 -35.94 -7.75 -35.39
C ASN O 100 -35.55 -8.32 -34.01
N GLY O 101 -35.48 -9.66 -33.91
CA GLY O 101 -35.14 -10.32 -32.66
C GLY O 101 -36.22 -10.30 -31.57
N LEU O 102 -37.41 -9.81 -31.88
CA LEU O 102 -38.54 -9.85 -30.95
C LEU O 102 -39.54 -10.91 -31.39
N TYR O 103 -39.87 -11.77 -30.42
CA TYR O 103 -40.96 -12.71 -30.54
C TYR O 103 -41.90 -12.32 -29.45
N LYS O 104 -42.60 -13.26 -28.84
CA LYS O 104 -43.43 -12.83 -27.67
C LYS O 104 -42.52 -12.47 -26.46
N ALA P 1 -65.11 -17.29 -7.88
CA ALA P 1 -65.39 -17.11 -9.31
C ALA P 1 -65.70 -18.53 -9.87
N GLU P 2 -66.54 -18.58 -10.89
CA GLU P 2 -67.02 -19.85 -11.50
C GLU P 2 -66.96 -19.74 -12.99
N LEU P 3 -66.94 -20.92 -13.60
CA LEU P 3 -67.10 -21.03 -15.02
C LEU P 3 -68.58 -21.01 -15.30
N THR P 4 -69.14 -19.84 -15.51
CA THR P 4 -70.58 -19.70 -15.65
C THR P 4 -71.05 -19.86 -17.09
N PRO P 5 -72.37 -20.07 -17.29
CA PRO P 5 -72.93 -20.01 -18.64
C PRO P 5 -72.57 -18.72 -19.45
N GLU P 6 -72.49 -17.60 -18.74
CA GLU P 6 -72.06 -16.29 -19.34
C GLU P 6 -70.63 -16.37 -19.85
N VAL P 7 -69.71 -16.88 -19.05
CA VAL P 7 -68.32 -17.06 -19.52
C VAL P 7 -68.30 -17.96 -20.78
N LEU P 8 -69.13 -19.00 -20.73
CA LEU P 8 -69.19 -20.01 -21.79
C LEU P 8 -70.03 -19.56 -22.98
N THR P 9 -70.55 -18.34 -22.96
CA THR P 9 -71.31 -17.81 -24.11
C THR P 9 -70.38 -16.97 -24.99
N VAL P 10 -70.24 -17.44 -26.22
CA VAL P 10 -69.31 -16.90 -27.23
C VAL P 10 -70.00 -16.68 -28.58
N PRO P 11 -69.46 -15.80 -29.41
CA PRO P 11 -70.03 -15.57 -30.72
C PRO P 11 -70.00 -16.78 -31.63
N LEU P 12 -71.17 -17.06 -32.18
CA LEU P 12 -71.32 -18.12 -33.15
C LEU P 12 -70.87 -17.60 -34.54
N ASN P 13 -71.29 -16.38 -34.87
CA ASN P 13 -71.04 -15.88 -36.20
C ASN P 13 -70.72 -14.41 -36.15
N SER P 14 -70.57 -13.80 -37.32
CA SER P 14 -70.24 -12.37 -37.37
C SER P 14 -71.45 -11.47 -37.22
N GLU P 15 -72.64 -12.05 -37.14
CA GLU P 15 -73.90 -11.33 -37.23
C GLU P 15 -74.59 -11.18 -35.90
N GLY P 16 -73.88 -11.36 -34.78
CA GLY P 16 -74.43 -11.12 -33.47
C GLY P 16 -74.98 -12.36 -32.76
N LYS P 17 -75.01 -13.53 -33.40
CA LYS P 17 -75.58 -14.69 -32.72
C LYS P 17 -74.52 -15.29 -31.80
N THR P 18 -74.94 -15.76 -30.64
CA THR P 18 -74.03 -16.47 -29.74
C THR P 18 -74.48 -17.89 -29.49
N ILE P 19 -73.57 -18.67 -28.91
CA ILE P 19 -73.84 -20.05 -28.51
C ILE P 19 -73.27 -20.18 -27.09
N THR P 20 -74.02 -20.87 -26.25
CA THR P 20 -73.63 -21.13 -24.87
C THR P 20 -73.17 -22.56 -24.76
N LEU P 21 -71.87 -22.72 -24.56
CA LEU P 21 -71.24 -24.03 -24.52
C LEU P 21 -71.51 -24.63 -23.15
N THR P 22 -71.65 -25.96 -23.09
CA THR P 22 -71.78 -26.68 -21.82
C THR P 22 -70.40 -26.87 -21.21
N GLU P 23 -70.42 -27.17 -19.92
CA GLU P 23 -69.19 -27.46 -19.24
C GLU P 23 -68.45 -28.66 -19.90
N LYS P 24 -69.20 -29.69 -20.36
CA LYS P 24 -68.58 -30.84 -21.04
C LYS P 24 -67.91 -30.43 -22.35
N GLN P 25 -68.54 -29.49 -23.04
CA GLN P 25 -67.94 -28.95 -24.26
C GLN P 25 -66.67 -28.18 -23.95
N TYR P 26 -66.69 -27.35 -22.90
CA TYR P 26 -65.46 -26.67 -22.49
C TYR P 26 -64.32 -27.68 -22.20
N LEU P 27 -64.60 -28.70 -21.39
CA LEU P 27 -63.61 -29.71 -21.10
C LEU P 27 -63.14 -30.44 -22.33
N GLU P 28 -64.04 -30.76 -23.25
CA GLU P 28 -63.66 -31.44 -24.49
C GLU P 28 -62.77 -30.56 -25.32
N GLY P 29 -63.11 -29.27 -25.33
CA GLY P 29 -62.35 -28.29 -26.11
C GLY P 29 -60.92 -28.18 -25.60
N LYS P 30 -60.76 -28.13 -24.29
CA LYS P 30 -59.43 -28.15 -23.74
C LYS P 30 -58.64 -29.42 -24.11
N ARG P 31 -59.28 -30.55 -24.04
CA ARG P 31 -58.63 -31.81 -24.28
C ARG P 31 -58.21 -31.91 -25.73
N LEU P 32 -59.13 -31.53 -26.62
CA LEU P 32 -58.89 -31.60 -28.04
C LEU P 32 -57.82 -30.57 -28.51
N PHE P 33 -57.85 -29.38 -27.91
CA PHE P 33 -56.83 -28.36 -28.23
C PHE P 33 -55.47 -28.85 -27.78
N GLN P 34 -55.41 -29.45 -26.60
CA GLN P 34 -54.14 -30.06 -26.15
C GLN P 34 -53.70 -31.16 -27.11
N TYR P 35 -54.63 -32.02 -27.50
CA TYR P 35 -54.35 -33.15 -28.40
C TYR P 35 -53.78 -32.70 -29.76
N ALA P 36 -54.44 -31.76 -30.39
CA ALA P 36 -54.13 -31.44 -31.80
C ALA P 36 -53.38 -30.14 -32.06
N CYS P 37 -53.35 -29.25 -31.08
CA CYS P 37 -52.92 -27.82 -31.31
C CYS P 37 -51.84 -27.32 -30.39
N ALA P 38 -51.80 -27.77 -29.14
CA ALA P 38 -50.98 -27.15 -28.12
C ALA P 38 -49.47 -27.31 -28.35
N SER P 39 -49.05 -28.32 -29.11
CA SER P 39 -47.64 -28.46 -29.49
C SER P 39 -47.10 -27.12 -30.13
N CYS P 40 -47.96 -26.36 -30.80
CA CYS P 40 -47.57 -25.06 -31.36
C CYS P 40 -48.25 -23.91 -30.65
N HIS P 41 -49.46 -24.13 -30.13
CA HIS P 41 -50.30 -23.03 -29.69
C HIS P 41 -50.53 -22.96 -28.16
N VAL P 42 -49.69 -23.65 -27.41
CA VAL P 42 -49.73 -23.60 -25.96
C VAL P 42 -49.93 -22.22 -25.39
N GLY P 43 -50.95 -22.05 -24.60
CA GLY P 43 -51.16 -20.76 -23.94
C GLY P 43 -51.61 -19.62 -24.87
N GLY P 44 -52.02 -19.95 -26.12
CA GLY P 44 -52.55 -18.98 -27.09
C GLY P 44 -51.50 -18.28 -27.97
N ILE P 45 -50.24 -18.66 -27.85
CA ILE P 45 -49.23 -18.16 -28.78
C ILE P 45 -49.11 -19.09 -29.96
N THR P 46 -48.08 -18.84 -30.80
CA THR P 46 -47.79 -19.71 -31.93
C THR P 46 -46.29 -19.90 -31.99
N LYS P 47 -45.80 -21.08 -31.65
CA LYS P 47 -44.37 -21.25 -31.51
C LYS P 47 -43.59 -21.14 -32.86
N THR P 48 -44.20 -21.55 -33.94
CA THR P 48 -43.55 -21.51 -35.22
C THR P 48 -43.79 -20.19 -35.97
N ASN P 49 -44.61 -19.33 -35.37
CA ASN P 49 -44.73 -17.93 -35.84
C ASN P 49 -45.29 -17.05 -34.78
N PRO P 50 -44.43 -16.57 -33.91
CA PRO P 50 -44.89 -15.84 -32.74
C PRO P 50 -45.57 -14.54 -33.02
N SER P 51 -45.48 -14.07 -34.26
CA SER P 51 -46.17 -12.82 -34.64
C SER P 51 -47.70 -12.93 -34.62
N LEU P 52 -48.23 -14.15 -34.82
CA LEU P 52 -49.67 -14.42 -34.86
C LEU P 52 -50.04 -15.21 -33.62
N ASP P 53 -51.01 -14.71 -32.88
CA ASP P 53 -51.46 -15.37 -31.67
C ASP P 53 -52.97 -15.72 -31.76
N LEU P 54 -53.50 -16.29 -30.72
CA LEU P 54 -54.91 -16.69 -30.71
C LEU P 54 -55.73 -15.77 -29.86
N ARG P 55 -55.25 -14.54 -29.67
CA ARG P 55 -56.05 -13.57 -28.90
CA ARG P 55 -56.06 -13.59 -28.91
C ARG P 55 -57.30 -13.23 -29.70
N THR P 56 -58.40 -12.97 -28.99
CA THR P 56 -59.65 -12.65 -29.63
C THR P 56 -59.57 -11.43 -30.56
N GLU P 57 -58.86 -10.40 -30.10
CA GLU P 57 -58.73 -9.15 -30.87
C GLU P 57 -57.91 -9.41 -32.14
N THR P 58 -56.93 -10.30 -32.07
CA THR P 58 -56.17 -10.70 -33.25
C THR P 58 -57.04 -11.47 -34.23
N LEU P 59 -57.80 -12.39 -33.70
CA LEU P 59 -58.68 -13.17 -34.52
C LEU P 59 -59.76 -12.29 -35.20
N ALA P 60 -60.18 -11.23 -34.50
CA ALA P 60 -61.18 -10.32 -35.07
C ALA P 60 -60.69 -9.61 -36.30
N LEU P 61 -59.39 -9.32 -36.34
CA LEU P 61 -58.74 -8.57 -37.45
C LEU P 61 -58.18 -9.43 -38.57
N ALA P 62 -58.27 -10.74 -38.37
CA ALA P 62 -57.97 -11.69 -39.44
C ALA P 62 -59.06 -11.59 -40.52
N THR P 63 -58.70 -12.06 -41.70
CA THR P 63 -59.59 -12.10 -42.86
C THR P 63 -59.65 -13.56 -43.36
N PRO P 64 -60.85 -14.14 -43.53
CA PRO P 64 -62.07 -13.59 -42.96
C PRO P 64 -61.98 -13.61 -41.47
N PRO P 65 -62.92 -12.95 -40.78
CA PRO P 65 -62.85 -12.90 -39.29
C PRO P 65 -62.86 -14.28 -38.60
N ARG P 66 -61.98 -14.46 -37.60
CA ARG P 66 -61.85 -15.70 -36.93
C ARG P 66 -62.25 -15.62 -35.48
N ASP P 67 -62.92 -14.54 -35.06
CA ASP P 67 -63.28 -14.38 -33.67
C ASP P 67 -64.68 -14.90 -33.40
N ASN P 68 -65.06 -16.00 -34.04
CA ASN P 68 -66.34 -16.61 -33.77
C ASN P 68 -66.24 -18.07 -34.14
N ILE P 69 -67.23 -18.85 -33.68
CA ILE P 69 -67.22 -20.29 -33.90
C ILE P 69 -67.12 -20.61 -35.40
N GLU P 70 -67.94 -19.97 -36.23
CA GLU P 70 -67.94 -20.33 -37.65
C GLU P 70 -66.56 -20.07 -38.28
N GLY P 71 -65.93 -18.94 -37.91
CA GLY P 71 -64.64 -18.57 -38.53
C GLY P 71 -63.55 -19.55 -38.15
N LEU P 72 -63.56 -19.96 -36.88
CA LEU P 72 -62.58 -20.92 -36.38
C LEU P 72 -62.78 -22.33 -36.91
N VAL P 73 -64.03 -22.76 -37.00
CA VAL P 73 -64.34 -24.07 -37.60
C VAL P 73 -63.89 -24.12 -39.05
N ASP P 74 -64.15 -23.05 -39.79
CA ASP P 74 -63.71 -22.92 -41.17
C ASP P 74 -62.17 -22.93 -41.24
N TYR P 75 -61.53 -22.23 -40.31
CA TYR P 75 -60.04 -22.22 -40.25
C TYR P 75 -59.46 -23.63 -40.13
N MET P 76 -60.08 -24.46 -39.27
CA MET P 76 -59.65 -25.84 -39.08
C MET P 76 -59.91 -26.78 -40.25
N LYS P 77 -60.76 -26.37 -41.18
CA LYS P 77 -61.02 -27.06 -42.45
C LYS P 77 -60.13 -26.57 -43.58
N ASN P 78 -59.97 -25.24 -43.66
CA ASN P 78 -59.28 -24.59 -44.79
C ASN P 78 -58.53 -23.34 -44.29
N PRO P 79 -57.43 -23.55 -43.54
CA PRO P 79 -56.69 -22.42 -42.95
C PRO P 79 -56.09 -21.53 -44.04
N THR P 80 -56.07 -20.24 -43.75
CA THR P 80 -55.50 -19.21 -44.58
C THR P 80 -54.45 -18.38 -43.83
N THR P 81 -53.64 -17.65 -44.61
CA THR P 81 -52.85 -16.57 -44.02
C THR P 81 -53.77 -15.52 -43.41
N TYR P 82 -53.19 -14.58 -42.64
CA TYR P 82 -53.97 -13.61 -41.84
C TYR P 82 -54.81 -12.69 -42.68
N ASP P 83 -54.37 -12.47 -43.93
CA ASP P 83 -55.09 -11.62 -44.91
C ASP P 83 -56.01 -12.41 -45.80
N GLY P 84 -56.18 -13.70 -45.55
CA GLY P 84 -57.10 -14.53 -46.35
C GLY P 84 -56.57 -14.92 -47.69
N GLU P 85 -55.36 -14.45 -48.02
CA GLU P 85 -54.91 -14.46 -49.38
C GLU P 85 -54.40 -15.84 -49.84
N GLN P 86 -53.76 -16.62 -48.95
CA GLN P 86 -53.24 -17.95 -49.31
C GLN P 86 -53.87 -19.01 -48.43
N GLU P 87 -54.17 -20.13 -49.06
CA GLU P 87 -54.60 -21.37 -48.36
C GLU P 87 -53.38 -22.14 -47.90
N ILE P 88 -53.31 -22.41 -46.59
CA ILE P 88 -52.10 -23.01 -45.99
C ILE P 88 -52.27 -24.43 -45.44
N ALA P 89 -53.26 -25.17 -45.93
CA ALA P 89 -53.50 -26.54 -45.49
C ALA P 89 -52.24 -27.39 -45.64
N GLU P 90 -51.39 -27.11 -46.63
CA GLU P 90 -50.21 -27.96 -46.80
C GLU P 90 -49.17 -27.86 -45.67
N VAL P 91 -49.24 -26.79 -44.89
CA VAL P 91 -48.30 -26.55 -43.76
C VAL P 91 -48.99 -26.26 -42.41
N HIS P 92 -50.32 -26.30 -42.37
CA HIS P 92 -51.06 -26.10 -41.14
C HIS P 92 -52.14 -27.20 -41.01
N PRO P 93 -52.18 -27.88 -39.87
CA PRO P 93 -53.21 -28.90 -39.63
C PRO P 93 -54.61 -28.44 -39.99
N SER P 94 -55.30 -29.31 -40.71
CA SER P 94 -56.69 -29.02 -41.16
C SER P 94 -57.36 -30.30 -41.53
N LEU P 95 -58.68 -30.27 -41.62
CA LEU P 95 -59.35 -31.49 -42.11
C LEU P 95 -59.00 -31.75 -43.55
N ARG P 96 -58.78 -30.68 -44.29
CA ARG P 96 -58.41 -30.81 -45.68
C ARG P 96 -57.06 -31.48 -45.85
N SER P 97 -56.16 -31.30 -44.89
CA SER P 97 -54.81 -31.91 -44.95
C SER P 97 -54.65 -33.02 -43.89
N ALA P 98 -55.77 -33.69 -43.55
CA ALA P 98 -55.72 -34.80 -42.57
C ALA P 98 -54.85 -35.96 -43.02
N ASP P 99 -54.62 -36.04 -44.31
CA ASP P 99 -53.71 -37.04 -44.86
C ASP P 99 -52.31 -36.83 -44.38
N ILE P 100 -51.87 -35.58 -44.25
CA ILE P 100 -50.48 -35.24 -43.85
C ILE P 100 -50.38 -34.78 -42.43
N PHE P 101 -51.50 -34.45 -41.80
CA PHE P 101 -51.57 -34.17 -40.36
C PHE P 101 -52.56 -35.21 -39.72
N PRO P 102 -52.07 -36.43 -39.45
CA PRO P 102 -52.96 -37.55 -39.16
C PRO P 102 -53.77 -37.38 -37.87
N LYS P 103 -53.34 -36.50 -36.97
CA LYS P 103 -54.16 -36.26 -35.78
C LYS P 103 -55.47 -35.62 -36.14
N MET P 104 -55.59 -35.05 -37.34
CA MET P 104 -56.83 -34.41 -37.77
C MET P 104 -57.80 -35.41 -38.27
N ARG P 105 -57.33 -36.63 -38.53
CA ARG P 105 -58.18 -37.67 -39.11
C ARG P 105 -59.38 -38.10 -38.28
N ASN P 106 -59.27 -37.99 -36.97
CA ASN P 106 -60.30 -38.45 -36.08
CA ASN P 106 -60.32 -38.45 -36.10
C ASN P 106 -61.16 -37.30 -35.56
N LEU P 107 -60.87 -36.07 -35.97
CA LEU P 107 -61.65 -34.96 -35.47
C LEU P 107 -62.96 -34.83 -36.24
N THR P 108 -64.04 -34.78 -35.47
CA THR P 108 -65.40 -34.63 -36.02
C THR P 108 -65.77 -33.18 -36.00
N GLU P 109 -66.89 -32.86 -36.63
CA GLU P 109 -67.40 -31.50 -36.64
C GLU P 109 -67.67 -31.02 -35.21
N LYS P 110 -68.26 -31.90 -34.40
CA LYS P 110 -68.48 -31.60 -32.98
C LYS P 110 -67.17 -31.18 -32.27
N ASP P 111 -66.13 -31.93 -32.58
CA ASP P 111 -64.82 -31.71 -32.00
C ASP P 111 -64.27 -30.31 -32.41
N LEU P 112 -64.43 -29.94 -33.68
CA LEU P 112 -63.97 -28.62 -34.15
C LEU P 112 -64.71 -27.50 -33.40
N VAL P 113 -66.02 -27.67 -33.15
CA VAL P 113 -66.79 -26.68 -32.44
C VAL P 113 -66.22 -26.54 -31.03
N ALA P 114 -65.86 -27.67 -30.42
CA ALA P 114 -65.32 -27.66 -29.05
C ALA P 114 -63.97 -26.94 -28.98
N ILE P 115 -63.11 -27.24 -29.95
CA ILE P 115 -61.80 -26.57 -30.01
C ILE P 115 -62.00 -25.05 -30.20
N ALA P 116 -62.91 -24.68 -31.10
CA ALA P 116 -63.22 -23.31 -31.35
C ALA P 116 -63.69 -22.61 -30.09
N GLY P 117 -64.58 -23.26 -29.33
CA GLY P 117 -65.09 -22.70 -28.10
C GLY P 117 -64.00 -22.51 -27.08
N HIS P 118 -63.05 -23.44 -27.02
CA HIS P 118 -61.93 -23.28 -26.14
C HIS P 118 -61.11 -22.03 -26.48
N ILE P 119 -60.85 -21.83 -27.76
CA ILE P 119 -60.02 -20.66 -28.20
C ILE P 119 -60.73 -19.38 -27.81
N LEU P 120 -62.05 -19.36 -27.90
CA LEU P 120 -62.80 -18.12 -27.52
C LEU P 120 -62.99 -17.94 -26.02
N VAL P 121 -63.13 -19.06 -25.31
CA VAL P 121 -63.43 -18.98 -23.87
C VAL P 121 -62.18 -18.67 -23.06
N GLU P 122 -61.07 -19.32 -23.40
CA GLU P 122 -59.89 -19.22 -22.57
C GLU P 122 -59.40 -17.79 -22.26
N PRO P 123 -59.39 -16.88 -23.23
CA PRO P 123 -58.99 -15.52 -22.85
C PRO P 123 -59.98 -14.83 -21.91
N LYS P 124 -61.25 -15.19 -21.97
CA LYS P 124 -62.25 -14.71 -21.03
C LYS P 124 -61.90 -15.07 -19.61
N ILE P 125 -61.23 -16.18 -19.45
CA ILE P 125 -60.72 -16.67 -18.16
C ILE P 125 -59.37 -16.07 -17.86
N LEU P 126 -58.42 -16.24 -18.79
CA LEU P 126 -57.04 -15.97 -18.50
C LEU P 126 -56.56 -14.56 -18.81
N GLY P 127 -57.36 -13.76 -19.52
CA GLY P 127 -56.98 -12.41 -19.87
C GLY P 127 -55.68 -12.39 -20.68
N ASP P 128 -54.77 -11.50 -20.35
CA ASP P 128 -53.57 -11.28 -21.15
C ASP P 128 -52.62 -12.49 -21.18
N LYS P 129 -52.73 -13.38 -20.22
CA LYS P 129 -51.95 -14.61 -20.28
C LYS P 129 -52.23 -15.33 -21.59
N TRP P 130 -53.49 -15.35 -22.04
CA TRP P 130 -53.83 -15.98 -23.30
C TRP P 130 -53.20 -15.17 -24.45
N GLY P 131 -52.25 -15.82 -25.14
CA GLY P 131 -51.49 -15.20 -26.22
C GLY P 131 -50.43 -14.26 -25.71
N GLY P 132 -50.20 -14.25 -24.40
CA GLY P 132 -49.25 -13.35 -23.82
C GLY P 132 -47.79 -13.83 -23.84
N GLY P 133 -47.61 -15.14 -23.86
CA GLY P 133 -46.31 -15.76 -23.74
C GLY P 133 -45.67 -15.57 -22.36
N LYS P 134 -44.33 -15.79 -22.29
CA LYS P 134 -43.64 -15.92 -21.02
C LYS P 134 -43.75 -14.71 -20.10
N VAL P 135 -43.84 -13.56 -20.69
CA VAL P 135 -43.99 -12.33 -19.89
C VAL P 135 -45.09 -12.49 -18.87
N TYR P 136 -46.21 -13.16 -19.20
CA TYR P 136 -47.35 -13.21 -18.30
C TYR P 136 -47.47 -14.53 -17.53
N TYR P 137 -46.49 -15.43 -17.63
CA TYR P 137 -46.57 -16.73 -16.96
C TYR P 137 -46.66 -16.55 -15.44
N VAL Q 2 -61.19 -48.20 -13.07
CA VAL Q 2 -61.29 -47.86 -11.62
C VAL Q 2 -61.25 -49.15 -10.79
N ILE Q 3 -62.37 -49.90 -10.81
CA ILE Q 3 -62.59 -51.13 -9.98
C ILE Q 3 -61.89 -52.37 -10.58
N ALA Q 4 -61.90 -52.50 -11.91
CA ALA Q 4 -61.32 -53.66 -12.60
C ALA Q 4 -59.82 -53.69 -12.36
N GLN Q 5 -59.15 -52.56 -12.64
CA GLN Q 5 -57.67 -52.44 -12.43
C GLN Q 5 -57.22 -52.64 -10.97
N LEU Q 6 -58.00 -52.07 -10.02
CA LEU Q 6 -57.73 -52.21 -8.57
C LEU Q 6 -58.03 -53.65 -8.06
N THR Q 7 -59.10 -54.29 -8.56
CA THR Q 7 -59.34 -55.71 -8.24
CA THR Q 7 -59.36 -55.71 -8.23
C THR Q 7 -58.20 -56.63 -8.75
N MET Q 8 -57.75 -56.39 -10.00
CA MET Q 8 -56.66 -57.18 -10.63
C MET Q 8 -55.45 -57.06 -9.77
N ILE Q 9 -54.99 -55.81 -9.58
CA ILE Q 9 -53.72 -55.63 -8.84
C ILE Q 9 -53.82 -56.16 -7.40
N ALA Q 10 -55.04 -56.22 -6.86
CA ALA Q 10 -55.28 -56.82 -5.56
C ALA Q 10 -55.06 -58.35 -5.58
N MET Q 11 -55.61 -59.06 -6.56
CA MET Q 11 -55.33 -60.52 -6.64
C MET Q 11 -53.87 -60.90 -7.04
N ILE Q 12 -53.34 -60.19 -8.04
CA ILE Q 12 -51.94 -60.34 -8.40
C ILE Q 12 -51.09 -59.94 -7.20
N GLY Q 13 -51.49 -58.86 -6.50
CA GLY Q 13 -50.68 -58.35 -5.40
C GLY Q 13 -50.61 -59.33 -4.23
N ILE Q 14 -51.72 -59.99 -3.94
CA ILE Q 14 -51.75 -60.93 -2.84
C ILE Q 14 -51.05 -62.26 -3.18
N ALA Q 15 -50.87 -62.59 -4.46
CA ALA Q 15 -50.37 -63.92 -4.82
C ALA Q 15 -49.03 -64.21 -4.13
N GLY Q 16 -48.10 -63.25 -4.12
CA GLY Q 16 -46.79 -63.48 -3.56
C GLY Q 16 -46.84 -63.74 -2.08
N PRO Q 17 -47.41 -62.78 -1.30
CA PRO Q 17 -47.58 -63.04 0.13
C PRO Q 17 -48.37 -64.31 0.48
N MET Q 18 -49.35 -64.71 -0.37
CA MET Q 18 -50.16 -65.94 -0.21
C MET Q 18 -49.26 -67.16 -0.31
N ILE Q 19 -48.34 -67.16 -1.27
CA ILE Q 19 -47.40 -68.26 -1.44
C ILE Q 19 -46.56 -68.41 -0.16
N ILE Q 20 -46.09 -67.30 0.40
CA ILE Q 20 -45.22 -67.37 1.56
C ILE Q 20 -46.06 -67.86 2.74
N PHE Q 21 -47.26 -67.31 2.85
CA PHE Q 21 -48.16 -67.65 3.93
C PHE Q 21 -48.55 -69.13 3.87
N LEU Q 22 -48.91 -69.61 2.69
CA LEU Q 22 -49.27 -71.01 2.57
C LEU Q 22 -48.10 -71.88 2.99
N LEU Q 23 -46.87 -71.55 2.55
CA LEU Q 23 -45.72 -72.32 2.94
C LEU Q 23 -45.37 -72.26 4.47
N ALA Q 24 -45.51 -71.09 5.08
CA ALA Q 24 -45.26 -70.97 6.52
C ALA Q 24 -46.20 -71.85 7.34
N VAL Q 25 -47.47 -71.87 6.95
CA VAL Q 25 -48.54 -72.67 7.55
C VAL Q 25 -48.18 -74.14 7.41
N ARG Q 26 -47.69 -74.54 6.25
CA ARG Q 26 -47.30 -75.95 6.01
C ARG Q 26 -45.91 -76.37 6.51
N ARG Q 27 -45.19 -75.46 7.16
CA ARG Q 27 -43.79 -75.67 7.51
C ARG Q 27 -43.00 -76.07 6.27
N GLY Q 28 -43.25 -75.36 5.17
CA GLY Q 28 -42.57 -75.66 3.88
C GLY Q 28 -41.13 -75.20 3.87
N ASN Q 29 -40.44 -75.43 2.76
CA ASN Q 29 -39.00 -75.17 2.64
C ASN Q 29 -38.65 -73.69 2.33
N LEU Q 30 -39.07 -72.79 3.20
CA LEU Q 30 -38.79 -71.37 2.99
C LEU Q 30 -37.29 -71.06 3.22
N MET R 1 -59.23 2.98 35.25
CA MET R 1 -57.91 2.70 34.59
C MET R 1 -58.05 2.67 33.05
N THR R 2 -56.93 2.87 32.35
CA THR R 2 -56.91 2.94 30.85
C THR R 2 -56.37 1.67 30.17
N ILE R 3 -57.22 0.64 30.14
CA ILE R 3 -56.83 -0.67 29.66
C ILE R 3 -57.28 -0.77 28.22
N THR R 4 -56.30 -0.63 27.33
CA THR R 4 -56.58 -0.66 25.91
C THR R 4 -56.90 -2.12 25.53
N PRO R 5 -57.43 -2.33 24.33
CA PRO R 5 -57.72 -3.75 24.00
C PRO R 5 -56.44 -4.61 23.96
N SER R 6 -55.32 -4.02 23.56
CA SER R 6 -54.06 -4.80 23.46
C SER R 6 -53.45 -5.06 24.87
N LEU R 7 -53.68 -4.19 25.84
CA LEU R 7 -53.24 -4.48 27.24
C LEU R 7 -54.06 -5.62 27.81
N LYS R 8 -55.36 -5.60 27.54
CA LYS R 8 -56.24 -6.71 27.92
C LYS R 8 -55.73 -8.03 27.24
N GLY R 9 -55.43 -7.92 25.97
CA GLY R 9 -54.76 -9.08 25.28
C GLY R 9 -53.48 -9.56 25.93
N PHE R 10 -52.62 -8.61 26.29
CA PHE R 10 -51.39 -8.91 27.00
C PHE R 10 -51.65 -9.72 28.28
N PHE R 11 -52.60 -9.24 29.09
CA PHE R 11 -53.02 -9.96 30.27
C PHE R 11 -53.57 -11.36 29.99
N ILE R 12 -54.35 -11.46 28.94
CA ILE R 12 -54.84 -12.77 28.49
C ILE R 12 -53.69 -13.69 28.12
N GLY R 13 -52.72 -13.17 27.38
CA GLY R 13 -51.53 -13.98 27.08
C GLY R 13 -50.76 -14.41 28.33
N LEU R 14 -50.67 -13.48 29.27
CA LEU R 14 -49.88 -13.71 30.46
C LEU R 14 -50.53 -14.80 31.32
N LEU R 15 -51.80 -14.60 31.56
CA LEU R 15 -52.65 -15.57 32.25
CA LEU R 15 -52.61 -15.59 32.28
C LEU R 15 -52.60 -16.95 31.60
N SER R 16 -52.73 -16.96 30.29
CA SER R 16 -52.66 -18.25 29.57
C SER R 16 -51.36 -18.97 29.72
N GLY R 17 -50.26 -18.22 29.65
CA GLY R 17 -48.96 -18.82 29.83
C GLY R 17 -48.75 -19.34 31.25
N ALA R 18 -49.24 -18.57 32.22
CA ALA R 18 -49.13 -18.95 33.62
C ALA R 18 -49.97 -20.16 33.87
N VAL R 19 -51.10 -20.34 33.16
CA VAL R 19 -51.95 -21.51 33.34
C VAL R 19 -51.27 -22.75 32.73
N VAL R 20 -50.75 -22.59 31.54
CA VAL R 20 -50.06 -23.70 30.88
C VAL R 20 -48.90 -24.17 31.75
N LEU R 21 -48.09 -23.22 32.20
CA LEU R 21 -46.94 -23.60 33.04
C LEU R 21 -47.33 -24.12 34.42
N GLY R 22 -48.28 -23.45 35.05
CA GLY R 22 -48.85 -23.91 36.31
C GLY R 22 -49.38 -25.32 36.28
N LEU R 23 -50.23 -25.62 35.30
CA LEU R 23 -50.78 -26.97 35.15
C LEU R 23 -49.68 -27.98 34.82
N THR R 24 -48.75 -27.59 33.96
CA THR R 24 -47.67 -28.50 33.60
C THR R 24 -46.90 -28.91 34.86
N PHE R 25 -46.48 -27.92 35.65
CA PHE R 25 -45.74 -28.21 36.88
C PHE R 25 -46.58 -28.94 37.92
N ALA R 26 -47.85 -28.56 38.05
CA ALA R 26 -48.74 -29.25 39.00
C ALA R 26 -48.78 -30.76 38.66
N VAL R 27 -48.98 -31.07 37.39
CA VAL R 27 -49.08 -32.46 36.94
C VAL R 27 -47.74 -33.22 37.12
N LEU R 28 -46.64 -32.61 36.70
CA LEU R 28 -45.31 -33.24 36.85
C LEU R 28 -44.95 -33.51 38.33
N ILE R 29 -45.24 -32.54 39.21
CA ILE R 29 -45.00 -32.70 40.65
C ILE R 29 -45.82 -33.87 41.15
N ALA R 30 -47.10 -33.87 40.76
CA ALA R 30 -48.03 -34.90 41.22
C ALA R 30 -47.58 -36.29 40.83
N ILE R 31 -47.27 -36.48 39.57
CA ILE R 31 -46.74 -37.75 39.06
C ILE R 31 -45.42 -38.16 39.77
N SER R 32 -44.50 -37.21 39.92
CA SER R 32 -43.23 -37.47 40.60
C SER R 32 -43.38 -38.03 42.03
N GLN R 33 -44.41 -37.50 42.72
CA GLN R 33 -44.76 -37.85 44.09
C GLN R 33 -45.45 -39.20 44.17
N ILE R 34 -46.26 -39.50 43.17
CA ILE R 34 -46.92 -40.81 43.05
C ILE R 34 -45.93 -41.94 42.74
N ASP R 35 -45.05 -41.68 41.78
CA ASP R 35 -44.20 -42.68 41.19
C ASP R 35 -42.73 -42.40 41.49
N LYS R 36 -42.32 -42.76 42.69
CA LYS R 36 -40.98 -42.44 43.17
C LYS R 36 -39.96 -43.50 42.85
N VAL R 37 -38.72 -43.07 42.73
CA VAL R 37 -37.59 -43.95 42.47
C VAL R 37 -37.35 -44.77 43.73
N GLN R 38 -37.01 -46.05 43.57
CA GLN R 38 -36.60 -46.91 44.68
C GLN R 38 -35.09 -46.71 44.89
N ARG R 39 -34.69 -46.47 46.13
CA ARG R 39 -33.27 -46.21 46.46
C ARG R 39 -32.69 -47.19 47.49
N SER R 40 -31.38 -47.01 47.72
CA SER R 40 -30.60 -47.55 48.85
C SER R 40 -31.19 -47.09 50.20
N MET S 1 -67.34 -69.47 -32.66
CA MET S 1 -66.01 -69.64 -32.03
C MET S 1 -65.71 -68.58 -30.95
N THR S 2 -66.41 -67.44 -30.95
CA THR S 2 -66.17 -66.41 -29.92
C THR S 2 -66.40 -66.85 -28.46
N ILE S 3 -67.52 -67.52 -28.20
CA ILE S 3 -67.74 -68.17 -26.89
C ILE S 3 -66.59 -69.11 -26.50
N LEU S 4 -66.12 -69.93 -27.46
CA LEU S 4 -65.04 -70.89 -27.20
C LEU S 4 -63.79 -70.11 -26.84
N PHE S 5 -63.44 -69.14 -27.68
CA PHE S 5 -62.29 -68.24 -27.48
C PHE S 5 -62.24 -67.61 -26.09
N GLN S 6 -63.29 -66.85 -25.80
CA GLN S 6 -63.34 -65.97 -24.65
C GLN S 6 -63.23 -66.80 -23.35
N LEU S 7 -63.86 -67.97 -23.36
CA LEU S 7 -63.79 -68.92 -22.30
C LEU S 7 -62.43 -69.57 -22.20
N ALA S 8 -61.90 -70.01 -23.35
CA ALA S 8 -60.59 -70.63 -23.39
C ALA S 8 -59.56 -69.66 -22.80
N LEU S 9 -59.74 -68.37 -23.11
CA LEU S 9 -58.81 -67.34 -22.64
C LEU S 9 -58.99 -67.04 -21.13
N ALA S 10 -60.23 -66.93 -20.66
CA ALA S 10 -60.41 -66.81 -19.21
C ALA S 10 -59.93 -68.08 -18.45
N ALA S 11 -60.10 -69.26 -19.04
CA ALA S 11 -59.59 -70.52 -18.47
C ALA S 11 -58.05 -70.50 -18.36
N LEU S 12 -57.42 -70.04 -19.43
CA LEU S 12 -55.95 -69.80 -19.41
C LEU S 12 -55.50 -68.82 -18.32
N VAL S 13 -56.23 -67.75 -18.11
CA VAL S 13 -55.87 -66.79 -17.10
C VAL S 13 -56.02 -67.42 -15.71
N ILE S 14 -57.15 -68.09 -15.50
CA ILE S 14 -57.47 -68.67 -14.23
C ILE S 14 -56.48 -69.76 -13.92
N LEU S 15 -56.19 -70.64 -14.90
CA LEU S 15 -55.20 -71.71 -14.70
C LEU S 15 -53.81 -71.14 -14.38
N SER S 16 -53.41 -70.10 -15.12
CA SER S 16 -52.16 -69.41 -14.87
C SER S 16 -52.05 -68.96 -13.41
N PHE S 17 -53.10 -68.34 -12.88
CA PHE S 17 -53.11 -67.85 -11.50
C PHE S 17 -52.99 -69.05 -10.53
N VAL S 18 -53.65 -70.16 -10.85
CA VAL S 18 -53.61 -71.34 -10.00
C VAL S 18 -52.19 -71.88 -9.95
N MET S 19 -51.55 -71.99 -11.13
CA MET S 19 -50.19 -72.48 -11.27
C MET S 19 -49.19 -71.52 -10.59
N VAL S 20 -49.39 -70.21 -10.73
CA VAL S 20 -48.51 -69.21 -10.12
C VAL S 20 -48.39 -69.41 -8.59
N ILE S 21 -49.51 -69.66 -7.93
CA ILE S 21 -49.47 -70.01 -6.48
C ILE S 21 -49.05 -71.46 -6.26
N GLY S 22 -49.66 -72.37 -6.97
CA GLY S 22 -49.52 -73.79 -6.69
C GLY S 22 -48.18 -74.40 -6.94
N VAL S 23 -47.49 -73.97 -8.00
CA VAL S 23 -46.21 -74.62 -8.37
C VAL S 23 -45.15 -74.37 -7.30
N PRO S 24 -44.92 -73.08 -6.89
CA PRO S 24 -43.95 -72.87 -5.81
C PRO S 24 -44.34 -73.53 -4.47
N VAL S 25 -45.63 -73.45 -4.11
CA VAL S 25 -46.09 -74.06 -2.87
C VAL S 25 -45.83 -75.57 -2.92
N ALA S 26 -46.16 -76.20 -4.04
CA ALA S 26 -45.92 -77.66 -4.23
C ALA S 26 -44.44 -77.99 -4.09
N TYR S 27 -43.62 -77.30 -4.84
CA TYR S 27 -42.18 -77.55 -4.80
C TYR S 27 -41.53 -77.42 -3.42
N ALA S 28 -42.01 -76.46 -2.63
CA ALA S 28 -41.47 -76.23 -1.28
C ALA S 28 -42.23 -76.94 -0.18
N SER S 29 -43.24 -77.73 -0.51
CA SER S 29 -44.05 -78.44 0.49
C SER S 29 -43.46 -79.82 0.80
N PRO S 30 -43.48 -80.22 2.09
CA PRO S 30 -42.84 -81.49 2.44
C PRO S 30 -43.68 -82.72 2.02
N GLN S 31 -44.98 -82.69 2.32
CA GLN S 31 -45.88 -83.83 2.01
C GLN S 31 -46.47 -83.70 0.59
N ASP S 32 -47.02 -84.83 0.13
CA ASP S 32 -47.85 -84.93 -1.11
C ASP S 32 -47.12 -84.52 -2.37
N TRP S 33 -45.81 -84.71 -2.40
CA TRP S 33 -45.03 -84.41 -3.59
C TRP S 33 -45.44 -85.32 -4.78
N ASP S 34 -45.80 -86.58 -4.51
CA ASP S 34 -46.28 -87.55 -5.52
C ASP S 34 -47.50 -87.01 -6.29
N ARG S 35 -48.55 -86.68 -5.54
CA ARG S 35 -49.80 -86.08 -6.06
C ARG S 35 -49.52 -84.73 -6.72
N SER S 36 -48.80 -83.87 -6.00
CA SER S 36 -48.43 -82.54 -6.54
C SER S 36 -47.76 -82.63 -7.90
N LYS S 37 -46.82 -83.56 -8.02
CA LYS S 37 -46.03 -83.63 -9.22
C LYS S 37 -46.87 -83.95 -10.43
N GLN S 38 -47.81 -84.90 -10.28
CA GLN S 38 -48.79 -85.25 -11.32
C GLN S 38 -49.64 -84.03 -11.73
N LEU S 39 -50.18 -83.34 -10.75
CA LEU S 39 -51.01 -82.17 -10.99
C LEU S 39 -50.25 -81.05 -11.78
N ILE S 40 -48.98 -80.85 -11.46
CA ILE S 40 -48.15 -79.85 -12.14
C ILE S 40 -47.95 -80.30 -13.58
N PHE S 41 -47.70 -81.60 -13.79
CA PHE S 41 -47.68 -82.14 -15.13
C PHE S 41 -48.98 -81.86 -15.87
N LEU S 42 -50.10 -82.21 -15.22
CA LEU S 42 -51.43 -81.97 -15.77
C LEU S 42 -51.65 -80.51 -16.13
N GLY S 43 -51.48 -79.65 -15.12
CA GLY S 43 -51.59 -78.20 -15.28
C GLY S 43 -50.73 -77.66 -16.37
N SER S 44 -49.50 -78.15 -16.49
CA SER S 44 -48.54 -77.69 -17.52
C SER S 44 -48.99 -78.08 -18.90
N GLY S 45 -49.32 -79.36 -19.13
CA GLY S 45 -49.86 -79.72 -20.46
C GLY S 45 -51.16 -79.00 -20.83
N LEU S 46 -52.01 -78.78 -19.84
CA LEU S 46 -53.29 -78.11 -20.04
C LEU S 46 -53.07 -76.65 -20.36
N TRP S 47 -52.12 -76.05 -19.66
CA TRP S 47 -51.72 -74.64 -19.94
C TRP S 47 -51.22 -74.47 -21.38
N ILE S 48 -50.29 -75.33 -21.78
CA ILE S 48 -49.80 -75.34 -23.16
C ILE S 48 -50.96 -75.53 -24.16
N ALA S 49 -51.88 -76.46 -23.90
CA ALA S 49 -52.97 -76.70 -24.82
C ALA S 49 -53.81 -75.46 -25.03
N LEU S 50 -54.15 -74.83 -23.92
CA LEU S 50 -54.97 -73.65 -23.90
C LEU S 50 -54.31 -72.48 -24.62
N VAL S 51 -53.00 -72.32 -24.46
CA VAL S 51 -52.27 -71.33 -25.24
C VAL S 51 -52.49 -71.60 -26.73
N LEU S 52 -52.37 -72.88 -27.17
CA LEU S 52 -52.50 -73.20 -28.60
C LEU S 52 -53.93 -72.99 -29.08
N VAL S 53 -54.89 -73.36 -28.26
CA VAL S 53 -56.29 -73.07 -28.56
C VAL S 53 -56.60 -71.56 -28.72
N VAL S 54 -56.13 -70.74 -27.78
CA VAL S 54 -56.36 -69.28 -27.91
C VAL S 54 -55.67 -68.77 -29.16
N GLY S 55 -54.44 -69.21 -29.33
CA GLY S 55 -53.67 -68.84 -30.51
C GLY S 55 -54.35 -69.14 -31.84
N VAL S 56 -54.93 -70.32 -31.95
CA VAL S 56 -55.68 -70.71 -33.17
C VAL S 56 -56.97 -69.89 -33.27
N LEU S 57 -57.71 -69.89 -32.19
CA LEU S 57 -59.04 -69.24 -32.19
C LEU S 57 -58.98 -67.72 -32.36
N ASN S 58 -57.83 -67.16 -31.97
CA ASN S 58 -57.54 -65.76 -32.25
C ASN S 58 -57.98 -65.31 -33.65
N PHE S 59 -57.61 -66.13 -34.64
CA PHE S 59 -57.83 -65.84 -36.04
C PHE S 59 -59.25 -65.92 -36.51
N PHE S 60 -60.11 -66.55 -35.72
CA PHE S 60 -61.51 -66.73 -36.07
C PHE S 60 -62.40 -65.75 -35.29
N VAL S 61 -61.80 -64.89 -34.47
CA VAL S 61 -62.53 -63.80 -33.75
C VAL S 61 -62.06 -62.39 -34.13
N VAL S 62 -60.77 -62.29 -34.45
CA VAL S 62 -60.12 -61.06 -34.93
C VAL S 62 -60.60 -60.88 -36.38
N ALA T 11 11.46 9.48 61.90
CA ALA T 11 11.71 10.51 60.82
C ALA T 11 10.45 11.28 60.39
N ASN T 12 10.55 12.61 60.38
CA ASN T 12 9.53 13.48 59.79
C ASN T 12 9.47 13.38 58.27
N LEU T 13 8.42 13.96 57.73
CA LEU T 13 8.06 13.83 56.35
C LEU T 13 9.15 14.42 55.42
N TRP T 14 9.65 15.60 55.76
CA TRP T 14 10.68 16.28 54.95
C TRP T 14 11.97 15.45 54.85
N GLU T 15 12.43 14.93 55.98
CA GLU T 15 13.59 14.02 56.09
C GLU T 15 13.41 12.75 55.19
N ARG T 16 12.23 12.12 55.31
CA ARG T 16 11.84 10.96 54.50
C ARG T 16 11.89 11.30 52.98
N PHE T 17 11.32 12.43 52.65
CA PHE T 17 11.32 12.88 51.29
C PHE T 17 12.73 13.15 50.78
N CYS T 18 13.54 13.87 51.55
CA CYS T 18 14.92 14.14 51.10
C CYS T 18 15.65 12.86 50.93
N ASN T 19 15.41 11.90 51.83
CA ASN T 19 16.09 10.59 51.68
C ASN T 19 15.70 9.82 50.43
N TRP T 20 14.41 9.92 50.06
CA TRP T 20 13.94 9.30 48.82
C TRP T 20 14.51 10.05 47.59
N VAL T 21 14.40 11.36 47.59
CA VAL T 21 14.90 12.16 46.47
C VAL T 21 16.38 11.82 46.16
N THR T 22 17.21 11.74 47.22
CA THR T 22 18.65 11.53 47.09
C THR T 22 19.03 10.03 47.18
N SER T 23 18.06 9.13 47.13
CA SER T 23 18.36 7.72 47.27
C SER T 23 19.21 7.17 46.14
N THR T 24 20.25 6.42 46.52
CA THR T 24 21.09 5.68 45.55
C THR T 24 20.38 4.40 45.09
N ASP T 25 19.18 4.11 45.65
CA ASP T 25 18.50 2.83 45.32
C ASP T 25 17.35 2.98 44.32
N ASN T 26 16.99 4.20 43.95
CA ASN T 26 15.97 4.38 42.89
C ASN T 26 16.53 3.95 41.48
N ARG T 27 15.72 3.21 40.74
CA ARG T 27 16.12 2.70 39.44
C ARG T 27 16.67 3.81 38.52
N LEU T 28 15.99 4.93 38.50
CA LEU T 28 16.50 6.14 37.95
C LEU T 28 16.71 7.13 39.12
N TYR T 29 17.91 7.74 39.15
CA TYR T 29 18.25 8.67 40.21
C TYR T 29 17.38 9.92 40.03
N VAL T 30 16.81 10.41 41.13
CA VAL T 30 16.07 11.65 41.08
C VAL T 30 17.05 12.80 41.41
N GLY T 31 17.31 12.99 42.70
CA GLY T 31 18.13 14.08 43.15
C GLY T 31 17.51 15.45 43.05
N TRP T 32 18.17 16.40 43.67
CA TRP T 32 17.65 17.77 43.70
C TRP T 32 17.68 18.42 42.29
N PHE T 33 18.76 18.26 41.54
CA PHE T 33 18.71 18.68 40.13
C PHE T 33 17.54 18.02 39.35
N GLY T 34 17.29 16.75 39.66
CA GLY T 34 16.16 15.99 39.15
C GLY T 34 14.76 16.51 39.40
N VAL T 35 14.58 17.12 40.57
CA VAL T 35 13.31 17.77 40.92
C VAL T 35 12.96 18.90 39.96
N ILE T 36 13.97 19.54 39.42
CA ILE T 36 13.79 20.53 38.33
C ILE T 36 13.80 19.87 36.95
N MET T 37 14.71 18.92 36.75
CA MET T 37 14.91 18.30 35.43
C MET T 37 13.65 17.58 34.99
N ILE T 38 13.01 16.85 35.89
CA ILE T 38 11.93 15.96 35.50
C ILE T 38 10.72 16.72 34.94
N PRO T 39 10.21 17.73 35.68
CA PRO T 39 9.08 18.42 35.15
C PRO T 39 9.41 19.27 33.90
N THR T 40 10.60 19.85 33.87
CA THR T 40 10.95 20.71 32.73
C THR T 40 11.16 19.89 31.48
N LEU T 41 11.83 18.76 31.60
CA LEU T 41 11.98 17.87 30.41
C LEU T 41 10.69 17.24 29.91
N LEU T 42 9.78 16.92 30.84
CA LEU T 42 8.49 16.35 30.48
C LEU T 42 7.69 17.44 29.74
N ALA T 43 7.66 18.67 30.26
CA ALA T 43 6.98 19.75 29.58
C ALA T 43 7.52 19.98 28.14
N ALA T 44 8.82 20.11 28.02
CA ALA T 44 9.46 20.30 26.74
C ALA T 44 9.13 19.16 25.80
N THR T 45 9.22 17.92 26.27
CA THR T 45 9.02 16.75 25.40
C THR T 45 7.57 16.65 24.92
N ILE T 46 6.63 16.85 25.85
CA ILE T 46 5.22 16.78 25.53
C ILE T 46 4.84 17.89 24.50
N CYS T 47 5.26 19.14 24.79
CA CYS T 47 5.00 20.21 23.87
C CYS T 47 5.63 19.95 22.49
N PHE T 48 6.87 19.52 22.53
CA PHE T 48 7.57 19.15 21.27
C PHE T 48 6.82 18.12 20.44
N VAL T 49 6.40 17.04 21.08
CA VAL T 49 5.76 15.96 20.33
C VAL T 49 4.42 16.45 19.74
N ILE T 50 3.63 17.15 20.55
CA ILE T 50 2.33 17.66 20.08
C ILE T 50 2.53 18.69 18.92
N ALA T 51 3.51 19.60 19.08
CA ALA T 51 3.80 20.59 18.06
C ALA T 51 4.28 19.97 16.77
N PHE T 52 5.21 19.03 16.88
CA PHE T 52 5.76 18.38 15.69
C PHE T 52 4.69 17.68 14.86
N ILE T 53 3.72 17.06 15.54
CA ILE T 53 2.63 16.40 14.87
C ILE T 53 1.59 17.37 14.36
N ALA T 54 1.16 18.36 15.18
CA ALA T 54 -0.10 19.05 14.93
C ALA T 54 -0.10 20.57 14.89
N ALA T 55 1.04 21.22 15.11
CA ALA T 55 1.04 22.70 15.16
C ALA T 55 0.81 23.30 13.77
N PRO T 56 0.12 24.42 13.72
CA PRO T 56 -0.13 25.06 12.46
C PRO T 56 1.05 25.92 12.06
N PRO T 57 0.99 26.53 10.85
CA PRO T 57 2.17 27.26 10.39
C PRO T 57 2.50 28.48 11.29
N VAL T 58 3.82 28.78 11.38
CA VAL T 58 4.38 29.77 12.27
C VAL T 58 5.04 30.90 11.47
N ASP T 59 4.75 32.14 11.81
CA ASP T 59 5.37 33.30 11.12
C ASP T 59 6.76 33.60 11.65
N ILE T 60 7.69 32.72 11.32
CA ILE T 60 9.05 32.84 11.84
C ILE T 60 9.71 34.20 11.67
N ASP T 61 9.65 34.71 10.46
CA ASP T 61 10.35 35.96 10.12
C ASP T 61 9.53 37.23 10.33
N GLY T 62 8.37 37.13 10.97
CA GLY T 62 7.60 38.31 11.35
C GLY T 62 7.02 39.10 10.19
N ILE T 63 6.89 38.45 9.04
CA ILE T 63 6.48 39.07 7.74
C ILE T 63 5.19 38.46 7.23
N ARG T 64 4.43 37.87 8.16
CA ARG T 64 3.15 37.29 7.88
C ARG T 64 3.23 36.29 6.73
N GLU T 65 4.27 35.47 6.83
CA GLU T 65 4.54 34.44 5.84
C GLU T 65 4.72 33.12 6.61
N PRO T 66 3.62 32.50 6.99
CA PRO T 66 3.83 31.34 7.91
C PRO T 66 4.42 30.06 7.30
N VAL T 67 5.35 29.48 8.05
CA VAL T 67 6.08 28.32 7.62
C VAL T 67 5.49 27.12 8.33
N SER T 68 5.15 26.12 7.56
CA SER T 68 4.57 24.87 8.10
C SER T 68 5.68 23.96 8.59
N GLY T 69 5.60 23.61 9.88
CA GLY T 69 6.50 22.64 10.45
C GLY T 69 5.96 21.25 10.80
N SER T 70 4.66 21.10 10.95
CA SER T 70 4.13 19.85 11.53
C SER T 70 3.76 18.81 10.49
N LEU T 71 3.74 17.57 10.95
CA LEU T 71 3.37 16.44 10.11
C LEU T 71 1.97 16.54 9.46
N LEU T 72 0.99 16.96 10.27
CA LEU T 72 -0.42 17.02 9.80
C LEU T 72 -0.60 18.18 8.80
N TYR T 73 0.33 19.14 8.84
CA TYR T 73 0.29 20.27 7.89
C TYR T 73 1.27 20.13 6.75
N GLY T 74 1.55 18.89 6.36
CA GLY T 74 2.21 18.64 5.11
C GLY T 74 3.71 18.35 5.15
N ASN T 75 4.22 18.04 6.32
CA ASN T 75 5.64 17.68 6.47
C ASN T 75 5.86 16.20 6.64
N ASN T 76 7.07 15.76 6.30
CA ASN T 76 7.49 14.43 6.69
C ASN T 76 8.50 14.56 7.85
N ILE T 77 9.13 13.48 8.23
CA ILE T 77 10.09 13.48 9.36
C ILE T 77 11.27 14.41 9.06
N ILE T 78 11.71 14.38 7.80
CA ILE T 78 12.88 15.16 7.38
C ILE T 78 12.62 16.67 7.25
N THR T 79 11.43 17.03 6.81
CA THR T 79 11.10 18.44 6.57
C THR T 79 10.47 19.08 7.80
N GLY T 80 9.94 18.27 8.72
CA GLY T 80 9.16 18.85 9.82
C GLY T 80 10.01 19.49 10.87
N ALA T 81 9.39 20.40 11.62
CA ALA T 81 10.14 21.10 12.68
C ALA T 81 9.16 21.75 13.58
N VAL T 82 9.61 22.06 14.80
CA VAL T 82 9.00 23.11 15.56
C VAL T 82 9.71 24.40 15.16
N VAL T 83 8.93 25.35 14.62
CA VAL T 83 9.48 26.51 13.96
C VAL T 83 9.72 27.64 15.02
N PRO T 84 10.87 28.31 14.96
CA PRO T 84 11.20 29.40 15.84
C PRO T 84 10.15 30.53 15.93
N SER T 85 10.14 31.18 17.09
CA SER T 85 9.20 32.29 17.36
C SER T 85 9.48 33.51 16.44
N SER T 86 8.44 34.30 16.29
CA SER T 86 8.39 35.36 15.29
C SER T 86 9.47 36.44 15.49
N ASN T 87 10.02 36.93 14.38
CA ASN T 87 10.94 38.06 14.44
C ASN T 87 10.30 39.29 15.06
N ALA T 88 8.98 39.41 15.01
CA ALA T 88 8.29 40.55 15.61
C ALA T 88 8.43 40.52 17.12
N ILE T 89 8.57 39.30 17.64
CA ILE T 89 8.80 39.07 19.08
C ILE T 89 10.25 39.41 19.48
N GLY T 90 11.18 39.07 18.62
CA GLY T 90 12.56 39.24 18.92
C GLY T 90 12.98 38.38 20.12
N LEU T 91 13.60 39.03 21.09
CA LEU T 91 13.97 38.40 22.35
C LEU T 91 12.94 38.60 23.42
N HIS T 92 11.75 39.10 23.10
CA HIS T 92 10.73 39.25 24.13
C HIS T 92 10.27 37.88 24.60
N PHE T 93 10.02 37.80 25.90
CA PHE T 93 9.49 36.58 26.53
C PHE T 93 8.02 36.38 26.14
N TYR T 94 7.71 35.24 25.51
CA TYR T 94 6.37 35.02 24.96
C TYR T 94 5.81 33.68 25.49
N PRO T 95 5.50 33.66 26.79
CA PRO T 95 4.79 32.50 27.35
C PRO T 95 3.30 32.51 26.91
N ILE T 96 2.61 31.40 27.11
CA ILE T 96 1.21 31.25 26.67
C ILE T 96 0.33 32.42 27.15
N TRP T 97 0.56 32.81 28.38
CA TRP T 97 -0.29 33.80 29.00
C TRP T 97 -0.05 35.17 28.49
N GLU T 98 0.98 35.42 27.66
CA GLU T 98 1.10 36.73 27.01
C GLU T 98 0.33 36.81 25.71
N ALA T 99 -0.22 35.71 25.23
CA ALA T 99 -1.00 35.67 24.01
C ALA T 99 -2.47 35.88 24.33
N ALA T 100 -3.22 36.50 23.41
CA ALA T 100 -4.64 36.60 23.59
C ALA T 100 -5.33 35.26 23.51
N SER T 101 -4.71 34.25 22.86
CA SER T 101 -5.38 33.00 22.58
C SER T 101 -4.28 32.02 22.18
N LEU T 102 -4.61 30.75 22.31
CA LEU T 102 -3.72 29.71 21.80
C LEU T 102 -3.53 29.84 20.30
N ASP T 103 -4.58 30.26 19.58
CA ASP T 103 -4.46 30.49 18.12
C ASP T 103 -3.39 31.53 17.81
N GLU T 104 -3.37 32.60 18.57
CA GLU T 104 -2.32 33.59 18.41
C GLU T 104 -0.93 33.04 18.76
N TRP T 105 -0.88 32.39 19.92
CA TRP T 105 0.35 31.78 20.40
C TRP T 105 0.98 30.85 19.36
N LEU T 106 0.17 30.05 18.69
CA LEU T 106 0.67 29.10 17.69
C LEU T 106 1.15 29.85 16.45
N TYR T 107 0.41 30.85 16.03
CA TYR T 107 0.78 31.63 14.84
C TYR T 107 2.16 32.29 15.02
N ASN T 108 2.41 32.71 16.22
CA ASN T 108 3.63 33.43 16.57
C ASN T 108 4.83 32.62 17.03
N GLY T 109 4.67 31.31 17.05
CA GLY T 109 5.76 30.45 17.37
C GLY T 109 6.03 30.30 18.87
N GLY T 110 4.99 30.43 19.66
CA GLY T 110 5.05 30.18 21.10
C GLY T 110 5.60 28.82 21.50
N PRO T 111 5.16 27.74 20.82
CA PRO T 111 5.74 26.43 21.24
C PRO T 111 7.29 26.39 21.31
N TYR T 112 7.95 27.02 20.35
CA TYR T 112 9.40 27.03 20.31
C TYR T 112 9.99 27.60 21.59
N GLN T 113 9.49 28.76 22.07
CA GLN T 113 10.04 29.31 23.32
C GLN T 113 9.84 28.37 24.51
N LEU T 114 8.64 27.80 24.64
CA LEU T 114 8.31 26.94 25.73
C LEU T 114 9.24 25.73 25.73
N ILE T 115 9.44 25.16 24.55
CA ILE T 115 10.28 24.00 24.41
C ILE T 115 11.74 24.31 24.70
N ILE T 116 12.32 25.29 24.04
CA ILE T 116 13.72 25.53 24.25
C ILE T 116 14.06 25.98 25.67
N PHE T 117 13.23 26.78 26.33
CA PHE T 117 13.55 27.22 27.65
C PHE T 117 13.43 26.06 28.67
N HIS T 118 12.40 25.23 28.56
CA HIS T 118 12.25 24.11 29.46
C HIS T 118 13.41 23.14 29.18
N PHE T 119 13.74 22.96 27.91
CA PHE T 119 14.87 22.06 27.53
C PHE T 119 16.19 22.49 28.06
N LEU T 120 16.51 23.75 27.89
CA LEU T 120 17.82 24.23 28.36
C LEU T 120 17.94 24.16 29.90
N LEU T 121 16.87 24.51 30.62
CA LEU T 121 16.85 24.38 32.08
CA LEU T 121 16.87 24.38 32.06
C LEU T 121 17.01 22.89 32.45
N GLY T 122 16.24 22.05 31.79
CA GLY T 122 16.28 20.64 32.09
C GLY T 122 17.62 19.95 31.79
N ALA T 123 18.27 20.33 30.70
CA ALA T 123 19.54 19.74 30.31
C ALA T 123 20.66 20.27 31.23
N SER T 124 20.55 21.55 31.66
CA SER T 124 21.46 22.12 32.67
C SER T 124 21.34 21.28 33.97
N CYS T 125 20.13 20.94 34.36
CA CYS T 125 19.93 20.11 35.53
C CYS T 125 20.38 18.67 35.27
N TYR T 126 20.24 18.17 34.05
CA TYR T 126 20.82 16.83 33.69
C TYR T 126 22.33 16.81 33.97
N MET T 127 23.01 17.91 33.65
CA MET T 127 24.45 18.06 33.94
C MET T 127 24.74 18.03 35.45
N GLY T 128 23.96 18.80 36.21
CA GLY T 128 24.14 18.84 37.63
C GLY T 128 23.84 17.50 38.26
N ARG T 129 22.84 16.80 37.72
CA ARG T 129 22.44 15.46 38.20
C ARG T 129 23.54 14.45 38.03
N GLN T 130 24.28 14.59 36.93
CA GLN T 130 25.51 13.77 36.72
C GLN T 130 26.55 14.06 37.82
N TRP T 131 26.78 15.33 38.20
CA TRP T 131 27.65 15.61 39.32
C TRP T 131 27.04 14.90 40.56
N GLU T 132 25.75 15.15 40.79
CA GLU T 132 25.09 14.71 42.04
C GLU T 132 25.17 13.18 42.27
N LEU T 133 24.81 12.39 41.26
CA LEU T 133 24.91 10.94 41.40
C LEU T 133 26.37 10.44 41.63
N SER T 134 27.32 11.07 40.98
CA SER T 134 28.72 10.69 41.13
C SER T 134 29.14 10.90 42.62
N TYR T 135 28.64 11.95 43.29
CA TYR T 135 28.94 12.23 44.66
C TYR T 135 28.26 11.19 45.57
N ARG T 136 27.01 10.84 45.27
CA ARG T 136 26.29 9.80 46.06
C ARG T 136 26.98 8.45 45.94
N LEU T 137 27.57 8.16 44.78
CA LEU T 137 28.19 6.86 44.53
C LEU T 137 29.64 6.77 44.93
N GLY T 138 30.23 7.88 45.36
CA GLY T 138 31.67 7.85 45.67
C GLY T 138 32.61 7.84 44.48
N MET T 139 32.15 8.36 43.34
CA MET T 139 32.92 8.47 42.13
C MET T 139 33.62 9.83 42.09
N ARG T 140 34.56 9.92 41.18
CA ARG T 140 35.12 11.21 40.84
C ARG T 140 34.11 11.98 40.02
N PRO T 141 34.25 13.34 39.95
CA PRO T 141 33.10 14.18 39.66
C PRO T 141 32.89 14.70 38.25
N TRP T 142 33.78 14.37 37.34
CA TRP T 142 33.90 15.11 36.08
C TRP T 142 33.19 14.62 34.82
N ILE T 143 32.36 13.60 34.91
CA ILE T 143 31.53 13.23 33.75
C ILE T 143 30.70 14.38 33.32
N CYS T 144 30.19 15.15 34.29
CA CYS T 144 29.36 16.31 34.00
C CYS T 144 30.10 17.38 33.15
N VAL T 145 31.42 17.41 33.33
CA VAL T 145 32.30 18.30 32.56
C VAL T 145 32.38 17.89 31.09
N ALA T 146 32.42 16.59 30.83
CA ALA T 146 32.38 16.13 29.48
C ALA T 146 31.04 16.50 28.85
N TYR T 147 29.93 16.32 29.57
CA TYR T 147 28.61 16.66 29.03
C TYR T 147 28.41 18.16 28.80
N SER T 148 29.22 18.98 29.48
CA SER T 148 29.17 20.45 29.31
C SER T 148 29.46 20.84 27.86
N ALA T 149 30.16 20.01 27.12
CA ALA T 149 30.47 20.28 25.75
C ALA T 149 29.23 20.25 24.80
N PRO T 150 28.49 19.11 24.71
CA PRO T 150 27.21 19.17 23.97
C PRO T 150 26.25 20.17 24.58
N LEU T 151 26.19 20.29 25.93
CA LEU T 151 25.27 21.25 26.51
C LEU T 151 25.57 22.68 26.07
N ALA T 152 26.84 23.03 26.14
CA ALA T 152 27.31 24.35 25.67
C ALA T 152 26.88 24.63 24.22
N SER T 153 26.96 23.59 23.36
CA SER T 153 26.59 23.72 22.00
C SER T 153 25.08 23.98 21.80
N ALA T 154 24.24 23.33 22.60
CA ALA T 154 22.83 23.57 22.57
C ALA T 154 22.53 24.96 23.04
N PHE T 155 23.18 25.41 24.13
CA PHE T 155 23.01 26.82 24.59
C PHE T 155 23.40 27.82 23.46
N ALA T 156 24.45 27.45 22.69
CA ALA T 156 24.92 28.34 21.65
C ALA T 156 23.85 28.58 20.58
N VAL T 157 23.21 27.50 20.14
CA VAL T 157 22.31 27.58 19.01
C VAL T 157 20.89 27.95 19.39
N PHE T 158 20.48 27.71 20.66
CA PHE T 158 19.13 28.05 21.10
C PHE T 158 19.00 29.33 21.88
N LEU T 159 20.11 29.79 22.47
CA LEU T 159 20.09 30.96 23.36
C LEU T 159 21.12 32.06 22.99
N ILE T 160 22.38 31.70 22.87
CA ILE T 160 23.41 32.71 22.72
C ILE T 160 23.29 33.36 21.35
N TYR T 161 23.13 32.57 20.28
CA TYR T 161 22.98 33.13 18.96
C TYR T 161 21.78 34.08 18.86
N PRO T 162 20.59 33.64 19.32
CA PRO T 162 19.47 34.54 19.40
C PRO T 162 19.79 35.84 20.14
N ILE T 163 20.46 35.76 21.30
CA ILE T 163 20.76 36.96 22.05
C ILE T 163 21.57 37.94 21.22
N GLY T 164 22.64 37.44 20.62
CA GLY T 164 23.56 38.25 19.86
C GLY T 164 22.88 38.91 18.67
N GLN T 165 22.02 38.17 17.99
CA GLN T 165 21.33 38.67 16.82
C GLN T 165 20.02 39.40 17.11
N GLY T 166 19.56 39.35 18.35
CA GLY T 166 18.38 40.08 18.78
C GLY T 166 17.04 39.36 18.52
N SER T 167 17.06 38.06 18.19
CA SER T 167 15.82 37.35 17.99
C SER T 167 15.94 35.84 18.15
N PHE T 168 14.96 35.26 18.85
CA PHE T 168 14.78 33.79 18.82
C PHE T 168 14.36 33.23 17.44
N SER T 169 13.92 34.11 16.51
CA SER T 169 13.68 33.72 15.13
C SER T 169 14.92 33.21 14.42
N ASP T 170 16.09 33.59 14.96
CA ASP T 170 17.39 33.10 14.46
C ASP T 170 18.03 31.94 15.23
N GLY T 171 17.30 31.43 16.23
CA GLY T 171 17.71 30.25 16.90
C GLY T 171 17.48 29.03 16.02
N MET T 172 18.19 27.96 16.31
CA MET T 172 18.12 26.80 15.46
C MET T 172 16.73 26.21 15.57
N PRO T 173 16.08 25.96 14.41
CA PRO T 173 14.75 25.29 14.44
C PRO T 173 14.86 23.88 15.02
N LEU T 174 13.76 23.41 15.57
CA LEU T 174 13.74 22.05 16.13
C LEU T 174 13.25 21.08 15.08
N GLY T 175 14.14 20.83 14.15
CA GLY T 175 13.83 19.93 13.02
C GLY T 175 15.04 19.68 12.16
N ILE T 176 14.97 18.61 11.37
CA ILE T 176 16.08 18.14 10.55
C ILE T 176 16.46 19.15 9.39
N SER T 177 15.50 19.47 8.54
CA SER T 177 15.75 20.42 7.48
C SER T 177 15.93 21.85 8.06
N GLY T 178 15.25 22.16 9.15
CA GLY T 178 15.41 23.42 9.84
C GLY T 178 16.85 23.62 10.36
N THR T 179 17.45 22.54 10.81
CA THR T 179 18.85 22.57 11.19
C THR T 179 19.74 22.96 9.98
N PHE T 180 19.53 22.30 8.85
CA PHE T 180 20.35 22.58 7.67
C PHE T 180 20.16 24.05 7.23
N ASN T 181 18.94 24.56 7.34
CA ASN T 181 18.65 25.98 7.03
C ASN T 181 19.52 26.89 7.87
N PHE T 182 19.51 26.62 9.19
CA PHE T 182 20.31 27.39 10.13
C PHE T 182 21.80 27.33 9.78
N MET T 183 22.29 26.14 9.38
CA MET T 183 23.66 25.97 9.02
C MET T 183 24.08 26.80 7.79
N ILE T 184 23.23 26.77 6.75
CA ILE T 184 23.54 27.43 5.48
C ILE T 184 23.51 28.96 5.65
N VAL T 185 22.49 29.48 6.34
CA VAL T 185 22.40 30.89 6.61
C VAL T 185 23.63 31.30 7.46
N PHE T 186 24.04 30.45 8.38
CA PHE T 186 25.17 30.76 9.28
C PHE T 186 26.47 30.92 8.47
N GLN T 187 26.67 30.03 7.49
CA GLN T 187 27.80 30.14 6.61
C GLN T 187 27.77 31.43 5.81
N ALA T 188 26.60 31.81 5.31
CA ALA T 188 26.48 33.03 4.54
C ALA T 188 26.85 34.24 5.38
N GLU T 189 26.43 34.24 6.64
CA GLU T 189 26.48 35.42 7.50
C GLU T 189 27.76 35.54 8.33
N HIS T 190 28.43 34.42 8.50
CA HIS T 190 29.58 34.35 9.36
C HIS T 190 30.80 33.63 8.75
N ASN T 191 30.67 33.04 7.57
CA ASN T 191 31.76 32.21 6.96
C ASN T 191 32.35 31.26 8.00
N ILE T 192 31.45 30.56 8.67
CA ILE T 192 31.83 29.65 9.76
C ILE T 192 32.90 28.65 9.35
N LEU T 193 32.86 28.15 8.11
CA LEU T 193 33.88 27.21 7.69
C LEU T 193 35.31 27.74 7.88
N MET T 194 35.47 29.04 7.69
CA MET T 194 36.80 29.71 7.74
C MET T 194 37.12 30.24 9.12
N HIS T 195 36.34 29.80 10.11
CA HIS T 195 36.54 30.20 11.51
C HIS T 195 37.31 29.10 12.25
N PRO T 196 38.41 29.44 12.90
CA PRO T 196 39.24 28.43 13.51
C PRO T 196 38.58 27.63 14.63
N PHE T 197 37.62 28.19 15.35
CA PHE T 197 36.87 27.46 16.37
C PHE T 197 35.98 26.35 15.76
N HIS T 198 35.36 26.60 14.59
CA HIS T 198 34.56 25.55 13.93
C HIS T 198 35.57 24.50 13.43
N GLN T 199 36.73 24.95 12.96
CA GLN T 199 37.77 24.02 12.45
C GLN T 199 38.27 23.11 13.58
N LEU T 200 38.46 23.70 14.77
CA LEU T 200 38.78 22.93 15.97
C LEU T 200 37.66 21.93 16.32
N GLY T 201 36.43 22.42 16.18
CA GLY T 201 35.24 21.57 16.24
C GLY T 201 35.31 20.35 15.42
N VAL T 202 35.63 20.54 14.14
CA VAL T 202 35.74 19.47 13.16
C VAL T 202 36.88 18.51 13.59
N ALA T 203 38.02 19.06 13.95
CA ALA T 203 39.09 18.23 14.46
C ALA T 203 38.61 17.39 15.69
N GLY T 204 37.80 18.00 16.51
CA GLY T 204 37.24 17.34 17.69
C GLY T 204 36.33 16.17 17.34
N VAL T 205 35.42 16.32 16.35
CA VAL T 205 34.47 15.31 16.04
C VAL T 205 35.06 14.28 15.09
N PHE T 206 35.81 14.67 14.06
CA PHE T 206 36.50 13.70 13.24
C PHE T 206 37.53 12.90 14.08
N GLY T 207 38.29 13.61 14.91
CA GLY T 207 39.27 13.01 15.79
C GLY T 207 38.60 12.10 16.79
N GLY T 208 37.54 12.60 17.46
CA GLY T 208 36.73 11.78 18.36
C GLY T 208 36.28 10.48 17.68
N ALA T 209 35.83 10.56 16.41
CA ALA T 209 35.36 9.40 15.74
C ALA T 209 36.53 8.41 15.37
N LEU T 210 37.63 9.00 14.95
CA LEU T 210 38.86 8.27 14.70
C LEU T 210 39.31 7.54 15.96
N PHE T 211 39.45 8.30 17.06
CA PHE T 211 39.97 7.71 18.28
C PHE T 211 39.00 6.65 18.86
N CYS T 212 37.70 6.86 18.71
CA CYS T 212 36.69 5.88 19.07
C CYS T 212 36.94 4.60 18.30
N ALA T 213 37.06 4.71 16.98
CA ALA T 213 37.29 3.48 16.19
C ALA T 213 38.60 2.81 16.55
N MET T 214 39.63 3.66 16.76
CA MET T 214 40.97 3.19 17.08
C MET T 214 40.95 2.44 18.44
N HIS T 215 40.42 3.05 19.49
CA HIS T 215 40.42 2.43 20.79
C HIS T 215 39.59 1.13 20.71
N GLY T 216 38.40 1.20 20.16
CA GLY T 216 37.59 0.06 19.95
C GLY T 216 38.30 -1.09 19.28
N SER T 217 38.98 -0.79 18.15
CA SER T 217 39.66 -1.80 17.40
C SER T 217 40.85 -2.37 18.17
N LEU T 218 41.57 -1.50 18.91
CA LEU T 218 42.76 -1.96 19.64
C LEU T 218 42.44 -2.92 20.77
N VAL T 219 41.43 -2.57 21.55
CA VAL T 219 41.00 -3.41 22.64
C VAL T 219 40.40 -4.72 22.08
N THR T 220 39.58 -4.59 21.06
CA THR T 220 38.98 -5.76 20.39
C THR T 220 40.06 -6.68 19.87
N SER T 221 41.14 -6.08 19.35
CA SER T 221 42.26 -6.83 18.74
CA SER T 221 42.18 -6.88 18.71
C SER T 221 42.96 -7.75 19.73
N SER T 222 42.92 -7.37 21.00
CA SER T 222 43.79 -7.96 21.98
C SER T 222 42.99 -8.62 23.11
N LEU T 223 41.74 -8.98 22.80
CA LEU T 223 40.93 -9.77 23.75
C LEU T 223 41.60 -11.10 24.03
N ILE T 224 41.62 -11.47 25.31
CA ILE T 224 42.25 -12.77 25.72
C ILE T 224 41.24 -13.92 25.38
N ARG T 225 41.76 -15.02 24.83
CA ARG T 225 40.94 -16.14 24.38
CA ARG T 225 40.92 -16.14 24.38
C ARG T 225 40.26 -16.76 25.60
N GLU T 226 38.94 -16.69 25.66
CA GLU T 226 38.19 -17.30 26.72
C GLU T 226 36.97 -18.07 26.18
N THR T 227 36.83 -18.18 24.88
CA THR T 227 35.63 -18.69 24.20
C THR T 227 36.11 -19.57 23.03
N THR T 228 35.16 -20.37 22.52
CA THR T 228 35.33 -21.21 21.33
C THR T 228 34.87 -20.48 20.13
N GLU T 229 35.11 -21.05 18.95
CA GLU T 229 34.71 -20.39 17.69
C GLU T 229 33.18 -20.32 17.46
N THR T 230 32.43 -21.23 18.08
CA THR T 230 30.95 -21.20 17.93
C THR T 230 30.23 -20.24 18.96
N GLU T 231 31.00 -19.45 19.70
CA GLU T 231 30.36 -18.45 20.53
C GLU T 231 30.96 -17.06 20.39
N SER T 232 30.13 -16.09 20.80
CA SER T 232 30.54 -14.68 20.71
C SER T 232 31.68 -14.55 21.69
N ALA T 233 32.72 -13.84 21.29
CA ALA T 233 33.82 -13.54 22.18
C ALA T 233 33.40 -12.72 23.41
N ASN T 234 32.24 -12.05 23.31
CA ASN T 234 31.70 -11.22 24.42
C ASN T 234 31.41 -12.04 25.71
N TYR T 235 31.11 -13.33 25.52
CA TYR T 235 30.90 -14.25 26.68
C TYR T 235 32.18 -14.48 27.45
N GLY T 236 33.33 -14.15 26.86
CA GLY T 236 34.61 -14.22 27.56
C GLY T 236 34.86 -13.19 28.68
N TYR T 237 33.98 -12.18 28.78
CA TYR T 237 34.02 -11.16 29.81
C TYR T 237 32.76 -11.31 30.64
N LYS T 238 32.95 -11.32 31.95
CA LYS T 238 31.83 -11.38 32.92
C LYS T 238 31.74 -10.06 33.68
N PHE T 239 30.55 -9.45 33.66
CA PHE T 239 30.31 -8.18 34.40
C PHE T 239 30.88 -8.22 35.79
N GLY T 240 31.76 -7.25 36.06
CA GLY T 240 32.34 -7.09 37.38
C GLY T 240 33.52 -7.99 37.72
N GLN T 241 34.00 -8.80 36.77
CA GLN T 241 35.23 -9.56 37.00
C GLN T 241 36.41 -8.63 37.35
N GLU T 242 37.30 -9.12 38.21
CA GLU T 242 38.46 -8.34 38.66
C GLU T 242 39.53 -8.15 37.54
N GLU T 243 39.83 -9.26 36.82
CA GLU T 243 40.86 -9.25 35.78
C GLU T 243 40.50 -8.42 34.50
N GLU T 244 41.53 -7.79 33.91
CA GLU T 244 41.33 -7.11 32.66
C GLU T 244 41.11 -8.22 31.59
N THR T 245 40.30 -7.86 30.61
CA THR T 245 39.77 -8.84 29.65
C THR T 245 40.59 -8.86 28.33
N TYR T 246 41.50 -7.89 28.17
CA TYR T 246 42.39 -7.78 26.99
C TYR T 246 43.80 -7.59 27.51
N ASN T 247 44.74 -7.86 26.62
CA ASN T 247 46.17 -7.79 26.91
C ASN T 247 46.69 -6.42 26.44
N ILE T 248 46.74 -5.45 27.38
CA ILE T 248 47.13 -4.06 27.04
C ILE T 248 48.58 -3.95 26.52
N VAL T 249 49.42 -4.90 26.96
CA VAL T 249 50.77 -5.01 26.48
C VAL T 249 50.84 -5.41 24.98
N ALA T 250 49.98 -6.35 24.56
CA ALA T 250 49.85 -6.73 23.14
C ALA T 250 49.34 -5.54 22.32
N ALA T 251 48.34 -4.88 22.87
CA ALA T 251 47.70 -3.76 22.22
C ALA T 251 48.74 -2.63 21.93
N HIS T 252 49.50 -2.29 22.97
CA HIS T 252 50.61 -1.32 22.90
C HIS T 252 51.75 -1.78 21.94
N GLY T 253 52.12 -3.06 22.02
CA GLY T 253 53.15 -3.65 21.13
C GLY T 253 52.76 -3.52 19.66
N TYR T 254 51.47 -3.65 19.38
CA TYR T 254 50.94 -3.44 18.06
C TYR T 254 51.01 -1.94 17.69
N PHE T 255 50.43 -1.06 18.51
CA PHE T 255 50.22 0.31 18.09
C PHE T 255 51.55 1.09 17.99
N GLY T 256 52.43 0.79 18.93
CA GLY T 256 53.77 1.37 18.97
C GLY T 256 54.55 1.00 17.71
N ARG T 257 54.36 -0.20 17.20
CA ARG T 257 55.03 -0.57 15.96
C ARG T 257 54.28 0.02 14.78
N LEU T 258 52.94 0.14 14.87
CA LEU T 258 52.16 0.72 13.75
C LEU T 258 52.65 2.14 13.45
N ILE T 259 52.82 2.92 14.51
CA ILE T 259 53.37 4.27 14.37
C ILE T 259 54.93 4.27 14.66
N PHE T 260 55.25 4.53 15.90
CA PHE T 260 56.57 4.18 16.45
C PHE T 260 56.29 4.12 17.99
N GLN T 261 57.12 3.36 18.71
CA GLN T 261 56.87 2.98 20.11
C GLN T 261 56.20 4.08 20.99
N TYR T 262 56.74 5.29 20.90
CA TYR T 262 56.40 6.40 21.81
C TYR T 262 55.15 7.23 21.37
N ALA T 263 54.61 6.92 20.19
CA ALA T 263 53.31 7.45 19.72
C ALA T 263 52.13 6.66 20.30
N SER T 264 52.45 5.63 21.09
CA SER T 264 51.45 4.70 21.64
C SER T 264 51.32 4.93 23.16
N PHE T 265 50.09 4.82 23.66
CA PHE T 265 49.86 5.04 25.06
C PHE T 265 50.05 3.68 25.76
N ASN T 266 50.96 3.60 26.75
CA ASN T 266 51.04 2.39 27.63
C ASN T 266 50.31 2.53 29.02
N ASN T 267 49.83 3.74 29.34
CA ASN T 267 49.09 4.04 30.52
C ASN T 267 47.65 4.23 30.15
N SER T 268 46.83 3.31 30.63
CA SER T 268 45.42 3.32 30.27
C SER T 268 44.69 4.57 30.83
N ARG T 269 45.18 5.11 31.93
CA ARG T 269 44.58 6.31 32.51
C ARG T 269 44.85 7.51 31.59
N SER T 270 46.08 7.64 31.12
CA SER T 270 46.41 8.70 30.16
CA SER T 270 46.39 8.73 30.16
C SER T 270 45.60 8.56 28.86
N LEU T 271 45.49 7.32 28.36
CA LEU T 271 44.73 7.06 27.15
C LEU T 271 43.29 7.49 27.32
N HIS T 272 42.64 7.01 28.40
CA HIS T 272 41.20 7.31 28.56
C HIS T 272 40.98 8.83 28.84
N PHE T 273 41.96 9.48 29.52
CA PHE T 273 41.91 10.95 29.66
C PHE T 273 41.94 11.63 28.28
N PHE T 274 42.84 11.13 27.39
CA PHE T 274 42.94 11.69 26.04
C PHE T 274 41.62 11.51 25.27
N LEU T 275 41.00 10.34 25.40
CA LEU T 275 39.74 10.05 24.75
C LEU T 275 38.64 11.03 25.20
N ALA T 276 38.66 11.34 26.49
CA ALA T 276 37.73 12.33 27.00
C ALA T 276 38.05 13.76 26.47
N ALA T 277 39.31 14.15 26.61
CA ALA T 277 39.69 15.54 26.42
C ALA T 277 39.60 16.01 24.98
N TRP T 278 40.02 15.17 24.04
CA TRP T 278 40.06 15.59 22.63
C TRP T 278 38.71 16.07 22.07
N PRO T 279 37.69 15.20 22.08
CA PRO T 279 36.41 15.62 21.61
C PRO T 279 35.78 16.67 22.51
N VAL T 280 36.01 16.62 23.80
CA VAL T 280 35.36 17.60 24.68
C VAL T 280 35.91 19.00 24.40
N VAL T 281 37.23 19.11 24.36
CA VAL T 281 37.87 20.40 24.10
C VAL T 281 37.48 20.91 22.70
N GLY T 282 37.55 20.02 21.70
CA GLY T 282 37.12 20.42 20.36
C GLY T 282 35.70 20.94 20.29
N VAL T 283 34.75 20.25 20.95
CA VAL T 283 33.39 20.67 20.96
C VAL T 283 33.18 21.93 21.80
N TRP T 284 33.95 22.10 22.87
CA TRP T 284 33.90 23.38 23.56
C TRP T 284 34.24 24.53 22.57
N PHE T 285 35.27 24.31 21.78
CA PHE T 285 35.62 25.32 20.78
C PHE T 285 34.50 25.54 19.75
N ALA T 286 33.89 24.45 19.26
CA ALA T 286 32.76 24.55 18.39
C ALA T 286 31.65 25.45 18.99
N ALA T 287 31.32 25.17 20.25
CA ALA T 287 30.30 25.90 20.95
C ALA T 287 30.67 27.38 21.07
N LEU T 288 31.94 27.61 21.36
CA LEU T 288 32.43 29.02 21.44
C LEU T 288 32.51 29.70 20.05
N GLY T 289 32.68 28.94 19.00
CA GLY T 289 32.56 29.44 17.65
C GLY T 289 31.18 30.08 17.42
N ILE T 290 30.13 29.29 17.67
CA ILE T 290 28.80 29.77 17.50
C ILE T 290 28.54 30.94 18.43
N SER T 291 28.99 30.81 19.68
CA SER T 291 28.74 31.79 20.70
C SER T 291 29.48 33.13 20.49
N THR T 292 30.54 33.13 19.72
CA THR T 292 31.28 34.35 19.41
C THR T 292 30.89 34.89 18.01
N MET T 293 30.58 34.03 17.04
CA MET T 293 29.91 34.46 15.83
C MET T 293 28.57 35.06 16.15
N ALA T 294 28.01 34.74 17.34
CA ALA T 294 26.80 35.41 17.84
C ALA T 294 26.97 36.90 17.99
N PHE T 295 28.18 37.33 18.25
CA PHE T 295 28.50 38.74 18.29
C PHE T 295 29.31 39.19 17.09
N ASN T 296 29.13 38.45 15.99
CA ASN T 296 29.62 38.81 14.63
C ASN T 296 31.12 39.06 14.53
N LEU T 297 31.90 38.30 15.31
CA LEU T 297 33.31 38.14 15.06
C LEU T 297 33.45 36.89 14.26
N ASN T 298 33.65 37.05 12.94
CA ASN T 298 33.39 36.01 11.99
C ASN T 298 34.64 35.31 11.46
N GLY T 299 34.42 34.31 10.63
CA GLY T 299 35.49 33.56 10.01
C GLY T 299 36.47 34.45 9.27
N PHE T 300 37.66 33.92 9.00
CA PHE T 300 38.64 34.67 8.22
C PHE T 300 38.07 35.10 6.85
N ASN T 301 38.37 36.31 6.43
CA ASN T 301 37.92 36.88 5.20
C ASN T 301 39.12 37.19 4.33
N PHE T 302 39.37 36.36 3.34
CA PHE T 302 40.46 36.59 2.38
C PHE T 302 39.94 36.96 0.98
N ASN T 303 38.80 37.63 0.96
CA ASN T 303 38.12 38.02 -0.27
C ASN T 303 38.99 39.09 -0.95
N HIS T 304 39.53 38.75 -2.10
CA HIS T 304 40.42 39.65 -2.88
C HIS T 304 41.74 39.90 -2.17
N SER T 305 42.20 38.95 -1.35
CA SER T 305 43.50 39.10 -0.66
C SER T 305 44.72 39.05 -1.63
N VAL T 306 44.59 38.29 -2.71
CA VAL T 306 45.65 38.13 -3.73
C VAL T 306 45.35 39.02 -4.95
N ILE T 307 46.31 39.92 -5.19
CA ILE T 307 46.29 40.95 -6.22
C ILE T 307 47.55 40.82 -7.05
N ASP T 308 47.43 40.99 -8.37
CA ASP T 308 48.62 40.94 -9.24
C ASP T 308 49.34 42.32 -9.33
N ALA T 309 50.35 42.39 -10.16
CA ALA T 309 51.15 43.64 -10.24
C ALA T 309 50.36 44.90 -10.71
N LYS T 310 49.33 44.73 -11.55
CA LYS T 310 48.54 45.84 -11.97
C LYS T 310 47.47 46.23 -10.98
N GLY T 311 47.05 45.26 -10.16
CA GLY T 311 45.89 45.40 -9.29
C GLY T 311 44.72 44.47 -9.63
N ASN T 312 44.88 43.55 -10.60
CA ASN T 312 43.82 42.57 -10.91
C ASN T 312 43.67 41.66 -9.71
N VAL T 313 42.44 41.35 -9.36
CA VAL T 313 42.20 40.32 -8.34
C VAL T 313 42.48 38.97 -8.96
N ILE T 314 43.29 38.19 -8.25
CA ILE T 314 43.58 36.83 -8.58
C ILE T 314 42.84 35.98 -7.55
N ASN T 315 41.75 35.32 -7.98
CA ASN T 315 40.94 34.53 -7.08
C ASN T 315 41.73 33.39 -6.45
N THR T 316 41.35 33.07 -5.20
CA THR T 316 41.77 31.84 -4.55
C THR T 316 40.48 31.06 -4.21
N TRP T 317 40.66 29.88 -3.63
CA TRP T 317 39.54 29.10 -3.22
C TRP T 317 38.68 29.87 -2.23
N ALA T 318 39.26 30.82 -1.50
CA ALA T 318 38.43 31.69 -0.59
C ALA T 318 37.41 32.54 -1.33
N ASP T 319 37.80 33.05 -2.53
CA ASP T 319 36.89 33.82 -3.36
C ASP T 319 35.78 32.93 -3.90
N ILE T 320 36.08 31.66 -4.16
CA ILE T 320 35.02 30.73 -4.64
C ILE T 320 34.00 30.45 -3.54
N ILE T 321 34.50 30.21 -2.34
CA ILE T 321 33.62 30.13 -1.14
C ILE T 321 32.75 31.37 -1.06
N ASN T 322 33.37 32.52 -1.28
CA ASN T 322 32.59 33.77 -1.21
C ASN T 322 31.40 33.85 -2.18
N ARG T 323 31.60 33.36 -3.40
CA ARG T 323 30.51 33.26 -4.39
C ARG T 323 29.36 32.36 -3.88
N ALA T 324 29.75 31.23 -3.27
CA ALA T 324 28.72 30.34 -2.72
C ALA T 324 27.95 31.03 -1.61
N ASN T 325 28.71 31.70 -0.73
CA ASN T 325 28.12 32.46 0.37
C ASN T 325 27.18 33.54 -0.07
N LEU T 326 27.56 34.24 -1.12
CA LEU T 326 26.71 35.27 -1.68
C LEU T 326 25.37 34.68 -2.19
N GLY T 327 25.42 33.53 -2.84
CA GLY T 327 24.17 32.86 -3.29
C GLY T 327 23.22 32.59 -2.13
N MET T 328 23.77 32.16 -1.00
CA MET T 328 22.99 31.94 0.19
C MET T 328 22.44 33.25 0.74
N GLU T 329 23.32 34.21 0.86
CA GLU T 329 22.93 35.51 1.37
C GLU T 329 21.79 36.15 0.60
N VAL T 330 21.93 36.24 -0.71
CA VAL T 330 20.94 37.01 -1.50
C VAL T 330 19.59 36.27 -1.53
N MET T 331 19.60 34.94 -1.39
CA MET T 331 18.33 34.17 -1.42
C MET T 331 17.61 34.00 -0.09
N HIS T 332 18.32 33.99 1.03
CA HIS T 332 17.67 33.61 2.29
C HIS T 332 16.65 34.66 2.68
N GLU T 333 15.53 34.17 3.21
CA GLU T 333 14.50 35.07 3.75
C GLU T 333 14.19 36.15 2.71
N ARG T 334 13.83 35.66 1.50
CA ARG T 334 13.70 36.47 0.28
C ARG T 334 12.73 37.67 0.35
N ASN T 335 11.85 37.73 1.33
CA ASN T 335 10.90 38.80 1.46
C ASN T 335 11.12 39.65 2.69
N ALA T 336 12.18 39.39 3.45
CA ALA T 336 12.30 40.03 4.79
C ALA T 336 13.15 41.26 4.79
N HIS T 337 14.03 41.42 3.81
CA HIS T 337 14.98 42.59 3.84
C HIS T 337 14.49 43.72 2.90
N ASN T 338 14.46 44.94 3.40
CA ASN T 338 14.11 46.08 2.62
C ASN T 338 15.26 47.00 2.35
N PHE T 339 16.34 46.87 3.10
CA PHE T 339 17.51 47.75 3.02
C PHE T 339 18.74 46.91 2.65
N PRO T 340 19.77 47.54 2.10
CA PRO T 340 20.80 46.77 1.37
C PRO T 340 21.73 45.87 2.18
N LEU T 341 21.89 46.18 3.46
CA LEU T 341 22.79 45.44 4.37
C LEU T 341 22.01 44.57 5.38
N ASP T 342 22.41 43.33 5.49
CA ASP T 342 21.84 42.38 6.48
C ASP T 342 22.68 42.51 7.74
N LEU T 343 22.22 43.32 8.66
CA LEU T 343 23.03 43.70 9.80
C LEU T 343 22.75 42.89 11.07
N ALA T 344 21.72 42.08 11.01
CA ALA T 344 21.48 41.03 12.00
C ALA T 344 20.54 40.04 11.36
N GLY U 1 24.86 -20.23 22.19
CA GLY U 1 24.76 -20.73 20.74
C GLY U 1 25.52 -19.82 19.77
N LEU U 2 25.41 -20.11 18.47
CA LEU U 2 25.95 -19.22 17.47
C LEU U 2 25.16 -17.89 17.49
N PRO U 3 25.86 -16.79 17.39
CA PRO U 3 25.17 -15.50 17.11
C PRO U 3 24.53 -15.47 15.72
N TRP U 4 23.55 -14.58 15.57
CA TRP U 4 22.73 -14.50 14.35
C TRP U 4 23.58 -14.33 13.10
N TYR U 5 24.67 -13.59 13.24
CA TYR U 5 25.54 -13.26 12.08
C TYR U 5 26.50 -14.38 11.68
N ARG U 6 26.50 -15.50 12.42
CA ARG U 6 27.32 -16.66 12.12
C ARG U 6 26.57 -17.93 11.80
N VAL U 7 25.24 -17.83 11.60
CA VAL U 7 24.43 -19.04 11.43
C VAL U 7 24.93 -19.89 10.26
N HIS U 8 25.40 -19.28 9.17
CA HIS U 8 25.78 -20.06 8.01
C HIS U 8 27.12 -20.72 8.13
N THR U 9 27.85 -20.42 9.20
CA THR U 9 29.14 -21.07 9.43
C THR U 9 29.04 -22.61 9.66
N VAL U 10 27.83 -23.11 9.91
CA VAL U 10 27.64 -24.55 10.06
C VAL U 10 28.00 -25.31 8.77
N LEU U 11 28.09 -24.61 7.65
CA LEU U 11 28.41 -25.22 6.37
C LEU U 11 29.90 -25.39 6.09
N ILE U 12 30.75 -24.80 6.91
CA ILE U 12 32.20 -24.72 6.58
C ILE U 12 32.84 -26.09 6.40
N ASN U 13 32.46 -27.05 7.21
CA ASN U 13 32.98 -28.41 7.03
C ASN U 13 31.94 -29.41 6.65
N ASP U 14 31.02 -29.01 5.79
CA ASP U 14 29.94 -29.87 5.34
C ASP U 14 29.78 -29.57 3.85
N PRO U 15 30.63 -30.18 3.02
CA PRO U 15 30.59 -29.90 1.59
C PRO U 15 29.22 -30.17 0.93
N GLY U 16 28.57 -31.25 1.29
CA GLY U 16 27.26 -31.53 0.73
C GLY U 16 26.22 -30.46 1.00
N ARG U 17 26.18 -29.96 2.22
CA ARG U 17 25.21 -28.95 2.56
C ARG U 17 25.63 -27.60 2.05
N LEU U 18 26.94 -27.36 1.89
CA LEU U 18 27.38 -26.16 1.21
C LEU U 18 26.87 -26.14 -0.23
N ILE U 19 27.04 -27.27 -0.90
CA ILE U 19 26.52 -27.42 -2.26
C ILE U 19 25.03 -27.18 -2.30
N ALA U 20 24.31 -27.72 -1.32
CA ALA U 20 22.86 -27.53 -1.20
C ALA U 20 22.52 -26.03 -1.02
N ALA U 21 23.24 -25.37 -0.15
CA ALA U 21 23.02 -23.92 0.02
C ALA U 21 23.36 -23.14 -1.27
N HIS U 22 24.45 -23.51 -1.92
CA HIS U 22 24.80 -22.95 -3.19
C HIS U 22 23.72 -23.20 -4.27
N LEU U 23 23.17 -24.42 -4.29
CA LEU U 23 22.08 -24.76 -5.19
C LEU U 23 20.89 -23.87 -4.94
N MET U 24 20.57 -23.67 -3.66
CA MET U 24 19.45 -22.85 -3.33
C MET U 24 19.64 -21.40 -3.77
N HIS U 25 20.83 -20.85 -3.53
CA HIS U 25 21.16 -19.50 -3.97
C HIS U 25 20.98 -19.43 -5.49
N THR U 26 21.50 -20.43 -6.22
CA THR U 26 21.37 -20.43 -7.67
C THR U 26 19.91 -20.49 -8.11
N ALA U 27 19.12 -21.30 -7.41
CA ALA U 27 17.69 -21.41 -7.69
C ALA U 27 17.00 -20.04 -7.49
N LEU U 28 17.38 -19.35 -6.40
CA LEU U 28 16.81 -18.05 -6.10
C LEU U 28 17.16 -17.04 -7.20
N VAL U 29 18.41 -17.05 -7.63
CA VAL U 29 18.87 -16.10 -8.64
C VAL U 29 18.22 -16.34 -9.99
N ALA U 30 18.15 -17.61 -10.40
CA ALA U 30 17.52 -17.94 -11.64
C ALA U 30 16.03 -17.66 -11.60
N GLY U 31 15.42 -17.88 -10.44
CA GLY U 31 14.03 -17.56 -10.32
C GLY U 31 13.76 -16.03 -10.33
N TRP U 32 14.66 -15.25 -9.77
CA TRP U 32 14.62 -13.82 -9.90
C TRP U 32 14.66 -13.43 -11.39
N ALA U 33 15.56 -14.02 -12.16
CA ALA U 33 15.71 -13.68 -13.55
C ALA U 33 14.45 -13.95 -14.32
N GLY U 34 13.91 -15.16 -14.14
CA GLY U 34 12.61 -15.53 -14.69
C GLY U 34 11.46 -14.60 -14.31
N SER U 35 11.33 -14.34 -13.05
CA SER U 35 10.26 -13.46 -12.53
CA SER U 35 10.20 -13.51 -12.61
C SER U 35 10.37 -12.07 -13.09
N MET U 36 11.63 -11.59 -13.11
CA MET U 36 11.93 -10.23 -13.60
C MET U 36 11.57 -10.07 -15.04
N ALA U 37 11.95 -11.03 -15.87
CA ALA U 37 11.59 -11.04 -17.30
C ALA U 37 10.07 -11.06 -17.47
N LEU U 38 9.36 -11.84 -16.64
CA LEU U 38 7.91 -11.93 -16.79
C LEU U 38 7.23 -10.62 -16.40
N TYR U 39 7.72 -10.00 -15.34
CA TYR U 39 7.18 -8.66 -14.96
C TYR U 39 7.44 -7.61 -16.02
N GLU U 40 8.65 -7.65 -16.61
CA GLU U 40 8.98 -6.72 -17.72
C GLU U 40 8.10 -6.96 -18.93
N LEU U 41 7.91 -8.21 -19.35
CA LEU U 41 6.99 -8.50 -20.42
C LEU U 41 5.54 -8.10 -20.12
N ALA U 42 5.13 -8.17 -18.84
CA ALA U 42 3.76 -7.72 -18.48
C ALA U 42 3.57 -6.20 -18.54
N THR U 43 4.68 -5.47 -18.51
CA THR U 43 4.66 -4.02 -18.48
C THR U 43 5.24 -3.37 -19.73
N PHE U 44 6.00 -4.08 -20.55
CA PHE U 44 6.72 -3.46 -21.69
C PHE U 44 5.77 -3.22 -22.86
N ASP U 45 5.82 -2.02 -23.40
CA ASP U 45 5.06 -1.64 -24.59
C ASP U 45 6.04 -1.67 -25.80
N PRO U 46 5.83 -2.60 -26.68
CA PRO U 46 6.72 -2.74 -27.82
C PRO U 46 6.35 -1.88 -29.04
N SER U 47 5.38 -0.94 -28.90
CA SER U 47 4.80 -0.32 -30.05
C SER U 47 5.67 0.79 -30.65
N ASP U 48 6.76 1.22 -30.01
CA ASP U 48 7.51 2.38 -30.54
C ASP U 48 8.97 2.32 -30.10
N PRO U 49 9.80 1.60 -30.88
CA PRO U 49 11.19 1.55 -30.52
C PRO U 49 11.91 2.88 -30.76
N VAL U 50 11.25 3.84 -31.43
CA VAL U 50 11.88 5.09 -31.74
C VAL U 50 11.85 5.98 -30.52
N LEU U 51 10.68 6.38 -30.07
CA LEU U 51 10.53 7.27 -28.90
C LEU U 51 10.11 6.63 -27.58
N ASN U 52 9.80 5.32 -27.61
CA ASN U 52 9.49 4.58 -26.40
C ASN U 52 10.22 3.22 -26.34
N PRO U 53 11.58 3.28 -26.46
CA PRO U 53 12.36 2.10 -26.41
C PRO U 53 12.41 1.56 -24.99
N MET U 54 12.90 0.33 -24.85
CA MET U 54 13.02 -0.30 -23.51
C MET U 54 13.62 0.55 -22.37
N TRP U 55 14.62 1.35 -22.70
CA TRP U 55 15.37 2.10 -21.68
C TRP U 55 14.60 3.28 -21.14
N ARG U 56 13.57 3.68 -21.83
CA ARG U 56 12.64 4.68 -21.30
C ARG U 56 11.59 4.08 -20.36
N GLN U 57 11.46 2.76 -20.42
CA GLN U 57 10.38 2.04 -19.73
C GLN U 57 10.83 1.33 -18.46
N GLY U 58 12.05 1.59 -18.01
CA GLY U 58 12.57 1.01 -16.75
C GLY U 58 12.88 -0.45 -16.89
N MET U 59 13.20 -0.85 -18.10
CA MET U 59 13.53 -2.25 -18.41
C MET U 59 14.98 -2.54 -18.05
N PHE U 60 15.22 -3.58 -17.24
CA PHE U 60 16.50 -3.87 -16.69
C PHE U 60 17.06 -5.16 -17.26
N VAL U 61 16.25 -6.21 -17.31
CA VAL U 61 16.66 -7.46 -17.95
C VAL U 61 16.43 -7.61 -19.42
N LEU U 62 15.37 -6.96 -19.93
CA LEU U 62 15.11 -6.99 -21.40
C LEU U 62 16.41 -6.67 -22.21
N PRO U 63 17.12 -5.63 -21.83
CA PRO U 63 18.33 -5.37 -22.61
C PRO U 63 19.41 -6.41 -22.58
N PHE U 64 19.51 -7.15 -21.49
CA PHE U 64 20.50 -8.24 -21.43
C PHE U 64 20.10 -9.42 -22.29
N MET U 65 18.78 -9.66 -22.40
CA MET U 65 18.33 -10.68 -23.35
C MET U 65 18.67 -10.23 -24.78
N ALA U 66 18.36 -8.98 -25.09
CA ALA U 66 18.57 -8.38 -26.42
C ALA U 66 20.05 -8.35 -26.81
N ARG U 67 20.92 -8.05 -25.84
CA ARG U 67 22.37 -7.93 -26.13
C ARG U 67 22.91 -9.22 -26.71
N LEU U 68 22.41 -10.35 -26.24
CA LEU U 68 22.90 -11.63 -26.77
C LEU U 68 22.03 -12.32 -27.79
N GLY U 69 21.00 -11.62 -28.31
CA GLY U 69 20.25 -12.12 -29.47
C GLY U 69 18.81 -12.50 -29.30
N VAL U 70 18.26 -12.36 -28.10
CA VAL U 70 16.83 -12.60 -27.90
C VAL U 70 16.11 -11.28 -28.11
N THR U 71 15.43 -11.16 -29.25
CA THR U 71 14.86 -9.91 -29.63
C THR U 71 13.38 -9.99 -29.94
N GLY U 72 12.80 -11.17 -29.89
CA GLY U 72 11.40 -11.36 -30.31
C GLY U 72 10.52 -11.92 -29.20
N SER U 73 9.23 -11.66 -29.33
CA SER U 73 8.22 -12.29 -28.50
C SER U 73 7.40 -13.31 -29.28
N TRP U 74 6.90 -14.31 -28.54
CA TRP U 74 5.98 -15.26 -29.12
C TRP U 74 4.74 -14.62 -29.69
N SER U 75 4.42 -13.44 -29.17
CA SER U 75 3.30 -12.64 -29.62
CA SER U 75 3.28 -12.70 -29.64
C SER U 75 3.50 -12.03 -30.99
N GLY U 76 4.73 -12.10 -31.50
CA GLY U 76 4.96 -11.69 -32.90
C GLY U 76 5.73 -10.37 -33.09
N TRP U 77 5.95 -9.62 -32.03
CA TRP U 77 6.77 -8.41 -32.12
C TRP U 77 8.27 -8.63 -31.91
N SER U 78 9.05 -7.64 -32.37
CA SER U 78 10.50 -7.61 -32.13
C SER U 78 10.88 -6.25 -31.58
N ILE U 79 11.96 -6.23 -30.81
CA ILE U 79 12.44 -4.97 -30.25
C ILE U 79 12.96 -3.99 -31.28
N THR U 80 13.30 -4.47 -32.47
CA THR U 80 13.61 -3.57 -33.56
C THR U 80 12.41 -3.03 -34.27
N GLY U 81 11.20 -3.38 -33.84
CA GLY U 81 10.02 -2.90 -34.49
C GLY U 81 9.48 -3.67 -35.70
N GLU U 82 10.00 -4.86 -35.99
CA GLU U 82 9.43 -5.71 -37.02
C GLU U 82 8.15 -6.38 -36.53
N THR U 83 7.32 -6.78 -37.50
CA THR U 83 6.10 -7.53 -37.26
C THR U 83 6.23 -8.91 -37.88
N GLY U 84 5.46 -9.85 -37.32
CA GLY U 84 5.42 -11.24 -37.80
C GLY U 84 6.76 -11.99 -37.88
N ILE U 85 7.72 -11.64 -37.04
CA ILE U 85 8.92 -12.47 -36.87
C ILE U 85 8.49 -13.66 -36.04
N ASP U 86 9.05 -14.83 -36.32
CA ASP U 86 8.84 -15.98 -35.48
C ASP U 86 10.16 -16.22 -34.80
N PRO U 87 10.25 -15.97 -33.51
CA PRO U 87 11.52 -16.12 -32.86
C PRO U 87 11.85 -17.55 -32.42
N GLY U 88 11.01 -18.53 -32.68
CA GLY U 88 11.21 -19.89 -32.12
C GLY U 88 10.97 -19.88 -30.61
N PHE U 89 11.48 -20.90 -29.96
CA PHE U 89 11.35 -21.03 -28.54
C PHE U 89 11.99 -19.92 -27.74
N TRP U 90 13.14 -19.47 -28.20
CA TRP U 90 13.96 -18.48 -27.51
C TRP U 90 13.53 -17.06 -27.74
N SER U 91 12.26 -16.82 -27.46
CA SER U 91 11.72 -15.47 -27.33
C SER U 91 12.03 -15.01 -25.94
N PHE U 92 11.67 -13.77 -25.58
CA PHE U 92 11.78 -13.35 -24.23
C PHE U 92 11.00 -14.31 -23.29
N GLU U 93 9.83 -14.77 -23.73
CA GLU U 93 9.00 -15.65 -22.87
C GLU U 93 9.71 -17.00 -22.66
N GLY U 94 10.32 -17.54 -23.72
CA GLY U 94 10.95 -18.77 -23.62
C GLY U 94 12.15 -18.71 -22.68
N VAL U 95 12.88 -17.59 -22.73
CA VAL U 95 13.98 -17.40 -21.81
C VAL U 95 13.46 -17.37 -20.39
N ALA U 96 12.38 -16.62 -20.16
CA ALA U 96 11.83 -16.49 -18.81
C ALA U 96 11.42 -17.89 -18.32
N LEU U 97 10.74 -18.65 -19.19
CA LEU U 97 10.29 -20.02 -18.84
C LEU U 97 11.46 -20.92 -18.47
N ALA U 98 12.51 -20.88 -19.26
CA ALA U 98 13.67 -21.73 -19.03
C ALA U 98 14.30 -21.45 -17.66
N HIS U 99 14.34 -20.17 -17.26
CA HIS U 99 14.95 -19.79 -16.01
C HIS U 99 14.08 -20.24 -14.82
N ILE U 100 12.77 -20.15 -14.95
CA ILE U 100 11.85 -20.68 -13.94
C ILE U 100 11.96 -22.21 -13.74
N VAL U 101 12.01 -22.94 -14.84
CA VAL U 101 12.15 -24.37 -14.79
C VAL U 101 13.54 -24.69 -14.21
N LEU U 102 14.58 -24.02 -14.65
CA LEU U 102 15.90 -24.21 -14.04
C LEU U 102 15.87 -24.00 -12.52
N SER U 103 15.24 -22.93 -12.07
CA SER U 103 15.07 -22.63 -10.67
C SER U 103 14.49 -23.81 -9.89
N GLY U 104 13.42 -24.36 -10.43
CA GLY U 104 12.76 -25.52 -9.80
C GLY U 104 13.64 -26.77 -9.69
N LEU U 105 14.33 -27.05 -10.77
CA LEU U 105 15.27 -28.18 -10.81
C LEU U 105 16.41 -27.98 -9.78
N LEU U 106 16.95 -26.76 -9.67
CA LEU U 106 17.97 -26.45 -8.72
C LEU U 106 17.43 -26.58 -7.31
N PHE U 107 16.19 -26.14 -7.06
CA PHE U 107 15.59 -26.31 -5.76
C PHE U 107 15.52 -27.78 -5.32
N LEU U 108 15.03 -28.58 -6.21
CA LEU U 108 14.99 -30.03 -5.99
C LEU U 108 16.34 -30.67 -5.71
N ALA U 109 17.34 -30.30 -6.51
CA ALA U 109 18.70 -30.74 -6.27
C ALA U 109 19.22 -30.32 -4.92
N ALA U 110 18.89 -29.09 -4.50
CA ALA U 110 19.29 -28.63 -3.20
C ALA U 110 18.74 -29.53 -2.07
N CYS U 111 17.44 -29.83 -2.15
CA CYS U 111 16.83 -30.76 -1.22
C CYS U 111 17.60 -32.08 -1.11
N TRP U 112 17.94 -32.63 -2.24
CA TRP U 112 18.64 -33.93 -2.23
C TRP U 112 20.02 -33.79 -1.58
N HIS U 113 20.75 -32.74 -1.95
CA HIS U 113 22.09 -32.54 -1.45
C HIS U 113 22.08 -32.22 0.07
N TRP U 114 21.00 -31.59 0.50
CA TRP U 114 20.85 -31.30 1.94
C TRP U 114 20.62 -32.58 2.76
N VAL U 115 19.72 -33.42 2.28
CA VAL U 115 19.39 -34.67 2.97
C VAL U 115 20.55 -35.66 2.89
N TYR U 116 21.06 -35.86 1.70
CA TYR U 116 22.18 -36.78 1.48
C TYR U 116 23.55 -36.06 1.51
N TRP U 117 23.76 -35.37 2.62
CA TRP U 117 24.97 -34.60 2.86
C TRP U 117 26.23 -35.48 3.02
N ASP U 118 26.06 -36.71 3.52
CA ASP U 118 27.19 -37.54 3.95
C ASP U 118 27.65 -38.48 2.88
N LEU U 119 28.14 -37.91 1.82
CA LEU U 119 28.61 -38.68 0.69
C LEU U 119 30.09 -38.97 0.91
N GLU U 120 30.46 -40.18 0.49
CA GLU U 120 31.86 -40.63 0.63
C GLU U 120 32.81 -39.71 -0.14
N LEU U 121 32.31 -39.19 -1.26
CA LEU U 121 33.11 -38.32 -2.14
C LEU U 121 33.71 -37.17 -1.37
N PHE U 122 32.99 -36.76 -0.33
CA PHE U 122 33.37 -35.54 0.46
C PHE U 122 34.33 -35.84 1.61
N ARG U 123 34.71 -37.11 1.75
CA ARG U 123 35.60 -37.54 2.80
C ARG U 123 36.97 -37.81 2.25
N ASP U 124 37.98 -37.43 3.05
CA ASP U 124 39.37 -37.68 2.68
C ASP U 124 39.57 -39.16 2.85
N PRO U 125 40.08 -39.87 1.79
CA PRO U 125 40.25 -41.33 1.88
C PRO U 125 41.13 -41.82 3.05
N ARG U 126 42.16 -41.09 3.41
CA ARG U 126 43.05 -41.52 4.47
C ARG U 126 42.44 -41.23 5.85
N THR U 127 42.10 -39.97 6.11
CA THR U 127 41.66 -39.55 7.44
C THR U 127 40.17 -39.83 7.74
N GLY U 128 39.33 -39.89 6.70
CA GLY U 128 37.88 -40.00 6.90
C GLY U 128 37.19 -38.71 7.35
N GLU U 129 37.94 -37.60 7.45
CA GLU U 129 37.41 -36.27 7.80
CA GLU U 129 37.32 -36.33 7.82
C GLU U 129 36.81 -35.69 6.53
N PRO U 130 35.83 -34.80 6.65
CA PRO U 130 35.42 -34.06 5.47
C PRO U 130 36.56 -33.25 4.87
N ALA U 131 36.67 -33.24 3.56
CA ALA U 131 37.82 -32.59 2.91
C ALA U 131 37.51 -32.30 1.46
N LEU U 132 37.80 -31.08 1.02
CA LEU U 132 37.71 -30.65 -0.41
C LEU U 132 39.10 -30.31 -0.87
N ASP U 133 39.58 -30.94 -1.96
CA ASP U 133 40.86 -30.57 -2.53
C ASP U 133 40.72 -29.30 -3.39
N LEU U 134 40.78 -28.16 -2.73
CA LEU U 134 40.47 -26.90 -3.39
C LEU U 134 41.41 -26.54 -4.61
N PRO U 135 42.70 -26.82 -4.52
CA PRO U 135 43.53 -26.54 -5.70
C PRO U 135 43.13 -27.32 -6.92
N LYS U 136 42.78 -28.60 -6.76
CA LYS U 136 42.34 -29.33 -7.95
C LYS U 136 40.96 -28.90 -8.45
N MET U 137 40.02 -28.62 -7.53
CA MET U 137 38.71 -28.13 -7.89
C MET U 137 38.87 -26.85 -8.71
N PHE U 138 39.81 -26.01 -8.33
CA PHE U 138 40.03 -24.76 -9.07
C PHE U 138 40.38 -25.05 -10.53
N GLY U 139 41.28 -26.01 -10.73
CA GLY U 139 41.62 -26.45 -12.06
C GLY U 139 40.46 -26.99 -12.88
N ILE U 140 39.70 -27.86 -12.25
CA ILE U 140 38.51 -28.42 -12.87
C ILE U 140 37.56 -27.30 -13.25
N HIS U 141 37.23 -26.44 -12.27
CA HIS U 141 36.29 -25.36 -12.55
C HIS U 141 36.87 -24.36 -13.58
N LEU U 142 38.19 -24.16 -13.60
CA LEU U 142 38.81 -23.18 -14.54
C LEU U 142 38.80 -23.75 -15.96
N PHE U 143 39.17 -25.03 -16.10
CA PHE U 143 39.02 -25.73 -17.35
C PHE U 143 37.58 -25.59 -17.94
N LEU U 144 36.57 -25.91 -17.15
CA LEU U 144 35.17 -25.79 -17.58
C LEU U 144 34.86 -24.34 -17.95
N ALA U 145 35.32 -23.40 -17.14
CA ALA U 145 35.06 -22.00 -17.43
C ALA U 145 35.69 -21.56 -18.77
N GLY U 146 36.90 -22.05 -19.01
CA GLY U 146 37.59 -21.90 -20.29
C GLY U 146 36.85 -22.46 -21.49
N LEU U 147 36.35 -23.69 -21.36
CA LEU U 147 35.61 -24.33 -22.43
CA LEU U 147 35.62 -24.34 -22.42
C LEU U 147 34.38 -23.51 -22.76
N LEU U 148 33.68 -23.11 -21.72
CA LEU U 148 32.45 -22.32 -21.93
C LEU U 148 32.71 -20.94 -22.54
N CYS U 149 33.74 -20.26 -22.03
CA CYS U 149 34.14 -18.91 -22.54
C CYS U 149 34.52 -18.97 -24.01
N PHE U 150 35.36 -19.97 -24.28
CA PHE U 150 35.80 -20.27 -25.65
C PHE U 150 34.58 -20.52 -26.56
N GLY U 151 33.71 -21.47 -26.16
CA GLY U 151 32.53 -21.79 -26.95
C GLY U 151 31.60 -20.58 -27.17
N PHE U 152 31.41 -19.78 -26.12
CA PHE U 152 30.64 -18.54 -26.21
C PHE U 152 31.19 -17.61 -27.29
N GLY U 153 32.51 -17.45 -27.29
CA GLY U 153 33.14 -16.59 -28.26
C GLY U 153 33.10 -17.17 -29.64
N ALA U 154 33.52 -18.42 -29.74
CA ALA U 154 33.73 -19.04 -31.07
C ALA U 154 32.45 -19.43 -31.84
N PHE U 155 31.40 -19.76 -31.09
CA PHE U 155 30.15 -20.22 -31.71
C PHE U 155 29.01 -19.21 -31.56
N HIS U 156 28.78 -18.77 -30.37
CA HIS U 156 27.62 -17.85 -30.16
C HIS U 156 27.89 -16.48 -30.77
N LEU U 157 28.95 -15.81 -30.34
CA LEU U 157 29.18 -14.39 -30.78
C LEU U 157 29.54 -14.28 -32.27
N THR U 158 30.27 -15.24 -32.80
CA THR U 158 30.54 -15.26 -34.24
C THR U 158 29.37 -15.58 -35.18
N GLY U 159 28.31 -16.19 -34.63
CA GLY U 159 27.19 -16.72 -35.46
C GLY U 159 27.49 -18.05 -36.12
N LEU U 160 28.62 -18.66 -35.75
CA LEU U 160 29.03 -19.95 -36.36
C LEU U 160 28.04 -20.99 -35.86
N PHE U 161 27.60 -20.85 -34.62
CA PHE U 161 26.48 -21.63 -34.09
C PHE U 161 25.89 -20.84 -32.93
N GLY U 162 24.97 -19.96 -33.28
CA GLY U 162 24.36 -18.99 -32.35
C GLY U 162 24.05 -17.70 -33.11
N PRO U 163 23.44 -16.72 -32.42
CA PRO U 163 22.86 -15.56 -33.03
C PRO U 163 23.78 -14.35 -33.19
N GLY U 164 24.92 -14.34 -32.53
CA GLY U 164 25.79 -13.15 -32.45
C GLY U 164 25.50 -12.26 -31.26
N MET U 165 25.66 -10.95 -31.48
CA MET U 165 25.43 -9.94 -30.43
C MET U 165 24.87 -8.66 -30.99
N TRP U 166 24.27 -7.85 -30.09
CA TRP U 166 23.81 -6.53 -30.52
C TRP U 166 25.00 -5.66 -30.97
N VAL U 167 24.88 -5.09 -32.17
CA VAL U 167 25.79 -4.04 -32.71
C VAL U 167 24.95 -2.91 -33.31
N SER U 168 25.55 -1.73 -33.41
CA SER U 168 24.86 -0.59 -33.97
C SER U 168 25.88 0.35 -34.66
N ASP U 169 25.36 1.36 -35.29
CA ASP U 169 26.12 2.47 -35.85
C ASP U 169 26.52 3.42 -34.72
N PRO U 170 27.41 4.37 -35.01
CA PRO U 170 27.89 5.22 -33.88
C PRO U 170 26.87 6.10 -33.17
N TYR U 171 25.69 6.24 -33.76
CA TYR U 171 24.60 7.11 -33.19
C TYR U 171 23.40 6.34 -32.72
N GLY U 172 23.53 5.01 -32.67
CA GLY U 172 22.48 4.15 -32.10
C GLY U 172 21.14 4.24 -32.80
N LEU U 173 21.15 4.27 -34.13
CA LEU U 173 19.98 4.42 -34.93
C LEU U 173 19.54 3.15 -35.57
N THR U 174 20.45 2.20 -35.83
CA THR U 174 20.13 1.05 -36.64
C THR U 174 20.61 -0.25 -36.01
N GLY U 175 20.50 -0.36 -34.71
CA GLY U 175 20.96 -1.50 -33.99
C GLY U 175 20.25 -2.80 -34.30
N SER U 176 21.00 -3.89 -34.27
CA SER U 176 20.48 -5.22 -34.45
C SER U 176 21.47 -6.24 -33.99
N VAL U 177 21.00 -7.46 -33.91
CA VAL U 177 21.86 -8.57 -33.53
C VAL U 177 22.53 -9.09 -34.77
N GLN U 178 23.81 -9.19 -34.72
CA GLN U 178 24.57 -9.62 -35.89
C GLN U 178 25.67 -10.53 -35.44
N PRO U 179 26.10 -11.42 -36.34
CA PRO U 179 27.32 -12.19 -36.08
C PRO U 179 28.50 -11.23 -36.11
N VAL U 180 29.46 -11.45 -35.22
CA VAL U 180 30.64 -10.62 -35.13
C VAL U 180 31.92 -11.47 -35.24
N ALA U 181 32.84 -11.08 -36.10
CA ALA U 181 34.14 -11.77 -36.25
C ALA U 181 35.14 -11.20 -35.24
N PRO U 182 36.04 -12.02 -34.75
CA PRO U 182 37.06 -11.57 -33.82
C PRO U 182 37.99 -10.54 -34.46
N GLU U 183 38.38 -9.52 -33.68
CA GLU U 183 39.39 -8.58 -34.11
C GLU U 183 40.71 -8.96 -33.38
N TRP U 184 41.70 -9.38 -34.17
CA TRP U 184 42.95 -9.89 -33.65
C TRP U 184 44.10 -8.88 -33.62
N GLY U 185 43.86 -7.68 -34.14
CA GLY U 185 44.79 -6.60 -34.00
C GLY U 185 44.59 -5.73 -32.75
N PRO U 186 45.39 -4.64 -32.62
CA PRO U 186 45.32 -3.81 -31.43
C PRO U 186 43.96 -3.17 -31.18
N ASP U 187 43.15 -3.01 -32.23
CA ASP U 187 41.80 -2.44 -32.02
C ASP U 187 40.83 -3.39 -31.33
N GLY U 188 41.28 -4.63 -31.10
CA GLY U 188 40.56 -5.58 -30.22
C GLY U 188 40.46 -5.12 -28.79
N PHE U 189 41.42 -4.28 -28.36
CA PHE U 189 41.42 -3.68 -27.01
C PHE U 189 40.69 -2.35 -26.89
N ASN U 190 40.12 -1.90 -28.01
CA ASN U 190 39.19 -0.78 -28.03
C ASN U 190 37.88 -1.23 -27.42
N PRO U 191 37.42 -0.58 -26.32
CA PRO U 191 36.18 -1.06 -25.74
C PRO U 191 34.95 -0.94 -26.68
N TYR U 192 34.97 0.00 -27.63
CA TYR U 192 33.84 0.22 -28.51
C TYR U 192 33.86 -0.72 -29.71
N ASN U 193 34.82 -1.65 -29.81
CA ASN U 193 34.92 -2.56 -30.97
C ASN U 193 34.36 -3.90 -30.57
N PRO U 194 33.17 -4.27 -31.09
CA PRO U 194 32.54 -5.57 -30.83
C PRO U 194 33.48 -6.76 -31.13
N GLY U 195 34.30 -6.67 -32.20
CA GLY U 195 35.18 -7.79 -32.53
C GLY U 195 36.19 -8.12 -31.44
N GLY U 196 36.54 -7.14 -30.61
CA GLY U 196 37.38 -7.37 -29.45
C GLY U 196 36.72 -8.26 -28.39
N VAL U 197 35.41 -8.11 -28.27
CA VAL U 197 34.69 -8.92 -27.29
C VAL U 197 34.76 -10.37 -27.73
N VAL U 198 34.64 -10.57 -29.03
CA VAL U 198 34.71 -11.92 -29.62
C VAL U 198 36.10 -12.53 -29.47
N ALA U 199 37.13 -11.73 -29.74
CA ALA U 199 38.49 -12.24 -29.65
C ALA U 199 38.87 -12.47 -28.17
N HIS U 200 38.40 -11.61 -27.31
CA HIS U 200 38.56 -11.83 -25.89
C HIS U 200 38.13 -13.27 -25.48
N HIS U 201 36.93 -13.67 -25.90
CA HIS U 201 36.33 -14.90 -25.37
C HIS U 201 37.04 -16.10 -25.95
N ILE U 202 37.50 -15.93 -27.17
CA ILE U 202 38.25 -17.04 -27.84
C ILE U 202 39.60 -17.19 -27.16
N ALA U 203 40.29 -16.09 -27.03
CA ALA U 203 41.66 -16.17 -26.53
C ALA U 203 41.69 -16.45 -25.02
N ALA U 204 40.93 -15.68 -24.25
CA ALA U 204 40.94 -15.94 -22.84
C ALA U 204 40.38 -17.30 -22.51
N GLY U 205 39.51 -17.80 -23.38
CA GLY U 205 38.95 -19.16 -23.23
C GLY U 205 40.03 -20.20 -23.32
N ILE U 206 40.86 -20.06 -24.36
CA ILE U 206 41.93 -21.00 -24.59
C ILE U 206 42.92 -20.91 -23.40
N VAL U 207 43.20 -19.71 -22.94
CA VAL U 207 44.09 -19.53 -21.80
C VAL U 207 43.51 -20.19 -20.55
N GLY U 208 42.21 -20.05 -20.36
CA GLY U 208 41.55 -20.80 -19.29
C GLY U 208 41.64 -22.33 -19.38
N ILE U 209 41.50 -22.84 -20.60
CA ILE U 209 41.67 -24.28 -20.81
C ILE U 209 43.08 -24.69 -20.38
N ILE U 210 44.06 -23.97 -20.87
CA ILE U 210 45.44 -24.36 -20.63
C ILE U 210 45.77 -24.21 -19.14
N ALA U 211 45.37 -23.08 -18.56
CA ALA U 211 45.62 -22.82 -17.14
C ALA U 211 44.86 -23.80 -16.22
N GLY U 212 43.63 -24.16 -16.61
CA GLY U 212 42.87 -25.18 -15.87
C GLY U 212 43.61 -26.50 -15.91
N LEU U 213 44.14 -26.87 -17.07
CA LEU U 213 44.89 -28.13 -17.19
C LEU U 213 46.12 -28.07 -16.27
N PHE U 214 46.82 -26.91 -16.26
CA PHE U 214 47.94 -26.68 -15.37
C PHE U 214 47.51 -26.93 -13.93
N HIS U 215 46.37 -26.34 -13.58
CA HIS U 215 45.87 -26.34 -12.22
C HIS U 215 45.29 -27.71 -11.80
N ILE U 216 44.90 -28.52 -12.78
CA ILE U 216 44.49 -29.91 -12.51
C ILE U 216 45.72 -30.79 -12.20
N LEU U 217 46.76 -30.56 -13.00
CA LEU U 217 47.91 -31.44 -13.07
C LEU U 217 49.03 -31.11 -12.13
N VAL U 218 49.17 -29.85 -11.76
CA VAL U 218 50.30 -29.41 -10.93
C VAL U 218 49.90 -28.93 -9.54
N ARG U 219 50.50 -29.57 -8.55
CA ARG U 219 50.20 -29.22 -7.15
C ARG U 219 50.75 -27.84 -6.73
N PRO U 220 50.04 -27.12 -5.81
CA PRO U 220 50.61 -25.89 -5.34
C PRO U 220 51.94 -26.04 -4.62
N PRO U 221 52.82 -25.05 -4.76
CA PRO U 221 54.02 -25.05 -3.95
C PRO U 221 53.68 -25.02 -2.47
N GLN U 222 54.41 -25.79 -1.67
CA GLN U 222 54.22 -25.84 -0.21
CA GLN U 222 54.15 -25.83 -0.23
C GLN U 222 54.22 -24.41 0.35
N ARG U 223 55.12 -23.59 -0.17
CA ARG U 223 55.19 -22.17 0.30
C ARG U 223 53.91 -21.39 0.08
N LEU U 224 53.30 -21.60 -1.08
CA LEU U 224 52.00 -20.91 -1.40
C LEU U 224 50.82 -21.56 -0.71
N TYR U 225 50.81 -22.89 -0.64
CA TYR U 225 49.79 -23.60 0.12
C TYR U 225 49.71 -23.09 1.57
N LYS U 226 50.85 -22.94 2.25
CA LYS U 226 50.84 -22.47 3.65
C LYS U 226 50.50 -21.02 3.64
N ALA U 227 51.13 -20.24 2.76
CA ALA U 227 50.90 -18.77 2.82
C ALA U 227 49.45 -18.33 2.61
N LEU U 228 48.81 -18.94 1.65
CA LEU U 228 47.43 -18.64 1.34
C LEU U 228 46.40 -19.59 2.01
N ARG U 229 46.85 -20.48 2.91
CA ARG U 229 45.94 -21.30 3.73
C ARG U 229 45.03 -22.14 2.82
N MET U 230 45.63 -22.87 1.89
CA MET U 230 44.89 -23.49 0.86
C MET U 230 44.02 -24.67 1.29
N GLY U 231 44.21 -25.09 2.54
CA GLY U 231 43.37 -26.06 3.14
C GLY U 231 42.12 -25.49 3.75
N ASN U 232 42.01 -24.18 3.79
CA ASN U 232 40.87 -23.53 4.42
C ASN U 232 39.99 -22.91 3.34
N ILE U 233 38.77 -23.40 3.19
CA ILE U 233 37.88 -22.91 2.16
C ILE U 233 37.63 -21.39 2.25
N GLU U 234 37.81 -20.77 3.43
CA GLU U 234 37.53 -19.36 3.54
C GLU U 234 38.59 -18.56 2.76
N THR U 235 39.71 -19.19 2.41
CA THR U 235 40.68 -18.50 1.54
C THR U 235 40.12 -18.29 0.18
N VAL U 236 39.37 -19.26 -0.30
CA VAL U 236 38.76 -19.11 -1.64
C VAL U 236 37.71 -18.03 -1.52
N LEU U 237 36.97 -18.04 -0.44
CA LEU U 237 35.96 -17.01 -0.34
C LEU U 237 36.58 -15.60 -0.42
N SER U 238 37.66 -15.39 0.31
CA SER U 238 38.36 -14.09 0.29
CA SER U 238 38.40 -14.11 0.30
C SER U 238 38.78 -13.68 -1.10
N SER U 239 39.51 -14.57 -1.82
CA SER U 239 40.02 -14.21 -3.10
C SER U 239 38.90 -14.14 -4.16
N SER U 240 37.86 -14.97 -4.02
CA SER U 240 36.75 -14.94 -4.96
C SER U 240 36.01 -13.62 -4.84
N ILE U 241 35.83 -13.18 -3.59
CA ILE U 241 35.18 -11.91 -3.35
C ILE U 241 35.98 -10.73 -3.99
N ALA U 242 37.33 -10.77 -3.87
CA ALA U 242 38.19 -9.76 -4.57
C ALA U 242 37.99 -9.79 -6.07
N ALA U 243 37.99 -10.97 -6.67
CA ALA U 243 37.76 -11.06 -8.11
C ALA U 243 36.43 -10.46 -8.51
N VAL U 244 35.41 -10.76 -7.73
CA VAL U 244 34.07 -10.30 -8.00
C VAL U 244 33.96 -8.79 -7.83
N PHE U 245 34.61 -8.19 -6.82
CA PHE U 245 34.52 -6.71 -6.72
C PHE U 245 35.27 -6.04 -7.85
N PHE U 246 36.34 -6.65 -8.31
CA PHE U 246 37.04 -6.14 -9.50
C PHE U 246 36.10 -6.15 -10.73
N ALA U 247 35.48 -7.29 -11.00
CA ALA U 247 34.53 -7.42 -12.04
C ALA U 247 33.37 -6.43 -11.93
N ALA U 248 32.90 -6.22 -10.70
CA ALA U 248 31.77 -5.33 -10.49
C ALA U 248 32.12 -3.90 -10.83
N PHE U 249 33.32 -3.48 -10.38
CA PHE U 249 33.77 -2.13 -10.74
C PHE U 249 33.93 -1.99 -12.28
N VAL U 250 34.48 -3.02 -12.93
CA VAL U 250 34.63 -2.96 -14.37
C VAL U 250 33.26 -2.80 -15.09
N VAL U 251 32.25 -3.61 -14.74
CA VAL U 251 30.99 -3.46 -15.40
C VAL U 251 30.30 -2.12 -15.02
N ALA U 252 30.54 -1.61 -13.81
CA ALA U 252 30.01 -0.27 -13.50
C ALA U 252 30.64 0.76 -14.48
N GLY U 253 31.94 0.70 -14.68
CA GLY U 253 32.62 1.68 -15.56
C GLY U 253 32.23 1.58 -17.03
N THR U 254 32.18 0.36 -17.57
CA THR U 254 31.76 0.19 -18.97
C THR U 254 30.31 0.62 -19.21
N MET U 255 29.50 0.45 -18.20
CA MET U 255 28.12 0.88 -18.27
C MET U 255 28.08 2.44 -18.29
N TRP U 256 28.88 3.10 -17.43
CA TRP U 256 28.78 4.55 -17.35
C TRP U 256 29.41 5.28 -18.56
N TYR U 257 30.56 4.79 -19.02
CA TYR U 257 31.31 5.39 -20.17
C TYR U 257 30.84 4.88 -21.54
N GLY U 258 30.25 3.69 -21.56
CA GLY U 258 29.82 3.04 -22.80
C GLY U 258 30.90 2.12 -23.29
N SER U 259 30.47 1.05 -23.93
CA SER U 259 31.30 0.12 -24.65
C SER U 259 30.43 -0.64 -25.65
N ALA U 260 31.05 -1.51 -26.43
CA ALA U 260 30.35 -2.39 -27.32
C ALA U 260 29.36 -3.31 -26.64
N THR U 261 29.49 -3.49 -25.32
CA THR U 261 28.58 -4.34 -24.59
C THR U 261 27.56 -3.56 -23.78
N THR U 262 27.55 -2.23 -23.86
CA THR U 262 26.51 -1.44 -23.25
C THR U 262 25.91 -0.46 -24.28
N PRO U 263 25.26 -1.00 -25.30
CA PRO U 263 24.75 -0.16 -26.43
C PRO U 263 23.64 0.75 -26.02
N ILE U 264 23.61 1.90 -26.68
CA ILE U 264 22.69 2.98 -26.25
C ILE U 264 21.24 2.67 -26.58
N GLU U 265 21.00 1.80 -27.56
CA GLU U 265 19.61 1.42 -27.85
C GLU U 265 19.02 0.44 -26.82
N LEU U 266 19.87 -0.17 -26.03
CA LEU U 266 19.43 -1.14 -24.99
C LEU U 266 19.44 -0.48 -23.59
N PHE U 267 20.44 0.39 -23.32
CA PHE U 267 20.60 0.99 -21.99
C PHE U 267 20.38 2.46 -21.92
N GLY U 268 20.20 3.11 -23.08
CA GLY U 268 20.10 4.56 -23.14
C GLY U 268 21.43 5.25 -23.42
N PRO U 269 21.35 6.55 -23.79
CA PRO U 269 22.63 7.23 -24.04
C PRO U 269 23.47 7.46 -22.76
N THR U 270 24.72 7.90 -22.92
CA THR U 270 25.56 8.15 -21.77
C THR U 270 25.49 9.65 -21.42
N ARG U 271 25.93 9.95 -20.21
CA ARG U 271 26.02 11.40 -19.75
C ARG U 271 27.05 12.19 -20.61
N TYR U 272 28.08 11.46 -21.13
CA TYR U 272 29.15 12.10 -21.81
C TYR U 272 28.74 12.59 -23.19
N GLN U 273 27.76 11.90 -23.77
CA GLN U 273 27.19 12.29 -25.04
C GLN U 273 26.48 13.63 -24.92
N TRP U 274 25.81 13.86 -23.80
CA TRP U 274 25.27 15.20 -23.56
C TRP U 274 26.40 16.22 -23.33
N ASP U 275 27.38 15.86 -22.51
CA ASP U 275 28.46 16.80 -22.14
C ASP U 275 29.15 17.35 -23.40
N SER U 276 29.50 16.47 -24.34
CA SER U 276 30.25 16.85 -25.55
C SER U 276 29.32 17.24 -26.73
N SER U 277 28.02 17.32 -26.49
CA SER U 277 27.05 17.56 -27.54
C SER U 277 27.20 16.59 -28.76
N TYR U 278 27.44 15.33 -28.47
CA TYR U 278 27.77 14.31 -29.49
C TYR U 278 26.67 14.18 -30.55
N PHE U 279 25.40 14.13 -30.10
CA PHE U 279 24.32 14.04 -31.03
C PHE U 279 24.04 15.38 -31.72
N GLN U 280 24.07 16.50 -30.97
CA GLN U 280 23.84 17.80 -31.58
C GLN U 280 24.82 18.01 -32.76
N GLN U 281 26.06 17.55 -32.62
CA GLN U 281 27.09 17.81 -33.66
C GLN U 281 26.77 17.01 -34.91
N GLU U 282 26.27 15.79 -34.71
CA GLU U 282 25.91 14.94 -35.87
C GLU U 282 24.63 15.43 -36.53
N ILE U 283 23.66 15.91 -35.74
CA ILE U 283 22.46 16.52 -36.32
C ILE U 283 22.86 17.74 -37.17
N ASN U 284 23.71 18.61 -36.62
CA ASN U 284 24.18 19.83 -37.37
C ASN U 284 24.94 19.45 -38.62
N ARG U 285 25.74 18.40 -38.53
CA ARG U 285 26.49 17.94 -39.71
C ARG U 285 25.53 17.48 -40.81
N ARG U 286 24.51 16.70 -40.47
CA ARG U 286 23.55 16.20 -41.45
CA ARG U 286 23.57 16.21 -41.47
C ARG U 286 22.80 17.38 -42.10
N VAL U 287 22.42 18.35 -41.27
CA VAL U 287 21.62 19.46 -41.70
C VAL U 287 22.42 20.30 -42.69
N GLN U 288 23.68 20.53 -42.36
CA GLN U 288 24.58 21.32 -43.20
C GLN U 288 24.82 20.62 -44.56
N ALA U 289 25.04 19.31 -44.53
CA ALA U 289 25.16 18.53 -45.77
C ALA U 289 23.88 18.67 -46.59
N SER U 290 22.72 18.63 -45.94
CA SER U 290 21.46 18.81 -46.68
C SER U 290 21.35 20.22 -47.30
N LEU U 291 21.66 21.25 -46.53
CA LEU U 291 21.59 22.62 -47.05
C LEU U 291 22.48 22.79 -48.27
N ALA U 292 23.71 22.29 -48.14
CA ALA U 292 24.72 22.33 -49.19
C ALA U 292 24.29 21.52 -50.37
N SER U 293 23.42 20.54 -50.20
CA SER U 293 22.94 19.87 -51.42
C SER U 293 21.73 20.61 -52.04
N GLY U 294 21.41 21.82 -51.57
CA GLY U 294 20.21 22.55 -52.02
C GLY U 294 18.90 22.31 -51.29
N ALA U 295 18.85 21.53 -50.20
CA ALA U 295 17.63 21.43 -49.38
C ALA U 295 17.23 22.80 -48.87
N THR U 296 15.92 23.05 -48.74
CA THR U 296 15.52 24.16 -47.87
C THR U 296 15.78 23.77 -46.39
N LEU U 297 15.64 24.76 -45.52
CA LEU U 297 15.78 24.58 -44.10
C LEU U 297 14.75 23.60 -43.58
N GLU U 298 13.49 23.76 -44.01
CA GLU U 298 12.37 22.83 -43.67
C GLU U 298 12.77 21.40 -44.08
N GLU U 299 13.25 21.26 -45.28
CA GLU U 299 13.64 19.91 -45.78
C GLU U 299 14.83 19.33 -45.01
N ALA U 300 15.83 20.18 -44.72
CA ALA U 300 17.03 19.76 -44.06
C ALA U 300 16.74 19.23 -42.68
N TRP U 301 15.99 20.00 -41.89
CA TRP U 301 15.60 19.58 -40.54
C TRP U 301 14.57 18.41 -40.58
N SER U 302 13.69 18.36 -41.59
CA SER U 302 12.73 17.28 -41.71
C SER U 302 13.41 15.97 -42.05
N ALA U 303 14.62 15.99 -42.58
CA ALA U 303 15.39 14.75 -42.84
C ALA U 303 16.10 14.16 -41.64
N ILE U 304 16.06 14.85 -40.48
CA ILE U 304 16.64 14.32 -39.26
C ILE U 304 15.71 13.31 -38.64
N PRO U 305 16.23 12.10 -38.41
CA PRO U 305 15.37 11.10 -37.79
C PRO U 305 14.94 11.52 -36.40
N GLU U 306 13.69 11.25 -36.09
CA GLU U 306 13.23 11.56 -34.73
C GLU U 306 14.11 10.83 -33.69
N LYS U 307 14.57 9.62 -34.02
CA LYS U 307 15.39 8.84 -33.08
C LYS U 307 16.70 9.61 -32.75
N LEU U 308 17.28 10.25 -33.77
CA LEU U 308 18.52 10.99 -33.57
C LEU U 308 18.26 12.23 -32.72
N ALA U 309 17.22 12.94 -33.03
CA ALA U 309 16.83 14.13 -32.24
C ALA U 309 16.57 13.80 -30.75
N PHE U 310 15.96 12.66 -30.48
CA PHE U 310 15.58 12.27 -29.14
C PHE U 310 16.81 11.95 -28.29
N TYR U 311 17.87 11.43 -28.88
CA TYR U 311 19.12 11.33 -28.12
C TYR U 311 19.72 12.70 -27.70
N ASP U 312 19.38 13.78 -28.41
CA ASP U 312 19.89 15.12 -28.10
C ASP U 312 18.93 15.87 -27.23
N TYR U 313 18.49 15.21 -26.16
CA TYR U 313 17.52 15.75 -25.21
C TYR U 313 18.01 15.29 -23.83
N ILE U 314 18.09 16.22 -22.90
CA ILE U 314 18.68 15.93 -21.63
C ILE U 314 17.82 14.93 -20.74
N GLY U 315 16.54 14.78 -21.04
CA GLY U 315 15.72 13.85 -20.30
C GLY U 315 16.14 12.41 -20.50
N ASN U 316 16.98 12.16 -21.51
CA ASN U 316 17.53 10.87 -21.76
C ASN U 316 18.97 10.67 -21.23
N ASN U 317 19.48 11.76 -20.65
CA ASN U 317 20.78 11.77 -20.00
C ASN U 317 20.68 11.06 -18.66
N PRO U 318 21.50 10.02 -18.45
CA PRO U 318 21.37 9.25 -17.18
C PRO U 318 21.84 9.95 -15.93
N ALA U 319 22.42 11.12 -16.07
CA ALA U 319 22.87 11.88 -14.92
C ALA U 319 21.92 13.01 -14.55
N LYS U 320 20.63 12.83 -14.80
CA LYS U 320 19.60 13.83 -14.47
C LYS U 320 18.58 13.28 -13.50
N GLY U 321 18.85 12.13 -12.90
CA GLY U 321 17.84 11.48 -12.03
C GLY U 321 17.94 11.79 -10.54
N GLY U 322 17.30 10.93 -9.75
CA GLY U 322 17.30 11.09 -8.30
C GLY U 322 17.19 9.71 -7.66
N LEU U 323 17.81 9.58 -6.51
CA LEU U 323 17.90 8.30 -5.78
C LEU U 323 16.56 7.70 -5.46
N PHE U 324 15.63 8.56 -5.07
CA PHE U 324 14.24 8.15 -4.70
C PHE U 324 13.17 8.46 -5.72
N ARG U 325 13.63 8.87 -6.91
CA ARG U 325 12.74 9.11 -8.05
C ARG U 325 12.64 7.81 -8.75
N THR U 326 11.61 7.08 -8.35
CA THR U 326 11.50 5.66 -8.76
C THR U 326 10.82 5.43 -10.09
N GLY U 327 11.25 4.36 -10.75
CA GLY U 327 10.51 3.88 -11.92
C GLY U 327 11.11 4.25 -13.26
N PRO U 328 10.31 4.12 -14.32
CA PRO U 328 10.77 4.35 -15.69
C PRO U 328 10.97 5.82 -15.92
N MET U 329 11.82 6.18 -16.86
CA MET U 329 11.96 7.60 -17.29
C MET U 329 10.61 8.17 -17.71
N ASN U 330 9.72 7.32 -18.29
CA ASN U 330 8.36 7.78 -18.70
C ASN U 330 7.54 8.43 -17.59
N LYS U 331 7.81 8.00 -16.38
CA LYS U 331 7.13 8.49 -15.20
C LYS U 331 7.45 9.96 -14.86
N GLY U 332 8.60 10.43 -15.31
CA GLY U 332 8.94 11.87 -15.10
C GLY U 332 8.44 12.78 -16.20
N ASP U 333 9.22 12.94 -17.26
CA ASP U 333 8.80 13.78 -18.38
C ASP U 333 7.60 13.31 -19.23
N GLY U 334 7.27 12.01 -19.17
CA GLY U 334 6.13 11.43 -19.89
C GLY U 334 6.60 10.41 -20.90
N ILE U 335 5.64 9.84 -21.62
CA ILE U 335 5.90 9.00 -22.71
C ILE U 335 6.07 9.88 -23.93
N ALA U 336 7.27 9.88 -24.53
CA ALA U 336 7.53 10.77 -25.69
C ALA U 336 6.66 10.32 -26.82
N GLN U 337 5.99 11.28 -27.47
CA GLN U 337 5.07 11.03 -28.60
C GLN U 337 5.66 11.44 -29.95
N ALA U 338 6.31 12.60 -29.98
CA ALA U 338 6.78 13.11 -31.28
C ALA U 338 7.75 14.21 -31.08
N TRP U 339 8.67 14.35 -32.04
CA TRP U 339 9.54 15.53 -32.10
C TRP U 339 8.75 16.78 -32.51
N LYS U 340 8.85 17.89 -31.76
CA LYS U 340 8.21 19.11 -32.19
C LYS U 340 8.89 19.77 -33.39
N GLY U 341 10.12 19.36 -33.65
CA GLY U 341 10.95 19.98 -34.66
C GLY U 341 12.02 20.82 -33.96
N HIS U 342 12.94 21.30 -34.74
CA HIS U 342 14.03 22.15 -34.26
C HIS U 342 13.60 23.60 -34.19
N ALA U 343 13.80 24.21 -33.04
CA ALA U 343 13.43 25.59 -32.75
C ALA U 343 14.60 26.50 -33.05
N VAL U 344 14.33 27.50 -33.89
CA VAL U 344 15.31 28.50 -34.25
C VAL U 344 14.79 29.80 -33.65
N PHE U 345 15.55 30.41 -32.75
CA PHE U 345 15.14 31.68 -32.12
C PHE U 345 15.81 32.84 -32.89
N ARG U 346 15.07 33.93 -33.05
CA ARG U 346 15.55 35.14 -33.74
CA ARG U 346 15.59 35.13 -33.71
C ARG U 346 15.12 36.33 -32.93
N ASN U 347 15.93 37.40 -32.94
CA ASN U 347 15.51 38.64 -32.34
C ASN U 347 14.85 39.55 -33.39
N LYS U 348 14.45 40.74 -32.98
CA LYS U 348 13.71 41.67 -33.86
C LYS U 348 14.54 42.08 -35.01
N GLU U 349 15.86 42.04 -34.87
CA GLU U 349 16.75 42.35 -35.98
C GLU U 349 16.92 41.16 -36.91
N GLY U 350 16.38 39.98 -36.59
CA GLY U 350 16.55 38.79 -37.50
C GLY U 350 17.78 37.91 -37.19
N GLU U 351 18.58 38.27 -36.18
CA GLU U 351 19.79 37.50 -35.80
C GLU U 351 19.40 36.13 -35.21
N GLU U 352 19.99 35.02 -35.64
CA GLU U 352 19.73 33.77 -34.95
C GLU U 352 20.34 33.82 -33.52
N LEU U 353 19.58 33.36 -32.54
CA LEU U 353 20.00 33.30 -31.14
C LEU U 353 19.95 31.86 -30.68
N PHE U 354 20.83 31.54 -29.74
CA PHE U 354 21.01 30.17 -29.27
C PHE U 354 20.79 30.10 -27.75
N VAL U 355 19.94 29.18 -27.33
CA VAL U 355 19.63 29.00 -25.89
C VAL U 355 20.74 28.23 -25.24
N ARG U 356 21.24 28.75 -24.13
CA ARG U 356 22.35 28.08 -23.45
C ARG U 356 21.78 26.78 -22.81
N ARG U 357 22.35 25.65 -23.13
CA ARG U 357 21.86 24.36 -22.59
C ARG U 357 22.21 24.14 -21.13
N MET U 358 21.36 23.35 -20.49
CA MET U 358 21.51 22.95 -19.09
C MET U 358 22.62 21.91 -18.97
N PRO U 359 23.64 22.18 -18.17
CA PRO U 359 24.57 21.07 -17.80
C PRO U 359 23.92 20.09 -16.83
N ALA U 360 24.35 18.83 -16.89
CA ALA U 360 23.75 17.79 -16.00
C ALA U 360 23.77 18.16 -14.50
N PHE U 361 24.74 18.96 -14.06
CA PHE U 361 24.89 19.28 -12.65
C PHE U 361 23.70 20.03 -12.10
N PHE U 362 22.94 20.69 -12.96
CA PHE U 362 21.98 21.69 -12.49
C PHE U 362 20.53 21.15 -12.48
N GLU U 363 19.87 21.19 -11.31
CA GLU U 363 18.45 20.86 -11.23
C GLU U 363 17.58 21.88 -11.92
N SER U 364 17.97 23.16 -11.84
CA SER U 364 17.33 24.22 -12.54
C SER U 364 18.42 25.06 -13.22
N PHE U 365 18.00 25.86 -14.19
CA PHE U 365 18.99 26.62 -14.98
C PHE U 365 18.30 27.84 -15.63
N PRO U 366 18.98 28.98 -15.68
CA PRO U 366 18.35 30.19 -16.26
C PRO U 366 18.17 30.06 -17.77
N VAL U 367 17.38 30.94 -18.33
CA VAL U 367 17.15 30.92 -19.77
C VAL U 367 17.89 32.12 -20.37
N ILE U 368 18.94 31.82 -21.14
CA ILE U 368 19.86 32.82 -21.66
C ILE U 368 20.16 32.49 -23.13
N LEU U 369 20.01 33.49 -24.00
CA LEU U 369 20.16 33.32 -25.45
C LEU U 369 21.28 34.25 -25.88
N THR U 370 22.19 33.66 -26.65
CA THR U 370 23.37 34.34 -27.15
C THR U 370 23.39 34.37 -28.67
N ASP U 371 24.11 35.32 -29.24
CA ASP U 371 24.39 35.22 -30.67
C ASP U 371 25.42 34.10 -30.91
N LYS U 372 25.77 33.88 -32.17
CA LYS U 372 26.71 32.84 -32.50
C LYS U 372 28.09 33.06 -31.91
N ASN U 373 28.41 34.30 -31.57
CA ASN U 373 29.66 34.59 -30.87
C ASN U 373 29.61 34.51 -29.37
N GLY U 374 28.50 34.17 -28.77
CA GLY U 374 28.45 34.00 -27.33
C GLY U 374 28.02 35.27 -26.65
N VAL U 375 27.69 36.32 -27.39
CA VAL U 375 27.23 37.55 -26.75
C VAL U 375 25.75 37.42 -26.34
N VAL U 376 25.43 37.84 -25.11
CA VAL U 376 24.05 37.72 -24.62
C VAL U 376 23.17 38.68 -25.41
N LYS U 377 22.05 38.16 -25.89
CA LYS U 377 21.08 38.94 -26.66
C LYS U 377 19.67 38.93 -26.07
N ALA U 378 19.32 37.90 -25.31
CA ALA U 378 18.02 37.85 -24.66
C ALA U 378 18.04 36.91 -23.45
N ASP U 379 17.12 37.10 -22.54
CA ASP U 379 17.00 36.20 -21.44
C ASP U 379 15.62 36.33 -20.79
N ILE U 380 15.39 35.44 -19.82
CA ILE U 380 14.23 35.57 -18.95
C ILE U 380 14.71 36.15 -17.64
N PRO U 381 14.38 37.43 -17.36
CA PRO U 381 14.88 38.03 -16.20
C PRO U 381 14.14 37.48 -14.94
N PHE U 382 14.86 37.54 -13.85
CA PHE U 382 14.36 37.33 -12.50
C PHE U 382 13.87 38.70 -12.01
N ARG U 383 14.75 39.60 -11.52
CA ARG U 383 14.34 40.98 -11.29
C ARG U 383 13.99 41.63 -12.65
N ARG U 384 12.83 42.29 -12.71
CA ARG U 384 12.42 42.97 -13.96
C ARG U 384 12.85 44.43 -14.08
N ALA U 385 13.04 45.10 -12.95
CA ALA U 385 13.14 46.56 -12.93
C ALA U 385 14.31 47.16 -13.70
N GLU U 386 15.37 46.39 -13.92
CA GLU U 386 16.51 46.87 -14.74
C GLU U 386 16.83 45.90 -15.85
N SER U 387 15.84 45.18 -16.28
CA SER U 387 15.97 44.22 -17.37
C SER U 387 16.28 44.97 -18.66
N LYS U 388 17.18 44.42 -19.44
CA LYS U 388 17.48 44.91 -20.74
C LYS U 388 17.45 43.86 -21.83
N TYR U 389 17.34 42.59 -21.45
CA TYR U 389 17.39 41.48 -22.45
C TYR U 389 16.07 40.68 -22.53
N SER U 390 14.99 41.21 -21.96
CA SER U 390 13.69 40.49 -21.99
C SER U 390 13.30 40.16 -23.43
N PHE U 391 12.62 39.04 -23.62
CA PHE U 391 12.13 38.61 -24.92
C PHE U 391 11.19 39.73 -25.50
N GLU U 392 10.48 40.42 -24.62
CA GLU U 392 9.61 41.50 -25.00
C GLU U 392 10.41 42.68 -25.57
N GLN U 393 11.48 43.09 -24.87
CA GLN U 393 12.38 44.17 -25.38
C GLN U 393 13.07 43.80 -26.68
N GLN U 394 13.48 42.55 -26.81
CA GLN U 394 14.30 42.12 -27.91
C GLN U 394 13.52 41.52 -29.04
N GLY U 395 12.18 41.43 -28.87
CA GLY U 395 11.29 40.94 -29.94
C GLY U 395 11.65 39.53 -30.38
N VAL U 396 11.91 38.68 -29.41
CA VAL U 396 12.39 37.32 -29.77
C VAL U 396 11.21 36.53 -30.36
N THR U 397 11.49 35.78 -31.42
CA THR U 397 10.53 34.90 -32.05
C THR U 397 11.13 33.51 -32.14
N VAL U 398 10.27 32.51 -32.42
CA VAL U 398 10.76 31.17 -32.63
C VAL U 398 10.07 30.54 -33.82
N SER U 399 10.85 29.89 -34.66
CA SER U 399 10.36 29.21 -35.84
C SER U 399 10.83 27.76 -35.77
N PHE U 400 9.97 26.84 -36.18
CA PHE U 400 10.29 25.43 -36.12
C PHE U 400 10.53 24.84 -37.51
N TYR U 401 11.52 23.98 -37.58
CA TYR U 401 11.85 23.27 -38.81
C TYR U 401 11.93 21.78 -38.53
N GLY U 402 11.25 20.96 -39.33
CA GLY U 402 11.08 19.51 -38.96
C GLY U 402 10.01 19.29 -37.91
N GLY U 403 9.69 18.02 -37.64
CA GLY U 403 8.73 17.63 -36.63
C GLY U 403 7.33 18.18 -36.79
N GLU U 404 6.59 18.10 -35.70
CA GLU U 404 5.17 18.42 -35.74
CA GLU U 404 5.18 18.45 -35.70
C GLU U 404 4.93 19.92 -36.01
N LEU U 405 5.85 20.79 -35.61
CA LEU U 405 5.67 22.21 -35.81
C LEU U 405 6.36 22.77 -37.03
N ASN U 406 6.84 21.90 -37.90
CA ASN U 406 7.53 22.34 -39.07
C ASN U 406 6.84 23.47 -39.81
N GLY U 407 7.61 24.53 -40.09
CA GLY U 407 7.11 25.67 -40.82
C GLY U 407 6.32 26.67 -40.01
N GLN U 408 6.20 26.49 -38.71
CA GLN U 408 5.42 27.43 -37.90
C GLN U 408 6.32 28.44 -37.22
N THR U 409 5.81 29.62 -36.99
CA THR U 409 6.52 30.69 -36.27
C THR U 409 5.62 31.22 -35.17
N PHE U 410 6.18 31.41 -33.98
CA PHE U 410 5.45 32.03 -32.86
C PHE U 410 6.14 33.32 -32.44
N THR U 411 5.32 34.33 -32.11
CA THR U 411 5.81 35.64 -31.76
C THR U 411 5.33 36.17 -30.45
N ASP U 412 4.26 35.59 -29.91
CA ASP U 412 3.77 36.01 -28.62
C ASP U 412 4.74 35.58 -27.51
N PRO U 413 5.16 36.56 -26.70
CA PRO U 413 6.26 36.28 -25.80
C PRO U 413 6.06 35.09 -24.83
N PRO U 414 4.85 34.92 -24.28
CA PRO U 414 4.66 33.71 -23.43
C PRO U 414 5.01 32.42 -24.15
N THR U 415 4.60 32.26 -25.41
CA THR U 415 4.85 31.02 -26.12
C THR U 415 6.33 30.88 -26.47
N VAL U 416 6.92 31.98 -26.87
CA VAL U 416 8.35 31.98 -27.25
C VAL U 416 9.19 31.61 -26.02
N LYS U 417 8.87 32.23 -24.89
CA LYS U 417 9.49 31.84 -23.62
C LYS U 417 9.33 30.35 -23.27
N SER U 418 8.14 29.80 -23.51
CA SER U 418 7.90 28.43 -23.17
C SER U 418 8.78 27.51 -23.94
N TYR U 419 8.96 27.79 -25.21
CA TYR U 419 9.81 26.92 -26.00
C TYR U 419 11.28 27.16 -25.67
N ALA U 420 11.64 28.37 -25.29
CA ALA U 420 13.04 28.61 -24.91
C ALA U 420 13.34 27.87 -23.62
N ARG U 421 12.38 27.80 -22.70
CA ARG U 421 12.58 27.02 -21.50
C ARG U 421 12.81 25.52 -21.83
N LYS U 422 12.14 24.99 -22.85
CA LYS U 422 12.38 23.60 -23.28
C LYS U 422 13.70 23.41 -24.02
N ALA U 423 14.16 24.47 -24.71
CA ALA U 423 15.38 24.36 -25.47
C ALA U 423 16.61 24.19 -24.59
N ILE U 424 16.53 24.56 -23.30
CA ILE U 424 17.70 24.32 -22.44
C ILE U 424 17.94 22.81 -22.30
N PHE U 425 16.93 22.01 -22.62
CA PHE U 425 17.03 20.54 -22.55
C PHE U 425 17.43 19.90 -23.85
N GLY U 426 17.65 20.73 -24.90
CA GLY U 426 18.05 20.21 -26.16
C GLY U 426 16.83 20.24 -27.09
N GLU U 427 16.72 19.22 -27.93
CA GLU U 427 15.60 19.07 -28.85
C GLU U 427 14.30 18.86 -28.06
N ILE U 428 13.20 19.36 -28.60
CA ILE U 428 11.92 19.51 -27.95
C ILE U 428 10.94 18.47 -28.42
N PHE U 429 10.32 17.81 -27.44
CA PHE U 429 9.34 16.73 -27.69
C PHE U 429 7.97 17.01 -27.09
N GLU U 430 6.96 16.36 -27.70
CA GLU U 430 5.61 16.30 -27.16
C GLU U 430 5.60 15.02 -26.33
N PHE U 431 5.07 15.10 -25.12
CA PHE U 431 4.98 13.96 -24.22
C PHE U 431 3.53 13.73 -23.75
N ASP U 432 3.22 12.45 -23.58
CA ASP U 432 1.99 12.01 -22.91
C ASP U 432 2.34 11.90 -21.43
N THR U 433 1.84 12.85 -20.65
CA THR U 433 2.03 12.85 -19.22
C THR U 433 0.82 12.28 -18.42
N GLU U 434 -0.29 11.98 -19.11
CA GLU U 434 -1.52 11.54 -18.43
CA GLU U 434 -1.55 11.56 -18.46
C GLU U 434 -1.52 10.05 -18.23
N THR U 435 -1.04 9.29 -19.21
CA THR U 435 -1.09 7.85 -19.09
C THR U 435 -0.50 7.30 -17.80
N LEU U 436 0.67 7.75 -17.40
CA LEU U 436 1.30 7.29 -16.17
C LEU U 436 1.24 8.27 -15.04
N ASN U 437 0.44 9.31 -15.19
CA ASN U 437 0.37 10.39 -14.18
C ASN U 437 1.81 10.90 -13.91
N SER U 438 2.53 11.16 -15.01
CA SER U 438 3.90 11.60 -14.94
C SER U 438 4.01 12.96 -14.19
N ASP U 439 5.05 13.12 -13.41
CA ASP U 439 5.13 14.23 -12.49
C ASP U 439 6.08 15.34 -12.98
N GLY U 440 6.73 15.16 -14.13
CA GLY U 440 7.54 16.25 -14.71
C GLY U 440 8.97 16.33 -14.18
N ILE U 441 9.43 15.34 -13.42
CA ILE U 441 10.72 15.38 -12.75
C ILE U 441 11.61 14.23 -13.30
N PHE U 442 12.82 14.55 -13.70
CA PHE U 442 13.63 13.61 -14.45
C PHE U 442 14.07 12.40 -13.63
N ARG U 443 14.12 11.26 -14.29
CA ARG U 443 14.56 10.02 -13.70
C ARG U 443 15.69 9.42 -14.55
N THR U 444 16.53 8.61 -13.95
CA THR U 444 17.61 7.97 -14.69
C THR U 444 17.13 6.74 -15.44
N SER U 445 17.99 6.27 -16.31
CA SER U 445 17.71 5.14 -17.16
C SER U 445 18.30 3.92 -16.52
N PRO U 446 18.13 2.73 -17.18
CA PRO U 446 18.79 1.58 -16.65
C PRO U 446 20.31 1.71 -16.65
N ARG U 447 20.88 2.50 -17.55
CA ARG U 447 22.33 2.68 -17.51
C ARG U 447 22.76 3.25 -16.15
N GLY U 448 22.00 4.26 -15.69
CA GLY U 448 22.21 4.87 -14.40
C GLY U 448 21.99 3.90 -13.25
N TRP U 449 20.81 3.27 -13.21
CA TRP U 449 20.55 2.28 -12.15
C TRP U 449 21.56 1.12 -12.11
N PHE U 450 21.93 0.59 -13.24
CA PHE U 450 22.89 -0.50 -13.25
C PHE U 450 24.20 -0.03 -12.65
N THR U 451 24.63 1.17 -13.05
CA THR U 451 25.90 1.69 -12.61
C THR U 451 25.93 1.87 -11.11
N PHE U 452 24.88 2.50 -10.56
CA PHE U 452 24.76 2.74 -9.16
C PHE U 452 24.83 1.47 -8.33
N ALA U 453 23.98 0.51 -8.64
CA ALA U 453 23.94 -0.74 -7.85
C ALA U 453 25.31 -1.42 -7.87
N HIS U 454 25.97 -1.48 -9.04
CA HIS U 454 27.19 -2.25 -9.17
C HIS U 454 28.41 -1.55 -8.55
N ALA U 455 28.45 -0.21 -8.56
CA ALA U 455 29.50 0.51 -7.89
C ALA U 455 29.31 0.38 -6.38
N VAL U 456 28.06 0.43 -5.91
CA VAL U 456 27.79 0.25 -4.49
C VAL U 456 28.14 -1.18 -4.03
N PHE U 457 27.68 -2.17 -4.75
CA PHE U 457 27.93 -3.54 -4.37
C PHE U 457 29.45 -3.85 -4.43
N ALA U 458 30.13 -3.29 -5.41
CA ALA U 458 31.54 -3.52 -5.52
C ALA U 458 32.28 -2.99 -4.30
N LEU U 459 31.94 -1.76 -3.87
CA LEU U 459 32.52 -1.16 -2.71
C LEU U 459 32.27 -2.01 -1.40
N LEU U 460 31.02 -2.43 -1.20
CA LEU U 460 30.68 -3.30 -0.09
C LEU U 460 31.43 -4.61 -0.15
N PHE U 461 31.63 -5.13 -1.34
CA PHE U 461 32.40 -6.37 -1.52
C PHE U 461 33.85 -6.25 -1.16
N PHE U 462 34.37 -5.03 -1.25
CA PHE U 462 35.72 -4.79 -0.73
C PHE U 462 35.81 -5.09 0.75
N PHE U 463 34.81 -4.62 1.52
CA PHE U 463 34.77 -4.98 2.95
C PHE U 463 34.72 -6.49 3.13
N GLY U 464 33.80 -7.15 2.42
CA GLY U 464 33.76 -8.60 2.45
C GLY U 464 35.12 -9.25 2.25
N HIS U 465 35.89 -8.78 1.26
CA HIS U 465 37.19 -9.35 0.96
C HIS U 465 38.15 -9.20 2.14
N ILE U 466 38.27 -7.99 2.65
CA ILE U 466 39.09 -7.65 3.82
C ILE U 466 38.70 -8.54 5.01
N TRP U 467 37.39 -8.63 5.25
CA TRP U 467 36.88 -9.37 6.37
C TRP U 467 37.26 -10.87 6.30
N HIS U 468 36.94 -11.48 5.19
CA HIS U 468 37.19 -12.94 5.00
C HIS U 468 38.69 -13.25 4.82
N GLY U 469 39.45 -12.33 4.20
CA GLY U 469 40.90 -12.44 4.18
C GLY U 469 41.53 -12.39 5.57
N ALA U 470 41.03 -11.49 6.41
CA ALA U 470 41.43 -11.42 7.78
C ALA U 470 41.10 -12.71 8.50
N ARG U 471 39.88 -13.20 8.38
CA ARG U 471 39.46 -14.42 9.04
C ARG U 471 40.31 -15.61 8.62
N THR U 472 40.73 -15.64 7.36
CA THR U 472 41.58 -16.77 6.86
C THR U 472 42.97 -16.69 7.46
N LEU U 473 43.58 -15.51 7.43
CA LEU U 473 44.98 -15.38 7.81
C LEU U 473 45.21 -15.33 9.30
N PHE U 474 44.16 -15.02 10.04
CA PHE U 474 44.16 -14.93 11.49
C PHE U 474 43.26 -15.98 12.15
N ARG U 475 43.03 -17.10 11.46
CA ARG U 475 42.10 -18.15 11.98
C ARG U 475 42.49 -18.54 13.39
N ASP U 476 43.78 -18.75 13.62
CA ASP U 476 44.30 -19.18 14.94
C ASP U 476 43.98 -18.24 16.10
N VAL U 477 43.82 -16.93 15.85
CA VAL U 477 43.51 -16.01 16.94
C VAL U 477 42.11 -15.46 16.89
N PHE U 478 41.20 -16.08 16.12
CA PHE U 478 39.93 -15.43 15.99
C PHE U 478 38.95 -15.47 17.20
N SER U 479 39.26 -16.31 18.19
CA SER U 479 38.53 -16.37 19.50
C SER U 479 39.23 -15.55 20.60
N GLY U 480 40.36 -14.95 20.24
CA GLY U 480 41.20 -14.17 21.15
C GLY U 480 42.66 -14.60 21.08
N ILE U 481 43.50 -13.81 21.76
CA ILE U 481 44.92 -14.05 21.74
C ILE U 481 45.36 -14.93 22.88
N ASP U 482 46.53 -15.47 22.67
CA ASP U 482 47.03 -16.39 23.59
C ASP U 482 46.95 -15.85 25.01
N PRO U 483 46.22 -16.61 25.90
CA PRO U 483 46.25 -16.29 27.33
C PRO U 483 47.68 -16.13 27.87
N GLU U 484 48.61 -16.99 27.38
CA GLU U 484 50.08 -16.98 27.71
C GLU U 484 50.99 -16.14 26.76
N LEU U 485 50.45 -15.09 26.11
CA LEU U 485 51.24 -14.20 25.22
C LEU U 485 52.25 -13.37 26.05
N SER U 486 53.44 -13.96 26.27
CA SER U 486 54.49 -13.37 27.12
C SER U 486 54.92 -11.98 26.60
N PRO U 487 55.40 -11.09 27.52
CA PRO U 487 55.95 -9.75 27.14
C PRO U 487 56.99 -9.71 26.01
N GLU U 488 57.87 -10.73 25.93
CA GLU U 488 58.91 -10.85 24.87
C GLU U 488 58.51 -10.42 23.43
N GLN U 489 57.56 -11.17 22.84
CA GLN U 489 57.05 -10.92 21.48
C GLN U 489 56.56 -9.47 21.21
N VAL U 490 56.04 -8.82 22.24
CA VAL U 490 55.40 -7.50 22.14
C VAL U 490 56.17 -6.35 22.86
N GLU U 491 57.14 -6.69 23.71
CA GLU U 491 58.19 -5.76 24.15
C GLU U 491 59.14 -5.57 22.99
N TRP U 492 59.81 -4.41 23.00
CA TRP U 492 60.75 -4.06 21.95
C TRP U 492 62.14 -4.62 22.28
N GLY U 493 62.90 -5.00 21.23
CA GLY U 493 64.28 -5.53 21.38
C GLY U 493 64.47 -6.65 22.41
N PHE U 494 63.48 -7.53 22.48
CA PHE U 494 63.63 -8.87 23.08
C PHE U 494 63.98 -9.81 21.94
N TYR U 495 63.20 -9.74 20.85
CA TYR U 495 63.52 -10.41 19.58
C TYR U 495 64.11 -9.43 18.59
N GLN U 496 65.11 -9.91 17.86
CA GLN U 496 65.73 -9.16 16.76
C GLN U 496 64.70 -9.03 15.62
N LYS U 497 63.94 -10.09 15.37
CA LYS U 497 62.85 -10.11 14.37
C LYS U 497 61.47 -10.19 15.06
N VAL U 498 60.56 -9.31 14.64
CA VAL U 498 59.23 -9.21 15.26
C VAL U 498 58.55 -10.59 14.99
N GLY U 499 57.89 -11.15 16.01
CA GLY U 499 57.14 -12.42 15.90
C GLY U 499 58.00 -13.63 15.60
N ASP U 500 59.28 -13.57 15.94
CA ASP U 500 60.18 -14.70 15.70
C ASP U 500 60.88 -14.94 17.03
N VAL U 501 60.51 -16.06 17.63
CA VAL U 501 61.17 -16.55 18.83
C VAL U 501 62.63 -17.03 18.60
N THR U 502 62.99 -17.41 17.36
CA THR U 502 64.35 -17.95 17.06
C THR U 502 65.48 -16.88 16.96
N THR U 503 65.09 -15.59 17.06
CA THR U 503 66.01 -14.45 17.06
C THR U 503 66.05 -13.72 18.44
N ARG U 504 66.06 -14.48 19.55
CA ARG U 504 66.07 -13.92 20.91
C ARG U 504 67.48 -13.31 21.19
N SER U 505 67.50 -12.14 21.84
CA SER U 505 68.68 -11.24 21.97
C SER U 505 69.89 -11.83 22.78
N ASP U 506 71.16 -11.47 22.48
CA ASP U 506 71.64 -10.45 21.48
C ASP U 506 71.09 -9.03 21.63
N GLU V 1 78.00 19.21 52.07
CA GLU V 1 77.17 17.94 51.94
C GLU V 1 75.82 18.20 51.20
N ALA V 2 74.99 17.16 51.06
CA ALA V 2 73.68 17.24 50.35
C ALA V 2 72.80 18.40 50.91
N ALA V 3 72.13 19.26 50.12
CA ALA V 3 72.10 19.42 48.61
C ALA V 3 71.75 18.17 47.79
N ASN V 4 72.18 18.16 46.53
CA ASN V 4 72.34 16.94 45.73
C ASN V 4 71.06 16.52 44.96
N SER V 5 69.98 16.16 45.63
CA SER V 5 68.84 15.54 44.92
C SER V 5 67.91 16.55 44.24
N ILE V 6 67.43 16.17 43.08
CA ILE V 6 66.41 16.96 42.34
C ILE V 6 65.04 16.86 42.97
N PHE V 7 64.86 15.86 43.86
CA PHE V 7 63.65 15.72 44.65
C PHE V 7 63.77 16.27 46.07
N ALA V 8 64.84 17.02 46.36
CA ALA V 8 65.11 17.46 47.72
C ALA V 8 64.19 18.53 48.28
N THR V 9 63.51 19.30 47.43
CA THR V 9 62.65 20.39 47.91
C THR V 9 61.23 19.86 48.03
N ASN V 10 60.30 20.67 48.55
CA ASN V 10 58.89 20.26 48.51
C ASN V 10 58.16 20.53 47.16
N ARG V 11 58.88 21.07 46.17
CA ARG V 11 58.35 21.50 44.86
C ARG V 11 58.46 20.39 43.80
N ASP V 12 57.82 19.26 44.11
CA ASP V 12 57.78 18.09 43.22
C ASP V 12 56.54 17.22 43.48
N GLN V 13 56.29 16.28 42.56
CA GLN V 13 55.16 15.40 42.70
C GLN V 13 55.36 14.50 43.92
N GLU V 14 56.60 14.07 44.13
CA GLU V 14 56.89 13.14 45.22
C GLU V 14 56.52 13.77 46.59
N SER V 15 56.78 15.05 46.84
CA SER V 15 56.41 15.68 48.12
C SER V 15 54.92 16.11 48.18
N SER V 16 54.41 16.68 47.09
CA SER V 16 53.13 17.42 47.06
C SER V 16 51.91 16.58 46.70
N GLY V 17 52.17 15.50 45.96
CA GLY V 17 51.15 14.68 45.35
C GLY V 17 50.47 15.25 44.13
N PHE V 18 51.00 16.35 43.58
CA PHE V 18 50.43 17.01 42.40
C PHE V 18 51.51 17.04 41.35
N ALA V 19 51.18 16.65 40.12
CA ALA V 19 52.08 16.76 39.00
C ALA V 19 52.34 18.24 38.64
N TRP V 20 53.38 18.45 37.85
CA TRP V 20 53.79 19.80 37.43
C TRP V 20 52.65 20.58 36.79
N TRP V 21 51.82 19.87 36.01
CA TRP V 21 50.74 20.51 35.26
C TRP V 21 49.59 20.92 36.18
N ALA V 22 49.61 20.44 37.43
CA ALA V 22 48.75 20.96 38.50
C ALA V 22 49.60 21.60 39.62
N GLY V 23 50.73 22.15 39.22
CA GLY V 23 51.68 22.66 40.13
C GLY V 23 51.16 23.68 41.13
N ASN V 24 50.27 24.57 40.69
CA ASN V 24 49.74 25.59 41.61
C ASN V 24 48.86 25.06 42.74
N ALA V 25 48.42 23.81 42.62
CA ALA V 25 47.71 23.13 43.71
C ALA V 25 48.63 22.81 44.92
N ARG V 26 49.94 22.81 44.67
CA ARG V 26 50.96 22.60 45.73
C ARG V 26 50.98 23.77 46.73
N LEU V 27 50.35 24.89 46.33
CA LEU V 27 50.29 26.10 47.13
C LEU V 27 49.11 26.21 48.06
N ILE V 28 48.18 25.27 47.99
CA ILE V 28 46.90 25.39 48.73
C ILE V 28 47.15 25.75 50.16
N ASN V 29 48.10 25.01 50.78
CA ASN V 29 48.45 25.23 52.19
C ASN V 29 49.81 25.85 52.44
N LEU V 30 50.25 26.67 51.52
CA LEU V 30 51.51 27.42 51.66
C LEU V 30 51.17 28.86 51.51
N SER V 31 50.70 29.44 52.61
CA SER V 31 50.07 30.75 52.57
C SER V 31 50.95 31.89 52.14
N GLY V 32 52.26 31.80 52.40
CA GLY V 32 53.19 32.86 52.01
C GLY V 32 53.47 32.86 50.53
N LYS V 33 53.81 31.69 49.98
CA LYS V 33 54.00 31.58 48.55
C LYS V 33 52.70 31.86 47.82
N LEU V 34 51.57 31.43 48.37
CA LEU V 34 50.29 31.68 47.70
C LEU V 34 49.98 33.20 47.69
N LEU V 35 50.29 33.87 48.79
CA LEU V 35 50.20 35.34 48.80
C LEU V 35 51.06 35.88 47.66
N GLY V 36 52.28 35.38 47.53
CA GLY V 36 53.16 35.77 46.43
C GLY V 36 52.54 35.63 45.06
N ALA V 37 51.98 34.45 44.80
CA ALA V 37 51.31 34.19 43.54
C ALA V 37 50.21 35.20 43.26
N HIS V 38 49.41 35.48 44.28
CA HIS V 38 48.29 36.36 44.13
C HIS V 38 48.71 37.80 43.88
N VAL V 39 49.75 38.25 44.56
CA VAL V 39 50.21 39.63 44.42
C VAL V 39 50.89 39.87 43.07
N ALA V 40 51.75 38.91 42.67
CA ALA V 40 52.38 38.89 41.35
C ALA V 40 51.36 38.90 40.23
N HIS V 41 50.29 38.13 40.40
CA HIS V 41 49.25 38.04 39.38
C HIS V 41 48.54 39.37 39.26
N ALA V 42 48.25 39.95 40.39
CA ALA V 42 47.65 41.27 40.40
C ALA V 42 48.53 42.28 39.70
N GLY V 43 49.83 42.12 39.89
CA GLY V 43 50.79 42.87 39.09
C GLY V 43 50.62 42.73 37.58
N LEU V 44 50.44 41.50 37.10
CA LEU V 44 50.24 41.25 35.68
C LEU V 44 49.03 41.96 35.15
N ILE V 45 47.95 41.95 35.95
CA ILE V 45 46.71 42.64 35.56
C ILE V 45 47.00 44.15 35.40
N VAL V 46 47.61 44.71 36.41
CA VAL V 46 47.90 46.13 36.48
C VAL V 46 48.91 46.53 35.39
N PHE V 47 49.88 45.66 35.14
CA PHE V 47 50.85 45.84 34.11
C PHE V 47 50.17 45.98 32.75
N TRP V 48 49.26 45.06 32.47
CA TRP V 48 48.51 45.09 31.24
C TRP V 48 47.70 46.36 31.07
N ALA V 49 46.93 46.74 32.11
CA ALA V 49 46.19 47.98 32.05
C ALA V 49 47.10 49.14 31.70
N GLY V 50 48.26 49.21 32.34
CA GLY V 50 49.21 50.27 32.06
C GLY V 50 49.83 50.18 30.68
N ALA V 51 50.48 49.06 30.35
CA ALA V 51 51.10 48.88 29.05
C ALA V 51 50.10 49.07 27.90
N MET V 52 48.93 48.46 28.04
CA MET V 52 47.96 48.45 26.97
C MET V 52 47.47 49.89 26.70
N THR V 53 47.27 50.67 27.76
CA THR V 53 46.84 52.07 27.59
C THR V 53 47.90 52.87 26.86
N LEU V 54 49.14 52.65 27.23
CA LEU V 54 50.24 53.35 26.53
C LEU V 54 50.33 53.01 25.04
N PHE V 55 50.13 51.73 24.76
CA PHE V 55 50.11 51.24 23.39
C PHE V 55 48.94 51.88 22.63
N GLU V 56 47.75 51.83 23.21
CA GLU V 56 46.61 52.48 22.62
C GLU V 56 46.93 53.98 22.25
N LEU V 57 47.44 54.70 23.24
CA LEU V 57 47.67 56.11 23.13
C LEU V 57 48.75 56.35 22.07
N ALA V 58 49.82 55.56 22.06
CA ALA V 58 50.83 55.66 21.00
C ALA V 58 50.24 55.44 19.59
N HIS V 59 49.25 54.55 19.46
CA HIS V 59 48.60 54.31 18.20
C HIS V 59 47.36 55.17 17.95
N PHE V 60 47.03 56.11 18.82
CA PHE V 60 45.74 56.85 18.77
C PHE V 60 45.87 58.11 17.92
N ILE V 61 44.99 58.23 16.94
CA ILE V 61 44.80 59.41 16.13
C ILE V 61 43.54 60.08 16.69
N PRO V 62 43.70 61.15 17.47
CA PRO V 62 42.53 61.56 18.32
C PRO V 62 41.30 62.11 17.62
N GLU V 63 41.45 62.57 16.37
CA GLU V 63 40.34 63.05 15.57
C GLU V 63 39.60 61.88 14.82
N LYS V 64 40.16 60.65 14.71
CA LYS V 64 39.38 59.49 14.23
C LYS V 64 38.57 59.00 15.41
N PRO V 65 37.39 58.41 15.17
CA PRO V 65 36.69 57.73 16.22
C PRO V 65 37.58 56.63 16.87
N MET V 66 37.50 56.51 18.19
CA MET V 66 38.21 55.47 18.96
C MET V 66 37.91 54.09 18.36
N TYR V 67 36.64 53.87 18.04
CA TYR V 67 36.14 52.59 17.60
C TYR V 67 36.66 52.19 16.25
N GLU V 68 37.26 53.14 15.54
CA GLU V 68 37.94 52.81 14.32
C GLU V 68 39.41 52.37 14.52
N GLN V 69 39.88 52.35 15.75
CA GLN V 69 41.30 52.23 16.04
C GLN V 69 41.62 51.08 17.03
N GLY V 70 40.70 50.15 17.21
CA GLY V 70 40.95 48.93 18.02
C GLY V 70 41.23 49.21 19.48
N LEU V 71 40.59 50.25 20.00
CA LEU V 71 40.75 50.66 21.39
C LEU V 71 39.63 50.12 22.28
N ILE V 72 40.05 49.62 23.44
CA ILE V 72 39.09 49.19 24.51
C ILE V 72 39.34 49.85 25.85
N LEU V 73 40.58 50.31 26.11
CA LEU V 73 40.89 50.98 27.39
C LEU V 73 40.63 52.50 27.40
N ILE V 74 41.10 53.19 26.36
CA ILE V 74 40.81 54.63 26.22
C ILE V 74 39.29 54.91 26.34
N PRO V 75 38.44 54.10 25.67
CA PRO V 75 36.99 54.25 25.90
C PRO V 75 36.52 54.17 27.36
N HIS V 76 37.14 53.27 28.15
CA HIS V 76 36.83 53.21 29.61
C HIS V 76 37.19 54.49 30.34
N ILE V 77 38.38 55.02 30.02
CA ILE V 77 38.85 56.26 30.65
C ILE V 77 37.96 57.45 30.24
N ALA V 78 37.66 57.48 28.97
CA ALA V 78 36.84 58.53 28.39
C ALA V 78 35.44 58.53 28.98
N THR V 79 34.90 57.35 29.25
CA THR V 79 33.58 57.23 29.82
C THR V 79 33.48 57.89 31.21
N LEU V 80 34.60 57.88 31.92
CA LEU V 80 34.69 58.50 33.23
C LEU V 80 34.83 60.02 33.18
N GLY V 81 34.86 60.58 31.97
CA GLY V 81 34.93 62.01 31.76
C GLY V 81 36.31 62.58 31.52
N TRP V 82 37.33 61.74 31.51
CA TRP V 82 38.69 62.17 31.33
C TRP V 82 39.05 62.22 29.85
N GLY V 83 39.60 63.36 29.42
CA GLY V 83 40.19 63.49 28.08
C GLY V 83 39.27 63.97 26.96
N VAL V 84 37.98 64.13 27.25
CA VAL V 84 36.93 64.28 26.21
C VAL V 84 35.97 65.43 26.55
N GLY V 85 35.28 65.93 25.53
CA GLY V 85 34.32 67.03 25.68
C GLY V 85 33.05 66.73 24.89
N PRO V 86 32.37 67.77 24.42
CA PRO V 86 31.05 67.52 23.82
C PRO V 86 31.13 66.54 22.66
N GLY V 87 30.19 65.61 22.55
CA GLY V 87 30.21 64.57 21.48
C GLY V 87 31.26 63.49 21.60
N GLY V 88 32.03 63.53 22.69
CA GLY V 88 33.06 62.55 22.97
C GLY V 88 34.32 62.95 22.31
N GLU V 89 34.37 64.18 21.81
CA GLU V 89 35.59 64.66 21.12
C GLU V 89 36.77 64.62 22.10
N VAL V 90 37.91 64.11 21.65
CA VAL V 90 39.11 64.10 22.50
C VAL V 90 39.69 65.51 22.52
N VAL V 91 39.67 66.12 23.72
CA VAL V 91 40.23 67.46 23.97
C VAL V 91 41.62 67.46 24.64
N ASP V 92 42.06 66.35 25.18
CA ASP V 92 43.32 66.30 25.94
C ASP V 92 43.66 64.82 26.20
N THR V 93 44.73 64.32 25.54
CA THR V 93 45.13 62.92 25.73
C THR V 93 45.97 62.67 26.96
N PHE V 94 46.40 63.74 27.68
CA PHE V 94 47.24 63.55 28.86
C PHE V 94 46.66 62.65 29.98
N PRO V 95 45.37 62.78 30.25
CA PRO V 95 44.78 61.89 31.25
C PRO V 95 44.89 60.43 30.87
N PHE V 96 44.76 60.10 29.57
CA PHE V 96 44.98 58.69 29.13
C PHE V 96 46.42 58.31 29.45
N PHE V 97 47.33 59.21 29.20
CA PHE V 97 48.75 58.95 29.48
C PHE V 97 49.01 58.72 30.97
N VAL V 98 48.41 59.56 31.81
CA VAL V 98 48.59 59.44 33.24
C VAL V 98 48.04 58.10 33.72
N VAL V 99 46.84 57.72 33.29
CA VAL V 99 46.26 56.44 33.69
C VAL V 99 47.20 55.30 33.36
N GLY V 100 47.71 55.32 32.14
CA GLY V 100 48.64 54.31 31.64
C GLY V 100 49.94 54.20 32.45
N VAL V 101 50.59 55.35 32.63
CA VAL V 101 51.84 55.43 33.37
C VAL V 101 51.68 54.95 34.80
N VAL V 102 50.66 55.44 35.49
CA VAL V 102 50.47 55.13 36.89
C VAL V 102 50.20 53.66 37.10
N HIS V 103 49.34 53.07 36.28
CA HIS V 103 49.09 51.64 36.36
C HIS V 103 50.44 50.90 36.15
N LEU V 104 51.22 51.28 35.16
CA LEU V 104 52.46 50.55 34.82
C LEU V 104 53.50 50.67 35.91
N ILE V 105 53.61 51.84 36.53
CA ILE V 105 54.50 52.03 37.68
C ILE V 105 54.04 51.17 38.87
N SER V 106 52.74 51.19 39.14
CA SER V 106 52.16 50.39 40.23
C SER V 106 52.41 48.89 40.06
N SER V 107 52.47 48.45 38.81
CA SER V 107 52.67 47.03 38.47
C SER V 107 54.04 46.56 38.91
N ALA V 108 55.01 47.48 38.94
CA ALA V 108 56.35 47.15 39.42
C ALA V 108 56.35 46.91 40.91
N VAL V 109 55.55 47.69 41.65
CA VAL V 109 55.46 47.54 43.10
C VAL V 109 54.79 46.20 43.47
N LEU V 110 53.69 45.90 42.81
CA LEU V 110 52.99 44.62 42.99
C LEU V 110 53.88 43.44 42.57
N GLY V 111 54.54 43.55 41.42
CA GLY V 111 55.50 42.53 40.96
C GLY V 111 56.62 42.24 41.97
N PHE V 112 57.19 43.32 42.51
CA PHE V 112 58.22 43.23 43.52
C PHE V 112 57.70 42.42 44.72
N GLY V 113 56.57 42.86 45.29
CA GLY V 113 55.95 42.19 46.41
C GLY V 113 55.67 40.74 46.12
N GLY V 114 55.12 40.44 44.96
CA GLY V 114 54.75 39.09 44.58
C GLY V 114 55.95 38.15 44.44
N VAL V 115 57.00 38.66 43.79
CA VAL V 115 58.22 37.92 43.64
C VAL V 115 58.84 37.70 45.03
N TYR V 116 58.79 38.76 45.86
CA TYR V 116 59.30 38.64 47.23
C TYR V 116 58.59 37.50 47.95
N HIS V 117 57.27 37.56 48.01
CA HIS V 117 56.51 36.62 48.86
C HIS V 117 56.61 35.22 48.24
N ALA V 118 56.81 35.16 46.92
CA ALA V 118 56.84 33.89 46.19
C ALA V 118 58.12 33.11 46.36
N ILE V 119 59.26 33.78 46.36
CA ILE V 119 60.51 33.02 46.37
C ILE V 119 61.41 33.29 47.58
N ARG V 120 61.22 34.43 48.25
CA ARG V 120 62.10 34.88 49.36
C ARG V 120 61.48 34.92 50.74
N GLY V 121 60.27 35.46 50.84
CA GLY V 121 59.59 35.58 52.11
C GLY V 121 59.22 34.23 52.71
N PRO V 122 58.59 34.24 53.91
CA PRO V 122 58.24 32.98 54.56
C PRO V 122 57.20 32.23 53.78
N GLU V 123 57.47 30.95 53.57
CA GLU V 123 56.64 30.08 52.73
C GLU V 123 55.23 29.93 53.26
N THR V 124 55.12 29.83 54.60
CA THR V 124 53.87 29.81 55.33
C THR V 124 53.89 30.98 56.28
N LEU V 125 52.75 31.66 56.42
CA LEU V 125 52.63 32.89 57.21
C LEU V 125 52.23 32.67 58.67
N GLU V 126 51.79 31.47 59.01
CA GLU V 126 51.12 31.24 60.32
C GLU V 126 52.04 31.39 61.52
N GLU V 127 53.25 30.88 61.40
CA GLU V 127 54.23 30.98 62.47
C GLU V 127 54.79 32.39 62.51
N TYR V 128 54.76 33.10 61.35
CA TYR V 128 55.23 34.49 61.31
C TYR V 128 54.19 35.42 61.93
N SER V 129 52.91 35.23 61.66
CA SER V 129 51.86 36.21 62.10
C SER V 129 50.52 35.53 62.22
N SER V 130 49.82 35.72 63.34
CA SER V 130 48.44 35.20 63.44
CA SER V 130 48.44 35.23 63.50
C SER V 130 47.45 36.04 62.66
N PHE V 131 47.80 37.31 62.37
CA PHE V 131 46.90 38.18 61.58
C PHE V 131 46.89 37.79 60.12
N PHE V 132 48.07 37.69 59.52
CA PHE V 132 48.20 37.35 58.09
C PHE V 132 48.10 35.83 57.82
N GLY V 133 48.43 35.02 58.81
CA GLY V 133 48.26 33.57 58.65
C GLY V 133 46.78 33.18 58.62
N TYR V 134 46.50 32.04 58.05
CA TYR V 134 45.14 31.56 57.97
C TYR V 134 45.13 30.09 57.67
N ASP V 135 44.03 29.51 58.10
CA ASP V 135 43.65 28.18 57.75
C ASP V 135 42.33 28.30 56.96
N TRP V 136 42.28 27.69 55.77
CA TRP V 136 41.03 27.69 54.96
C TRP V 136 39.81 27.18 55.78
N LYS V 137 40.08 26.23 56.67
CA LYS V 137 39.01 25.64 57.48
C LYS V 137 38.56 26.51 58.64
N ASP V 138 39.26 27.58 58.93
CA ASP V 138 38.90 28.45 60.02
C ASP V 138 37.86 29.37 59.45
N LYS V 139 36.60 29.08 59.75
CA LYS V 139 35.50 29.77 59.07
C LYS V 139 35.49 31.24 59.46
N ASN V 140 35.84 31.54 60.71
CA ASN V 140 35.85 32.90 61.19
C ASN V 140 36.91 33.78 60.52
N LYS V 141 38.09 33.20 60.33
CA LYS V 141 39.17 33.92 59.65
C LYS V 141 38.87 34.15 58.17
N MET V 142 38.23 33.17 57.53
CA MET V 142 37.81 33.34 56.20
C MET V 142 36.80 34.50 56.06
N THR V 143 35.79 34.58 56.93
CA THR V 143 34.80 35.69 56.82
C THR V 143 35.42 37.04 57.13
N THR V 144 36.41 37.04 57.99
CA THR V 144 37.15 38.25 58.30
C THR V 144 37.89 38.81 57.07
N ILE V 145 38.59 37.96 56.34
CA ILE V 145 39.34 38.37 55.16
C ILE V 145 38.38 38.79 54.03
N LEU V 146 37.34 37.98 53.82
CA LEU V 146 36.22 38.35 53.00
C LEU V 146 35.73 39.77 53.29
N GLY V 147 35.52 40.03 54.57
CA GLY V 147 34.99 41.33 55.05
C GLY V 147 35.91 42.48 54.72
N PHE V 148 37.23 42.28 54.91
CA PHE V 148 38.21 43.34 54.55
C PHE V 148 38.08 43.69 53.07
N HIS V 149 38.04 42.63 52.25
CA HIS V 149 37.95 42.79 50.82
C HIS V 149 36.58 43.42 50.43
N LEU V 150 35.50 43.08 51.12
CA LEU V 150 34.22 43.74 50.84
C LEU V 150 34.30 45.25 51.07
N ILE V 151 34.93 45.63 52.18
CA ILE V 151 35.14 47.04 52.52
C ILE V 151 35.95 47.75 51.41
N VAL V 152 36.99 47.09 50.93
CA VAL V 152 37.82 47.64 49.85
C VAL V 152 36.98 47.85 48.57
N LEU V 153 36.17 46.86 48.19
CA LEU V 153 35.29 46.98 47.02
C LEU V 153 34.26 48.11 47.18
N GLY V 154 33.69 48.26 48.37
CA GLY V 154 32.72 49.34 48.67
C GLY V 154 33.39 50.70 48.43
N ILE V 155 34.63 50.80 48.91
CA ILE V 155 35.42 52.04 48.74
C ILE V 155 35.57 52.29 47.26
N GLY V 156 35.94 51.26 46.51
CA GLY V 156 36.03 51.35 45.04
C GLY V 156 34.80 51.91 44.33
N ALA V 157 33.64 51.41 44.71
CA ALA V 157 32.36 51.87 44.18
C ALA V 157 32.12 53.34 44.51
N LEU V 158 32.50 53.73 45.73
CA LEU V 158 32.39 55.15 46.14
C LEU V 158 33.39 56.02 45.40
N LEU V 159 34.45 55.42 44.83
CA LEU V 159 35.39 56.20 44.01
C LEU V 159 34.72 56.67 42.71
N LEU V 160 33.95 55.77 42.10
CA LEU V 160 33.19 56.11 40.95
C LEU V 160 32.19 57.23 41.34
N VAL V 161 31.50 57.09 42.46
CA VAL V 161 30.55 58.13 42.87
C VAL V 161 31.29 59.46 43.01
N ALA V 162 32.43 59.43 43.66
CA ALA V 162 33.26 60.63 43.88
C ALA V 162 33.64 61.32 42.54
N LYS V 163 34.14 60.52 41.61
CA LYS V 163 34.40 61.01 40.27
C LYS V 163 33.18 61.71 39.70
N ALA V 164 32.04 61.05 39.77
CA ALA V 164 30.81 61.55 39.14
C ALA V 164 30.28 62.84 39.75
N MET V 165 30.37 62.93 41.06
CA MET V 165 29.74 63.99 41.84
C MET V 165 30.60 65.18 42.19
N PHE V 166 31.90 64.91 42.38
CA PHE V 166 32.87 65.83 42.92
C PHE V 166 34.14 66.03 42.09
N PHE V 167 34.51 65.14 41.19
CA PHE V 167 35.74 65.38 40.44
C PHE V 167 35.48 65.37 38.96
N GLY V 168 34.57 66.21 38.54
CA GLY V 168 34.42 66.43 37.08
C GLY V 168 33.28 65.75 36.32
N GLY V 169 32.67 64.72 36.89
CA GLY V 169 31.53 64.04 36.28
C GLY V 169 31.89 62.83 35.46
N LEU V 170 30.95 62.44 34.60
CA LEU V 170 31.08 61.28 33.72
C LEU V 170 30.64 61.69 32.33
N TYR V 171 31.09 60.96 31.31
CA TYR V 171 30.56 61.26 29.97
C TYR V 171 29.11 60.79 29.87
N ASP V 172 28.19 61.73 29.59
CA ASP V 172 26.76 61.49 29.43
C ASP V 172 26.33 61.61 27.99
N THR V 173 26.13 60.46 27.31
CA THR V 173 25.64 60.42 25.95
C THR V 173 24.26 61.05 25.85
N TRP V 174 23.49 61.06 26.95
CA TRP V 174 22.12 61.59 26.96
C TRP V 174 22.00 63.06 27.32
N ALA V 175 23.15 63.73 27.56
CA ALA V 175 23.12 65.09 28.02
C ALA V 175 22.31 65.98 27.08
N PRO V 176 21.45 66.88 27.65
CA PRO V 176 20.60 67.75 26.84
C PRO V 176 21.42 68.56 25.88
N GLY V 177 21.00 68.61 24.63
CA GLY V 177 21.77 69.29 23.58
C GLY V 177 22.99 68.56 23.02
N GLY V 178 23.22 67.33 23.39
CA GLY V 178 24.31 66.56 22.77
C GLY V 178 25.16 66.00 23.89
N GLY V 179 25.80 64.84 23.61
CA GLY V 179 26.65 64.17 24.59
C GLY V 179 27.74 65.09 25.13
N ASP V 180 27.98 65.02 26.44
CA ASP V 180 29.01 65.83 27.08
C ASP V 180 29.32 65.27 28.46
N VAL V 181 30.46 65.68 29.01
CA VAL V 181 30.85 65.32 30.36
C VAL V 181 29.93 66.13 31.27
N ARG V 182 29.29 65.48 32.25
CA ARG V 182 28.32 66.13 33.16
C ARG V 182 28.50 65.71 34.60
N VAL V 183 28.37 66.65 35.53
CA VAL V 183 28.44 66.38 36.96
C VAL V 183 27.10 65.89 37.42
N ILE V 184 27.09 64.78 38.16
CA ILE V 184 25.87 64.18 38.62
C ILE V 184 25.61 64.75 40.01
N THR V 185 24.53 65.49 40.15
CA THR V 185 24.18 66.11 41.40
C THR V 185 23.02 65.45 42.17
N ASN V 186 22.09 64.77 41.47
CA ASN V 186 20.94 64.07 42.13
C ASN V 186 20.96 62.60 41.78
N PRO V 187 21.94 61.88 42.33
CA PRO V 187 21.95 60.43 42.14
C PRO V 187 20.65 59.85 42.66
N THR V 188 20.21 58.75 42.05
CA THR V 188 18.95 58.12 42.43
C THR V 188 19.21 57.26 43.65
N LEU V 189 18.54 57.57 44.74
CA LEU V 189 18.67 56.83 45.97
C LEU V 189 17.45 55.97 46.27
N ASP V 190 16.31 56.24 45.61
CA ASP V 190 15.05 55.54 45.85
C ASP V 190 15.28 54.05 45.61
N PRO V 191 15.13 53.21 46.65
CA PRO V 191 15.44 51.78 46.38
C PRO V 191 14.46 51.02 45.46
N ARG V 192 13.25 51.56 45.33
CA ARG V 192 12.30 51.07 44.35
C ARG V 192 12.85 51.19 42.96
N VAL V 193 13.57 52.27 42.65
CA VAL V 193 14.23 52.36 41.34
C VAL V 193 15.45 51.48 41.29
N ILE V 194 16.28 51.62 42.30
CA ILE V 194 17.56 50.91 42.28
C ILE V 194 17.39 49.38 42.25
N PHE V 195 16.65 48.84 43.23
CA PHE V 195 16.43 47.42 43.24
C PHE V 195 15.37 46.97 42.23
N GLY V 196 14.60 47.90 41.69
CA GLY V 196 13.70 47.63 40.57
C GLY V 196 14.43 47.03 39.38
N TYR V 197 15.62 47.58 39.08
CA TYR V 197 16.43 46.99 38.01
C TYR V 197 16.75 45.52 38.24
N LEU V 198 17.06 45.16 39.49
CA LEU V 198 17.45 43.77 39.80
C LEU V 198 16.32 42.80 39.70
N LEU V 199 15.07 43.28 39.80
CA LEU V 199 13.92 42.43 39.57
C LEU V 199 13.30 42.53 38.15
N LYS V 200 13.88 43.28 37.22
CA LYS V 200 13.35 43.35 35.84
C LYS V 200 13.73 42.06 35.14
N SER V 201 12.80 41.54 34.35
CA SER V 201 13.10 40.45 33.45
C SER V 201 14.33 40.70 32.58
N PRO V 202 15.13 39.63 32.26
CA PRO V 202 16.24 39.80 31.39
C PRO V 202 15.86 39.74 29.89
N PHE V 203 14.58 39.53 29.57
CA PHE V 203 14.17 39.37 28.21
C PHE V 203 13.95 40.73 27.50
N GLY V 204 13.56 40.63 26.25
CA GLY V 204 13.47 41.79 25.35
C GLY V 204 12.58 42.86 25.88
N GLY V 205 13.05 44.10 25.77
CA GLY V 205 12.27 45.25 26.19
C GLY V 205 12.35 45.48 27.67
N GLU V 206 13.10 44.65 28.38
CA GLU V 206 13.23 44.77 29.82
C GLU V 206 14.71 44.81 30.14
N GLY V 207 15.42 43.73 29.90
CA GLY V 207 16.88 43.74 29.94
C GLY V 207 17.58 43.80 31.30
N TRP V 208 16.81 43.58 32.38
CA TRP V 208 17.39 43.44 33.70
C TRP V 208 18.29 44.69 33.95
N ILE V 209 19.46 44.53 34.53
CA ILE V 209 20.32 45.67 34.86
C ILE V 209 20.98 46.28 33.65
N VAL V 210 21.02 45.54 32.56
CA VAL V 210 21.67 46.00 31.34
C VAL V 210 20.86 47.17 30.75
N SER V 211 19.61 47.35 31.22
CA SER V 211 18.81 48.42 30.67
C SER V 211 19.07 49.77 31.36
N VAL V 212 19.99 49.87 32.32
CA VAL V 212 20.25 51.13 32.96
C VAL V 212 20.63 52.18 31.93
N ASN V 213 19.89 53.29 31.96
CA ASN V 213 19.89 54.23 30.81
C ASN V 213 20.11 55.68 31.15
N ASN V 214 20.53 55.97 32.37
CA ASN V 214 20.85 57.32 32.78
C ASN V 214 21.90 57.30 33.90
N LEU V 215 22.74 58.33 33.94
CA LEU V 215 23.80 58.34 34.91
C LEU V 215 23.34 58.50 36.37
N GLU V 216 22.17 59.11 36.59
CA GLU V 216 21.67 59.26 37.95
C GLU V 216 21.47 57.88 38.56
N ASP V 217 20.90 56.95 37.78
CA ASP V 217 20.69 55.59 38.28
C ASP V 217 22.01 54.85 38.46
N VAL V 218 22.95 55.05 37.55
CA VAL V 218 24.26 54.42 37.67
C VAL V 218 24.93 54.86 38.97
N VAL V 219 24.99 56.18 39.15
CA VAL V 219 25.68 56.71 40.31
C VAL V 219 24.97 56.31 41.58
N GLY V 220 23.66 56.43 41.59
CA GLY V 220 22.89 56.05 42.79
C GLY V 220 23.05 54.54 43.10
N GLY V 221 23.09 53.73 42.06
CA GLY V 221 23.37 52.33 42.26
C GLY V 221 24.72 52.09 42.93
N HIS V 222 25.74 52.86 42.57
CA HIS V 222 27.06 52.68 43.17
C HIS V 222 27.12 53.21 44.61
N ILE V 223 26.29 54.20 44.95
CA ILE V 223 26.14 54.58 46.38
C ILE V 223 25.60 53.41 47.19
N TRP V 224 24.52 52.80 46.71
CA TRP V 224 24.00 51.61 47.36
C TRP V 224 25.01 50.45 47.48
N ILE V 225 25.67 50.08 46.38
CA ILE V 225 26.61 48.96 46.39
C ILE V 225 27.81 49.25 47.29
N GLY V 226 28.19 50.52 47.32
CA GLY V 226 29.22 50.98 48.25
C GLY V 226 28.91 50.74 49.72
N LEU V 227 27.73 51.22 50.12
CA LEU V 227 27.26 51.11 51.49
C LEU V 227 26.95 49.64 51.82
N ILE V 228 26.38 48.92 50.84
CA ILE V 228 26.10 47.52 51.02
C ILE V 228 27.36 46.73 51.29
N CYS V 229 28.40 46.93 50.48
CA CYS V 229 29.65 46.21 50.62
C CYS V 229 30.41 46.56 51.91
N ILE V 230 30.46 47.84 52.28
CA ILE V 230 31.08 48.24 53.54
C ILE V 230 30.32 47.66 54.73
N ALA V 231 28.99 47.77 54.73
CA ALA V 231 28.23 47.16 55.83
C ALA V 231 28.42 45.63 55.89
N GLY V 232 28.34 44.98 54.75
CA GLY V 232 28.60 43.52 54.68
C GLY V 232 29.98 43.09 55.16
N GLY V 233 30.98 43.91 54.85
CA GLY V 233 32.34 43.62 55.32
C GLY V 233 32.45 43.71 56.83
N ILE V 234 31.77 44.70 57.39
CA ILE V 234 31.75 44.92 58.82
C ILE V 234 31.03 43.75 59.46
N TRP V 235 29.88 43.39 58.89
CA TRP V 235 29.16 42.22 59.33
C TRP V 235 30.06 40.99 59.37
N HIS V 236 30.76 40.71 58.25
CA HIS V 236 31.58 39.49 58.16
C HIS V 236 32.85 39.46 59.11
N ILE V 237 33.35 40.66 59.46
CA ILE V 237 34.45 40.78 60.45
C ILE V 237 33.92 40.51 61.87
N LEU V 238 32.69 40.93 62.15
CA LEU V 238 32.12 40.82 63.46
C LEU V 238 31.32 39.54 63.71
N THR V 239 31.14 38.71 62.69
CA THR V 239 30.36 37.46 62.86
C THR V 239 31.09 36.26 62.36
N THR V 240 30.53 35.12 62.66
CA THR V 240 31.03 33.85 62.08
C THR V 240 29.81 33.11 61.40
N PRO V 241 30.06 32.22 60.43
CA PRO V 241 28.90 31.66 59.75
C PRO V 241 27.89 30.89 60.63
N PHE V 242 26.60 31.14 60.42
CA PHE V 242 25.56 30.46 61.12
C PHE V 242 25.52 28.98 60.75
N GLY V 243 24.88 28.22 61.64
CA GLY V 243 24.71 26.77 61.49
C GLY V 243 24.19 26.36 60.12
N TRP V 244 23.14 27.03 59.66
CA TRP V 244 22.57 26.67 58.37
C TRP V 244 23.59 26.82 57.23
N ALA V 245 24.41 27.87 57.32
CA ALA V 245 25.48 28.08 56.34
C ALA V 245 26.60 27.04 56.53
N ARG V 246 26.99 26.76 57.77
CA ARG V 246 27.96 25.68 58.03
C ARG V 246 27.54 24.37 57.37
N ARG V 247 26.26 24.02 57.42
CA ARG V 247 25.81 22.70 56.92
C ARG V 247 25.57 22.69 55.42
N ALA V 248 25.51 23.90 54.83
CA ALA V 248 25.24 24.06 53.38
C ALA V 248 26.47 23.99 52.46
N PHE V 249 27.59 24.46 52.96
CA PHE V 249 28.79 24.63 52.14
C PHE V 249 29.89 23.65 52.44
N ILE V 250 30.79 23.53 51.47
CA ILE V 250 32.06 22.89 51.68
C ILE V 250 33.06 23.97 52.11
N TRP V 251 33.89 23.62 53.10
CA TRP V 251 34.79 24.59 53.71
C TRP V 251 36.23 24.17 53.44
N SER V 252 36.73 24.60 52.30
CA SER V 252 38.09 24.36 51.88
C SER V 252 38.54 25.39 50.88
N GLY V 253 39.85 25.52 50.72
CA GLY V 253 40.39 26.46 49.72
C GLY V 253 39.78 26.26 48.32
N GLU V 254 39.73 25.01 47.89
CA GLU V 254 39.26 24.69 46.54
C GLU V 254 37.76 24.96 46.39
N ALA V 255 36.98 24.69 47.42
CA ALA V 255 35.55 25.04 47.40
C ALA V 255 35.41 26.56 47.28
N TYR V 256 36.20 27.30 48.05
CA TYR V 256 36.07 28.76 47.97
C TYR V 256 36.42 29.24 46.59
N LEU V 257 37.50 28.68 46.01
CA LEU V 257 37.88 29.03 44.64
C LEU V 257 36.70 28.74 43.67
N SER V 258 36.10 27.59 43.82
CA SER V 258 34.97 27.22 42.98
C SER V 258 33.80 28.23 43.11
N TYR V 259 33.50 28.71 44.31
CA TYR V 259 32.39 29.61 44.43
C TYR V 259 32.71 30.90 43.64
N SER V 260 33.95 31.40 43.76
CA SER V 260 34.35 32.58 43.09
C SER V 260 34.36 32.42 41.55
N LEU V 261 34.71 31.21 41.08
CA LEU V 261 34.66 30.92 39.67
C LEU V 261 33.27 31.02 39.12
N GLY V 262 32.31 30.49 39.86
CA GLY V 262 30.91 30.57 39.44
C GLY V 262 30.43 32.02 39.37
N ALA V 263 30.82 32.79 40.38
CA ALA V 263 30.47 34.24 40.45
C ALA V 263 31.12 35.01 39.29
N LEU V 264 32.41 34.73 39.02
CA LEU V 264 33.07 35.43 37.92
C LEU V 264 32.50 35.06 36.56
N SER V 265 32.09 33.80 36.40
CA SER V 265 31.46 33.32 35.16
C SER V 265 30.18 34.12 34.92
N MET V 266 29.36 34.22 35.95
CA MET V 266 28.13 34.94 35.84
C MET V 266 28.41 36.42 35.44
N MET V 267 29.38 37.04 36.11
CA MET V 267 29.71 38.41 35.87
C MET V 267 30.19 38.57 34.42
N GLY V 268 30.98 37.63 33.94
CA GLY V 268 31.47 37.68 32.58
C GLY V 268 30.35 37.65 31.55
N PHE V 269 29.36 36.75 31.74
CA PHE V 269 28.20 36.71 30.84
C PHE V 269 27.40 38.03 30.93
N ILE V 270 27.26 38.56 32.13
CA ILE V 270 26.58 39.83 32.31
C ILE V 270 27.32 40.94 31.58
N ALA V 271 28.66 40.95 31.68
CA ALA V 271 29.46 41.97 30.98
C ALA V 271 29.32 41.86 29.49
N THR V 272 29.33 40.64 28.96
CA THR V 272 29.07 40.41 27.54
C THR V 272 27.78 41.12 27.06
N CYS V 273 26.66 40.92 27.78
CA CYS V 273 25.38 41.53 27.45
C CYS V 273 25.44 43.06 27.64
N PHE V 274 26.11 43.50 28.70
CA PHE V 274 26.24 44.96 28.95
C PHE V 274 26.89 45.65 27.71
N VAL V 275 28.02 45.14 27.23
CA VAL V 275 28.71 45.81 26.15
C VAL V 275 28.00 45.62 24.78
N TRP V 276 27.18 44.57 24.67
CA TRP V 276 26.48 44.34 23.42
C TRP V 276 25.25 45.25 23.29
N PHE V 277 24.54 45.49 24.39
CA PHE V 277 23.28 46.25 24.33
C PHE V 277 23.30 47.67 24.88
N ASN V 278 24.13 47.90 25.87
CA ASN V 278 24.05 49.12 26.65
C ASN V 278 24.91 50.17 25.95
N ASN V 279 24.28 51.31 25.69
CA ASN V 279 24.96 52.49 25.13
C ASN V 279 24.99 53.72 26.06
N THR V 280 24.82 53.50 27.39
CA THR V 280 24.92 54.51 28.39
C THR V 280 26.27 54.47 29.12
N VAL V 281 26.55 53.35 29.77
CA VAL V 281 27.87 53.14 30.33
C VAL V 281 28.90 52.60 29.35
N TYR V 282 28.45 52.21 28.14
CA TYR V 282 29.33 51.98 26.98
C TYR V 282 28.89 52.92 25.86
N PRO V 283 29.34 54.17 25.93
CA PRO V 283 28.84 55.15 24.96
C PRO V 283 29.24 54.78 23.51
N SER V 284 28.25 54.86 22.61
CA SER V 284 28.48 54.52 21.22
C SER V 284 29.53 55.45 20.55
N GLU V 285 29.64 56.69 21.05
CA GLU V 285 30.71 57.60 20.64
C GLU V 285 32.10 56.98 20.77
N PHE V 286 32.30 56.11 21.77
CA PHE V 286 33.60 55.52 22.07
C PHE V 286 33.69 54.09 21.63
N TYR V 287 32.61 53.32 21.80
CA TYR V 287 32.66 51.88 21.50
C TYR V 287 32.06 51.49 20.16
N GLY V 288 31.42 52.46 19.52
CA GLY V 288 30.71 52.22 18.30
C GLY V 288 29.27 51.88 18.55
N PRO V 289 28.45 51.88 17.51
CA PRO V 289 27.04 51.58 17.72
C PRO V 289 26.84 50.14 18.20
N THR V 290 25.78 49.92 18.94
CA THR V 290 25.37 48.51 19.22
C THR V 290 24.79 47.90 17.97
N GLY V 291 24.71 46.58 17.95
CA GLY V 291 24.09 45.85 16.82
C GLY V 291 22.69 46.34 16.54
N PRO V 292 21.85 46.37 17.57
CA PRO V 292 20.53 46.96 17.39
C PRO V 292 20.62 48.38 16.81
N GLU V 293 21.53 49.19 17.36
CA GLU V 293 21.64 50.61 16.98
C GLU V 293 21.96 50.78 15.52
N ALA V 294 22.90 49.99 15.02
CA ALA V 294 23.30 50.07 13.62
C ALA V 294 22.20 49.61 12.69
N SER V 295 21.46 48.59 13.10
CA SER V 295 20.32 48.09 12.32
C SER V 295 19.25 49.14 12.26
N GLN V 296 18.97 49.80 13.40
CA GLN V 296 17.99 50.87 13.42
C GLN V 296 18.45 52.02 12.52
N ALA V 297 19.75 52.28 12.55
CA ALA V 297 20.35 53.39 11.84
C ALA V 297 20.26 53.22 10.36
N GLN V 298 20.37 51.97 9.89
CA GLN V 298 20.11 51.69 8.48
C GLN V 298 18.72 52.06 8.01
N ALA V 299 17.75 51.64 8.78
CA ALA V 299 16.37 51.97 8.42
C ALA V 299 16.13 53.51 8.43
N MET V 300 16.70 54.18 9.40
CA MET V 300 16.62 55.64 9.50
C MET V 300 17.24 56.27 8.24
N THR V 301 18.38 55.71 7.83
CA THR V 301 19.13 56.19 6.64
C THR V 301 18.31 56.13 5.36
N PHE V 302 17.64 55.01 5.12
CA PHE V 302 16.88 54.90 3.93
C PHE V 302 15.55 55.61 4.02
N LEU V 303 14.98 55.68 5.22
CA LEU V 303 13.81 56.49 5.43
C LEU V 303 14.13 57.92 5.00
N ILE V 304 15.26 58.44 5.48
CA ILE V 304 15.62 59.82 5.20
C ILE V 304 15.85 60.03 3.71
N ARG V 305 16.61 59.12 3.09
CA ARG V 305 16.95 59.19 1.67
C ARG V 305 15.67 59.19 0.79
N ASP V 306 14.81 58.22 1.06
CA ASP V 306 13.60 58.01 0.26
C ASP V 306 12.55 59.12 0.48
N GLN V 307 12.44 59.56 1.71
CA GLN V 307 11.58 60.72 2.02
C GLN V 307 12.06 61.98 1.30
N LYS V 308 13.37 62.19 1.26
CA LYS V 308 13.90 63.31 0.48
C LYS V 308 13.50 63.23 -1.00
N LEU V 309 13.39 62.03 -1.55
CA LEU V 309 13.02 61.86 -2.94
C LEU V 309 11.52 62.02 -3.19
N GLY V 310 10.70 62.07 -2.14
CA GLY V 310 9.27 62.29 -2.20
C GLY V 310 8.41 61.20 -1.59
N ALA V 311 8.98 60.09 -1.11
CA ALA V 311 8.15 59.01 -0.48
C ALA V 311 7.42 59.51 0.75
N ASN V 312 6.18 59.08 0.82
CA ASN V 312 5.40 59.19 2.02
C ASN V 312 5.68 57.92 2.81
N VAL V 313 6.60 58.06 3.72
CA VAL V 313 7.12 56.90 4.41
C VAL V 313 6.13 56.22 5.41
N GLY V 314 5.16 56.96 5.94
CA GLY V 314 4.11 56.39 6.75
C GLY V 314 3.13 55.47 6.01
N SER V 315 2.89 55.74 4.73
CA SER V 315 1.92 55.01 3.94
C SER V 315 2.58 54.03 2.95
N ALA V 316 3.91 53.91 2.95
CA ALA V 316 4.57 53.04 1.96
C ALA V 316 4.47 51.57 2.44
N GLN V 317 3.72 50.75 1.70
CA GLN V 317 3.55 49.33 1.97
C GLN V 317 4.70 48.54 1.37
N GLY V 318 5.37 47.72 2.20
CA GLY V 318 6.43 46.87 1.68
C GLY V 318 5.91 45.56 1.02
N PRO V 319 6.81 44.76 0.45
CA PRO V 319 6.37 43.57 -0.32
C PRO V 319 5.46 42.60 0.47
N THR V 320 5.68 42.54 1.79
CA THR V 320 4.95 41.58 2.62
C THR V 320 3.57 42.06 3.06
N GLY V 321 3.36 43.38 2.94
CA GLY V 321 2.17 44.00 3.41
C GLY V 321 2.45 44.91 4.60
N LEU V 322 3.49 44.61 5.35
CA LEU V 322 3.93 45.46 6.41
C LEU V 322 4.60 46.70 5.82
N GLY V 323 4.56 47.79 6.58
CA GLY V 323 5.28 48.99 6.20
C GLY V 323 6.75 48.78 5.83
N LYS V 324 7.13 49.34 4.70
CA LYS V 324 8.51 49.25 4.23
C LYS V 324 9.46 50.00 5.18
N TYR V 325 9.04 51.14 5.72
CA TYR V 325 9.86 51.95 6.62
C TYR V 325 9.38 51.92 8.08
N LEU V 326 8.07 51.93 8.26
CA LEU V 326 7.43 52.04 9.54
C LEU V 326 6.29 51.00 9.67
N MET V 327 6.21 50.41 10.86
CA MET V 327 5.21 49.38 11.19
C MET V 327 4.89 49.46 12.68
N ARG V 328 4.03 48.55 13.17
CA ARG V 328 3.72 48.45 14.60
C ARG V 328 4.45 47.31 15.30
N SER V 329 4.93 47.57 16.52
CA SER V 329 5.39 46.48 17.41
C SER V 329 4.16 45.68 17.81
N PRO V 330 4.36 44.53 18.46
CA PRO V 330 3.22 43.72 18.91
C PRO V 330 2.29 44.38 19.93
N THR V 331 2.75 45.45 20.60
CA THR V 331 1.90 46.23 21.46
C THR V 331 1.54 47.58 20.83
N GLY V 332 1.85 47.79 19.55
CA GLY V 332 1.26 48.89 18.81
C GLY V 332 2.16 50.09 18.55
N GLU V 333 3.31 50.14 19.24
CA GLU V 333 4.21 51.27 19.05
C GLU V 333 4.66 51.37 17.58
N ILE V 334 4.79 52.57 17.08
CA ILE V 334 5.32 52.78 15.72
C ILE V 334 6.82 52.61 15.79
N ILE V 335 7.32 51.68 14.97
CA ILE V 335 8.72 51.26 14.95
C ILE V 335 9.21 51.20 13.53
N PHE V 336 10.51 51.13 13.34
CA PHE V 336 11.07 50.88 11.98
C PHE V 336 10.77 49.48 11.48
N GLY V 337 10.61 49.37 10.16
CA GLY V 337 10.26 48.14 9.46
C GLY V 337 11.47 47.45 8.89
N GLY V 338 11.20 46.38 8.15
CA GLY V 338 12.21 45.44 7.75
C GLY V 338 12.64 44.57 8.96
N GLU V 339 13.78 43.91 8.81
CA GLU V 339 14.24 42.98 9.84
C GLU V 339 14.44 43.65 11.17
N THR V 340 14.77 44.94 11.14
CA THR V 340 14.96 45.72 12.37
C THR V 340 13.71 45.85 13.26
N MET V 341 12.57 45.33 12.83
CA MET V 341 11.44 45.14 13.74
C MET V 341 11.87 44.47 15.07
N ARG V 342 12.84 43.55 15.05
CA ARG V 342 13.30 42.88 16.27
C ARG V 342 13.99 43.83 17.25
N PHE V 343 14.52 44.95 16.72
CA PHE V 343 15.32 45.89 17.52
C PHE V 343 14.57 47.10 18.00
N TRP V 344 13.25 47.02 18.03
CA TRP V 344 12.46 48.21 18.40
C TRP V 344 12.64 48.70 19.82
N ASP V 345 13.26 47.90 20.66
CA ASP V 345 13.49 48.35 22.05
C ASP V 345 14.73 49.20 22.12
N PHE V 346 15.45 49.33 20.99
CA PHE V 346 16.62 50.22 20.93
C PHE V 346 16.25 51.63 21.31
N ARG V 347 17.13 52.26 22.08
CA ARG V 347 16.97 53.65 22.47
C ARG V 347 18.32 54.32 22.35
N GLY V 348 18.37 55.49 21.70
CA GLY V 348 19.65 56.22 21.56
C GLY V 348 19.37 57.69 21.36
N PRO V 349 20.31 58.56 21.75
CA PRO V 349 20.03 60.00 21.71
C PRO V 349 19.82 60.60 20.30
N TRP V 350 20.35 59.96 19.26
CA TRP V 350 20.10 60.41 17.90
C TRP V 350 18.69 60.10 17.37
N LEU V 351 18.03 59.13 17.99
CA LEU V 351 16.73 58.65 17.55
C LEU V 351 15.58 59.20 18.42
N GLU V 352 15.82 59.36 19.72
CA GLU V 352 14.74 59.76 20.62
C GLU V 352 14.05 61.05 20.28
N PRO V 353 14.72 62.03 19.66
CA PRO V 353 13.93 63.22 19.33
C PRO V 353 12.78 62.96 18.33
N LEU V 354 12.84 61.86 17.56
CA LEU V 354 11.75 61.48 16.66
C LEU V 354 10.60 60.69 17.31
N ARG V 355 10.71 60.47 18.61
CA ARG V 355 9.81 59.58 19.30
C ARG V 355 8.73 60.38 19.99
N GLY V 356 7.48 59.97 19.85
CA GLY V 356 6.36 60.56 20.57
C GLY V 356 5.77 59.48 21.46
N PRO V 357 4.63 59.79 22.11
CA PRO V 357 4.00 58.84 23.04
C PRO V 357 3.67 57.47 22.42
N ASN V 358 3.26 57.44 21.16
CA ASN V 358 2.93 56.22 20.44
C ASN V 358 4.07 55.61 19.67
N GLY V 359 5.27 56.12 19.89
CA GLY V 359 6.44 55.61 19.14
C GLY V 359 6.93 56.63 18.16
N LEU V 360 7.56 56.17 17.10
CA LEU V 360 8.10 57.09 16.13
C LEU V 360 6.95 57.92 15.61
N ASP V 361 7.21 59.24 15.57
CA ASP V 361 6.20 60.22 15.28
C ASP V 361 6.35 60.67 13.81
N LEU V 362 5.30 60.46 13.04
CA LEU V 362 5.37 60.73 11.61
C LEU V 362 5.58 62.25 11.27
N ASN V 363 4.96 63.13 12.03
CA ASN V 363 5.19 64.59 11.83
C ASN V 363 6.62 64.99 12.13
N LYS V 364 7.21 64.42 13.18
CA LYS V 364 8.61 64.68 13.50
C LYS V 364 9.57 64.12 12.42
N ILE V 365 9.25 62.93 11.94
CA ILE V 365 10.00 62.34 10.83
C ILE V 365 9.92 63.24 9.58
N LYS V 366 8.72 63.72 9.28
CA LYS V 366 8.53 64.56 8.08
C LYS V 366 9.24 65.91 8.18
N ASN V 367 9.23 66.47 9.38
CA ASN V 367 9.63 67.85 9.58
C ASN V 367 10.91 68.15 10.38
N ASP V 368 11.34 67.29 11.28
CA ASP V 368 12.31 67.68 12.28
C ASP V 368 13.62 66.92 12.28
N ILE V 369 13.89 66.09 11.27
CA ILE V 369 15.15 65.34 11.25
C ILE V 369 16.24 66.35 10.87
N GLN V 370 17.24 66.48 11.72
CA GLN V 370 18.34 67.42 11.52
C GLN V 370 19.49 66.76 10.81
N PRO V 371 20.30 67.55 10.15
CA PRO V 371 21.45 66.92 9.52
C PRO V 371 22.35 66.13 10.45
N TRP V 372 22.52 66.54 11.71
CA TRP V 372 23.35 65.74 12.61
C TRP V 372 22.77 64.31 12.85
N GLN V 373 21.44 64.19 12.87
CA GLN V 373 20.81 62.90 12.93
C GLN V 373 21.08 62.06 11.69
N GLU V 374 21.03 62.67 10.53
CA GLU V 374 21.34 61.95 9.28
C GLU V 374 22.79 61.42 9.28
N ARG V 375 23.72 62.29 9.66
CA ARG V 375 25.15 61.95 9.73
C ARG V 375 25.40 60.80 10.69
N ARG V 376 24.79 60.87 11.86
CA ARG V 376 24.99 59.86 12.93
C ARG V 376 24.39 58.53 12.51
N ALA V 377 23.19 58.53 11.93
CA ALA V 377 22.60 57.26 11.41
C ALA V 377 23.46 56.62 10.32
N ALA V 378 24.00 57.47 9.44
CA ALA V 378 24.90 56.98 8.37
C ALA V 378 26.18 56.40 8.93
N GLU V 379 26.78 57.13 9.85
CA GLU V 379 28.00 56.65 10.55
C GLU V 379 27.77 55.30 11.25
N TYR V 380 26.65 55.18 11.93
CA TYR V 380 26.39 53.97 12.71
C TYR V 380 26.02 52.77 11.82
N MET V 381 25.27 53.03 10.76
CA MET V 381 24.91 52.01 9.79
C MET V 381 26.20 51.42 9.17
N THR V 382 27.23 52.26 8.98
CA THR V 382 28.46 51.89 8.29
C THR V 382 29.58 51.51 9.25
N HIS V 383 29.25 51.44 10.53
CA HIS V 383 30.16 50.91 11.59
C HIS V 383 29.43 49.84 12.44
N ALA V 384 28.54 49.07 11.80
CA ALA V 384 27.82 48.03 12.50
C ALA V 384 28.82 47.00 13.02
N PRO V 385 28.52 46.36 14.15
CA PRO V 385 29.52 45.45 14.74
C PRO V 385 29.52 44.09 14.07
N LEU V 386 29.91 44.07 12.77
CA LEU V 386 30.13 42.89 11.95
C LEU V 386 31.51 42.98 11.32
N GLY V 387 32.26 41.90 11.36
CA GLY V 387 33.58 41.87 10.77
C GLY V 387 34.24 40.56 10.98
N SER V 388 35.33 40.29 10.26
CA SER V 388 35.98 39.01 10.32
C SER V 388 37.06 38.96 11.43
N LEU V 389 37.58 37.74 11.67
CA LEU V 389 38.59 37.57 12.71
C LEU V 389 39.87 38.33 12.38
N ASN V 390 40.18 38.44 11.08
CA ASN V 390 41.30 39.26 10.59
C ASN V 390 40.98 40.74 10.44
N SER V 391 39.87 41.18 11.01
CA SER V 391 39.45 42.57 11.04
C SER V 391 39.17 43.19 9.63
N VAL V 392 38.48 42.42 8.77
CA VAL V 392 37.90 42.95 7.58
C VAL V 392 36.49 43.34 7.96
N GLY V 393 36.21 44.64 7.92
CA GLY V 393 34.94 45.16 8.36
C GLY V 393 33.80 44.80 7.40
N GLY V 394 32.65 44.50 8.00
CA GLY V 394 31.42 44.33 7.27
C GLY V 394 30.93 42.90 7.30
N VAL V 395 30.00 42.64 6.42
CA VAL V 395 29.38 41.32 6.30
C VAL V 395 30.43 40.33 5.80
N ALA V 396 30.11 39.07 5.93
CA ALA V 396 31.10 38.03 5.67
C ALA V 396 31.47 37.94 4.18
N THR V 397 30.58 38.40 3.29
CA THR V 397 30.87 38.36 1.87
C THR V 397 31.54 39.66 1.36
N GLU V 398 31.80 40.59 2.25
CA GLU V 398 32.40 41.89 1.88
C GLU V 398 33.85 41.69 1.39
N ILE V 399 34.26 42.47 0.40
CA ILE V 399 35.66 42.46 0.00
C ILE V 399 36.58 43.18 1.04
N ASN V 400 37.84 42.80 1.01
CA ASN V 400 38.88 43.53 1.72
C ASN V 400 38.88 45.03 1.39
N SER V 401 39.11 45.88 2.37
CA SER V 401 39.15 47.34 2.17
CA SER V 401 39.09 47.31 2.16
C SER V 401 39.10 48.09 3.47
N VAL V 402 38.16 47.73 4.36
CA VAL V 402 38.00 48.46 5.60
C VAL V 402 38.52 47.60 6.73
N ASN V 403 39.51 48.11 7.46
CA ASN V 403 40.08 47.45 8.63
C ASN V 403 39.25 47.82 9.87
N PHE V 404 38.29 46.95 10.25
CA PHE V 404 37.33 47.26 11.33
C PHE V 404 36.70 46.01 11.96
N VAL V 405 36.91 45.83 13.25
CA VAL V 405 36.01 45.05 14.11
C VAL V 405 35.66 45.94 15.31
N SER V 406 34.37 46.10 15.55
CA SER V 406 33.89 46.90 16.65
C SER V 406 34.45 46.43 17.98
N PRO V 407 34.87 47.39 18.85
CA PRO V 407 35.19 47.08 20.23
C PRO V 407 34.08 46.29 20.93
N ARG V 408 32.81 46.53 20.58
CA ARG V 408 31.71 45.77 21.19
C ARG V 408 31.84 44.31 20.87
N SER V 409 32.20 43.97 19.63
CA SER V 409 32.39 42.56 19.30
C SER V 409 33.60 41.95 20.00
N TRP V 410 34.72 42.66 19.99
CA TRP V 410 35.90 42.17 20.69
C TRP V 410 35.63 41.92 22.18
N LEU V 411 34.93 42.86 22.82
CA LEU V 411 34.65 42.79 24.24
C LEU V 411 33.56 41.75 24.58
N ALA V 412 32.57 41.60 23.72
CA ALA V 412 31.51 40.59 23.95
C ALA V 412 32.06 39.19 23.78
N THR V 413 32.80 38.98 22.72
CA THR V 413 33.29 37.64 22.38
C THR V 413 34.31 37.16 23.42
N SER V 414 35.30 37.99 23.71
CA SER V 414 36.28 37.68 24.70
C SER V 414 35.61 37.29 26.02
N HIS V 415 34.67 38.12 26.48
CA HIS V 415 34.11 37.88 27.77
C HIS V 415 33.17 36.69 27.79
N PHE V 416 32.60 36.33 26.62
CA PHE V 416 31.80 35.10 26.57
C PHE V 416 32.68 33.87 26.77
N VAL V 417 33.80 33.87 26.05
CA VAL V 417 34.78 32.82 26.08
C VAL V 417 35.29 32.60 27.51
N LEU V 418 35.64 33.72 28.14
CA LEU V 418 36.15 33.67 29.48
C LEU V 418 35.05 33.25 30.49
N ALA V 419 33.85 33.82 30.38
CA ALA V 419 32.73 33.41 31.25
C ALA V 419 32.45 31.90 31.13
N PHE V 420 32.48 31.40 29.89
CA PHE V 420 32.23 30.00 29.68
C PHE V 420 33.29 29.10 30.34
N PHE V 421 34.55 29.37 30.07
CA PHE V 421 35.60 28.54 30.69
C PHE V 421 35.58 28.63 32.20
N PHE V 422 35.16 29.77 32.72
CA PHE V 422 35.04 29.96 34.13
C PHE V 422 33.89 29.14 34.71
N LEU V 423 32.81 28.94 33.96
CA LEU V 423 31.78 27.99 34.32
C LEU V 423 32.34 26.57 34.36
N VAL V 424 33.11 26.22 33.33
CA VAL V 424 33.76 24.93 33.35
C VAL V 424 34.65 24.73 34.58
N GLY V 425 35.44 25.77 34.88
CA GLY V 425 36.24 25.81 36.09
C GLY V 425 35.44 25.73 37.35
N HIS V 426 34.32 26.43 37.44
CA HIS V 426 33.41 26.25 38.59
C HIS V 426 33.02 24.77 38.75
N LEU V 427 32.57 24.13 37.68
CA LEU V 427 32.14 22.73 37.77
C LEU V 427 33.30 21.81 38.16
N TRP V 428 34.46 22.05 37.57
CA TRP V 428 35.61 21.22 37.84
C TRP V 428 35.98 21.32 39.31
N HIS V 429 36.20 22.55 39.78
CA HIS V 429 36.71 22.77 41.11
C HIS V 429 35.56 22.47 42.15
N ALA V 430 34.30 22.70 41.81
CA ALA V 430 33.22 22.43 42.79
C ALA V 430 33.06 20.91 43.01
N GLY V 431 33.05 20.16 41.87
CA GLY V 431 33.05 18.72 41.91
C GLY V 431 34.25 18.19 42.70
N ARG V 432 35.43 18.73 42.38
CA ARG V 432 36.63 18.24 43.03
C ARG V 432 36.61 18.52 44.55
N ALA V 433 36.20 19.72 44.92
CA ALA V 433 36.19 20.08 46.31
C ALA V 433 35.23 19.17 47.13
N ARG V 434 34.07 18.85 46.55
CA ARG V 434 33.13 17.93 47.15
C ARG V 434 33.77 16.56 47.32
N ALA V 435 34.35 16.03 46.25
CA ALA V 435 34.98 14.71 46.28
C ALA V 435 36.16 14.62 47.27
N ALA V 436 36.97 15.66 47.33
CA ALA V 436 38.13 15.74 48.24
C ALA V 436 37.67 15.89 49.67
N ALA V 437 36.66 16.69 49.93
CA ALA V 437 36.17 16.80 51.30
C ALA V 437 35.59 15.47 51.83
N ALA V 438 35.02 14.67 50.96
CA ALA V 438 34.37 13.41 51.35
C ALA V 438 35.37 12.25 51.32
N GLY V 439 36.51 12.47 50.67
CA GLY V 439 37.63 11.55 50.69
C GLY V 439 37.72 10.57 49.54
N PHE V 440 37.15 10.87 48.38
CA PHE V 440 37.22 9.98 47.22
C PHE V 440 37.67 10.64 45.90
N GLU V 441 38.40 11.74 46.01
CA GLU V 441 38.86 12.48 44.84
C GLU V 441 39.99 11.74 44.12
N LYS V 442 40.63 10.78 44.80
CA LYS V 442 41.70 10.01 44.18
C LYS V 442 41.26 8.67 43.62
N GLY V 443 39.96 8.38 43.75
CA GLY V 443 39.42 7.11 43.29
C GLY V 443 38.61 6.33 44.33
N ILE V 444 38.08 5.19 43.88
CA ILE V 444 37.22 4.36 44.69
C ILE V 444 38.12 3.43 45.52
N ASP V 445 37.81 3.28 46.79
CA ASP V 445 38.59 2.33 47.62
C ASP V 445 38.21 0.89 47.23
N ARG V 446 39.16 0.12 46.71
CA ARG V 446 38.85 -1.24 46.27
C ARG V 446 38.28 -2.07 47.41
N GLU V 447 38.74 -1.81 48.62
CA GLU V 447 38.35 -2.59 49.79
CA GLU V 447 38.32 -2.63 49.75
C GLU V 447 36.98 -2.15 50.34
N SER V 448 36.44 -1.07 49.82
CA SER V 448 35.22 -0.52 50.38
C SER V 448 34.53 0.28 49.29
N GLU V 449 34.18 -0.39 48.22
CA GLU V 449 33.55 0.19 47.06
C GLU V 449 32.07 0.41 47.35
N PRO V 450 31.63 1.67 47.44
CA PRO V 450 30.24 1.91 47.93
C PRO V 450 29.13 1.14 47.17
N VAL V 451 29.24 1.04 45.84
CA VAL V 451 28.20 0.38 45.04
C VAL V 451 28.05 -1.09 45.41
N LEU V 452 29.12 -1.72 45.84
CA LEU V 452 29.07 -3.14 46.18
C LEU V 452 28.28 -3.35 47.45
N SER V 453 28.03 -2.29 48.23
CA SER V 453 27.16 -2.39 49.42
C SER V 453 25.71 -2.00 49.21
N MET V 454 25.32 -1.66 47.99
CA MET V 454 24.01 -1.13 47.69
C MET V 454 23.18 -2.25 47.06
N PRO V 455 21.88 -2.24 47.30
CA PRO V 455 21.11 -3.30 46.58
C PRO V 455 21.16 -3.07 45.06
N SER V 456 21.00 -4.16 44.31
CA SER V 456 20.89 -4.11 42.87
CA SER V 456 20.95 -4.04 42.88
C SER V 456 19.72 -3.24 42.49
N LEU V 457 19.81 -2.58 41.34
CA LEU V 457 18.70 -1.77 40.86
C LEU V 457 17.54 -2.63 40.41
N ASP V 458 17.84 -3.81 39.90
CA ASP V 458 16.85 -4.77 39.44
C ASP V 458 17.45 -6.16 39.50
N GLU W 1 71.40 -23.39 4.21
CA GLU W 1 71.31 -22.37 3.10
C GLU W 1 69.95 -21.68 3.02
N ARG W 2 69.79 -20.56 3.76
CA ARG W 2 68.56 -19.72 3.70
C ARG W 2 68.54 -18.97 2.39
N GLY W 3 67.43 -19.02 1.66
CA GLY W 3 67.28 -18.31 0.40
C GLY W 3 67.15 -16.82 0.62
N TRP W 4 67.43 -16.09 -0.46
CA TRP W 4 67.38 -14.65 -0.50
C TRP W 4 66.03 -14.13 -0.02
N PHE W 5 64.92 -14.83 -0.33
CA PHE W 5 63.60 -14.35 0.12
C PHE W 5 63.50 -14.28 1.65
N ASP W 6 63.94 -15.35 2.29
CA ASP W 6 63.84 -15.49 3.76
C ASP W 6 64.77 -14.53 4.45
N ILE W 7 65.95 -14.37 3.86
CA ILE W 7 66.93 -13.41 4.32
C ILE W 7 66.32 -11.99 4.23
N LEU W 8 65.70 -11.66 3.10
CA LEU W 8 64.99 -10.37 2.99
C LEU W 8 63.80 -10.24 3.96
N ASP W 9 63.06 -11.32 4.10
CA ASP W 9 61.94 -11.32 5.02
C ASP W 9 62.45 -10.98 6.43
N ASP W 10 63.55 -11.64 6.82
CA ASP W 10 64.25 -11.32 8.11
C ASP W 10 64.51 -9.84 8.30
N TRP W 11 65.21 -9.28 7.33
CA TRP W 11 65.57 -7.90 7.41
C TRP W 11 64.34 -7.02 7.48
N LEU W 12 63.34 -7.31 6.64
CA LEU W 12 62.14 -6.48 6.60
C LEU W 12 61.43 -6.39 7.91
N LYS W 13 61.46 -7.51 8.63
CA LYS W 13 60.65 -7.63 9.88
C LYS W 13 61.41 -7.43 11.19
N ARG W 14 62.64 -6.92 11.12
CA ARG W 14 63.42 -6.62 12.34
C ARG W 14 62.66 -5.62 13.23
N ASP W 15 62.74 -5.83 14.54
CA ASP W 15 62.12 -4.92 15.46
C ASP W 15 63.00 -3.69 15.46
N ARG W 16 62.59 -2.61 14.84
CA ARG W 16 63.41 -1.40 14.80
C ARG W 16 62.52 -0.20 15.13
N PHE W 17 63.14 0.97 15.28
CA PHE W 17 62.33 2.15 15.62
C PHE W 17 61.13 2.31 14.69
N VAL W 18 61.37 2.20 13.39
CA VAL W 18 60.34 2.28 12.36
C VAL W 18 60.29 0.94 11.70
N PHE W 19 59.20 0.21 12.01
CA PHE W 19 58.98 -1.05 11.40
C PHE W 19 58.80 -0.83 9.91
N VAL W 20 59.38 -1.73 9.11
CA VAL W 20 59.30 -1.65 7.69
C VAL W 20 58.30 -2.63 7.05
N GLY W 21 58.65 -3.91 7.11
CA GLY W 21 57.80 -4.96 6.59
C GLY W 21 57.78 -4.99 5.08
N TRP W 22 57.23 -6.06 4.54
CA TRP W 22 56.92 -6.11 3.10
C TRP W 22 56.01 -4.93 2.69
N SER W 23 55.05 -4.64 3.58
CA SER W 23 54.08 -3.57 3.37
C SER W 23 54.74 -2.22 3.19
N GLY W 24 55.84 -2.01 3.91
CA GLY W 24 56.62 -0.80 3.77
C GLY W 24 57.17 -0.46 2.37
N ILE W 25 57.45 -1.47 1.55
CA ILE W 25 57.93 -1.26 0.19
C ILE W 25 56.88 -0.52 -0.64
N LEU W 26 55.60 -0.76 -0.35
CA LEU W 26 54.52 -0.03 -0.98
C LEU W 26 54.22 1.32 -0.22
N LEU W 27 54.08 1.20 1.10
CA LEU W 27 53.59 2.29 1.94
C LEU W 27 54.54 3.50 1.93
N PHE W 28 55.82 3.27 2.21
CA PHE W 28 56.74 4.39 2.42
C PHE W 28 56.92 5.28 1.23
N PRO W 29 57.22 4.71 0.08
CA PRO W 29 57.30 5.63 -1.06
C PRO W 29 56.00 6.37 -1.43
N CYS W 30 54.86 5.66 -1.43
CA CYS W 30 53.59 6.27 -1.81
C CYS W 30 53.13 7.33 -0.84
N ALA W 31 53.30 7.06 0.44
CA ALA W 31 52.87 8.01 1.50
C ALA W 31 53.78 9.24 1.46
N TYR W 32 55.05 8.96 1.25
CA TYR W 32 56.02 10.05 1.15
C TYR W 32 55.77 10.94 -0.08
N LEU W 33 55.50 10.33 -1.22
CA LEU W 33 55.22 11.08 -2.43
C LEU W 33 53.89 11.83 -2.33
N ALA W 34 52.88 11.22 -1.70
CA ALA W 34 51.61 11.89 -1.52
C ALA W 34 51.78 13.14 -0.66
N LEU W 35 52.43 12.94 0.49
CA LEU W 35 52.69 14.06 1.40
C LEU W 35 53.58 15.17 0.78
N GLY W 36 54.65 14.73 0.16
CA GLY W 36 55.62 15.67 -0.45
C GLY W 36 55.02 16.39 -1.65
N GLY W 37 54.22 15.66 -2.43
CA GLY W 37 53.43 16.26 -3.50
C GLY W 37 52.55 17.40 -3.00
N TRP W 38 51.82 17.15 -1.91
CA TRP W 38 50.96 18.17 -1.32
C TRP W 38 51.76 19.40 -0.85
N LEU W 39 52.84 19.15 -0.13
CA LEU W 39 53.68 20.21 0.39
C LEU W 39 54.30 21.02 -0.76
N THR W 40 54.80 20.32 -1.79
CA THR W 40 55.40 20.95 -2.95
C THR W 40 54.38 21.81 -3.69
N GLY W 41 53.20 21.25 -3.98
CA GLY W 41 52.20 22.01 -4.67
C GLY W 41 51.67 23.23 -3.91
N THR W 42 51.32 23.04 -2.65
CA THR W 42 50.81 24.16 -1.83
C THR W 42 51.84 25.24 -1.63
N THR W 43 53.12 24.85 -1.66
CA THR W 43 54.19 25.86 -1.47
C THR W 43 54.48 26.61 -2.77
N PHE W 44 54.53 25.88 -3.89
CA PHE W 44 55.07 26.46 -5.14
C PHE W 44 54.16 26.54 -6.40
N VAL W 45 53.04 25.80 -6.42
CA VAL W 45 52.36 25.51 -7.70
C VAL W 45 51.06 26.24 -7.77
N THR W 46 50.82 26.77 -8.98
CA THR W 46 49.63 27.56 -9.28
C THR W 46 48.46 26.65 -9.66
N SER W 47 47.28 27.24 -9.69
CA SER W 47 46.13 26.66 -10.38
C SER W 47 45.54 27.64 -11.41
N TRP W 48 46.33 28.57 -11.90
CA TRP W 48 45.85 29.56 -12.85
C TRP W 48 45.33 28.94 -14.16
N TYR W 49 46.05 27.93 -14.66
CA TYR W 49 45.70 27.32 -15.96
C TYR W 49 44.59 26.26 -15.91
N THR W 50 44.30 25.78 -14.71
CA THR W 50 43.24 24.73 -14.51
C THR W 50 41.93 25.30 -13.98
N HIS W 51 42.05 26.34 -13.14
CA HIS W 51 40.94 26.92 -12.45
C HIS W 51 40.89 28.41 -12.47
N GLY W 52 41.92 29.07 -12.97
CA GLY W 52 41.99 30.55 -12.81
C GLY W 52 42.15 30.98 -11.36
N LEU W 53 42.89 30.18 -10.61
CA LEU W 53 43.11 30.42 -9.16
C LEU W 53 44.59 30.45 -8.78
N ALA W 54 44.92 31.33 -7.87
CA ALA W 54 46.19 31.21 -7.12
C ALA W 54 45.97 30.18 -5.99
N SER W 55 46.98 29.35 -5.75
CA SER W 55 46.84 28.27 -4.80
C SER W 55 48.10 27.90 -3.98
N SER W 56 49.12 28.79 -3.97
CA SER W 56 50.38 28.46 -3.31
C SER W 56 50.84 29.58 -2.43
N TYR W 57 51.71 29.22 -1.48
CA TYR W 57 52.38 30.26 -0.65
C TYR W 57 53.13 31.25 -1.57
N LEU W 58 53.76 30.72 -2.60
CA LEU W 58 54.54 31.54 -3.54
C LEU W 58 53.70 32.68 -4.16
N GLU W 59 52.41 32.44 -4.40
CA GLU W 59 51.54 33.43 -4.98
C GLU W 59 50.87 34.33 -3.99
N GLY W 60 51.03 33.99 -2.71
CA GLY W 60 50.47 34.79 -1.59
C GLY W 60 49.32 34.13 -0.82
N CYS W 61 48.99 32.89 -1.13
CA CYS W 61 47.97 32.16 -0.31
C CYS W 61 48.53 31.85 1.08
N ASN W 62 47.61 31.62 2.03
CA ASN W 62 47.95 31.19 3.36
C ASN W 62 47.58 29.74 3.54
N PHE W 63 47.87 29.19 4.73
CA PHE W 63 47.63 27.78 5.00
C PHE W 63 46.17 27.37 4.74
N LEU W 64 45.24 28.27 5.00
CA LEU W 64 43.80 27.99 4.75
C LEU W 64 43.44 28.03 3.29
N THR W 65 44.17 28.81 2.47
CA THR W 65 43.74 28.98 1.08
C THR W 65 44.57 28.22 0.05
N VAL W 66 45.73 27.72 0.46
CA VAL W 66 46.53 26.93 -0.44
C VAL W 66 45.85 25.61 -0.78
N ALA W 67 46.18 25.09 -1.97
CA ALA W 67 45.71 23.79 -2.39
C ALA W 67 46.56 23.25 -3.51
N VAL W 68 46.54 21.92 -3.68
CA VAL W 68 46.82 21.30 -4.96
C VAL W 68 45.48 21.03 -5.68
N SER W 69 45.20 21.82 -6.73
CA SER W 69 43.94 21.80 -7.36
C SER W 69 43.83 20.74 -8.42
N THR W 70 42.59 20.32 -8.67
CA THR W 70 42.30 19.39 -9.72
C THR W 70 42.66 19.90 -11.09
N PRO W 71 42.94 18.99 -12.03
CA PRO W 71 43.18 19.38 -13.40
C PRO W 71 41.97 20.04 -14.07
N ALA W 72 42.23 20.74 -15.17
CA ALA W 72 41.16 21.29 -15.93
C ALA W 72 40.14 20.24 -16.38
N ASN W 73 38.89 20.70 -16.48
CA ASN W 73 37.80 19.84 -16.95
C ASN W 73 38.10 19.17 -18.30
N SER W 74 38.84 19.88 -19.16
CA SER W 74 39.19 19.40 -20.49
C SER W 74 40.11 18.16 -20.45
N MET W 75 40.75 17.91 -19.33
CA MET W 75 41.58 16.70 -19.20
C MET W 75 40.73 15.43 -19.01
N GLY W 76 39.42 15.59 -18.77
CA GLY W 76 38.59 14.41 -18.48
C GLY W 76 39.12 13.68 -17.25
N HIS W 77 39.20 12.35 -17.34
CA HIS W 77 39.74 11.52 -16.28
C HIS W 77 41.12 11.03 -16.69
N SER W 78 41.87 11.84 -17.45
CA SER W 78 43.24 11.46 -17.78
C SER W 78 44.01 11.14 -16.47
N LEU W 79 44.73 10.04 -16.50
CA LEU W 79 45.71 9.68 -15.48
C LEU W 79 46.75 10.82 -15.31
N LEU W 80 47.00 11.59 -16.40
CA LEU W 80 47.91 12.74 -16.37
C LEU W 80 49.29 12.31 -15.88
N LEU W 81 49.77 11.20 -16.46
CA LEU W 81 51.12 10.70 -16.13
C LEU W 81 52.18 11.69 -16.63
N LEU W 82 53.29 11.82 -15.92
CA LEU W 82 54.30 12.83 -16.30
C LEU W 82 54.70 12.61 -17.75
N TRP W 83 54.87 11.34 -18.12
CA TRP W 83 55.34 10.92 -19.43
C TRP W 83 54.15 10.65 -20.40
N GLY W 84 52.95 10.99 -19.97
CA GLY W 84 51.76 10.80 -20.79
C GLY W 84 51.65 11.85 -21.91
N PRO W 85 50.61 11.75 -22.74
CA PRO W 85 50.44 12.58 -23.92
C PRO W 85 50.02 14.01 -23.68
N GLU W 86 49.63 14.36 -22.48
CA GLU W 86 49.27 15.77 -22.16
C GLU W 86 50.54 16.55 -21.77
N ALA W 87 51.31 16.03 -20.82
CA ALA W 87 52.53 16.71 -20.38
C ALA W 87 53.77 16.35 -21.18
N GLN W 88 53.76 15.16 -21.76
CA GLN W 88 54.83 14.70 -22.64
C GLN W 88 56.22 14.77 -22.00
N GLY W 89 56.32 14.59 -20.69
CA GLY W 89 57.61 14.51 -20.02
C GLY W 89 58.09 15.84 -19.47
N ASP W 90 57.36 16.90 -19.73
CA ASP W 90 57.71 18.20 -19.24
C ASP W 90 57.13 18.44 -17.82
N PHE W 91 58.01 18.44 -16.84
CA PHE W 91 57.63 18.63 -15.48
C PHE W 91 56.90 19.93 -15.21
N THR W 92 57.41 21.01 -15.76
CA THR W 92 56.77 22.30 -15.52
C THR W 92 55.33 22.28 -16.12
N ARG W 93 55.17 21.76 -17.33
CA ARG W 93 53.83 21.80 -17.95
C ARG W 93 52.92 20.87 -17.16
N TRP W 94 53.48 19.74 -16.75
CA TRP W 94 52.77 18.81 -15.89
C TRP W 94 52.18 19.48 -14.63
N CYS W 95 52.99 20.25 -13.90
CA CYS W 95 52.47 21.02 -12.77
C CYS W 95 51.34 21.95 -13.19
N GLN W 96 51.55 22.63 -14.30
CA GLN W 96 50.57 23.65 -14.83
C GLN W 96 49.25 23.05 -15.28
N LEU W 97 49.30 21.79 -15.71
CA LEU W 97 48.12 21.04 -16.14
C LEU W 97 47.35 20.31 -15.01
N GLY W 98 47.86 20.37 -13.78
CA GLY W 98 47.31 19.66 -12.66
C GLY W 98 47.80 18.25 -12.39
N GLY W 99 48.95 17.89 -12.94
CA GLY W 99 49.44 16.53 -12.84
C GLY W 99 49.75 16.15 -11.38
N LEU W 100 50.07 17.15 -10.53
CA LEU W 100 50.23 16.84 -9.09
C LEU W 100 48.96 16.34 -8.44
N TRP W 101 47.79 16.70 -8.94
CA TRP W 101 46.55 16.23 -8.33
C TRP W 101 46.44 14.71 -8.50
N THR W 102 46.56 14.20 -9.76
CA THR W 102 46.49 12.76 -9.98
C THR W 102 47.66 12.06 -9.29
N PHE W 103 48.82 12.73 -9.23
CA PHE W 103 50.00 12.22 -8.52
C PHE W 103 49.71 11.94 -7.07
N ILE W 104 49.13 12.92 -6.42
CA ILE W 104 48.79 12.81 -5.03
C ILE W 104 47.65 11.79 -4.83
N ALA W 105 46.59 11.85 -5.64
CA ALA W 105 45.46 10.97 -5.47
C ALA W 105 45.87 9.52 -5.64
N LEU W 106 46.68 9.23 -6.64
CA LEU W 106 47.05 7.88 -6.93
C LEU W 106 48.09 7.33 -5.96
N HIS W 107 49.15 8.08 -5.69
CA HIS W 107 50.15 7.65 -4.68
C HIS W 107 49.45 7.59 -3.30
N GLY W 108 48.52 8.51 -3.05
CA GLY W 108 47.77 8.47 -1.79
C GLY W 108 46.91 7.21 -1.68
N ALA W 109 46.28 6.82 -2.78
CA ALA W 109 45.47 5.61 -2.77
C ALA W 109 46.35 4.39 -2.47
N PHE W 110 47.45 4.24 -3.20
CA PHE W 110 48.33 3.10 -2.98
C PHE W 110 49.00 3.13 -1.60
N GLY W 111 49.23 4.33 -1.07
CA GLY W 111 49.75 4.49 0.25
C GLY W 111 48.76 3.98 1.29
N LEU W 112 47.49 4.31 1.15
CA LEU W 112 46.43 3.80 2.04
C LEU W 112 46.36 2.29 2.01
N ILE W 113 46.46 1.73 0.81
CA ILE W 113 46.56 0.25 0.68
C ILE W 113 47.77 -0.26 1.50
N GLY W 114 48.94 0.39 1.31
CA GLY W 114 50.13 0.02 2.07
C GLY W 114 49.94 0.12 3.57
N PHE W 115 49.26 1.17 4.05
CA PHE W 115 49.05 1.30 5.49
C PHE W 115 48.17 0.20 6.03
N MET W 116 47.13 -0.14 5.29
CA MET W 116 46.22 -1.19 5.77
C MET W 116 46.96 -2.54 5.73
N LEU W 117 47.80 -2.75 4.71
CA LEU W 117 48.63 -3.94 4.68
C LEU W 117 49.62 -3.95 5.85
N ARG W 118 50.17 -2.79 6.19
CA ARG W 118 50.98 -2.65 7.41
C ARG W 118 50.20 -3.10 8.69
N GLN W 119 48.97 -2.63 8.83
CA GLN W 119 48.15 -2.95 10.00
C GLN W 119 47.95 -4.48 10.08
N PHE W 120 47.71 -5.12 8.94
CA PHE W 120 47.66 -6.59 8.87
C PHE W 120 49.01 -7.27 9.21
N GLU W 121 50.09 -6.75 8.63
CA GLU W 121 51.41 -7.36 8.82
C GLU W 121 51.85 -7.28 10.26
N ILE W 122 51.70 -6.13 10.88
CA ILE W 122 52.10 -5.99 12.27
C ILE W 122 51.19 -6.84 13.17
N ALA W 123 49.90 -6.87 12.91
CA ALA W 123 48.99 -7.69 13.73
C ALA W 123 49.45 -9.13 13.68
N ARG W 124 49.81 -9.59 12.49
CA ARG W 124 50.15 -11.03 12.33
C ARG W 124 51.44 -11.35 13.08
N LEU W 125 52.36 -10.39 13.10
CA LEU W 125 53.67 -10.61 13.72
C LEU W 125 53.60 -10.57 15.22
N VAL W 126 52.82 -9.66 15.77
CA VAL W 126 52.58 -9.48 17.24
C VAL W 126 51.57 -10.55 17.79
N GLY W 127 50.76 -11.12 16.93
CA GLY W 127 49.81 -12.12 17.33
C GLY W 127 48.48 -11.55 17.81
N VAL W 128 48.04 -10.42 17.28
CA VAL W 128 46.72 -9.90 17.65
C VAL W 128 45.75 -10.04 16.48
N ARG W 129 44.48 -9.91 16.78
CA ARG W 129 43.44 -9.99 15.77
C ARG W 129 43.44 -8.69 14.96
N PRO W 130 43.09 -8.74 13.69
CA PRO W 130 43.35 -7.59 12.83
C PRO W 130 42.19 -6.59 12.71
N TYR W 131 41.56 -6.25 13.83
CA TYR W 131 40.47 -5.34 13.78
C TYR W 131 40.83 -3.93 13.44
N ASN W 132 42.04 -3.51 13.74
CA ASN W 132 42.48 -2.15 13.41
C ASN W 132 42.51 -1.99 11.90
N ALA W 133 43.06 -2.98 11.20
CA ALA W 133 42.98 -3.00 9.76
C ALA W 133 41.51 -2.97 9.25
N ILE W 134 40.62 -3.76 9.85
CA ILE W 134 39.23 -3.82 9.44
C ILE W 134 38.59 -2.45 9.61
N ALA W 135 38.88 -1.81 10.72
CA ALA W 135 38.36 -0.48 10.99
C ALA W 135 38.81 0.57 9.97
N PHE W 136 40.04 0.41 9.53
CA PHE W 136 40.64 1.33 8.53
C PHE W 136 39.97 1.24 7.13
N SER W 137 39.17 0.20 6.90
CA SER W 137 38.38 0.08 5.72
C SER W 137 37.46 1.27 5.58
N ALA W 138 37.08 1.90 6.68
CA ALA W 138 36.17 3.06 6.56
C ALA W 138 36.87 4.29 5.93
N PRO W 139 38.06 4.67 6.42
CA PRO W 139 38.84 5.71 5.68
C PRO W 139 39.11 5.38 4.28
N ILE W 140 39.40 4.12 3.99
CA ILE W 140 39.59 3.75 2.61
C ILE W 140 38.31 3.95 1.73
N ALA W 141 37.18 3.46 2.20
CA ALA W 141 35.91 3.67 1.52
C ALA W 141 35.62 5.15 1.28
N VAL W 142 35.93 5.97 2.26
CA VAL W 142 35.71 7.41 2.11
C VAL W 142 36.65 7.97 1.03
N PHE W 143 37.92 7.62 1.12
CA PHE W 143 38.89 8.16 0.15
C PHE W 143 38.55 7.76 -1.25
N VAL W 144 38.30 6.46 -1.42
CA VAL W 144 37.99 5.93 -2.75
C VAL W 144 36.70 6.52 -3.33
N SER W 145 35.66 6.64 -2.52
CA SER W 145 34.38 7.08 -3.03
C SER W 145 34.42 8.56 -3.40
N VAL W 146 35.12 9.34 -2.56
CA VAL W 146 35.14 10.77 -2.72
C VAL W 146 36.17 11.28 -3.78
N PHE W 147 37.36 10.71 -3.74
CA PHE W 147 38.49 11.17 -4.57
C PHE W 147 38.63 10.39 -5.86
N LEU W 148 38.02 9.18 -5.95
CA LEU W 148 38.07 8.45 -7.19
C LEU W 148 36.71 8.25 -7.86
N ILE W 149 35.79 7.58 -7.16
CA ILE W 149 34.53 7.19 -7.79
C ILE W 149 33.71 8.41 -8.18
N TYR W 150 33.64 9.38 -7.24
CA TYR W 150 32.82 10.59 -7.46
C TYR W 150 33.26 11.31 -8.77
N PRO W 151 34.55 11.69 -8.90
CA PRO W 151 34.91 12.34 -10.16
C PRO W 151 34.84 11.40 -11.36
N LEU W 152 35.04 10.12 -11.16
CA LEU W 152 34.90 9.18 -12.30
C LEU W 152 33.50 9.11 -12.85
N GLY W 153 32.48 9.36 -11.99
CA GLY W 153 31.10 9.47 -12.43
C GLY W 153 30.75 10.81 -13.08
N GLN W 154 31.45 11.85 -12.68
CA GLN W 154 31.24 13.18 -13.20
C GLN W 154 32.04 13.38 -14.46
N SER W 155 32.05 14.60 -14.95
CA SER W 155 32.75 14.86 -16.26
C SER W 155 34.26 14.62 -16.26
N SER W 156 34.89 14.86 -15.12
CA SER W 156 36.35 14.87 -15.02
C SER W 156 36.82 14.98 -13.59
N TRP W 157 38.13 14.83 -13.43
CA TRP W 157 38.80 15.05 -12.14
C TRP W 157 38.58 16.47 -11.63
N PHE W 158 38.34 17.43 -12.51
CA PHE W 158 38.07 18.82 -12.05
C PHE W 158 37.15 18.89 -10.87
N PHE W 159 36.14 18.05 -10.91
CA PHE W 159 35.07 18.04 -9.89
C PHE W 159 35.34 17.16 -8.63
N ALA W 160 36.49 16.53 -8.59
CA ALA W 160 36.96 15.96 -7.35
C ALA W 160 37.33 17.07 -6.36
N PRO W 161 37.42 16.71 -5.06
CA PRO W 161 37.92 17.73 -4.14
C PRO W 161 39.35 18.08 -4.50
N SER W 162 39.65 19.34 -4.43
CA SER W 162 41.07 19.78 -4.47
C SER W 162 41.65 19.64 -3.06
N PHE W 163 42.95 19.31 -3.01
CA PHE W 163 43.67 19.05 -1.77
C PHE W 163 44.05 20.36 -1.08
N GLY W 164 43.11 20.87 -0.32
CA GLY W 164 43.34 22.10 0.43
C GLY W 164 42.24 22.44 1.38
N VAL W 165 42.52 23.30 2.34
CA VAL W 165 41.54 23.63 3.38
C VAL W 165 40.26 24.32 2.81
N ALA W 166 40.45 25.50 2.22
CA ALA W 166 39.37 26.25 1.62
C ALA W 166 38.78 25.51 0.43
N ALA W 167 39.61 24.79 -0.32
CA ALA W 167 39.15 24.01 -1.44
C ALA W 167 38.16 22.90 -1.03
N ILE W 168 38.44 22.24 0.09
CA ILE W 168 37.53 21.29 0.67
C ILE W 168 36.26 21.98 1.17
N PHE W 169 36.39 23.16 1.73
CA PHE W 169 35.18 23.92 2.09
C PHE W 169 34.28 24.21 0.88
N ARG W 170 34.92 24.61 -0.22
CA ARG W 170 34.19 24.78 -1.43
C ARG W 170 33.44 23.49 -1.88
N PHE W 171 34.08 22.34 -1.71
CA PHE W 171 33.52 21.03 -2.11
C PHE W 171 32.25 20.79 -1.26
N LEU W 172 32.34 21.12 0.03
CA LEU W 172 31.15 21.03 0.91
C LEU W 172 29.98 21.83 0.37
N LEU W 173 30.27 23.08 0.01
CA LEU W 173 29.18 24.00 -0.34
C LEU W 173 28.61 23.67 -1.71
N PHE W 174 29.47 23.21 -2.62
CA PHE W 174 29.08 22.68 -3.93
C PHE W 174 28.05 21.53 -3.71
N PHE W 175 28.39 20.64 -2.80
CA PHE W 175 27.53 19.45 -2.55
C PHE W 175 26.19 19.87 -1.98
N GLN W 176 26.20 20.94 -1.18
CA GLN W 176 24.95 21.47 -0.72
C GLN W 176 24.14 22.04 -1.89
N GLY W 177 24.74 22.97 -2.68
CA GLY W 177 23.95 23.70 -3.65
C GLY W 177 23.55 22.86 -4.84
N PHE W 178 24.40 21.92 -5.22
CA PHE W 178 24.14 21.14 -6.40
C PHE W 178 23.44 19.78 -6.08
N HIS W 179 23.92 19.12 -5.01
CA HIS W 179 23.46 17.77 -4.65
C HIS W 179 22.40 17.73 -3.52
N ASN W 180 22.16 18.85 -2.83
CA ASN W 180 21.38 18.87 -1.63
C ASN W 180 21.81 17.75 -0.67
N TRP W 181 23.13 17.56 -0.54
CA TRP W 181 23.71 16.42 0.12
C TRP W 181 23.26 16.30 1.61
N THR W 182 22.94 17.44 2.26
CA THR W 182 22.44 17.34 3.63
C THR W 182 21.13 16.52 3.73
N LEU W 183 20.33 16.50 2.66
CA LEU W 183 19.06 15.78 2.62
C LEU W 183 19.23 14.28 2.45
N ASN W 184 20.45 13.84 2.19
CA ASN W 184 20.71 12.46 1.81
C ASN W 184 20.80 11.54 3.06
N PRO W 185 19.93 10.51 3.14
CA PRO W 185 19.97 9.66 4.36
C PRO W 185 21.29 8.96 4.56
N PHE W 186 22.04 8.70 3.48
CA PHE W 186 23.34 8.14 3.66
C PHE W 186 24.31 9.12 4.31
N HIS W 187 24.25 10.40 3.95
CA HIS W 187 25.06 11.40 4.66
C HIS W 187 24.62 11.47 6.13
N MET W 188 23.33 11.43 6.34
CA MET W 188 22.78 11.54 7.69
C MET W 188 23.26 10.37 8.58
N MET W 189 23.37 9.15 8.01
CA MET W 189 23.91 8.03 8.76
C MET W 189 25.38 8.29 9.05
N GLY W 190 26.11 8.86 8.08
CA GLY W 190 27.49 9.24 8.31
C GLY W 190 27.61 10.23 9.46
N VAL W 191 26.77 11.27 9.45
CA VAL W 191 26.78 12.25 10.56
C VAL W 191 26.57 11.56 11.90
N ALA W 192 25.56 10.69 11.96
CA ALA W 192 25.27 9.94 13.19
C ALA W 192 26.47 9.11 13.65
N GLY W 193 27.16 8.45 12.73
CA GLY W 193 28.35 7.68 13.09
C GLY W 193 29.52 8.52 13.58
N VAL W 194 29.72 9.72 13.00
CA VAL W 194 30.81 10.57 13.38
C VAL W 194 30.53 11.22 14.71
N LEU W 195 29.35 11.82 14.84
CA LEU W 195 28.99 12.49 16.08
C LEU W 195 28.78 11.47 17.19
N GLY W 196 28.20 10.32 16.85
CA GLY W 196 28.05 9.19 17.81
C GLY W 196 29.38 8.64 18.26
N GLY W 197 30.32 8.50 17.32
CA GLY W 197 31.66 8.06 17.65
C GLY W 197 32.36 9.06 18.58
N ALA W 198 32.27 10.35 18.27
CA ALA W 198 32.82 11.35 19.15
C ALA W 198 32.18 11.31 20.55
N LEU W 199 30.86 11.14 20.60
CA LEU W 199 30.13 10.98 21.83
C LEU W 199 30.69 9.79 22.63
N LEU W 200 30.84 8.65 21.96
CA LEU W 200 31.38 7.44 22.60
C LEU W 200 32.80 7.68 23.13
N CYS W 201 33.66 8.23 22.29
CA CYS W 201 34.99 8.61 22.70
C CYS W 201 35.03 9.43 24.00
N ALA W 202 34.26 10.52 24.01
CA ALA W 202 34.18 11.38 25.17
C ALA W 202 33.64 10.66 26.40
N ILE W 203 32.52 9.98 26.21
CA ILE W 203 31.79 9.45 27.35
C ILE W 203 32.58 8.27 27.95
N HIS W 204 33.22 7.45 27.12
CA HIS W 204 34.00 6.31 27.64
C HIS W 204 35.23 6.85 28.38
N GLY W 205 35.93 7.80 27.78
CA GLY W 205 37.10 8.32 28.42
C GLY W 205 36.77 8.96 29.73
N ALA W 206 35.71 9.78 29.77
CA ALA W 206 35.28 10.39 31.00
C ALA W 206 34.86 9.38 32.08
N THR W 207 34.15 8.34 31.65
CA THR W 207 33.60 7.34 32.55
C THR W 207 34.72 6.60 33.24
N VAL W 208 35.70 6.13 32.46
CA VAL W 208 36.86 5.46 33.02
C VAL W 208 37.59 6.36 34.01
N GLU W 209 37.85 7.60 33.60
CA GLU W 209 38.56 8.55 34.44
C GLU W 209 37.83 8.92 35.68
N ASN W 210 36.52 8.71 35.73
CA ASN W 210 35.75 9.07 36.90
C ASN W 210 35.19 7.89 37.70
N THR W 211 35.66 6.69 37.33
CA THR W 211 35.36 5.48 38.10
C THR W 211 36.63 4.74 38.49
N LEU W 212 37.77 5.44 38.40
CA LEU W 212 39.09 4.88 38.72
C LEU W 212 39.07 4.40 40.14
N PHE W 213 39.77 3.30 40.38
CA PHE W 213 40.06 2.86 41.75
C PHE W 213 41.26 3.68 42.25
N GLN W 214 41.26 3.99 43.54
CA GLN W 214 42.41 4.64 44.15
C GLN W 214 43.53 3.65 44.26
N ASP W 215 44.50 3.71 43.35
CA ASP W 215 45.62 2.79 43.39
C ASP W 215 46.95 3.47 43.74
N GLY W 216 46.91 4.70 44.23
CA GLY W 216 48.13 5.35 44.79
C GLY W 216 47.65 6.45 45.73
N GLU W 217 48.62 7.16 46.32
CA GLU W 217 48.34 8.30 47.20
C GLU W 217 48.35 9.68 46.50
N GLY W 218 48.81 9.75 45.25
CA GLY W 218 48.82 11.03 44.52
C GLY W 218 47.47 11.59 44.14
N ALA W 219 47.38 12.92 44.21
CA ALA W 219 46.22 13.67 43.72
C ALA W 219 46.15 13.64 42.19
N SER W 220 47.31 13.57 41.56
CA SER W 220 47.40 13.26 40.13
C SER W 220 47.45 11.71 40.08
N THR W 221 46.47 11.15 39.38
CA THR W 221 46.11 9.71 39.49
C THR W 221 46.71 8.83 38.38
N PHE W 222 47.46 9.45 37.46
CA PHE W 222 48.02 8.73 36.33
C PHE W 222 49.12 7.79 36.75
N ARG W 223 49.93 8.19 37.71
CA ARG W 223 51.04 7.37 38.21
CA ARG W 223 51.04 7.33 38.12
C ARG W 223 50.56 6.00 38.73
N ALA W 224 49.33 5.94 39.22
CA ALA W 224 48.78 4.73 39.89
C ALA W 224 48.22 3.70 38.92
N PHE W 225 48.87 3.55 37.78
CA PHE W 225 48.51 2.51 36.83
C PHE W 225 49.79 1.76 36.51
N ASN W 226 49.78 0.44 36.39
CA ASN W 226 50.95 -0.32 35.90
C ASN W 226 50.54 -1.13 34.68
N PRO W 227 51.22 -0.94 33.51
CA PRO W 227 50.87 -1.65 32.24
C PRO W 227 50.68 -3.15 32.39
N THR W 228 51.45 -3.75 33.29
CA THR W 228 51.36 -5.20 33.49
C THR W 228 50.37 -5.65 34.55
N GLN W 229 49.67 -4.73 35.23
CA GLN W 229 48.76 -5.16 36.27
C GLN W 229 47.62 -6.03 35.68
N ALA W 230 47.14 -6.99 36.45
CA ALA W 230 46.02 -7.86 36.07
C ALA W 230 44.65 -7.21 36.27
N GLU W 231 44.54 -6.32 37.25
CA GLU W 231 43.28 -5.76 37.72
C GLU W 231 42.79 -4.63 36.79
N GLU W 232 41.47 -4.53 36.67
CA GLU W 232 40.91 -3.38 36.02
C GLU W 232 41.29 -2.14 36.83
N THR W 233 41.58 -1.07 36.10
CA THR W 233 41.96 0.21 36.72
C THR W 233 40.77 1.08 37.17
N TYR W 234 39.57 0.77 36.67
CA TYR W 234 38.35 1.50 36.99
C TYR W 234 37.28 0.45 37.31
N SER W 235 36.20 0.89 37.97
CA SER W 235 35.14 -0.05 38.34
C SER W 235 34.00 -0.07 37.28
N MET W 236 33.91 -1.16 36.55
CA MET W 236 32.80 -1.39 35.63
C MET W 236 31.47 -1.42 36.38
N VAL W 237 31.48 -1.99 37.59
CA VAL W 237 30.24 -2.14 38.38
C VAL W 237 29.71 -0.75 38.79
N THR W 238 30.61 0.11 39.31
CA THR W 238 30.21 1.47 39.59
C THR W 238 29.78 2.28 38.34
N ALA W 239 30.53 2.21 37.25
CA ALA W 239 30.18 2.88 35.99
C ALA W 239 28.77 2.43 35.52
N ASN W 240 28.50 1.12 35.57
CA ASN W 240 27.21 0.58 35.14
C ASN W 240 26.06 1.10 35.97
N ARG W 241 26.28 1.22 37.26
CA ARG W 241 25.22 1.67 38.14
C ARG W 241 24.91 3.14 37.85
N PHE W 242 25.98 3.91 37.69
CA PHE W 242 25.86 5.35 37.42
C PHE W 242 24.99 5.58 36.13
N TRP W 243 25.41 4.97 35.04
CA TRP W 243 24.73 5.19 33.77
C TRP W 243 23.33 4.60 33.76
N SER W 244 23.14 3.43 34.40
CA SER W 244 21.80 2.85 34.53
C SER W 244 20.85 3.85 35.21
N GLN W 245 21.35 4.52 36.23
CA GLN W 245 20.53 5.50 37.01
C GLN W 245 20.35 6.89 36.37
N ILE W 246 21.34 7.29 35.58
CA ILE W 246 21.30 8.61 34.91
C ILE W 246 20.50 8.55 33.61
N PHE W 247 20.85 7.59 32.74
CA PHE W 247 20.40 7.50 31.39
C PHE W 247 19.41 6.37 31.13
N GLY W 248 19.36 5.38 32.02
CA GLY W 248 18.41 4.28 31.91
C GLY W 248 19.06 3.00 31.48
N ILE W 249 20.08 3.11 30.63
CA ILE W 249 20.82 1.94 30.25
C ILE W 249 22.31 2.19 30.42
N ALA W 250 23.07 1.09 30.40
CA ALA W 250 24.49 1.16 30.59
C ALA W 250 25.15 -0.04 29.98
N PHE W 251 26.39 0.10 29.58
CA PHE W 251 27.18 -1.09 29.24
C PHE W 251 27.36 -1.99 30.49
N SER W 252 27.37 -3.28 30.26
CA SER W 252 27.76 -4.24 31.32
C SER W 252 28.90 -5.15 30.87
N ASN W 253 29.12 -5.17 29.57
CA ASN W 253 30.14 -6.03 28.97
C ASN W 253 31.18 -5.18 28.20
N LYS W 254 32.42 -5.26 28.69
CA LYS W 254 33.52 -4.45 28.19
C LYS W 254 33.88 -4.81 26.80
N ARG W 255 33.71 -6.09 26.43
CA ARG W 255 34.02 -6.50 25.08
C ARG W 255 33.04 -5.92 24.09
N TRP W 256 31.74 -5.99 24.43
CA TRP W 256 30.73 -5.37 23.59
C TRP W 256 31.00 -3.86 23.47
N LEU W 257 31.29 -3.21 24.59
CA LEU W 257 31.57 -1.78 24.60
C LEU W 257 32.64 -1.41 23.56
N HIS W 258 33.77 -2.09 23.63
CA HIS W 258 34.89 -1.76 22.74
C HIS W 258 34.54 -2.13 21.28
N PHE W 259 33.79 -3.19 21.06
CA PHE W 259 33.40 -3.51 19.71
C PHE W 259 32.45 -2.41 19.16
N PHE W 260 31.47 -1.99 19.95
CA PHE W 260 30.52 -0.96 19.57
C PHE W 260 31.26 0.31 19.15
N MET W 261 32.33 0.63 19.88
CA MET W 261 33.24 1.75 19.53
C MET W 261 33.88 1.65 18.14
N LEU W 262 34.25 0.44 17.75
CA LEU W 262 34.61 0.19 16.35
C LEU W 262 33.41 0.41 15.44
N PHE W 263 32.30 -0.25 15.74
CA PHE W 263 31.18 -0.37 14.85
C PHE W 263 30.60 0.99 14.43
N VAL W 264 30.35 1.87 15.39
CA VAL W 264 29.61 3.04 15.12
C VAL W 264 30.29 3.99 14.06
N PRO W 265 31.49 4.51 14.33
CA PRO W 265 32.11 5.39 13.37
C PRO W 265 32.47 4.70 12.04
N VAL W 266 32.87 3.44 12.12
CA VAL W 266 33.22 2.69 10.90
C VAL W 266 31.98 2.57 10.00
N THR W 267 30.85 2.18 10.57
CA THR W 267 29.60 2.01 9.82
C THR W 267 29.12 3.37 9.27
N GLY W 268 29.22 4.42 10.08
CA GLY W 268 28.87 5.75 9.61
C GLY W 268 29.64 6.15 8.37
N LEU W 269 30.96 6.01 8.41
CA LEU W 269 31.76 6.39 7.26
C LEU W 269 31.42 5.59 6.00
N TRP W 270 31.18 4.29 6.19
CA TRP W 270 30.78 3.38 5.08
C TRP W 270 29.47 3.84 4.45
N MET W 271 28.53 4.27 5.30
CA MET W 271 27.24 4.70 4.76
C MET W 271 27.43 6.01 3.96
N SER W 272 28.23 6.94 4.48
CA SER W 272 28.50 8.21 3.73
C SER W 272 29.12 7.92 2.35
N ALA W 273 29.99 6.94 2.31
CA ALA W 273 30.61 6.55 1.03
C ALA W 273 29.60 6.08 0.00
N ILE W 274 28.61 5.31 0.46
CA ILE W 274 27.55 4.83 -0.42
C ILE W 274 26.77 6.00 -1.04
N GLY W 275 26.43 6.98 -0.22
CA GLY W 275 25.76 8.14 -0.74
C GLY W 275 26.57 8.91 -1.79
N VAL W 276 27.88 9.07 -1.54
CA VAL W 276 28.75 9.75 -2.52
C VAL W 276 28.83 8.95 -3.81
N VAL W 277 28.85 7.63 -3.74
CA VAL W 277 28.78 6.78 -4.97
C VAL W 277 27.53 7.16 -5.80
N GLY W 278 26.40 7.35 -5.11
CA GLY W 278 25.22 7.80 -5.79
C GLY W 278 25.41 9.20 -6.41
N LEU W 279 26.02 10.10 -5.64
CA LEU W 279 26.24 11.47 -6.16
C LEU W 279 27.20 11.50 -7.34
N ALA W 280 28.04 10.47 -7.47
CA ALA W 280 28.86 10.35 -8.69
C ALA W 280 28.05 10.40 -10.02
N LEU W 281 26.82 9.93 -9.93
CA LEU W 281 25.88 9.77 -10.99
C LEU W 281 24.77 10.84 -10.96
N ASN W 282 24.95 11.86 -10.10
CA ASN W 282 23.88 12.78 -9.71
C ASN W 282 22.59 12.13 -9.16
N LEU W 283 22.73 10.94 -8.61
CA LEU W 283 21.59 10.18 -8.07
C LEU W 283 21.49 10.67 -6.62
N ARG W 284 20.89 11.83 -6.53
CA ARG W 284 20.78 12.59 -5.31
C ARG W 284 19.49 12.26 -4.56
N SER W 285 19.50 12.56 -3.27
CA SER W 285 18.23 12.85 -2.55
C SER W 285 18.08 14.35 -2.61
N TYR W 286 17.61 14.88 -3.74
CA TYR W 286 17.48 16.35 -3.92
C TYR W 286 16.13 16.81 -3.45
N ASP W 287 15.08 16.08 -3.81
CA ASP W 287 13.72 16.54 -3.67
C ASP W 287 12.81 15.48 -2.98
N PHE W 288 11.73 15.98 -2.43
CA PHE W 288 10.57 15.19 -2.09
C PHE W 288 9.45 15.62 -3.07
N ILE W 289 9.08 14.71 -3.94
CA ILE W 289 8.14 14.98 -5.01
C ILE W 289 6.82 15.52 -4.50
N SER W 290 6.31 14.90 -3.42
CA SER W 290 5.05 15.31 -2.86
C SER W 290 5.11 16.80 -2.40
N GLN W 291 6.24 17.22 -1.82
CA GLN W 291 6.39 18.61 -1.45
C GLN W 291 6.34 19.56 -2.66
N GLU W 292 6.95 19.16 -3.74
CA GLU W 292 7.06 20.02 -4.93
C GLU W 292 5.73 20.12 -5.62
N ILE W 293 4.96 19.02 -5.66
CA ILE W 293 3.67 19.06 -6.27
C ILE W 293 2.80 20.00 -5.50
N ARG W 294 2.88 19.91 -4.19
CA ARG W 294 2.03 20.78 -3.38
C ARG W 294 2.41 22.25 -3.52
N ALA W 295 3.69 22.50 -3.37
CA ALA W 295 4.23 23.89 -3.45
C ALA W 295 3.95 24.55 -4.80
N ALA W 296 4.07 23.77 -5.87
CA ALA W 296 3.80 24.33 -7.22
C ALA W 296 2.37 24.84 -7.33
N GLU W 297 1.42 24.11 -6.72
CA GLU W 297 -0.02 24.36 -6.84
CA GLU W 297 0.00 24.41 -6.90
C GLU W 297 -0.50 25.37 -5.80
N ASP W 298 0.26 25.45 -4.71
CA ASP W 298 -0.15 26.20 -3.55
C ASP W 298 0.92 27.18 -3.14
N PRO W 299 0.83 28.42 -3.62
CA PRO W 299 1.86 29.48 -3.24
C PRO W 299 1.90 29.91 -1.81
N GLU W 300 1.04 29.35 -0.92
CA GLU W 300 1.17 29.64 0.53
C GLU W 300 1.86 28.51 1.31
N PHE W 301 2.11 27.38 0.64
CA PHE W 301 2.74 26.25 1.32
C PHE W 301 4.29 26.43 1.37
N GLU W 302 4.81 26.46 2.58
CA GLU W 302 6.25 26.68 2.80
C GLU W 302 6.75 25.84 3.95
N THR W 303 7.86 25.16 3.72
CA THR W 303 8.56 24.38 4.72
C THR W 303 10.05 24.69 4.72
N PHE W 304 10.79 24.18 5.72
CA PHE W 304 12.23 24.40 5.70
C PHE W 304 12.86 23.74 4.52
N TYR W 305 12.22 22.68 4.04
CA TYR W 305 12.73 21.98 2.84
C TYR W 305 12.72 22.90 1.60
N THR W 306 11.60 23.60 1.37
CA THR W 306 11.53 24.55 0.23
C THR W 306 12.43 25.74 0.43
N LYS W 307 12.58 26.18 1.68
CA LYS W 307 13.51 27.28 2.02
C LYS W 307 14.95 26.97 1.60
N ASN W 308 15.36 25.74 1.89
CA ASN W 308 16.70 25.29 1.55
C ASN W 308 16.99 25.18 0.07
N LEU W 309 15.99 24.82 -0.72
CA LEU W 309 16.18 24.77 -2.17
C LEU W 309 16.41 26.16 -2.76
N LEU W 310 15.75 27.18 -2.23
CA LEU W 310 15.99 28.58 -2.66
C LEU W 310 17.46 28.94 -2.37
N LEU W 311 17.98 28.52 -1.23
CA LEU W 311 19.41 28.73 -0.93
C LEU W 311 20.30 28.00 -1.91
N ASN W 312 19.92 26.78 -2.21
CA ASN W 312 20.67 26.03 -3.23
C ASN W 312 20.69 26.70 -4.60
N GLU W 313 19.55 27.24 -5.02
CA GLU W 313 19.44 27.91 -6.31
C GLU W 313 20.35 29.14 -6.36
N GLY W 314 20.44 29.83 -5.21
CA GLY W 314 21.37 30.92 -4.99
C GLY W 314 22.80 30.49 -5.13
N ILE W 315 23.16 29.46 -4.40
CA ILE W 315 24.47 28.90 -4.51
C ILE W 315 24.85 28.58 -5.99
N ARG W 316 24.00 27.88 -6.70
CA ARG W 316 24.41 27.44 -8.03
C ARG W 316 24.62 28.61 -8.97
N ALA W 317 23.68 29.56 -8.96
CA ALA W 317 23.73 30.75 -9.88
C ALA W 317 24.91 31.68 -9.59
N TRP W 318 25.15 31.88 -8.31
CA TRP W 318 26.18 32.78 -7.84
C TRP W 318 27.59 32.17 -7.89
N MET W 319 27.74 30.85 -7.68
CA MET W 319 29.01 30.24 -7.70
C MET W 319 29.42 29.68 -9.04
N ALA W 320 28.46 29.32 -9.92
CA ALA W 320 28.81 28.53 -11.11
C ALA W 320 29.81 29.23 -12.09
N PRO W 321 29.65 30.55 -12.33
CA PRO W 321 30.50 31.10 -13.39
C PRO W 321 32.00 31.06 -13.02
N GLN W 322 32.33 31.38 -11.76
CA GLN W 322 33.74 31.30 -11.31
C GLN W 322 34.23 29.86 -11.01
N ASP W 323 33.32 29.04 -10.47
CA ASP W 323 33.69 27.68 -10.03
C ASP W 323 33.75 26.71 -11.19
N GLN W 324 33.03 27.02 -12.28
CA GLN W 324 33.05 26.14 -13.50
C GLN W 324 33.47 26.92 -14.76
N PRO W 325 34.71 27.44 -14.76
CA PRO W 325 35.15 28.36 -15.81
C PRO W 325 35.11 27.76 -17.22
N MHS W 326 35.25 26.42 -17.34
CA MHS W 326 35.19 25.77 -18.65
C MHS W 326 33.85 25.88 -19.33
O MHS W 326 33.76 25.66 -20.55
CB MHS W 326 35.66 24.34 -18.59
CG MHS W 326 34.70 23.53 -17.75
ND1 MHS W 326 34.69 23.41 -16.45
CD2 MHS W 326 33.64 22.84 -18.28
CE1 MHS W 326 33.64 22.63 -16.16
NE2 MHS W 326 32.99 22.30 -17.30
CM MHS W 326 35.64 23.96 -15.40
N GLU W 327 32.80 26.19 -18.57
CA GLU W 327 31.45 26.40 -19.11
C GLU W 327 31.23 27.80 -19.72
N ASN W 328 32.12 28.74 -19.43
CA ASN W 328 32.01 30.11 -19.89
C ASN W 328 30.66 30.65 -19.68
N PHE W 329 30.14 30.47 -18.49
CA PHE W 329 28.85 31.02 -18.14
C PHE W 329 28.92 32.54 -18.08
N VAL W 330 27.93 33.18 -18.67
CA VAL W 330 27.70 34.58 -18.48
C VAL W 330 26.25 34.68 -18.09
N PHE W 331 26.03 35.04 -16.80
CA PHE W 331 24.71 35.24 -16.26
C PHE W 331 24.49 36.73 -16.09
N PRO W 332 23.67 37.34 -16.97
CA PRO W 332 23.42 38.77 -16.79
C PRO W 332 22.84 39.02 -15.44
N GLU W 333 23.08 40.20 -14.89
CA GLU W 333 22.61 40.60 -13.58
C GLU W 333 21.14 40.30 -13.44
N GLU W 334 20.39 40.62 -14.47
CA GLU W 334 18.92 40.48 -14.38
C GLU W 334 18.42 39.05 -14.18
N VAL W 335 19.21 38.02 -14.54
CA VAL W 335 18.81 36.63 -14.31
C VAL W 335 19.18 36.04 -12.99
N LEU W 336 19.99 36.72 -12.20
CA LEU W 336 20.46 36.15 -10.96
C LEU W 336 19.30 36.07 -9.97
N PRO W 337 19.11 34.92 -9.33
CA PRO W 337 18.06 34.85 -8.35
C PRO W 337 18.53 35.64 -7.10
N ARG W 338 17.65 36.51 -6.62
CA ARG W 338 17.90 37.33 -5.43
C ARG W 338 16.59 37.62 -4.76
N GLY W 339 16.57 37.64 -3.45
CA GLY W 339 15.43 38.12 -2.71
C GLY W 339 15.40 39.63 -2.75
N ASN W 340 14.47 40.21 -1.98
CA ASN W 340 14.36 41.66 -1.93
C ASN W 340 15.62 42.30 -1.32
N ALA W 341 16.05 43.43 -1.88
CA ALA W 341 17.12 44.25 -1.35
C ALA W 341 18.52 43.70 -1.44
N LEU W 342 18.73 42.49 -0.99
CA LEU W 342 20.03 41.86 -0.95
C LEU W 342 20.53 41.47 -2.36
N THR X 3 63.31 -1.00 24.33
CA THR X 3 64.64 -0.64 23.73
C THR X 3 64.73 -1.24 22.30
N THR X 4 64.77 -0.37 21.27
CA THR X 4 64.75 -0.80 19.85
C THR X 4 66.13 -1.24 19.28
N GLY X 5 67.17 -0.41 19.47
CA GLY X 5 68.50 -0.62 18.87
C GLY X 5 69.29 0.66 18.69
N GLU X 6 68.62 1.74 18.28
CA GLU X 6 69.24 3.05 18.06
C GLU X 6 69.38 3.87 19.40
N ARG X 7 70.20 4.91 19.37
CA ARG X 7 70.31 5.84 20.51
C ARG X 7 69.04 6.69 20.67
N PRO X 8 68.73 7.09 21.94
CA PRO X 8 67.60 8.03 22.12
C PRO X 8 67.84 9.35 21.40
N PHE X 9 66.77 9.93 20.84
CA PHE X 9 66.84 11.28 20.25
C PHE X 9 67.36 12.30 21.27
N SER X 10 66.79 12.28 22.48
CA SER X 10 67.19 13.19 23.57
C SER X 10 68.71 13.14 23.82
N ASP X 11 69.29 11.97 23.75
CA ASP X 11 70.78 11.87 23.79
C ASP X 11 71.47 12.53 22.57
N ILE X 12 70.94 12.30 21.38
CA ILE X 12 71.52 12.85 20.15
C ILE X 12 71.43 14.40 20.14
N ILE X 13 70.23 14.92 20.38
CA ILE X 13 70.01 16.38 20.24
C ILE X 13 70.52 17.22 21.41
N THR X 14 71.07 16.57 22.43
CA THR X 14 71.75 17.29 23.51
C THR X 14 73.28 17.15 23.42
N SER X 15 73.77 16.55 22.31
CA SER X 15 75.20 16.33 22.09
C SER X 15 75.80 17.43 21.25
N VAL X 16 77.06 17.69 21.51
CA VAL X 16 77.83 18.72 20.82
C VAL X 16 77.97 18.34 19.38
N ARG X 17 78.34 17.07 19.14
CA ARG X 17 78.45 16.58 17.75
C ARG X 17 77.25 16.97 16.89
N TYR X 18 76.05 16.61 17.36
CA TYR X 18 74.83 16.92 16.62
C TYR X 18 74.76 18.39 16.23
N TRP X 19 74.92 19.25 17.24
CA TRP X 19 74.81 20.68 17.04
C TRP X 19 75.92 21.27 16.22
N VAL X 20 77.10 20.67 16.27
CA VAL X 20 78.19 21.05 15.37
C VAL X 20 77.78 20.80 13.93
N ILE X 21 77.22 19.62 13.68
CA ILE X 21 76.77 19.23 12.33
C ILE X 21 75.63 20.11 11.88
N HIS X 22 74.62 20.20 12.74
CA HIS X 22 73.36 20.83 12.37
C HIS X 22 73.35 22.35 12.48
N SER X 23 74.32 22.95 13.18
CA SER X 23 74.46 24.41 13.12
C SER X 23 75.07 24.85 11.75
N ILE X 24 75.65 23.93 10.99
CA ILE X 24 75.98 24.17 9.56
C ILE X 24 74.80 23.81 8.61
N THR X 25 74.28 22.57 8.72
CA THR X 25 73.36 22.03 7.70
C THR X 25 71.98 22.66 7.72
N ILE X 26 71.51 23.04 8.92
CA ILE X 26 70.20 23.66 9.02
C ILE X 26 70.23 25.06 8.37
N PRO X 27 71.19 25.90 8.76
CA PRO X 27 71.18 27.21 8.11
C PRO X 27 71.38 27.14 6.64
N ALA X 28 72.21 26.18 6.21
CA ALA X 28 72.46 26.00 4.80
C ALA X 28 71.20 25.60 3.99
N LEU X 29 70.42 24.67 4.49
CA LEU X 29 69.18 24.28 3.81
C LEU X 29 68.22 25.45 3.80
N PHE X 30 68.12 26.16 4.93
CA PHE X 30 67.21 27.29 5.06
C PHE X 30 67.57 28.35 4.02
N ILE X 31 68.87 28.64 3.88
CA ILE X 31 69.34 29.65 2.95
C ILE X 31 69.18 29.18 1.50
N ALA X 32 69.42 27.88 1.22
CA ALA X 32 69.16 27.34 -0.11
C ALA X 32 67.70 27.52 -0.53
N GLY X 33 66.79 27.35 0.42
CA GLY X 33 65.36 27.54 0.15
C GLY X 33 65.00 28.98 -0.12
N TRP X 34 65.56 29.84 0.69
CA TRP X 34 65.41 31.27 0.54
C TRP X 34 65.82 31.67 -0.86
N LEU X 35 67.01 31.26 -1.29
CA LEU X 35 67.52 31.61 -2.60
C LEU X 35 66.74 30.99 -3.77
N PHE X 36 66.28 29.76 -3.60
CA PHE X 36 65.40 29.11 -4.60
C PHE X 36 64.25 30.06 -4.95
N VAL X 37 63.73 30.73 -3.92
CA VAL X 37 62.69 31.73 -4.12
C VAL X 37 63.24 33.11 -4.56
N SER X 38 64.20 33.65 -3.82
CA SER X 38 64.68 35.01 -4.04
C SER X 38 65.36 35.17 -5.37
N THR X 39 65.92 34.10 -5.96
CA THR X 39 66.48 34.18 -7.31
C THR X 39 65.46 33.99 -8.46
N GLY X 40 64.22 33.62 -8.09
CA GLY X 40 63.14 33.42 -9.05
C GLY X 40 63.10 32.03 -9.65
N LEU X 41 64.02 31.15 -9.25
CA LEU X 41 64.14 29.80 -9.81
C LEU X 41 62.86 28.99 -9.56
N ALA X 42 62.22 29.22 -8.43
CA ALA X 42 60.99 28.48 -8.14
C ALA X 42 59.86 28.75 -9.16
N TYR X 43 59.71 30.01 -9.58
CA TYR X 43 58.74 30.35 -10.62
C TYR X 43 59.01 29.52 -11.87
N ASP X 44 60.28 29.42 -12.23
CA ASP X 44 60.64 28.78 -13.49
C ASP X 44 60.50 27.31 -13.43
N VAL X 45 60.86 26.72 -12.30
CA VAL X 45 60.73 25.26 -12.11
C VAL X 45 59.27 24.78 -12.20
N PHE X 46 58.39 25.48 -11.47
CA PHE X 46 56.99 25.07 -11.34
C PHE X 46 56.01 25.73 -12.30
N GLY X 47 56.47 26.75 -13.05
CA GLY X 47 55.64 27.43 -14.02
C GLY X 47 54.60 28.33 -13.38
N THR X 48 54.91 28.81 -12.19
CA THR X 48 54.01 29.71 -11.46
C THR X 48 54.13 31.16 -11.93
N PRO X 49 52.98 31.82 -12.18
CA PRO X 49 53.10 33.22 -12.59
C PRO X 49 53.72 34.10 -11.51
N ARG X 50 54.62 34.98 -11.93
CA ARG X 50 55.01 36.10 -11.12
C ARG X 50 53.83 37.09 -11.11
N PRO X 51 53.87 38.06 -10.19
CA PRO X 51 52.76 39.01 -10.14
C PRO X 51 52.46 39.75 -11.44
N ASP X 52 53.46 39.95 -12.29
CA ASP X 52 53.23 40.60 -13.55
C ASP X 52 52.97 39.62 -14.70
N SER X 53 52.69 38.33 -14.44
CA SER X 53 52.53 37.37 -15.50
CA SER X 53 52.47 37.45 -15.57
C SER X 53 51.21 36.57 -15.43
N TYR X 54 50.19 37.09 -14.72
CA TYR X 54 48.85 36.45 -14.76
C TYR X 54 48.09 36.79 -16.02
N TYR X 55 48.22 38.05 -16.46
CA TYR X 55 47.55 38.58 -17.62
C TYR X 55 48.52 39.44 -18.53
N ALA X 56 48.34 39.45 -19.84
CA ALA X 56 48.90 40.49 -20.70
C ALA X 56 48.25 41.80 -20.28
N GLN X 57 48.81 42.93 -20.68
CA GLN X 57 48.43 44.23 -20.13
C GLN X 57 46.90 44.58 -20.12
N GLU X 58 46.22 44.31 -21.24
CA GLU X 58 44.75 44.61 -21.39
C GLU X 58 43.87 43.36 -21.41
N GLN X 59 44.45 42.18 -21.25
CA GLN X 59 43.64 40.96 -21.26
C GLN X 59 42.95 40.80 -19.90
N ARG X 60 41.69 40.41 -19.95
CA ARG X 60 40.91 40.12 -18.73
C ARG X 60 40.14 38.81 -18.94
N SER X 61 40.87 37.79 -19.38
CA SER X 61 40.38 36.44 -19.57
CA SER X 61 40.37 36.42 -19.51
C SER X 61 41.43 35.47 -19.02
N ILE X 62 41.01 34.54 -18.16
CA ILE X 62 41.87 33.47 -17.67
C ILE X 62 42.41 32.63 -18.81
N PRO X 63 43.69 32.26 -18.75
CA PRO X 63 44.28 31.34 -19.76
C PRO X 63 43.96 29.85 -19.42
N LEU X 64 42.67 29.52 -19.50
CA LEU X 64 42.19 28.23 -19.10
C LEU X 64 42.52 27.23 -20.22
N VAL X 65 43.09 26.09 -19.84
CA VAL X 65 43.32 24.97 -20.74
C VAL X 65 41.98 24.33 -21.20
N THR X 66 41.79 24.24 -22.50
CA THR X 66 40.56 23.71 -23.07
C THR X 66 40.70 22.52 -23.95
N ASP X 67 41.93 22.14 -24.23
CA ASP X 67 42.20 20.98 -25.06
C ASP X 67 43.17 20.02 -24.36
N ARG X 68 42.73 18.78 -24.20
CA ARG X 68 43.46 17.81 -23.44
C ARG X 68 44.83 17.53 -24.09
N PHE X 69 44.82 17.19 -25.36
CA PHE X 69 46.03 16.75 -25.98
C PHE X 69 46.92 17.84 -26.51
N GLU X 70 46.41 19.05 -26.65
CA GLU X 70 47.19 20.21 -27.12
C GLU X 70 47.43 21.15 -25.97
N ALA X 71 47.21 20.65 -24.74
CA ALA X 71 47.26 21.48 -23.56
C ALA X 71 48.65 22.09 -23.38
N LYS X 72 49.67 21.30 -23.67
CA LYS X 72 51.04 21.74 -23.52
C LYS X 72 51.26 22.95 -24.46
N GLN X 73 50.94 22.74 -25.72
CA GLN X 73 51.03 23.84 -26.68
C GLN X 73 50.16 25.05 -26.28
N GLN X 74 48.96 24.79 -25.79
CA GLN X 74 48.06 25.90 -25.34
C GLN X 74 48.67 26.76 -24.26
N VAL X 75 49.29 26.10 -23.29
CA VAL X 75 49.96 26.85 -22.24
C VAL X 75 51.13 27.72 -22.82
N GLU X 76 51.88 27.12 -23.76
CA GLU X 76 52.96 27.84 -24.45
C GLU X 76 52.42 29.01 -25.22
N THR X 77 51.28 28.87 -25.85
CA THR X 77 50.72 30.01 -26.52
C THR X 77 50.34 31.11 -25.53
N PHE X 78 49.72 30.71 -24.43
CA PHE X 78 49.36 31.68 -23.41
C PHE X 78 50.59 32.43 -22.93
N LEU X 79 51.69 31.70 -22.73
CA LEU X 79 52.91 32.32 -22.25
C LEU X 79 53.52 33.25 -23.30
N GLU X 80 53.49 32.86 -24.58
CA GLU X 80 53.93 33.76 -25.65
C GLU X 80 53.15 35.06 -25.66
N GLN X 81 51.86 35.02 -25.36
CA GLN X 81 51.00 36.20 -25.39
C GLN X 81 51.30 37.21 -24.29
N LEU X 82 52.03 36.82 -23.25
CA LEU X 82 52.43 37.77 -22.23
C LEU X 82 53.52 38.72 -22.70
N LYS X 83 54.41 38.21 -23.57
CA LYS X 83 55.45 39.03 -24.22
C LYS X 83 54.82 40.26 -24.86
N PRO Y 13 80.37 4.54 5.21
CA PRO Y 13 78.90 4.78 5.13
C PRO Y 13 78.07 3.76 5.95
N ILE Y 14 77.38 4.23 6.99
CA ILE Y 14 76.71 3.32 7.96
C ILE Y 14 75.47 3.96 8.65
N PHE Y 15 74.31 3.84 7.99
CA PHE Y 15 73.06 4.58 8.28
C PHE Y 15 72.05 3.71 9.03
N THR Y 16 70.94 4.28 9.45
CA THR Y 16 69.80 3.45 9.96
C THR Y 16 68.54 3.84 9.27
N VAL Y 17 67.57 2.94 9.28
CA VAL Y 17 66.28 3.22 8.74
C VAL Y 17 65.72 4.48 9.38
N ARG Y 18 65.87 4.59 10.71
CA ARG Y 18 65.33 5.75 11.44
C ARG Y 18 65.95 7.07 10.96
N TRP Y 19 67.26 7.07 10.84
CA TRP Y 19 67.99 8.22 10.33
C TRP Y 19 67.48 8.68 8.94
N VAL Y 20 67.25 7.69 8.07
CA VAL Y 20 66.75 7.97 6.75
C VAL Y 20 65.37 8.58 6.83
N ALA Y 21 64.51 7.93 7.58
CA ALA Y 21 63.15 8.38 7.78
C ALA Y 21 63.12 9.82 8.29
N VAL Y 22 63.96 10.10 9.30
CA VAL Y 22 63.97 11.45 9.89
C VAL Y 22 64.40 12.47 8.83
N HIS Y 23 65.47 12.15 8.12
CA HIS Y 23 66.02 13.10 7.15
C HIS Y 23 65.20 13.31 5.88
N THR Y 24 64.48 12.29 5.39
CA THR Y 24 63.56 12.47 4.24
C THR Y 24 62.49 13.53 4.51
N LEU Y 25 62.14 13.71 5.77
CA LEU Y 25 61.20 14.76 6.17
C LEU Y 25 61.88 16.06 6.61
N ALA Y 26 62.88 15.91 7.46
CA ALA Y 26 63.45 17.13 8.07
C ALA Y 26 64.22 18.02 7.06
N VAL Y 27 64.90 17.36 6.10
CA VAL Y 27 65.71 18.09 5.13
C VAL Y 27 64.86 19.01 4.24
N PRO Y 28 63.87 18.45 3.56
CA PRO Y 28 63.00 19.31 2.78
C PRO Y 28 62.21 20.35 3.62
N THR Y 29 61.80 19.97 4.83
CA THR Y 29 61.05 20.88 5.70
C THR Y 29 61.86 22.15 5.90
N ILE Y 30 63.16 22.03 6.18
CA ILE Y 30 63.98 23.23 6.43
C ILE Y 30 64.12 24.08 5.17
N PHE Y 31 64.35 23.42 4.04
CA PHE Y 31 64.47 24.05 2.75
C PHE Y 31 63.17 24.81 2.48
N PHE Y 32 62.04 24.13 2.68
CA PHE Y 32 60.75 24.74 2.45
C PHE Y 32 60.48 25.93 3.34
N LEU Y 33 60.82 25.86 4.60
CA LEU Y 33 60.57 27.01 5.50
C LEU Y 33 61.38 28.27 5.13
N GLY Y 34 62.60 28.03 4.68
CA GLY Y 34 63.43 29.10 4.11
C GLY Y 34 62.82 29.78 2.88
N ALA Y 35 62.34 28.96 1.95
CA ALA Y 35 61.60 29.40 0.79
C ALA Y 35 60.39 30.22 1.22
N ILE Y 36 59.63 29.69 2.15
CA ILE Y 36 58.43 30.36 2.61
C ILE Y 36 58.80 31.63 3.34
N ALA Y 37 59.91 31.61 4.06
CA ALA Y 37 60.36 32.84 4.72
C ALA Y 37 60.66 33.94 3.69
N ALA Y 38 61.37 33.58 2.62
CA ALA Y 38 61.69 34.52 1.55
C ALA Y 38 60.41 35.11 0.94
N MET Y 39 59.42 34.26 0.73
CA MET Y 39 58.19 34.71 0.12
C MET Y 39 57.48 35.87 0.85
N GLN Y 40 57.68 36.00 2.17
CA GLN Y 40 57.04 37.08 2.94
C GLN Y 40 57.53 38.46 2.55
N PHE Y 41 58.61 38.51 1.78
CA PHE Y 41 59.19 39.76 1.32
C PHE Y 41 58.87 40.07 -0.16
N ILE Y 42 58.08 39.24 -0.82
CA ILE Y 42 57.77 39.47 -2.20
C ILE Y 42 56.64 40.49 -2.23
N GLN Y 43 56.79 41.45 -3.12
CA GLN Y 43 55.86 42.55 -3.34
C GLN Y 43 55.32 42.39 -4.75
N ARG Y 44 54.03 42.71 -4.94
CA ARG Y 44 53.45 42.72 -6.26
C ARG Y 44 53.99 43.91 -7.06
N ALA Z 1 29.64 -43.00 5.61
CA ALA Z 1 29.35 -42.11 4.48
C ALA Z 1 28.83 -42.96 3.33
N ARG Z 2 28.07 -42.35 2.43
CA ARG Z 2 27.36 -43.08 1.39
C ARG Z 2 28.16 -43.03 0.09
N ARG Z 3 28.47 -44.21 -0.46
CA ARG Z 3 29.00 -44.30 -1.80
C ARG Z 3 27.84 -44.23 -2.76
N THR Z 4 28.05 -43.64 -3.93
CA THR Z 4 27.11 -43.67 -5.03
C THR Z 4 27.91 -43.94 -6.25
N TRP Z 5 27.23 -44.34 -7.32
CA TRP Z 5 27.87 -44.56 -8.61
C TRP Z 5 28.67 -43.35 -9.08
N LEU Z 6 28.05 -42.17 -9.03
CA LEU Z 6 28.73 -40.94 -9.53
C LEU Z 6 29.86 -40.57 -8.58
N GLY Z 7 29.65 -40.80 -7.28
CA GLY Z 7 30.69 -40.56 -6.26
C GLY Z 7 31.94 -41.41 -6.48
N ASP Z 8 31.73 -42.65 -6.81
CA ASP Z 8 32.81 -43.56 -7.14
C ASP Z 8 33.56 -43.07 -8.41
N ILE Z 9 32.84 -42.63 -9.44
CA ILE Z 9 33.50 -42.07 -10.60
C ILE Z 9 34.34 -40.86 -10.24
N LEU Z 10 33.79 -39.98 -9.41
CA LEU Z 10 34.49 -38.72 -9.16
C LEU Z 10 35.59 -38.83 -8.08
N ARG Z 11 35.65 -39.95 -7.35
CA ARG Z 11 36.55 -40.10 -6.18
CA ARG Z 11 36.54 -40.08 -6.19
C ARG Z 11 37.96 -39.52 -6.41
N PRO Z 12 38.65 -39.94 -7.48
CA PRO Z 12 40.04 -39.51 -7.66
C PRO Z 12 40.19 -38.02 -7.74
N LEU Z 13 39.19 -37.33 -8.26
CA LEU Z 13 39.22 -35.87 -8.33
C LEU Z 13 39.20 -35.16 -6.97
N ASN Z 14 38.77 -35.86 -5.93
CA ASN Z 14 38.82 -35.31 -4.55
C ASN Z 14 39.62 -36.23 -3.65
N SER Z 15 40.79 -36.63 -4.11
CA SER Z 15 41.55 -37.56 -3.33
C SER Z 15 42.90 -37.07 -2.91
N GLU Z 16 43.35 -35.87 -3.35
CA GLU Z 16 44.72 -35.40 -3.07
C GLU Z 16 44.75 -34.17 -2.16
N TYR Z 17 43.78 -34.11 -1.23
CA TYR Z 17 43.68 -32.99 -0.31
C TYR Z 17 44.99 -32.83 0.40
N GLY Z 18 45.57 -31.65 0.38
CA GLY Z 18 46.77 -31.34 1.18
C GLY Z 18 48.10 -31.57 0.50
N LYS Z 19 48.07 -32.18 -0.68
CA LYS Z 19 49.28 -32.52 -1.40
C LYS Z 19 49.89 -31.25 -2.01
N VAL Z 20 51.19 -31.09 -1.81
CA VAL Z 20 51.92 -29.91 -2.28
C VAL Z 20 53.15 -30.31 -3.05
N ALA Z 21 53.63 -29.42 -3.91
CA ALA Z 21 54.92 -29.58 -4.52
C ALA Z 21 55.95 -29.06 -3.52
N PRO Z 22 57.14 -29.66 -3.48
CA PRO Z 22 58.18 -29.16 -2.53
C PRO Z 22 58.54 -27.65 -2.68
N GLY Z 23 58.71 -26.97 -1.55
CA GLY Z 23 59.28 -25.61 -1.53
C GLY Z 23 58.53 -24.58 -2.34
N TRP Z 24 59.26 -23.85 -3.21
CA TRP Z 24 58.69 -22.77 -3.98
C TRP Z 24 58.04 -23.24 -5.27
N GLY Z 25 58.29 -24.50 -5.67
CA GLY Z 25 57.73 -25.07 -6.88
C GLY Z 25 57.71 -24.10 -8.07
N THR Z 26 56.55 -23.93 -8.67
CA THR Z 26 56.38 -23.03 -9.81
C THR Z 26 56.13 -21.56 -9.45
N THR Z 27 56.42 -21.15 -8.22
CA THR Z 27 56.16 -19.75 -7.85
C THR Z 27 56.83 -18.71 -8.78
N PRO Z 28 58.07 -18.96 -9.21
CA PRO Z 28 58.71 -17.93 -10.05
C PRO Z 28 57.98 -17.69 -11.39
N LEU Z 29 57.57 -18.78 -12.02
CA LEU Z 29 56.77 -18.75 -13.21
C LEU Z 29 55.44 -18.03 -12.99
N MET Z 30 54.81 -18.27 -11.85
CA MET Z 30 53.58 -17.63 -11.52
C MET Z 30 53.79 -16.12 -11.47
N ALA Z 31 54.92 -15.71 -10.87
CA ALA Z 31 55.24 -14.27 -10.74
C ALA Z 31 55.40 -13.64 -12.12
N VAL Z 32 56.04 -14.36 -13.06
CA VAL Z 32 56.16 -13.83 -14.42
C VAL Z 32 54.77 -13.58 -15.00
N PHE Z 33 53.89 -14.58 -14.92
CA PHE Z 33 52.54 -14.43 -15.49
C PHE Z 33 51.78 -13.33 -14.78
N MET Z 34 51.98 -13.18 -13.47
CA MET Z 34 51.31 -12.09 -12.75
C MET Z 34 51.81 -10.73 -13.27
N GLY Z 35 53.12 -10.66 -13.45
CA GLY Z 35 53.76 -9.46 -14.03
C GLY Z 35 53.21 -9.11 -15.39
N LEU Z 36 53.16 -10.11 -16.27
CA LEU Z 36 52.59 -9.89 -17.60
C LEU Z 36 51.14 -9.44 -17.51
N PHE Z 37 50.41 -10.00 -16.58
CA PHE Z 37 48.97 -9.67 -16.45
C PHE Z 37 48.82 -8.22 -15.96
N LEU Z 38 49.69 -7.83 -15.02
CA LEU Z 38 49.67 -6.43 -14.55
C LEU Z 38 49.93 -5.45 -15.70
N VAL Z 39 50.89 -5.77 -16.56
CA VAL Z 39 51.17 -4.94 -17.71
C VAL Z 39 49.98 -4.92 -18.72
N PHE Z 40 49.42 -6.11 -19.02
CA PHE Z 40 48.17 -6.22 -19.80
C PHE Z 40 47.09 -5.28 -19.25
N LEU Z 41 46.82 -5.38 -17.96
CA LEU Z 41 45.76 -4.45 -17.36
C LEU Z 41 46.14 -2.96 -17.51
N LEU Z 42 47.43 -2.65 -17.36
CA LEU Z 42 47.87 -1.29 -17.48
C LEU Z 42 47.62 -0.80 -18.92
N ILE Z 43 47.94 -1.65 -19.89
CA ILE Z 43 47.66 -1.36 -21.31
C ILE Z 43 46.17 -1.10 -21.59
N ILE Z 44 45.31 -2.06 -21.27
CA ILE Z 44 43.88 -1.83 -21.58
C ILE Z 44 43.33 -0.63 -20.81
N LEU Z 45 43.82 -0.41 -19.60
CA LEU Z 45 43.35 0.77 -18.86
C LEU Z 45 43.81 2.06 -19.60
N GLU Z 46 45.07 2.09 -19.99
CA GLU Z 46 45.60 3.32 -20.62
C GLU Z 46 44.99 3.57 -22.01
N ILE Z 47 44.61 2.51 -22.72
CA ILE Z 47 43.83 2.64 -23.98
C ILE Z 47 42.46 3.30 -23.72
N TYR Z 48 41.74 2.76 -22.75
CA TYR Z 48 40.40 3.21 -22.43
C TYR Z 48 40.49 4.64 -21.90
N ASN Z 49 41.57 4.92 -21.18
CA ASN Z 49 41.81 6.24 -20.57
C ASN Z 49 42.32 7.30 -21.55
N SER Z 50 42.70 6.88 -22.75
CA SER Z 50 43.36 7.75 -23.79
C SER Z 50 44.71 8.31 -23.32
N THR Z 51 45.34 7.54 -22.42
CA THR Z 51 46.75 7.76 -22.06
C THR Z 51 47.67 7.09 -23.06
N LEU Z 52 47.21 5.95 -23.60
CA LEU Z 52 47.90 5.25 -24.63
C LEU Z 52 47.01 5.30 -25.84
N ILE Z 53 47.53 5.97 -26.87
CA ILE Z 53 46.82 6.21 -28.10
C ILE Z 53 47.55 5.50 -29.23
N LEU Z 54 46.81 4.65 -29.93
CA LEU Z 54 47.48 3.72 -30.86
C LEU Z 54 46.86 3.93 -32.22
N ASP Z 55 47.69 3.77 -33.25
CA ASP Z 55 47.23 3.90 -34.65
C ASP Z 55 46.14 2.89 -34.98
N GLY Z 56 45.05 3.38 -35.59
CA GLY Z 56 43.88 2.58 -35.92
C GLY Z 56 43.00 2.17 -34.74
N VAL Z 57 43.22 2.75 -33.56
CA VAL Z 57 42.44 2.45 -32.35
C VAL Z 57 41.79 3.75 -31.85
N ASN Z 58 40.59 3.98 -32.36
CA ASN Z 58 39.83 5.15 -32.04
C ASN Z 58 38.86 4.81 -30.91
N VAL Z 59 39.23 5.18 -29.68
CA VAL Z 59 38.43 4.82 -28.53
C VAL Z 59 37.25 5.78 -28.45
N SER Z 60 36.20 5.46 -29.17
CA SER Z 60 35.04 6.31 -29.28
C SER Z 60 33.93 5.45 -29.83
N TRP Z 61 32.69 5.91 -29.63
CA TRP Z 61 31.53 5.30 -30.28
C TRP Z 61 31.71 5.31 -31.78
N LYS Z 62 32.45 6.32 -32.29
CA LYS Z 62 32.81 6.40 -33.70
C LYS Z 62 33.97 5.48 -34.04
N ALA Z 63 34.02 4.28 -33.45
CA ALA Z 63 35.19 3.39 -33.60
C ALA Z 63 35.27 2.88 -35.03
N LEU Z 64 34.12 2.51 -35.60
CA LEU Z 64 33.97 2.05 -37.01
C LEU Z 64 34.73 0.73 -37.32
N GLY Z 65 35.97 0.76 -37.85
CA GLY Z 65 36.61 -0.47 -38.42
C GLY Z 65 38.12 -0.69 -38.30
N FME AA 1 -6.08 32.93 30.81
CN FME AA 1 -6.62 31.97 31.56
O1 FME AA 1 -5.92 31.25 32.22
CA FME AA 1 -4.64 33.17 30.79
CB FME AA 1 -4.19 34.16 29.75
CG FME AA 1 -4.49 33.69 28.35
SD FME AA 1 -3.69 32.16 27.89
CE FME AA 1 -3.78 32.15 26.09
C FME AA 1 -4.14 33.65 32.12
O FME AA 1 -3.02 33.31 32.47
N GLU AA 2 -4.91 34.47 32.89
CA GLU AA 2 -4.41 34.88 34.17
C GLU AA 2 -4.38 33.67 35.13
N THR AA 3 -5.35 32.78 35.03
CA THR AA 3 -5.37 31.57 35.85
C THR AA 3 -4.19 30.64 35.54
N LEU AA 4 -3.92 30.49 34.25
CA LEU AA 4 -2.76 29.73 33.78
C LEU AA 4 -1.45 30.33 34.30
N LYS AA 5 -1.30 31.66 34.23
CA LYS AA 5 -0.08 32.27 34.69
C LYS AA 5 0.15 32.00 36.16
N ILE AA 6 -0.89 32.24 36.94
CA ILE AA 6 -0.80 32.01 38.36
C ILE AA 6 -0.47 30.55 38.70
N THR AA 7 -1.11 29.62 38.00
CA THR AA 7 -0.85 28.21 38.22
C THR AA 7 0.60 27.86 37.95
N VAL AA 8 1.12 28.33 36.83
CA VAL AA 8 2.51 28.11 36.52
C VAL AA 8 3.43 28.75 37.53
N TYR AA 9 3.10 29.96 38.00
CA TYR AA 9 3.99 30.59 38.94
C TYR AA 9 4.04 29.79 40.24
N ILE AA 10 2.89 29.27 40.69
CA ILE AA 10 2.84 28.47 41.92
C ILE AA 10 3.62 27.16 41.71
N VAL AA 11 3.40 26.51 40.59
CA VAL AA 11 4.12 25.29 40.25
C VAL AA 11 5.65 25.50 40.23
N VAL AA 12 6.07 26.54 39.54
CA VAL AA 12 7.50 26.84 39.47
C VAL AA 12 8.09 27.13 40.84
N THR AA 13 7.39 27.95 41.61
CA THR AA 13 7.84 28.29 42.97
C THR AA 13 7.98 27.04 43.83
N PHE AA 14 7.00 26.15 43.74
CA PHE AA 14 7.04 24.91 44.50
C PHE AA 14 8.33 24.11 44.20
N PHE AA 15 8.59 23.87 42.94
CA PHE AA 15 9.79 23.06 42.59
C PHE AA 15 11.07 23.79 42.92
N VAL AA 16 11.10 25.09 42.73
CA VAL AA 16 12.29 25.84 43.07
C VAL AA 16 12.56 25.78 44.57
N LEU AA 17 11.53 25.91 45.39
CA LEU AA 17 11.70 25.76 46.82
C LEU AA 17 12.15 24.33 47.23
N LEU AA 18 11.63 23.29 46.56
CA LEU AA 18 12.16 21.94 46.78
C LEU AA 18 13.66 21.89 46.53
N PHE AA 19 14.08 22.47 45.40
CA PHE AA 19 15.49 22.49 45.04
C PHE AA 19 16.37 23.19 46.12
N VAL AA 20 15.92 24.36 46.56
CA VAL AA 20 16.73 25.17 47.45
C VAL AA 20 16.75 24.51 48.81
N PHE AA 21 15.57 24.19 49.36
CA PHE AA 21 15.51 23.55 50.65
C PHE AA 21 16.18 22.17 50.71
N GLY AA 22 16.04 21.46 49.63
CA GLY AA 22 16.68 20.17 49.42
C GLY AA 22 18.18 20.25 49.55
N PHE AA 23 18.79 21.14 48.76
CA PHE AA 23 20.22 21.30 48.86
C PHE AA 23 20.67 21.93 50.19
N LEU AA 24 19.78 22.64 50.88
CA LEU AA 24 20.10 23.12 52.23
C LEU AA 24 19.99 22.02 53.31
N SER AA 25 19.39 20.88 52.98
CA SER AA 25 19.13 19.83 53.95
C SER AA 25 20.30 18.87 54.12
N GLY AA 26 21.45 19.41 54.47
CA GLY AA 26 22.59 18.53 54.79
C GLY AA 26 23.16 17.79 53.63
N ASP AA 27 23.28 18.46 52.50
CA ASP AA 27 23.69 17.72 51.29
C ASP AA 27 25.09 17.20 51.36
N PRO AA 28 26.04 18.00 51.89
CA PRO AA 28 27.42 17.47 51.91
C PRO AA 28 27.55 16.09 52.63
N ALA AA 29 26.72 15.87 53.64
CA ALA AA 29 26.72 14.60 54.38
C ALA AA 29 26.07 13.42 53.62
N ARG AA 30 25.39 13.67 52.49
CA ARG AA 30 24.80 12.60 51.66
C ARG AA 30 25.82 12.08 50.63
N ASN AA 31 26.75 11.31 51.17
CA ASN AA 31 27.77 10.64 50.38
C ASN AA 31 28.17 9.38 51.11
N PRO AA 32 28.82 8.44 50.41
CA PRO AA 32 29.07 7.15 51.07
C PRO AA 32 30.30 7.10 51.98
N LYS AA 33 31.09 8.16 52.06
CA LYS AA 33 32.32 8.19 52.89
C LYS AA 33 32.21 9.23 54.03
N ARG AA 34 33.04 10.27 54.03
CA ARG AA 34 33.08 11.23 55.17
C ARG AA 34 31.90 12.24 55.15
N LYS AA 35 31.09 12.16 56.22
CA LYS AA 35 29.81 12.90 56.38
C LYS AA 35 29.91 14.23 57.18
N ASP AA 36 30.70 14.25 58.26
CA ASP AA 36 30.88 15.49 59.04
C ASP AA 36 31.77 16.52 58.30
N LEU AA 37 31.15 17.26 57.37
CA LEU AA 37 31.86 18.26 56.55
C LEU AA 37 31.41 19.71 56.83
N GLU AA 38 30.95 19.95 58.07
CA GLU AA 38 30.40 21.24 58.51
C GLU AA 38 31.51 22.03 59.23
N GLU BA 2 82.06 14.19 22.44
CA GLU BA 2 81.53 14.57 21.05
C GLU BA 2 80.08 14.09 20.87
N SER BA 3 79.89 12.76 20.76
CA SER BA 3 78.56 12.15 20.60
C SER BA 3 77.81 12.04 21.93
N GLU BA 4 78.49 12.37 23.05
CA GLU BA 4 77.93 12.11 24.37
C GLU BA 4 76.67 12.96 24.55
N GLY BA 5 75.62 12.30 25.06
CA GLY BA 5 74.28 12.89 25.27
C GLY BA 5 74.25 13.77 26.48
N GLY BA 6 73.35 14.74 26.50
CA GLY BA 6 73.21 15.63 27.65
C GLY BA 6 74.24 16.72 27.84
N ARG BA 7 75.16 16.91 26.89
CA ARG BA 7 76.16 18.00 26.99
C ARG BA 7 75.46 19.38 26.91
N ILE BA 8 74.37 19.48 26.14
CA ILE BA 8 73.60 20.73 26.03
C ILE BA 8 72.24 20.44 26.63
N PRO BA 9 71.89 21.10 27.75
CA PRO BA 9 70.70 20.75 28.52
C PRO BA 9 69.44 20.80 27.68
N LEU BA 10 68.57 19.80 27.83
CA LEU BA 10 67.40 19.69 27.00
C LEU BA 10 66.49 20.92 27.18
N TRP BA 11 66.46 21.51 28.38
CA TRP BA 11 65.60 22.66 28.57
C TRP BA 11 66.00 23.85 27.71
N ILE BA 12 67.31 23.98 27.48
CA ILE BA 12 67.85 25.06 26.65
C ILE BA 12 67.52 24.75 25.19
N VAL BA 13 67.76 23.51 24.74
CA VAL BA 13 67.37 23.11 23.38
C VAL BA 13 65.86 23.45 23.11
N ALA BA 14 64.97 23.03 24.02
CA ALA BA 14 63.52 23.26 23.91
C ALA BA 14 63.17 24.72 23.84
N THR BA 15 63.84 25.51 24.67
CA THR BA 15 63.52 26.94 24.77
C THR BA 15 63.97 27.66 23.48
N VAL BA 16 65.15 27.32 23.00
CA VAL BA 16 65.69 27.99 21.83
C VAL BA 16 64.92 27.55 20.61
N ALA BA 17 64.70 26.25 20.49
CA ALA BA 17 63.94 25.72 19.37
C ALA BA 17 62.55 26.32 19.39
N GLY BA 18 61.95 26.44 20.57
CA GLY BA 18 60.59 27.01 20.66
C GLY BA 18 60.49 28.49 20.21
N MET BA 19 61.50 29.25 20.58
CA MET BA 19 61.61 30.67 20.22
C MET BA 19 61.80 30.76 18.71
N GLY BA 20 62.53 29.79 18.15
CA GLY BA 20 62.72 29.68 16.70
C GLY BA 20 61.42 29.51 16.00
N VAL BA 21 60.57 28.65 16.55
CA VAL BA 21 59.27 28.38 15.95
C VAL BA 21 58.44 29.66 16.01
N ILE BA 22 58.43 30.28 17.16
CA ILE BA 22 57.66 31.51 17.34
C ILE BA 22 58.09 32.59 16.35
N VAL BA 23 59.39 32.74 16.17
CA VAL BA 23 59.89 33.70 15.20
C VAL BA 23 59.44 33.40 13.76
N ILE BA 24 59.59 32.16 13.30
CA ILE BA 24 59.24 31.82 11.91
C ILE BA 24 57.73 32.01 11.68
N VAL BA 25 56.91 31.56 12.62
CA VAL BA 25 55.47 31.74 12.52
C VAL BA 25 55.05 33.21 12.60
N GLY BA 26 55.73 33.99 13.45
CA GLY BA 26 55.52 35.42 13.54
C GLY BA 26 55.82 36.04 12.18
N LEU BA 27 56.90 35.59 11.54
CA LEU BA 27 57.23 36.10 10.19
C LEU BA 27 56.10 35.89 9.19
N PHE BA 28 55.52 34.70 9.23
CA PHE BA 28 54.41 34.32 8.35
C PHE BA 28 53.17 35.18 8.63
N PHE BA 29 52.95 35.50 9.89
CA PHE BA 29 51.85 36.35 10.20
C PHE BA 29 52.10 37.77 9.71
N TYR BA 30 53.32 38.26 9.86
CA TYR BA 30 53.73 39.51 9.28
C TYR BA 30 53.39 39.55 7.77
N GLY BA 31 53.75 38.49 7.03
CA GLY BA 31 53.51 38.39 5.63
C GLY BA 31 52.05 38.41 5.25
N ALA BA 32 51.15 38.09 6.17
CA ALA BA 32 49.73 38.23 5.90
C ALA BA 32 49.30 39.66 5.71
N TYR BA 33 50.10 40.58 6.26
CA TYR BA 33 49.77 41.98 6.21
C TYR BA 33 50.66 42.77 5.27
N ALA BA 34 51.59 42.13 4.57
CA ALA BA 34 52.59 42.82 3.73
C ALA BA 34 52.93 42.00 2.54
N GLY BA 35 53.09 42.66 1.40
CA GLY BA 35 53.39 41.99 0.17
C GLY BA 35 52.24 41.14 -0.35
N LEU BA 36 52.59 40.01 -0.96
CA LEU BA 36 51.58 39.18 -1.57
C LEU BA 36 50.60 38.68 -0.49
N GLY BA 37 49.31 38.70 -0.78
CA GLY BA 37 48.29 38.11 0.12
C GLY BA 37 47.73 39.10 1.14
N SER BA 38 48.23 40.33 1.10
CA SER BA 38 47.89 41.35 2.06
C SER BA 38 46.61 42.06 1.68
N SER BA 39 46.08 41.83 0.45
CA SER BA 39 44.92 42.54 -0.11
C SER BA 39 45.23 43.98 -0.60
N LEU BA 40 46.44 44.42 -0.37
CA LEU BA 40 46.86 45.82 -0.64
C LEU BA 40 47.67 45.93 -1.92
N LYS CA 1 48.88 59.59 19.89
CA LYS CA 1 50.40 59.64 20.03
C LYS CA 1 50.74 59.92 21.48
N LEU CA 2 51.91 59.44 21.90
CA LEU CA 2 52.45 59.78 23.24
C LEU CA 2 52.92 61.21 23.15
N PRO CA 3 53.01 61.91 24.31
CA PRO CA 3 53.60 63.27 24.23
C PRO CA 3 55.01 63.24 23.58
N GLU CA 4 55.33 64.28 22.81
CA GLU CA 4 56.52 64.29 21.93
C GLU CA 4 57.85 63.90 22.58
N ALA CA 5 58.00 64.26 23.84
CA ALA CA 5 59.23 63.95 24.58
C ALA CA 5 59.48 62.45 24.68
N TYR CA 6 58.39 61.67 24.72
CA TYR CA 6 58.47 60.22 24.94
C TYR CA 6 58.51 59.42 23.67
N ALA CA 7 58.37 60.12 22.54
CA ALA CA 7 58.38 59.53 21.20
C ALA CA 7 59.48 58.52 20.97
N ILE CA 8 60.63 58.83 21.55
CA ILE CA 8 61.84 57.99 21.45
C ILE CA 8 61.51 56.58 21.85
N PHE CA 9 60.60 56.45 22.81
CA PHE CA 9 60.25 55.16 23.39
C PHE CA 9 59.11 54.41 22.69
N ASP CA 10 58.60 54.96 21.60
CA ASP CA 10 57.51 54.31 20.82
C ASP CA 10 57.75 52.82 20.56
N PRO CA 11 58.97 52.45 20.12
CA PRO CA 11 59.16 51.04 19.77
C PRO CA 11 59.08 50.14 20.98
N LEU CA 12 59.46 50.65 22.13
CA LEU CA 12 59.39 49.91 23.39
C LEU CA 12 57.96 49.80 23.86
N VAL CA 13 57.21 50.91 23.77
CA VAL CA 13 55.78 50.88 24.07
C VAL CA 13 54.99 49.89 23.21
N ASP CA 14 55.38 49.72 21.96
CA ASP CA 14 54.75 48.76 21.08
C ASP CA 14 54.90 47.32 21.54
N VAL CA 15 55.95 47.02 22.31
CA VAL CA 15 56.27 45.65 22.74
C VAL CA 15 55.73 45.30 24.11
N LEU CA 16 55.58 46.29 24.99
CA LEU CA 16 55.25 46.02 26.40
C LEU CA 16 54.00 45.17 26.63
N PRO CA 17 52.91 45.45 25.92
CA PRO CA 17 51.65 44.70 26.19
C PRO CA 17 51.79 43.18 26.11
N VAL CA 18 52.76 42.69 25.33
CA VAL CA 18 52.98 41.27 25.16
C VAL CA 18 53.62 40.60 26.39
N ILE CA 19 54.28 41.38 27.25
CA ILE CA 19 55.08 40.83 28.35
C ILE CA 19 54.31 39.83 29.25
N PRO CA 20 53.05 40.13 29.58
CA PRO CA 20 52.32 39.13 30.36
C PRO CA 20 52.31 37.75 29.74
N VAL CA 21 52.25 37.65 28.42
CA VAL CA 21 52.29 36.35 27.74
C VAL CA 21 53.62 35.67 27.96
N LEU CA 22 54.67 36.44 27.99
CA LEU CA 22 55.99 35.88 28.25
C LEU CA 22 56.13 35.26 29.64
N PHE CA 23 55.37 35.78 30.62
CA PHE CA 23 55.29 35.15 31.96
C PHE CA 23 54.75 33.73 31.93
N LEU CA 24 53.72 33.46 31.14
CA LEU CA 24 53.18 32.10 31.00
C LEU CA 24 54.23 31.17 30.38
N ALA CA 25 54.89 31.70 29.33
CA ALA CA 25 55.91 30.95 28.65
C ALA CA 25 57.06 30.64 29.56
N LEU CA 26 57.42 31.63 30.39
CA LEU CA 26 58.55 31.47 31.30
C LEU CA 26 58.33 30.28 32.24
N ALA CA 27 57.08 30.08 32.68
CA ALA CA 27 56.76 29.03 33.63
C ALA CA 27 57.18 27.70 33.03
N PHE CA 28 57.05 27.55 31.72
CA PHE CA 28 57.47 26.32 31.03
C PHE CA 28 58.97 26.18 30.92
N VAL CA 29 59.70 27.28 30.65
CA VAL CA 29 61.19 27.30 30.64
C VAL CA 29 61.68 26.83 32.01
N TRP CA 30 61.10 27.41 33.07
CA TRP CA 30 61.45 27.12 34.45
C TRP CA 30 61.19 25.66 34.77
N GLN CA 31 59.97 25.21 34.49
CA GLN CA 31 59.62 23.84 34.73
C GLN CA 31 60.52 22.90 33.92
N ALA CA 32 60.89 23.23 32.69
CA ALA CA 32 61.80 22.29 31.95
C ALA CA 32 63.17 22.20 32.63
N ALA CA 33 63.63 23.31 33.20
CA ALA CA 33 64.88 23.36 33.91
C ALA CA 33 64.86 22.55 35.24
N VAL CA 34 63.72 22.42 35.94
CA VAL CA 34 63.61 21.49 37.11
C VAL CA 34 63.04 20.11 36.74
N GLY CA 35 63.10 19.79 35.45
CA GLY CA 35 62.74 18.48 34.90
C GLY CA 35 61.26 18.13 35.06
N PHE CA 36 60.40 19.14 35.12
CA PHE CA 36 58.99 18.96 35.36
C PHE CA 36 58.71 18.01 36.52
N ARG CA 37 59.51 18.15 37.57
CA ARG CA 37 59.53 17.25 38.70
C ARG CA 37 58.22 17.29 39.51
N MET DA 1 18.28 -41.30 8.12
CA MET DA 1 19.56 -40.53 8.13
C MET DA 1 20.07 -40.38 9.53
N GLU DA 2 21.33 -40.72 9.74
CA GLU DA 2 21.98 -40.37 10.98
C GLU DA 2 22.05 -38.86 11.03
N PRO DA 3 21.98 -38.29 12.27
CA PRO DA 3 21.90 -36.84 12.34
C PRO DA 3 23.18 -36.16 11.77
N ASN DA 4 23.02 -34.91 11.34
CA ASN DA 4 24.14 -34.08 10.90
C ASN DA 4 24.90 -33.47 12.11
N PRO DA 5 26.23 -33.75 12.19
CA PRO DA 5 27.00 -33.33 13.35
C PRO DA 5 27.40 -31.85 13.33
N ASN DA 6 27.05 -31.12 12.26
CA ASN DA 6 27.50 -29.75 12.06
C ASN DA 6 26.50 -28.75 12.62
N ARG DA 7 25.33 -29.26 13.08
CA ARG DA 7 24.24 -28.42 13.59
C ARG DA 7 24.70 -27.66 14.83
N GLN DA 8 24.20 -26.45 15.03
CA GLN DA 8 24.49 -25.68 16.23
CA GLN DA 8 24.48 -25.71 16.24
C GLN DA 8 23.25 -24.92 16.56
N PRO DA 9 22.98 -24.73 17.87
CA PRO DA 9 21.92 -23.78 18.25
C PRO DA 9 22.32 -22.34 17.98
N VAL DA 10 21.33 -21.50 17.86
CA VAL DA 10 21.48 -20.07 17.52
C VAL DA 10 20.90 -19.33 18.71
N GLU DA 11 21.47 -18.16 19.00
CA GLU DA 11 20.99 -17.33 20.10
C GLU DA 11 20.91 -15.88 19.73
N LEU DA 12 19.91 -15.22 20.32
CA LEU DA 12 19.80 -13.77 20.32
C LEU DA 12 19.36 -13.38 21.71
N ASN DA 13 20.24 -12.73 22.44
CA ASN DA 13 19.89 -12.30 23.82
C ASN DA 13 18.98 -11.08 23.80
N ARG DA 14 18.41 -10.73 24.96
CA ARG DA 14 17.48 -9.65 25.04
C ARG DA 14 18.07 -8.31 24.60
N THR DA 15 19.28 -8.05 25.03
CA THR DA 15 19.94 -6.79 24.72
C THR DA 15 20.10 -6.63 23.23
N SER DA 16 20.39 -7.75 22.55
CA SER DA 16 20.54 -7.80 21.12
C SER DA 16 19.22 -7.60 20.38
N LEU DA 17 18.14 -8.18 20.94
CA LEU DA 17 16.85 -7.94 20.43
C LEU DA 17 16.55 -6.41 20.52
N TYR DA 18 16.85 -5.79 21.66
CA TYR DA 18 16.51 -4.37 21.83
C TYR DA 18 17.35 -3.44 20.90
N LEU DA 19 18.63 -3.77 20.81
CA LEU DA 19 19.57 -3.10 19.89
C LEU DA 19 19.12 -3.23 18.45
N GLY DA 20 18.70 -4.44 18.08
CA GLY DA 20 18.26 -4.74 16.75
C GLY DA 20 16.98 -4.02 16.40
N LEU DA 21 16.02 -4.05 17.31
CA LEU DA 21 14.76 -3.34 17.11
C LEU DA 21 14.98 -1.81 17.01
N LEU DA 22 15.87 -1.28 17.84
CA LEU DA 22 16.21 0.15 17.75
C LEU DA 22 16.77 0.50 16.37
N LEU DA 23 17.72 -0.31 15.91
CA LEU DA 23 18.30 -0.15 14.55
C LEU DA 23 17.23 -0.13 13.47
N ILE DA 24 16.32 -1.11 13.51
CA ILE DA 24 15.32 -1.25 12.48
CA ILE DA 24 15.30 -1.27 12.49
C ILE DA 24 14.34 -0.10 12.55
N LEU DA 25 13.88 0.21 13.75
CA LEU DA 25 12.86 1.25 13.90
C LEU DA 25 13.44 2.62 13.49
N VAL DA 26 14.68 2.90 13.90
CA VAL DA 26 15.31 4.17 13.57
C VAL DA 26 15.59 4.30 12.06
N LEU DA 27 16.14 3.23 11.46
CA LEU DA 27 16.28 3.20 10.03
C LEU DA 27 14.96 3.47 9.33
N ALA DA 28 13.87 2.84 9.82
CA ALA DA 28 12.53 3.08 9.21
C ALA DA 28 12.09 4.53 9.33
N LEU DA 29 12.31 5.06 10.54
CA LEU DA 29 11.96 6.42 10.84
C LEU DA 29 12.75 7.37 9.92
N LEU DA 30 13.99 6.98 9.62
CA LEU DA 30 14.84 7.75 8.66
C LEU DA 30 14.44 7.57 7.22
N PHE DA 31 14.31 6.32 6.75
CA PHE DA 31 14.08 6.06 5.35
C PHE DA 31 12.61 6.23 4.93
N SER DA 32 11.65 6.19 5.89
CA SER DA 32 10.23 6.23 5.47
C SER DA 32 9.88 7.50 4.61
N SER DA 33 10.41 8.69 4.98
CA SER DA 33 10.19 9.92 4.22
C SER DA 33 10.54 9.79 2.74
N TYR DA 34 11.62 9.06 2.49
CA TYR DA 34 12.13 8.84 1.12
C TYR DA 34 11.31 7.81 0.39
N PHE DA 35 10.79 6.84 1.13
CA PHE DA 35 9.89 5.86 0.55
C PHE DA 35 8.55 6.47 0.10
N PHE DA 36 8.02 7.38 0.91
CA PHE DA 36 6.81 8.10 0.52
C PHE DA 36 7.10 9.20 -0.53
N ASN DA 37 8.25 9.83 -0.41
CA ASN DA 37 8.71 10.85 -1.35
C ASN DA 37 7.67 11.98 -1.54
N FME EA 1 -1.58 14.92 -0.06
CN FME EA 1 -2.73 15.07 -0.72
CN FME EA 1 -2.76 15.07 -0.64
O1 FME EA 1 -2.76 15.41 -1.89
O1 FME EA 1 -2.81 15.42 -1.81
CA FME EA 1 -0.26 15.14 -0.66
CA FME EA 1 -0.37 15.16 -0.79
CB FME EA 1 0.83 15.26 0.44
CB FME EA 1 0.72 15.50 0.19
CG FME EA 1 0.65 16.39 1.48
CG FME EA 1 0.53 16.95 0.58
SD FME EA 1 1.28 17.94 0.87
SD FME EA 1 1.61 16.96 1.94
CE FME EA 1 3.03 17.69 0.71
CE FME EA 1 2.87 17.93 1.17
C FME EA 1 0.00 13.97 -1.57
O FME EA 1 -0.36 12.87 -1.21
N GLU EA 2 0.64 14.15 -2.70
CA GLU EA 2 0.86 13.06 -3.69
C GLU EA 2 2.12 12.29 -3.40
N VAL EA 3 2.05 11.41 -2.42
CA VAL EA 3 3.11 10.53 -2.06
C VAL EA 3 3.14 9.28 -2.91
N ASN EA 4 4.26 8.58 -2.90
CA ASN EA 4 4.42 7.34 -3.59
C ASN EA 4 3.58 6.32 -2.84
N GLN EA 5 2.79 5.63 -3.65
CA GLN EA 5 1.71 4.79 -3.19
C GLN EA 5 2.20 3.42 -2.70
N LEU EA 6 3.45 3.13 -2.84
CA LEU EA 6 4.13 1.98 -2.35
C LEU EA 6 4.93 2.31 -1.09
N GLY EA 7 5.01 3.58 -0.69
CA GLY EA 7 5.74 3.91 0.51
C GLY EA 7 5.22 3.23 1.78
N LEU EA 8 3.91 3.03 1.84
CA LEU EA 8 3.28 2.47 3.03
C LEU EA 8 3.71 1.02 3.22
N ILE EA 9 3.56 0.24 2.20
CA ILE EA 9 3.93 -1.14 2.29
C ILE EA 9 5.46 -1.31 2.36
N ALA EA 10 6.21 -0.46 1.65
CA ALA EA 10 7.65 -0.50 1.78
C ALA EA 10 8.08 -0.28 3.23
N THR EA 11 7.50 0.75 3.87
CA THR EA 11 7.88 1.05 5.25
C THR EA 11 7.42 -0.13 6.18
N ALA EA 12 6.20 -0.59 6.02
CA ALA EA 12 5.66 -1.64 6.90
C ALA EA 12 6.51 -2.90 6.79
N LEU EA 13 6.90 -3.28 5.59
CA LEU EA 13 7.71 -4.51 5.41
C LEU EA 13 9.14 -4.32 5.88
N PHE EA 14 9.67 -3.12 5.67
CA PHE EA 14 11.00 -2.75 6.17
C PHE EA 14 11.08 -2.93 7.67
N VAL EA 15 10.06 -2.47 8.39
CA VAL EA 15 9.96 -2.70 9.84
C VAL EA 15 9.70 -4.17 10.21
N LEU EA 16 8.73 -4.77 9.54
N LEU EA 16 8.70 -4.75 9.55
CA LEU EA 16 8.21 -6.03 10.02
CA LEU EA 16 8.15 -6.06 9.98
C LEU EA 16 9.09 -7.23 9.74
C LEU EA 16 9.11 -7.20 9.75
N VAL EA 17 9.68 -7.30 8.55
CA VAL EA 17 10.49 -8.48 8.20
C VAL EA 17 11.70 -8.65 9.12
N PRO EA 18 12.54 -7.62 9.24
CA PRO EA 18 13.65 -7.81 10.16
C PRO EA 18 13.26 -7.84 11.63
N SER EA 19 12.25 -7.09 12.03
CA SER EA 19 11.80 -7.18 13.43
C SER EA 19 11.34 -8.59 13.82
N VAL EA 20 10.55 -9.17 12.95
CA VAL EA 20 10.08 -10.54 13.12
C VAL EA 20 11.24 -11.56 13.19
N PHE EA 21 12.21 -11.39 12.29
CA PHE EA 21 13.36 -12.22 12.32
C PHE EA 21 14.00 -12.21 13.73
N LEU EA 22 14.22 -11.03 14.26
CA LEU EA 22 14.83 -10.90 15.59
C LEU EA 22 13.92 -11.47 16.70
N ILE EA 23 12.63 -11.24 16.60
CA ILE EA 23 11.68 -11.75 17.61
C ILE EA 23 11.71 -13.27 17.59
N ILE EA 24 11.68 -13.84 16.40
CA ILE EA 24 11.80 -15.29 16.30
C ILE EA 24 13.07 -15.82 17.00
N LEU EA 25 14.21 -15.18 16.74
CA LEU EA 25 15.49 -15.62 17.35
C LEU EA 25 15.53 -15.45 18.85
N TYR EA 26 14.98 -14.33 19.34
CA TYR EA 26 14.93 -14.06 20.80
C TYR EA 26 14.10 -15.09 21.53
N VAL EA 27 12.88 -15.31 21.04
CA VAL EA 27 11.90 -16.20 21.73
C VAL EA 27 12.44 -17.62 21.79
N GLN EA 28 13.03 -18.10 20.69
CA GLN EA 28 13.56 -19.47 20.67
C GLN EA 28 14.84 -19.59 21.50
N THR EA 29 15.49 -18.48 21.80
CA THR EA 29 16.60 -18.47 22.72
C THR EA 29 16.09 -18.62 24.16
N GLU EA 30 15.07 -17.86 24.48
CA GLU EA 30 14.48 -17.96 25.84
C GLU EA 30 13.94 -19.37 26.15
N SER EA 31 13.39 -20.02 25.14
CA SER EA 31 12.72 -21.31 25.33
C SER EA 31 13.73 -22.46 25.44
N GLN EA 32 15.02 -22.20 25.14
CA GLN EA 32 16.03 -23.18 25.28
C GLN EA 32 16.30 -23.51 26.73
N GLN EA 33 16.78 -24.70 26.92
CA GLN EA 33 17.14 -25.16 28.31
C GLN EA 33 18.20 -24.34 29.06
N LYS EA 34 17.95 -24.08 30.35
CA LYS EA 34 18.90 -23.31 31.20
C LYS EA 34 19.94 -24.24 31.84
N SER EA 35 20.91 -23.66 32.55
CA SER EA 35 21.93 -24.40 33.33
C SER EA 35 21.43 -24.61 34.76
N ALA FA 1 -5.82 64.48 31.37
CA ALA FA 1 -5.03 63.40 32.07
C ALA FA 1 -3.52 63.67 32.00
N ALA FA 2 -2.76 63.07 32.93
CA ALA FA 2 -1.30 63.18 32.97
C ALA FA 2 -0.77 62.77 31.60
N THR FA 3 -0.53 63.77 30.74
CA THR FA 3 -0.11 63.55 29.35
C THR FA 3 1.01 62.48 29.21
N LEU FA 4 0.64 61.37 28.62
CA LEU FA 4 1.48 60.18 28.66
C LEU FA 4 2.70 60.34 27.79
N THR FA 5 3.85 59.87 28.28
CA THR FA 5 5.07 59.82 27.48
C THR FA 5 5.24 58.43 26.90
N TYR FA 6 6.20 58.28 25.97
CA TYR FA 6 6.51 56.96 25.43
C TYR FA 6 6.78 55.93 26.53
N ASP FA 7 7.51 56.33 27.56
CA ASP FA 7 7.81 55.37 28.60
C ASP FA 7 6.60 54.99 29.42
N ASP FA 8 5.63 55.87 29.52
CA ASP FA 8 4.36 55.48 30.16
C ASP FA 8 3.64 54.42 29.32
N ILE FA 9 3.72 54.49 28.01
CA ILE FA 9 2.92 53.69 27.10
C ILE FA 9 3.56 52.40 26.69
N VAL FA 10 4.88 52.40 26.56
CA VAL FA 10 5.57 51.31 25.87
C VAL FA 10 5.20 49.97 26.46
N GLY FA 11 4.65 49.06 25.65
CA GLY FA 11 4.37 47.69 26.07
C GLY FA 11 3.01 47.47 26.73
N THR FA 12 2.23 48.52 26.90
CA THR FA 12 0.94 48.41 27.58
C THR FA 12 -0.18 48.00 26.63
N GLY FA 13 0.01 48.23 25.32
CA GLY FA 13 -1.06 48.07 24.35
C GLY FA 13 -1.79 49.38 24.08
N LEU FA 14 -1.52 50.40 24.86
CA LEU FA 14 -2.11 51.70 24.63
C LEU FA 14 -1.75 52.32 23.28
N ALA FA 15 -0.57 51.97 22.75
CA ALA FA 15 -0.13 52.55 21.49
C ALA FA 15 -1.00 52.17 20.32
N ASN FA 16 -1.72 51.04 20.39
CA ASN FA 16 -2.68 50.65 19.36
C ASN FA 16 -4.11 51.11 19.54
N LYS FA 17 -4.36 51.90 20.58
CA LYS FA 17 -5.67 52.48 20.83
C LYS FA 17 -5.78 53.94 20.38
N CYS FA 18 -6.97 54.34 19.95
CA CYS FA 18 -7.18 55.69 19.47
C CYS FA 18 -7.48 56.56 20.69
N PRO FA 19 -7.18 57.84 20.61
CA PRO FA 19 -7.60 58.70 21.70
C PRO FA 19 -9.11 58.65 21.85
N THR FA 20 -9.59 58.86 23.06
CA THR FA 20 -11.01 58.91 23.33
C THR FA 20 -11.42 60.31 23.84
N LEU FA 21 -12.71 60.57 23.84
CA LEU FA 21 -13.26 61.80 24.41
C LEU FA 21 -14.20 61.32 25.49
N ASP FA 22 -14.41 62.08 26.56
CA ASP FA 22 -15.31 61.59 27.62
C ASP FA 22 -16.76 62.01 27.36
N ASP FA 23 -17.64 61.66 28.29
CA ASP FA 23 -19.10 61.84 28.14
C ASP FA 23 -19.61 63.26 28.05
N THR FA 24 -18.83 64.22 28.52
CA THR FA 24 -19.22 65.63 28.42
C THR FA 24 -19.22 66.11 26.97
N ALA FA 25 -18.52 65.41 26.07
CA ALA FA 25 -18.36 65.90 24.71
C ALA FA 25 -19.54 65.50 23.81
N ARG FA 26 -20.64 66.21 23.99
CA ARG FA 26 -21.81 66.09 23.14
C ARG FA 26 -22.10 67.47 22.53
N GLY FA 27 -21.04 68.16 22.07
CA GLY FA 27 -21.14 69.54 21.59
C GLY FA 27 -21.28 69.64 20.07
N ALA FA 28 -21.04 70.84 19.54
CA ALA FA 28 -21.12 71.06 18.10
C ALA FA 28 -19.95 71.92 17.72
N TYR FA 29 -19.25 71.50 16.69
CA TYR FA 29 -18.10 72.22 16.22
C TYR FA 29 -18.49 73.07 14.99
N PRO FA 30 -18.46 74.41 15.12
CA PRO FA 30 -18.92 75.26 14.04
C PRO FA 30 -18.07 75.18 12.76
N ILE FA 31 -18.75 75.20 11.62
CA ILE FA 31 -18.09 75.22 10.32
C ILE FA 31 -18.36 76.53 9.60
N ASP FA 32 -17.28 77.24 9.32
CA ASP FA 32 -17.34 78.51 8.71
C ASP FA 32 -16.97 78.22 7.26
N SER FA 33 -17.91 78.33 6.34
CA SER FA 33 -17.66 77.86 4.95
C SER FA 33 -16.74 78.74 4.08
N SER FA 34 -16.34 79.93 4.58
CA SER FA 34 -15.25 80.74 3.96
C SER FA 34 -13.83 80.28 4.37
N GLN FA 35 -13.79 79.57 5.50
CA GLN FA 35 -12.58 79.03 6.09
C GLN FA 35 -12.23 77.67 5.40
N THR FA 36 -10.94 77.35 5.23
CA THR FA 36 -10.59 75.96 4.82
C THR FA 36 -10.22 75.16 6.07
N TYR FA 37 -10.47 73.85 6.04
CA TYR FA 37 -10.19 72.99 7.17
C TYR FA 37 -9.33 71.79 6.78
N ARG FA 38 -8.83 71.12 7.82
CA ARG FA 38 -8.02 69.91 7.70
CA ARG FA 38 -8.04 69.89 7.66
C ARG FA 38 -8.35 68.98 8.82
N ILE FA 39 -8.16 67.69 8.58
CA ILE FA 39 -8.13 66.72 9.66
C ILE FA 39 -6.65 66.53 9.96
N ALA FA 40 -6.24 66.93 11.16
CA ALA FA 40 -4.81 66.84 11.55
C ALA FA 40 -4.39 65.42 11.96
N ARG FA 41 -5.33 64.71 12.55
CA ARG FA 41 -5.10 63.31 12.90
C ARG FA 41 -6.37 62.52 12.86
N LEU FA 42 -6.36 61.47 12.06
CA LEU FA 42 -7.43 60.53 12.01
C LEU FA 42 -6.83 59.21 12.46
N CYS FA 43 -7.55 58.58 13.40
CA CYS FA 43 -7.14 57.29 14.01
C CYS FA 43 -8.34 56.32 13.92
N LEU FA 44 -8.09 55.11 13.47
CA LEU FA 44 -9.10 54.05 13.37
C LEU FA 44 -8.54 52.81 14.09
N GLN FA 45 -9.30 52.39 15.11
CA GLN FA 45 -8.97 51.29 15.98
C GLN FA 45 -10.02 50.18 15.80
N PRO FA 46 -9.66 49.12 15.07
CA PRO FA 46 -10.59 48.03 14.90
C PRO FA 46 -10.78 47.23 16.20
N THR FA 47 -12.03 46.86 16.49
CA THR FA 47 -12.33 46.03 17.63
C THR FA 47 -12.91 44.66 17.20
N THR FA 48 -13.46 44.52 16.01
CA THR FA 48 -13.89 43.21 15.53
CA THR FA 48 -13.99 43.25 15.52
C THR FA 48 -13.71 43.12 14.03
N PHE FA 49 -13.28 41.91 13.62
CA PHE FA 49 -13.14 41.57 12.24
C PHE FA 49 -14.11 40.44 11.97
N LEU FA 50 -15.06 40.65 11.04
CA LEU FA 50 -16.00 39.65 10.61
C LEU FA 50 -15.66 39.27 9.18
N VAL FA 51 -15.74 37.99 8.89
CA VAL FA 51 -15.49 37.47 7.54
C VAL FA 51 -16.78 36.80 7.03
N LYS FA 52 -17.13 37.07 5.79
CA LYS FA 52 -18.32 36.49 5.19
C LYS FA 52 -18.04 35.03 4.85
N GLU FA 53 -18.86 34.15 5.43
CA GLU FA 53 -18.76 32.73 5.18
C GLU FA 53 -19.08 32.50 3.68
N GLU FA 54 -18.51 31.46 3.09
CA GLU FA 54 -18.69 31.16 1.68
C GLU FA 54 -19.53 29.90 1.61
N PRO FA 55 -20.87 30.02 1.56
CA PRO FA 55 -21.73 28.85 1.72
C PRO FA 55 -21.83 28.01 0.44
N LYS FA 56 -22.35 26.78 0.52
CA LYS FA 56 -22.52 25.90 -0.67
C LYS FA 56 -23.62 26.38 -1.64
N ASN FA 57 -24.86 26.46 -1.18
CA ASN FA 57 -25.91 27.28 -1.85
C ASN FA 57 -25.97 28.73 -1.25
N LYS FA 58 -25.99 29.85 -1.99
CA LYS FA 58 -26.02 30.01 -3.45
C LYS FA 58 -27.33 29.51 -4.11
N ARG FA 59 -28.49 30.12 -3.81
CA ARG FA 59 -28.64 31.33 -3.00
C ARG FA 59 -29.12 31.02 -1.57
N GLN FA 60 -28.44 31.59 -0.60
CA GLN FA 60 -28.84 31.58 0.82
C GLN FA 60 -28.23 32.84 1.44
N GLU FA 61 -28.81 33.31 2.55
CA GLU FA 61 -28.19 34.34 3.39
C GLU FA 61 -26.82 33.84 3.95
N ALA FA 62 -25.71 34.25 3.30
CA ALA FA 62 -24.34 34.05 3.85
C ALA FA 62 -24.02 35.15 4.86
N GLU FA 63 -23.67 34.76 6.07
CA GLU FA 63 -23.46 35.70 7.17
C GLU FA 63 -21.99 36.04 7.36
N PHE FA 64 -21.74 37.18 7.96
CA PHE FA 64 -20.40 37.52 8.40
C PHE FA 64 -20.23 36.86 9.74
N VAL FA 65 -19.10 36.23 9.98
CA VAL FA 65 -18.92 35.53 11.25
C VAL FA 65 -17.72 36.03 12.02
N PRO FA 66 -17.73 35.81 13.34
CA PRO FA 66 -16.59 36.26 14.13
C PRO FA 66 -15.34 35.53 13.86
N THR FA 67 -14.23 36.17 14.19
CA THR FA 67 -12.87 35.63 13.93
C THR FA 67 -11.97 36.00 15.08
N LYS FA 68 -10.85 35.31 15.17
CA LYS FA 68 -9.83 35.57 16.23
C LYS FA 68 -8.63 36.25 15.61
N LEU FA 69 -8.28 37.38 16.16
CA LEU FA 69 -7.04 38.06 15.72
C LEU FA 69 -5.81 37.30 16.17
N VAL FA 70 -4.88 36.95 15.27
CA VAL FA 70 -3.69 36.28 15.65
C VAL FA 70 -2.42 37.11 15.51
N THR FA 71 -2.55 38.35 15.01
CA THR FA 71 -1.35 39.19 14.74
C THR FA 71 -1.12 40.28 15.77
N ARG FA 72 -1.86 40.20 16.88
CA ARG FA 72 -1.61 41.04 18.10
C ARG FA 72 -1.97 42.50 17.89
N GLU FA 73 -1.47 43.38 18.74
CA GLU FA 73 -1.96 44.74 18.78
CA GLU FA 73 -1.97 44.74 18.77
C GLU FA 73 -1.28 45.64 17.74
N THR FA 74 -1.52 45.30 16.46
CA THR FA 74 -0.77 45.84 15.33
C THR FA 74 -1.70 46.32 14.23
N THR FA 75 -2.94 46.58 14.62
CA THR FA 75 -4.07 46.65 13.69
C THR FA 75 -4.56 48.08 13.40
N SER FA 76 -4.17 49.07 14.19
CA SER FA 76 -4.80 50.37 14.04
C SER FA 76 -4.18 51.27 12.95
N LEU FA 77 -5.03 52.16 12.43
CA LEU FA 77 -4.59 53.14 11.41
C LEU FA 77 -4.53 54.47 12.14
N ASP FA 78 -3.45 55.24 11.93
CA ASP FA 78 -3.28 56.47 12.67
C ASP FA 78 -2.38 57.42 11.94
N GLN FA 79 -2.33 58.60 12.51
CA GLN FA 79 -1.46 59.69 12.05
C GLN FA 79 -1.88 60.03 10.62
N ILE FA 80 -3.18 59.85 10.35
CA ILE FA 80 -3.72 60.10 9.02
C ILE FA 80 -4.12 61.58 8.94
N GLN FA 81 -3.78 62.26 7.84
CA GLN FA 81 -4.19 63.64 7.69
C GLN FA 81 -4.71 63.90 6.28
N GLY FA 82 -5.37 65.04 6.15
CA GLY FA 82 -5.86 65.46 4.87
C GLY FA 82 -6.84 66.59 4.87
N GLU FA 83 -7.22 67.00 3.68
CA GLU FA 83 -8.13 68.14 3.51
C GLU FA 83 -9.52 67.80 3.99
N LEU FA 84 -10.18 68.79 4.59
CA LEU FA 84 -11.57 68.71 4.87
C LEU FA 84 -12.28 69.86 4.15
N LYS FA 85 -12.81 69.56 2.96
CA LYS FA 85 -13.50 70.55 2.10
C LYS FA 85 -14.90 70.85 2.55
N VAL FA 86 -15.31 72.09 2.38
CA VAL FA 86 -16.71 72.47 2.60
C VAL FA 86 -17.34 72.68 1.26
N ASN FA 87 -18.32 71.83 0.94
CA ASN FA 87 -18.90 71.82 -0.37
C ASN FA 87 -20.04 72.82 -0.46
N SER FA 88 -20.45 73.10 -1.69
CA SER FA 88 -21.51 74.11 -1.97
C SER FA 88 -22.81 73.74 -1.30
N ASP FA 89 -23.09 72.43 -1.10
CA ASP FA 89 -24.33 72.03 -0.39
C ASP FA 89 -24.19 71.96 1.13
N GLY FA 90 -23.09 72.48 1.67
CA GLY FA 90 -22.84 72.47 3.13
C GLY FA 90 -22.34 71.13 3.67
N SER FA 91 -22.20 70.10 2.81
CA SER FA 91 -21.55 68.86 3.22
C SER FA 91 -20.06 69.09 3.33
N LEU FA 92 -19.42 68.19 4.07
CA LEU FA 92 -17.98 68.15 4.18
C LEU FA 92 -17.45 66.93 3.45
N THR FA 93 -16.27 67.07 2.85
CA THR FA 93 -15.57 65.93 2.27
C THR FA 93 -14.13 65.89 2.74
N PHE FA 94 -13.78 64.80 3.39
CA PHE FA 94 -12.43 64.50 3.83
C PHE FA 94 -11.72 63.79 2.70
N VAL FA 95 -10.59 64.37 2.27
CA VAL FA 95 -9.70 63.75 1.30
C VAL FA 95 -8.40 63.33 1.96
N GLU FA 96 -8.23 62.01 2.16
CA GLU FA 96 -7.05 61.52 2.84
C GLU FA 96 -5.84 61.80 1.96
N GLU FA 97 -4.80 62.36 2.57
CA GLU FA 97 -3.53 62.65 1.87
C GLU FA 97 -2.43 61.70 2.24
N ASP FA 98 -2.22 61.48 3.53
CA ASP FA 98 -1.15 60.65 4.01
C ASP FA 98 -1.41 60.09 5.42
N GLY FA 99 -0.58 59.13 5.78
CA GLY FA 99 -0.55 58.64 7.14
C GLY FA 99 -0.30 57.15 7.17
N ILE FA 100 -0.39 56.59 8.38
CA ILE FA 100 -0.20 55.16 8.54
C ILE FA 100 -1.61 54.57 8.30
N ASP FA 101 -1.89 54.34 7.01
CA ASP FA 101 -3.28 54.18 6.52
C ASP FA 101 -3.63 52.76 6.10
N PHE FA 102 -2.76 51.86 6.52
CA PHE FA 102 -2.93 50.45 6.28
C PHE FA 102 -2.23 49.65 7.39
N GLN FA 103 -2.76 48.45 7.65
CA GLN FA 103 -2.10 47.42 8.45
C GLN FA 103 -2.43 46.05 7.87
N PRO FA 104 -1.43 45.21 7.72
CA PRO FA 104 -1.76 43.80 7.42
C PRO FA 104 -2.27 43.16 8.67
N VAL FA 105 -3.31 42.36 8.51
CA VAL FA 105 -4.02 41.71 9.67
C VAL FA 105 -4.34 40.28 9.30
N THR FA 106 -4.09 39.34 10.20
CA THR FA 106 -4.54 37.98 9.99
C THR FA 106 -5.50 37.61 11.11
N VAL FA 107 -6.69 37.18 10.70
CA VAL FA 107 -7.69 36.68 11.60
C VAL FA 107 -7.91 35.22 11.27
N GLN FA 108 -8.37 34.46 12.23
CA GLN FA 108 -8.54 33.04 12.09
C GLN FA 108 -9.99 32.67 12.28
N MET FA 109 -10.54 31.94 11.31
CA MET FA 109 -11.92 31.48 11.39
C MET FA 109 -12.02 30.20 12.24
N ALA FA 110 -13.21 29.92 12.74
CA ALA FA 110 -13.43 28.70 13.48
C ALA FA 110 -12.98 27.55 12.57
N GLY FA 111 -12.20 26.61 13.08
CA GLY FA 111 -11.67 25.52 12.22
C GLY FA 111 -10.26 25.73 11.73
N GLY FA 112 -9.78 26.96 11.87
CA GLY FA 112 -8.36 27.24 11.62
C GLY FA 112 -7.99 28.01 10.39
N GLU FA 113 -8.90 28.18 9.42
CA GLU FA 113 -8.58 28.93 8.22
C GLU FA 113 -8.14 30.39 8.59
N ARG FA 114 -6.97 30.78 8.11
CA ARG FA 114 -6.43 32.14 8.39
C ARG FA 114 -6.78 33.06 7.23
N ILE FA 115 -7.23 34.24 7.55
CA ILE FA 115 -7.68 35.21 6.57
C ILE FA 115 -6.81 36.44 6.73
N PRO FA 116 -5.77 36.55 5.91
CA PRO FA 116 -5.04 37.83 5.90
C PRO FA 116 -5.76 38.90 5.11
N LEU FA 117 -5.65 40.15 5.57
CA LEU FA 117 -6.23 41.29 4.86
C LEU FA 117 -5.34 42.52 5.05
N LEU FA 118 -5.36 43.38 4.04
CA LEU FA 118 -4.76 44.70 4.16
C LEU FA 118 -5.84 45.69 4.64
N PHE FA 119 -5.98 45.77 5.96
CA PHE FA 119 -6.93 46.68 6.57
C PHE FA 119 -6.50 48.12 6.25
N THR FA 120 -7.32 48.83 5.51
CA THR FA 120 -6.87 50.13 5.00
C THR FA 120 -7.97 51.17 4.80
N VAL FA 121 -7.55 52.44 4.71
CA VAL FA 121 -8.37 53.51 4.17
C VAL FA 121 -7.59 54.34 3.14
N LYS FA 122 -6.67 53.71 2.41
CA LYS FA 122 -5.87 54.38 1.45
C LYS FA 122 -6.71 55.15 0.46
N ASN FA 123 -6.35 56.40 0.27
CA ASN FA 123 -7.09 57.28 -0.66
C ASN FA 123 -8.56 57.49 -0.34
N LEU FA 124 -8.87 57.45 0.94
CA LEU FA 124 -10.23 57.71 1.40
C LEU FA 124 -10.71 59.10 0.95
N VAL FA 125 -11.91 59.11 0.39
CA VAL FA 125 -12.70 60.28 0.17
C VAL FA 125 -14.03 59.96 0.84
N ALA FA 126 -14.36 60.71 1.89
CA ALA FA 126 -15.60 60.47 2.66
C ALA FA 126 -16.33 61.76 2.95
N SER FA 127 -17.64 61.75 2.77
CA SER FA 127 -18.46 62.94 2.91
C SER FA 127 -19.59 62.84 3.90
N THR FA 128 -19.98 64.00 4.46
CA THR FA 128 -21.13 64.07 5.32
C THR FA 128 -22.41 64.24 4.52
N GLN FA 129 -23.52 64.36 5.25
CA GLN FA 129 -24.77 64.82 4.70
C GLN FA 129 -24.63 66.33 4.34
N PRO FA 130 -25.54 66.88 3.49
CA PRO FA 130 -25.50 68.34 3.24
C PRO FA 130 -25.81 69.13 4.51
N ASN FA 131 -25.50 70.41 4.48
CA ASN FA 131 -25.93 71.35 5.50
C ASN FA 131 -25.35 71.09 6.92
N VAL FA 132 -24.06 70.79 6.98
CA VAL FA 132 -23.39 70.55 8.25
C VAL FA 132 -22.76 71.86 8.64
N THR FA 133 -23.61 72.72 9.18
CA THR FA 133 -23.17 74.02 9.67
C THR FA 133 -22.35 73.89 10.93
N SER FA 134 -22.57 72.82 11.68
CA SER FA 134 -21.70 72.35 12.77
C SER FA 134 -21.59 70.81 12.78
N ILE FA 135 -20.42 70.28 13.09
CA ILE FA 135 -20.23 68.85 13.30
C ILE FA 135 -20.75 68.57 14.69
N THR FA 136 -21.73 67.67 14.75
CA THR FA 136 -22.36 67.26 16.01
C THR FA 136 -22.35 65.73 16.06
N THR FA 137 -22.96 65.17 17.09
CA THR FA 137 -23.18 63.72 17.21
C THR FA 137 -24.22 63.17 16.20
N SER FA 138 -24.89 64.02 15.43
CA SER FA 138 -25.63 63.55 14.24
C SER FA 138 -24.83 63.41 12.96
N THR FA 139 -23.63 63.95 12.94
CA THR FA 139 -22.84 63.90 11.75
C THR FA 139 -22.30 62.50 11.48
N ASP FA 140 -22.20 62.19 10.20
CA ASP FA 140 -21.50 60.97 9.78
C ASP FA 140 -20.79 61.17 8.46
N PHE FA 141 -19.79 60.31 8.17
CA PHE FA 141 -19.07 60.38 6.95
C PHE FA 141 -19.24 59.05 6.25
N LYS FA 142 -19.44 59.06 4.96
CA LYS FA 142 -19.46 57.77 4.25
C LYS FA 142 -18.53 57.92 3.08
N GLY FA 143 -17.74 56.90 2.80
CA GLY FA 143 -16.88 57.02 1.62
C GLY FA 143 -16.27 55.75 1.15
N GLU FA 144 -15.41 55.88 0.15
CA GLU FA 144 -14.71 54.76 -0.37
C GLU FA 144 -13.21 55.00 -0.46
N PHE FA 145 -12.50 53.86 -0.59
CA PHE FA 145 -11.07 53.80 -0.49
C PHE FA 145 -10.55 52.72 -1.37
N ASN FA 146 -9.27 52.75 -1.57
CA ASN FA 146 -8.60 51.74 -2.44
C ASN FA 146 -7.99 50.67 -1.60
N VAL FA 147 -7.99 49.44 -2.13
CA VAL FA 147 -7.45 48.29 -1.44
C VAL FA 147 -6.53 47.61 -2.47
N PRO FA 148 -5.25 47.92 -2.40
CA PRO FA 148 -4.27 47.25 -3.24
C PRO FA 148 -3.93 45.87 -2.73
N SER FA 149 -3.28 45.10 -3.59
CA SER FA 149 -2.78 43.80 -3.24
C SER FA 149 -2.07 43.78 -1.91
N TYR FA 150 -2.40 42.77 -1.10
CA TYR FA 150 -1.89 42.61 0.24
C TYR FA 150 -0.36 42.50 0.22
N ARG FA 151 0.14 41.72 -0.72
CA ARG FA 151 1.56 41.68 -1.08
C ARG FA 151 1.84 42.60 -2.27
N THR FA 152 3.00 43.26 -2.29
CA THR FA 152 3.32 44.14 -3.44
C THR FA 152 4.18 43.33 -4.42
N ALA FA 153 4.56 43.96 -5.52
CA ALA FA 153 5.00 43.25 -6.72
C ALA FA 153 6.28 42.46 -6.58
N ASN FA 154 7.14 42.84 -5.64
CA ASN FA 154 8.37 42.06 -5.42
C ASN FA 154 8.20 40.74 -4.64
N PHE FA 155 7.06 40.60 -3.99
CA PHE FA 155 6.84 39.45 -3.10
C PHE FA 155 7.05 38.13 -3.82
N LEU FA 156 7.94 37.30 -3.27
CA LEU FA 156 8.18 36.00 -3.83
C LEU FA 156 7.48 34.86 -3.03
N ASP FA 157 6.85 33.94 -3.76
CA ASP FA 157 6.24 32.78 -3.13
C ASP FA 157 7.35 31.76 -2.69
N PRO FA 158 6.92 30.70 -1.97
CA PRO FA 158 7.91 29.78 -1.42
C PRO FA 158 8.76 29.00 -2.45
N LYS FA 159 8.31 28.99 -3.70
CA LYS FA 159 9.10 28.44 -4.80
C LYS FA 159 9.79 29.53 -5.64
N GLY FA 160 9.89 30.74 -5.09
CA GLY FA 160 10.62 31.81 -5.73
C GLY FA 160 9.92 32.52 -6.87
N ARG FA 161 8.61 32.35 -7.01
CA ARG FA 161 7.85 32.97 -8.13
C ARG FA 161 7.27 34.29 -7.70
N GLY FA 162 7.34 35.30 -8.57
CA GLY FA 162 6.79 36.58 -8.28
C GLY FA 162 6.32 37.33 -9.53
N LEU FA 163 5.88 38.57 -9.30
CA LEU FA 163 5.35 39.43 -10.38
C LEU FA 163 6.53 40.28 -10.96
N ALA FA 164 7.04 41.21 -10.15
CA ALA FA 164 8.14 42.07 -10.53
C ALA FA 164 9.52 41.41 -10.33
N SER FA 165 9.55 40.25 -9.63
CA SER FA 165 10.76 39.48 -9.51
C SER FA 165 10.42 38.03 -9.49
N GLY FA 166 11.45 37.17 -9.45
CA GLY FA 166 11.22 35.74 -9.35
C GLY FA 166 11.14 34.97 -10.63
N TYR FA 167 11.07 33.65 -10.46
CA TYR FA 167 10.86 32.70 -11.53
C TYR FA 167 9.46 32.86 -12.07
N ASP FA 168 9.26 32.44 -13.32
CA ASP FA 168 7.95 32.53 -13.98
C ASP FA 168 7.38 31.16 -14.23
N SER FA 169 7.98 30.14 -13.64
CA SER FA 169 7.55 28.77 -13.81
C SER FA 169 7.79 27.98 -12.51
N ALA FA 170 7.30 26.75 -12.50
CA ALA FA 170 7.53 25.83 -11.40
C ALA FA 170 8.77 25.04 -11.72
N ILE FA 171 9.94 25.58 -11.32
CA ILE FA 171 11.25 25.02 -11.66
C ILE FA 171 11.54 23.63 -11.09
N ALA FA 172 10.86 23.26 -10.02
CA ALA FA 172 11.03 21.93 -9.43
C ALA FA 172 10.28 20.81 -10.25
N LEU FA 173 9.45 21.22 -11.21
CA LEU FA 173 8.66 20.29 -12.05
C LEU FA 173 8.99 20.65 -13.50
N PRO FA 174 10.24 20.43 -13.90
CA PRO FA 174 10.72 20.98 -15.18
C PRO FA 174 9.97 20.59 -16.47
N GLN FA 175 9.45 19.36 -16.49
CA GLN FA 175 8.67 18.85 -17.60
C GLN FA 175 7.18 18.66 -17.29
N ALA FA 176 6.69 19.35 -16.27
CA ALA FA 176 5.25 19.39 -16.05
C ALA FA 176 4.55 20.22 -17.11
N LYS FA 177 3.31 19.87 -17.42
CA LYS FA 177 2.53 20.72 -18.32
C LYS FA 177 2.12 22.04 -17.63
N GLU FA 178 2.36 23.15 -18.29
CA GLU FA 178 2.33 24.47 -17.66
C GLU FA 178 0.91 24.98 -17.49
N GLU FA 179 -0.04 24.47 -18.26
CA GLU FA 179 -1.41 25.04 -18.27
C GLU FA 179 -2.09 24.92 -16.90
N GLU FA 180 -1.97 23.77 -16.23
CA GLU FA 180 -2.56 23.55 -14.91
CA GLU FA 180 -2.59 23.58 -14.92
C GLU FA 180 -1.96 24.44 -13.84
N LEU FA 181 -0.74 24.89 -14.04
CA LEU FA 181 -0.07 25.70 -13.05
C LEU FA 181 -0.09 27.19 -13.34
N ALA FA 182 -0.76 27.64 -14.39
CA ALA FA 182 -0.79 29.05 -14.78
C ALA FA 182 -1.23 29.95 -13.65
N ARG FA 183 -2.25 29.59 -12.91
CA ARG FA 183 -2.78 30.52 -11.91
C ARG FA 183 -1.77 30.75 -10.78
N ALA FA 184 -0.97 29.74 -10.48
CA ALA FA 184 0.12 29.84 -9.52
C ALA FA 184 1.38 30.51 -10.09
N ASN FA 185 1.66 30.22 -11.34
CA ASN FA 185 2.86 30.75 -11.98
C ASN FA 185 2.79 32.22 -12.37
N VAL FA 186 1.59 32.72 -12.73
CA VAL FA 186 1.44 34.05 -13.24
C VAL FA 186 0.80 34.88 -12.14
N LYS FA 187 1.63 35.68 -11.51
CA LYS FA 187 1.17 36.56 -10.41
C LYS FA 187 0.41 37.75 -10.95
N ARG FA 188 -0.67 38.08 -10.25
CA ARG FA 188 -1.58 39.16 -10.57
C ARG FA 188 -1.75 40.09 -9.36
N PHE FA 189 -1.87 41.36 -9.65
CA PHE FA 189 -1.92 42.41 -8.65
C PHE FA 189 -3.32 43.01 -8.62
N SER FA 190 -3.99 42.76 -7.51
CA SER FA 190 -5.35 43.15 -7.27
C SER FA 190 -5.44 44.65 -6.88
N LEU FA 191 -6.51 45.31 -7.30
CA LEU FA 191 -6.80 46.66 -6.82
C LEU FA 191 -8.29 46.79 -6.78
N THR FA 192 -8.85 46.92 -5.61
CA THR FA 192 -10.30 46.89 -5.45
C THR FA 192 -10.70 48.07 -4.60
N LYS FA 193 -11.98 48.21 -4.36
CA LYS FA 193 -12.50 49.37 -3.64
C LYS FA 193 -13.11 48.84 -2.30
N GLY FA 194 -13.00 49.61 -1.22
CA GLY FA 194 -13.74 49.37 0.00
C GLY FA 194 -14.65 50.57 0.34
N GLN FA 195 -15.49 50.34 1.32
CA GLN FA 195 -16.51 51.32 1.72
C GLN FA 195 -16.39 51.48 3.20
N ILE FA 196 -16.54 52.69 3.72
CA ILE FA 196 -16.54 52.90 5.17
C ILE FA 196 -17.56 53.96 5.57
N SER FA 197 -18.21 53.72 6.73
CA SER FA 197 -19.01 54.72 7.47
C SER FA 197 -18.36 55.09 8.73
N LEU FA 198 -18.33 56.39 9.02
CA LEU FA 198 -17.85 56.91 10.30
C LEU FA 198 -19.02 57.59 10.95
N ASN FA 199 -19.41 57.08 12.10
CA ASN FA 199 -20.52 57.71 12.89
C ASN FA 199 -19.96 58.49 14.04
N VAL FA 200 -20.27 59.78 14.07
CA VAL FA 200 -19.74 60.61 15.11
C VAL FA 200 -20.62 60.42 16.34
N ALA FA 201 -20.03 60.00 17.46
CA ALA FA 201 -20.72 59.82 18.74
C ALA FA 201 -20.41 60.91 19.74
N LYS FA 202 -19.26 61.55 19.55
CA LYS FA 202 -18.74 62.55 20.46
C LYS FA 202 -18.01 63.70 19.72
N VAL FA 203 -18.23 64.92 20.22
CA VAL FA 203 -17.66 66.13 19.65
C VAL FA 203 -17.28 67.08 20.78
N ASP FA 204 -16.06 67.51 20.79
CA ASP FA 204 -15.64 68.64 21.59
C ASP FA 204 -15.64 69.87 20.72
N GLY FA 205 -16.64 70.73 20.93
CA GLY FA 205 -16.79 71.93 20.12
C GLY FA 205 -15.67 72.96 20.29
N ARG FA 206 -15.04 73.00 21.46
CA ARG FA 206 -13.95 73.96 21.70
C ARG FA 206 -12.71 73.57 20.91
N THR FA 207 -12.36 72.30 20.93
CA THR FA 207 -11.09 71.83 20.40
C THR FA 207 -11.17 71.26 19.00
N GLY FA 208 -12.35 70.90 18.51
CA GLY FA 208 -12.46 70.35 17.14
C GLY FA 208 -12.15 68.86 17.07
N GLU FA 209 -12.19 68.20 18.23
CA GLU FA 209 -11.92 66.80 18.25
C GLU FA 209 -13.27 66.04 18.20
N ILE FA 210 -13.30 64.94 17.45
CA ILE FA 210 -14.50 64.10 17.34
C ILE FA 210 -14.10 62.65 17.50
N ALA FA 211 -15.06 61.82 17.93
CA ALA FA 211 -14.85 60.39 18.05
C ALA FA 211 -16.10 59.67 17.81
N GLY FA 212 -15.98 58.40 17.46
CA GLY FA 212 -17.16 57.63 17.21
C GLY FA 212 -16.85 56.22 16.84
N THR FA 213 -17.80 55.65 16.08
CA THR FA 213 -17.67 54.24 15.64
C THR FA 213 -17.55 54.19 14.19
N PHE FA 214 -16.92 53.11 13.66
CA PHE FA 214 -16.85 52.98 12.22
C PHE FA 214 -17.14 51.53 11.81
N GLU FA 215 -17.58 51.37 10.58
CA GLU FA 215 -17.69 50.06 9.96
C GLU FA 215 -17.18 50.21 8.54
N SER FA 216 -16.28 49.31 8.16
CA SER FA 216 -15.66 49.28 6.85
CA SER FA 216 -15.77 49.30 6.81
C SER FA 216 -15.91 47.90 6.23
N GLU FA 217 -15.95 47.83 4.92
CA GLU FA 217 -16.09 46.59 4.15
C GLU FA 217 -15.05 46.59 3.06
N GLN FA 218 -14.36 45.48 2.93
CA GLN FA 218 -13.33 45.37 1.92
C GLN FA 218 -13.01 43.92 1.68
N LEU FA 219 -12.29 43.63 0.61
CA LEU FA 219 -11.85 42.28 0.35
C LEU FA 219 -10.53 41.97 1.10
N SER FA 220 -10.32 40.67 1.32
CA SER FA 220 -9.11 40.19 1.93
C SER FA 220 -8.07 39.91 0.87
N ASP FA 221 -6.95 39.37 1.31
CA ASP FA 221 -5.89 38.91 0.48
C ASP FA 221 -6.30 37.86 -0.55
N ASP FA 222 -5.83 37.96 -1.80
CA ASP FA 222 -6.09 36.97 -2.85
C ASP FA 222 -4.83 36.21 -3.24
N ASP FA 223 -3.75 36.38 -2.46
CA ASP FA 223 -2.44 35.80 -2.69
C ASP FA 223 -1.96 35.94 -4.14
N MET FA 224 -1.92 37.19 -4.57
CA MET FA 224 -1.49 37.53 -5.92
C MET FA 224 -2.19 36.75 -7.03
N GLY FA 225 -3.52 36.62 -6.88
CA GLY FA 225 -4.34 35.98 -7.88
C GLY FA 225 -4.50 34.46 -7.75
N ALA FA 226 -3.89 33.88 -6.71
CA ALA FA 226 -3.91 32.44 -6.57
C ALA FA 226 -5.25 31.92 -6.07
N HIS FA 227 -6.04 32.70 -5.36
CA HIS FA 227 -7.35 32.25 -4.90
C HIS FA 227 -8.27 33.45 -4.73
N GLU FA 228 -9.52 33.17 -4.51
CA GLU FA 228 -10.50 34.22 -4.38
C GLU FA 228 -10.36 34.90 -3.01
N PRO FA 229 -10.52 36.21 -2.97
CA PRO FA 229 -10.53 36.85 -1.69
C PRO FA 229 -11.80 36.57 -0.94
N HIS FA 230 -11.84 36.88 0.33
CA HIS FA 230 -13.05 36.83 1.17
C HIS FA 230 -13.53 38.29 1.45
N GLU FA 231 -14.82 38.50 1.78
CA GLU FA 231 -15.32 39.78 2.16
C GLU FA 231 -15.19 39.92 3.63
N VAL FA 232 -14.75 41.10 4.05
CA VAL FA 232 -14.43 41.36 5.43
C VAL FA 232 -15.16 42.61 5.83
N LYS FA 233 -15.70 42.56 7.04
CA LYS FA 233 -16.33 43.72 7.71
C LYS FA 233 -15.53 44.06 8.94
N ILE FA 234 -15.08 45.30 9.02
CA ILE FA 234 -14.26 45.76 10.14
C ILE FA 234 -15.03 46.78 10.95
N GLN FA 235 -15.17 46.53 12.23
CA GLN FA 235 -15.86 47.46 13.09
C GLN FA 235 -14.88 47.92 14.18
N GLY FA 236 -15.07 49.14 14.63
CA GLY FA 236 -14.16 49.77 15.60
C GLY FA 236 -14.56 51.18 16.03
N VAL FA 237 -13.59 51.90 16.59
CA VAL FA 237 -13.77 53.24 17.07
C VAL FA 237 -12.76 54.14 16.32
N PHE FA 238 -13.11 55.42 16.19
CA PHE FA 238 -12.21 56.39 15.55
C PHE FA 238 -12.10 57.64 16.33
N TYR FA 239 -11.04 58.37 16.01
CA TYR FA 239 -10.79 59.69 16.57
C TYR FA 239 -10.29 60.57 15.45
N ALA FA 240 -10.76 61.83 15.41
CA ALA FA 240 -10.18 62.78 14.50
C ALA FA 240 -10.10 64.15 15.15
N SER FA 241 -9.05 64.88 14.83
CA SER FA 241 -8.90 66.31 15.28
C SER FA 241 -9.05 67.16 14.05
N ILE FA 242 -9.98 68.09 14.10
CA ILE FA 242 -10.23 68.95 12.95
C ILE FA 242 -9.56 70.29 13.25
N GLU FA 243 -8.90 70.90 12.27
CA GLU FA 243 -8.26 72.22 12.47
C GLU FA 243 -8.54 73.14 11.30
N PRO FA 244 -8.72 74.45 11.56
CA PRO FA 244 -8.72 75.34 10.41
C PRO FA 244 -7.33 75.38 9.75
N ALA FA 245 -7.30 75.22 8.42
CA ALA FA 245 -6.08 75.00 7.63
C ALA FA 245 -5.39 76.30 7.26
N FME GA 1 -2.11 8.52 5.86
CN FME GA 1 -2.22 9.52 6.79
CN FME GA 1 -2.25 9.49 6.80
O1 FME GA 1 -1.66 9.51 7.89
O1 FME GA 1 -1.71 9.41 7.90
CA FME GA 1 -1.38 7.29 6.05
CA FME GA 1 -1.35 7.30 6.07
CB FME GA 1 -1.44 6.36 4.82
CB FME GA 1 -1.36 6.43 4.81
CG FME GA 1 -0.66 6.88 3.56
CG FME GA 1 -2.65 5.66 4.63
SD FME GA 1 -0.66 5.76 2.18
SD FME GA 1 -2.99 5.24 2.96
CE FME GA 1 -2.40 5.70 1.81
CE FME GA 1 -1.42 5.38 2.18
C FME GA 1 0.10 7.57 6.43
O FME GA 1 0.70 6.82 7.22
N GLU GA 2 0.68 8.64 5.84
CA GLU GA 2 2.10 8.95 6.02
C GLU GA 2 2.29 9.42 7.44
N THR GA 3 1.46 10.38 7.86
CA THR GA 3 1.53 10.85 9.26
C THR GA 3 1.36 9.73 10.27
N ILE GA 4 0.39 8.88 10.01
CA ILE GA 4 0.14 7.69 10.87
C ILE GA 4 1.38 6.86 10.96
N THR GA 5 2.01 6.64 9.81
CA THR GA 5 3.21 5.80 9.75
C THR GA 5 4.38 6.39 10.57
N TYR GA 6 4.64 7.68 10.38
CA TYR GA 6 5.69 8.34 11.17
C TYR GA 6 5.42 8.27 12.70
N VAL GA 7 4.20 8.62 13.10
CA VAL GA 7 3.85 8.64 14.50
C VAL GA 7 3.89 7.22 15.08
N PHE GA 8 3.42 6.25 14.31
CA PHE GA 8 3.50 4.82 14.71
C PHE GA 8 4.95 4.38 15.00
N ILE GA 9 5.87 4.71 14.11
CA ILE GA 9 7.23 4.28 14.29
C ILE GA 9 7.80 4.96 15.53
N PHE GA 10 7.56 6.25 15.67
CA PHE GA 10 7.99 6.97 16.81
C PHE GA 10 7.46 6.34 18.11
N ALA GA 11 6.19 6.06 18.13
CA ALA GA 11 5.53 5.46 19.32
C ALA GA 11 6.17 4.11 19.67
N CYS GA 12 6.50 3.33 18.66
CA CYS GA 12 7.18 2.06 18.88
C CYS GA 12 8.56 2.25 19.51
N ILE GA 13 9.27 3.31 19.06
CA ILE GA 13 10.58 3.57 19.62
C ILE GA 13 10.47 3.94 21.10
N ILE GA 14 9.50 4.79 21.42
CA ILE GA 14 9.31 5.15 22.82
C ILE GA 14 8.97 3.90 23.69
N ALA GA 15 8.09 3.03 23.19
CA ALA GA 15 7.76 1.78 23.88
C ALA GA 15 9.07 0.95 24.07
N LEU GA 16 9.91 0.89 23.03
CA LEU GA 16 11.15 0.14 23.12
C LEU GA 16 12.04 0.70 24.20
N PHE GA 17 12.10 2.05 24.34
CA PHE GA 17 12.86 2.68 25.46
C PHE GA 17 12.39 2.15 26.81
N PHE GA 18 11.08 2.14 26.99
CA PHE GA 18 10.48 1.62 28.22
C PHE GA 18 10.90 0.18 28.51
N PHE GA 19 10.82 -0.70 27.53
CA PHE GA 19 11.20 -2.08 27.76
C PHE GA 19 12.71 -2.22 28.00
N ALA GA 20 13.49 -1.48 27.25
CA ALA GA 20 14.92 -1.55 27.35
C ALA GA 20 15.45 -1.09 28.68
N ILE GA 21 14.73 -0.18 29.33
CA ILE GA 21 15.15 0.32 30.61
C ILE GA 21 14.55 -0.57 31.73
N PHE GA 22 13.23 -0.65 31.76
CA PHE GA 22 12.58 -1.29 32.87
C PHE GA 22 12.49 -2.80 32.74
N PHE GA 23 12.61 -3.34 31.54
CA PHE GA 23 12.61 -4.80 31.35
C PHE GA 23 13.89 -5.27 30.68
N ARG GA 24 15.00 -4.68 31.11
CA ARG GA 24 16.32 -5.11 30.66
C ARG GA 24 16.68 -6.41 31.29
N GLU GA 25 17.61 -7.13 30.65
CA GLU GA 25 18.27 -8.24 31.30
CA GLU GA 25 18.20 -8.22 31.34
C GLU GA 25 19.06 -7.60 32.45
N PRO GA 26 18.83 -8.01 33.70
CA PRO GA 26 19.62 -7.39 34.77
C PRO GA 26 21.11 -7.68 34.73
N PRO GA 27 21.97 -6.67 34.94
CA PRO GA 27 23.38 -7.00 35.07
C PRO GA 27 23.62 -7.75 36.39
N ARG GA 28 24.40 -8.81 36.32
CA ARG GA 28 24.69 -9.61 37.53
C ARG GA 28 26.18 -9.85 37.70
N ILE GA 29 26.69 -9.64 38.91
CA ILE GA 29 28.11 -9.88 39.23
C ILE GA 29 28.39 -11.38 39.48
N THR GA 30 29.54 -11.88 38.98
CA THR GA 30 29.96 -13.28 39.19
C THR GA 30 31.06 -13.38 40.22
N GLU HA 8 -7.67 35.51 -19.28
CA GLU HA 8 -6.34 35.24 -19.85
C GLU HA 8 -5.30 35.79 -18.84
N LEU HA 9 -4.34 34.95 -18.42
CA LEU HA 9 -3.40 35.36 -17.35
C LEU HA 9 -2.09 35.91 -17.89
N VAL HA 10 -1.77 37.16 -17.48
CA VAL HA 10 -0.64 37.86 -17.99
C VAL HA 10 0.10 38.46 -16.82
N ASN HA 11 1.42 38.32 -16.86
CA ASN HA 11 2.32 39.07 -15.99
C ASN HA 11 2.42 40.49 -16.58
N VAL HA 12 1.86 41.47 -15.87
CA VAL HA 12 1.73 42.81 -16.41
C VAL HA 12 3.08 43.56 -16.50
N VAL HA 13 4.07 43.15 -15.70
CA VAL HA 13 5.39 43.77 -15.76
C VAL HA 13 6.14 43.29 -16.97
N ASP HA 14 6.14 41.99 -17.22
CA ASP HA 14 6.71 41.50 -18.44
C ASP HA 14 6.04 42.09 -19.67
N GLU HA 15 4.72 42.19 -19.67
CA GLU HA 15 4.01 42.78 -20.78
C GLU HA 15 4.51 44.23 -21.03
N LYS HA 16 4.70 44.96 -19.95
CA LYS HA 16 5.08 46.36 -20.02
C LYS HA 16 6.48 46.53 -20.59
N LEU HA 17 7.35 45.53 -20.39
CA LEU HA 17 8.66 45.54 -21.06
C LEU HA 17 8.60 45.54 -22.58
N GLY HA 18 7.45 45.15 -23.15
CA GLY HA 18 7.30 45.18 -24.61
C GLY HA 18 6.78 46.50 -25.13
N THR HA 19 6.51 47.44 -24.23
CA THR HA 19 6.10 48.77 -24.59
C THR HA 19 7.29 49.70 -24.46
N ALA HA 20 7.04 51.00 -24.65
CA ALA HA 20 8.07 51.99 -24.55
C ALA HA 20 8.67 52.03 -23.14
N TYR HA 21 7.92 51.57 -22.15
CA TYR HA 21 8.46 51.34 -20.78
C TYR HA 21 9.76 50.55 -20.80
N GLY HA 22 9.86 49.61 -21.71
CA GLY HA 22 11.11 48.87 -21.86
C GLY HA 22 12.23 49.55 -22.60
N GLU HA 23 12.00 50.76 -23.13
CA GLU HA 23 12.95 51.41 -24.02
C GLU HA 23 13.34 52.75 -23.46
N LYS HA 24 12.53 53.35 -22.62
CA LYS HA 24 12.76 54.73 -22.19
C LYS HA 24 12.33 54.88 -20.73
N ILE HA 25 12.64 56.02 -20.16
CA ILE HA 25 12.09 56.37 -18.83
C ILE HA 25 10.63 56.74 -18.97
N ASP HA 26 9.76 55.91 -18.36
CA ASP HA 26 8.30 56.14 -18.38
C ASP HA 26 7.98 57.04 -17.22
N LEU HA 27 7.59 58.25 -17.54
CA LEU HA 27 7.31 59.21 -16.51
C LEU HA 27 6.15 58.83 -15.57
N ASN HA 28 5.30 57.88 -15.99
CA ASN HA 28 4.13 57.44 -15.21
C ASN HA 28 4.37 56.21 -14.33
N ASN HA 29 5.50 55.53 -14.56
CA ASN HA 29 5.79 54.21 -13.97
C ASN HA 29 7.20 53.93 -13.47
N THR HA 30 8.21 54.40 -14.16
CA THR HA 30 9.56 53.95 -13.91
C THR HA 30 10.06 54.44 -12.56
N ASN HA 31 10.79 53.57 -11.89
CA ASN HA 31 11.39 53.93 -10.62
C ASN HA 31 12.38 55.12 -10.76
N ILE HA 32 12.44 55.92 -9.69
CA ILE HA 32 13.12 57.20 -9.67
C ILE HA 32 14.61 57.15 -9.93
N ALA HA 33 15.28 56.04 -9.66
CA ALA HA 33 16.69 55.91 -9.91
C ALA HA 33 17.06 55.95 -11.36
N ALA HA 34 16.11 55.63 -12.24
CA ALA HA 34 16.38 55.67 -13.67
C ALA HA 34 16.84 57.04 -14.16
N PHE HA 35 16.42 58.08 -13.46
CA PHE HA 35 16.76 59.47 -13.82
C PHE HA 35 18.23 59.83 -13.66
N ILE HA 36 18.98 58.96 -12.99
CA ILE HA 36 20.42 59.06 -12.90
C ILE HA 36 21.15 58.84 -14.22
N GLN HA 37 20.48 58.22 -15.17
CA GLN HA 37 21.08 57.90 -16.47
C GLN HA 37 21.54 59.09 -17.34
N TYR HA 38 20.91 60.23 -17.11
CA TYR HA 38 21.14 61.42 -17.89
C TYR HA 38 21.48 62.61 -17.02
N ARG HA 39 22.27 63.50 -17.59
CA ARG HA 39 22.71 64.69 -16.85
C ARG HA 39 21.58 65.59 -16.33
N GLY HA 40 21.63 65.94 -15.06
CA GLY HA 40 20.77 67.04 -14.50
C GLY HA 40 19.39 66.67 -14.06
N LEU HA 41 19.03 65.39 -14.13
CA LEU HA 41 17.67 65.01 -13.78
C LEU HA 41 17.47 64.56 -12.33
N TYR HA 42 18.54 64.22 -11.61
CA TYR HA 42 18.39 63.59 -10.26
C TYR HA 42 19.18 64.36 -9.20
N PRO HA 43 18.64 64.64 -8.01
CA PRO HA 43 17.36 64.21 -7.54
C PRO HA 43 16.22 65.20 -7.77
N THR HA 44 16.53 66.47 -8.08
CA THR HA 44 15.56 67.55 -7.94
C THR HA 44 14.42 67.38 -8.94
N LEU HA 45 14.77 67.23 -10.20
CA LEU HA 45 13.72 67.05 -11.22
C LEU HA 45 13.05 65.69 -11.06
N ALA HA 46 13.85 64.68 -10.77
CA ALA HA 46 13.31 63.34 -10.54
C ALA HA 46 12.13 63.31 -9.53
N LYS HA 47 12.32 63.99 -8.41
CA LYS HA 47 11.29 64.09 -7.38
C LYS HA 47 10.04 64.81 -7.89
N LEU HA 48 10.24 65.93 -8.59
CA LEU HA 48 9.10 66.70 -9.10
C LEU HA 48 8.28 65.87 -10.14
N ILE HA 49 9.00 65.10 -10.98
CA ILE HA 49 8.37 64.26 -12.04
C ILE HA 49 7.52 63.15 -11.42
N VAL HA 50 8.10 62.43 -10.47
CA VAL HA 50 7.40 61.34 -9.81
C VAL HA 50 6.22 61.88 -9.03
N LYS HA 51 6.41 63.01 -8.30
CA LYS HA 51 5.33 63.55 -7.47
C LYS HA 51 4.17 64.04 -8.32
N ASN HA 52 4.45 64.56 -9.51
CA ASN HA 52 3.39 65.19 -10.33
C ASN HA 52 2.80 64.28 -11.41
N ALA HA 53 3.21 63.00 -11.47
CA ALA HA 53 2.70 62.03 -12.43
C ALA HA 53 1.26 61.70 -12.09
N PRO HA 54 0.46 61.21 -13.03
CA PRO HA 54 0.87 60.82 -14.37
C PRO HA 54 0.71 62.00 -15.38
N TYR HA 55 1.25 61.78 -16.56
CA TYR HA 55 1.22 62.74 -17.66
C TYR HA 55 0.54 62.07 -18.87
N GLU HA 56 -0.28 62.84 -19.62
CA GLU HA 56 -0.90 62.36 -20.89
C GLU HA 56 0.14 62.26 -21.97
N SER HA 57 1.16 63.11 -21.91
CA SER HA 57 2.23 63.04 -22.87
C SER HA 57 3.50 63.49 -22.19
N VAL HA 58 4.61 63.13 -22.81
CA VAL HA 58 5.93 63.47 -22.30
C VAL HA 58 6.07 65.00 -22.11
N GLU HA 59 5.57 65.76 -23.07
CA GLU HA 59 5.68 67.22 -23.02
C GLU HA 59 4.87 67.88 -21.89
N ASP HA 60 3.90 67.14 -21.37
CA ASP HA 60 3.19 67.61 -20.16
C ASP HA 60 4.12 67.73 -18.96
N VAL HA 61 5.26 67.06 -18.98
CA VAL HA 61 6.25 67.23 -17.87
C VAL HA 61 6.76 68.66 -17.72
N LEU HA 62 6.69 69.41 -18.81
CA LEU HA 62 7.11 70.82 -18.81
C LEU HA 62 6.19 71.73 -18.00
N ASN HA 63 4.99 71.25 -17.68
CA ASN HA 63 3.99 72.07 -17.02
C ASN HA 63 3.93 71.91 -15.52
N ILE HA 64 4.86 71.16 -14.93
CA ILE HA 64 4.87 70.90 -13.44
C ILE HA 64 4.90 72.24 -12.75
N PRO HA 65 4.01 72.51 -11.81
CA PRO HA 65 4.02 73.81 -11.15
C PRO HA 65 5.36 74.07 -10.52
N GLY HA 66 5.84 75.30 -10.62
CA GLY HA 66 7.05 75.70 -9.91
C GLY HA 66 8.41 75.44 -10.57
N LEU HA 67 8.46 74.81 -11.75
CA LEU HA 67 9.74 74.57 -12.39
C LEU HA 67 10.43 75.90 -12.70
N THR HA 68 11.75 75.95 -12.53
CA THR HA 68 12.53 77.12 -12.92
C THR HA 68 12.69 77.13 -14.45
N GLU HA 69 13.08 78.26 -14.99
CA GLU HA 69 13.37 78.31 -16.43
C GLU HA 69 14.44 77.32 -16.88
N ARG HA 70 15.48 77.20 -16.07
CA ARG HA 70 16.57 76.24 -16.38
C ARG HA 70 16.10 74.82 -16.38
N GLN HA 71 15.29 74.52 -15.38
CA GLN HA 71 14.72 73.14 -15.30
C GLN HA 71 13.90 72.79 -16.55
N LYS HA 72 13.14 73.74 -17.04
CA LYS HA 72 12.37 73.52 -18.25
C LYS HA 72 13.28 73.22 -19.43
N GLN HA 73 14.42 73.92 -19.52
CA GLN HA 73 15.39 73.62 -20.62
C GLN HA 73 15.93 72.26 -20.50
N ILE HA 74 16.34 71.90 -19.29
CA ILE HA 74 16.89 70.59 -19.03
C ILE HA 74 15.83 69.54 -19.38
N LEU HA 75 14.57 69.78 -19.00
CA LEU HA 75 13.55 68.75 -19.34
C LEU HA 75 13.44 68.64 -20.86
N ARG HA 76 13.46 69.78 -21.56
CA ARG HA 76 13.36 69.74 -23.05
C ARG HA 76 14.49 68.95 -23.70
N GLU HA 77 15.70 69.12 -23.16
CA GLU HA 77 16.86 68.35 -23.68
C GLU HA 77 16.67 66.84 -23.50
N ASN HA 78 15.83 66.43 -22.53
CA ASN HA 78 15.69 65.00 -22.24
C ASN HA 78 14.35 64.37 -22.60
N LEU HA 79 13.48 65.13 -23.27
CA LEU HA 79 12.21 64.58 -23.69
C LEU HA 79 12.40 63.33 -24.56
N GLU HA 80 13.44 63.34 -25.34
CA GLU HA 80 13.73 62.21 -26.23
C GLU HA 80 14.01 60.89 -25.48
N HIS HA 81 14.43 60.98 -24.22
CA HIS HA 81 14.67 59.82 -23.39
C HIS HA 81 13.52 59.37 -22.52
N PHE HA 82 12.40 60.08 -22.62
CA PHE HA 82 11.21 59.82 -21.87
C PHE HA 82 10.11 59.19 -22.74
N THR HA 83 9.19 58.53 -22.02
CA THR HA 83 7.92 58.08 -22.64
C THR HA 83 6.83 58.18 -21.60
N VAL HA 84 5.60 57.96 -22.01
CA VAL HA 84 4.50 57.74 -21.07
C VAL HA 84 3.73 56.51 -21.55
N THR HA 85 3.36 55.66 -20.60
CA THR HA 85 2.39 54.62 -20.80
C THR HA 85 1.36 54.65 -19.66
N GLU HA 86 0.30 53.89 -19.81
CA GLU HA 86 -0.75 53.85 -18.80
C GLU HA 86 -0.14 53.49 -17.45
N VAL HA 87 -0.67 54.09 -16.38
CA VAL HA 87 -0.20 53.78 -15.04
C VAL HA 87 -0.42 52.31 -14.75
N GLU HA 88 0.61 51.61 -14.30
CA GLU HA 88 0.51 50.21 -13.89
C GLU HA 88 0.57 50.13 -12.40
N THR HA 89 -0.56 49.76 -11.82
CA THR HA 89 -0.70 49.61 -10.35
C THR HA 89 0.47 48.84 -9.73
N ALA HA 90 0.92 47.73 -10.37
CA ALA HA 90 1.97 46.93 -9.77
C ALA HA 90 3.32 47.67 -9.63
N LEU HA 91 3.57 48.66 -10.48
CA LEU HA 91 4.80 49.45 -10.47
C LEU HA 91 4.71 50.69 -9.61
N VAL HA 92 3.52 51.14 -9.26
CA VAL HA 92 3.41 52.39 -8.47
C VAL HA 92 2.94 52.27 -7.02
N GLU HA 93 2.34 51.11 -6.68
CA GLU HA 93 1.98 50.84 -5.32
C GLU HA 93 3.24 50.57 -4.53
N GLY HA 94 3.06 50.50 -3.23
CA GLY HA 94 4.12 50.20 -2.32
C GLY HA 94 5.19 51.29 -2.18
N GLY HA 95 4.92 52.48 -2.70
CA GLY HA 95 5.97 53.47 -2.83
C GLY HA 95 7.12 53.02 -3.72
N ASP HA 96 6.87 52.09 -4.65
CA ASP HA 96 7.94 51.46 -5.38
C ASP HA 96 8.64 52.38 -6.39
N ARG HA 97 7.99 53.47 -6.79
CA ARG HA 97 8.71 54.41 -7.65
C ARG HA 97 9.85 55.13 -6.90
N TYR HA 98 9.74 55.21 -5.56
CA TYR HA 98 10.81 55.83 -4.74
C TYR HA 98 11.84 54.80 -4.26
N ASN HA 99 11.39 53.57 -4.04
CA ASN HA 99 12.27 52.47 -3.64
C ASN HA 99 11.67 51.17 -4.09
N ASN HA 100 12.29 50.53 -5.08
CA ASN HA 100 11.71 49.29 -5.68
C ASN HA 100 12.40 48.02 -5.19
N GLY HA 101 13.14 48.12 -4.09
CA GLY HA 101 13.80 46.99 -3.52
C GLY HA 101 15.09 46.56 -4.20
N LEU HA 102 15.48 47.27 -5.24
CA LEU HA 102 16.79 47.05 -5.87
C LEU HA 102 17.79 48.10 -5.35
N TYR HA 103 18.90 47.56 -4.92
CA TYR HA 103 20.10 48.36 -4.64
C TYR HA 103 21.12 47.86 -5.65
N LYS HA 104 22.39 47.78 -5.29
CA LYS HA 104 23.37 47.16 -6.19
C LYS HA 104 23.17 45.62 -6.26
N ALA IA 1 50.64 41.71 -16.42
CA ALA IA 1 50.13 43.10 -16.41
C ALA IA 1 50.80 43.94 -15.30
N GLU IA 2 50.97 45.24 -15.55
CA GLU IA 2 51.63 46.17 -14.61
C GLU IA 2 50.77 47.38 -14.43
N LEU IA 3 51.06 48.13 -13.37
CA LEU IA 3 50.40 49.42 -13.16
C LEU IA 3 51.24 50.45 -13.91
N THR IA 4 51.03 50.63 -15.20
CA THR IA 4 51.95 51.41 -16.04
C THR IA 4 51.64 52.90 -15.94
N PRO IA 5 52.55 53.73 -16.43
CA PRO IA 5 52.23 55.16 -16.50
C PRO IA 5 50.94 55.48 -17.31
N GLU IA 6 50.69 54.71 -18.37
CA GLU IA 6 49.46 54.85 -19.16
C GLU IA 6 48.24 54.61 -18.28
N VAL IA 7 48.25 53.51 -17.51
CA VAL IA 7 47.14 53.25 -16.61
C VAL IA 7 46.95 54.44 -15.65
N LEU IA 8 48.06 54.98 -15.18
CA LEU IA 8 48.06 56.09 -14.20
C LEU IA 8 47.84 57.50 -14.80
N THR IA 9 47.54 57.58 -16.09
CA THR IA 9 47.31 58.86 -16.74
C THR IA 9 45.81 59.06 -16.80
N VAL IA 10 45.34 60.13 -16.16
CA VAL IA 10 43.91 60.39 -16.05
C VAL IA 10 43.60 61.83 -16.35
N PRO IA 11 42.35 62.14 -16.72
CA PRO IA 11 41.94 63.52 -17.00
C PRO IA 11 42.11 64.44 -15.81
N LEU IA 12 42.79 65.56 -16.02
CA LEU IA 12 42.94 66.59 -15.02
C LEU IA 12 41.73 67.50 -14.98
N ASN IA 13 41.20 67.86 -16.16
CA ASN IA 13 40.05 68.73 -16.24
C ASN IA 13 39.15 68.27 -17.37
N SER IA 14 38.07 69.03 -17.58
CA SER IA 14 37.09 68.73 -18.63
C SER IA 14 37.62 69.01 -20.03
N GLU IA 15 38.73 69.71 -20.15
CA GLU IA 15 39.19 70.32 -21.40
C GLU IA 15 40.27 69.52 -22.11
N GLY IA 16 40.40 68.22 -21.83
CA GLY IA 16 41.40 67.37 -22.49
C GLY IA 16 42.75 67.22 -21.79
N LYS IA 17 42.98 67.97 -20.71
CA LYS IA 17 44.29 67.89 -20.06
C LYS IA 17 44.37 66.61 -19.21
N THR IA 18 45.55 65.98 -19.13
CA THR IA 18 45.74 64.79 -18.28
C THR IA 18 46.87 65.03 -17.33
N ILE IA 19 46.90 64.23 -16.29
CA ILE IA 19 48.02 64.19 -15.39
C ILE IA 19 48.38 62.71 -15.29
N THR IA 20 49.68 62.44 -15.21
CA THR IA 20 50.20 61.12 -14.98
C THR IA 20 50.60 60.97 -13.54
N LEU IA 21 49.84 60.22 -12.79
CA LEU IA 21 50.11 60.03 -11.38
C LEU IA 21 51.33 59.10 -11.18
N THR IA 22 52.06 59.32 -10.11
CA THR IA 22 53.15 58.40 -9.74
C THR IA 22 52.56 57.18 -9.05
N GLU IA 23 53.30 56.08 -9.03
CA GLU IA 23 52.91 54.90 -8.25
C GLU IA 23 52.64 55.27 -6.77
N LYS IA 24 53.54 56.06 -6.17
CA LYS IA 24 53.38 56.56 -4.76
C LYS IA 24 52.10 57.33 -4.60
N GLN IA 25 51.79 58.19 -5.57
CA GLN IA 25 50.54 58.95 -5.52
C GLN IA 25 49.34 58.05 -5.49
N TYR IA 26 49.33 57.07 -6.39
CA TYR IA 26 48.23 56.11 -6.48
C TYR IA 26 48.08 55.40 -5.13
N LEU IA 27 49.18 54.88 -4.63
CA LEU IA 27 49.10 54.13 -3.37
C LEU IA 27 48.69 54.98 -2.18
N GLU IA 28 49.11 56.23 -2.15
CA GLU IA 28 48.63 57.14 -1.09
C GLU IA 28 47.15 57.46 -1.23
N GLY IA 29 46.70 57.63 -2.47
CA GLY IA 29 45.27 57.88 -2.69
C GLY IA 29 44.44 56.72 -2.20
N LYS IA 30 44.95 55.52 -2.42
CA LYS IA 30 44.25 54.28 -2.04
C LYS IA 30 44.15 54.20 -0.53
N ARG IA 31 45.26 54.49 0.11
CA ARG IA 31 45.31 54.49 1.57
C ARG IA 31 44.36 55.53 2.15
N LEU IA 32 44.41 56.73 1.58
CA LEU IA 32 43.52 57.81 2.04
C LEU IA 32 42.03 57.54 1.75
N PHE IA 33 41.74 56.96 0.59
CA PHE IA 33 40.38 56.55 0.26
C PHE IA 33 39.87 55.55 1.32
N GLN IA 34 40.69 54.54 1.57
CA GLN IA 34 40.36 53.55 2.64
C GLN IA 34 40.08 54.25 4.01
N TYR IA 35 41.01 55.13 4.40
CA TYR IA 35 40.96 55.89 5.62
C TYR IA 35 39.71 56.73 5.78
N ALA IA 36 39.41 57.53 4.74
CA ALA IA 36 38.39 58.57 4.86
C ALA IA 36 37.02 58.19 4.20
N CYS IA 37 37.00 57.25 3.24
CA CYS IA 37 35.85 57.07 2.32
C CYS IA 37 35.26 55.68 2.27
N ALA IA 38 36.06 54.67 2.52
CA ALA IA 38 35.67 53.31 2.20
C ALA IA 38 34.59 52.76 3.09
N SER IA 39 34.41 53.36 4.26
CA SER IA 39 33.34 52.98 5.13
C SER IA 39 31.99 53.09 4.42
N CYS IA 40 31.93 54.00 3.46
CA CYS IA 40 30.76 54.08 2.60
C CYS IA 40 30.94 53.61 1.14
N HIS IA 41 32.16 53.83 0.60
CA HIS IA 41 32.40 53.68 -0.80
C HIS IA 41 33.28 52.50 -1.15
N VAL IA 42 33.42 51.56 -0.24
CA VAL IA 42 34.15 50.33 -0.53
C VAL IA 42 33.86 49.78 -1.94
N GLY IA 43 34.91 49.54 -2.69
CA GLY IA 43 34.79 48.96 -4.05
C GLY IA 43 34.05 49.82 -5.07
N GLY IA 44 33.85 51.09 -4.79
CA GLY IA 44 33.26 51.99 -5.79
C GLY IA 44 31.75 52.19 -5.66
N ILE IA 45 31.07 51.54 -4.71
CA ILE IA 45 29.62 51.74 -4.55
C ILE IA 45 29.41 52.79 -3.48
N THR IA 46 28.16 52.99 -3.07
CA THR IA 46 27.85 53.93 -1.98
C THR IA 46 26.79 53.31 -1.02
N LYS IA 47 27.18 52.94 0.19
CA LYS IA 47 26.35 52.12 1.01
C LYS IA 47 25.12 52.84 1.49
N THR IA 48 25.25 54.15 1.72
CA THR IA 48 24.12 54.91 2.23
C THR IA 48 23.24 55.46 1.11
N ASN IA 49 23.67 55.30 -0.15
CA ASN IA 49 22.84 55.55 -1.34
C ASN IA 49 23.35 54.77 -2.55
N PRO IA 50 22.95 53.52 -2.64
CA PRO IA 50 23.48 52.64 -3.69
C PRO IA 50 23.16 53.07 -5.10
N SER IA 51 22.23 54.02 -5.24
CA SER IA 51 21.83 54.53 -6.59
C SER IA 51 22.97 55.28 -7.25
N LEU IA 52 23.88 55.84 -6.44
CA LEU IA 52 25.01 56.59 -6.96
C LEU IA 52 26.32 55.90 -6.66
N ASP IA 53 27.12 55.66 -7.71
CA ASP IA 53 28.39 55.00 -7.57
C ASP IA 53 29.52 55.90 -8.00
N LEU IA 54 30.74 55.36 -7.94
CA LEU IA 54 31.93 56.08 -8.34
C LEU IA 54 32.52 55.63 -9.68
N ARG IA 55 31.71 55.01 -10.52
CA ARG IA 55 32.13 54.63 -11.86
CA ARG IA 55 32.13 54.62 -11.84
C ARG IA 55 32.45 55.88 -12.64
N THR IA 56 33.44 55.77 -13.51
CA THR IA 56 33.85 56.94 -14.26
C THR IA 56 32.65 57.49 -15.10
N GLU IA 57 31.86 56.61 -15.72
CA GLU IA 57 30.75 57.02 -16.59
C GLU IA 57 29.68 57.78 -15.77
N THR IA 58 29.50 57.35 -14.53
CA THR IA 58 28.54 58.02 -13.62
C THR IA 58 29.07 59.41 -13.26
N LEU IA 59 30.35 59.46 -12.91
CA LEU IA 59 31.01 60.74 -12.59
C LEU IA 59 30.95 61.75 -13.75
N ALA IA 60 31.09 61.25 -14.97
CA ALA IA 60 31.06 62.09 -16.18
C ALA IA 60 29.70 62.77 -16.36
N LEU IA 61 28.62 62.09 -15.94
CA LEU IA 61 27.26 62.60 -16.06
C LEU IA 61 26.78 63.39 -14.86
N ALA IA 62 27.59 63.45 -13.79
CA ALA IA 62 27.30 64.37 -12.71
C ALA IA 62 27.44 65.80 -13.19
N THR IA 63 26.85 66.71 -12.41
CA THR IA 63 26.94 68.14 -12.62
C THR IA 63 27.46 68.81 -11.35
N PRO IA 64 28.54 69.61 -11.46
CA PRO IA 64 29.38 69.70 -12.63
C PRO IA 64 30.07 68.37 -12.84
N PRO IA 65 30.71 68.21 -13.98
CA PRO IA 65 31.36 66.93 -14.21
C PRO IA 65 32.36 66.58 -13.12
N ARG IA 66 32.37 65.30 -12.74
CA ARG IA 66 33.31 64.80 -11.73
C ARG IA 66 34.27 63.71 -12.21
N ASP IA 67 34.34 63.47 -13.53
CA ASP IA 67 35.23 62.44 -14.12
C ASP IA 67 36.64 62.93 -14.43
N ASN IA 68 37.11 63.83 -13.59
CA ASN IA 68 38.46 64.36 -13.71
C ASN IA 68 38.94 64.83 -12.35
N ILE IA 69 40.25 65.06 -12.26
CA ILE IA 69 40.92 65.37 -10.99
C ILE IA 69 40.31 66.59 -10.36
N GLU IA 70 40.20 67.65 -11.16
CA GLU IA 70 39.76 68.92 -10.61
C GLU IA 70 38.32 68.85 -10.11
N GLY IA 71 37.49 68.12 -10.84
CA GLY IA 71 36.11 67.93 -10.45
C GLY IA 71 35.98 67.15 -9.15
N LEU IA 72 36.78 66.11 -9.01
CA LEU IA 72 36.79 65.30 -7.76
C LEU IA 72 37.32 66.08 -6.57
N VAL IA 73 38.40 66.85 -6.79
CA VAL IA 73 38.97 67.68 -5.73
C VAL IA 73 37.93 68.71 -5.29
N ASP IA 74 37.25 69.34 -6.26
CA ASP IA 74 36.19 70.29 -5.89
C ASP IA 74 35.07 69.57 -5.11
N TYR IA 75 34.72 68.36 -5.52
CA TYR IA 75 33.70 67.59 -4.80
C TYR IA 75 34.09 67.36 -3.32
N MET IA 76 35.35 67.02 -3.09
CA MET IA 76 35.87 66.84 -1.74
C MET IA 76 35.98 68.11 -0.92
N LYS IA 77 35.95 69.27 -1.57
CA LYS IA 77 35.86 70.56 -0.87
C LYS IA 77 34.43 70.98 -0.62
N ASN IA 78 33.57 70.78 -1.63
CA ASN IA 78 32.23 71.36 -1.63
C ASN IA 78 31.24 70.45 -2.37
N PRO IA 79 30.89 69.33 -1.72
CA PRO IA 79 30.09 68.29 -2.38
C PRO IA 79 28.65 68.78 -2.72
N THR IA 80 28.14 68.31 -3.86
CA THR IA 80 26.77 68.62 -4.28
C THR IA 80 26.02 67.34 -4.60
N THR IA 81 24.69 67.49 -4.72
CA THR IA 81 23.84 66.46 -5.32
C THR IA 81 24.27 66.31 -6.78
N TYR IA 82 23.84 65.17 -7.36
CA TYR IA 82 24.22 64.70 -8.67
C TYR IA 82 23.90 65.72 -9.77
N ASP IA 83 22.84 66.52 -9.56
CA ASP IA 83 22.42 67.57 -10.49
C ASP IA 83 23.12 68.89 -10.22
N GLY IA 84 23.93 68.91 -9.17
CA GLY IA 84 24.68 70.11 -8.79
C GLY IA 84 23.82 71.11 -8.04
N GLU IA 85 22.58 70.80 -7.78
CA GLU IA 85 21.60 71.78 -7.30
C GLU IA 85 21.73 72.11 -5.80
N GLN IA 86 22.10 71.14 -4.94
CA GLN IA 86 22.24 71.42 -3.49
C GLN IA 86 23.64 71.06 -3.03
N GLU IA 87 24.18 71.86 -2.12
CA GLU IA 87 25.47 71.59 -1.50
C GLU IA 87 25.21 70.70 -0.29
N ILE IA 88 25.95 69.63 -0.13
CA ILE IA 88 25.62 68.58 0.91
C ILE IA 88 26.72 68.36 1.91
N ALA IA 89 27.59 69.36 2.08
CA ALA IA 89 28.70 69.26 3.08
C ALA IA 89 28.23 68.87 4.50
N GLU IA 90 27.05 69.35 4.91
CA GLU IA 90 26.48 68.95 6.19
C GLU IA 90 26.25 67.46 6.40
N VAL IA 91 26.16 66.71 5.33
CA VAL IA 91 25.99 65.26 5.43
C VAL IA 91 26.98 64.46 4.60
N HIS IA 92 27.96 65.08 3.97
CA HIS IA 92 28.98 64.34 3.23
C HIS IA 92 30.31 64.94 3.62
N PRO IA 93 31.29 64.08 3.90
CA PRO IA 93 32.66 64.49 4.18
C PRO IA 93 33.26 65.44 3.14
N SER IA 94 33.79 66.53 3.63
CA SER IA 94 34.39 67.54 2.79
C SER IA 94 35.33 68.42 3.64
N LEU IA 95 36.23 69.11 2.96
CA LEU IA 95 37.02 70.13 3.68
C LEU IA 95 36.13 71.16 4.31
N ARG IA 96 35.05 71.57 3.64
CA ARG IA 96 34.13 72.54 4.19
C ARG IA 96 33.46 72.05 5.47
N SER IA 97 33.25 70.73 5.56
CA SER IA 97 32.67 70.13 6.73
C SER IA 97 33.70 69.29 7.52
N ALA IA 98 34.98 69.67 7.53
CA ALA IA 98 35.96 68.91 8.31
C ALA IA 98 35.79 69.09 9.83
N ASP IA 99 35.06 70.14 10.25
CA ASP IA 99 34.67 70.30 11.67
C ASP IA 99 33.83 69.13 12.13
N ILE IA 100 32.89 68.68 11.33
CA ILE IA 100 31.96 67.60 11.73
C ILE IA 100 32.35 66.27 11.15
N PHE IA 101 33.24 66.25 10.17
CA PHE IA 101 33.82 65.00 9.63
C PHE IA 101 35.33 65.10 9.84
N PRO IA 102 35.81 64.78 11.06
CA PRO IA 102 37.20 65.09 11.42
C PRO IA 102 38.24 64.38 10.66
N LYS IA 103 37.94 63.30 9.97
CA LYS IA 103 38.98 62.67 9.20
C LYS IA 103 39.32 63.48 7.97
N MET IA 104 38.57 64.54 7.67
CA MET IA 104 38.95 65.47 6.57
C MET IA 104 39.89 66.60 6.98
N ARG IA 105 40.15 66.81 8.26
CA ARG IA 105 41.02 67.98 8.74
C ARG IA 105 42.44 67.71 8.27
N ASN IA 106 43.19 68.71 7.89
CA ASN IA 106 44.59 68.48 7.44
C ASN IA 106 44.75 67.60 6.21
N LEU IA 107 43.69 67.27 5.48
CA LEU IA 107 43.94 66.75 4.13
C LEU IA 107 44.44 67.97 3.34
N THR IA 108 45.52 67.74 2.62
CA THR IA 108 46.14 68.75 1.79
C THR IA 108 45.61 68.64 0.37
N GLU IA 109 45.95 69.63 -0.45
CA GLU IA 109 45.57 69.62 -1.86
C GLU IA 109 46.13 68.38 -2.55
N LYS IA 110 47.38 68.08 -2.24
CA LYS IA 110 48.00 66.83 -2.73
C LYS IA 110 47.26 65.59 -2.32
N ASP IA 111 46.79 65.55 -1.08
CA ASP IA 111 46.00 64.38 -0.61
C ASP IA 111 44.71 64.25 -1.43
N LEU IA 112 44.02 65.37 -1.69
CA LEU IA 112 42.79 65.31 -2.44
C LEU IA 112 43.04 64.84 -3.86
N VAL IA 113 44.13 65.32 -4.47
CA VAL IA 113 44.51 64.88 -5.79
C VAL IA 113 44.76 63.38 -5.82
N ALA IA 114 45.44 62.91 -4.78
CA ALA IA 114 45.77 61.50 -4.70
C ALA IA 114 44.49 60.62 -4.58
N ILE IA 115 43.54 61.04 -3.76
CA ILE IA 115 42.24 60.33 -3.65
C ILE IA 115 41.51 60.33 -4.99
N ALA IA 116 41.45 61.50 -5.62
CA ALA IA 116 40.81 61.67 -6.93
C ALA IA 116 41.46 60.71 -7.91
N GLY IA 117 42.78 60.67 -7.90
CA GLY IA 117 43.51 59.79 -8.81
C GLY IA 117 43.13 58.35 -8.58
N HIS IA 118 43.02 57.94 -7.30
CA HIS IA 118 42.60 56.57 -7.00
C HIS IA 118 41.25 56.23 -7.64
N ILE IA 119 40.32 57.14 -7.48
CA ILE IA 119 38.95 56.97 -7.94
C ILE IA 119 38.91 56.83 -9.45
N LEU IA 120 39.75 57.58 -10.18
CA LEU IA 120 39.81 57.41 -11.63
C LEU IA 120 40.62 56.21 -12.13
N VAL IA 121 41.65 55.79 -11.38
CA VAL IA 121 42.50 54.67 -11.83
C VAL IA 121 41.80 53.31 -11.56
N GLU IA 122 41.08 53.24 -10.44
CA GLU IA 122 40.63 51.94 -10.01
C GLU IA 122 39.77 51.17 -11.04
N PRO IA 123 38.80 51.81 -11.69
CA PRO IA 123 38.06 51.10 -12.74
C PRO IA 123 38.91 50.70 -13.94
N LYS IA 124 40.01 51.40 -14.20
CA LYS IA 124 40.88 51.06 -15.31
C LYS IA 124 41.60 49.71 -15.03
N ILE IA 125 41.76 49.43 -13.76
CA ILE IA 125 42.30 48.16 -13.29
C ILE IA 125 41.18 47.15 -13.14
N LEU IA 126 40.15 47.51 -12.40
CA LEU IA 126 39.14 46.52 -11.94
C LEU IA 126 37.91 46.37 -12.86
N GLY IA 127 37.70 47.26 -13.84
CA GLY IA 127 36.56 47.15 -14.70
C GLY IA 127 35.27 47.27 -13.91
N ASP IA 128 34.30 46.44 -14.27
CA ASP IA 128 32.97 46.45 -13.70
C ASP IA 128 32.94 46.21 -12.21
N LYS IA 129 34.00 45.59 -11.65
CA LYS IA 129 34.08 45.41 -10.20
C LYS IA 129 33.98 46.73 -9.47
N TRP IA 130 34.61 47.76 -10.03
CA TRP IA 130 34.53 49.11 -9.45
C TRP IA 130 33.14 49.67 -9.65
N GLY IA 131 32.42 49.91 -8.53
CA GLY IA 131 31.00 50.32 -8.55
C GLY IA 131 30.01 49.20 -8.88
N GLY IA 132 30.50 47.97 -9.08
CA GLY IA 132 29.64 46.82 -9.41
C GLY IA 132 28.82 46.23 -8.24
N GLY IA 133 29.35 46.36 -7.04
CA GLY IA 133 28.81 45.66 -5.87
C GLY IA 133 28.98 44.13 -5.90
N LYS IA 134 28.21 43.47 -5.04
CA LYS IA 134 28.42 42.02 -4.80
C LYS IA 134 28.32 41.14 -6.03
N VAL IA 135 27.49 41.52 -7.00
CA VAL IA 135 27.41 40.78 -8.24
C VAL IA 135 28.80 40.45 -8.78
N TYR IA 136 29.75 41.36 -8.69
CA TYR IA 136 31.02 41.16 -9.36
C TYR IA 136 32.14 40.77 -8.39
N TYR IA 137 31.84 40.48 -7.11
CA TYR IA 137 32.91 40.11 -6.15
C TYR IA 137 33.63 38.82 -6.57
N VAL JA 2 61.19 49.45 13.63
CA VAL JA 2 61.04 47.97 13.40
C VAL JA 2 62.27 47.21 13.88
N ILE JA 3 63.47 47.73 13.60
CA ILE JA 3 64.76 47.23 14.18
C ILE JA 3 64.80 47.44 15.71
N ALA JA 4 64.36 48.63 16.14
CA ALA JA 4 64.29 48.99 17.56
C ALA JA 4 63.33 48.05 18.23
N GLN JA 5 62.14 47.95 17.63
CA GLN JA 5 61.08 47.00 18.05
C GLN JA 5 61.58 45.54 18.20
N LEU JA 6 62.23 45.04 17.12
CA LEU JA 6 62.81 43.69 17.10
C LEU JA 6 63.93 43.59 18.13
N THR JA 7 64.75 44.64 18.29
CA THR JA 7 65.77 44.63 19.35
C THR JA 7 65.21 44.74 20.79
N MET JA 8 64.16 45.53 21.00
CA MET JA 8 63.57 45.64 22.31
C MET JA 8 63.08 44.26 22.66
N ILE JA 9 62.26 43.71 21.76
CA ILE JA 9 61.61 42.41 22.04
C ILE JA 9 62.63 41.26 22.16
N ALA JA 10 63.79 41.32 21.50
CA ALA JA 10 64.84 40.29 21.72
C ALA JA 10 65.49 40.39 23.12
N MET JA 11 65.67 41.62 23.63
CA MET JA 11 66.21 41.84 24.97
CA MET JA 11 66.22 41.83 24.98
C MET JA 11 65.21 41.43 26.05
N ILE JA 12 64.00 41.94 25.94
CA ILE JA 12 62.94 41.63 26.89
C ILE JA 12 62.69 40.12 26.86
N GLY JA 13 62.66 39.55 25.66
CA GLY JA 13 62.47 38.12 25.44
C GLY JA 13 63.52 37.23 26.07
N ILE JA 14 64.77 37.66 26.01
CA ILE JA 14 65.86 36.91 26.55
C ILE JA 14 65.89 37.04 28.08
N ALA JA 15 65.35 38.14 28.67
CA ALA JA 15 65.41 38.33 30.14
C ALA JA 15 64.93 37.15 31.01
N GLY JA 16 63.78 36.59 30.68
CA GLY JA 16 63.20 35.48 31.42
C GLY JA 16 64.10 34.24 31.42
N PRO JA 17 64.42 33.69 30.23
CA PRO JA 17 65.36 32.57 30.12
C PRO JA 17 66.75 32.82 30.69
N MET JA 18 67.20 34.08 30.69
CA MET JA 18 68.48 34.48 31.31
C MET JA 18 68.40 34.33 32.84
N ILE JA 19 67.26 34.66 33.47
CA ILE JA 19 67.13 34.50 34.91
C ILE JA 19 67.25 32.99 35.22
N ILE JA 20 66.54 32.16 34.46
CA ILE JA 20 66.56 30.71 34.72
C ILE JA 20 67.99 30.15 34.51
N PHE JA 21 68.63 30.58 33.43
CA PHE JA 21 69.96 30.14 33.13
C PHE JA 21 70.99 30.55 34.17
N LEU JA 22 70.89 31.80 34.65
CA LEU JA 22 71.79 32.30 35.70
C LEU JA 22 71.61 31.50 36.99
N LEU JA 23 70.38 31.29 37.42
CA LEU JA 23 70.16 30.49 38.60
C LEU JA 23 70.60 29.04 38.45
N ALA JA 24 70.43 28.47 37.26
CA ALA JA 24 70.83 27.06 37.01
C ALA JA 24 72.33 26.92 37.18
N VAL JA 25 73.04 27.88 36.62
CA VAL JA 25 74.48 27.88 36.69
C VAL JA 25 74.93 28.03 38.14
N ARG JA 26 74.23 28.86 38.91
CA ARG JA 26 74.59 29.19 40.30
C ARG JA 26 73.96 28.24 41.34
N ARG JA 27 73.35 27.14 40.88
CA ARG JA 27 72.61 26.20 41.75
C ARG JA 27 71.67 26.93 42.72
N GLY JA 28 70.95 27.89 42.20
CA GLY JA 28 70.00 28.68 42.99
C GLY JA 28 68.72 27.88 43.20
N ASN JA 29 67.83 28.52 43.94
CA ASN JA 29 66.64 27.88 44.46
C ASN JA 29 65.54 27.84 43.39
N LEU JA 30 65.81 27.16 42.25
CA LEU JA 30 64.78 26.93 41.19
C LEU JA 30 63.73 25.94 41.64
N MET KA 1 55.72 1.33 -38.38
CA MET KA 1 56.69 0.87 -37.34
C MET KA 1 56.04 0.07 -36.18
N THR KA 2 54.90 0.50 -35.57
CA THR KA 2 54.24 1.83 -35.70
C THR KA 2 54.07 2.44 -34.29
N ILE KA 3 55.13 3.10 -33.83
CA ILE KA 3 55.24 3.51 -32.43
C ILE KA 3 54.81 4.97 -32.31
N THR KA 4 53.61 5.20 -31.79
CA THR KA 4 53.11 6.55 -31.59
C THR KA 4 53.90 7.21 -30.46
N PRO KA 5 53.87 8.57 -30.41
CA PRO KA 5 54.46 9.22 -29.23
C PRO KA 5 53.97 8.61 -27.90
N SER KA 6 52.68 8.32 -27.77
CA SER KA 6 52.17 7.87 -26.45
C SER KA 6 52.56 6.42 -26.13
N LEU KA 7 52.79 5.62 -27.16
CA LEU KA 7 53.36 4.29 -27.00
C LEU KA 7 54.84 4.35 -26.56
N LYS KA 8 55.60 5.27 -27.13
CA LYS KA 8 56.94 5.47 -26.65
C LYS KA 8 56.86 5.95 -25.18
N GLY KA 9 55.91 6.85 -24.90
CA GLY KA 9 55.70 7.30 -23.52
C GLY KA 9 55.37 6.15 -22.59
N PHE KA 10 54.54 5.22 -23.06
CA PHE KA 10 54.20 4.01 -22.30
C PHE KA 10 55.43 3.18 -21.95
N PHE KA 11 56.28 2.92 -22.95
CA PHE KA 11 57.54 2.22 -22.71
C PHE KA 11 58.44 3.00 -21.75
N ILE KA 12 58.46 4.32 -21.85
CA ILE KA 12 59.27 5.09 -20.94
C ILE KA 12 58.76 4.91 -19.51
N GLY KA 13 57.47 5.03 -19.34
CA GLY KA 13 56.85 4.73 -18.06
C GLY KA 13 57.11 3.32 -17.53
N LEU KA 14 57.03 2.35 -18.41
CA LEU KA 14 57.20 0.98 -18.00
C LEU KA 14 58.64 0.72 -17.56
N LEU KA 15 59.60 1.17 -18.37
CA LEU KA 15 60.98 1.03 -18.02
C LEU KA 15 61.32 1.78 -16.73
N SER KA 16 60.75 2.97 -16.56
CA SER KA 16 60.97 3.74 -15.35
C SER KA 16 60.55 2.98 -14.10
N GLY KA 17 59.34 2.48 -14.12
CA GLY KA 17 58.85 1.71 -13.01
C GLY KA 17 59.63 0.45 -12.76
N ALA KA 18 60.07 -0.20 -13.85
CA ALA KA 18 60.87 -1.41 -13.67
C ALA KA 18 62.22 -1.03 -13.00
N VAL KA 19 62.81 0.09 -13.40
CA VAL KA 19 64.04 0.55 -12.81
C VAL KA 19 63.84 0.88 -11.31
N VAL KA 20 62.82 1.68 -11.01
CA VAL KA 20 62.55 1.97 -9.61
C VAL KA 20 62.40 0.69 -8.76
N LEU KA 21 61.60 -0.26 -9.25
CA LEU KA 21 61.37 -1.46 -8.47
C LEU KA 21 62.61 -2.31 -8.38
N GLY KA 22 63.33 -2.41 -9.49
CA GLY KA 22 64.55 -3.23 -9.57
C GLY KA 22 65.63 -2.70 -8.66
N LEU KA 23 65.81 -1.36 -8.68
CA LEU KA 23 66.80 -0.70 -7.82
C LEU KA 23 66.42 -0.93 -6.36
N THR KA 24 65.14 -0.73 -6.03
CA THR KA 24 64.63 -0.88 -4.67
C THR KA 24 64.89 -2.31 -4.16
N PHE KA 25 64.54 -3.31 -4.97
CA PHE KA 25 64.79 -4.67 -4.52
C PHE KA 25 66.27 -5.02 -4.51
N ALA KA 26 67.03 -4.55 -5.49
CA ALA KA 26 68.49 -4.80 -5.49
C ALA KA 26 69.11 -4.30 -4.20
N VAL KA 27 68.70 -3.11 -3.76
CA VAL KA 27 69.31 -2.51 -2.55
C VAL KA 27 68.86 -3.27 -1.29
N LEU KA 28 67.57 -3.53 -1.20
CA LEU KA 28 67.07 -4.23 -0.02
C LEU KA 28 67.67 -5.61 0.08
N ILE KA 29 67.77 -6.30 -1.05
CA ILE KA 29 68.42 -7.62 -1.04
C ILE KA 29 69.83 -7.43 -0.57
N ALA KA 30 70.51 -6.47 -1.18
CA ALA KA 30 71.94 -6.25 -0.82
C ALA KA 30 72.11 -5.97 0.68
N ILE KA 31 71.26 -5.08 1.20
CA ILE KA 31 71.33 -4.71 2.62
C ILE KA 31 71.06 -5.92 3.51
N SER KA 32 69.98 -6.62 3.20
CA SER KA 32 69.55 -7.79 3.95
C SER KA 32 70.66 -8.85 4.03
N GLN KA 33 71.45 -8.96 2.95
CA GLN KA 33 72.54 -9.95 2.86
C GLN KA 33 73.74 -9.55 3.71
N ILE KA 34 73.97 -8.25 3.85
CA ILE KA 34 75.04 -7.74 4.69
C ILE KA 34 74.76 -7.88 6.18
N ASP KA 35 73.57 -7.47 6.57
CA ASP KA 35 73.18 -7.11 7.92
C ASP KA 35 72.17 -8.17 8.43
N LYS KA 36 72.71 -9.38 8.75
CA LYS KA 36 71.84 -10.55 9.08
C LYS KA 36 71.50 -10.81 10.62
N VAL KA 37 70.25 -11.26 10.90
CA VAL KA 37 69.82 -11.71 12.26
C VAL KA 37 70.68 -12.92 12.60
N GLN KA 38 71.37 -12.88 13.75
CA GLN KA 38 72.15 -14.03 14.22
C GLN KA 38 71.19 -14.98 14.99
N ARG KA 39 70.90 -16.15 14.42
CA ARG KA 39 70.23 -17.22 15.15
C ARG KA 39 71.26 -18.19 15.73
N SER KA 40 70.83 -18.84 16.81
CA SER KA 40 71.62 -19.75 17.66
C SER KA 40 72.55 -20.74 16.93
N MET LA 1 66.56 70.82 30.17
CA MET LA 1 65.49 69.99 30.78
C MET LA 1 65.09 68.81 29.89
N THR LA 2 65.26 68.89 28.57
CA THR LA 2 65.26 67.68 27.70
C THR LA 2 66.52 66.78 27.91
N ILE LA 3 67.71 67.40 28.16
CA ILE LA 3 68.93 66.66 28.49
C ILE LA 3 68.65 65.81 29.74
N LEU LA 4 68.17 66.45 30.82
CA LEU LA 4 67.95 65.75 32.08
C LEU LA 4 66.86 64.67 31.89
N PHE LA 5 65.69 65.15 31.46
CA PHE LA 5 64.50 64.34 31.38
C PHE LA 5 64.68 63.03 30.57
N GLN LA 6 65.17 63.17 29.33
CA GLN LA 6 65.15 62.05 28.35
C GLN LA 6 66.15 60.92 28.73
N LEU LA 7 67.28 61.33 29.33
CA LEU LA 7 68.26 60.41 29.86
C LEU LA 7 67.84 59.85 31.24
N ALA LA 8 67.22 60.68 32.09
CA ALA LA 8 66.71 60.20 33.40
C ALA LA 8 65.73 59.07 33.22
N LEU LA 9 64.92 59.20 32.18
CA LEU LA 9 63.98 58.16 31.77
C LEU LA 9 64.72 56.94 31.21
N ALA LA 10 65.71 57.16 30.33
CA ALA LA 10 66.53 56.07 29.82
C ALA LA 10 67.28 55.36 30.98
N ALA LA 11 67.66 56.15 32.00
CA ALA LA 11 68.26 55.61 33.21
C ALA LA 11 67.26 54.74 33.96
N LEU LA 12 66.05 55.26 34.17
CA LEU LA 12 64.98 54.48 34.81
C LEU LA 12 64.67 53.20 34.03
N VAL LA 13 64.65 53.26 32.71
CA VAL LA 13 64.46 52.08 31.86
C VAL LA 13 65.60 51.04 32.02
N ILE LA 14 66.84 51.52 32.02
CA ILE LA 14 68.03 50.66 32.17
C ILE LA 14 68.07 50.05 33.56
N LEU LA 15 67.89 50.86 34.60
CA LEU LA 15 67.81 50.37 35.96
C LEU LA 15 66.71 49.33 36.11
N SER LA 16 65.50 49.64 35.59
CA SER LA 16 64.38 48.72 35.58
C SER LA 16 64.81 47.39 35.00
N PHE LA 17 65.48 47.36 33.84
CA PHE LA 17 65.91 46.08 33.18
C PHE LA 17 66.92 45.32 34.04
N VAL LA 18 67.81 46.05 34.70
CA VAL LA 18 68.75 45.48 35.68
C VAL LA 18 68.06 44.85 36.91
N MET LA 19 67.03 45.50 37.43
CA MET LA 19 66.26 44.99 38.59
C MET LA 19 65.42 43.75 38.22
N VAL LA 20 64.81 43.79 37.04
CA VAL LA 20 64.01 42.68 36.52
C VAL LA 20 64.82 41.37 36.48
N ILE LA 21 66.07 41.45 36.05
CA ILE LA 21 66.92 40.28 36.06
C ILE LA 21 67.50 40.02 37.44
N GLY LA 22 68.06 41.07 38.05
CA GLY LA 22 68.89 40.90 39.25
C GLY LA 22 68.12 40.50 40.50
N VAL LA 23 66.90 41.04 40.64
CA VAL LA 23 66.15 40.80 41.88
C VAL LA 23 65.77 39.31 42.08
N PRO LA 24 65.12 38.67 41.07
CA PRO LA 24 64.80 37.24 41.29
C PRO LA 24 66.06 36.39 41.43
N VAL LA 25 67.09 36.70 40.64
CA VAL LA 25 68.34 35.96 40.75
C VAL LA 25 68.91 36.11 42.14
N ALA LA 26 68.89 37.34 42.67
CA ALA LA 26 69.39 37.57 44.03
C ALA LA 26 68.58 36.77 45.03
N TYR LA 27 67.29 36.88 44.92
CA TYR LA 27 66.40 36.25 45.88
C TYR LA 27 66.57 34.74 45.86
N ALA LA 28 66.92 34.13 44.74
CA ALA LA 28 67.04 32.67 44.67
C ALA LA 28 68.48 32.15 44.75
N SER LA 29 69.46 33.03 44.95
CA SER LA 29 70.85 32.66 45.00
C SER LA 29 71.24 32.31 46.43
N PRO LA 30 72.01 31.22 46.58
CA PRO LA 30 72.43 30.81 47.91
C PRO LA 30 73.42 31.81 48.54
N GLN LA 31 74.44 32.19 47.79
CA GLN LA 31 75.50 33.05 48.31
C GLN LA 31 75.09 34.54 48.37
N ASP LA 32 75.85 35.28 49.16
CA ASP LA 32 75.93 36.75 49.10
C ASP LA 32 74.63 37.50 49.32
N TRP LA 33 73.70 36.89 50.05
CA TRP LA 33 72.41 37.52 50.36
C TRP LA 33 72.57 38.88 51.08
N ASP LA 34 73.55 39.00 51.97
CA ASP LA 34 73.80 40.27 52.70
C ASP LA 34 74.11 41.50 51.78
N ARG LA 35 74.96 41.24 50.75
CA ARG LA 35 75.32 42.24 49.75
C ARG LA 35 74.10 42.51 48.91
N SER LA 36 73.61 41.43 48.28
CA SER LA 36 72.46 41.51 47.39
C SER LA 36 71.34 42.23 48.05
N LYS LA 37 70.98 41.83 49.27
CA LYS LA 37 69.91 42.52 49.97
C LYS LA 37 70.14 44.04 49.94
N GLN LA 38 71.38 44.47 50.24
CA GLN LA 38 71.69 45.90 50.27
C GLN LA 38 71.59 46.56 48.88
N LEU LA 39 72.13 45.89 47.87
CA LEU LA 39 71.97 46.33 46.46
C LEU LA 39 70.51 46.44 46.00
N ILE LA 40 69.65 45.54 46.47
CA ILE LA 40 68.23 45.58 46.12
C ILE LA 40 67.59 46.77 46.80
N PHE LA 41 67.91 47.02 48.07
CA PHE LA 41 67.50 48.29 48.70
C PHE LA 41 68.01 49.48 47.87
N LEU LA 42 69.28 49.48 47.48
CA LEU LA 42 69.85 50.63 46.72
C LEU LA 42 69.18 50.82 45.36
N GLY LA 43 69.07 49.74 44.61
CA GLY LA 43 68.30 49.77 43.41
C GLY LA 43 66.86 50.24 43.59
N SER LA 44 66.19 49.79 44.65
CA SER LA 44 64.78 50.11 44.91
C SER LA 44 64.54 51.58 45.26
N GLY LA 45 65.42 52.16 46.04
CA GLY LA 45 65.32 53.57 46.41
C GLY LA 45 65.63 54.47 45.23
N LEU LA 46 66.60 54.04 44.41
CA LEU LA 46 66.99 54.77 43.19
C LEU LA 46 65.85 54.76 42.19
N TRP LA 47 65.30 53.58 41.98
CA TRP LA 47 64.16 53.45 41.08
C TRP LA 47 63.03 54.39 41.49
N ILE LA 48 62.65 54.39 42.76
CA ILE LA 48 61.60 55.29 43.24
C ILE LA 48 61.91 56.77 42.95
N ALA LA 49 63.18 57.16 43.21
CA ALA LA 49 63.65 58.51 43.00
C ALA LA 49 63.47 58.94 41.55
N LEU LA 50 63.95 58.08 40.67
CA LEU LA 50 63.92 58.31 39.25
C LEU LA 50 62.52 58.43 38.74
N VAL LA 51 61.59 57.68 39.33
CA VAL LA 51 60.19 57.81 38.96
C VAL LA 51 59.68 59.21 39.32
N LEU LA 52 59.99 59.67 40.51
CA LEU LA 52 59.55 61.00 40.95
C LEU LA 52 60.21 62.09 40.10
N VAL LA 53 61.49 61.89 39.78
CA VAL LA 53 62.24 62.79 38.90
C VAL LA 53 61.64 62.93 37.51
N VAL LA 54 61.44 61.79 36.86
CA VAL LA 54 60.79 61.78 35.56
C VAL LA 54 59.40 62.45 35.69
N GLY LA 55 58.64 62.12 36.74
CA GLY LA 55 57.29 62.66 36.93
C GLY LA 55 57.28 64.16 37.08
N VAL LA 56 58.23 64.69 37.82
CA VAL LA 56 58.36 66.14 37.93
C VAL LA 56 58.85 66.73 36.63
N LEU LA 57 59.93 66.17 36.07
CA LEU LA 57 60.55 66.73 34.84
C LEU LA 57 59.63 66.66 33.62
N ASN LA 58 58.70 65.69 33.65
CA ASN LA 58 57.61 65.60 32.68
C ASN LA 58 57.05 66.98 32.36
N PHE LA 59 56.74 67.72 33.41
CA PHE LA 59 56.02 68.99 33.27
C PHE LA 59 56.92 70.12 32.79
N PHE LA 60 58.23 69.93 32.76
CA PHE LA 60 59.14 70.91 32.16
C PHE LA 60 59.34 70.70 30.65
N VAL LA 61 58.94 69.56 30.12
CA VAL LA 61 59.18 69.19 28.72
C VAL LA 61 57.86 69.00 27.89
N VAL LA 62 56.78 68.55 28.55
CA VAL LA 62 55.37 68.49 28.04
C VAL LA 62 54.60 69.76 28.50
O1 OEX MA . -29.11 -23.30 -23.48
CA1 OEX MA . -27.14 -24.32 -23.07
MN1 OEX MA . -29.24 -21.55 -22.80
O2 OEX MA . -26.97 -22.99 -25.20
MN2 OEX MA . -28.91 -22.67 -25.38
O3 OEX MA . -28.49 -20.99 -24.50
MN3 OEX MA . -26.47 -21.30 -24.54
O4 OEX MA . -24.68 -21.74 -24.59
MN4 OEX MA . -24.29 -21.84 -22.63
O5 OEX MA . -26.66 -22.02 -22.35
FE FE2 NA . -14.52 -42.60 13.52
CL CL OA . -24.78 -16.10 -19.23
CL CL PA . -30.66 -19.45 -31.75
C BCT QA . -13.27 -44.12 15.10
O1 BCT QA . -12.44 -44.82 15.88
O2 BCT QA . -14.52 -43.74 15.37
O3 BCT QA . -12.75 -43.75 13.99
MG CLA RA . -26.84 -27.19 -5.97
CHA CLA RA . -24.58 -29.23 -7.59
CHB CLA RA . -25.82 -28.62 -3.05
CHC CLA RA . -28.30 -24.63 -4.30
CHD CLA RA . -27.55 -25.55 -9.01
NA CLA RA . -25.56 -28.69 -5.43
C1A CLA RA . -24.67 -29.33 -6.17
C2A CLA RA . -23.70 -30.24 -5.44
C3A CLA RA . -24.44 -30.33 -4.14
C4A CLA RA . -25.32 -29.11 -4.21
CMA CLA RA . -25.35 -31.55 -3.98
CAA CLA RA . -22.32 -29.60 -5.31
CBA CLA RA . -21.25 -30.44 -4.68
CGA CLA RA . -20.79 -31.48 -5.62
O1A CLA RA . -20.97 -31.52 -6.81
O2A CLA RA . -20.05 -32.47 -5.04
NB CLA RA . -27.09 -26.77 -4.02
C1B CLA RA . -26.61 -27.40 -2.92
C2B CLA RA . -27.03 -26.81 -1.63
C3B CLA RA . -27.72 -25.61 -2.02
C4B CLA RA . -27.67 -25.64 -3.48
CMB CLA RA . -26.73 -27.37 -0.30
CAB CLA RA . -28.37 -24.57 -1.21
CBB CLA RA . -28.25 -24.50 0.08
NC CLA RA . -27.77 -25.44 -6.56
C1C CLA RA . -28.28 -24.49 -5.74
C2C CLA RA . -28.94 -23.37 -6.41
C3C CLA RA . -28.73 -23.64 -7.83
C4C CLA RA . -27.98 -24.89 -7.80
CMC CLA RA . -29.66 -22.21 -5.79
CAC CLA RA . -29.17 -22.79 -9.00
CBC CLA RA . -28.46 -21.47 -8.89
ND CLA RA . -26.30 -27.40 -7.89
C1D CLA RA . -26.63 -26.63 -9.02
C2D CLA RA . -25.93 -27.13 -10.24
C3D CLA RA . -25.09 -28.18 -9.66
C4D CLA RA . -25.29 -28.17 -8.30
CMD CLA RA . -26.08 -26.72 -11.65
CAD CLA RA . -24.06 -29.18 -9.90
OBD CLA RA . -23.54 -29.47 -11.07
CBD CLA RA . -23.71 -29.89 -8.55
CGD CLA RA . -23.92 -31.35 -8.73
O1D CLA RA . -24.91 -31.95 -8.41
O2D CLA RA . -22.88 -32.01 -9.44
CED CLA RA . -22.98 -33.41 -9.69
C1 CLA RA . -19.44 -33.46 -5.90
C2 CLA RA . -17.95 -33.19 -5.92
C3 CLA RA . -17.21 -32.58 -6.90
C4 CLA RA . -17.82 -32.00 -8.11
C5 CLA RA . -15.72 -32.48 -6.68
C6 CLA RA . -14.92 -33.25 -7.73
C7 CLA RA . -13.47 -33.26 -7.31
C8 CLA RA . -12.51 -33.88 -8.34
C9 CLA RA . -12.82 -35.33 -8.56
C10 CLA RA . -11.08 -33.72 -7.84
C11 CLA RA . -10.60 -32.27 -7.92
C12 CLA RA . -9.16 -32.07 -7.50
C13 CLA RA . -8.85 -30.56 -7.35
C14 CLA RA . -8.74 -29.87 -8.70
C15 CLA RA . -7.51 -30.34 -6.69
C16 CLA RA . -7.55 -30.58 -5.20
C17 CLA RA . -6.47 -29.78 -4.51
C18 CLA RA . -5.43 -30.54 -3.89
C19 CLA RA . -4.24 -29.68 -3.65
C20 CLA RA . -5.05 -31.71 -4.73
MG CLA SA . -34.06 -27.44 3.81
CHA CLA SA . -33.96 -29.93 1.41
CHB CLA SA . -35.76 -29.49 5.84
CHC CLA SA . -33.84 -25.05 6.29
CHD CLA SA . -31.98 -25.41 1.86
NA CLA SA . -34.76 -29.38 3.67
C1A CLA SA . -34.57 -30.23 2.71
C2A CLA SA . -35.01 -31.67 3.04
C3A CLA SA . -35.88 -31.39 4.27
C4A CLA SA . -35.43 -30.00 4.64
CMA CLA SA . -37.37 -31.42 3.94
CAA CLA SA . -33.87 -32.57 3.37
CBA CLA SA . -32.88 -32.04 4.42
CGA CLA SA . -31.77 -32.99 4.75
O1A CLA SA . -31.56 -34.09 4.30
O2A CLA SA . -30.89 -32.45 5.68
NB CLA SA . -34.71 -27.29 5.67
C1B CLA SA . -35.37 -28.23 6.39
C2B CLA SA . -35.80 -27.83 7.76
C3B CLA SA . -35.23 -26.55 7.83
C4B CLA SA . -34.55 -26.32 6.55
CMB CLA SA . -36.56 -28.64 8.79
CAB CLA SA . -35.18 -25.51 8.87
CBB CLA SA . -35.77 -25.57 9.91
NC CLA SA . -33.13 -25.64 4.00
C1C CLA SA . -33.13 -24.82 5.05
C2C CLA SA . -32.35 -23.60 4.91
C3C CLA SA . -31.83 -23.69 3.59
C4C CLA SA . -32.32 -24.96 3.15
CMC CLA SA . -32.19 -22.44 5.86
CAC CLA SA . -30.97 -22.64 2.92
CBC CLA SA . -31.84 -21.48 2.52
ND CLA SA . -33.17 -27.67 2.01
C1D CLA SA . -32.41 -26.69 1.26
C2D CLA SA . -32.17 -27.15 -0.12
C3D CLA SA . -32.82 -28.46 -0.08
C4D CLA SA . -33.34 -28.64 1.17
CMD CLA SA . -31.48 -26.57 -1.29
CAD CLA SA . -33.21 -29.66 -0.83
OBD CLA SA . -32.95 -29.90 -2.06
CBD CLA SA . -33.93 -30.63 0.08
CGD CLA SA . -35.30 -30.83 -0.43
O1D CLA SA . -36.06 -29.90 -0.64
O2D CLA SA . -35.75 -32.17 -0.59
CED CLA SA . -37.09 -32.38 -1.09
C1 CLA SA . -29.84 -33.25 6.22
C2 CLA SA . -30.44 -33.94 7.41
C3 CLA SA . -30.56 -35.22 7.66
C4 CLA SA . -30.13 -36.22 6.66
C5 CLA SA . -31.17 -35.60 9.00
C6 CLA SA . -32.64 -36.11 8.88
C7 CLA SA . -33.61 -34.96 8.47
C8 CLA SA . -35.07 -35.36 8.30
C9 CLA SA . -35.83 -34.44 7.34
C10 CLA SA . -35.70 -35.48 9.70
C11 CLA SA . -37.03 -36.29 9.75
C12 CLA SA . -37.59 -36.43 11.18
C13 CLA SA . -39.06 -36.90 11.40
C14 CLA SA . -39.99 -36.91 10.19
C15 CLA SA . -39.75 -36.14 12.55
CHA PHO TA . -11.12 -36.87 -2.51
CHB PHO TA . -11.85 -32.33 -3.95
CHC PHO TA . -16.53 -32.77 -2.64
CHD PHO TA . -15.79 -37.30 -1.10
NA PHO TA . -11.71 -34.54 -3.04
C1A PHO TA . -10.80 -35.54 -3.00
C2A PHO TA . -9.44 -35.11 -3.47
C3A PHO TA . -9.66 -33.57 -3.58
C4A PHO TA . -11.15 -33.48 -3.53
CMA PHO TA . -9.04 -32.80 -2.41
CAA PHO TA . -9.07 -35.76 -4.77
CBA PHO TA . -7.62 -35.43 -5.05
CGA PHO TA . -7.24 -35.64 -6.47
O1A PHO TA . -7.96 -36.04 -7.34
O2A PHO TA . -5.86 -35.37 -6.74
NB PHO TA . -14.13 -32.82 -3.17
C1B PHO TA . -13.26 -31.99 -3.76
C2B PHO TA . -13.84 -30.73 -4.20
C3B PHO TA . -15.25 -30.88 -3.80
C4B PHO TA . -15.31 -32.19 -3.19
CMB PHO TA . -13.16 -29.60 -4.88
CAB PHO TA . -16.41 -29.96 -4.01
CBB PHO TA . -16.37 -28.90 -4.79
NC PHO TA . -15.72 -35.03 -2.03
C1C PHO TA . -16.68 -34.11 -2.05
C2C PHO TA . -18.00 -34.49 -1.55
C3C PHO TA . -17.81 -35.83 -1.09
C4C PHO TA . -16.42 -36.03 -1.43
CMC PHO TA . -19.24 -33.66 -1.48
CAC PHO TA . -18.82 -36.80 -0.44
CBC PHO TA . -19.17 -37.89 -1.39
ND PHO TA . -13.63 -36.67 -1.92
C1D PHO TA . -14.44 -37.61 -1.38
C2D PHO TA . -13.81 -38.90 -1.17
C3D PHO TA . -12.46 -38.61 -1.61
C4D PHO TA . -12.43 -37.29 -2.02
CMD PHO TA . -14.29 -40.20 -0.57
CAD PHO TA . -11.11 -39.13 -1.85
OBD PHO TA . -10.71 -40.33 -1.68
CBD PHO TA . -10.23 -38.07 -2.43
CGD PHO TA . -9.01 -37.87 -1.62
O1D PHO TA . -7.90 -38.33 -1.94
O2D PHO TA . -9.17 -37.12 -0.44
CED PHO TA . -8.04 -36.95 0.46
C1 PHO TA . -5.43 -35.42 -8.09
C2 PHO TA . -5.45 -34.05 -8.70
C3 PHO TA . -4.50 -33.14 -8.40
C4 PHO TA . -3.42 -33.42 -7.42
C5 PHO TA . -4.50 -31.73 -8.97
C6 PHO TA . -5.47 -31.52 -10.10
C7 PHO TA . -5.43 -30.06 -10.61
C8 PHO TA . -6.29 -29.82 -11.83
C9 PHO TA . -5.60 -30.44 -13.09
C10 PHO TA . -6.53 -28.27 -11.93
C11 PHO TA . -7.27 -27.87 -13.19
C12 PHO TA . -8.65 -28.56 -13.38
C13 PHO TA . -9.64 -28.40 -12.25
C14 PHO TA . -10.88 -29.31 -12.45
C15 PHO TA . -10.06 -26.91 -12.20
C16 PHO TA . -11.01 -26.59 -11.09
C17 PHO TA . -11.41 -25.14 -11.08
C18 PHO TA . -12.37 -24.89 -9.97
C19 PHO TA . -13.73 -25.34 -10.40
C20 PHO TA . -12.45 -23.42 -9.62
MG CLA UA . -1.40 -35.21 -23.61
CHA CLA UA . -3.55 -33.77 -25.96
CHB CLA UA . -3.54 -37.80 -23.37
CHC CLA UA . 0.99 -36.86 -21.69
CHD CLA UA . 1.01 -32.71 -24.29
NA CLA UA . -3.19 -35.67 -24.38
C1A CLA UA . -3.89 -35.06 -25.32
C2A CLA UA . -5.19 -35.77 -25.72
C3A CLA UA . -5.34 -36.70 -24.58
C4A CLA UA . -3.93 -36.76 -24.06
CMA CLA UA . -6.22 -36.18 -23.42
CAA CLA UA . -5.04 -36.44 -27.09
CBA CLA UA . -3.98 -37.50 -27.22
CGA CLA UA . -4.04 -38.09 -28.60
O1A CLA UA . -4.60 -37.63 -29.54
O2A CLA UA . -3.34 -39.29 -28.81
NB CLA UA . -1.33 -36.97 -22.61
C1B CLA UA . -2.24 -37.96 -22.65
C2B CLA UA . -1.87 -39.20 -21.90
C3B CLA UA . -0.56 -38.90 -21.45
C4B CLA UA . -0.29 -37.53 -21.98
CMB CLA UA . -2.66 -40.42 -21.67
CAB CLA UA . 0.36 -39.64 -20.56
CBB CLA UA . 0.08 -40.72 -19.85
NC CLA UA . 0.54 -34.84 -23.03
C1C CLA UA . 1.40 -35.60 -22.30
C2C CLA UA . 2.74 -35.05 -22.05
C3C CLA UA . 2.73 -33.85 -22.84
C4C CLA UA . 1.39 -33.82 -23.42
CMC CLA UA . 3.88 -35.64 -21.24
CAC CLA UA . 3.84 -32.86 -23.04
CBC CLA UA . 4.66 -33.28 -24.30
ND CLA UA . -1.32 -33.60 -24.81
C1D CLA UA . -0.25 -32.65 -24.99
C2D CLA UA . -0.69 -31.55 -25.84
C3D CLA UA . -2.04 -31.98 -26.26
C4D CLA UA . -2.26 -33.20 -25.69
CMD CLA UA . 0.01 -30.28 -26.29
CAD CLA UA . -3.28 -31.73 -27.02
OBD CLA UA . -3.43 -30.67 -27.69
CBD CLA UA . -4.27 -32.84 -26.84
CGD CLA UA . -5.48 -32.27 -26.15
O1D CLA UA . -5.55 -32.12 -24.94
O2D CLA UA . -6.55 -31.93 -26.94
CED CLA UA . -7.71 -31.25 -26.49
C1 CLA UA . -4.05 -40.33 -29.44
C2 CLA UA . -3.11 -41.48 -29.57
C3 CLA UA . -3.50 -42.78 -29.65
C4 CLA UA . -4.99 -43.17 -29.64
C5 CLA UA . -2.43 -43.86 -29.78
C6 CLA UA . -2.55 -44.99 -28.74
C7 CLA UA . -2.01 -46.35 -29.21
C8 CLA UA . -2.40 -47.51 -28.26
C9 CLA UA . -1.33 -48.60 -28.31
C10 CLA UA . -3.82 -48.04 -28.57
C11 CLA UA . -4.89 -48.12 -27.45
C12 CLA UA . -6.05 -47.12 -27.62
C13 CLA UA . -7.24 -47.27 -26.65
C14 CLA UA . -8.53 -46.51 -27.09
C15 CLA UA . -6.79 -46.79 -25.28
C16 CLA UA . -7.45 -47.57 -24.15
C17 CLA UA . -6.59 -48.68 -23.56
C18 CLA UA . -7.31 -49.25 -22.33
C19 CLA UA . -6.34 -49.47 -21.22
C20 CLA UA . -8.09 -50.52 -22.65
C1 BCR VA . 6.53 -41.90 -14.21
C2 BCR VA . 6.79 -43.39 -14.29
C3 BCR VA . 6.68 -43.85 -15.71
C4 BCR VA . 7.72 -43.12 -16.57
C5 BCR VA . 7.75 -41.63 -16.33
C6 BCR VA . 7.25 -41.07 -15.25
C7 BCR VA . 7.20 -39.58 -15.06
C8 BCR VA . 6.81 -38.80 -16.09
C9 BCR VA . 6.59 -37.34 -15.91
C10 BCR VA . 5.96 -36.61 -16.86
C11 BCR VA . 5.68 -35.18 -16.73
C33 BCR VA . 8.57 -40.90 -17.32
C31 BCR VA . 6.95 -41.48 -12.84
C32 BCR VA . 5.02 -41.68 -14.40
C34 BCR VA . 7.11 -36.73 -14.62
C12 BCR VA . 5.08 -34.53 -17.77
C13 BCR VA . 4.77 -33.09 -17.83
C14 BCR VA . 4.02 -32.65 -18.89
C15 BCR VA . 3.56 -31.27 -19.06
C16 BCR VA . 2.75 -30.89 -20.06
C17 BCR VA . 2.31 -29.50 -20.11
C18 BCR VA . 1.50 -28.93 -21.05
C19 BCR VA . 1.13 -27.50 -20.98
C20 BCR VA . 0.76 -26.77 -22.02
C21 BCR VA . 0.43 -25.32 -21.84
C22 BCR VA . 0.14 -24.47 -22.89
C23 BCR VA . -0.14 -23.02 -22.57
C24 BCR VA . -0.29 -22.11 -23.51
C25 BCR VA . -0.45 -20.71 -23.19
C26 BCR VA . -1.45 -20.35 -22.33
C27 BCR VA . -1.74 -18.93 -21.91
C28 BCR VA . -0.57 -18.03 -22.26
C29 BCR VA . -0.04 -18.33 -23.66
C30 BCR VA . 0.51 -19.74 -23.82
C35 BCR VA . 5.38 -32.21 -16.76
C36 BCR VA . 0.95 -29.74 -22.18
C37 BCR VA . 0.10 -25.01 -24.31
C38 BCR VA . -2.49 -21.31 -21.88
C39 BCR VA . 1.85 -19.93 -23.08
C40 BCR VA . 0.63 -20.01 -25.27
C2 PL9 WA . -23.76 -42.37 16.16
C3 PL9 WA . -22.73 -41.57 15.62
C4 PL9 WA . -21.43 -41.69 16.35
C5 PL9 WA . -21.11 -42.53 17.54
C6 PL9 WA . -22.24 -43.35 18.06
C1 PL9 WA . -23.56 -43.20 17.33
C7 PL9 WA . -22.70 -40.58 14.40
C8 PL9 WA . -23.76 -40.73 13.34
C9 PL9 WA . -24.99 -40.35 13.62
C10 PL9 WA . -25.45 -39.85 14.92
C11 PL9 WA . -26.06 -40.53 12.65
C12 PL9 WA . -26.90 -41.74 13.03
C13 PL9 WA . -28.30 -41.32 13.41
C14 PL9 WA . -29.43 -41.45 12.68
C15 PL9 WA . -29.49 -42.03 11.30
C16 PL9 WA . -30.73 -40.97 13.28
C17 PL9 WA . -30.87 -39.48 13.12
C18 PL9 WA . -32.05 -39.07 13.96
C19 PL9 WA . -33.30 -38.93 13.47
C20 PL9 WA . -33.69 -39.12 12.01
C21 PL9 WA . -34.38 -38.50 14.45
C22 PL9 WA . -34.14 -37.02 14.66
C23 PL9 WA . -34.92 -36.47 15.83
C24 PL9 WA . -36.16 -36.02 15.72
C25 PL9 WA . -36.97 -36.10 14.46
C26 PL9 WA . -36.81 -35.49 16.99
C27 PL9 WA . -37.90 -34.41 16.75
C28 PL9 WA . -39.12 -34.62 17.64
C29 PL9 WA . -40.21 -33.88 17.49
C30 PL9 WA . -40.31 -32.82 16.43
C31 PL9 WA . -41.46 -34.07 18.34
C32 PL9 WA . -41.10 -34.18 19.78
C33 PL9 WA . -42.23 -34.08 20.78
C34 PL9 WA . -43.24 -34.96 20.93
C35 PL9 WA . -43.38 -36.16 20.03
C36 PL9 WA . -44.20 -34.74 22.07
C37 PL9 WA . -43.64 -35.74 23.11
C38 PL9 WA . -44.26 -35.75 24.48
C39 PL9 WA . -43.64 -36.36 25.51
C40 PL9 WA . -42.31 -37.02 25.36
C41 PL9 WA . -44.23 -36.40 26.91
C42 PL9 WA . -43.28 -35.75 27.95
C43 PL9 WA . -43.44 -34.23 27.85
C44 PL9 WA . -43.21 -33.38 28.86
C45 PL9 WA . -42.76 -33.86 30.18
C46 PL9 WA . -43.38 -31.89 28.70
C47 PL9 WA . -44.77 -31.40 29.05
C48 PL9 WA . -44.71 -29.89 29.03
C49 PL9 WA . -45.78 -29.09 28.70
C50 PL9 WA . -45.61 -27.57 28.74
C51 PL9 WA . -47.14 -29.57 28.21
C52 PL9 WA . -19.69 -42.47 18.08
C53 PL9 WA . -22.04 -44.23 19.27
O1 PL9 WA . -20.56 -41.07 15.93
O2 PL9 WA . -24.55 -43.88 17.70
O6 SQD XA . -26.21 -53.43 9.61
C44 SQD XA . -25.61 -54.00 8.46
C45 SQD XA . -25.30 -52.84 7.52
C46 SQD XA . -25.27 -53.22 6.07
O47 SQD XA . -26.26 -51.80 7.68
C7 SQD XA . -25.74 -50.65 8.39
O49 SQD XA . -24.56 -50.64 8.59
C8 SQD XA . -26.61 -49.51 8.85
C9 SQD XA . -27.74 -49.32 7.87
C10 SQD XA . -27.77 -47.90 7.33
C11 SQD XA . -28.40 -47.80 5.93
C12 SQD XA . -27.44 -48.23 4.82
C13 SQD XA . -28.09 -48.00 3.46
C14 SQD XA . -27.32 -47.00 2.64
C15 SQD XA . -27.38 -45.58 3.20
C16 SQD XA . -28.70 -44.96 2.82
C17 SQD XA . -28.77 -44.56 1.35
C18 SQD XA . -28.80 -43.05 1.17
C19 SQD XA . -30.15 -42.46 0.79
C20 SQD XA . -30.08 -40.97 1.08
C21 SQD XA . -28.93 -40.35 0.36
C22 SQD XA . -29.01 -38.92 0.63
O48 SQD XA . -26.59 -53.53 5.68
C23 SQD XA . -27.22 -52.81 4.67
O10 SQD XA . -26.70 -51.74 4.30
C24 SQD XA . -28.45 -53.44 4.11
C25 SQD XA . -29.34 -52.41 3.42
C26 SQD XA . -30.56 -52.96 2.65
C27 SQD XA . -31.28 -51.84 1.87
C28 SQD XA . -32.62 -52.30 1.36
C29 SQD XA . -33.13 -51.42 0.22
C30 SQD XA . -34.62 -51.65 -0.09
C31 SQD XA . -34.95 -51.63 -1.61
C32 SQD XA . -36.44 -51.46 -1.93
C33 SQD XA . -37.10 -52.82 -1.83
C34 SQD XA . -38.62 -52.78 -1.81
C35 SQD XA . -39.16 -53.30 -0.49
C36 SQD XA . -40.67 -53.37 -0.55
C37 SQD XA . -41.27 -51.98 -0.63
C38 SQD XA . -42.71 -52.02 -0.18
C1 SQD XA . -25.85 -54.16 10.72
C2 SQD XA . -26.32 -53.61 12.05
O2 SQD XA . -26.29 -52.21 12.22
C3 SQD XA . -25.25 -54.22 12.89
O3 SQD XA . -25.34 -53.68 14.19
C4 SQD XA . -25.33 -55.74 12.80
O4 SQD XA . -24.08 -56.21 13.31
C5 SQD XA . -25.45 -56.23 11.36
C6 SQD XA . -25.73 -57.72 11.20
O5 SQD XA . -26.45 -55.47 10.66
S SQD XA . -25.63 -58.19 9.63
O7 SQD XA . -25.44 -59.58 9.73
O8 SQD XA . -26.95 -57.77 8.78
O9 SQD XA . -24.42 -57.70 8.92
C1 LMG YA . -7.93 -36.53 -33.83
O1 LMG YA . -7.77 -37.69 -33.00
C2 LMG YA . -6.60 -35.89 -34.25
O2 LMG YA . -5.86 -35.63 -33.05
C3 LMG YA . -6.88 -34.64 -35.09
O3 LMG YA . -5.69 -34.15 -35.76
C4 LMG YA . -8.03 -34.83 -36.15
O4 LMG YA . -7.47 -35.29 -37.37
C5 LMG YA . -9.18 -35.76 -35.71
O5 LMG YA . -11.25 -36.86 -36.33
C6 LMG YA . -10.05 -36.28 -36.85
O6 LMG YA . -8.65 -36.89 -35.01
C7 LMG YA . -9.03 -37.99 -32.40
C8 LMG YA . -9.02 -39.31 -31.68
C9 LMG YA . -8.40 -40.45 -32.50
O7 LMG YA . -8.31 -39.09 -30.46
C10 LMG YA . -9.07 -39.34 -29.24
O9 LMG YA . -10.06 -40.08 -29.15
C11 LMG YA . -8.52 -38.64 -28.03
C12 LMG YA . -9.04 -39.22 -26.71
C13 LMG YA . -9.11 -38.06 -25.69
C14 LMG YA . -9.29 -38.49 -24.26
C15 LMG YA . -10.72 -38.45 -23.80
C16 LMG YA . -10.95 -37.44 -22.68
C17 LMG YA . -11.98 -37.90 -21.71
C18 LMG YA . -11.29 -38.87 -20.78
C19 LMG YA . -12.30 -39.55 -19.90
C20 LMG YA . -12.08 -41.05 -19.72
C21 LMG YA . -12.88 -41.92 -20.69
C22 LMG YA . -13.90 -42.73 -19.96
C23 LMG YA . -13.29 -43.77 -19.01
C24 LMG YA . -14.39 -44.34 -18.10
C25 LMG YA . -14.61 -43.57 -16.80
O8 LMG YA . -9.37 -41.45 -32.89
C28 LMG YA . -8.89 -42.72 -33.29
O10 LMG YA . -7.90 -42.81 -34.06
C29 LMG YA . -9.60 -43.95 -32.71
C30 LMG YA . -10.63 -43.61 -31.64
C31 LMG YA . -11.51 -44.80 -31.30
C32 LMG YA . -11.91 -44.77 -29.81
C33 LMG YA . -13.36 -45.14 -29.62
C34 LMG YA . -13.69 -45.26 -28.17
C35 LMG YA . -15.14 -44.94 -27.89
C36 LMG YA . -15.44 -44.94 -26.39
C37 LMG YA . -15.89 -46.29 -25.87
C38 LMG YA . -16.69 -46.18 -24.57
C39 LMG YA . -15.86 -45.88 -23.31
C40 LMG YA . -16.81 -45.71 -22.13
C41 LMG YA . -16.20 -46.31 -20.87
C42 LMG YA . -17.18 -46.25 -19.72
C43 LMG YA . -16.47 -46.39 -18.39
C1 GOL ZA . -0.64 -15.28 -26.41
O1 GOL ZA . -1.61 -14.28 -25.91
C2 GOL ZA . 0.64 -14.80 -27.12
O2 GOL ZA . 0.24 -14.07 -28.33
C3 GOL ZA . 1.60 -15.98 -27.45
O3 GOL ZA . 1.05 -16.73 -28.58
C1 GOL AB . -51.97 -14.97 -11.20
O1 GOL AB . -50.80 -14.72 -12.00
C2 GOL AB . -51.45 -14.94 -9.78
O2 GOL AB . -51.19 -13.62 -9.39
C3 GOL AB . -52.45 -15.53 -8.76
O3 GOL AB . -51.97 -16.12 -7.56
O6 SQD BB . 12.17 -40.85 -4.78
C44 SQD BB . 11.81 -40.07 -3.63
C45 SQD BB . 10.33 -39.72 -3.78
C46 SQD BB . 10.03 -38.23 -3.60
O47 SQD BB . 9.84 -40.19 -5.07
C7 SQD BB . 8.57 -40.90 -5.10
O49 SQD BB . 7.93 -40.96 -4.08
C8 SQD BB . 8.05 -41.54 -6.36
C9 SQD BB . 7.77 -40.43 -7.34
C10 SQD BB . 6.42 -39.81 -7.17
C11 SQD BB . 6.25 -38.72 -8.23
C12 SQD BB . 5.04 -37.91 -7.78
C13 SQD BB . 4.39 -37.05 -8.87
C14 SQD BB . 2.95 -36.61 -8.53
C15 SQD BB . 2.38 -35.51 -9.46
C16 SQD BB . 0.85 -35.52 -9.45
C17 SQD BB . 0.15 -34.33 -10.01
C18 SQD BB . 0.34 -33.21 -9.04
C19 SQD BB . 0.08 -31.87 -9.66
C20 SQD BB . 0.74 -30.82 -8.75
C21 SQD BB . -0.22 -30.04 -7.88
C22 SQD BB . 0.10 -30.05 -6.41
O48 SQD BB . 10.67 -37.43 -4.61
C23 SQD BB . 9.93 -36.62 -5.55
O10 SQD BB . 8.81 -36.98 -5.82
C24 SQD BB . 10.52 -35.38 -6.20
C25 SQD BB . 10.60 -35.59 -7.73
C26 SQD BB . 11.97 -35.25 -8.35
C27 SQD BB . 11.84 -35.30 -9.88
C28 SQD BB . 12.83 -34.51 -10.71
C29 SQD BB . 12.37 -34.41 -12.17
C30 SQD BB . 11.44 -33.21 -12.40
C31 SQD BB . 10.25 -33.41 -13.36
C32 SQD BB . 9.04 -32.52 -12.99
C33 SQD BB . 8.32 -31.90 -14.19
C34 SQD BB . 9.09 -30.75 -14.83
C35 SQD BB . 9.33 -30.96 -16.33
C36 SQD BB . 10.56 -30.22 -16.86
C37 SQD BB . 11.67 -31.17 -17.36
C38 SQD BB . 12.87 -30.41 -17.91
C1 SQD BB . 12.97 -42.00 -4.63
C2 SQD BB . 12.57 -43.22 -5.51
O2 SQD BB . 11.15 -43.40 -5.58
C3 SQD BB . 13.35 -44.43 -4.95
O3 SQD BB . 13.12 -45.64 -5.65
C4 SQD BB . 14.87 -44.10 -5.09
O4 SQD BB . 15.72 -45.06 -4.45
C5 SQD BB . 15.18 -42.73 -4.43
C6 SQD BB . 16.64 -42.31 -4.52
O5 SQD BB . 14.35 -41.68 -4.97
S SQD BB . 16.88 -40.82 -3.82
O7 SQD BB . 18.31 -40.69 -3.66
O8 SQD BB . 16.26 -39.72 -4.82
O9 SQD BB . 16.19 -40.74 -2.59
C1B LMT CB . -3.93 -5.56 -21.12
C2B LMT CB . -5.24 -5.52 -20.30
C3B LMT CB . -6.39 -6.24 -21.01
C4B LMT CB . -6.54 -5.77 -22.48
C5B LMT CB . -5.20 -5.87 -23.25
C6B LMT CB . -5.30 -5.22 -24.63
O1B LMT CB . -3.42 -6.90 -21.08
O2B LMT CB . -5.10 -6.18 -19.00
O3B LMT CB . -7.63 -6.22 -20.18
O4' LMT CB . -7.52 -6.65 -23.09
O5B LMT CB . -4.07 -5.26 -22.52
O6B LMT CB . -4.67 -6.08 -25.60
C1' LMT CB . -0.08 -9.06 -20.30
C2' LMT CB . -0.23 -7.74 -19.47
C3' LMT CB . -1.67 -7.31 -19.55
C4' LMT CB . -2.04 -7.05 -20.99
C5' LMT CB . -1.70 -8.20 -21.87
C6' LMT CB . -1.83 -7.79 -23.37
O1' LMT CB . 1.30 -9.48 -20.32
O2' LMT CB . 0.16 -7.71 -18.07
O3' LMT CB . -1.85 -6.13 -18.77
O5' LMT CB . -0.40 -8.64 -21.58
O6' LMT CB . -0.89 -6.74 -23.74
C1 LMT CB . 1.66 -10.86 -20.60
C2 LMT CB . 3.17 -10.95 -20.34
C3 LMT CB . 3.67 -12.23 -19.78
C4 LMT CB . 3.44 -12.27 -18.28
C5 LMT CB . 3.31 -13.74 -17.90
C6 LMT CB . 2.91 -14.05 -16.43
C7 LMT CB . 3.46 -15.34 -15.77
C8 LMT CB . 2.54 -16.55 -16.01
C9 LMT CB . 3.20 -17.81 -15.53
C10 LMT CB . 4.12 -18.40 -16.59
C11 LMT CB . 5.30 -19.21 -16.02
C12 LMT CB . 4.89 -20.55 -15.48
O1 LHG DB . -31.35 -50.86 16.02
C1 LHG DB . -30.37 -49.95 15.51
C2 LHG DB . -29.23 -50.68 14.78
O2 LHG DB . -28.12 -49.79 14.55
C3 LHG DB . -29.73 -51.25 13.44
O3 LHG DB . -29.97 -52.67 13.55
P LHG DB . -30.82 -53.60 12.51
O4 LHG DB . -32.14 -54.05 13.10
O5 LHG DB . -30.87 -52.91 11.18
O6 LHG DB . -29.92 -54.94 12.37
C4 LHG DB . -30.49 -56.23 12.00
C5 LHG DB . -29.73 -57.06 10.92
C6 LHG DB . -29.95 -58.58 11.03
O7 LHG DB . -30.06 -56.69 9.56
C7 LHG DB . -29.66 -55.32 9.16
O9 LHG DB . -28.96 -54.59 9.85
C8 LHG DB . -30.21 -54.80 7.87
C9 LHG DB . -29.90 -53.30 7.60
C10 LHG DB . -30.89 -52.32 8.20
O8 LHG DB . -30.77 -59.05 12.10
C23 LHG DB . -32.19 -59.36 11.99
O10 LHG DB . -32.50 -60.54 12.16
C24 LHG DB . -33.26 -58.27 11.71
C11 LHG DB . -31.02 -51.04 7.40
C12 LHG DB . -32.07 -51.04 6.28
C13 LHG DB . -32.49 -49.60 5.93
C14 LHG DB . -32.43 -49.28 4.46
C15 LHG DB . -33.09 -47.93 4.15
C16 LHG DB . -32.67 -47.42 2.77
C17 LHG DB . -33.82 -46.75 1.99
C18 LHG DB . -34.39 -47.71 0.96
C25 LHG DB . -33.31 -57.84 10.22
C26 LHG DB . -33.52 -56.37 9.83
C27 LHG DB . -34.37 -56.27 8.56
C28 LHG DB . -34.59 -54.87 8.05
C29 LHG DB . -34.87 -54.90 6.55
C30 LHG DB . -35.32 -53.52 6.14
C31 LHG DB . -35.32 -53.22 4.64
C32 LHG DB . -36.41 -52.19 4.34
C33 LHG DB . -36.19 -51.27 3.13
C34 LHG DB . -37.16 -50.08 3.10
C35 LHG DB . -36.86 -49.02 4.15
O1 PG4 EB . -33.17 -42.45 2.78
C1 PG4 EB . -33.17 -43.77 3.38
C2 PG4 EB . -32.94 -43.73 4.91
O2 PG4 EB . -31.95 -44.69 5.35
C3 PG4 EB . -31.69 -44.55 6.77
C4 PG4 EB . -30.68 -45.60 7.27
O3 PG4 EB . -30.89 -45.98 8.64
C5 PG4 EB . -30.39 -45.12 9.69
C6 PG4 EB . -31.33 -45.21 10.90
O4 PG4 EB . -30.85 -46.11 11.91
C7 PG4 EB . -29.88 -45.58 12.83
C8 PG4 EB . -29.68 -46.52 14.02
O5 PG4 EB . -29.26 -47.83 13.63
C1 PGE FB . 7.11 -26.80 -16.48
O1 PGE FB . 7.08 -27.28 -17.85
C2 PGE FB . 6.47 -25.40 -16.34
O2 PGE FB . 6.51 -24.86 -15.01
C3 PGE FB . 6.16 -23.47 -14.85
C4 PGE FB . 4.96 -23.51 -13.92
O3 PGE FB . 4.79 -22.32 -13.16
C1 PGE GB . -35.34 -40.74 1.24
O1 PGE GB . -33.93 -40.43 1.47
C2 PGE GB . -35.65 -41.23 -0.18
O2 PGE GB . -36.92 -40.74 -0.65
C3 PGE GB . -37.23 -41.10 -2.01
C4 PGE GB . -38.42 -40.29 -2.56
O4 PGE GB . -42.11 -41.41 -4.15
C6 PGE GB . -42.05 -41.26 -2.74
C5 PGE GB . -40.84 -40.42 -2.44
O3 PGE GB . -39.62 -41.10 -2.78
O6 SQD HB . 14.63 -51.01 -9.62
C44 SQD HB . 14.85 -49.69 -9.12
C45 SQD HB . 15.42 -48.90 -10.27
C46 SQD HB . 14.49 -48.82 -11.52
O47 SQD HB . 15.97 -47.62 -9.84
C7 SQD HB . 15.32 -46.62 -8.97
O49 SQD HB . 14.73 -46.90 -7.92
C8 SQD HB . 15.48 -45.16 -9.38
C9 SQD HB . 14.13 -44.57 -9.83
C10 SQD HB . 13.60 -45.16 -11.15
C11 SQD HB . 12.76 -44.09 -11.83
C12 SQD HB . 12.11 -44.55 -13.09
C13 SQD HB . 11.17 -43.44 -13.57
C14 SQD HB . 11.87 -42.32 -14.34
C15 SQD HB . 11.10 -40.98 -14.24
C16 SQD HB . 11.91 -39.86 -14.91
C17 SQD HB . 11.48 -38.48 -14.43
C18 SQD HB . 12.28 -37.39 -15.14
C19 SQD HB . 11.60 -36.96 -16.45
C20 SQD HB . 10.80 -35.67 -16.26
C21 SQD HB . 10.67 -34.88 -17.55
C22 SQD HB . 9.56 -35.43 -18.39
O48 SQD HB . 15.30 -48.93 -12.74
C23 SQD HB . 14.71 -48.59 -14.04
O10 SQD HB . 14.01 -49.44 -14.55
C24 SQD HB . 14.94 -47.26 -14.75
C25 SQD HB . 14.20 -47.16 -16.09
C26 SQD HB . 14.30 -45.82 -16.87
C27 SQD HB . 12.98 -45.01 -17.03
C28 SQD HB . 12.19 -45.17 -18.35
C29 SQD HB . 11.06 -46.24 -18.34
C30 SQD HB . 11.03 -47.19 -19.56
C31 SQD HB . 11.36 -48.65 -19.22
C32 SQD HB . 11.54 -49.54 -20.45
C33 SQD HB . 12.34 -50.82 -20.19
C34 SQD HB . 12.25 -51.82 -21.36
C35 SQD HB . 13.51 -52.68 -21.51
C36 SQD HB . 13.37 -53.95 -22.38
C37 SQD HB . 14.31 -55.09 -21.95
C38 SQD HB . 13.86 -55.75 -20.65
C1 SQD HB . 14.51 -52.16 -8.77
C2 SQD HB . 15.76 -52.41 -7.90
O2 SQD HB . 16.96 -52.20 -8.65
C3 SQD HB . 15.71 -53.83 -7.31
O3 SQD HB . 16.41 -53.91 -6.06
C4 SQD HB . 14.27 -54.31 -7.11
O4 SQD HB . 13.91 -55.15 -8.24
C5 SQD HB . 13.26 -53.13 -6.94
C6 SQD HB . 13.45 -52.47 -5.54
O5 SQD HB . 13.29 -52.13 -8.01
S SQD HB . 12.52 -51.11 -5.29
O7 SQD HB . 11.19 -51.55 -5.04
O8 SQD HB . 13.11 -50.30 -4.00
O9 SQD HB . 12.52 -50.21 -6.42
O1 P6G IB . 4.84 -29.07 -23.74
C2 P6G IB . 4.06 -27.90 -24.09
C3 P6G IB . 3.52 -28.00 -25.52
O4 P6G IB . 3.59 -26.74 -26.19
C5 P6G IB . 3.17 -26.75 -27.58
C6 P6G IB . 3.85 -25.68 -28.43
O7 P6G IB . 3.37 -25.69 -29.80
C8 P6G IB . 4.24 -25.08 -30.77
C9 P6G IB . 3.57 -24.98 -32.15
O10 P6G IB . 4.32 -24.30 -33.18
C11 P6G IB . 3.72 -24.28 -34.50
C12 P6G IB . 3.48 -22.89 -35.05
O13 P6G IB . 3.96 -22.75 -36.39
C14 P6G IB . 3.02 -22.97 -37.45
C15 P6G IB . 3.31 -24.33 -38.07
O16 P6G IB . 2.06 -25.01 -38.25
C17 P6G IB . 1.32 -24.62 -39.43
C18 P6G IB . -0.13 -24.26 -39.05
O19 P6G IB . -0.49 -22.93 -39.46
O1 P6G JB . 11.76 -40.15 -9.15
C2 P6G JB . 11.29 -39.92 -10.48
C3 P6G JB . 9.82 -39.53 -10.38
O4 P6G JB . 9.52 -38.54 -11.37
C5 P6G JB . 8.22 -37.94 -11.23
C6 P6G JB . 8.42 -36.55 -10.62
O7 P6G JB . 7.32 -35.63 -10.81
C8 P6G JB . 7.55 -34.45 -10.02
C9 P6G JB . 6.42 -33.44 -10.20
O10 P6G JB . 6.99 -32.12 -10.21
C11 P6G JB . 6.44 -31.14 -9.31
C12 P6G JB . 5.56 -30.15 -10.08
O13 P6G JB . 4.95 -29.15 -9.24
C14 P6G JB . 4.19 -28.22 -10.01
C15 P6G JB . 3.10 -27.61 -9.14
O16 P6G JB . 2.10 -26.95 -9.95
C17 P6G JB . 2.39 -25.58 -10.23
C18 P6G JB . 3.32 -25.46 -11.45
O19 P6G JB . 2.78 -24.53 -12.40
C1 EDO KB . 3.82 -32.15 25.04
O1 EDO KB . 4.09 -32.75 23.76
C2 EDO KB . 2.29 -32.13 25.29
O2 EDO KB . 1.89 -31.72 26.60
CA CA LB . -13.38 9.63 -11.01
MG CLA MB . -44.10 2.53 36.34
CHA CLA MB . -46.30 4.94 37.57
CHB CLA MB . -41.98 3.14 38.98
CHC CLA MB . -42.18 -0.10 35.36
CHD CLA MB . -46.44 1.61 33.84
NA CLA MB . -44.05 3.87 37.89
C1A CLA MB . -44.98 4.75 38.24
C2A CLA MB . -44.70 5.46 39.54
C3A CLA MB . -43.25 5.05 39.80
C4A CLA MB . -43.07 3.92 38.82
CMA CLA MB . -42.26 6.17 39.58
CAA CLA MB . -45.59 5.02 40.70
CBA CLA MB . -45.61 3.49 40.93
CGA CLA MB . -46.69 3.01 41.88
O1A CLA MB . -46.41 1.99 42.49
O2A CLA MB . -48.01 3.71 42.04
NB CLA MB . -42.34 1.71 37.04
C1B CLA MB . -41.61 2.04 38.13
C2B CLA MB . -40.36 1.24 38.34
C3B CLA MB . -40.49 0.27 37.24
C4B CLA MB . -41.68 0.64 36.51
CMB CLA MB . -39.27 1.35 39.36
CAB CLA MB . -39.46 -0.73 36.92
CBB CLA MB . -39.24 -1.11 35.69
NC CLA MB . -44.28 1.12 34.93
C1C CLA MB . -43.43 0.12 34.66
C2C CLA MB . -43.81 -0.80 33.58
C3C CLA MB . -45.06 -0.27 33.15
C4C CLA MB . -45.26 0.85 34.03
CMC CLA MB . -43.14 -1.96 32.91
CAC CLA MB . -45.94 -0.78 32.04
CBC CLA MB . -45.77 0.07 30.78
ND CLA MB . -45.91 3.18 35.74
C1D CLA MB . -46.81 2.67 34.76
C2D CLA MB . -48.08 3.41 34.80
C3D CLA MB . -47.86 4.36 35.91
C4D CLA MB . -46.65 4.10 36.44
CMD CLA MB . -49.36 3.35 33.98
CAD CLA MB . -48.40 5.40 36.79
OBD CLA MB . -49.52 5.87 36.57
CBD CLA MB . -47.45 5.84 37.86
CGD CLA MB . -47.03 7.21 37.68
O1D CLA MB . -46.90 7.95 38.62
O2D CLA MB . -46.84 7.78 36.40
CED CLA MB . -46.90 9.21 36.24
C1 CLA MB . -49.01 3.74 40.98
C2 CLA MB . -50.41 4.38 41.05
C3 CLA MB . -51.29 4.30 39.99
C4 CLA MB . -52.67 4.94 40.11
C5 CLA MB . -50.92 3.68 38.63
C6 CLA MB . -50.54 2.17 38.54
C7 CLA MB . -49.03 1.76 38.68
C8 CLA MB . -48.41 0.84 37.62
C9 CLA MB . -49.12 -0.49 37.48
C10 CLA MB . -46.88 0.65 37.78
C11 CLA MB . -46.26 -0.30 38.77
C12 CLA MB . -44.92 -0.91 38.25
C13 CLA MB . -43.95 -1.25 39.40
C14 CLA MB . -43.60 0.09 40.04
C15 CLA MB . -42.68 -2.13 39.15
C16 CLA MB . -41.61 -2.31 40.30
C17 CLA MB . -40.64 -3.54 40.16
C18 CLA MB . -39.37 -3.55 41.07
C19 CLA MB . -38.48 -2.31 40.91
C20 CLA MB . -38.53 -4.82 40.91
MG CLA NB . -35.10 0.10 32.01
CHA CLA NB . -34.45 -1.14 28.85
CHB CLA NB . -36.86 2.62 30.54
CHC CLA NB . -36.41 0.86 35.12
CHD CLA NB . -33.60 -2.75 33.41
NA CLA NB . -35.45 0.74 30.09
C1A CLA NB . -35.14 0.15 28.94
C2A CLA NB . -35.56 0.89 27.67
C3A CLA NB . -35.97 2.20 28.29
C4A CLA NB . -36.14 1.84 29.74
CMA CLA NB . -34.90 3.25 28.21
CAA CLA NB . -36.73 0.20 26.96
CBA CLA NB . -37.03 0.62 25.53
CGA CLA NB . -36.09 -0.08 24.57
O1A CLA NB . -35.34 0.49 23.81
O2A CLA NB . -36.06 -1.46 24.67
NB CLA NB . -36.34 1.57 32.71
C1B CLA NB . -37.02 2.47 32.02
C2B CLA NB . -37.93 3.32 32.86
C3B CLA NB . -37.78 2.77 34.20
C4B CLA NB . -36.85 1.67 33.98
CMB CLA NB . -38.76 4.48 32.45
CAB CLA NB . -38.46 3.13 35.48
CBB CLA NB . -39.53 3.91 35.59
NC CLA NB . -34.94 -0.72 33.91
C1C CLA NB . -35.53 -0.33 35.03
C2C CLA NB . -35.24 -1.16 36.21
C3C CLA NB . -34.40 -2.21 35.71
C4C CLA NB . -34.33 -1.87 34.28
CMC CLA NB . -35.63 -0.98 37.61
CAC CLA NB . -33.77 -3.39 36.40
CBC CLA NB . -32.26 -3.16 36.64
ND CLA NB . -34.15 -1.54 31.32
C1D CLA NB . -33.68 -2.68 31.98
C2D CLA NB . -33.12 -3.66 31.02
C3D CLA NB . -33.44 -3.06 29.74
C4D CLA NB . -34.10 -1.90 30.03
CMD CLA NB . -32.44 -4.96 31.17
CAD CLA NB . -33.38 -3.19 28.26
OBD CLA NB . -32.84 -4.14 27.55
CBD CLA NB . -33.96 -1.97 27.67
CGD CLA NB . -32.85 -1.17 26.98
O1D CLA NB . -31.71 -0.97 27.42
O2D CLA NB . -33.13 -0.58 25.72
CED CLA NB . -32.06 0.11 25.04
C1 CLA NB . -35.15 -2.21 23.86
C2 CLA NB . -34.98 -3.52 24.56
C3 CLA NB . -35.92 -4.47 24.53
C4 CLA NB . -37.18 -4.28 23.80
C5 CLA NB . -35.64 -5.77 25.26
C6 CLA NB . -35.32 -6.87 24.24
C7 CLA NB . -35.37 -8.21 24.91
C8 CLA NB . -34.86 -9.33 23.99
C9 CLA NB . -35.83 -9.56 22.82
C10 CLA NB . -34.74 -10.57 24.85
C11 CLA NB . -34.16 -11.80 24.14
C12 CLA NB . -32.68 -11.59 23.94
C13 CLA NB . -32.04 -12.66 23.09
C14 CLA NB . -30.58 -12.54 23.40
C15 CLA NB . -32.35 -12.24 21.64
C16 CLA NB . -31.78 -13.26 20.76
C17 CLA NB . -32.59 -13.41 19.49
C18 CLA NB . -32.39 -12.38 18.46
C19 CLA NB . -33.33 -12.66 17.32
C20 CLA NB . -30.98 -12.40 17.98
MG CLA OB . -26.90 2.77 30.37
CHA CLA OB . -26.57 4.60 27.41
CHB CLA OB . -29.40 0.99 28.87
CHC CLA OB . -26.73 0.52 32.89
CHD CLA OB . -24.01 4.36 31.62
NA CLA OB . -27.91 2.84 28.58
C1A CLA OB . -27.60 3.59 27.53
C2A CLA OB . -28.35 3.22 26.29
C3A CLA OB . -29.54 2.45 26.88
C4A CLA OB . -28.91 2.04 28.19
CMA CLA OB . -30.83 3.29 27.07
CAA CLA OB . -27.51 2.40 25.33
CBA CLA OB . -26.94 1.07 25.81
CGA CLA OB . -27.87 -0.12 25.76
O1A CLA OB . -28.81 -0.30 24.97
O2A CLA OB . -27.52 -1.17 26.70
NB CLA OB . -27.93 1.10 30.84
C1B CLA OB . -28.88 0.47 30.12
C2B CLA OB . -29.40 -0.81 30.77
C3B CLA OB . -28.58 -0.90 31.95
C4B CLA OB . -27.71 0.29 31.88
CMB CLA OB . -30.48 -1.69 30.29
CAB CLA OB . -28.59 -1.86 33.09
CBB CLA OB . -29.56 -2.71 33.37
NC CLA OB . -25.68 2.53 32.01
C1C CLA OB . -25.67 1.53 32.92
C2C CLA OB . -24.58 1.51 33.91
C3C CLA OB . -23.80 2.71 33.51
C4C CLA OB . -24.53 3.18 32.31
CMC CLA OB . -24.28 0.65 35.09
CAC CLA OB . -22.55 3.29 34.14
CBC CLA OB . -21.36 2.62 33.41
ND CLA OB . -25.65 4.27 29.73
C1D CLA OB . -24.43 4.68 30.28
C2D CLA OB . -23.77 5.67 29.41
C3D CLA OB . -24.60 5.62 28.18
C4D CLA OB . -25.62 4.73 28.47
CMD CLA OB . -22.54 6.45 29.64
CAD CLA OB . -24.84 6.10 26.83
OBD CLA OB . -24.11 6.93 26.21
CBD CLA OB . -26.07 5.49 26.29
CGD CLA OB . -27.06 6.62 26.04
O1D CLA OB . -27.60 6.84 25.01
O2D CLA OB . -27.37 7.51 27.03
CED CLA OB . -28.11 8.74 26.71
C1 CLA OB . -28.33 -2.36 26.72
C2 CLA OB . -28.06 -3.10 27.98
C3 CLA OB . -28.64 -4.27 28.33
C4 CLA OB . -29.61 -4.93 27.49
C5 CLA OB . -28.40 -4.83 29.74
C6 CLA OB . -27.55 -5.99 29.87
C7 CLA OB . -27.45 -6.34 31.37
C8 CLA OB . -28.66 -7.14 31.89
C9 CLA OB . -28.85 -6.86 33.34
C10 CLA OB . -28.42 -8.63 31.65
C11 CLA OB . -29.69 -9.46 31.79
C12 CLA OB . -29.33 -10.89 31.43
C13 CLA OB . -30.50 -11.85 31.64
C14 CLA OB . -29.93 -13.24 31.63
C15 CLA OB . -31.57 -11.70 30.60
C16 CLA OB . -32.74 -12.71 30.59
C17 CLA OB . -33.53 -12.58 31.87
C18 CLA OB . -34.59 -13.67 31.97
C19 CLA OB . -35.80 -13.47 31.05
C20 CLA OB . -34.98 -13.79 33.39
MG CLA PB . -19.22 -2.22 20.90
CHA CLA PB . -21.14 0.24 22.48
CHB CLA PB . -17.30 0.21 19.56
CHC CLA PB . -16.90 -4.58 20.01
CHD CLA PB . -20.97 -4.68 22.63
NA CLA PB . -19.22 -0.18 20.90
C1A CLA PB . -20.03 0.66 21.62
C2A CLA PB . -19.78 2.11 21.39
C3A CLA PB . -18.52 2.09 20.60
C4A CLA PB . -18.32 0.59 20.30
CMA CLA PB . -18.61 2.99 19.33
CAA CLA PB . -19.68 3.08 22.58
CBA CLA PB . -18.78 2.53 23.68
CGA CLA PB . -18.38 3.45 24.80
O1A CLA PB . -18.57 4.64 24.82
O2A CLA PB . -17.78 2.82 25.93
NB CLA PB . -17.48 -2.17 19.90
C1B CLA PB . -16.78 -1.11 19.46
C2B CLA PB . -15.53 -1.44 18.73
C3B CLA PB . -15.43 -2.84 18.89
C4B CLA PB . -16.64 -3.20 19.65
CMB CLA PB . -14.55 -0.53 18.08
CAB CLA PB . -14.42 -3.83 18.37
CBB CLA PB . -13.67 -3.61 17.32
NC CLA PB . -19.03 -4.23 21.19
C1C CLA PB . -18.01 -5.05 20.80
C2C CLA PB . -18.10 -6.48 21.23
C3C CLA PB . -19.32 -6.50 21.96
C4C CLA PB . -19.77 -5.09 21.93
CMC CLA PB . -17.19 -7.61 20.89
CAC CLA PB . -19.98 -7.69 22.66
CBC CLA PB . -20.60 -8.64 21.72
ND CLA PB . -20.76 -2.24 22.17
C1D CLA PB . -21.36 -3.34 22.87
C2D CLA PB . -22.48 -2.89 23.73
C3D CLA PB . -22.39 -1.44 23.57
C4D CLA PB . -21.30 -1.15 22.77
CMD CLA PB . -23.52 -3.59 24.54
CAD CLA PB . -22.93 -0.14 24.00
OBD CLA PB . -23.88 0.00 24.82
CBD CLA PB . -22.12 0.98 23.37
CGD CLA PB . -23.10 1.84 22.72
O1D CLA PB . -23.43 2.92 23.26
O2D CLA PB . -23.72 1.34 21.57
CED CLA PB . -24.92 1.88 21.10
C1 CLA PB . -17.61 3.61 27.08
C2 CLA PB . -16.79 2.82 28.00
C3 CLA PB . -17.48 2.46 29.22
C4 CLA PB . -18.71 1.64 29.00
C5 CLA PB . -16.46 1.68 30.04
C6 CLA PB . -16.95 1.84 31.47
C7 CLA PB . -16.29 3.06 31.96
C8 CLA PB . -16.74 3.46 33.37
C9 CLA PB . -16.54 4.94 33.51
C10 CLA PB . -15.97 2.68 34.44
C11 CLA PB . -16.33 3.07 35.88
C12 CLA PB . -15.58 2.33 37.02
C13 CLA PB . -15.74 2.88 38.44
C14 CLA PB . -14.83 2.17 39.44
C15 CLA PB . -17.19 2.78 38.94
C16 CLA PB . -17.56 3.42 40.31
C17 CLA PB . -17.63 4.96 40.25
C18 CLA PB . -18.09 5.67 41.54
C19 CLA PB . -19.57 5.49 41.77
C20 CLA PB . -17.76 7.15 41.49
MG CLA QB . -14.70 6.45 27.29
CHA CLA QB . -16.32 6.70 24.26
CHB CLA QB . -16.53 9.09 28.46
CHC CLA QB . -13.57 5.75 30.42
CHD CLA QB . -13.36 3.38 26.30
NA CLA QB . -16.07 7.76 26.48
C1A CLA QB . -16.59 7.71 25.26
C2A CLA QB . -17.71 8.66 25.00
C3A CLA QB . -17.57 9.57 26.25
C4A CLA QB . -16.67 8.74 27.15
CMA CLA QB . -16.89 10.88 25.93
CAA CLA QB . -19.15 8.18 24.92
CBA CLA QB . -19.55 7.27 26.06
CGA CLA QB . -20.68 6.29 25.80
O1A CLA QB . -21.46 6.28 24.85
O2A CLA QB . -20.79 5.26 26.78
NB CLA QB . -14.93 7.33 29.10
C1B CLA QB . -15.75 8.35 29.45
C2B CLA QB . -15.73 8.75 30.89
C3B CLA QB . -14.84 7.76 31.44
C4B CLA QB . -14.43 6.92 30.28
CMB CLA QB . -16.44 9.87 31.59
CAB CLA QB . -14.51 7.82 32.89
CBB CLA QB . -13.51 7.28 33.39
NC CLA QB . -13.58 4.95 28.15
C1C CLA QB . -13.28 4.75 29.42
C2C CLA QB . -12.53 3.53 29.73
C3C CLA QB . -12.47 2.82 28.52
C4C CLA QB . -13.18 3.77 27.64
CMC CLA QB . -11.98 3.04 31.02
CAC CLA QB . -11.80 1.54 28.18
CBC CLA QB . -12.72 0.33 28.32
ND CLA QB . -14.73 5.36 25.61
C1D CLA QB . -14.21 4.08 25.36
C2D CLA QB . -14.55 3.60 23.97
C3D CLA QB . -15.38 4.69 23.48
C4D CLA QB . -15.53 5.58 24.55
CMD CLA QB . -14.16 2.36 23.26
CAD CLA QB . -16.24 5.23 22.43
OBD CLA QB . -16.40 4.69 21.30
CBD CLA QB . -16.81 6.55 22.86
CGD CLA QB . -16.14 7.67 22.10
O1D CLA QB . -16.75 8.67 21.63
O2D CLA QB . -14.74 7.50 21.88
CED CLA QB . -13.97 8.70 21.50
C1 CLA QB . -21.69 4.19 26.40
C2 CLA QB . -21.66 3.40 27.68
C3 CLA QB . -22.48 2.17 27.74
C4 CLA QB . -23.82 2.37 27.10
C5 CLA QB . -22.63 1.68 29.19
C6 CLA QB . -23.38 0.37 29.12
C7 CLA QB . -23.29 -0.37 30.45
C8 CLA QB . -23.80 -1.82 30.48
C9 CLA QB . -25.19 -1.97 29.97
C10 CLA QB . -23.65 -2.24 31.94
C11 CLA QB . -24.01 -3.69 32.21
C12 CLA QB . -23.35 -4.19 33.51
C13 CLA QB . -24.02 -3.64 34.74
C14 CLA QB . -23.33 -4.21 35.97
C15 CLA QB . -25.48 -4.09 34.75
C16 CLA QB . -26.23 -3.81 36.11
C17 CLA QB . -26.40 -2.41 36.39
C18 CLA QB . -27.36 -1.99 37.48
C19 CLA QB . -28.79 -2.52 37.41
C20 CLA QB . -27.41 -0.44 37.53
MG CLA RB . -20.75 13.10 32.47
CHA CLA RB . -19.24 15.88 31.01
CHB CLA RB . -19.55 11.26 29.91
CHC CLA RB . -21.37 10.25 34.28
CHD CLA RB . -21.41 15.02 35.34
NA CLA RB . -19.74 13.48 30.71
C1A CLA RB . -19.21 14.61 30.30
C2A CLA RB . -18.43 14.52 29.00
C3A CLA RB . -18.67 13.10 28.58
C4A CLA RB . -19.33 12.56 29.80
CMA CLA RB . -19.57 13.05 27.39
CAA CLA RB . -16.93 14.78 29.06
CBA CLA RB . -16.11 13.95 30.08
CGA CLA RB . -15.23 12.94 29.40
O1A CLA RB . -15.14 12.65 28.22
O2A CLA RB . -14.41 12.28 30.31
NB CLA RB . -20.63 11.13 32.11
C1B CLA RB . -20.03 10.52 31.09
C2B CLA RB . -20.04 9.04 31.16
C3B CLA RB . -20.60 8.78 32.45
C4B CLA RB . -20.86 10.11 32.95
CMB CLA RB . -19.56 8.02 30.20
CAB CLA RB . -20.79 7.48 33.18
CBB CLA RB . -20.22 6.34 32.77
NC CLA RB . -21.41 12.73 34.36
C1C CLA RB . -21.49 11.52 35.01
C2C CLA RB . -21.85 11.54 36.45
C3C CLA RB . -21.85 12.96 36.71
C4C CLA RB . -21.49 13.56 35.41
CMC CLA RB . -22.08 10.45 37.44
CAC CLA RB . -22.17 13.72 37.98
CBC CLA RB . -20.91 13.84 38.75
ND CLA RB . -20.56 15.03 33.03
C1D CLA RB . -20.78 15.66 34.25
C2D CLA RB . -20.32 17.06 34.23
C3D CLA RB . -19.74 17.18 32.91
C4D CLA RB . -19.80 15.93 32.35
CMD CLA RB . -20.43 18.16 35.21
CAD CLA RB . -19.00 18.01 31.95
OBD CLA RB . -18.72 19.23 32.16
CBD CLA RB . -18.64 17.24 30.72
CGD CLA RB . -19.23 17.90 29.53
O1D CLA RB . -20.34 18.37 29.53
O2D CLA RB . -18.51 18.07 28.38
CED CLA RB . -19.10 18.69 27.19
C1 CLA RB . -13.43 11.38 29.83
C2 CLA RB . -12.59 10.96 31.03
C3 CLA RB . -11.65 10.06 30.99
C4 CLA RB . -11.30 9.33 29.73
C5 CLA RB . -10.86 9.80 32.24
C6 CLA RB . -9.51 10.57 32.20
C7 CLA RB . -8.60 10.22 33.39
C8 CLA RB . -7.21 10.90 33.51
C9 CLA RB . -6.67 10.87 34.96
C10 CLA RB . -7.46 12.29 33.11
MG CLA SB . -13.91 2.27 11.88
CHA CLA SB . -13.85 4.13 8.96
CHB CLA SB . -17.25 1.85 11.43
CHC CLA SB . -13.84 -0.20 14.26
CHD CLA SB . -10.41 2.39 11.99
NA CLA SB . -15.34 2.94 10.56
C1A CLA SB . -15.14 3.63 9.44
C2A CLA SB . -16.35 3.75 8.52
C3A CLA SB . -17.45 3.30 9.45
C4A CLA SB . -16.64 2.65 10.57
CMA CLA SB . -18.28 4.45 10.06
CAA CLA SB . -16.22 2.83 7.29
CBA CLA SB . -16.22 1.35 7.70
CGA CLA SB . -15.81 0.43 6.59
O1A CLA SB . -15.55 0.71 5.41
O2A CLA SB . -15.75 -0.88 6.98
NB CLA SB . -15.30 1.07 12.74
C1B CLA SB . -16.59 0.98 12.45
C2B CLA SB . -17.36 -0.09 13.21
C3B CLA SB . -16.30 -0.66 14.03
C4B CLA SB . -15.10 0.09 13.63
CMB CLA SB . -18.80 -0.39 13.13
CAB CLA SB . -16.29 -1.74 15.06
CBB CLA SB . -17.39 -1.99 15.75
NC CLA SB . -12.44 1.35 12.97
C1C CLA SB . -12.55 0.35 13.87
C2C CLA SB . -11.32 -0.19 14.42
C3C CLA SB . -10.31 0.61 13.76
C4C CLA SB . -11.09 1.45 12.86
CMC CLA SB . -11.08 -1.24 15.44
CAC CLA SB . -8.83 0.48 13.85
CBC CLA SB . -8.42 -0.54 12.76
ND CLA SB . -12.44 3.17 10.78
C1D CLA SB . -11.05 3.11 10.94
C2D CLA SB . -10.35 3.83 9.83
C3D CLA SB . -11.50 4.31 9.05
C4D CLA SB . -12.64 3.77 9.61
CMD CLA SB . -8.93 4.14 9.60
CAD CLA SB . -11.93 5.03 7.88
OBD CLA SB . -11.15 5.63 7.08
CBD CLA SB . -13.42 4.94 7.75
CGD CLA SB . -13.91 6.32 7.75
O1D CLA SB . -14.72 6.64 6.90
O2D CLA SB . -13.32 7.19 8.70
CED CLA SB . -13.70 8.60 8.72
C1 CLA SB . -15.32 -1.88 5.99
C2 CLA SB . -15.56 -3.23 6.65
C3 CLA SB . -15.18 -4.38 6.06
C4 CLA SB . -14.53 -4.44 4.74
C5 CLA SB . -15.47 -5.73 6.67
C6 CLA SB . -14.24 -6.47 7.17
C7 CLA SB . -14.60 -7.95 7.41
C8 CLA SB . -13.37 -8.70 7.84
C9 CLA SB . -12.19 -8.62 6.82
C10 CLA SB . -13.73 -10.15 8.03
C11 CLA SB . -12.61 -11.06 8.60
C12 CLA SB . -12.91 -12.58 8.30
C13 CLA SB . -12.09 -13.56 9.10
C14 CLA SB . -10.66 -13.45 8.71
C15 CLA SB . -12.58 -14.98 8.88
C16 CLA SB . -12.09 -15.93 9.97
C17 CLA SB . -12.41 -17.36 9.55
C18 CLA SB . -11.93 -18.37 10.55
C19 CLA SB . -12.17 -19.74 9.98
C20 CLA SB . -12.62 -18.21 11.91
MG CLA TB . -27.29 -19.88 28.62
CHA CLA TB . -26.02 -20.66 31.75
CHB CLA TB . -26.94 -23.10 27.78
CHC CLA TB . -29.03 -19.24 25.75
CHD CLA TB . -28.13 -16.63 29.70
NA CLA TB . -26.55 -21.55 29.56
C1A CLA TB . -26.16 -21.71 30.76
C2A CLA TB . -25.69 -23.13 31.07
C3A CLA TB . -25.62 -23.75 29.71
C4A CLA TB . -26.44 -22.74 28.95
CMA CLA TB . -24.19 -23.75 29.15
CAA CLA TB . -26.61 -23.85 32.04
CBA CLA TB . -28.03 -24.04 31.57
CGA CLA TB . -28.87 -22.78 31.74
O1A CLA TB . -28.69 -21.97 32.65
O2A CLA TB . -29.90 -22.57 30.78
NB CLA TB . -27.78 -20.97 26.99
C1B CLA TB . -27.67 -22.30 26.82
C2B CLA TB . -28.17 -22.83 25.55
C3B CLA TB . -28.82 -21.67 24.97
C4B CLA TB . -28.55 -20.60 25.96
CMB CLA TB . -28.17 -24.25 25.09
CAB CLA TB . -29.48 -21.49 23.64
CBB CLA TB . -29.34 -22.34 22.62
NC CLA TB . -28.28 -18.25 27.83
C1C CLA TB . -28.98 -18.17 26.70
C2C CLA TB . -29.64 -16.89 26.42
C3C CLA TB . -29.37 -16.13 27.61
C4C CLA TB . -28.59 -17.07 28.41
CMC CLA TB . -30.42 -16.45 25.20
CAC CLA TB . -29.80 -14.76 27.98
CBC CLA TB . -28.68 -13.78 27.79
ND CLA TB . -27.15 -18.87 30.35
C1D CLA TB . -27.45 -17.51 30.63
C2D CLA TB . -26.85 -17.12 31.93
C3D CLA TB . -26.30 -18.40 32.43
C4D CLA TB . -26.53 -19.34 31.45
CMD CLA TB . -26.84 -15.84 32.67
CAD CLA TB . -25.50 -19.08 33.45
OBD CLA TB . -25.07 -18.55 34.51
CBD CLA TB . -25.37 -20.54 33.10
CGD CLA TB . -23.96 -20.98 33.15
O1D CLA TB . -23.15 -20.69 32.31
O2D CLA TB . -23.59 -21.78 34.23
CED CLA TB . -22.20 -22.05 34.34
C1 CLA TB . -30.71 -21.40 30.91
C2 CLA TB . -32.08 -21.60 30.32
C3 CLA TB . -32.45 -21.30 29.05
C4 CLA TB . -31.45 -20.80 28.00
C5 CLA TB . -33.89 -21.54 28.67
C6 CLA TB . -34.74 -20.31 28.90
C7 CLA TB . -36.17 -20.54 28.46
C8 CLA TB . -36.97 -19.28 28.60
C9 CLA TB . -37.04 -18.86 30.08
C10 CLA TB . -38.32 -19.42 27.87
C11 CLA TB . -38.98 -18.07 27.69
C12 CLA TB . -40.27 -18.12 26.88
C13 CLA TB . -40.68 -16.69 26.55
C14 CLA TB . -41.04 -15.89 27.80
C15 CLA TB . -41.81 -16.67 25.59
C16 CLA TB . -42.13 -15.29 25.01
C17 CLA TB . -41.30 -14.97 23.75
C18 CLA TB . -41.57 -13.62 23.08
C19 CLA TB . -43.00 -13.34 22.81
C20 CLA TB . -40.74 -13.49 21.78
MG CLA UB . -29.19 -11.29 42.07
CHA CLA UB . -28.88 -14.47 43.40
CHB CLA UB . -27.01 -12.19 39.65
CHC CLA UB . -29.90 -8.35 40.42
CHD CLA UB . -31.87 -10.65 44.19
NA CLA UB . -27.99 -12.92 41.71
C1A CLA UB . -27.98 -14.11 42.33
C2A CLA UB . -26.93 -15.08 41.92
C3A CLA UB . -26.21 -14.18 40.91
C4A CLA UB . -27.13 -13.01 40.73
CMA CLA UB . -24.80 -13.72 41.35
CAA CLA UB . -27.43 -16.40 41.27
CBA CLA UB . -28.37 -16.13 40.09
CGA CLA UB . -28.96 -17.40 39.60
O1A CLA UB . -29.08 -18.41 40.27
O2A CLA UB . -29.37 -17.42 38.25
NB CLA UB . -28.50 -10.40 40.43
C1B CLA UB . -27.68 -10.93 39.49
C2B CLA UB . -27.44 -10.04 38.29
C3B CLA UB . -28.29 -8.89 38.59
C4B CLA UB . -28.94 -9.26 39.85
CMB CLA UB . -26.48 -10.32 37.13
CAB CLA UB . -28.56 -7.63 37.84
CBB CLA UB . -27.95 -7.35 36.78
NC CLA UB . -30.51 -9.76 42.32
C1C CLA UB . -30.74 -8.66 41.56
C2C CLA UB . -31.85 -7.79 41.92
C3C CLA UB . -32.41 -8.46 43.06
C4C CLA UB . -31.55 -9.64 43.20
CMC CLA UB . -32.33 -6.51 41.33
CAC CLA UB . -33.59 -8.05 43.90
CBC CLA UB . -33.05 -7.35 45.09
ND CLA UB . -30.12 -12.32 43.54
C1D CLA UB . -31.27 -11.95 44.28
C2D CLA UB . -31.63 -13.00 45.24
C3D CLA UB . -30.63 -14.03 44.97
C4D CLA UB . -29.86 -13.57 43.90
CMD CLA UB . -32.69 -13.05 46.29
CAD CLA UB . -30.13 -15.38 45.19
OBD CLA UB . -30.51 -16.18 46.10
CBD CLA UB . -28.92 -15.65 44.30
CGD CLA UB . -27.70 -15.52 45.18
O1D CLA UB . -26.76 -16.29 45.24
O2D CLA UB . -27.67 -14.37 45.99
CED CLA UB . -26.58 -14.13 46.92
C1 CLA UB . -30.24 -18.48 37.79
C2 CLA UB . -30.39 -18.29 36.32
C3 CLA UB . -29.58 -18.81 35.38
C4 CLA UB . -28.48 -19.72 35.65
C5 CLA UB . -29.81 -18.58 33.90
C6 CLA UB . -31.06 -17.83 33.47
C7 CLA UB . -31.18 -17.83 31.91
C8 CLA UB . -32.36 -17.05 31.34
C9 CLA UB . -33.70 -17.54 31.95
C10 CLA UB . -32.42 -17.30 29.82
C11 CLA UB . -33.52 -16.55 29.10
C12 CLA UB . -33.32 -16.54 27.58
C13 CLA UB . -34.58 -16.28 26.74
C14 CLA UB . -34.28 -16.39 25.28
C15 CLA UB . -35.19 -14.94 27.06
C16 CLA UB . -36.43 -14.58 26.25
C17 CLA UB . -37.07 -13.33 26.89
C18 CLA UB . -38.39 -12.94 26.21
C19 CLA UB . -38.21 -12.69 24.73
C20 CLA UB . -38.98 -11.73 26.89
MG CLA VB . -22.18 -12.05 36.91
CHA CLA VB . -20.47 -9.10 36.47
CHB CLA VB . -24.50 -10.99 34.64
CHC CLA VB . -24.07 -14.80 37.65
CHD CLA VB . -20.09 -12.93 39.69
NA CLA VB . -22.39 -10.43 35.70
C1A CLA VB . -21.59 -9.38 35.58
C2A CLA VB . -21.92 -8.40 34.47
C3A CLA VB . -23.35 -8.89 34.16
C4A CLA VB . -23.42 -10.21 34.89
CMA CLA VB . -24.46 -7.98 34.66
CAA CLA VB . -20.99 -8.57 33.28
CBA CLA VB . -21.08 -7.51 32.23
CGA CLA VB . -20.20 -6.40 32.67
O1A CLA VB . -19.40 -6.45 33.62
O2A CLA VB . -20.27 -5.18 32.01
NB CLA VB . -23.96 -12.77 36.23
C1B CLA VB . -24.78 -12.25 35.32
C2B CLA VB . -26.03 -13.03 35.04
C3B CLA VB . -25.88 -14.12 35.97
C4B CLA VB . -24.59 -13.89 36.64
CMB CLA VB . -27.16 -12.72 34.06
CAB CLA VB . -26.84 -15.22 36.00
CBB CLA VB . -26.57 -16.41 36.45
NC CLA VB . -22.08 -13.58 38.33
C1C CLA VB . -22.90 -14.62 38.48
C2C CLA VB . -22.62 -15.51 39.62
C3C CLA VB . -21.44 -14.94 40.25
C4C CLA VB . -21.22 -13.77 39.38
CMC CLA VB . -23.32 -16.78 40.04
CAC CLA VB . -20.67 -15.44 41.48
CBC CLA VB . -19.73 -16.52 41.06
ND CLA VB . -20.57 -11.25 37.78
C1D CLA VB . -19.86 -11.65 38.98
C2D CLA VB . -18.77 -10.71 39.29
C3D CLA VB . -19.04 -9.66 38.27
C4D CLA VB . -20.08 -10.03 37.50
CMD CLA VB . -17.71 -10.70 40.35
CAD CLA VB . -18.65 -8.34 37.73
OBD CLA VB . -17.70 -7.67 38.23
CBD CLA VB . -19.50 -7.95 36.57
CGD CLA VB . -20.19 -6.70 37.02
O1D CLA VB . -19.97 -5.60 36.59
O2D CLA VB . -21.16 -6.84 38.03
CED CLA VB . -21.78 -5.72 38.68
C1 CLA VB . -19.26 -4.24 32.33
C2 CLA VB . -19.70 -3.35 33.48
C3 CLA VB . -19.85 -2.02 33.38
C4 CLA VB . -19.64 -1.16 32.14
C5 CLA VB . -20.29 -1.30 34.62
C6 CLA VB . -19.20 -0.43 35.15
C7 CLA VB . -17.99 -1.12 35.72
C8 CLA VB . -18.33 -1.99 36.93
C9 CLA VB . -18.70 -1.15 38.17
C10 CLA VB . -17.18 -2.89 37.26
C11 CLA VB . -16.67 -3.83 36.15
C12 CLA VB . -16.05 -5.09 36.77
C13 CLA VB . -15.39 -5.96 35.68
C14 CLA VB . -16.26 -6.19 34.46
C15 CLA VB . -15.12 -7.39 36.12
C16 CLA VB . -14.14 -7.66 37.16
C17 CLA VB . -13.29 -8.91 36.79
C18 CLA VB . -13.86 -10.31 36.87
C19 CLA VB . -15.35 -10.31 36.94
C20 CLA VB . -13.59 -11.21 38.01
MG CLA WB . -12.96 -17.57 25.14
CHA CLA WB . -10.61 -20.11 25.28
CHB CLA WB . -11.21 -15.93 27.58
CHC CLA WB . -14.89 -14.76 24.62
CHD CLA WB . -14.27 -18.90 22.21
NA CLA WB . -11.27 -17.95 26.29
C1A CLA WB . -10.47 -19.00 26.19
C2A CLA WB . -9.32 -19.04 27.16
C3A CLA WB . -9.67 -17.82 27.97
C4A CLA WB . -10.75 -17.18 27.21
CMA CLA WB . -10.16 -18.12 29.41
CAA CLA WB . -7.93 -19.02 26.55
CBA CLA WB . -7.84 -17.89 25.50
CGA CLA WB . -6.47 -17.90 24.85
O1A CLA WB . -5.37 -18.28 25.29
O2A CLA WB . -6.53 -17.37 23.56
NB CLA WB . -13.09 -15.75 26.00
C1B CLA WB . -12.27 -15.17 26.94
C2B CLA WB . -12.68 -13.83 27.43
C3B CLA WB . -13.74 -13.53 26.49
C4B CLA WB . -13.91 -14.72 25.69
CMB CLA WB . -12.04 -12.98 28.48
CAB CLA WB . -14.60 -12.32 26.44
CBB CLA WB . -14.70 -11.49 27.42
NC CLA WB . -14.37 -17.04 23.76
C1C CLA WB . -14.99 -15.83 23.62
C2C CLA WB . -15.84 -15.62 22.44
C3C CLA WB . -15.66 -16.85 21.74
C4C CLA WB . -14.68 -17.59 22.61
CMC CLA WB . -16.70 -14.48 21.98
CAC CLA WB . -16.23 -17.23 20.44
CBC CLA WB . -15.42 -16.51 19.36
ND CLA WB . -12.57 -19.20 23.99
C1D CLA WB . -13.24 -19.66 22.83
C2D CLA WB . -12.72 -20.97 22.45
C3D CLA WB . -11.61 -21.17 23.38
C4D CLA WB . -11.60 -20.07 24.22
CMD CLA WB . -13.09 -21.88 21.37
CAD CLA WB . -10.60 -22.06 23.94
OBD CLA WB . -10.23 -23.18 23.45
CBD CLA WB . -9.91 -21.40 25.10
CGD CLA WB . -10.06 -22.25 26.31
O1D CLA WB . -11.14 -22.53 26.86
O2D CLA WB . -8.88 -22.75 26.86
CED CLA WB . -8.96 -23.78 27.93
C1 CLA WB . -5.27 -17.24 22.87
C2 CLA WB . -5.60 -16.55 21.57
C3 CLA WB . -4.64 -16.22 20.68
C4 CLA WB . -3.18 -16.47 20.99
C5 CLA WB . -4.89 -15.53 19.34
C6 CLA WB . -6.34 -15.34 18.98
C7 CLA WB . -6.51 -14.54 17.70
C8 CLA WB . -7.94 -14.25 17.27
C9 CLA WB . -8.56 -15.53 16.79
C10 CLA WB . -7.93 -13.28 16.13
C11 CLA WB . -7.56 -11.86 16.61
C12 CLA WB . -8.47 -11.39 17.73
C13 CLA WB . -8.43 -9.88 17.78
C14 CLA WB . -7.05 -9.38 18.20
C15 CLA WB . -9.34 -9.48 18.88
C16 CLA WB . -10.12 -8.28 18.55
C17 CLA WB . -11.14 -8.07 19.67
C18 CLA WB . -12.52 -8.37 19.27
C19 CLA WB . -12.92 -7.52 18.12
C20 CLA WB . -13.48 -8.21 20.42
MG CLA XB . -11.02 -11.56 31.18
CHA CLA XB . -14.10 -9.98 31.50
CHB CLA XB . -10.08 -9.17 29.03
CHC CLA XB . -8.24 -13.50 30.34
CHD CLA XB . -12.13 -14.08 33.34
NA CLA XB . -11.90 -9.86 30.40
C1A CLA XB . -13.10 -9.38 30.59
C2A CLA XB . -13.37 -8.04 29.98
C3A CLA XB . -12.23 -7.92 28.99
C4A CLA XB . -11.34 -9.05 29.48
CMA CLA XB . -12.74 -8.17 27.56
CAA CLA XB . -13.33 -6.90 31.02
CBA CLA XB . -12.11 -7.02 31.96
CGA CLA XB . -12.10 -5.93 32.93
O1A CLA XB . -12.32 -6.12 34.09
O2A CLA XB . -11.86 -4.63 32.45
NB CLA XB . -9.44 -11.34 29.94
C1B CLA XB . -9.18 -10.31 29.12
C2B CLA XB . -7.88 -10.41 28.39
C3B CLA XB . -7.37 -11.65 28.82
C4B CLA XB . -8.41 -12.20 29.69
CMB CLA XB . -7.25 -9.42 27.47
CAB CLA XB . -6.14 -12.39 28.51
CBB CLA XB . -5.03 -11.83 28.07
NC CLA XB . -10.31 -13.40 31.72
C1C CLA XB . -9.23 -14.07 31.26
C2C CLA XB . -9.03 -15.37 31.89
C3C CLA XB . -10.16 -15.54 32.75
C4C CLA XB . -10.87 -14.30 32.59
CMC CLA XB . -7.92 -16.34 31.65
CAC CLA XB . -10.45 -16.74 33.68
CBC CLA XB . -11.51 -17.68 33.09
ND CLA XB . -12.72 -11.93 32.20
C1D CLA XB . -13.00 -12.97 33.12
C2D CLA XB . -14.35 -12.81 33.71
C3D CLA XB . -14.81 -11.59 33.10
C4D CLA XB . -13.83 -11.18 32.19
CMD CLA XB . -15.04 -13.63 34.75
CAD CLA XB . -15.85 -10.62 32.96
OBD CLA XB . -16.97 -10.63 33.60
CBD CLA XB . -15.42 -9.54 31.98
CGD CLA XB . -16.45 -9.38 30.90
O1D CLA XB . -16.99 -8.32 30.61
O2D CLA XB . -16.85 -10.52 30.19
CED CLA XB . -17.79 -10.39 29.12
C1 CLA XB . -12.27 -3.54 33.32
C2 CLA XB . -13.74 -3.34 33.07
C3 CLA XB . -14.27 -2.30 32.46
C4 CLA XB . -13.46 -1.19 32.02
C5 CLA XB . -15.74 -2.27 32.17
C6 CLA XB . -16.14 -2.46 30.68
C7 CLA XB . -15.45 -3.65 30.02
C8 CLA XB . -15.70 -3.84 28.51
C9 CLA XB . -15.22 -5.21 28.04
C10 CLA XB . -14.91 -2.77 27.76
C11 CLA XB . -15.41 -2.43 26.37
C12 CLA XB . -16.60 -1.47 26.51
C13 CLA XB . -17.51 -1.48 25.27
C14 CLA XB . -16.75 -0.89 24.07
C15 CLA XB . -18.81 -0.78 25.47
C16 CLA XB . -19.68 -1.33 26.59
C17 CLA XB . -19.89 -2.81 26.44
C18 CLA XB . -20.96 -3.31 27.38
C19 CLA XB . -20.58 -3.04 28.84
C20 CLA XB . -21.16 -4.78 27.19
MG CLA YB . -11.33 -6.68 23.28
CHA CLA YB . -8.76 -9.05 23.08
CHB CLA YB . -13.32 -9.05 24.62
CHC CLA YB . -14.01 -4.43 23.08
CHD CLA YB . -9.38 -4.42 21.53
NA CLA YB . -11.08 -8.68 23.77
C1A CLA YB . -10.01 -9.46 23.67
C2A CLA YB . -10.16 -10.92 24.14
C3A CLA YB . -11.68 -10.94 24.39
C4A CLA YB . -12.09 -9.48 24.21
CMA CLA YB . -12.45 -11.85 23.46
CAA CLA YB . -9.31 -11.24 25.34
CBA CLA YB . -9.56 -12.62 26.02
CGA CLA YB . -9.08 -13.73 25.18
O1A CLA YB . -8.00 -14.31 25.39
O2A CLA YB . -9.81 -14.20 24.07
NB CLA YB . -13.25 -6.71 23.79
C1B CLA YB . -13.94 -7.76 24.33
C2B CLA YB . -15.32 -7.45 24.67
C3B CLA YB . -15.49 -6.13 24.14
C4B CLA YB . -14.21 -5.75 23.61
CMB CLA YB . -16.29 -8.34 25.38
CAB CLA YB . -16.67 -5.24 24.18
CBB CLA YB . -17.76 -5.47 24.78
NC CLA YB . -11.64 -4.79 22.51
C1C CLA YB . -12.75 -4.04 22.44
C2C CLA YB . -12.60 -2.73 21.79
C3C CLA YB . -11.23 -2.71 21.33
C4C CLA YB . -10.75 -4.01 21.79
CMC CLA YB . -13.63 -1.67 21.63
CAC CLA YB . -10.47 -1.64 20.58
CBC CLA YB . -10.56 -1.92 19.11
ND CLA YB . -9.45 -6.69 22.50
C1D CLA YB . -8.78 -5.65 21.80
C2D CLA YB . -7.44 -6.11 21.36
C3D CLA YB . -7.39 -7.45 21.93
C4D CLA YB . -8.62 -7.72 22.49
CMD CLA YB . -6.23 -5.49 20.75
CAD CLA YB . -6.65 -8.71 22.07
OBD CLA YB . -5.46 -8.91 21.63
CBD CLA YB . -7.47 -9.71 22.87
CGD CLA YB . -7.40 -11.03 22.21
O1D CLA YB . -8.19 -11.42 21.41
O2D CLA YB . -6.27 -11.76 22.62
CED CLA YB . -5.87 -12.92 21.80
C1 CLA YB . -9.19 -15.12 23.16
C2 CLA YB . -9.63 -14.75 21.75
C3 CLA YB . -10.85 -15.06 21.31
C4 CLA YB . -11.86 -15.78 22.12
C5 CLA YB . -11.28 -14.64 19.95
C6 CLA YB . -12.26 -13.49 19.87
C7 CLA YB . -12.67 -13.34 18.38
C8 CLA YB . -13.41 -12.06 17.98
C9 CLA YB . -14.65 -11.92 18.90
C10 CLA YB . -13.77 -12.16 16.46
C11 CLA YB . -12.54 -11.99 15.62
C12 CLA YB . -12.90 -11.88 14.18
C13 CLA YB . -11.74 -12.23 13.24
C14 CLA YB . -11.28 -13.66 13.32
C15 CLA YB . -10.65 -11.26 13.55
C16 CLA YB . -9.74 -11.14 12.35
C17 CLA YB . -9.32 -9.68 12.34
C18 CLA YB . -8.46 -9.46 11.12
C19 CLA YB . -7.51 -8.30 11.35
C20 CLA YB . -9.32 -9.30 9.86
MG CLA ZB . -1.26 -12.89 25.02
CHA CLA ZB . 1.12 -14.85 26.60
CHB CLA ZB . -1.54 -11.04 27.82
CHC CLA ZB . -3.09 -10.59 23.26
CHD CLA ZB . -0.51 -14.53 21.96
NA CLA ZB . -0.50 -12.96 26.92
C1A CLA ZB . 0.45 -13.73 27.36
C2A CLA ZB . 0.96 -13.39 28.73
C3A CLA ZB . -0.16 -12.42 29.24
C4A CLA ZB . -0.78 -12.09 27.90
CMA CLA ZB . -1.17 -13.06 30.17
CAA CLA ZB . 2.39 -12.79 28.82
CBA CLA ZB . 2.68 -11.72 27.74
CGA CLA ZB . 3.07 -12.31 26.34
O1A CLA ZB . 3.90 -13.18 26.12
O2A CLA ZB . 2.46 -11.79 25.14
NB CLA ZB . -2.20 -11.16 25.47
C1B CLA ZB . -2.22 -10.53 26.60
C2B CLA ZB . -2.98 -9.25 26.66
C3B CLA ZB . -3.44 -9.14 25.32
C4B CLA ZB . -2.87 -10.33 24.65
CMB CLA ZB . -3.23 -8.32 27.77
CAB CLA ZB . -4.35 -8.18 24.68
CBB CLA ZB . -5.27 -7.42 25.35
NC CLA ZB . -1.75 -12.68 23.03
C1C CLA ZB . -2.44 -11.67 22.47
C2C CLA ZB . -2.61 -11.75 21.05
C3C CLA ZB . -1.85 -12.89 20.70
C4C CLA ZB . -1.30 -13.32 21.96
CMC CLA ZB . -3.39 -10.87 20.10
CAC CLA ZB . -1.58 -13.45 19.30
CBC CLA ZB . -0.36 -12.73 18.71
ND CLA ZB . -0.10 -14.40 24.45
C1D CLA ZB . 0.17 -14.95 23.15
C2D CLA ZB . 1.22 -15.96 23.22
C3D CLA ZB . 1.56 -16.01 24.60
C4D CLA ZB . 0.87 -14.98 25.22
CMD CLA ZB . 1.75 -16.95 22.19
CAD CLA ZB . 2.52 -16.52 25.62
OBD CLA ZB . 3.36 -17.41 25.40
CBD CLA ZB . 2.24 -15.79 26.94
CGD CLA ZB . 1.90 -16.75 28.03
O1D CLA ZB . 1.87 -16.50 29.17
O2D CLA ZB . 1.64 -18.04 27.68
CED CLA ZB . 1.48 -19.10 28.60
C1 CLA ZB . 2.86 -12.16 23.82
C2 CLA ZB . 1.91 -11.45 22.88
C3 CLA ZB . 2.04 -10.24 22.37
C4 CLA ZB . 3.22 -9.44 22.72
C5 CLA ZB . 0.98 -9.64 21.46
C6 CLA ZB . 1.51 -9.23 20.04
C7 CLA ZB . 0.63 -8.17 19.30
C8 CLA ZB . 0.74 -8.08 17.77
C9 CLA ZB . 2.12 -7.66 17.34
C10 CLA ZB . -0.26 -7.06 17.22
MG CLA AC . -12.81 -4.77 42.00
CHA CLA AC . -11.80 -4.85 38.69
CHB CLA AC . -13.41 -1.48 41.63
CHC CLA AC . -13.04 -4.48 45.36
CHD CLA AC . -11.57 -8.07 42.45
NA CLA AC . -12.83 -3.39 40.43
C1A CLA AC . -12.39 -3.61 39.16
C2A CLA AC . -12.40 -2.39 38.23
C3A CLA AC . -12.95 -1.34 39.22
C4A CLA AC . -13.09 -2.11 40.51
CMA CLA AC . -11.94 -0.21 39.35
CAA CLA AC . -13.28 -2.61 37.04
CBA CLA AC . -13.68 -1.37 36.20
CGA CLA AC . -12.53 -0.68 35.56
O1A CLA AC . -11.42 -1.20 35.33
O2A CLA AC . -12.83 0.63 35.12
NB CLA AC . -13.24 -3.26 43.22
C1B CLA AC . -13.39 -1.97 42.99
C2B CLA AC . -13.67 -1.09 44.20
C3B CLA AC . -13.52 -2.03 45.24
C4B CLA AC . -13.25 -3.29 44.57
CMB CLA AC . -13.94 0.36 44.31
CAB CLA AC . -13.63 -1.90 46.75
CBB CLA AC . -13.98 -0.84 47.41
NC CLA AC . -12.46 -6.05 43.56
C1C CLA AC . -12.58 -5.76 44.87
C2C CLA AC . -12.19 -6.82 45.84
C3C CLA AC . -11.74 -7.86 44.98
C4C CLA AC . -11.92 -7.27 43.62
CMC CLA AC . -12.24 -6.87 47.35
CAC CLA AC . -11.22 -9.23 45.35
CBC CLA AC . -9.73 -9.15 45.53
ND CLA AC . -12.05 -6.18 40.84
C1D CLA AC . -11.50 -7.47 41.16
C2D CLA AC . -10.85 -8.07 40.01
C3D CLA AC . -10.98 -7.02 39.01
C4D CLA AC . -11.61 -5.93 39.60
CMD CLA AC . -10.22 -9.41 39.73
CAD CLA AC . -10.68 -6.64 37.61
OBD CLA AC . -10.09 -7.40 36.77
CBD CLA AC . -11.18 -5.26 37.37
CGD CLA AC . -10.04 -4.39 36.90
O1D CLA AC . -9.19 -3.86 37.65
O2D CLA AC . -9.95 -4.24 35.50
CED CLA AC . -8.88 -3.45 34.97
C1 CLA AC . -11.89 1.32 34.30
C2 CLA AC . -11.02 2.07 35.22
C3 CLA AC . -11.13 3.37 35.52
C4 CLA AC . -12.07 4.32 34.91
C5 CLA AC . -10.14 3.93 36.50
C6 CLA AC . -10.65 3.84 37.91
C7 CLA AC . -9.66 4.58 38.82
C8 CLA AC . -9.00 3.72 39.85
C9 CLA AC . -10.14 3.24 40.71
C10 CLA AC . -7.98 4.50 40.71
C11 CLA AC . -6.96 3.49 41.15
C12 CLA AC . -6.16 3.86 42.37
C13 CLA AC . -6.47 3.00 43.57
C14 CLA AC . -5.79 3.64 44.77
C15 CLA AC . -6.02 1.57 43.35
C16 CLA AC . -6.98 0.55 44.00
C17 CLA AC . -8.20 0.33 43.20
C18 CLA AC . -9.00 -0.85 43.70
C19 CLA AC . -10.07 -1.06 42.66
C20 CLA AC . -9.65 -0.60 45.02
MG CLA BC . -4.35 -1.65 42.04
CHA CLA BC . -1.82 -0.67 44.21
CHB CLA BC . -3.69 1.09 40.18
CHC CLA BC . -7.14 -2.38 40.18
CHD CLA BC . -5.43 -3.99 44.40
NA CLA BC . -2.92 -0.21 42.05
C1A CLA BC . -1.97 0.01 42.94
C2A CLA BC . -1.03 1.18 42.61
C3A CLA BC . -1.72 1.81 41.43
C4A CLA BC . -2.86 0.86 41.18
CMA CLA BC . -2.20 3.20 41.75
CAA CLA BC . 0.36 0.66 42.28
CBA CLA BC . 1.36 1.72 41.86
CGA CLA BC . 1.73 2.59 43.01
O1A CLA BC . 1.63 2.26 44.17
O2A CLA BC . 2.25 3.89 42.83
NB CLA BC . -5.24 -0.86 40.39
C1B CLA BC . -4.89 0.31 39.80
C2B CLA BC . -5.80 0.71 38.69
C3B CLA BC . -6.82 -0.33 38.74
C4B CLA BC . -6.39 -1.21 39.82
CMB CLA BC . -5.68 1.91 37.77
CAB CLA BC . -8.02 -0.56 37.95
CBB CLA BC . -8.53 0.26 37.12
NC CLA BC . -5.94 -2.97 42.21
C1C CLA BC . -6.96 -3.15 41.40
C2C CLA BC . -7.97 -4.16 41.80
C3C CLA BC . -7.45 -4.63 43.04
C4C CLA BC . -6.24 -3.80 43.21
CMC CLA BC . -9.16 -4.61 41.08
CAC CLA BC . -8.04 -5.67 43.91
CBC CLA BC . -9.12 -5.02 44.77
ND CLA BC . -3.70 -2.28 43.83
C1D CLA BC . -4.30 -3.21 44.75
C2D CLA BC . -3.54 -3.30 46.00
C3D CLA BC . -2.50 -2.29 45.79
C4D CLA BC . -2.75 -1.67 44.57
CMD CLA BC . -3.68 -4.18 47.23
CAD CLA BC . -1.33 -1.58 46.35
OBD CLA BC . -0.83 -1.78 47.51
CBD CLA BC . -0.87 -0.53 45.35
CGD CLA BC . -0.92 0.78 45.99
O1D CLA BC . 0.07 1.28 46.42
O2D CLA BC . -2.15 1.43 46.18
CED CLA BC . -2.34 2.58 47.06
C1 CLA BC . 1.40 5.02 43.11
C2 CLA BC . 0.92 5.20 44.57
C3 CLA BC . -0.04 6.09 45.01
C4 CLA BC . -0.36 6.14 46.47
C5 CLA BC . -0.78 7.11 44.14
C6 CLA BC . -2.03 6.64 43.43
C7 CLA BC . -3.24 7.60 43.46
C8 CLA BC . -4.20 7.29 42.31
C9 CLA BC . -3.88 8.09 41.07
C10 CLA BC . -5.67 7.50 42.67
C11 CLA BC . -6.16 8.94 42.86
C12 CLA BC . -7.70 8.94 42.95
C13 CLA BC . -8.37 8.99 41.57
C14 CLA BC . -8.15 10.36 40.91
C15 CLA BC . -9.86 8.64 41.67
C1 BCR CC . -7.08 -0.78 7.92
C2 BCR CC . -7.31 -0.81 6.44
C3 BCR CC . -6.49 -1.89 5.74
C4 BCR CC . -5.02 -1.82 5.97
C5 BCR CC . -4.69 -1.43 7.39
C6 BCR CC . -5.59 -0.87 8.19
C7 BCR CC . -5.14 -0.39 9.51
C8 BCR CC . -5.26 -1.24 10.59
C9 BCR CC . -4.70 -0.86 11.91
C10 BCR CC . -4.60 -1.74 12.94
C11 BCR CC . -4.07 -1.51 14.27
C33 BCR CC . -3.25 -1.53 7.78
C31 BCR CC . -7.84 -1.87 8.61
C32 BCR CC . -7.60 0.61 8.37
C34 BCR CC . -4.24 0.53 12.09
C12 BCR CC . -4.11 -2.54 15.18
C13 BCR CC . -3.54 -2.40 16.54
C14 BCR CC . -3.51 -3.49 17.38
C15 BCR CC . -2.91 -3.46 18.73
C16 BCR CC . -2.85 -4.65 19.38
C17 BCR CC . -2.22 -4.73 20.66
C18 BCR CC . -1.98 -5.85 21.44
C19 BCR CC . -1.30 -5.67 22.75
C20 BCR CC . -0.89 -6.67 23.61
C21 BCR CC . -0.19 -6.28 24.82
C22 BCR CC . 0.39 -7.16 25.67
C23 BCR CC . 1.05 -6.58 26.84
C24 BCR CC . 1.54 -7.33 27.82
C25 BCR CC . 2.05 -6.83 29.12
C26 BCR CC . 2.80 -5.74 29.25
C27 BCR CC . 3.34 -5.24 30.60
C28 BCR CC . 3.17 -6.24 31.72
C29 BCR CC . 1.81 -6.90 31.65
C30 BCR CC . 1.59 -7.63 30.33
C35 BCR CC . -2.98 -1.07 16.97
C36 BCR CC . -2.38 -7.23 21.06
C37 BCR CC . 0.39 -8.61 25.40
C38 BCR CC . 3.33 -4.96 28.10
C39 BCR CC . 0.06 -7.83 30.31
C40 BCR CC . 2.26 -9.01 30.31
C1 BCR DC . -11.62 -5.70 13.01
C2 BCR DC . -12.02 -6.08 11.59
C3 BCR DC . -11.50 -5.09 10.58
C4 BCR DC . -10.00 -4.99 10.59
C5 BCR DC . -9.43 -5.00 12.00
C6 BCR DC . -10.16 -5.26 13.12
C7 BCR DC . -9.61 -5.06 14.48
C8 BCR DC . -8.78 -4.10 14.85
C9 BCR DC . -8.34 -3.87 16.21
C10 BCR DC . -7.61 -2.77 16.44
C11 BCR DC . -7.16 -2.32 17.75
C33 BCR DC . -7.92 -4.79 12.05
C31 BCR DC . -11.89 -6.87 13.89
C32 BCR DC . -12.47 -4.49 13.47
C34 BCR DC . -8.71 -4.91 17.23
C12 BCR DC . -6.56 -1.11 17.91
C13 BCR DC . -6.07 -0.61 19.23
C14 BCR DC . -5.43 0.60 19.30
C15 BCR DC . -4.82 1.21 20.52
C16 BCR DC . -4.14 2.39 20.46
C17 BCR DC . -3.52 2.90 21.69
C18 BCR DC . -2.75 4.05 21.78
C19 BCR DC . -2.20 4.45 23.12
C20 BCR DC . -1.41 5.52 23.33
C21 BCR DC . -0.86 5.81 24.65
C22 BCR DC . 0.04 6.76 24.99
C23 BCR DC . 0.44 6.79 26.41
C24 BCR DC . 1.19 7.79 26.94
C25 BCR DC . 1.56 7.98 28.43
C26 BCR DC . 1.96 7.01 29.26
C27 BCR DC . 2.16 7.20 30.76
C28 BCR DC . 1.53 8.47 31.28
C29 BCR DC . 2.06 9.52 30.36
C30 BCR DC . 1.49 9.41 28.95
C35 BCR DC . -6.22 -1.56 20.46
C36 BCR DC . -2.43 4.96 20.59
C37 BCR DC . 0.61 7.73 23.94
C38 BCR DC . 2.38 5.67 28.76
C39 BCR DC . 2.23 10.46 28.09
C40 BCR DC . 0.00 9.66 29.01
C1 BCR EC . -12.75 12.79 35.67
C2 BCR EC . -13.51 14.06 36.01
C3 BCR EC . -12.85 14.82 37.13
C4 BCR EC . -12.75 13.98 38.41
C5 BCR EC . -12.35 12.53 38.10
C6 BCR EC . -12.30 11.99 36.87
C7 BCR EC . -11.69 10.67 36.52
C8 BCR EC . -10.68 10.12 37.18
C9 BCR EC . -9.97 8.91 36.72
C10 BCR EC . -8.78 8.57 37.28
C11 BCR EC . -7.94 7.43 36.83
C33 BCR EC . -12.08 11.75 39.34
C31 BCR EC . -11.49 13.07 34.82
C32 BCR EC . -13.73 11.95 34.88
C34 BCR EC . -10.59 8.11 35.64
C12 BCR EC . -6.81 7.22 37.45
C13 BCR EC . -5.84 6.19 37.12
C14 BCR EC . -4.67 6.12 37.85
C15 BCR EC . -3.55 5.17 37.58
C16 BCR EC . -2.42 5.22 38.31
C17 BCR EC . -1.34 4.35 38.04
C18 BCR EC . -0.15 4.33 38.69
C19 BCR EC . 0.91 3.39 38.22
C20 BCR EC . 2.10 3.19 38.80
C21 BCR EC . 3.03 2.24 38.23
C22 BCR EC . 4.23 1.93 38.76
C23 BCR EC . 5.07 0.95 37.96
C24 BCR EC . 6.34 0.63 38.25
C25 BCR EC . 7.11 -0.35 37.47
C26 BCR EC . 7.23 -0.24 36.13
C27 BCR EC . 8.01 -1.21 35.24
C28 BCR EC . 8.23 -2.55 35.94
C29 BCR EC . 8.70 -2.28 37.30
C30 BCR EC . 7.70 -1.53 38.20
C35 BCR EC . -6.13 5.24 36.00
C36 BCR EC . 0.12 5.26 39.80
C37 BCR EC . 4.76 2.61 40.04
C38 BCR EC . 6.71 0.96 35.41
C39 BCR EC . 8.48 -1.05 39.45
C40 BCR EC . 6.54 -2.45 38.64
C1 LMG FC . -11.36 3.98 3.28
O1 LMG FC . -11.97 2.90 3.99
C2 LMG FC . -11.76 3.83 1.81
O2 LMG FC . -11.30 2.58 1.35
C3 LMG FC . -11.11 4.92 0.98
O3 LMG FC . -11.56 4.84 -0.39
C4 LMG FC . -11.44 6.29 1.62
O4 LMG FC . -12.86 6.55 1.46
C5 LMG FC . -11.12 6.34 3.12
O5 LMG FC . -11.27 7.54 5.13
C6 LMG FC . -11.51 7.70 3.74
O6 LMG FC . -11.78 5.24 3.84
C7 LMG FC . -11.34 2.63 5.24
C8 LMG FC . -11.35 1.17 5.48
C9 LMG FC . -10.41 0.49 4.54
O7 LMG FC . -10.90 0.89 6.78
C10 LMG FC . -11.84 0.54 7.79
O9 LMG FC . -12.90 0.97 7.53
C11 LMG FC . -11.50 -0.17 9.09
C12 LMG FC . -12.72 -0.40 9.96
C13 LMG FC . -13.53 -1.57 9.58
C14 LMG FC . -14.78 -1.71 10.45
C15 LMG FC . -15.18 -3.13 10.68
C16 LMG FC . -16.66 -3.30 10.95
C17 LMG FC . -16.84 -4.58 11.72
C18 LMG FC . -16.37 -5.79 10.99
C19 LMG FC . -16.59 -6.94 11.96
C20 LMG FC . -16.35 -8.22 11.20
C21 LMG FC . -15.89 -9.36 12.09
C22 LMG FC . -16.18 -10.68 11.42
C23 LMG FC . -15.43 -11.74 12.11
C24 LMG FC . -15.65 -13.05 11.45
C25 LMG FC . -15.04 -14.26 12.16
O8 LMG FC . -10.86 -0.90 4.39
C28 LMG FC . -9.98 -1.66 3.48
O10 LMG FC . -9.16 -1.07 2.94
C29 LMG FC . -10.01 -3.10 3.17
C30 LMG FC . -10.82 -3.83 4.18
C31 LMG FC . -10.17 -3.71 5.52
C32 LMG FC . -10.28 -5.01 6.26
C33 LMG FC . -9.09 -5.88 5.97
C34 LMG FC . -8.28 -6.07 7.22
C35 LMG FC . -6.92 -6.51 6.81
C36 LMG FC . -6.05 -6.77 7.98
C37 LMG FC . -5.04 -5.71 8.38
C38 LMG FC . -4.31 -6.39 9.54
C39 LMG FC . -3.93 -5.43 10.64
C40 LMG FC . -3.10 -6.24 11.59
C41 LMG FC . -2.81 -5.45 12.83
C42 LMG FC . -1.57 -6.10 13.47
C43 LMG FC . -1.16 -5.52 14.82
C1B LMT GC . -27.50 -34.96 43.41
C2B LMT GC . -26.84 -35.77 42.29
C3B LMT GC . -27.91 -36.56 41.55
C4B LMT GC . -28.69 -37.42 42.55
C5B LMT GC . -29.22 -36.68 43.80
C6B LMT GC . -29.63 -37.75 44.81
O1B LMT GC . -28.36 -33.98 42.81
O2B LMT GC . -26.08 -34.96 41.33
O3B LMT GC . -27.31 -37.39 40.53
O4' LMT GC . -29.80 -37.99 41.87
O5B LMT GC . -28.25 -35.78 44.37
O6B LMT GC . -30.52 -37.20 45.81
C1' LMT GC . -29.10 -30.04 43.24
C2' LMT GC . -28.25 -30.54 44.44
C3' LMT GC . -27.73 -31.96 44.10
C4' LMT GC . -28.85 -32.89 43.59
C5' LMT GC . -29.80 -32.24 42.59
C6' LMT GC . -31.09 -33.07 42.39
O1' LMT GC . -29.67 -28.73 43.38
O2' LMT GC . -27.18 -29.64 44.82
O3' LMT GC . -27.09 -32.54 45.25
O5' LMT GC . -30.19 -30.92 42.96
O6' LMT GC . -31.67 -33.53 43.60
C1 LMT GC . -29.92 -28.17 42.06
C2 LMT GC . -30.02 -26.65 42.11
C3 LMT GC . -30.53 -26.14 40.79
C4 LMT GC . -30.60 -24.63 40.77
C5 LMT GC . -31.91 -24.15 40.18
C6 LMT GC . -31.84 -22.75 39.61
C7 LMT GC . -33.14 -22.09 39.90
C8 LMT GC . -33.37 -20.87 39.04
C9 LMT GC . -34.71 -20.96 38.30
C10 LMT GC . -35.83 -20.05 38.82
C11 LMT GC . -36.99 -20.03 37.79
C12 LMT GC . -37.99 -18.85 37.84
C1 HTG HC . -26.50 15.09 -11.61
S1 HTG HC . -28.29 15.39 -11.67
C2 HTG HC . -25.72 16.10 -10.70
O2 HTG HC . -25.71 17.36 -11.38
C3 HTG HC . -24.32 15.71 -10.28
O3 HTG HC . -23.84 16.48 -9.20
C4 HTG HC . -24.23 14.21 -9.86
O4 HTG HC . -22.87 13.83 -9.52
C5 HTG HC . -24.90 13.38 -10.98
O5 HTG HC . -26.29 13.80 -11.13
C6 HTG HC . -24.92 11.86 -10.75
O6 HTG HC . -25.12 11.04 -11.92
C1' HTG HC . -28.59 14.64 -13.29
C2' HTG HC . -27.83 15.41 -14.40
C3' HTG HC . -28.65 15.90 -15.57
C4' HTG HC . -27.78 16.19 -16.77
C5' HTG HC . -28.41 17.29 -17.60
C6' HTG HC . -28.20 18.76 -17.09
C7' HTG HC . -29.21 19.85 -17.53
C1 HTG IC . -41.58 11.11 41.60
S1 HTG IC . -39.96 10.39 41.44
C2 HTG IC . -41.65 12.44 40.79
O2 HTG IC . -41.47 13.54 41.74
C3 HTG IC . -42.97 12.74 40.06
O3 HTG IC . -42.70 13.43 38.83
C4 HTG IC . -43.84 11.50 39.78
O4 HTG IC . -45.14 11.88 39.35
C5 HTG IC . -43.89 10.65 41.05
O5 HTG IC . -42.56 10.14 41.20
C6 HTG IC . -44.87 9.46 41.02
O6 HTG IC . -45.30 9.08 42.33
C1' HTG IC . -40.04 8.64 41.24
C2' HTG IC . -38.63 8.05 41.48
C3' HTG IC . -38.64 6.56 41.14
C4' HTG IC . -37.48 5.75 41.68
C5' HTG IC . -37.82 4.25 41.60
C6' HTG IC . -36.73 3.32 42.16
C7' HTG IC . -37.11 1.84 42.35
C1 GOL JC . -39.72 3.30 -1.67
O1 GOL JC . -40.57 4.45 -1.94
C2 GOL JC . -40.39 2.06 -1.10
O2 GOL JC . -41.21 2.19 0.05
C3 GOL JC . -41.51 1.67 -2.05
O3 GOL JC . -40.94 0.78 -2.93
C1 GOL KC . -44.23 2.48 -32.63
O1 GOL KC . -45.01 3.24 -31.69
C2 GOL KC . -42.93 2.05 -32.03
O2 GOL KC . -43.19 1.14 -30.93
C3 GOL KC . -42.11 1.30 -33.10
O3 GOL KC . -40.80 1.14 -32.49
C1 GOL LC . -8.68 -17.69 41.81
O1 GOL LC . -8.31 -16.92 40.70
C2 GOL LC . -10.18 -17.97 41.60
O2 GOL LC . -10.77 -18.19 42.89
C3 GOL LC . -10.34 -19.17 40.65
O3 GOL LC . -11.73 -19.50 40.30
C1 GOL MC . -26.96 18.28 12.08
O1 GOL MC . -27.11 17.36 11.06
C2 GOL MC . -25.64 18.34 12.85
O2 GOL MC . -25.93 19.28 13.82
C3 GOL MC . -25.16 17.15 13.65
O3 GOL MC . -24.70 16.16 12.75
C1 GOL NC . -12.67 3.10 -6.36
O1 GOL NC . -13.51 3.57 -5.34
C2 GOL NC . -11.35 3.88 -6.29
O2 GOL NC . -11.59 5.33 -6.31
C3 GOL NC . -10.49 3.54 -5.06
O3 GOL NC . -9.19 4.23 -5.08
C1 HTG OC . -8.42 24.90 25.77
S1 HTG OC . -7.13 24.22 26.78
C2 HTG OC . -9.45 25.54 26.69
O2 HTG OC . -9.80 24.62 27.79
C3 HTG OC . -10.63 26.00 25.80
O3 HTG OC . -11.57 26.74 26.56
C4 HTG OC . -10.27 26.90 24.61
O4 HTG OC . -11.45 27.05 23.75
C5 HTG OC . -9.02 26.37 23.90
O5 HTG OC . -8.01 25.88 24.83
C6 HTG OC . -8.35 27.45 23.02
O6 HTG OC . -7.98 26.92 21.72
C1' HTG OC . -5.98 23.48 25.62
C2' HTG OC . -5.27 22.28 26.30
C3' HTG OC . -3.97 22.01 25.64
C4' HTG OC . -3.44 20.80 26.32
C5' HTG OC . -2.09 20.46 25.77
C6' HTG OC . -1.22 19.77 26.82
C7' HTG OC . -1.06 18.29 26.64
C1 HTG PC . -11.17 25.18 31.33
S1 HTG PC . -9.65 25.13 30.44
C2 HTG PC . -12.04 26.19 30.58
O2 HTG PC . -11.37 27.44 30.32
C3 HTG PC . -13.37 26.40 31.31
O3 HTG PC . -14.22 27.24 30.51
C4 HTG PC . -14.07 25.04 31.57
O4 HTG PC . -15.23 25.18 32.42
C5 HTG PC . -13.11 24.02 32.21
O5 HTG PC . -11.89 23.91 31.45
C6 HTG PC . -13.73 22.64 32.45
O6 HTG PC . -14.89 22.39 31.65
C1' HTG PC . -8.55 24.04 31.35
C2' HTG PC . -7.27 23.60 30.60
C3' HTG PC . -6.75 22.29 31.23
C4' HTG PC . -5.59 21.65 30.53
C5' HTG PC . -5.44 20.23 31.08
C6' HTG PC . -4.04 19.75 30.87
C7' HTG PC . -4.00 18.30 30.40
O1 LHG QC . -0.53 -25.19 19.76
C1 LHG QC . -0.92 -26.37 18.99
C2 LHG QC . -0.31 -27.65 19.58
O2 LHG QC . 1.03 -27.84 19.12
C3 LHG QC . -1.13 -28.91 19.15
O3 LHG QC . -2.33 -29.03 19.91
P LHG QC . -3.69 -29.57 19.29
O4 LHG QC . -3.31 -30.84 18.53
O5 LHG QC . -4.63 -29.45 20.51
O6 LHG QC . -4.08 -28.45 18.24
C4 LHG QC . -4.03 -28.67 16.85
C5 LHG QC . -4.40 -27.33 16.19
C6 LHG QC . -4.02 -27.43 14.74
O7 LHG QC . -5.82 -27.18 16.36
C7 LHG QC . -6.39 -25.90 16.41
O9 LHG QC . -5.60 -25.00 16.54
C8 LHG QC . -7.93 -25.80 16.27
C9 LHG QC . -8.18 -24.85 15.05
C10 LHG QC . -8.18 -25.72 13.78
O8 LHG QC . -4.39 -26.24 14.03
C23 LHG QC . -3.66 -25.05 14.26
O10 LHG QC . -2.80 -25.06 15.14
C24 LHG QC . -3.99 -23.89 13.39
C11 LHG QC . -8.04 -24.97 12.48
C12 LHG QC . -7.55 -25.84 11.37
C13 LHG QC . -8.14 -25.40 10.05
C14 LHG QC . -7.16 -25.70 8.96
C15 LHG QC . -7.79 -26.40 7.81
C16 LHG QC . -7.27 -25.83 6.50
C17 LHG QC . -8.20 -24.71 6.10
C18 LHG QC . -7.86 -24.08 4.75
C19 LHG QC . -8.18 -24.91 3.52
C20 LHG QC . -9.63 -24.86 3.12
C21 LHG QC . -9.78 -25.39 1.73
C22 LHG QC . -11.24 -25.28 1.38
C25 LHG QC . -3.91 -22.59 14.11
C26 LHG QC . -4.34 -21.41 13.23
C27 LHG QC . -4.33 -20.17 14.12
C28 LHG QC . -4.24 -18.81 13.49
C29 LHG QC . -4.20 -17.81 14.60
C30 LHG QC . -4.19 -16.36 14.20
C31 LHG QC . -3.22 -15.49 15.04
C32 LHG QC . -3.64 -14.02 14.87
C33 LHG QC . -2.75 -12.95 15.46
C34 LHG QC . -3.65 -11.72 15.58
C35 LHG QC . -3.11 -10.31 15.83
C36 LHG QC . -4.29 -9.32 15.54
C37 LHG QC . -4.27 -7.91 16.14
C38 LHG QC . -5.39 -6.99 15.62
C1 GOL RC . -7.00 9.04 5.70
O1 GOL RC . -5.64 9.38 5.31
C2 GOL RC . -8.12 9.44 4.72
O2 GOL RC . -7.78 9.36 3.26
C3 GOL RC . -8.65 10.81 5.17
O3 GOL RC . -8.94 11.71 4.08
C1 LMG SC . -20.66 -33.13 38.62
O1 LMG SC . -22.01 -32.58 38.73
C2 LMG SC . -19.62 -32.16 39.23
O2 LMG SC . -19.50 -30.92 38.48
C3 LMG SC . -18.20 -32.73 39.30
O3 LMG SC . -17.42 -31.89 40.20
C4 LMG SC . -18.11 -34.24 39.65
O4 LMG SC . -17.88 -34.42 41.06
C5 LMG SC . -19.30 -35.11 39.17
O5 LMG SC . -18.24 -36.94 40.39
C6 LMG SC . -19.49 -36.41 39.98
O6 LMG SC . -20.56 -34.42 39.25
C7 LMG SC . -23.12 -33.24 38.06
C8 LMG SC . -24.42 -32.84 38.78
C9 LMG SC . -24.60 -31.31 38.63
O7 LMG SC . -25.52 -33.64 38.29
C10 LMG SC . -26.81 -33.05 37.92
O9 LMG SC . -27.11 -33.05 36.74
C11 LMG SC . -27.71 -32.43 38.98
C12 LMG SC . -28.73 -31.49 38.31
C13 LMG SC . -29.90 -31.08 39.24
C14 LMG SC . -30.91 -30.25 38.48
C15 LMG SC . -30.39 -28.82 38.29
C16 LMG SC . -30.43 -28.31 36.84
C17 LMG SC . -31.83 -28.14 36.25
C18 LMG SC . -32.85 -27.38 37.13
C19 LMG SC . -33.42 -26.10 36.55
C20 LMG SC . -34.86 -26.02 36.14
C21 LMG SC . -35.64 -24.83 36.72
C22 LMG SC . -36.85 -24.57 35.83
C23 LMG SC . -37.75 -23.42 36.30
C24 LMG SC . -38.99 -23.22 35.41
C25 LMG SC . -40.03 -22.42 36.19
C26 LMG SC . -41.22 -21.92 35.36
C27 LMG SC . -42.35 -21.34 36.21
O8 LMG SC . -24.61 -30.67 39.93
C28 LMG SC . -25.51 -29.60 40.34
O10 LMG SC . -25.46 -29.24 41.55
C29 LMG SC . -26.53 -28.96 39.36
C30 LMG SC . -26.16 -28.58 37.86
C31 LMG SC . -27.21 -27.71 37.16
C32 LMG SC . -26.57 -26.58 36.41
C33 LMG SC . -27.50 -25.75 35.58
C34 LMG SC . -28.16 -24.57 36.30
C35 LMG SC . -29.24 -24.01 35.34
C36 LMG SC . -30.46 -23.31 35.95
C37 LMG SC . -31.46 -23.01 34.84
C38 LMG SC . -32.53 -22.07 35.29
C39 LMG SC . -33.34 -21.63 34.10
C40 LMG SC . -34.58 -20.85 34.49
C41 LMG SC . -35.57 -20.84 33.34
C42 LMG SC . -36.93 -20.26 33.74
C43 LMG SC . -36.97 -18.72 34.00
C44 LMG SC . -38.38 -18.16 34.34
C45 LMG SC . -38.38 -16.96 35.25
C1 GOL TC . -48.59 8.17 -27.99
O1 GOL TC . -49.86 8.39 -27.32
C2 GOL TC . -48.49 7.08 -29.11
O2 GOL TC . -47.24 7.14 -29.85
C3 GOL TC . -48.50 5.65 -28.55
O3 GOL TC . -47.54 5.44 -27.54
O1 PG4 UC . -20.06 23.95 39.92
C1 PG4 UC . -18.72 24.23 39.48
C2 PG4 UC . -18.48 23.49 38.17
O2 PG4 UC . -17.16 22.93 38.05
C3 PG4 UC . -16.98 21.69 38.74
C4 PG4 UC . -15.48 21.34 38.75
O3 PG4 UC . -15.25 20.22 39.59
C5 PG4 UC . -15.40 18.95 38.97
C6 PG4 UC . -15.55 17.86 40.04
O4 PG4 UC . -16.20 16.75 39.42
C7 PG4 UC . -16.48 15.59 40.22
C8 PG4 UC . -16.89 14.47 39.27
O5 PG4 UC . -16.85 13.16 39.89
O1 PG4 VC . -36.19 -4.37 45.57
C1 PG4 VC . -36.52 -4.99 46.84
C2 PG4 VC . -35.31 -5.17 47.78
O2 PG4 VC . -35.20 -6.46 48.45
C3 PG4 VC . -33.98 -6.72 49.17
C4 PG4 VC . -33.73 -8.23 49.30
O3 PG4 VC . -33.47 -8.63 50.67
C5 PG4 VC . -33.90 -9.97 51.03
C6 PG4 VC . -33.59 -10.28 52.50
O4 PG4 VC . -33.04 -11.60 52.61
C7 PG4 VC . -32.50 -11.94 53.90
C8 PG4 VC . -32.02 -13.41 53.90
O5 PG4 VC . -32.01 -13.96 55.23
O1 PG4 WC . -30.30 -4.92 51.14
C1 PG4 WC . -30.73 -6.23 51.62
C2 PG4 WC . -30.37 -6.44 53.11
O2 PG4 WC . -30.12 -7.79 53.56
C3 PG4 WC . -30.02 -7.98 55.01
C4 PG4 WC . -29.06 -9.13 55.36
O3 PG4 WC . -29.14 -9.59 56.71
C5 PG4 WC . -28.31 -8.94 57.68
C6 PG4 WC . -29.06 -8.70 58.99
O4 PG4 WC . -29.40 -7.31 59.15
C7 PG4 WC . -28.40 -6.44 59.71
C8 PG4 WC . -28.30 -5.13 58.93
O5 PG4 WC . -27.18 -5.09 58.01
O1 PG4 XC . -18.35 -0.69 48.00
C1 PG4 XC . -17.43 -0.77 49.11
C2 PG4 XC . -17.60 -2.06 49.94
O2 PG4 XC . -18.20 -1.86 51.25
C3 PG4 XC . -18.31 -3.06 52.08
C4 PG4 XC . -19.38 -3.01 53.21
O3 PG4 XC . -19.48 -4.26 53.98
C5 PG4 XC . -20.28 -4.23 55.18
C6 PG4 XC . -20.00 -5.41 56.14
O4 PG4 XC . -18.62 -5.80 56.00
C7 PG4 XC . -18.28 -6.96 56.76
C8 PG4 XC . -16.76 -7.20 56.87
O5 PG4 XC . -16.37 -8.60 56.99
O1 PG4 YC . 2.85 7.98 42.90
C1 PG4 YC . 2.55 8.83 41.78
C2 PG4 YC . 1.03 9.01 41.57
O2 PG4 YC . 0.75 9.98 40.54
C3 PG4 YC . 0.23 9.44 39.30
C4 PG4 YC . -1.28 9.32 39.34
O3 PG4 YC . -1.91 10.21 38.42
C5 PG4 YC . -3.34 10.31 38.59
C6 PG4 YC . -3.99 11.18 37.50
O4 PG4 YC . -5.41 11.31 37.76
C7 PG4 YC . -5.84 12.68 37.98
C8 PG4 YC . -7.30 12.84 38.39
O5 PG4 YC . -7.78 14.16 38.06
O1 PG4 ZC . -41.00 15.25 34.21
C1 PG4 ZC . -40.32 16.09 35.14
C2 PG4 ZC . -39.29 15.30 35.97
O2 PG4 ZC . -38.48 16.21 36.79
C3 PG4 ZC . -37.86 15.73 37.99
C4 PG4 ZC . -38.80 15.02 38.98
O3 PG4 ZC . -38.62 13.57 38.94
C5 PG4 ZC . -37.47 13.12 39.70
C6 PG4 ZC . -37.80 12.97 41.18
O4 PG4 ZC . -37.17 13.98 41.97
C7 PG4 ZC . -37.70 14.16 43.28
C8 PG4 ZC . -37.03 13.19 44.27
O5 PG4 ZC . -36.66 13.87 45.48
O1 PG4 AD . -31.60 4.37 47.19
C1 PG4 AD . -32.04 4.03 48.51
C2 PG4 AD . -31.07 3.04 49.15
O2 PG4 AD . -29.74 3.47 48.85
C3 PG4 AD . -28.76 3.29 49.91
C4 PG4 AD . -27.38 3.84 49.51
O3 PG4 AD . -26.60 4.10 50.65
C5 PG4 AD . -25.90 2.93 51.17
C6 PG4 AD . -24.84 3.22 52.24
O4 PG4 AD . -24.06 2.04 52.54
C7 PG4 AD . -22.76 1.87 51.90
C8 PG4 AD . -22.13 0.45 52.08
O5 PG4 AD . -21.31 0.02 50.97
O1 PG4 BD . -25.64 25.02 38.92
C1 PG4 BD . -24.85 26.06 38.29
C2 PG4 BD . -24.28 27.05 39.32
O2 PG4 BD . -24.03 26.47 40.61
C3 PG4 BD . -22.96 25.51 40.66
C4 PG4 BD . -23.47 24.17 41.19
O3 PG4 BD . -22.35 23.41 41.68
C5 PG4 BD . -22.72 22.27 42.43
C6 PG4 BD . -21.49 21.89 43.23
O4 PG4 BD . -20.70 21.01 42.41
C7 PG4 BD . -19.69 20.24 43.09
C8 PG4 BD . -19.88 18.78 42.71
O5 PG4 BD . -18.61 18.11 42.59
C1 PGE CD . -12.49 20.40 35.36
O1 PGE CD . -13.22 19.26 35.86
C2 PGE CD . -11.82 20.10 34.02
O2 PGE CD . -10.94 19.00 34.23
C3 PGE CD . -10.17 18.63 33.10
C4 PGE CD . -9.62 17.22 33.32
O4 PGE CD . -6.18 14.85 31.16
C6 PGE CD . -6.67 15.38 32.39
C5 PGE CD . -8.17 15.49 32.35
O3 PGE CD . -8.56 16.87 32.40
C1 PGE DD . -50.82 5.37 -5.63
O1 PGE DD . -51.89 4.47 -5.37
C2 PGE DD . -50.42 5.28 -7.09
O2 PGE DD . -49.04 5.67 -7.26
C3 PGE DD . -48.75 7.07 -7.51
C4 PGE DD . -48.19 7.70 -6.23
O4 PGE DD . -50.57 11.69 -5.47
C6 PGE DD . -50.12 10.35 -5.84
C5 PGE DD . -48.65 10.03 -5.50
O3 PGE DD . -48.04 9.11 -6.46
C1 PGE ED . -43.10 8.48 45.48
O1 PGE ED . -43.64 9.35 44.48
C2 PGE ED . -43.26 7.01 45.10
O2 PGE ED . -42.20 6.62 44.21
C3 PGE ED . -41.64 5.31 44.38
C4 PGE ED . -42.65 4.22 44.02
O4 PGE ED . -40.85 0.37 42.79
C6 PGE ED . -42.20 0.84 42.78
C5 PGE ED . -42.54 1.81 43.91
O3 PGE ED . -41.94 3.07 43.56
C1 PGE FD . -28.40 6.79 46.04
O1 PGE FD . -27.14 6.79 46.74
C2 PGE FD . -29.13 8.12 46.22
O2 PGE FD . -30.53 7.89 46.13
C3 PGE FD . -31.35 9.07 46.17
C4 PGE FD . -32.77 8.72 45.71
O4 PGE FD . -35.18 10.57 42.24
C6 PGE FD . -34.93 9.81 43.44
C5 PGE FD . -33.86 10.47 44.34
O3 PGE FD . -33.66 9.86 45.64
C1 PGE GD . -48.34 -8.61 -15.17
O1 PGE GD . -47.69 -9.88 -15.53
C2 PGE GD . -48.64 -7.67 -16.36
O2 PGE GD . -47.47 -6.98 -16.88
C3 PGE GD . -47.51 -5.57 -16.87
C4 PGE GD . -48.55 -5.11 -17.94
O4 PGE GD . -48.95 -0.65 -19.23
C6 PGE GD . -48.57 -1.30 -18.00
C5 PGE GD . -48.12 -2.74 -18.28
O3 PGE GD . -49.04 -3.75 -17.80
C1 PGE HD . -51.30 6.20 -25.81
O1 PGE HD . -49.95 6.72 -25.45
C2 PGE HD . -51.95 5.41 -24.65
O2 PGE HD . -50.98 5.14 -23.61
C3 PGE HD . -51.20 5.71 -22.28
C4 PGE HD . -50.70 7.16 -22.19
O4 PGE HD . -52.65 10.11 -21.07
C6 PGE HD . -52.49 10.16 -22.49
C5 PGE HD . -51.21 9.46 -22.92
O3 PGE HD . -51.44 8.04 -23.05
C1 PGE ID . -51.28 16.51 -28.49
O1 PGE ID . -49.88 16.77 -28.45
C2 PGE ID . -51.81 16.67 -27.07
O2 PGE ID . -51.54 17.98 -26.53
C3 PGE ID . -52.52 18.97 -26.87
C4 PGE ID . -53.59 19.10 -25.79
O4 PGE ID . -55.61 15.72 -23.78
C6 PGE ID . -55.24 15.77 -25.18
C5 PGE ID . -55.09 17.21 -25.69
O3 PGE ID . -53.88 17.81 -25.22
O1 P6G JD . -12.21 7.34 40.46
C2 P6G JD . -13.01 7.98 39.44
C3 P6G JD . -14.11 7.04 38.93
O4 P6G JD . -14.66 7.56 37.72
C5 P6G JD . -16.04 7.28 37.48
C6 P6G JD . -16.47 7.91 36.15
O7 P6G JD . -17.38 9.01 36.35
C8 P6G JD . -17.81 9.67 35.16
C9 P6G JD . -17.93 11.14 35.52
O10 P6G JD . -17.49 12.00 34.48
C11 P6G JD . -17.74 13.35 34.91
C12 P6G JD . -16.93 14.45 34.22
O13 P6G JD . -17.16 15.68 34.93
C14 P6G JD . -16.06 16.60 34.82
C15 P6G JD . -16.55 17.99 35.14
O16 P6G JD . -15.46 18.86 34.84
C17 P6G JD . -15.83 20.13 34.33
C18 P6G JD . -16.52 20.97 35.40
O19 P6G JD . -17.78 21.45 34.93
O1 P6G KD . -36.50 20.20 32.44
C2 P6G KD . -35.51 19.43 31.73
C3 P6G KD . -34.25 19.13 32.59
O4 P6G KD . -34.15 18.08 33.63
C5 P6G KD . -34.84 18.55 34.84
C6 P6G KD . -34.90 17.59 36.02
O7 P6G KD . -34.18 18.21 37.11
C8 P6G KD . -34.24 17.52 38.33
C9 P6G KD . -33.34 16.29 38.24
O10 P6G KD . -33.84 15.25 39.09
C11 P6G KD . -32.86 14.26 39.51
C12 P6G KD . -33.56 13.10 40.24
O13 P6G KD . -32.91 12.69 41.46
C14 P6G KD . -32.61 13.67 42.47
C15 P6G KD . -31.10 13.82 42.68
O16 P6G KD . -30.82 14.50 43.91
C17 P6G KD . -29.52 14.25 44.46
C18 P6G KD . -29.59 13.59 45.84
O19 P6G KD . -30.16 12.26 45.80
OH2 1PE LD . -12.17 22.11 38.08
C12 1PE LD . -11.64 22.23 39.42
C22 1PE LD . -10.29 21.53 39.49
OH3 1PE LD . -10.46 20.13 39.20
C13 1PE LD . -9.53 18.02 38.27
C23 1PE LD . -9.45 19.55 38.36
OH4 1PE LD . -9.94 17.45 39.52
C14 1PE LD . -9.51 17.46 41.93
C24 1PE LD . -8.93 17.27 40.52
OH5 1PE LD . -10.96 17.48 41.94
C15 1PE LD . -11.77 15.53 43.12
C25 1PE LD . -11.58 17.04 43.16
OH6 1PE LD . -13.15 15.19 43.06
C16 1PE LD . -13.74 13.84 45.00
C26 1PE LD . -13.83 15.20 44.32
OH7 1PE LD . -14.43 12.82 44.26
OH2 1PE MD . -21.78 8.97 41.30
C12 1PE MD . -22.45 10.01 42.05
C22 1PE MD . -21.89 11.41 41.74
OH3 1PE MD . -22.46 12.46 42.55
C13 1PE MD . -22.48 14.92 42.04
C23 1PE MD . -21.75 13.74 42.72
OH4 1PE MD . -22.82 16.10 42.85
C14 1PE MD . -24.17 18.13 42.81
C24 1PE MD . -23.28 17.19 42.01
OH5 1PE MD . -24.83 19.14 42.01
C15 1PE MD . -26.54 20.72 41.87
C25 1PE MD . -25.75 19.83 42.82
OH6 1PE MD . -26.69 22.01 42.44
C16 1PE MD . -27.30 24.30 42.24
C26 1PE MD . -27.04 23.01 41.48
OH7 1PE MD . -28.67 24.70 42.06
C1 EDO ND . -48.20 14.26 7.15
O1 EDO ND . -48.96 13.25 6.45
C2 EDO ND . -46.83 13.70 7.50
O2 EDO ND . -45.95 14.59 8.18
C1 EDO OD . -46.87 16.93 11.86
O1 EDO OD . -46.18 15.88 11.13
C2 EDO OD . -45.86 18.02 12.31
O2 EDO OD . -44.54 17.79 11.68
C1 EDO PD . -25.68 10.12 45.75
O1 EDO PD . -26.26 11.39 46.10
C2 EDO PD . -25.15 10.11 44.31
O2 EDO PD . -24.67 8.81 43.90
C1 EDO QD . -14.75 4.25 43.16
O1 EDO QD . -14.51 4.72 41.82
C2 EDO QD . -13.42 4.19 43.88
O2 EDO QD . -12.42 3.64 42.99
MG CLA RD . -26.91 -55.14 -33.00
CHA CLA RD . -29.79 -53.30 -33.74
CHB CLA RD . -25.10 -52.25 -33.04
CHC CLA RD . -24.25 -56.86 -31.79
CHD CLA RD . -28.91 -58.05 -32.61
NA CLA RD . -27.31 -53.19 -33.36
C1A CLA RD . -28.50 -52.61 -33.59
C2A CLA RD . -28.51 -51.10 -33.63
C3A CLA RD . -27.04 -50.78 -33.52
C4A CLA RD . -26.43 -52.18 -33.29
CMA CLA RD . -26.54 -50.14 -34.82
CAA CLA RD . -29.32 -50.42 -32.52
CBA CLA RD . -29.05 -51.00 -31.14
CGA CLA RD . -28.02 -50.22 -30.37
O1A CLA RD . -28.08 -49.06 -30.03
O2A CLA RD . -26.90 -50.99 -30.03
NB CLA RD . -24.98 -54.64 -32.58
C1B CLA RD . -24.40 -53.43 -32.60
C2B CLA RD . -22.98 -53.42 -32.20
C3B CLA RD . -22.76 -54.82 -31.87
C4B CLA RD . -24.06 -55.43 -32.08
CMB CLA RD . -22.01 -52.32 -32.20
CAB CLA RD . -21.60 -55.60 -31.38
CBB CLA RD . -20.43 -55.21 -31.51
NC CLA RD . -26.61 -57.06 -32.39
C1C CLA RD . -25.51 -57.59 -31.85
C2C CLA RD . -25.57 -59.00 -31.37
C3C CLA RD . -26.95 -59.34 -31.68
C4C CLA RD . -27.50 -58.09 -32.21
CMC CLA RD . -24.51 -59.89 -30.78
CAC CLA RD . -27.65 -60.62 -31.31
CBC CLA RD . -28.16 -60.36 -29.89
ND CLA RD . -28.89 -55.61 -33.18
C1D CLA RD . -29.59 -56.86 -33.00
C2D CLA RD . -31.02 -56.70 -33.28
C3D CLA RD . -31.12 -55.25 -33.60
C4D CLA RD . -29.87 -54.72 -33.46
CMD CLA RD . -32.21 -57.64 -33.26
CAD CLA RD . -31.99 -54.11 -33.93
OBD CLA RD . -33.27 -54.22 -34.09
CBD CLA RD . -31.17 -52.84 -34.05
CGD CLA RD . -31.19 -52.36 -35.45
O1D CLA RD . -30.34 -52.53 -36.24
O2D CLA RD . -32.16 -51.63 -36.02
CED CLA RD . -32.36 -51.93 -37.40
C1 CLA RD . -25.87 -50.43 -29.21
C2 CLA RD . -24.77 -51.47 -29.17
C3 CLA RD . -23.92 -51.63 -28.15
C4 CLA RD . -24.00 -50.79 -26.92
C5 CLA RD . -22.89 -52.70 -28.20
C6 CLA RD . -21.49 -52.10 -28.21
C7 CLA RD . -20.47 -53.21 -28.35
C8 CLA RD . -19.02 -52.73 -28.10
C9 CLA RD . -18.54 -52.06 -29.34
C10 CLA RD . -18.12 -53.92 -27.81
C11 CLA RD . -18.18 -54.47 -26.38
C12 CLA RD . -17.16 -55.61 -26.28
C13 CLA RD . -17.29 -56.36 -24.98
C14 CLA RD . -16.92 -55.44 -23.83
C15 CLA RD . -16.51 -57.69 -25.03
C16 CLA RD . -15.04 -57.58 -25.34
C17 CLA RD . -14.38 -58.78 -24.67
C18 CLA RD . -13.06 -59.23 -25.24
C19 CLA RD . -12.36 -60.15 -24.25
C20 CLA RD . -12.19 -58.09 -25.64
MG CLA SD . -31.54 -51.61 -21.54
CHA CLA SD . -31.61 -51.07 -24.99
CHB CLA SD . -34.98 -51.90 -21.59
CHC CLA SD . -31.53 -52.34 -18.20
CHD CLA SD . -28.04 -51.97 -21.61
NA CLA SD . -33.02 -51.45 -23.00
C1A CLA SD . -32.90 -51.23 -24.29
C2A CLA SD . -34.18 -51.32 -25.10
C3A CLA SD . -35.22 -51.47 -24.01
C4A CLA SD . -34.36 -51.63 -22.76
CMA CLA SD . -36.12 -50.24 -23.81
CAA CLA SD . -34.24 -52.46 -26.16
CBA CLA SD . -33.86 -53.77 -25.55
CGA CLA SD . -33.62 -54.84 -26.59
O1A CLA SD . -34.13 -54.98 -27.65
O2A CLA SD . -32.62 -55.73 -26.20
NB CLA SD . -32.97 -51.97 -20.14
C1B CLA SD . -34.31 -52.09 -20.31
C2B CLA SD . -35.08 -52.35 -19.06
C3B CLA SD . -34.05 -52.46 -18.07
C4B CLA SD . -32.81 -52.28 -18.87
CMB CLA SD . -36.55 -52.46 -18.90
CAB CLA SD . -34.09 -52.63 -16.61
CBB CLA SD . -35.12 -52.19 -15.92
NC CLA SD . -30.08 -52.00 -20.14
C1C CLA SD . -30.23 -52.32 -18.85
C2C CLA SD . -28.96 -52.46 -18.08
C3C CLA SD . -27.96 -52.35 -19.12
C4C CLA SD . -28.73 -52.09 -20.35
CMC CLA SD . -28.70 -52.75 -16.65
CAC CLA SD . -26.47 -52.42 -18.92
CBC CLA SD . -26.00 -51.09 -18.37
ND CLA SD . -30.11 -51.53 -22.96
C1D CLA SD . -28.70 -51.71 -22.84
C2D CLA SD . -28.09 -51.46 -24.14
C3D CLA SD . -29.23 -51.16 -25.02
C4D CLA SD . -30.37 -51.31 -24.27
CMD CLA SD . -26.69 -51.46 -24.59
CAD CLA SD . -29.74 -50.81 -26.37
OBD CLA SD . -28.95 -50.59 -27.32
CBD CLA SD . -31.24 -50.70 -26.40
CGD CLA SD . -31.69 -49.27 -26.57
O1D CLA SD . -32.75 -48.89 -27.08
O2D CLA SD . -30.83 -48.29 -26.04
CED CLA SD . -31.26 -46.89 -26.01
C1 CLA SD . -32.06 -56.63 -27.15
C2 CLA SD . -32.66 -58.02 -26.95
C3 CLA SD . -31.89 -59.10 -26.75
C4 CLA SD . -30.41 -59.08 -26.67
C5 CLA SD . -32.55 -60.45 -26.65
C6 CLA SD . -32.41 -61.18 -28.00
C7 CLA SD . -33.06 -60.45 -29.18
C8 CLA SD . -32.99 -61.25 -30.49
C9 CLA SD . -31.55 -61.43 -31.03
C10 CLA SD . -33.79 -60.43 -31.50
C11 CLA SD . -33.94 -61.00 -32.89
C12 CLA SD . -34.89 -60.09 -33.67
C13 CLA SD . -34.90 -60.48 -35.14
C14 CLA SD . -35.45 -59.35 -35.99
C15 CLA SD . -35.74 -61.76 -35.30
C16 CLA SD . -36.15 -62.03 -36.74
C17 CLA SD . -36.58 -63.49 -37.01
C18 CLA SD . -36.52 -63.63 -38.54
C19 CLA SD . -37.80 -63.17 -39.26
C20 CLA SD . -35.92 -64.96 -39.01
MG CLA TD . -36.73 -60.48 -27.49
CHA CLA TD . -37.16 -57.08 -27.85
CHB CLA TD . -37.45 -60.89 -30.75
CHC CLA TD . -35.51 -63.65 -27.33
CHD CLA TD . -35.63 -59.95 -24.15
NA CLA TD . -37.27 -59.23 -29.02
C1A CLA TD . -37.37 -57.92 -29.01
C2A CLA TD . -37.71 -57.26 -30.33
C3A CLA TD . -37.67 -58.50 -31.25
C4A CLA TD . -37.45 -59.63 -30.29
CMA CLA TD . -38.90 -58.67 -32.13
CAA CLA TD . -36.86 -56.10 -30.89
CBA CLA TD . -35.35 -56.38 -30.74
CGA CLA TD . -34.51 -55.12 -30.79
O1A CLA TD . -34.87 -53.94 -30.97
O2A CLA TD . -33.11 -55.38 -30.62
NB CLA TD . -36.62 -61.99 -28.80
C1B CLA TD . -36.91 -62.02 -30.10
C2B CLA TD . -36.64 -63.31 -30.82
C3B CLA TD . -36.05 -64.09 -29.74
C4B CLA TD . -36.05 -63.18 -28.60
CMB CLA TD . -36.91 -63.66 -32.25
CAB CLA TD . -35.55 -65.49 -29.67
CBB CLA TD . -35.54 -66.24 -30.69
NC CLA TD . -35.88 -61.63 -25.99
C1C CLA TD . -35.33 -62.83 -26.12
C2C CLA TD . -34.62 -63.34 -24.91
C3C CLA TD . -34.65 -62.22 -23.99
C4C CLA TD . -35.42 -61.24 -24.77
CMC CLA TD . -33.94 -64.61 -24.62
CAC CLA TD . -34.06 -62.08 -22.60
CBC CLA TD . -32.67 -61.37 -22.74
ND CLA TD . -36.55 -58.90 -26.24
C1D CLA TD . -36.05 -58.80 -24.91
C2D CLA TD . -36.12 -57.43 -24.42
C3D CLA TD . -36.61 -56.73 -25.59
C4D CLA TD . -36.71 -57.61 -26.61
CMD CLA TD . -35.88 -56.80 -23.10
CAD CLA TD . -36.96 -55.45 -26.21
OBD CLA TD . -36.98 -54.33 -25.57
CBD CLA TD . -37.34 -55.62 -27.65
CGD CLA TD . -38.76 -55.22 -27.80
O1D CLA TD . -39.09 -54.32 -28.50
O2D CLA TD . -39.72 -55.98 -27.04
CED CLA TD . -41.04 -55.99 -27.47
C1 CLA TD . -32.26 -54.25 -30.37
C2 CLA TD . -30.83 -54.71 -30.23
C3 CLA TD . -29.99 -54.46 -29.23
C4 CLA TD . -30.40 -53.67 -28.06
C5 CLA TD . -28.53 -54.89 -29.28
C6 CLA TD . -28.28 -56.23 -28.66
C7 CLA TD . -26.75 -56.54 -28.76
C8 CLA TD . -25.82 -55.62 -27.96
C9 CLA TD . -24.44 -56.21 -27.84
C10 CLA TD . -26.38 -55.32 -26.55
C11 CLA TD . -26.57 -56.62 -25.70
C12 CLA TD . -27.79 -56.56 -24.79
C13 CLA TD . -27.70 -55.38 -23.80
C14 CLA TD . -26.40 -55.39 -22.96
C15 CLA TD . -28.92 -55.40 -22.90
C16 CLA TD . -30.24 -55.04 -23.60
C17 CLA TD . -31.34 -54.89 -22.52
C18 CLA TD . -31.73 -56.17 -21.79
C19 CLA TD . -32.06 -57.34 -22.74
C20 CLA TD . -32.89 -55.84 -20.81
MG CLA UD . -41.65 -47.53 -18.51
CHA CLA UD . -44.41 -45.48 -19.04
CHB CLA UD . -39.71 -45.32 -20.19
CHC CLA UD . -38.88 -49.29 -17.53
CHD CLA UD . -43.61 -49.65 -16.63
NA CLA UD . -41.98 -45.73 -19.40
C1A CLA UD . -43.12 -45.03 -19.48
C2A CLA UD . -42.93 -43.59 -19.99
C3A CLA UD . -41.50 -43.68 -20.58
C4A CLA UD . -41.01 -44.98 -20.00
CMA CLA UD . -41.45 -43.76 -22.10
CAA CLA UD . -43.08 -42.55 -18.90
CBA CLA UD . -42.03 -42.74 -17.78
CGA CLA UD . -42.38 -41.89 -16.54
O1A CLA UD . -43.25 -41.03 -16.44
O2A CLA UD . -41.54 -42.13 -15.43
NB CLA UD . -39.66 -47.39 -18.82
C1B CLA UD . -38.99 -46.41 -19.53
C2B CLA UD . -37.56 -46.62 -19.68
C3B CLA UD . -37.34 -47.76 -18.84
C4B CLA UD . -38.69 -48.16 -18.40
CMB CLA UD . -36.56 -45.79 -20.38
CAB CLA UD . -36.12 -48.53 -18.60
CBB CLA UD . -35.13 -48.60 -19.47
NC CLA UD . -41.28 -49.20 -17.39
C1C CLA UD . -40.12 -49.69 -16.98
C2C CLA UD . -40.15 -50.77 -16.01
C3C CLA UD . -41.56 -50.85 -15.74
C4C CLA UD . -42.16 -49.85 -16.59
CMC CLA UD . -39.03 -51.57 -15.40
CAC CLA UD . -42.22 -51.76 -14.81
CBC CLA UD . -42.47 -50.93 -13.53
ND CLA UD . -43.60 -47.62 -18.04
C1D CLA UD . -44.28 -48.57 -17.24
C2D CLA UD . -45.66 -48.21 -17.04
C3D CLA UD . -45.78 -46.98 -17.83
C4D CLA UD . -44.52 -46.66 -18.26
CMD CLA UD . -46.81 -48.89 -16.39
CAD CLA UD . -46.59 -45.84 -18.20
OBD CLA UD . -47.85 -45.71 -17.97
CBD CLA UD . -45.75 -44.84 -19.00
CGD CLA UD . -46.25 -44.67 -20.39
O1D CLA UD . -46.29 -43.57 -20.96
O2D CLA UD . -46.70 -45.82 -21.07
CED CLA UD . -47.16 -45.62 -22.43
C1 CLA UD . -41.66 -41.36 -14.26
C2 CLA UD . -40.37 -41.49 -13.50
C3 CLA UD . -40.17 -42.28 -12.45
C4 CLA UD . -41.19 -43.23 -11.83
C5 CLA UD . -38.82 -42.19 -11.80
C6 CLA UD . -38.11 -43.49 -11.64
C7 CLA UD . -36.87 -43.19 -10.77
C8 CLA UD . -36.18 -44.47 -10.31
C9 CLA UD . -36.79 -45.00 -8.99
C10 CLA UD . -34.68 -44.24 -10.17
C11 CLA UD . -33.90 -45.53 -9.80
C12 CLA UD . -32.36 -45.42 -9.83
C13 CLA UD . -31.56 -46.74 -10.00
C14 CLA UD . -32.17 -47.65 -11.06
C15 CLA UD . -31.44 -47.54 -8.69
MG CLA VD . -11.69 -52.36 -14.76
CHA CLA VD . -9.75 -55.02 -13.63
CHB CLA VD . -10.34 -50.48 -12.34
CHC CLA VD . -13.21 -49.66 -16.16
CHD CLA VD . -12.80 -54.27 -17.50
NA CLA VD . -10.44 -52.72 -13.15
C1A CLA VD . -9.82 -53.81 -12.80
C2A CLA VD . -9.16 -53.78 -11.48
C3A CLA VD . -9.42 -52.35 -11.04
C4A CLA VD . -10.13 -51.81 -12.24
CMA CLA VD . -10.25 -52.28 -9.77
CAA CLA VD . -7.67 -54.15 -11.47
CBA CLA VD . -6.72 -53.29 -12.30
CGA CLA VD . -6.86 -53.45 -13.75
O1A CLA VD . -6.53 -54.46 -14.37
O2A CLA VD . -7.34 -52.33 -14.48
NB CLA VD . -11.80 -50.40 -14.27
C1B CLA VD . -11.11 -49.77 -13.34
C2B CLA VD . -11.32 -48.28 -13.30
C3B CLA VD . -12.19 -48.05 -14.44
C4B CLA VD . -12.34 -49.40 -15.01
CMB CLA VD . -10.74 -47.35 -12.28
CAB CLA VD . -12.77 -46.81 -14.99
CBB CLA VD . -12.61 -45.65 -14.48
NC CLA VD . -12.77 -52.01 -16.47
C1C CLA VD . -13.39 -50.89 -16.88
C2C CLA VD . -14.20 -50.96 -18.09
C3C CLA VD . -14.05 -52.35 -18.52
C4C CLA VD . -13.16 -52.89 -17.45
CMC CLA VD . -14.98 -49.92 -18.79
CAC CLA VD . -14.74 -53.03 -19.67
CBC CLA VD . -13.96 -53.12 -20.90
ND CLA VD . -11.41 -54.24 -15.36
C1D CLA VD . -11.82 -54.87 -16.61
C2D CLA VD . -11.28 -56.18 -16.70
C3D CLA VD . -10.39 -56.24 -15.54
C4D CLA VD . -10.54 -55.07 -14.84
CMD CLA VD . -11.37 -57.22 -17.70
CAD CLA VD . -9.46 -57.07 -14.74
OBD CLA VD . -9.00 -58.25 -15.07
CBD CLA VD . -9.02 -56.33 -13.52
CGD CLA VD . -9.45 -57.12 -12.31
O1D CLA VD . -8.71 -57.55 -11.41
O2D CLA VD . -10.80 -57.45 -12.19
CED CLA VD . -11.25 -58.37 -11.17
C1 CLA VD . -7.59 -52.59 -15.87
C2 CLA VD . -8.20 -51.29 -16.35
C3 CLA VD . -9.02 -51.15 -17.39
C4 CLA VD . -9.48 -52.28 -18.23
C5 CLA VD . -9.58 -49.76 -17.72
C6 CLA VD . -9.05 -48.57 -16.91
C7 CLA VD . -9.52 -47.24 -17.49
C8 CLA VD . -8.90 -45.95 -16.88
C9 CLA VD . -9.65 -44.75 -17.41
C10 CLA VD . -7.51 -45.83 -17.41
C11 CLA VD . -7.30 -45.33 -18.87
C12 CLA VD . -5.89 -45.76 -19.34
C13 CLA VD . -5.63 -45.62 -20.82
C14 CLA VD . -4.26 -46.24 -21.11
C15 CLA VD . -5.71 -44.16 -21.26
C16 CLA VD . -5.77 -44.02 -22.79
C17 CLA VD . -5.77 -42.53 -23.26
C18 CLA VD . -6.03 -42.36 -24.76
C19 CLA VD . -5.11 -43.20 -25.60
C20 CLA VD . -5.88 -40.93 -25.27
MG CLA WD . -11.78 -64.28 -26.66
CHA CLA WD . -8.48 -64.94 -25.81
CHB CLA WD . -12.47 -63.64 -23.39
CHC CLA WD . -14.89 -63.20 -27.63
CHD CLA WD . -10.95 -64.63 -30.06
NA CLA WD . -10.75 -64.42 -24.91
C1A CLA WD . -9.46 -64.66 -24.75
C2A CLA WD . -8.98 -64.54 -23.34
C3A CLA WD . -10.30 -64.56 -22.59
C4A CLA WD . -11.26 -64.18 -23.69
CMA CLA WD . -10.62 -65.92 -21.96
CAA CLA WD . -8.15 -63.29 -23.06
CBA CLA WD . -8.86 -62.02 -23.47
CGA CLA WD . -8.10 -60.77 -23.10
O1A CLA WD . -6.97 -60.74 -22.63
O2A CLA WD . -8.83 -59.58 -23.36
NB CLA WD . -13.39 -63.59 -25.66
C1B CLA WD . -13.53 -63.33 -24.35
C2B CLA WD . -14.83 -62.81 -23.97
C3B CLA WD . -15.51 -62.70 -25.26
C4B CLA WD . -14.55 -63.14 -26.22
CMB CLA WD . -15.33 -62.43 -22.59
CAB CLA WD . -16.91 -62.22 -25.53
CBB CLA WD . -17.80 -61.90 -24.59
NC CLA WD . -12.73 -64.00 -28.44
C1C CLA WD . -13.98 -63.56 -28.68
C2C CLA WD . -14.40 -63.46 -30.10
C3C CLA WD . -13.20 -63.88 -30.78
C4C CLA WD . -12.28 -64.16 -29.71
CMC CLA WD . -15.68 -63.04 -30.73
CAC CLA WD . -13.01 -63.97 -32.23
CBC CLA WD . -12.36 -62.68 -32.71
ND CLA WD . -10.12 -64.78 -27.69
C1D CLA WD . -9.90 -64.81 -29.13
C2D CLA WD . -8.48 -65.07 -29.41
C3D CLA WD . -7.92 -65.16 -28.06
C4D CLA WD . -8.90 -64.87 -27.17
CMD CLA WD . -7.75 -65.31 -30.69
CAD CLA WD . -6.71 -65.33 -27.22
OBD CLA WD . -5.55 -65.59 -27.67
CBD CLA WD . -7.03 -65.30 -25.80
CGD CLA WD . -6.91 -66.74 -25.29
O1D CLA WD . -6.33 -67.08 -24.26
O2D CLA WD . -7.50 -67.81 -26.07
CED CLA WD . -7.44 -69.15 -25.60
C1 CLA WD . -8.26 -58.28 -23.20
C2 CLA WD . -7.61 -57.78 -24.48
C3 CLA WD . -6.29 -57.47 -24.58
C4 CLA WD . -5.32 -57.62 -23.42
C5 CLA WD . -5.74 -56.92 -25.88
C6 CLA WD . -5.10 -55.51 -25.74
C7 CLA WD . -6.03 -54.43 -25.11
C8 CLA WD . -6.47 -53.25 -26.02
C9 CLA WD . -5.49 -52.08 -25.91
C10 CLA WD . -7.91 -52.80 -25.68
C11 CLA WD . -8.41 -51.54 -26.42
C12 CLA WD . -9.92 -51.33 -26.50
C13 CLA WD . -10.54 -50.15 -25.70
C14 CLA WD . -11.14 -50.54 -24.32
C15 CLA WD . -11.58 -49.35 -26.54
C16 CLA WD . -12.86 -50.08 -27.02
C17 CLA WD . -13.16 -49.75 -28.50
C18 CLA WD . -12.29 -50.53 -29.53
C19 CLA WD . -11.44 -49.68 -30.53
C20 CLA WD . -13.09 -51.58 -30.27
MG CLA XD . -16.41 -62.65 -19.60
CHA CLA XD . -19.66 -63.54 -20.57
CHB CLA XD . -17.01 -59.50 -20.66
CHC CLA XD . -13.06 -62.06 -19.36
CHD CLA XD . -15.85 -65.93 -18.46
NA CLA XD . -18.01 -61.64 -20.36
C1A CLA XD . -19.21 -62.14 -20.75
C2A CLA XD . -20.13 -61.19 -21.52
C3A CLA XD . -19.34 -59.91 -21.42
C4A CLA XD . -18.03 -60.37 -20.76
CMA CLA XD . -19.26 -59.13 -22.74
CAA CLA XD . -21.54 -61.00 -20.95
CBA CLA XD . -22.45 -59.97 -21.62
CGA CLA XD . -22.61 -60.15 -23.12
O1A CLA XD . -22.71 -61.21 -23.70
O2A CLA XD . -22.64 -59.01 -23.95
NB CLA XD . -15.23 -61.05 -19.91
C1B CLA XD . -15.60 -59.82 -20.37
C2B CLA XD . -14.50 -58.83 -20.56
C3B CLA XD . -13.37 -59.63 -20.15
C4B CLA XD . -13.91 -60.96 -19.81
CMB CLA XD . -14.57 -57.39 -21.00
CAB CLA XD . -11.92 -59.34 -20.19
CBB CLA XD . -11.36 -58.43 -20.91
NC CLA XD . -14.80 -63.73 -18.96
C1C CLA XD . -13.49 -63.38 -18.95
C2C CLA XD . -12.53 -64.42 -18.52
C3C CLA XD . -13.39 -65.54 -18.20
C4C CLA XD . -14.72 -65.02 -18.55
CMC CLA XD . -11.06 -64.36 -18.32
CAC CLA XD . -13.01 -66.92 -17.74
CBC CLA XD . -12.81 -67.71 -19.04
ND CLA XD . -17.52 -64.31 -19.43
C1D CLA XD . -17.13 -65.64 -19.06
C2D CLA XD . -18.23 -66.58 -19.26
C3D CLA XD . -19.26 -65.74 -19.90
C4D CLA XD . -18.76 -64.46 -19.99
CMD CLA XD . -18.42 -68.02 -18.96
CAD CLA XD . -20.62 -65.71 -20.44
OBD CLA XD . -21.35 -66.74 -20.52
CBD CLA XD . -20.94 -64.30 -20.89
CGD CLA XD . -21.37 -64.33 -22.27
O1D CLA XD . -22.50 -64.74 -22.48
O2D CLA XD . -20.41 -63.99 -23.28
CED CLA XD . -20.88 -63.96 -24.61
C1 CLA XD . -22.86 -59.20 -25.34
C2 CLA XD . -21.56 -59.67 -25.95
C3 CLA XD . -20.83 -58.98 -26.83
C4 CLA XD . -21.16 -57.58 -27.27
C5 CLA XD . -19.56 -59.62 -27.36
C6 CLA XD . -19.36 -59.24 -28.82
C7 CLA XD . -18.11 -59.85 -29.41
C8 CLA XD . -16.93 -58.88 -29.42
C9 CLA XD . -17.22 -57.70 -30.29
C10 CLA XD . -15.69 -59.64 -29.95
C11 CLA XD . -14.42 -59.05 -29.43
C12 CLA XD . -13.23 -59.91 -29.86
C13 CLA XD . -11.93 -59.52 -29.22
C14 CLA XD . -11.49 -58.18 -29.80
C15 CLA XD . -10.89 -60.58 -29.52
C16 CLA XD . -9.54 -60.23 -28.91
C17 CLA XD . -8.66 -61.44 -28.65
C18 CLA XD . -7.29 -60.97 -28.19
C19 CLA XD . -6.16 -61.90 -28.68
C20 CLA XD . -7.29 -60.78 -26.66
MG CLA YD . -23.59 -56.78 -6.90
CHA CLA YD . -23.11 -57.89 -3.65
CHB CLA YD . -24.47 -59.95 -7.76
CHC CLA YD . -24.57 -55.67 -10.00
CHD CLA YD . -23.25 -53.48 -5.89
NA CLA YD . -23.72 -58.60 -5.92
C1A CLA YD . -23.49 -58.86 -4.67
C2A CLA YD . -23.88 -60.26 -4.22
C3A CLA YD . -24.09 -60.95 -5.52
C4A CLA YD . -24.12 -59.76 -6.48
CMA CLA YD . -22.88 -61.83 -5.85
CAA CLA YD . -25.11 -60.24 -3.28
CBA CLA YD . -26.26 -59.41 -3.88
CGA CLA YD . -27.50 -59.51 -3.04
O1A CLA YD . -27.83 -60.47 -2.33
O2A CLA YD . -28.36 -58.40 -3.13
NB CLA YD . -24.30 -57.65 -8.62
C1B CLA YD . -24.65 -58.94 -8.81
C2B CLA YD . -25.13 -59.30 -10.15
C3B CLA YD . -25.15 -58.00 -10.82
C4B CLA YD . -24.68 -57.07 -9.78
CMB CLA YD . -25.50 -60.67 -10.69
CAB CLA YD . -25.51 -57.67 -12.22
CBB CLA YD . -25.57 -58.58 -13.19
NC CLA YD . -23.75 -54.93 -7.78
C1C CLA YD . -24.26 -54.64 -9.01
C2C CLA YD . -24.37 -53.19 -9.37
C3C CLA YD . -23.95 -52.55 -8.11
C4C CLA YD . -23.66 -53.70 -7.24
CMC CLA YD . -24.81 -52.57 -10.69
CAC CLA YD . -23.75 -51.09 -7.78
CBC CLA YD . -24.85 -50.49 -7.07
ND CLA YD . -23.18 -55.87 -5.16
C1D CLA YD . -23.10 -54.48 -4.89
C2D CLA YD . -22.73 -54.25 -3.46
C3D CLA YD . -22.71 -55.61 -2.95
C4D CLA YD . -23.05 -56.48 -3.97
CMD CLA YD . -22.46 -53.04 -2.70
CAD CLA YD . -22.51 -56.53 -1.81
OBD CLA YD . -22.16 -56.18 -0.65
CBD CLA YD . -22.68 -57.99 -2.24
CGD CLA YD . -21.30 -58.59 -2.23
O1D CLA YD . -20.23 -57.97 -2.37
O2D CLA YD . -21.22 -59.97 -2.10
CED CLA YD . -20.03 -60.63 -2.37
C1 CLA YD . -29.60 -58.44 -2.45
C2 CLA YD . -30.47 -57.34 -2.97
C3 CLA YD . -30.89 -56.27 -2.24
C4 CLA YD . -30.54 -56.02 -0.79
C5 CLA YD . -31.78 -55.26 -2.94
C6 CLA YD . -31.03 -53.97 -3.27
C7 CLA YD . -32.08 -52.94 -3.71
C8 CLA YD . -31.54 -51.79 -4.51
C9 CLA YD . -30.41 -51.10 -3.79
C10 CLA YD . -32.69 -50.82 -4.84
C11 CLA YD . -33.16 -50.96 -6.30
C12 CLA YD . -34.18 -49.85 -6.57
C13 CLA YD . -35.14 -50.13 -7.70
C14 CLA YD . -34.29 -50.40 -8.97
C15 CLA YD . -36.16 -48.98 -7.84
MG CLA ZD . -25.46 -63.48 -12.46
CHA CLA ZD . -24.60 -62.27 -15.64
CHB CLA ZD . -28.64 -62.42 -12.90
CHC CLA ZD . -26.10 -64.25 -9.20
CHD CLA ZD . -22.11 -64.47 -11.92
NA CLA ZD . -26.48 -62.52 -13.95
C1A CLA ZD . -26.00 -62.06 -15.12
C2A CLA ZD . -27.01 -61.42 -16.00
C3A CLA ZD . -28.24 -61.38 -15.09
C4A CLA ZD . -27.77 -62.14 -13.89
CMA CLA ZD . -28.75 -59.96 -14.79
CAA CLA ZD . -27.32 -62.20 -17.30
CBA CLA ZD . -28.48 -61.63 -18.17
CGA CLA ZD . -28.08 -60.39 -18.92
O1A CLA ZD . -27.01 -59.81 -18.75
O2A CLA ZD . -28.98 -59.81 -19.85
NB CLA ZD . -27.08 -63.37 -11.29
C1B CLA ZD . -28.33 -62.95 -11.59
C2B CLA ZD . -29.35 -63.11 -10.48
C3B CLA ZD . -28.51 -63.65 -9.43
C4B CLA ZD . -27.18 -63.72 -10.00
CMB CLA ZD . -30.82 -62.76 -10.46
CAB CLA ZD . -28.88 -64.05 -8.06
CBB CLA ZD . -30.12 -64.12 -7.64
NC CLA ZD . -24.36 -64.26 -10.92
C1C CLA ZD . -24.75 -64.43 -9.64
C2C CLA ZD . -23.75 -64.94 -8.71
C3C CLA ZD . -22.56 -64.97 -9.51
C4C CLA ZD . -23.03 -64.53 -10.83
CMC CLA ZD . -23.85 -65.33 -7.28
CAC CLA ZD . -21.22 -65.48 -9.05
CBC CLA ZD . -20.38 -64.32 -8.53
ND CLA ZD . -23.72 -63.42 -13.53
C1D CLA ZD . -22.45 -63.90 -13.21
C2D CLA ZD . -21.56 -63.73 -14.37
C3D CLA ZD . -22.39 -63.05 -15.35
C4D CLA ZD . -23.61 -62.89 -14.79
CMD CLA ZD . -20.15 -64.07 -14.69
CAD CLA ZD . -22.52 -62.51 -16.70
OBD CLA ZD . -21.53 -62.49 -17.52
CBD CLA ZD . -23.91 -61.96 -16.88
CGD CLA ZD . -23.76 -60.47 -17.05
O1D CLA ZD . -23.74 -59.85 -18.08
O2D CLA ZD . -23.60 -59.77 -15.87
CED CLA ZD . -23.33 -58.35 -15.95
C1 CLA ZD . -28.52 -58.72 -20.66
C2 CLA ZD . -27.43 -59.20 -21.66
C3 CLA ZD . -27.72 -59.95 -22.72
C4 CLA ZD . -29.08 -60.41 -23.06
C5 CLA ZD . -26.62 -60.40 -23.61
C6 CLA ZD . -26.36 -61.88 -23.52
C7 CLA ZD . -26.29 -62.40 -22.10
C8 CLA ZD . -25.60 -63.73 -21.96
C9 CLA ZD . -26.13 -64.86 -22.84
C10 CLA ZD . -25.69 -64.03 -20.46
C11 CLA ZD . -25.20 -65.41 -20.06
C12 CLA ZD . -24.20 -65.41 -18.96
C13 CLA ZD . -24.40 -66.45 -17.89
C14 CLA ZD . -25.59 -66.09 -17.03
C15 CLA ZD . -23.15 -66.39 -17.04
C16 CLA ZD . -23.06 -67.58 -16.12
C17 CLA ZD . -22.29 -68.65 -16.85
C18 CLA ZD . -21.74 -69.59 -15.77
C19 CLA ZD . -20.60 -70.43 -16.32
C20 CLA ZD . -22.77 -70.43 -15.19
MG CLA AE . -32.68 -57.31 -13.25
CHA CLA AE . -32.52 -57.89 -9.82
CHB CLA AE . -29.28 -57.15 -13.38
CHC CLA AE . -32.86 -56.35 -16.56
CHD CLA AE . -36.16 -57.18 -13.07
NA CLA AE . -31.16 -57.49 -11.87
C1A CLA AE . -31.24 -57.77 -10.58
C2A CLA AE . -29.91 -57.90 -9.85
C3A CLA AE . -28.97 -57.37 -10.94
C4A CLA AE . -29.86 -57.30 -12.15
CMA CLA AE . -28.33 -56.03 -10.56
CAA CLA AE . -29.67 -59.40 -9.48
CBA CLA AE . -28.28 -59.75 -8.92
CGA CLA AE . -28.15 -59.19 -7.56
O1A CLA AE . -28.27 -59.77 -6.47
O2A CLA AE . -27.88 -57.84 -7.52
NB CLA AE . -31.31 -56.85 -14.73
C1B CLA AE . -29.97 -56.84 -14.63
C2B CLA AE . -29.26 -56.55 -15.88
C3B CLA AE . -30.34 -56.30 -16.80
C4B CLA AE . -31.55 -56.50 -16.01
CMB CLA AE . -27.77 -56.54 -16.09
CAB CLA AE . -30.31 -55.92 -18.22
CBB CLA AE . -29.21 -55.67 -18.91
NC CLA AE . -34.17 -56.89 -14.56
C1C CLA AE . -34.10 -56.47 -15.84
C2C CLA AE . -35.40 -56.25 -16.52
C3C CLA AE . -36.38 -56.50 -15.49
C4C CLA AE . -35.53 -56.86 -14.33
CMC CLA AE . -35.74 -55.87 -17.89
CAC CLA AE . -37.84 -56.46 -15.61
CBC CLA AE . -38.39 -55.07 -15.31
ND CLA AE . -34.04 -57.56 -11.80
C1D CLA AE . -35.48 -57.44 -11.86
C2D CLA AE . -36.08 -57.71 -10.54
C3D CLA AE . -34.89 -57.88 -9.70
C4D CLA AE . -33.78 -57.73 -10.48
CMD CLA AE . -37.47 -57.74 -10.04
CAD CLA AE . -34.36 -58.15 -8.37
OBD CLA AE . -35.10 -58.34 -7.34
CBD CLA AE . -32.86 -58.20 -8.40
CGD CLA AE . -32.32 -57.19 -7.49
O1D CLA AE . -31.67 -57.52 -6.51
O2D CLA AE . -32.61 -55.84 -7.82
CED CLA AE . -32.40 -54.73 -6.95
C1 CLA AE . -27.93 -57.10 -6.29
C2 CLA AE . -27.94 -55.66 -6.70
C3 CLA AE . -27.51 -54.64 -5.99
C4 CLA AE . -26.88 -54.80 -4.58
C5 CLA AE . -27.59 -53.22 -6.57
C6 CLA AE . -28.27 -52.99 -7.90
C7 CLA AE . -28.25 -51.54 -8.46
C8 CLA AE . -28.94 -51.52 -9.83
C9 CLA AE . -28.46 -50.34 -10.63
C10 CLA AE . -30.48 -51.52 -9.71
C11 CLA AE . -31.21 -51.89 -11.00
C12 CLA AE . -31.28 -53.39 -11.22
C13 CLA AE . -31.92 -53.84 -12.53
C14 CLA AE . -31.13 -53.40 -13.74
C15 CLA AE . -33.37 -53.42 -12.71
C16 CLA AE . -34.31 -53.81 -11.53
C17 CLA AE . -35.72 -53.39 -11.91
C18 CLA AE . -36.75 -53.95 -10.92
C19 CLA AE . -38.12 -53.99 -11.57
C20 CLA AE . -36.71 -53.21 -9.61
MG CLA BE . -32.19 -64.34 -3.72
CHA CLA BE . -31.33 -67.22 -1.94
CHB CLA BE . -32.86 -66.29 -6.47
CHC CLA BE . -33.32 -61.55 -5.34
CHD CLA BE . -31.88 -62.47 -0.78
NA CLA BE . -32.08 -66.37 -4.17
C1A CLA BE . -31.75 -67.35 -3.37
C2A CLA BE . -31.98 -68.72 -3.94
C3A CLA BE . -32.55 -68.45 -5.34
C4A CLA BE . -32.49 -66.95 -5.34
CMA CLA BE . -31.71 -69.12 -6.45
CAA CLA BE . -32.85 -69.70 -3.10
CBA CLA BE . -34.24 -69.16 -2.74
CGA CLA BE . -35.03 -70.03 -1.80
O1A CLA BE . -34.57 -70.97 -1.12
O2A CLA BE . -36.41 -69.72 -1.68
NB CLA BE . -32.89 -63.96 -5.58
C1B CLA BE . -33.15 -64.82 -6.59
C2B CLA BE . -33.71 -64.22 -7.84
C3B CLA BE . -33.79 -62.81 -7.47
C4B CLA BE . -33.31 -62.78 -6.07
CMB CLA BE . -34.08 -64.87 -9.14
CAB CLA BE . -34.25 -61.60 -8.25
CBB CLA BE . -34.40 -61.58 -9.58
NC CLA BE . -32.46 -62.41 -3.19
C1C CLA BE . -33.00 -61.41 -3.94
C2C CLA BE . -33.18 -60.14 -3.26
C3C CLA BE . -32.74 -60.43 -1.90
C4C CLA BE . -32.40 -61.84 -1.96
CMC CLA BE . -33.68 -58.83 -3.77
CAC CLA BE . -32.70 -59.51 -0.70
CBC CLA BE . -34.08 -59.53 -0.07
ND CLA BE . -31.65 -64.71 -1.80
C1D CLA BE . -31.62 -63.86 -0.70
C2D CLA BE . -31.18 -64.55 0.51
C3D CLA BE . -31.07 -65.95 0.01
C4D CLA BE . -31.36 -65.93 -1.31
CMD CLA BE . -30.93 -64.11 1.93
CAD CLA BE . -30.76 -67.35 0.34
OBD CLA BE . -30.46 -67.82 1.48
CBD CLA BE . -30.96 -68.19 -0.87
CGD CLA BE . -29.75 -68.99 -1.17
O1D CLA BE . -28.75 -68.47 -1.60
O2D CLA BE . -29.74 -70.40 -1.00
CED CLA BE . -28.52 -71.16 -1.14
C1 CLA BE . -37.22 -70.19 -0.59
C2 CLA BE . -38.56 -69.50 -0.80
C3 CLA BE . -39.72 -70.11 -1.08
C4 CLA BE . -39.88 -71.60 -1.23
C5 CLA BE . -40.96 -69.26 -1.27
C6 CLA BE . -41.34 -69.20 -2.72
C7 CLA BE . -40.23 -68.72 -3.66
C8 CLA BE . -40.63 -68.88 -5.15
C9 CLA BE . -39.38 -68.89 -6.06
C10 CLA BE . -41.65 -67.81 -5.55
C11 CLA BE . -42.03 -67.94 -7.02
C12 CLA BE . -43.29 -67.15 -7.42
C13 CLA BE . -43.57 -67.14 -8.90
C14 CLA BE . -44.59 -66.04 -9.22
C15 CLA BE . -44.05 -68.53 -9.35
C16 CLA BE . -44.37 -68.66 -10.84
C17 CLA BE . -44.55 -70.16 -11.17
C18 CLA BE . -45.12 -70.35 -12.54
C19 CLA BE . -45.62 -71.78 -12.70
C20 CLA BE . -44.12 -69.95 -13.62
MG CLA CE . -26.32 -71.39 -21.46
CHA CLA CE . -28.38 -68.69 -20.77
CHB CLA CE . -27.57 -71.44 -24.67
CHC CLA CE . -24.65 -74.41 -22.10
CHD CLA CE . -25.51 -71.73 -18.04
NA CLA CE . -27.61 -70.19 -22.56
C1A CLA CE . -28.31 -69.15 -22.14
C2A CLA CE . -29.32 -68.59 -23.14
C3A CLA CE . -29.15 -69.58 -24.28
C4A CLA CE . -28.03 -70.46 -23.82
CMA CLA CE . -30.38 -70.46 -24.58
CAA CLA CE . -29.08 -67.18 -23.63
CBA CLA CE . -30.32 -66.62 -24.35
CGA CLA CE . -30.07 -65.28 -24.95
O1A CLA CE . -30.17 -64.27 -24.29
O2A CLA CE . -29.68 -65.19 -26.34
NB CLA CE . -26.06 -72.64 -23.09
C1B CLA CE . -26.69 -72.57 -24.30
C2B CLA CE . -26.36 -73.67 -25.25
C3B CLA CE . -25.51 -74.52 -24.46
C4B CLA CE . -25.42 -73.83 -23.18
CMB CLA CE . -26.83 -73.85 -26.68
CAB CLA CE . -24.86 -75.80 -24.82
CBB CLA CE . -25.03 -76.45 -25.94
NC CLA CE . -25.26 -72.72 -20.33
C1C CLA CE . -24.70 -73.91 -20.72
C2C CLA CE . -24.01 -74.67 -19.65
C3C CLA CE . -24.26 -73.92 -18.46
C4C CLA CE . -25.05 -72.76 -18.97
CMC CLA CE . -23.25 -75.96 -19.74
CAC CLA CE . -23.82 -74.27 -17.08
CBC CLA CE . -25.03 -74.66 -16.24
ND CLA CE . -26.76 -70.36 -19.80
C1D CLA CE . -26.43 -70.66 -18.44
C2D CLA CE . -27.06 -69.67 -17.54
C3D CLA CE . -27.85 -68.86 -18.50
C4D CLA CE . -27.69 -69.39 -19.74
CMD CLA CE . -26.97 -69.46 -16.05
CAD CLA CE . -28.79 -67.75 -18.65
OBD CLA CE . -29.19 -67.06 -17.69
CBD CLA CE . -29.13 -67.56 -20.11
CGD CLA CE . -30.57 -67.63 -20.30
O1D CLA CE . -31.22 -66.70 -20.68
O2D CLA CE . -31.22 -68.86 -20.04
CED CLA CE . -32.64 -68.87 -20.07
C1 CLA CE . -29.60 -63.97 -27.08
C2 CLA CE . -29.73 -64.37 -28.52
C3 CLA CE . -30.89 -64.79 -29.03
C4 CLA CE . -32.17 -64.89 -28.20
C5 CLA CE . -30.95 -65.19 -30.48
C6 CLA CE . -31.61 -66.57 -30.75
C7 CLA CE . -30.72 -67.71 -30.33
C8 CLA CE . -31.17 -69.11 -30.77
C9 CLA CE . -32.49 -69.51 -30.15
C10 CLA CE . -30.06 -70.04 -30.33
C11 CLA CE . -29.97 -71.30 -31.16
C12 CLA CE . -28.98 -72.32 -30.54
C13 CLA CE . -28.76 -73.56 -31.41
C14 CLA CE . -30.04 -74.39 -31.61
C15 CLA CE . -27.62 -74.38 -30.81
C16 CLA CE . -26.19 -73.86 -31.02
C17 CLA CE . -25.32 -74.91 -30.30
C18 CLA CE . -23.83 -74.71 -30.17
C19 CLA CE . -23.21 -75.98 -29.57
C20 CLA CE . -23.52 -73.48 -29.32
MG CLA DE . -33.34 -77.07 -17.06
CHA CLA DE . -33.24 -80.34 -15.88
CHB CLA DE . -29.95 -77.20 -17.50
CHC CLA DE . -33.54 -74.04 -18.57
CHD CLA DE . -36.88 -77.12 -16.88
NA CLA DE . -31.86 -78.47 -16.78
C1A CLA DE . -32.03 -79.72 -16.38
C2A CLA DE . -30.81 -80.57 -16.47
C3A CLA DE . -29.74 -79.50 -16.68
C4A CLA DE . -30.55 -78.32 -17.04
CMA CLA DE . -28.94 -79.22 -15.40
CAA CLA DE . -30.84 -81.60 -17.58
CBA CLA DE . -31.11 -80.96 -18.93
CGA CLA DE . -31.16 -81.97 -20.01
O1A CLA DE . -30.84 -83.11 -19.81
O2A CLA DE . -31.56 -81.60 -21.32
NB CLA DE . -31.98 -75.79 -17.82
C1B CLA DE . -30.64 -75.99 -17.98
C2B CLA DE . -29.91 -74.87 -18.59
C3B CLA DE . -31.03 -73.97 -18.90
C4B CLA DE . -32.23 -74.62 -18.40
CMB CLA DE . -28.41 -74.77 -18.82
CAB CLA DE . -31.06 -72.61 -19.51
CBB CLA DE . -30.00 -71.95 -19.76
NC CLA DE . -34.91 -75.80 -17.53
C1C CLA DE . -34.83 -74.66 -18.23
C2C CLA DE . -36.12 -74.05 -18.59
C3C CLA DE . -37.12 -74.97 -18.08
C4C CLA DE . -36.26 -76.01 -17.50
CMC CLA DE . -36.38 -72.77 -19.27
CAC CLA DE . -38.62 -74.86 -18.13
CBC CLA DE . -39.09 -75.66 -19.36
ND CLA DE . -34.74 -78.41 -16.49
C1D CLA DE . -36.15 -78.27 -16.41
C2D CLA DE . -36.76 -79.49 -15.81
C3D CLA DE . -35.57 -80.35 -15.61
C4D CLA DE . -34.48 -79.67 -16.03
CMD CLA DE . -38.17 -79.82 -15.47
CAD CLA DE . -35.04 -81.61 -15.11
OBD CLA DE . -35.79 -82.50 -14.64
CBD CLA DE . -33.55 -81.68 -15.26
CGD CLA DE . -32.90 -81.84 -13.93
O1D CLA DE . -32.37 -80.93 -13.32
O2D CLA DE . -32.86 -83.13 -13.32
CED CLA DE . -32.92 -83.28 -11.90
C1 CLA DE . -31.06 -82.40 -22.38
C2 CLA DE . -31.40 -81.80 -23.72
C3 CLA DE . -32.61 -81.83 -24.24
C4 CLA DE . -33.79 -82.46 -23.53
C5 CLA DE . -32.75 -81.21 -25.62
C6 CLA DE . -32.87 -79.71 -25.52
C7 CLA DE . -34.25 -79.27 -25.99
C8 CLA DE . -34.39 -77.76 -25.90
C9 CLA DE . -35.87 -77.36 -25.77
C10 CLA DE . -33.79 -77.15 -27.16
C11 CLA DE . -34.04 -75.63 -27.18
C12 CLA DE . -32.82 -74.93 -27.76
C13 CLA DE . -32.98 -73.42 -28.00
C14 CLA DE . -31.65 -72.94 -28.59
C15 CLA DE . -33.35 -72.65 -26.74
C16 CLA DE . -33.54 -71.13 -26.96
C17 CLA DE . -33.94 -70.42 -25.63
C18 CLA DE . -34.16 -68.91 -25.82
C19 CLA DE . -34.51 -68.35 -24.51
C20 CLA DE . -35.21 -68.60 -26.89
C1 BCR EE . -51.09 -65.50 -31.28
C2 BCR EE . -52.36 -64.72 -31.33
C3 BCR EE . -52.73 -64.06 -30.03
C4 BCR EE . -52.77 -65.02 -28.87
C5 BCR EE . -51.75 -66.13 -28.95
C6 BCR EE . -51.03 -66.40 -30.07
C7 BCR EE . -50.06 -67.51 -30.10
C8 BCR EE . -49.05 -67.50 -29.22
C9 BCR EE . -47.98 -68.56 -29.30
C10 BCR EE . -46.97 -68.51 -28.47
C11 BCR EE . -45.90 -69.51 -28.44
C33 BCR EE . -51.82 -67.03 -27.75
C31 BCR EE . -49.95 -64.52 -31.12
C32 BCR EE . -51.05 -66.34 -32.59
C34 BCR EE . -48.11 -69.73 -30.27
C12 BCR EE . -44.93 -69.42 -27.53
C13 BCR EE . -43.85 -70.40 -27.37
C14 BCR EE . -42.91 -70.18 -26.42
C15 BCR EE . -41.75 -71.09 -26.14
C16 BCR EE . -40.83 -70.76 -25.24
C17 BCR EE . -39.70 -71.62 -24.91
C18 BCR EE . -38.61 -71.37 -24.14
C19 BCR EE . -37.57 -72.43 -23.99
C20 BCR EE . -36.42 -72.29 -23.30
C21 BCR EE . -35.45 -73.41 -23.23
C22 BCR EE . -34.20 -73.25 -22.71
C23 BCR EE . -33.31 -74.45 -22.71
C24 BCR EE . -32.00 -74.32 -22.29
C25 BCR EE . -31.19 -75.56 -22.45
C26 BCR EE . -31.68 -76.74 -22.13
C27 BCR EE . -31.21 -77.98 -22.80
C28 BCR EE . -29.73 -78.04 -22.58
C29 BCR EE . -29.02 -76.76 -22.98
C30 BCR EE . -29.88 -75.51 -23.17
C35 BCR EE . -43.89 -71.64 -28.21
C36 BCR EE . -38.46 -70.07 -23.42
C37 BCR EE . -33.78 -71.95 -22.07
C38 BCR EE . -32.64 -76.99 -21.02
C39 BCR EE . -30.23 -75.37 -24.67
C40 BCR EE . -29.12 -74.28 -22.71
C1 BCR FE . -6.26 -56.49 -18.32
C2 BCR FE . -4.88 -56.41 -17.70
C3 BCR FE . -3.84 -55.66 -18.54
C4 BCR FE . -4.17 -55.32 -19.96
C5 BCR FE . -5.55 -54.74 -19.95
C6 BCR FE . -6.54 -55.40 -19.33
C7 BCR FE . -7.90 -55.18 -19.82
C8 BCR FE . -8.17 -55.16 -21.16
C9 BCR FE . -9.55 -55.00 -21.66
C10 BCR FE . -9.78 -54.93 -23.02
C11 BCR FE . -11.05 -54.70 -23.70
C33 BCR FE . -5.69 -53.35 -20.57
C31 BCR FE . -7.28 -56.53 -17.20
C32 BCR FE . -6.35 -57.80 -19.06
C34 BCR FE . -10.66 -54.78 -20.66
C12 BCR FE . -11.11 -54.64 -25.08
C13 BCR FE . -12.38 -54.42 -25.85
C14 BCR FE . -12.46 -54.71 -27.16
C15 BCR FE . -13.63 -54.58 -28.01
C16 BCR FE . -13.60 -54.90 -29.32
C17 BCR FE . -14.83 -54.68 -30.06
C18 BCR FE . -15.01 -54.98 -31.37
C19 BCR FE . -16.33 -54.64 -31.97
C20 BCR FE . -16.60 -54.67 -33.26
C21 BCR FE . -17.90 -54.29 -33.75
C22 BCR FE . -18.30 -54.29 -35.05
C23 BCR FE . -19.63 -53.78 -35.36
C24 BCR FE . -19.93 -53.26 -36.55
C25 BCR FE . -21.19 -52.55 -36.80
C26 BCR FE . -22.40 -53.00 -36.40
C27 BCR FE . -23.68 -52.20 -36.61
C28 BCR FE . -23.42 -50.75 -36.90
C29 BCR FE . -22.36 -50.59 -37.96
C30 BCR FE . -21.03 -51.18 -37.46
C35 BCR FE . -13.54 -53.87 -25.04
C36 BCR FE . -13.89 -55.59 -32.17
C37 BCR FE . -17.43 -54.73 -36.18
C38 BCR FE . -22.68 -54.38 -35.81
C39 BCR FE . -20.36 -50.29 -36.42
C40 BCR FE . -20.14 -51.27 -38.68
C1A DGD GE . -18.64 -38.20 -26.96
C2A DGD GE . -17.61 -38.90 -26.09
C3A DGD GE . -16.30 -38.19 -26.09
C4A DGD GE . -15.41 -38.75 -24.98
C5A DGD GE . -15.08 -40.18 -25.16
C6A DGD GE . -14.31 -40.80 -24.00
C7A DGD GE . -12.87 -41.12 -24.46
C8A DGD GE . -12.61 -42.40 -25.29
C9A DGD GE . -11.11 -42.62 -25.62
CAA DGD GE . -10.53 -43.88 -24.96
CBA DGD GE . -10.35 -43.78 -23.43
CCA DGD GE . -9.98 -45.13 -22.79
CDA DGD GE . -11.21 -45.80 -22.14
CEA DGD GE . -11.05 -47.32 -21.90
CFA DGD GE . -12.36 -48.08 -21.79
CGA DGD GE . -12.07 -49.46 -21.23
O1A DGD GE . -18.77 -37.04 -27.28
C1B DGD GE . -19.71 -42.17 -28.96
C2B DGD GE . -19.76 -43.35 -27.97
C3B DGD GE . -19.89 -42.80 -26.60
C4B DGD GE . -18.84 -43.21 -25.63
C5B DGD GE . -19.41 -43.26 -24.20
C6B DGD GE . -19.86 -41.92 -23.53
C7B DGD GE . -18.80 -41.43 -22.55
C8B DGD GE . -19.15 -41.79 -21.14
C9B DGD GE . -18.06 -41.99 -20.10
CAB DGD GE . -18.60 -41.46 -18.76
CBB DGD GE . -18.06 -42.26 -17.64
CCB DGD GE . -18.44 -41.65 -16.30
CDB DGD GE . -17.30 -42.10 -15.37
CEB DGD GE . -17.64 -42.09 -13.88
CFB DGD GE . -16.35 -42.34 -13.14
CGB DGD GE . -16.64 -42.49 -11.72
O1B DGD GE . -18.87 -42.03 -29.83
O1G DGD GE . -19.59 -39.13 -27.44
C1G DGD GE . -20.62 -38.84 -28.35
C2G DGD GE . -20.40 -39.85 -29.44
O2G DGD GE . -20.71 -41.15 -28.92
C3G DGD GE . -21.39 -39.49 -30.50
O3G DGD GE . -20.82 -38.37 -31.18
C1D DGD GE . -21.73 -37.74 -32.03
C2D DGD GE . -21.07 -36.41 -32.48
O2D DGD GE . -20.88 -35.53 -31.35
C3D DGD GE . -21.92 -35.78 -33.55
O3D DGD GE . -21.26 -34.62 -34.03
C4D DGD GE . -22.14 -36.76 -34.69
O4D DGD GE . -20.89 -37.10 -35.31
C5D DGD GE . -22.85 -37.97 -34.06
O5D DGD GE . -24.47 -38.58 -35.69
C6D DGD GE . -23.27 -38.97 -35.11
O6D DGD GE . -21.99 -38.63 -33.11
C1E DGD GE . -24.41 -38.37 -37.11
C2E DGD GE . -25.30 -37.15 -37.37
O2E DGD GE . -24.71 -36.05 -36.77
C3E DGD GE . -26.70 -37.39 -36.87
O3E DGD GE . -27.59 -36.28 -37.08
C4E DGD GE . -27.21 -38.61 -37.61
O4E DGD GE . -27.44 -38.43 -39.01
C5E DGD GE . -26.27 -39.81 -37.40
O6E DGD GE . -24.91 -39.51 -37.78
C6E DGD GE . -26.70 -41.04 -38.24
O5E DGD GE . -28.10 -41.36 -38.04
C1A DGD HE . -45.67 -42.60 -11.82
C2A DGD HE . -46.28 -42.84 -10.46
C3A DGD HE . -45.39 -43.52 -9.47
C4A DGD HE . -44.39 -42.64 -8.79
C5A DGD HE . -43.68 -43.48 -7.69
C6A DGD HE . -42.19 -43.16 -7.44
C7A DGD HE . -41.30 -44.40 -7.22
C8A DGD HE . -39.93 -44.12 -6.55
C9A DGD HE . -39.21 -45.44 -6.22
CAA DGD HE . -38.55 -45.46 -4.84
O1A DGD HE . -44.54 -42.89 -12.23
C1B DGD HE . -45.02 -44.52 -15.09
C2B DGD HE . -44.30 -45.78 -14.60
C3B DGD HE . -42.81 -45.46 -14.33
C4B DGD HE . -41.91 -46.58 -14.79
C5B DGD HE . -40.43 -46.38 -14.55
C6B DGD HE . -39.85 -45.20 -15.23
C7B DGD HE . -38.47 -45.42 -15.80
C8B DGD HE . -37.70 -44.11 -15.59
C9B DGD HE . -36.61 -43.89 -16.63
CAB DGD HE . -35.68 -42.77 -16.21
CBB DGD HE . -34.64 -43.01 -15.12
CCB DGD HE . -33.94 -41.61 -14.84
CDB DGD HE . -34.49 -41.06 -13.51
CEB DGD HE . -34.74 -39.63 -13.50
CFB DGD HE . -34.93 -38.99 -12.15
CGB DGD HE . -35.81 -39.68 -11.16
O1B DGD HE . -44.77 -43.89 -16.10
O1G DGD HE . -46.61 -41.99 -12.69
C1G DGD HE . -46.21 -41.65 -14.03
C2G DGD HE . -46.70 -42.79 -14.89
O2G DGD HE . -46.11 -43.96 -14.36
C3G DGD HE . -48.20 -42.95 -14.88
O3G DGD HE . -48.87 -41.69 -15.02
C1D DGD HE . -48.92 -41.28 -16.37
C2D DGD HE . -50.05 -40.28 -16.47
O2D DGD HE . -51.31 -40.93 -16.19
C3D DGD HE . -50.08 -39.67 -17.87
O3D DGD HE . -51.02 -38.61 -17.85
C4D DGD HE . -48.68 -39.16 -18.23
O4D DGD HE . -48.34 -37.93 -17.57
C5D DGD HE . -47.62 -40.23 -18.04
O5D DGD HE . -46.05 -39.21 -19.64
C6D DGD HE . -46.17 -39.76 -18.32
O6D DGD HE . -47.65 -40.65 -16.68
C1E DGD HE . -45.91 -40.22 -20.66
C2E DGD HE . -44.83 -39.69 -21.63
O2E DGD HE . -43.65 -39.40 -20.83
C3E DGD HE . -45.37 -38.49 -22.42
O3E DGD HE . -44.42 -38.15 -23.44
C4E DGD HE . -46.72 -38.79 -23.07
O4E DGD HE . -46.52 -39.79 -24.07
C5E DGD HE . -47.67 -39.28 -21.97
O6E DGD HE . -47.15 -40.45 -21.31
C6E DGD HE . -49.11 -39.56 -22.44
O5E DGD HE . -49.13 -40.65 -23.36
C1A DGD IE . -45.55 -35.27 -6.88
C2A DGD IE . -44.37 -34.78 -6.06
C3A DGD IE . -43.83 -35.95 -5.33
C4A DGD IE . -42.76 -35.49 -4.34
C5A DGD IE . -41.47 -36.23 -4.63
C6A DGD IE . -40.52 -36.05 -3.44
C7A DGD IE . -39.08 -36.15 -3.88
C8A DGD IE . -38.09 -36.31 -2.69
C9A DGD IE . -36.76 -36.85 -3.22
CAA DGD IE . -35.77 -36.95 -2.04
CBA DGD IE . -35.76 -35.79 -1.00
CCA DGD IE . -34.70 -35.86 0.06
CDA DGD IE . -35.28 -36.25 1.43
CEA DGD IE . -34.15 -36.61 2.41
CFA DGD IE . -34.67 -37.17 3.74
CGA DGD IE . -33.69 -37.00 4.91
O1A DGD IE . -46.66 -35.40 -6.37
C1B DGD IE . -44.93 -37.77 -11.27
C2B DGD IE . -44.83 -39.21 -11.11
C3B DGD IE . -43.54 -39.68 -11.73
C4B DGD IE . -42.35 -39.19 -11.06
C5B DGD IE . -42.31 -39.32 -9.60
C6B DGD IE . -40.84 -39.48 -9.35
C7B DGD IE . -40.45 -39.53 -7.89
C8B DGD IE . -38.92 -39.64 -7.89
C9B DGD IE . -38.32 -40.13 -6.61
CAB DGD IE . -36.85 -40.40 -6.84
CBB DGD IE . -36.25 -41.12 -5.63
CCB DGD IE . -35.22 -42.18 -6.05
CDB DGD IE . -35.00 -43.23 -4.97
CEB DGD IE . -34.07 -44.34 -5.46
CFB DGD IE . -34.25 -45.67 -4.71
CGB DGD IE . -33.38 -46.79 -5.34
O1B DGD IE . -44.35 -37.10 -12.07
O1G DGD IE . -45.43 -35.50 -8.26
C1G DGD IE . -46.63 -35.52 -9.04
C2G DGD IE . -46.12 -35.85 -10.44
O2G DGD IE . -45.81 -37.22 -10.36
C3G DGD IE . -47.17 -35.61 -11.50
O3G DGD IE . -47.45 -34.22 -11.35
C1D DGD IE . -48.50 -33.78 -12.19
C2D DGD IE . -48.93 -32.44 -11.69
O2D DGD IE . -49.46 -32.57 -10.40
C3D DGD IE . -49.92 -31.75 -12.64
O3D DGD IE . -50.25 -30.48 -12.11
C4D DGD IE . -49.26 -31.70 -14.00
O4D DGD IE . -48.10 -30.89 -13.92
C5D DGD IE . -48.84 -33.12 -14.43
O5D DGD IE . -48.89 -32.36 -16.75
C6D DGD IE . -48.19 -33.22 -15.83
O6D DGD IE . -47.95 -33.68 -13.47
C1E DGD IE . -48.81 -32.74 -18.10
C2E DGD IE . -49.45 -31.63 -18.91
O2E DGD IE . -48.71 -30.41 -18.68
C3E DGD IE . -50.93 -31.48 -18.57
O3E DGD IE . -51.54 -30.59 -19.51
C4E DGD IE . -51.65 -32.81 -18.75
O4E DGD IE . -51.63 -33.23 -20.15
C5E DGD IE . -50.94 -33.84 -17.91
O6E DGD IE . -49.52 -33.93 -18.31
C6E DGD IE . -51.61 -35.22 -18.03
O5E DGD IE . -50.76 -36.14 -17.27
C1 LMG JE . -51.27 -43.77 -18.98
O1 LMG JE . -51.16 -44.82 -18.06
C2 LMG JE . -49.99 -43.75 -19.80
O2 LMG JE . -48.87 -43.56 -18.92
C3 LMG JE . -50.02 -42.67 -20.89
O3 LMG JE . -48.95 -42.86 -21.82
C4 LMG JE . -51.36 -42.72 -21.64
O4 LMG JE . -51.40 -43.85 -22.47
C5 LMG JE . -52.56 -42.82 -20.70
O5 LMG JE . -54.95 -42.91 -20.53
C6 LMG JE . -53.87 -42.92 -21.48
O6 LMG JE . -52.37 -43.97 -19.82
C7 LMG JE . -51.97 -44.67 -16.85
C8 LMG JE . -51.79 -45.98 -16.11
C9 LMG JE . -50.44 -46.01 -15.42
O7 LMG JE . -52.75 -46.03 -15.10
C10 LMG JE . -53.27 -47.34 -14.75
O9 LMG JE . -53.20 -48.15 -15.59
C11 LMG JE . -53.79 -47.62 -13.36
C12 LMG JE . -53.21 -48.98 -12.86
C13 LMG JE . -52.68 -48.93 -11.43
C14 LMG JE . -51.80 -50.16 -11.13
C15 LMG JE . -51.13 -50.15 -9.76
C16 LMG JE . -49.87 -51.05 -9.74
C17 LMG JE . -49.31 -51.39 -8.35
C18 LMG JE . -48.52 -50.25 -7.69
C19 LMG JE . -47.02 -50.50 -7.61
C20 LMG JE . -46.58 -51.44 -6.49
C21 LMG JE . -45.06 -51.71 -6.53
C22 LMG JE . -44.43 -51.96 -5.15
C23 LMG JE . -44.15 -50.63 -4.44
C24 LMG JE . -42.88 -49.88 -4.91
C25 LMG JE . -42.93 -48.36 -4.65
O8 LMG JE . -50.46 -46.14 -13.95
C28 LMG JE . -49.23 -46.63 -13.31
O10 LMG JE . -48.23 -46.26 -13.78
C29 LMG JE . -48.99 -47.56 -12.17
C30 LMG JE . -47.51 -48.05 -12.13
C31 LMG JE . -46.46 -47.25 -11.37
C32 LMG JE . -45.13 -48.06 -11.19
C33 LMG JE . -44.38 -47.67 -9.91
C34 LMG JE . -43.09 -48.44 -9.66
C35 LMG JE . -41.79 -47.65 -9.94
C36 LMG JE . -40.55 -48.57 -10.05
C37 LMG JE . -39.26 -47.99 -10.68
C38 LMG JE . -38.67 -48.85 -11.80
C39 LMG JE . -37.21 -48.46 -12.10
C40 LMG JE . -36.63 -48.85 -13.48
C41 LMG JE . -35.13 -48.47 -13.57
C42 LMG JE . -34.83 -47.43 -14.60
C43 LMG JE . -33.47 -46.78 -14.29
C1 LMG KE . -52.47 -61.42 -40.09
O1 LMG KE . -51.83 -62.31 -41.05
C2 LMG KE . -52.43 -59.95 -40.51
O2 LMG KE . -51.04 -59.51 -40.59
C3 LMG KE . -53.20 -59.11 -39.46
O3 LMG KE . -53.35 -57.73 -39.81
C4 LMG KE . -54.61 -59.58 -39.11
O4 LMG KE . -55.53 -59.16 -40.13
C5 LMG KE . -54.56 -61.07 -38.82
O5 LMG KE . -56.18 -62.16 -37.27
C6 LMG KE . -56.00 -61.62 -38.61
O6 LMG KE . -53.85 -61.80 -39.86
C7 LMG KE . -51.41 -63.57 -40.52
C8 LMG KE . -50.14 -63.45 -39.65
C9 LMG KE . -49.46 -64.84 -39.53
O7 LMG KE . -49.24 -62.45 -40.20
C10 LMG KE . -48.34 -61.74 -39.26
O9 LMG KE . -48.55 -61.68 -38.06
C11 LMG KE . -47.12 -61.07 -39.83
C12 LMG KE . -46.25 -60.32 -38.79
C13 LMG KE . -45.05 -61.13 -38.33
C14 LMG KE . -44.74 -60.82 -36.89
C15 LMG KE . -43.54 -61.64 -36.44
C16 LMG KE . -43.52 -61.73 -34.93
C17 LMG KE . -42.12 -61.82 -34.32
C18 LMG KE . -42.21 -62.74 -33.12
C19 LMG KE . -41.11 -62.50 -32.13
C20 LMG KE . -40.92 -63.73 -31.28
C21 LMG KE . -40.41 -63.41 -29.91
C22 LMG KE . -39.70 -64.64 -29.32
C23 LMG KE . -39.39 -64.44 -27.80
C24 LMG KE . -38.58 -65.60 -27.17
C25 LMG KE . -38.25 -65.54 -25.66
O8 LMG KE . -48.36 -64.87 -38.59
C28 LMG KE . -48.51 -65.06 -37.13
O10 LMG KE . -49.55 -64.69 -36.61
C29 LMG KE . -47.39 -65.65 -36.26
C30 LMG KE . -47.93 -66.26 -34.95
C31 LMG KE . -47.00 -67.30 -34.30
C32 LMG KE . -45.78 -66.71 -33.62
C33 LMG KE . -44.53 -67.60 -33.71
C34 LMG KE . -44.08 -68.25 -32.39
C35 LMG KE . -42.56 -68.40 -32.29
C36 LMG KE . -42.11 -68.78 -30.88
C37 LMG KE . -40.60 -68.59 -30.56
C38 LMG KE . -40.21 -69.06 -29.13
C39 LMG KE . -38.72 -69.27 -28.80
C40 LMG KE . -38.39 -70.62 -28.13
C41 LMG KE . -37.75 -71.68 -29.07
C42 LMG KE . -37.33 -72.99 -28.38
C43 LMG KE . -38.44 -74.08 -28.42
C1 HTG LE . -42.37 -61.77 -42.61
S1 HTG LE . -41.69 -62.11 -41.03
C2 HTG LE . -42.43 -60.26 -42.76
O2 HTG LE . -43.30 -59.73 -41.78
C3 HTG LE . -42.99 -59.92 -44.12
O3 HTG LE . -42.84 -58.55 -44.40
C4 HTG LE . -42.24 -60.66 -45.22
O4 HTG LE . -42.91 -60.34 -46.45
C5 HTG LE . -42.20 -62.17 -44.95
O5 HTG LE . -41.59 -62.37 -43.66
C6 HTG LE . -41.45 -62.89 -46.09
O6 HTG LE . -41.37 -64.31 -45.87
C1' HTG LE . -41.74 -63.92 -40.92
C2' HTG LE . -42.13 -64.45 -39.51
C3' HTG LE . -41.02 -65.21 -38.74
C4' HTG LE . -41.32 -65.59 -37.26
C5' HTG LE . -40.08 -65.45 -36.34
C6' HTG LE . -40.07 -66.34 -35.08
C7' HTG LE . -38.65 -66.61 -34.59
C1 HTG ME . -24.30 -60.67 -51.18
S1 HTG ME . -24.44 -60.61 -49.41
C2 HTG ME . -25.48 -60.07 -51.98
O2 HTG ME . -26.59 -60.98 -52.10
C3 HTG ME . -24.98 -59.65 -53.38
O3 HTG ME . -26.07 -59.45 -54.30
C4 HTG ME . -24.06 -58.42 -53.22
O4 HTG ME . -23.32 -58.08 -54.42
C5 HTG ME . -23.07 -58.64 -52.03
O5 HTG ME . -23.07 -59.99 -51.53
C6 HTG ME . -23.33 -57.73 -50.83
O6 HTG ME . -23.08 -56.35 -51.10
C1' HTG ME . -24.43 -62.23 -48.68
C2' HTG ME . -24.70 -62.21 -47.15
C3' HTG ME . -25.77 -63.23 -46.65
C4' HTG ME . -25.69 -63.64 -45.16
C5' HTG ME . -26.93 -64.42 -44.72
C6' HTG ME . -27.16 -64.52 -43.21
C7' HTG ME . -28.41 -65.28 -42.78
C1 GOL NE . -46.19 -18.96 -40.74
O1 GOL NE . -47.02 -17.86 -40.90
C2 GOL NE . -45.41 -19.14 -42.06
O2 GOL NE . -44.90 -18.08 -42.92
C3 GOL NE . -44.21 -19.92 -41.55
O3 GOL NE . -43.35 -20.35 -42.62
C1 GOL OE . -39.67 -27.67 -27.78
O1 GOL OE . -40.23 -28.57 -28.73
C2 GOL OE . -40.72 -26.88 -26.99
O2 GOL OE . -41.65 -26.18 -27.79
C3 GOL OE . -39.92 -25.96 -26.04
O3 GOL OE . -40.77 -25.27 -25.04
C1 BCR PE . -53.76 -61.91 -22.01
C2 BCR PE . -54.44 -61.18 -23.16
C3 BCR PE . -53.58 -61.14 -24.39
C4 BCR PE . -53.24 -62.54 -24.86
C5 BCR PE . -52.96 -63.51 -23.74
C6 BCR PE . -53.18 -63.22 -22.44
C7 BCR PE . -52.69 -64.07 -21.35
C8 BCR PE . -51.49 -64.68 -21.40
C9 BCR PE . -51.03 -65.33 -20.12
C10 BCR PE . -49.71 -65.41 -19.82
C11 BCR PE . -49.18 -65.91 -18.53
C33 BCR PE . -52.63 -64.89 -24.21
C31 BCR PE . -54.79 -62.06 -20.94
C32 BCR PE . -52.56 -61.11 -21.45
C34 BCR PE . -52.09 -65.85 -19.14
C12 BCR PE . -47.89 -65.76 -18.22
C13 BCR PE . -47.28 -66.15 -16.92
C14 BCR PE . -45.97 -65.84 -16.74
C15 BCR PE . -45.13 -66.10 -15.53
C16 BCR PE . -43.85 -65.70 -15.41
C17 BCR PE . -43.12 -66.04 -14.17
C18 BCR PE . -41.85 -65.65 -13.90
C19 BCR PE . -41.24 -66.03 -12.60
C20 BCR PE . -40.11 -65.56 -12.07
C21 BCR PE . -39.65 -65.97 -10.75
C22 BCR PE . -38.68 -65.30 -10.09
C23 BCR PE . -38.35 -65.75 -8.71
C24 BCR PE . -37.53 -65.05 -7.94
C25 BCR PE . -37.28 -65.42 -6.54
C26 BCR PE . -36.79 -66.64 -6.23
C27 BCR PE . -36.42 -67.07 -4.85
C28 BCR PE . -37.00 -66.17 -3.77
C29 BCR PE . -36.90 -64.70 -4.19
C30 BCR PE . -37.63 -64.40 -5.49
C35 BCR PE . -48.13 -66.80 -15.88
C36 BCR PE . -41.05 -64.85 -14.92
C37 BCR PE . -37.95 -64.13 -10.78
C38 BCR PE . -36.30 -67.56 -7.29
C39 BCR PE . -37.12 -63.02 -5.93
C40 BCR PE . -39.14 -64.41 -5.33
C1 LMG QE . -37.63 -84.36 -10.47
O1 LMG QE . -37.29 -83.26 -11.21
C2 LMG QE . -36.55 -85.41 -10.48
O2 LMG QE . -35.89 -85.51 -11.74
C3 LMG QE . -37.36 -86.63 -10.11
O3 LMG QE . -36.60 -87.83 -10.34
C4 LMG QE . -37.92 -86.42 -8.67
O4 LMG QE . -36.90 -86.67 -7.70
C5 LMG QE . -38.49 -85.02 -8.41
O5 LMG QE . -38.87 -83.28 -6.91
C6 LMG QE . -38.32 -84.58 -6.98
O6 LMG QE . -37.84 -83.97 -9.13
C7 LMG QE . -37.81 -83.32 -12.53
C8 LMG QE . -39.32 -83.19 -12.62
C9 LMG QE . -39.73 -82.14 -11.58
O7 LMG QE . -39.55 -82.81 -14.00
C10 LMG QE . -39.55 -83.85 -15.05
O9 LMG QE . -39.14 -85.03 -14.83
C11 LMG QE . -40.05 -83.62 -16.49
C12 LMG QE . -38.97 -83.24 -17.50
C13 LMG QE . -39.31 -81.94 -18.21
C14 LMG QE . -40.11 -82.13 -19.49
C15 LMG QE . -39.88 -81.01 -20.52
C16 LMG QE . -41.08 -80.81 -21.45
C17 LMG QE . -40.71 -80.34 -22.85
C18 LMG QE . -40.61 -78.82 -22.88
C19 LMG QE . -39.83 -78.31 -24.13
C20 LMG QE . -39.46 -76.83 -24.04
C21 LMG QE . -40.45 -75.96 -24.81
C22 LMG QE . -41.86 -76.03 -24.20
C23 LMG QE . -42.59 -74.73 -24.49
C24 LMG QE . -44.08 -74.81 -24.66
C25 LMG QE . -44.72 -73.42 -24.76
C26 LMG QE . -45.88 -73.45 -25.73
C27 LMG QE . -46.88 -72.43 -25.30
O8 LMG QE . -41.12 -82.19 -11.36
C28 LMG QE . -41.91 -81.23 -12.11
O10 LMG QE . -42.47 -80.35 -11.50
C29 LMG QE . -41.98 -81.35 -13.59
C30 LMG QE . -43.27 -80.78 -14.15
C31 LMG QE . -43.23 -80.87 -15.67
C32 LMG QE . -42.65 -79.60 -16.28
C33 LMG QE . -42.54 -79.72 -17.80
C34 LMG QE . -41.53 -78.70 -18.35
C35 LMG QE . -42.21 -77.35 -18.52
C36 LMG QE . -42.82 -77.21 -19.91
C37 LMG QE . -43.32 -75.80 -20.13
C38 LMG QE . -44.26 -75.44 -18.97
C39 LMG QE . -45.24 -74.43 -19.44
C40 LMG QE . -46.25 -74.20 -18.35
C41 LMG QE . -46.07 -72.79 -17.87
C42 LMG QE . -46.60 -72.61 -16.49
C43 LMG QE . -47.93 -72.01 -16.46
C44 LMG QE . -47.83 -70.55 -16.20
C45 LMG QE . -48.39 -70.31 -14.83
C1 GOL RE . 0.97 -63.92 -26.93
O1 GOL RE . 0.86 -63.37 -28.26
C2 GOL RE . 2.38 -64.46 -26.65
O2 GOL RE . 3.17 -63.42 -26.06
C3 GOL RE . 2.36 -65.65 -25.68
O3 GOL RE . 3.53 -66.47 -25.79
C1 GOL SE . -24.80 -16.85 -34.03
O1 GOL SE . -24.80 -15.49 -33.44
C2 GOL SE . -25.19 -16.48 -35.42
O2 GOL SE . -24.86 -17.40 -36.45
C3 GOL SE . -26.15 -15.44 -35.98
O3 GOL SE . -26.33 -14.16 -35.45
C1 HTG TE . -10.04 -55.60 -38.30
S1 HTG TE . -9.20 -54.44 -37.16
C2 HTG TE . -9.40 -55.66 -39.73
O2 HTG TE . -9.40 -54.39 -40.42
C3 HTG TE . -10.11 -56.66 -40.68
O3 HTG TE . -9.46 -56.73 -41.96
C4 HTG TE . -10.23 -58.06 -40.06
O4 HTG TE . -11.02 -58.90 -40.93
C5 HTG TE . -10.85 -57.96 -38.64
O5 HTG TE . -10.13 -56.98 -37.82
C6 HTG TE . -10.97 -59.36 -37.99
O6 HTG TE . -11.68 -59.39 -36.74
C1' HTG TE . -10.28 -53.45 -36.12
C2' HTG TE . -10.43 -53.98 -34.70
C3' HTG TE . -9.83 -53.10 -33.58
C4' HTG TE . -10.19 -53.65 -32.18
C5' HTG TE . -9.01 -54.10 -31.28
C6' HTG TE . -9.32 -54.17 -29.77
C7' HTG TE . -8.75 -55.39 -29.05
C1 HTG UE . -6.39 -56.76 -36.49
S1 HTG UE . -5.47 -55.61 -35.47
C2 HTG UE . -5.65 -57.02 -37.82
O2 HTG UE . -5.68 -55.84 -38.64
C3 HTG UE . -6.25 -58.17 -38.65
O3 HTG UE . -5.34 -58.62 -39.67
C4 HTG UE . -6.67 -59.37 -37.79
O4 HTG UE . -7.43 -60.19 -38.65
C5 HTG UE . -7.49 -58.92 -36.58
O5 HTG UE . -6.68 -58.00 -35.81
C6 HTG UE . -8.07 -60.08 -35.73
O6 HTG UE . -7.09 -60.96 -35.17
C1' HTG UE . -6.54 -55.23 -34.12
C2' HTG UE . -5.87 -54.17 -33.25
C3' HTG UE . -5.83 -52.78 -33.92
C4' HTG UE . -5.92 -51.63 -32.91
C5' HTG UE . -4.69 -51.55 -32.00
C6' HTG UE . -5.02 -51.50 -30.49
C7' HTG UE . -5.17 -52.87 -29.86
C1 HTG VE . -0.22 -68.25 -28.52
S1 HTG VE . -0.18 -66.50 -28.87
C2 HTG VE . -0.12 -69.15 -29.78
O2 HTG VE . -1.19 -68.96 -30.75
C3 HTG VE . -0.08 -70.63 -29.36
O3 HTG VE . 0.08 -71.42 -30.55
C4 HTG VE . 1.02 -70.91 -28.30
O4 HTG VE . 1.02 -72.29 -27.85
C5 HTG VE . 0.86 -69.91 -27.12
O5 HTG VE . 0.87 -68.56 -27.63
C6 HTG VE . 1.91 -70.06 -25.99
O6 HTG VE . 1.37 -69.67 -24.70
C1' HTG VE . -1.79 -66.11 -29.49
C2' HTG VE . -2.37 -64.88 -28.79
C3' HTG VE . -2.99 -63.92 -29.81
C4' HTG VE . -4.10 -64.54 -30.68
C5' HTG VE . -3.89 -64.27 -32.18
C6' HTG VE . -4.52 -62.93 -32.62
C7' HTG VE . -4.41 -62.67 -34.12
C1 HTG WE . -33.39 -85.67 -17.81
S1 HTG WE . -34.74 -84.54 -17.77
C2 HTG WE . -33.38 -86.51 -16.53
O2 HTG WE . -33.38 -85.73 -15.31
C3 HTG WE . -32.17 -87.45 -16.61
O3 HTG WE . -31.91 -88.14 -15.36
C4 HTG WE . -32.47 -88.43 -17.75
O4 HTG WE . -31.26 -89.13 -18.01
C5 HTG WE . -32.98 -87.81 -19.08
O5 HTG WE . -33.62 -86.50 -18.94
C6 HTG WE . -33.93 -88.77 -19.86
O6 HTG WE . -33.27 -89.90 -20.40
C1' HTG WE . -34.18 -83.21 -18.78
C2' HTG WE . -35.37 -82.30 -19.06
C3' HTG WE . -35.03 -81.08 -19.89
C4' HTG WE . -36.15 -80.01 -19.93
C5' HTG WE . -35.78 -78.81 -20.79
C6' HTG WE . -37.03 -78.13 -21.34
C7' HTG WE . -36.71 -76.89 -22.12
C1B LMT XE . 6.36 -66.25 -18.68
C2B LMT XE . 6.27 -65.91 -17.19
C3B LMT XE . 6.92 -66.95 -16.28
C4B LMT XE . 6.55 -68.39 -16.72
C5B LMT XE . 6.79 -68.62 -18.23
C6B LMT XE . 6.45 -70.05 -18.72
O1B LMT XE . 7.66 -66.03 -19.23
O2B LMT XE . 6.84 -64.61 -16.92
O3B LMT XE . 6.49 -66.67 -14.94
O4' LMT XE . 7.32 -69.32 -15.96
O5B LMT XE . 6.03 -67.64 -18.94
O6B LMT XE . 5.18 -70.16 -19.39
C1' LMT XE . 6.84 -63.37 -22.43
C2' LMT XE . 6.97 -64.84 -22.84
C3' LMT XE . 6.79 -65.75 -21.62
C4' LMT XE . 7.80 -65.36 -20.52
C5' LMT XE . 7.80 -63.86 -20.22
C6' LMT XE . 9.03 -63.54 -19.34
O1' LMT XE . 7.08 -62.56 -23.59
O2' LMT XE . 6.03 -65.15 -23.88
O3' LMT XE . 6.93 -67.13 -22.03
O5' LMT XE . 7.80 -63.03 -21.40
O6' LMT XE . 9.27 -62.14 -19.34
C1 LMT XE . 6.52 -61.25 -23.57
C2 LMT XE . 6.58 -60.73 -25.00
C3 LMT XE . 7.31 -59.41 -25.13
C4 LMT XE . 6.32 -58.26 -25.00
C5 LMT XE . 7.01 -56.92 -25.29
C6 LMT XE . 6.70 -56.34 -26.68
C7 LMT XE . 7.23 -54.90 -26.81
C8 LMT XE . 6.43 -54.03 -27.80
C9 LMT XE . 6.26 -52.56 -27.38
C10 LMT XE . 6.41 -51.59 -28.57
C11 LMT XE . 5.36 -51.79 -29.69
C12 LMT XE . 6.00 -51.91 -31.07
O1 PG4 YE . -45.18 -65.61 -40.62
C1 PG4 YE . -45.61 -64.27 -40.94
C2 PG4 YE . -45.88 -64.06 -42.45
O2 PG4 YE . -46.79 -62.97 -42.71
C3 PG4 YE . -46.77 -62.52 -44.08
C4 PG4 YE . -48.05 -61.79 -44.48
O3 PG4 YE . -47.88 -60.34 -44.44
C5 PG4 YE . -49.11 -59.60 -44.42
C6 PG4 YE . -50.00 -59.89 -45.63
O4 PG4 YE . -50.78 -61.10 -45.48
C7 PG4 YE . -51.95 -60.99 -44.64
C8 PG4 YE . -53.10 -61.76 -45.28
O5 PG4 YE . -53.17 -63.10 -44.75
O1 PG4 ZE . -17.82 -68.48 -38.86
C1 PG4 ZE . -16.48 -68.99 -39.04
C2 PG4 ZE . -16.11 -70.09 -38.02
O2 PG4 ZE . -14.72 -70.01 -37.59
C3 PG4 ZE . -14.19 -71.02 -36.68
C4 PG4 ZE . -12.75 -70.77 -36.20
O3 PG4 ZE . -12.31 -71.84 -35.32
C5 PG4 ZE . -10.93 -71.90 -34.94
C6 PG4 ZE . -10.68 -73.20 -34.18
O4 PG4 ZE . -9.38 -73.29 -33.55
C7 PG4 ZE . -8.94 -74.63 -33.10
C8 PG4 ZE . -7.41 -74.87 -33.16
O5 PG4 ZE . -6.89 -75.70 -32.07
O1 PG4 AF . -19.85 -67.08 9.01
C1 PG4 AF . -19.51 -68.44 8.63
C2 PG4 AF . -18.08 -68.65 8.11
O2 PG4 AF . -18.13 -68.88 6.69
C3 PG4 AF . -17.39 -67.84 6.04
C4 PG4 AF . -17.35 -68.00 4.55
O3 PG4 AF . -17.60 -66.71 3.95
C5 PG4 AF . -17.73 -66.74 2.51
C6 PG4 AF . -16.40 -67.14 1.82
O4 PG4 AF . -16.48 -67.15 0.38
C7 PG4 AF . -17.11 -68.29 -0.26
C8 PG4 AF . -17.79 -67.85 -1.58
O5 PG4 AF . -16.85 -67.23 -2.49
O1 PG4 BF . -21.96 -87.05 -20.77
C1 PG4 BF . -22.14 -85.67 -20.41
C2 PG4 BF . -23.61 -85.49 -20.13
O2 PG4 BF . -24.42 -85.46 -21.34
C3 PG4 BF . -25.22 -84.24 -21.48
C4 PG4 BF . -25.79 -84.08 -22.88
O3 PG4 BF . -26.45 -82.81 -22.89
C5 PG4 BF . -26.32 -82.08 -24.13
C6 PG4 BF . -27.57 -81.24 -24.41
O4 PG4 BF . -27.27 -80.18 -25.33
C7 PG4 BF . -28.29 -79.80 -26.27
C8 PG4 BF . -27.77 -78.74 -27.24
O5 PG4 BF . -28.84 -77.90 -27.74
O1 PG4 CF . -11.30 -67.09 -34.49
C1 PG4 CF . -10.16 -67.50 -33.76
C2 PG4 CF . -8.87 -66.89 -34.31
O2 PG4 CF . -7.75 -67.60 -33.76
C3 PG4 CF . -6.41 -67.16 -34.11
C4 PG4 CF . -5.32 -68.18 -33.68
O3 PG4 CF . -3.97 -67.71 -33.80
C5 PG4 CF . -2.94 -68.67 -33.47
C6 PG4 CF . -2.61 -69.58 -34.66
O4 PG4 CF . -2.33 -70.92 -34.18
C7 PG4 CF . -3.48 -71.76 -33.99
C8 PG4 CF . -3.28 -72.75 -32.82
O5 PG4 CF . -4.04 -72.37 -31.63
C1 PGE DF . -17.45 -61.30 -45.43
O1 PGE DF . -17.36 -61.60 -44.00
C2 PGE DF . -16.10 -60.98 -46.10
O2 PGE DF . -16.18 -60.38 -47.44
C3 PGE DF . -15.23 -59.33 -47.81
C4 PGE DF . -15.60 -58.59 -49.12
O4 PGE DF . -15.68 -55.51 -50.87
C6 PGE DF . -15.03 -56.64 -51.51
C5 PGE DF . -14.10 -57.25 -50.47
O3 PGE DF . -14.89 -57.35 -49.26
C1 PGE EF . -18.00 -79.90 -26.44
O1 PGE EF . -18.85 -79.27 -27.40
C2 PGE EF . -18.75 -80.10 -25.11
O2 PGE EF . -17.83 -80.03 -24.03
C3 PGE EF . -18.43 -79.73 -22.75
C4 PGE EF . -17.39 -79.62 -21.63
O4 PGE EF . -15.99 -80.62 -17.78
C6 PGE EF . -15.90 -80.65 -19.22
C5 PGE EF . -17.17 -81.24 -19.85
O3 PGE EF . -17.96 -80.19 -20.44
O1 P6G FF . -38.43 -65.72 -47.81
C2 P6G FF . -39.46 -65.36 -48.73
C3 P6G FF . -40.31 -66.60 -49.05
O4 P6G FF . -41.68 -66.35 -48.73
C5 P6G FF . -42.63 -66.97 -49.61
C6 P6G FF . -44.06 -66.46 -49.35
O7 P6G FF . -44.38 -66.64 -47.96
C8 P6G FF . -45.16 -65.59 -47.36
C9 P6G FF . -45.51 -65.97 -45.91
O10 P6G FF . -44.31 -66.07 -45.12
C11 P6G FF . -43.97 -67.42 -44.73
C12 P6G FF . -42.49 -67.61 -44.41
O13 P6G FF . -42.30 -68.09 -43.07
C14 P6G FF . -40.95 -67.94 -42.61
C15 P6G FF . -40.71 -68.49 -41.19
O16 P6G FF . -39.55 -67.86 -40.62
C17 P6G FF . -38.91 -68.50 -39.51
C18 P6G FF . -37.44 -68.81 -39.83
O19 P6G FF . -36.55 -68.19 -38.88
C1 EDO GF . -14.14 -80.25 -26.19
O1 EDO GF . -15.06 -80.92 -27.06
C2 EDO GF . -13.02 -79.64 -27.05
O2 EDO GF . -11.74 -79.74 -26.41
CHA PHO HF . -28.92 -32.57 15.02
CHB PHO HF . -31.88 -31.68 11.27
CHC PHO HF . -28.10 -29.56 9.02
CHD PHO HF . -25.10 -30.39 12.71
NA PHO HF . -30.25 -31.92 13.04
C1A PHO HF . -30.15 -32.49 14.22
C2A PHO HF . -31.49 -33.03 14.67
C3A PHO HF . -32.23 -33.06 13.36
C4A PHO HF . -31.37 -32.18 12.52
CMA PHO HF . -32.28 -34.48 12.78
CAA PHO HF . -32.09 -32.05 15.67
CBA PHO HF . -33.34 -32.65 16.29
CGA PHO HF . -34.15 -31.59 16.99
O1A PHO HF . -33.82 -30.43 17.18
O2A PHO HF . -35.37 -32.08 17.46
NB PHO HF . -29.82 -30.65 10.37
C1B PHO HF . -31.14 -30.99 10.22
C2B PHO HF . -31.77 -30.54 8.99
C3B PHO HF . -30.58 -29.91 8.33
C4B PHO HF . -29.48 -30.01 9.27
CMB PHO HF . -33.16 -30.75 8.51
CAB PHO HF . -30.53 -29.23 7.01
CBB PHO HF . -31.60 -28.88 6.32
NC PHO HF . -26.93 -30.05 11.11
C1C PHO HF . -26.93 -29.65 9.83
C2C PHO HF . -25.57 -29.29 9.28
C3C PHO HF . -24.69 -29.50 10.39
C4C PHO HF . -25.61 -29.97 11.42
CMC PHO HF . -25.23 -28.88 7.92
CAC PHO HF . -23.18 -29.37 10.45
CBC PHO HF . -22.67 -28.39 11.47
ND PHO HF . -27.24 -31.31 13.48
C1D PHO HF . -25.95 -31.01 13.71
C2D PHO HF . -25.45 -31.65 14.96
C3D PHO HF . -26.67 -32.30 15.48
C4D PHO HF . -27.64 -32.04 14.57
CMD PHO HF . -24.12 -31.70 15.64
CAD PHO HF . -27.26 -33.02 16.61
OBD PHO HF . -26.59 -33.41 17.63
CBD PHO HF . -28.71 -33.27 16.33
CGD PHO HF . -28.95 -34.74 16.30
O1D PHO HF . -29.23 -35.40 17.25
O2D PHO HF . -28.73 -35.30 15.04
CED PHO HF . -28.74 -36.72 14.77
C1 PHO HF . -36.20 -31.26 18.19
C2 PHO HF . -37.07 -30.51 17.18
C3 PHO HF . -37.19 -29.20 17.19
C4 PHO HF . -36.45 -28.38 18.18
C5 PHO HF . -38.09 -28.57 16.19
C6 PHO HF . -37.32 -27.60 15.30
C7 PHO HF . -38.25 -26.79 14.41
C8 PHO HF . -37.49 -26.01 13.29
C9 PHO HF . -36.31 -25.23 13.90
C10 PHO HF . -38.44 -25.00 12.63
C11 PHO HF . -39.64 -25.66 11.94
C12 PHO HF . -39.33 -26.77 10.92
C13 PHO HF . -40.59 -27.38 10.27
C14 PHO HF . -41.25 -28.26 11.35
C15 PHO HF . -40.24 -28.19 8.97
C16 PHO HF . -39.99 -27.24 7.82
C17 PHO HF . -39.50 -27.96 6.54
C18 PHO HF . -39.51 -27.04 5.33
C19 PHO HF . -39.29 -27.85 4.03
C20 PHO HF . -38.47 -25.93 5.51
C1 GOL IF . -7.80 -6.02 -11.02
O1 GOL IF . -6.67 -6.50 -11.84
C2 GOL IF . -8.75 -7.19 -10.87
O2 GOL IF . -7.93 -8.06 -10.11
C3 GOL IF . -10.07 -6.79 -10.18
O3 GOL IF . -11.16 -6.61 -11.08
MG CLA JF . -16.80 -25.61 -6.66
CHA CLA JF . -16.55 -23.34 -4.10
CHB CLA JF . -13.45 -26.18 -6.35
CHC CLA JF . -17.13 -28.26 -8.77
CHD CLA JF . -20.29 -25.19 -6.77
NA CLA JF . -15.27 -24.90 -5.44
C1A CLA JF . -15.37 -24.06 -4.42
C2A CLA JF . -14.11 -23.84 -3.62
C3A CLA JF . -13.11 -24.43 -4.60
C4A CLA JF . -13.99 -25.22 -5.52
CMA CLA JF . -12.40 -23.33 -5.43
CAA CLA JF . -14.11 -24.58 -2.29
CBA CLA JF . -14.54 -26.08 -2.49
CGA CLA JF . -14.50 -26.90 -1.25
O1A CLA JF . -13.97 -26.57 -0.18
O2A CLA JF . -15.05 -28.17 -1.44
NB CLA JF . -15.49 -26.89 -7.45
C1B CLA JF . -14.18 -27.05 -7.25
C2B CLA JF . -13.52 -28.10 -8.06
C3B CLA JF . -14.62 -28.69 -8.76
C4B CLA JF . -15.77 -27.90 -8.30
CMB CLA JF . -12.05 -28.47 -8.10
CAB CLA JF . -14.70 -29.81 -9.74
CBB CLA JF . -13.67 -30.55 -10.06
NC CLA JF . -18.38 -26.52 -7.60
C1C CLA JF . -18.36 -27.60 -8.37
C2C CLA JF . -19.62 -28.02 -8.98
C3C CLA JF . -20.54 -27.05 -8.41
C4C CLA JF . -19.69 -26.24 -7.56
CMC CLA JF . -19.87 -29.16 -9.94
CAC CLA JF . -21.99 -26.92 -8.73
CBC CLA JF . -22.00 -26.54 -10.21
ND CLA JF . -18.11 -24.54 -5.66
C1D CLA JF . -19.54 -24.44 -5.83
C2D CLA JF . -20.07 -23.31 -5.03
C3D CLA JF . -18.87 -22.86 -4.34
C4D CLA JF . -17.82 -23.70 -4.72
CMD CLA JF . -21.43 -22.74 -4.82
CAD CLA JF . -18.33 -22.00 -3.31
OBD CLA JF . -19.02 -21.04 -2.69
CBD CLA JF . -16.87 -22.22 -3.17
CGD CLA JF . -16.15 -21.02 -3.65
O1D CLA JF . -16.46 -20.41 -4.66
O2D CLA JF . -15.09 -20.61 -2.83
CED CLA JF . -14.17 -19.64 -3.30
C1 CLA JF . -14.82 -29.17 -0.41
C2 CLA JF . -13.48 -29.76 -0.69
C3 CLA JF . -12.36 -29.61 0.04
C4 CLA JF . -12.30 -28.85 1.29
C5 CLA JF . -11.09 -30.29 -0.41
C6 CLA JF . -10.06 -29.29 -1.00
C7 CLA JF . -10.53 -28.72 -2.32
C8 CLA JF . -9.71 -27.52 -2.82
C9 CLA JF . -10.04 -26.27 -2.03
C10 CLA JF . -10.00 -27.26 -4.29
C11 CLA JF . -8.96 -26.29 -4.94
C12 CLA JF . -9.15 -26.19 -6.44
C13 CLA JF . -8.10 -25.24 -7.08
C14 CLA JF . -8.66 -24.64 -8.35
C15 CLA JF . -6.83 -26.06 -7.32
C16 CLA JF . -5.62 -25.22 -7.60
C17 CLA JF . -4.35 -26.04 -7.18
C18 CLA JF . -4.09 -27.01 -8.25
C19 CLA JF . -2.82 -27.81 -8.01
C20 CLA JF . -3.99 -26.29 -9.55
MG CLA KF . -26.02 -22.06 0.05
CHA CLA KF . -27.30 -21.29 3.13
CHB CLA KF . -24.38 -24.73 1.48
CHC CLA KF . -25.16 -23.11 -3.09
CHD CLA KF . -28.17 -19.70 -1.44
NA CLA KF . -25.72 -22.77 1.95
C1A CLA KF . -26.33 -22.33 3.08
C2A CLA KF . -25.96 -23.00 4.39
C3A CLA KF . -24.82 -23.85 3.80
C4A CLA KF . -24.98 -23.77 2.28
CMA CLA KF . -23.43 -23.33 4.28
CAA CLA KF . -27.06 -23.93 4.97
CBA CLA KF . -26.69 -24.67 6.22
CGA CLA KF . -27.84 -25.56 6.68
O1A CLA KF . -27.79 -26.79 6.72
O2A CLA KF . -29.05 -24.93 6.93
NB CLA KF . -24.96 -23.58 -0.68
C1B CLA KF . -24.39 -24.64 0.01
C2B CLA KF . -23.69 -25.63 -0.84
C3B CLA KF . -23.96 -25.19 -2.17
C4B CLA KF . -24.74 -23.94 -1.96
CMB CLA KF . -22.98 -26.83 -0.38
CAB CLA KF . -23.47 -25.60 -3.50
CBB CLA KF . -22.40 -26.27 -3.69
NC CLA KF . -26.55 -21.53 -1.83
C1C CLA KF . -26.05 -21.99 -3.00
C2C CLA KF . -26.43 -21.25 -4.25
C3C CLA KF . -27.32 -20.25 -3.75
C4C CLA KF . -27.32 -20.49 -2.29
CMC CLA KF . -26.02 -21.49 -5.64
CAC CLA KF . -28.01 -19.19 -4.49
CBC CLA KF . -27.43 -17.85 -3.95
ND CLA KF . -27.38 -20.75 0.73
C1D CLA KF . -28.30 -19.91 -0.04
C2D CLA KF . -29.15 -19.17 0.86
C3D CLA KF . -28.77 -19.71 2.13
C4D CLA KF . -27.84 -20.70 1.93
CMD CLA KF . -30.16 -18.12 0.70
CAD CLA KF . -29.03 -19.72 3.60
OBD CLA KF . -29.82 -18.96 4.24
CBD CLA KF . -28.07 -20.67 4.25
CGD CLA KF . -27.14 -19.92 5.15
O1D CLA KF . -26.09 -19.32 4.76
O2D CLA KF . -27.55 -19.74 6.47
CED CLA KF . -26.77 -19.00 7.38
C1 CLA KF . -30.19 -25.80 7.31
C2 CLA KF . -30.88 -25.22 8.51
C3 CLA KF . -30.43 -25.30 9.72
C4 CLA KF . -29.17 -26.00 10.11
C5 CLA KF . -31.20 -24.65 10.81
C6 CLA KF . -31.59 -25.66 11.93
C7 CLA KF . -32.36 -26.89 11.46
C8 CLA KF . -33.03 -27.75 12.60
C9 CLA KF . -32.00 -28.50 13.44
C10 CLA KF . -33.96 -28.68 11.90
C11 CLA KF . -34.78 -29.57 12.82
C12 CLA KF . -35.82 -30.32 12.01
C13 CLA KF . -36.80 -31.15 12.86
C14 CLA KF . -36.08 -32.28 13.53
C15 CLA KF . -38.04 -31.55 12.11
C16 CLA KF . -37.97 -31.92 10.67
C17 CLA KF . -39.40 -32.28 10.27
C18 CLA KF . -39.54 -32.78 8.85
C19 CLA KF . -38.97 -31.83 7.77
C20 CLA KF . -40.98 -33.14 8.56
MG CLA LF . -46.74 -21.42 23.16
CHA CLA LF . -47.54 -18.49 21.52
CHB CLA LF . -43.72 -20.08 24.01
CHC CLA LF . -46.18 -24.12 25.21
CHD CLA LF . -49.99 -22.67 22.57
NA CLA LF . -45.78 -19.64 22.85
C1A CLA LF . -46.27 -18.58 22.22
C2A CLA LF . -45.37 -17.33 22.25
C3A CLA LF . -44.10 -17.97 22.75
C4A CLA LF . -44.56 -19.33 23.28
CMA CLA LF . -43.16 -18.28 21.60
CAA CLA LF . -45.81 -16.15 23.13
CBA CLA LF . -46.01 -16.65 24.56
CGA CLA LF . -46.33 -15.53 25.48
O1A CLA LF . -46.42 -14.36 25.14
O2A CLA LF . -46.56 -15.93 26.82
NB CLA LF . -45.19 -22.02 24.36
C1B CLA LF . -44.02 -21.39 24.64
C2B CLA LF . -43.09 -22.13 25.53
C3B CLA LF . -43.84 -23.28 25.88
C4B CLA LF . -45.10 -23.14 25.14
CMB CLA LF . -41.75 -21.70 25.99
CAB CLA LF . -43.47 -24.39 26.78
CBB CLA LF . -42.34 -24.54 27.42
NC CLA LF . -47.85 -23.10 23.71
C1C CLA LF . -47.50 -24.03 24.59
C2C CLA LF . -48.50 -25.08 24.88
C3C CLA LF . -49.63 -24.66 24.08
C4C CLA LF . -49.11 -23.44 23.43
CMC CLA LF . -48.34 -26.27 25.77
CAC CLA LF . -50.97 -25.31 23.95
CBC CLA LF . -51.87 -24.70 25.00
ND CLA LF . -48.38 -20.75 22.19
C1D CLA LF . -49.68 -21.36 22.06
C2D CLA LF . -50.54 -20.54 21.21
C3D CLA LF . -49.66 -19.37 20.94
C4D CLA LF . -48.53 -19.51 21.67
CMD CLA LF . -51.89 -20.75 20.64
CAD CLA LF . -49.54 -18.03 20.35
OBD CLA LF . -50.41 -17.52 19.62
CBD CLA LF . -48.15 -17.47 20.64
CGD CLA LF . -47.41 -17.42 19.35
O1D CLA LF . -46.63 -18.30 18.99
O2D CLA LF . -47.70 -16.36 18.45
CED CLA LF . -47.05 -16.31 17.18
C1 CLA LF . -46.79 -14.91 27.80
C2 CLA LF . -46.83 -15.60 29.17
C3 CLA LF . -45.73 -15.96 29.85
C4 CLA LF . -44.35 -15.73 29.35
C5 CLA LF . -45.84 -16.65 31.17
C6 CLA LF . -45.13 -15.87 32.26
C7 CLA LF . -45.56 -16.39 33.62
C8 CLA LF . -45.01 -15.47 34.70
C9 CLA LF . -43.55 -15.80 34.96
C10 CLA LF . -45.95 -15.54 35.94
C11 CLA LF . -46.94 -14.34 36.09
C12 CLA LF . -48.43 -14.63 35.78
C13 CLA LF . -49.39 -13.58 36.36
C14 CLA LF . -49.67 -13.86 37.85
C15 CLA LF . -50.68 -13.58 35.55
C16 CLA LF . -51.66 -12.50 36.01
C17 CLA LF . -52.33 -11.63 34.91
C18 CLA LF . -53.62 -10.94 35.43
C19 CLA LF . -54.76 -10.73 34.43
C20 CLA LF . -53.27 -9.58 36.08
C1 BCR MF . -52.37 -25.63 18.77
C2 BCR MF . -52.56 -24.12 18.79
C3 BCR MF . -52.98 -23.40 17.59
C4 BCR MF . -52.06 -23.84 16.43
C5 BCR MF . -51.55 -25.23 16.45
C6 BCR MF . -51.66 -26.05 17.53
C7 BCR MF . -51.07 -27.44 17.49
C8 BCR MF . -51.25 -28.26 16.42
C9 BCR MF . -50.67 -29.63 16.42
C10 BCR MF . -50.78 -30.39 15.30
C11 BCR MF . -50.17 -31.72 15.08
C33 BCR MF . -50.69 -25.57 15.26
C31 BCR MF . -53.70 -26.43 18.85
C32 BCR MF . -51.65 -25.86 20.07
C34 BCR MF . -49.85 -30.06 17.60
C12 BCR MF . -50.29 -32.25 13.82
C13 BCR MF . -49.68 -33.51 13.35
C14 BCR MF . -49.89 -33.93 12.04
C15 BCR MF . -49.26 -35.07 11.39
C16 BCR MF . -49.43 -35.26 10.06
C17 BCR MF . -48.71 -36.35 9.43
C18 BCR MF . -48.68 -36.61 8.08
C19 BCR MF . -47.78 -37.71 7.63
C20 BCR MF . -47.54 -38.02 6.32
C21 BCR MF . -46.61 -39.08 6.05
C22 BCR MF . -46.24 -39.49 4.84
C23 BCR MF . -45.27 -40.58 4.79
C24 BCR MF . -44.80 -41.10 3.65
C25 BCR MF . -43.76 -42.20 3.61
C26 BCR MF . -43.59 -43.21 4.52
C27 BCR MF . -42.32 -44.05 4.61
C28 BCR MF . -41.17 -43.60 3.70
C29 BCR MF . -41.78 -43.17 2.39
C30 BCR MF . -42.74 -42.02 2.56
C35 BCR MF . -48.77 -34.21 14.34
C36 BCR MF . -49.46 -35.80 7.08
C37 BCR MF . -46.96 -38.96 3.64
C38 BCR MF . -44.67 -43.65 5.50
C39 BCR MF . -43.37 -41.90 1.19
C40 BCR MF . -42.00 -40.79 3.19
C2 PL9 NF . -9.09 -40.83 6.58
C3 PL9 NF . -7.85 -40.35 6.19
C4 PL9 NF . -6.64 -40.72 6.93
C5 PL9 NF . -6.75 -41.67 8.04
C6 PL9 NF . -8.09 -42.14 8.46
C1 PL9 NF . -9.24 -41.67 7.70
C7 PL9 NF . -7.70 -39.46 4.98
C8 PL9 NF . -8.23 -38.06 5.14
C9 PL9 NF . -7.52 -36.96 5.00
C10 PL9 NF . -6.05 -36.91 4.78
C11 PL9 NF . -8.25 -35.65 5.18
C12 PL9 NF . -8.20 -34.85 3.91
C13 PL9 NF . -9.10 -33.64 4.09
C14 PL9 NF . -9.56 -32.88 3.06
C15 PL9 NF . -9.17 -33.16 1.63
C16 PL9 NF . -10.53 -31.71 3.25
C17 PL9 NF . -10.77 -31.37 4.72
C18 PL9 NF . -11.64 -30.16 4.77
C19 PL9 NF . -11.32 -28.80 4.76
C20 PL9 NF . -9.91 -28.41 4.63
C21 PL9 NF . -12.40 -27.71 4.79
C22 PL9 NF . -12.20 -26.67 5.88
C23 PL9 NF . -13.41 -25.72 5.91
C24 PL9 NF . -13.65 -24.91 6.95
C25 PL9 NF . -12.86 -24.87 8.25
C26 PL9 NF . -14.85 -24.06 6.97
C27 PL9 NF . -14.44 -22.56 6.97
C28 PL9 NF . -13.77 -22.30 5.66
C29 PL9 NF . -12.55 -21.72 5.50
C30 PL9 NF . -11.71 -21.34 6.68
C31 PL9 NF . -11.90 -21.43 4.12
C32 PL9 NF . -12.61 -22.01 2.93
C33 PL9 NF . -11.83 -21.59 1.73
C34 PL9 NF . -12.34 -21.20 0.55
C35 PL9 NF . -13.82 -20.98 0.35
C36 PL9 NF . -11.35 -20.82 -0.56
C37 PL9 NF . -11.58 -21.59 -1.70
C38 PL9 NF . -10.74 -21.02 -2.83
C39 PL9 NF . -9.57 -21.28 -3.18
C40 PL9 NF . -8.82 -22.29 -2.35
C41 PL9 NF . -8.95 -20.58 -4.45
C42 PL9 NF . -8.83 -21.61 -5.51
C43 PL9 NF . -7.77 -21.21 -6.57
C44 PL9 NF . -8.01 -20.82 -7.79
C45 PL9 NF . -9.38 -20.71 -8.35
C46 PL9 NF . -6.97 -20.40 -8.77
C47 PL9 NF . -5.60 -20.56 -8.25
C48 PL9 NF . -4.67 -20.37 -9.40
C49 PL9 NF . -3.80 -19.35 -9.55
C50 PL9 NF . -2.90 -19.39 -10.73
C51 PL9 NF . -3.68 -18.27 -8.62
C52 PL9 NF . -5.50 -42.11 8.73
C53 PL9 NF . -8.27 -43.06 9.61
O1 PL9 NF . -5.50 -40.22 6.60
O2 PL9 NF . -10.37 -42.07 8.04
C1A DGD OF . -60.29 -23.71 16.84
C2A DGD OF . -59.48 -24.66 15.98
C3A DGD OF . -58.81 -25.75 16.79
C4A DGD OF . -57.30 -25.84 16.57
C5A DGD OF . -57.03 -26.63 15.32
C6A DGD OF . -55.51 -26.74 15.09
C7A DGD OF . -55.04 -28.20 15.08
C8A DGD OF . -55.39 -28.84 13.74
C9A DGD OF . -55.64 -30.33 13.71
CAA DGD OF . -57.03 -30.63 13.11
CBA DGD OF . -58.06 -30.63 14.24
CCA DGD OF . -59.53 -30.62 13.80
CDA DGD OF . -60.46 -30.09 14.89
CEA DGD OF . -60.94 -28.63 14.67
CFA DGD OF . -62.01 -28.17 15.66
CGA DGD OF . -63.38 -27.93 15.05
CHA DGD OF . -64.38 -27.18 15.95
CIA DGD OF . -65.23 -26.16 15.19
O1A DGD OF . -59.85 -23.37 17.91
C1B DGD OF . -62.07 -19.21 15.95
C2B DGD OF . -62.22 -19.44 17.47
C3B DGD OF . -61.72 -18.28 18.35
C4B DGD OF . -61.75 -18.63 19.85
C5B DGD OF . -60.39 -19.03 20.45
C6B DGD OF . -59.70 -20.17 19.68
C7B DGD OF . -58.40 -20.66 20.32
C8B DGD OF . -57.83 -21.91 19.61
C9B DGD OF . -56.39 -22.28 19.96
CAB DGD OF . -56.14 -22.14 21.47
CBB DGD OF . -55.17 -23.17 22.04
CCB DGD OF . -55.80 -24.56 22.03
CDB DGD OF . -55.24 -25.48 23.11
CEB DGD OF . -55.99 -26.83 23.18
CFB DGD OF . -55.09 -27.95 23.70
CGB DGD OF . -54.30 -28.68 22.59
CHB DGD OF . -52.78 -28.85 22.84
CIB DGD OF . -52.09 -29.70 21.78
O1B DGD OF . -61.63 -18.15 15.62
O1G DGD OF . -61.58 -23.19 16.39
C1G DGD OF . -61.54 -22.37 15.21
C2G DGD OF . -62.82 -21.57 14.95
O2G DGD OF . -62.45 -20.15 14.83
C3G DGD OF . -63.50 -22.16 13.67
O3G DGD OF . -64.92 -22.13 13.59
C1D DGD OF . -65.57 -20.99 13.02
C2D DGD OF . -64.93 -19.59 13.30
O2D DGD OF . -64.77 -19.35 14.71
C3D DGD OF . -65.76 -18.45 12.71
O3D DGD OF . -65.09 -17.17 12.88
C4D DGD OF . -66.05 -18.74 11.24
O4D DGD OF . -64.80 -18.63 10.56
C5D DGD OF . -66.64 -20.15 11.09
O5D DGD OF . -68.52 -20.26 9.42
C6D DGD OF . -67.13 -20.48 9.66
O6D DGD OF . -65.71 -21.15 11.61
C1E DGD OF . -69.43 -21.22 9.98
C2E DGD OF . -70.78 -21.21 9.27
O2E DGD OF . -70.60 -21.44 7.86
C3E DGD OF . -71.51 -19.90 9.56
O3E DGD OF . -72.81 -19.91 8.95
C4E DGD OF . -71.64 -19.62 11.07
O4E DGD OF . -72.62 -20.49 11.68
C5E DGD OF . -70.27 -19.77 11.77
O6E DGD OF . -69.67 -21.03 11.39
C6E DGD OF . -70.34 -19.64 13.31
O5E DGD OF . -69.02 -19.47 13.86
O1 LHG PF . -8.23 -31.38 18.60
C1 LHG PF . -7.82 -30.02 18.63
C2 LHG PF . -7.96 -29.57 20.05
O2 LHG PF . -7.22 -30.42 20.91
C3 LHG PF . -9.37 -29.51 20.57
O3 LHG PF . -9.23 -28.80 21.81
P LHG PF . -10.51 -28.46 22.71
O4 LHG PF . -11.29 -29.72 22.89
O5 LHG PF . -9.98 -27.76 23.85
O6 LHG PF . -11.35 -27.46 21.89
C4 LHG PF . -10.90 -26.12 21.63
C5 LHG PF . -11.60 -25.67 20.37
C6 LHG PF . -13.12 -25.64 20.47
O7 LHG PF . -11.23 -24.32 20.16
C7 LHG PF . -10.25 -24.03 19.28
O9 LHG PF . -9.83 -24.94 18.65
C8 LHG PF . -9.81 -22.60 19.34
C9 LHG PF . -9.25 -22.18 18.01
C10 LHG PF . -10.24 -21.98 16.87
O8 LHG PF . -13.59 -25.34 19.15
C23 LHG PF . -14.81 -25.70 18.56
O10 LHG PF . -15.51 -26.22 19.41
C24 LHG PF . -15.23 -25.39 17.08
C11 LHG PF . -9.44 -21.08 15.93
C12 LHG PF . -10.18 -20.79 14.69
C13 LHG PF . -9.28 -20.14 13.60
C14 LHG PF . -8.96 -18.72 13.88
C15 LHG PF . -8.25 -18.06 12.67
C16 LHG PF . -8.19 -16.52 12.68
C17 LHG PF . -7.43 -15.92 11.48
C18 LHG PF . -7.16 -14.46 11.80
C19 LHG PF . -6.48 -13.59 10.69
C20 LHG PF . -5.72 -12.46 11.45
C21 LHG PF . -5.27 -11.33 10.58
C22 LHG PF . -4.30 -10.35 11.25
C25 LHG PF . -15.23 -23.92 16.82
C26 LHG PF . -16.38 -23.29 15.98
C27 LHG PF . -16.55 -21.79 16.38
C28 LHG PF . -17.05 -20.77 15.36
C29 LHG PF . -16.98 -19.38 16.01
C30 LHG PF . -16.33 -18.29 15.13
C31 LHG PF . -14.85 -18.40 14.69
C32 LHG PF . -13.86 -17.52 15.50
C33 LHG PF . -13.17 -18.34 16.59
C34 LHG PF . -11.93 -17.71 17.22
C35 LHG PF . -11.58 -18.53 18.47
C36 LHG PF . -10.25 -18.24 19.12
C37 LHG PF . -10.17 -18.88 20.48
C38 LHG PF . -8.90 -18.94 21.29
O1 LHG QF . -1.48 -31.53 16.55
C1 LHG QF . -2.35 -32.31 15.75
C2 LHG QF . -1.55 -33.54 15.54
O2 LHG QF . -0.25 -33.12 15.06
C3 LHG QF . -2.27 -34.35 14.52
O3 LHG QF . -1.64 -34.46 13.26
P LHG QF . -2.07 -35.63 12.22
O4 LHG QF . -0.78 -36.38 11.89
O5 LHG QF . -3.22 -36.44 12.70
O6 LHG QF . -2.55 -34.85 10.90
C4 LHG QF . -1.62 -34.54 9.83
C5 LHG QF . -2.18 -33.33 9.13
C6 LHG QF . -1.13 -32.71 8.20
O7 LHG QF . -3.26 -33.72 8.31
C7 LHG QF . -4.56 -33.27 8.65
O9 LHG QF . -4.72 -32.52 9.61
C8 LHG QF . -5.64 -33.73 7.70
C9 LHG QF . -6.72 -32.69 7.64
C10 LHG QF . -6.31 -31.44 6.82
O8 LHG QF . -1.74 -31.54 7.66
C23 LHG QF . -0.91 -30.56 7.06
O10 LHG QF . 0.27 -30.85 6.94
C24 LHG QF . -1.62 -29.29 6.63
C11 LHG QF . -6.29 -31.63 5.37
C12 LHG QF . -6.22 -30.27 4.63
C13 LHG QF . -6.40 -30.62 3.16
C14 LHG QF . -6.26 -29.35 2.38
C15 LHG QF . -6.44 -29.56 0.90
C16 LHG QF . -5.97 -28.29 0.22
C17 LHG QF . -6.88 -27.14 0.27
C18 LHG QF . -6.26 -25.91 -0.42
C19 LHG QF . -6.19 -25.78 -1.90
C20 LHG QF . -5.66 -24.35 -2.26
C21 LHG QF . -5.49 -24.34 -3.74
C22 LHG QF . -4.89 -23.08 -4.19
C25 LHG QF . -1.12 -28.81 5.32
C26 LHG QF . -1.41 -29.76 4.20
C27 LHG QF . -1.10 -29.22 2.83
C28 LHG QF . -1.05 -30.40 1.79
C29 LHG QF . -2.40 -30.73 1.24
C30 LHG QF . -2.42 -31.82 0.16
C31 LHG QF . -1.58 -31.48 -1.10
C32 LHG QF . -1.85 -32.52 -2.12
C33 LHG QF . -0.87 -32.41 -3.22
C34 LHG QF . -1.27 -33.43 -4.27
C35 LHG QF . -0.63 -34.79 -4.10
C36 LHG QF . -1.14 -35.74 -5.21
C37 LHG QF . -0.19 -36.93 -5.31
C38 LHG QF . -0.60 -37.69 -6.46
O1 LHG RF . -20.52 -59.42 2.65
C1 LHG RF . -20.57 -58.95 1.29
C2 LHG RF . -19.49 -57.86 0.99
O2 LHG RF . -18.17 -58.32 1.31
C3 LHG RF . -19.78 -56.50 1.67
O3 LHG RF . -19.76 -56.60 3.07
P LHG RF . -18.45 -56.27 3.93
O4 LHG RF . -18.74 -56.54 5.37
O5 LHG RF . -17.26 -56.91 3.25
O6 LHG RF . -18.27 -54.69 3.84
C4 LHG RF . -19.20 -53.82 4.55
C5 LHG RF . -19.51 -52.59 3.70
C6 LHG RF . -18.23 -51.96 3.13
O7 LHG RF . -20.35 -52.88 2.56
C7 LHG RF . -21.72 -53.03 2.83
O9 LHG RF . -22.09 -52.97 3.96
C8 LHG RF . -22.59 -53.29 1.65
C9 LHG RF . -24.10 -53.16 1.90
C10 LHG RF . -24.84 -53.63 0.64
O8 LHG RF . -18.60 -50.65 2.68
C23 LHG RF . -17.57 -49.77 2.24
O10 LHG RF . -16.41 -50.22 2.19
C24 LHG RF . -18.00 -48.37 1.86
C11 LHG RF . -26.37 -53.68 0.74
C12 LHG RF . -27.01 -53.73 -0.68
C13 LHG RF . -27.27 -52.33 -1.29
C14 LHG RF . -28.27 -51.57 -0.38
C15 LHG RF . -28.83 -50.22 -0.85
C16 LHG RF . -28.61 -49.02 0.09
C17 LHG RF . -29.08 -47.76 -0.65
C18 LHG RF . -30.59 -47.50 -0.77
C19 LHG RF . -30.86 -46.46 -1.87
C20 LHG RF . -31.85 -45.36 -1.47
C21 LHG RF . -31.84 -44.16 -2.43
C22 LHG RF . -32.89 -43.11 -2.03
C25 LHG RF . -17.63 -47.97 0.43
C26 LHG RF . -18.19 -46.57 0.07
C27 LHG RF . -19.72 -46.43 0.17
C28 LHG RF . -20.47 -47.33 -0.81
C29 LHG RF . -22.02 -47.35 -0.67
C30 LHG RF . -22.58 -48.67 -1.27
C31 LHG RF . -23.91 -49.15 -0.68
C32 LHG RF . -25.16 -48.91 -1.54
C33 LHG RF . -25.04 -49.36 -3.02
C34 LHG RF . -26.35 -49.28 -3.86
C35 LHG RF . -26.76 -47.86 -4.32
C36 LHG RF . -27.79 -47.94 -5.48
C37 LHG RF . -28.97 -47.06 -5.19
C38 LHG RF . -29.91 -47.18 -6.36
C1 GOL SF . -46.64 -31.83 23.88
O1 GOL SF . -46.08 -32.80 24.77
C2 GOL SF . -48.06 -31.43 24.29
O2 GOL SF . -48.14 -31.49 25.72
C3 GOL SF . -48.39 -30.02 23.75
O3 GOL SF . -49.78 -29.75 23.44
C1 GOL TF . -59.30 -8.50 23.63
O1 GOL TF . -58.55 -7.37 24.08
C2 GOL TF . -58.87 -8.70 22.17
O2 GOL TF . -58.96 -7.42 21.50
C3 GOL TF . -57.42 -9.23 22.17
O3 GOL TF . -57.26 -10.66 22.34
O1 PG4 UF . -41.69 -31.97 49.75
C1 PG4 UF . -42.81 -32.37 50.54
C2 PG4 UF . -44.01 -31.58 50.06
O2 PG4 UF . -45.14 -32.44 49.99
C3 PG4 UF . -45.45 -32.92 48.67
C4 PG4 UF . -46.21 -31.84 47.89
O3 PG4 UF . -45.35 -31.19 46.94
C5 PG4 UF . -45.70 -29.85 46.56
C6 PG4 UF . -45.18 -28.78 47.53
O4 PG4 UF . -44.34 -27.81 46.89
C7 PG4 UF . -45.01 -26.81 46.10
C8 PG4 UF . -44.06 -25.72 45.58
O5 PG4 UF . -44.06 -25.59 44.13
C1 PGE VF . -44.01 -36.60 52.08
O1 PGE VF . -44.95 -35.82 51.34
C2 PGE VF . -43.53 -35.74 53.25
O2 PGE VF . -43.06 -36.57 54.34
C3 PGE VF . -42.00 -37.46 53.99
C4 PGE VF . -41.01 -37.65 55.15
O4 PGE VF . -37.72 -37.39 53.42
C6 PGE VF . -37.72 -37.93 54.76
C5 PGE VF . -38.68 -37.18 55.68
O3 PGE VF . -39.85 -36.81 54.94
O1 P6G WF . -41.47 -18.64 31.91
C2 P6G WF . -41.27 -19.77 30.99
C3 P6G WF . -40.82 -21.10 31.64
O4 P6G WF . -40.34 -22.08 30.67
C5 P6G WF . -40.34 -23.44 31.10
C6 P6G WF . -39.09 -24.14 30.60
O7 P6G WF . -37.95 -24.04 31.49
C8 P6G WF . -37.11 -25.21 31.49
C9 P6G WF . -35.69 -24.75 31.64
O10 P6G WF . -34.86 -25.87 31.39
C11 P6G WF . -33.50 -25.72 31.90
C12 P6G WF . -32.73 -26.96 31.53
O13 P6G WF . -31.45 -27.05 32.18
C14 P6G WF . -30.86 -28.39 32.20
C15 P6G WF . -29.52 -28.32 31.45
O16 P6G WF . -28.37 -28.25 32.29
C17 P6G WF . -28.15 -29.35 33.14
C18 P6G WF . -26.65 -29.47 33.34
O19 P6G WF . -26.03 -28.78 32.23
O1 P6G XF . -61.49 -12.70 22.44
C2 P6G XF . -60.14 -12.45 22.83
C3 P6G XF . -59.52 -13.67 23.51
O4 P6G XF . -58.16 -13.85 23.11
C5 P6G XF . -57.84 -15.13 22.53
C6 P6G XF . -57.71 -16.22 23.56
O7 P6G XF . -56.47 -16.90 23.30
C8 P6G XF . -56.28 -18.18 23.88
C9 P6G XF . -54.80 -18.39 23.68
O10 P6G XF . -54.22 -19.28 24.60
C11 P6G XF . -53.10 -19.99 24.06
C12 P6G XF . -52.17 -20.46 25.17
O13 P6G XF . -50.89 -19.74 25.15
C14 P6G XF . -49.78 -20.45 25.80
C15 P6G XF . -48.43 -19.71 25.95
O16 P6G XF . -47.69 -20.20 27.09
C17 P6G XF . -46.30 -20.46 26.97
C18 P6G XF . -45.63 -20.50 28.35
O19 P6G XF . -44.34 -19.90 28.45
O1 P6G YF . -53.20 -31.99 18.18
C2 P6G YF . -53.79 -30.68 17.95
C3 P6G YF . -55.32 -30.65 18.05
O4 P6G YF . -55.87 -29.42 18.60
C5 P6G YF . -57.32 -29.34 18.84
C6 P6G YF . -57.64 -28.20 19.81
O7 P6G YF . -59.01 -27.72 19.75
C8 P6G YF . -59.35 -26.82 20.82
C9 P6G YF . -60.86 -26.57 20.91
O10 P6G YF . -61.18 -25.18 20.79
C11 P6G YF . -62.33 -24.70 21.50
C12 P6G YF . -63.01 -23.57 20.70
O13 P6G YF . -62.76 -22.25 21.25
C14 P6G YF . -63.61 -21.83 22.34
C15 P6G YF . -63.98 -20.35 22.18
O16 P6G YF . -64.57 -20.14 20.90
C17 P6G YF . -65.07 -18.81 20.71
C18 P6G YF . -65.24 -18.57 19.22
O19 P6G YF . -66.43 -17.83 18.95
C1 EDO ZF . -36.70 -29.10 47.51
O1 EDO ZF . -38.03 -28.53 47.40
C2 EDO ZF . -36.18 -29.12 48.96
O2 EDO ZF . -34.96 -29.88 49.08
O1 LHG AG . -38.07 -50.79 26.08
C1 LHG AG . -37.67 -50.89 24.69
C2 LHG AG . -38.70 -51.65 23.85
O2 LHG AG . -38.51 -52.99 24.31
C3 LHG AG . -38.53 -51.53 22.29
O3 LHG AG . -39.31 -52.45 21.44
P LHG AG . -38.64 -53.42 20.28
O4 LHG AG . -37.29 -53.94 20.81
O5 LHG AG . -39.62 -54.40 19.64
O6 LHG AG . -38.31 -52.39 19.11
C4 LHG AG . -37.24 -51.44 19.17
C5 LHG AG . -37.07 -50.83 17.78
C6 LHG AG . -36.78 -51.92 16.74
O7 LHG AG . -38.24 -50.07 17.46
C7 LHG AG . -38.15 -48.62 17.53
O9 LHG AG . -37.45 -48.12 18.38
C8 LHG AG . -38.96 -47.73 16.59
C9 LHG AG . -40.14 -47.11 17.36
C10 LHG AG . -40.14 -45.58 17.36
O8 LHG AG . -36.53 -51.35 15.46
C23 LHG AG . -35.42 -50.44 15.21
O10 LHG AG . -34.31 -50.72 15.67
C24 LHG AG . -35.70 -49.18 14.39
C11 LHG AG . -41.15 -45.03 18.36
C12 LHG AG . -41.36 -43.54 18.22
C13 LHG AG . -41.45 -42.82 19.55
C14 LHG AG . -41.60 -41.31 19.32
C15 LHG AG . -40.82 -40.48 20.35
C16 LHG AG . -40.45 -39.08 19.85
C17 LHG AG . -38.96 -38.94 19.51
C18 LHG AG . -38.28 -37.98 20.50
C19 LHG AG . -36.77 -37.85 20.32
C20 LHG AG . -36.17 -36.90 21.37
C21 LHG AG . -35.69 -35.60 20.77
C22 LHG AG . -36.88 -34.78 20.32
C25 LHG AG . -34.79 -48.02 14.77
C26 LHG AG . -35.31 -46.65 14.28
C27 LHG AG . -34.20 -45.77 13.65
C28 LHG AG . -34.39 -44.26 13.77
C29 LHG AG . -34.85 -43.62 12.46
C30 LHG AG . -35.53 -42.27 12.67
C31 LHG AG . -36.20 -41.79 11.38
O1 PG4 BG . -70.31 -34.69 3.55
C1 PG4 BG . -69.21 -35.63 3.40
C2 PG4 BG . -69.85 -37.01 3.30
O2 PG4 BG . -69.65 -37.60 1.99
C3 PG4 BG . -68.58 -38.55 1.91
C4 PG4 BG . -69.15 -39.95 2.09
O3 PG4 BG . -68.32 -40.86 1.36
C5 PG4 BG . -67.71 -41.91 2.11
C6 PG4 BG . -66.75 -41.32 3.15
O4 PG4 BG . -65.49 -42.00 3.09
C7 PG4 BG . -64.92 -42.30 4.37
C8 PG4 BG . -63.48 -42.85 4.30
O5 PG4 BG . -63.23 -43.64 3.15
O1 PG4 CG . -44.20 -48.20 16.48
C1 PG4 CG . -44.04 -49.50 15.82
C2 PG4 CG . -42.63 -50.07 16.05
O2 PG4 CG . -42.45 -51.43 15.52
C3 PG4 CG . -41.13 -51.92 15.76
C4 PG4 CG . -41.05 -53.37 15.35
O3 PG4 CG . -39.67 -53.70 15.28
C5 PG4 CG . -39.24 -54.85 16.00
C6 PG4 CG . -37.78 -55.16 15.68
O4 PG4 CG . -37.59 -56.52 15.25
C7 PG4 CG . -37.39 -57.44 16.32
C8 PG4 CG . -37.52 -58.85 15.74
O5 PG4 CG . -37.98 -59.77 16.75
C1 PGE DG . -52.43 -46.70 5.95
O1 PGE DG . -51.08 -46.20 6.04
C2 PGE DG . -53.45 -45.84 6.70
O2 PGE DG . -54.69 -46.57 6.68
C3 PGE DG . -55.67 -46.21 7.68
C4 PGE DG . -56.78 -47.25 7.78
O4 PGE DG . -60.81 -46.69 6.15
C6 PGE DG . -59.87 -47.70 5.75
C5 PGE DG . -58.86 -47.94 6.87
O3 PGE DG . -57.73 -47.07 6.72
C1 PGE EG . -62.99 -56.73 11.46
O1 PGE EG . -61.86 -55.82 11.34
C2 PGE EG . -64.31 -56.02 11.87
O2 PGE EG . -64.08 -54.97 12.84
C3 PGE EG . -65.14 -54.72 13.76
C4 PGE EG . -64.89 -55.41 15.13
O4 PGE EG . -61.70 -55.90 16.80
C6 PGE EG . -62.23 -57.23 16.61
C5 PGE EG . -63.72 -57.21 16.29
O3 PGE EG . -63.96 -56.51 15.06
C1 PGE FG . -66.34 -40.57 13.80
O1 PGE FG . -65.22 -40.77 12.94
C2 PGE FG . -65.89 -39.85 15.08
O2 PGE FG . -65.53 -40.74 16.16
C3 PGE FG . -64.19 -41.30 16.10
C4 PGE FG . -63.20 -40.76 17.15
O4 PGE FG . -64.53 -36.55 15.95
C6 PGE FG . -63.27 -37.22 16.16
C5 PGE FG . -63.39 -38.39 17.17
O3 PGE FG . -62.62 -39.52 16.75
C1 PGE GG . -66.64 -49.17 9.10
O1 PGE GG . -65.26 -48.75 9.18
C2 PGE GG . -67.36 -49.00 10.44
O2 PGE GG . -67.38 -50.23 11.20
C3 PGE GG . -67.93 -50.19 12.54
C4 PGE GG . -66.86 -50.06 13.64
O4 PGE GG . -64.90 -46.36 12.27
C6 PGE GG . -65.71 -46.85 13.37
C5 PGE GG . -65.22 -48.19 13.94
O3 PGE GG . -65.72 -49.30 13.18
C1 PGE HG . -69.97 -35.30 10.98
O1 PGE HG . -71.28 -35.50 10.47
C2 PGE HG . -69.62 -36.26 12.12
O2 PGE HG . -69.50 -35.55 13.37
C3 PGE HG . -70.76 -35.06 13.83
C4 PGE HG . -70.64 -34.23 15.11
O4 PGE HG . -67.35 -30.95 15.20
C6 PGE HG . -68.50 -31.25 14.40
C5 PGE HG . -68.89 -32.71 14.63
O3 PGE HG . -70.31 -32.87 14.79
C1 PGE IG . -50.20 2.35 15.36
O1 PGE IG . -49.68 2.09 16.67
C2 PGE IG . -51.74 2.23 15.28
O2 PGE IG . -52.33 1.30 16.22
C3 PGE IG . -53.65 0.83 15.86
C4 PGE IG . -54.77 1.62 16.56
O4 PGE IG . -55.03 1.07 21.51
C6 PGE IG . -55.65 0.87 20.17
C5 PGE IG . -54.93 1.55 18.98
O3 PGE IG . -55.23 0.91 17.73
O1 P6G JG . -70.60 -31.72 12.19
C2 P6G JG . -70.76 -30.39 11.70
C3 P6G JG . -69.98 -30.20 10.42
O4 P6G JG . -70.47 -29.03 9.73
C5 P6G JG . -69.83 -28.74 8.46
C6 P6G JG . -70.14 -27.31 7.98
O7 P6G JG . -69.00 -26.74 7.29
C8 P6G JG . -69.31 -26.28 5.94
C9 P6G JG . -70.30 -25.10 5.95
O10 P6G JG . -70.10 -24.24 4.81
C11 P6G JG . -70.13 -22.81 5.07
C12 P6G JG . -69.82 -21.94 3.84
O13 P6G JG . -69.74 -22.69 2.60
C14 P6G JG . -71.05 -22.99 2.05
C15 P6G JG . -71.49 -21.90 1.07
O16 P6G JG . -71.14 -22.20 -0.32
C17 P6G JG . -69.79 -22.57 -0.62
C18 P6G JG . -69.29 -21.86 -1.88
O19 P6G JG . -67.95 -21.38 -1.71
C1 EDO KG . -67.33 -33.77 11.12
O1 EDO KG . -68.21 -32.62 11.19
C2 EDO KG . -65.82 -33.45 11.15
O2 EDO KG . -65.13 -34.42 11.98
C1 EDO LG . -49.30 -50.26 11.81
O1 EDO LG . -50.09 -49.74 12.89
C2 EDO LG . -48.06 -50.99 12.34
O2 EDO LG . -47.32 -50.21 13.30
CHA HEM MG . -50.88 -48.66 22.20
CHB HEM MG . -55.21 -46.68 22.54
CHC HEM MG . -54.49 -44.59 18.24
CHD HEM MG . -50.30 -46.86 17.82
C1A HEM MG . -52.14 -48.38 22.66
C2A HEM MG . -52.82 -49.02 23.76
C3A HEM MG . -54.07 -48.43 23.86
C4A HEM MG . -54.11 -47.46 22.83
CMA HEM MG . -55.14 -48.81 24.85
CAA HEM MG . -52.28 -50.14 24.64
CBA HEM MG . -52.35 -51.43 23.73
CGA HEM MG . -52.33 -52.78 24.44
O1A HEM MG . -52.78 -53.82 23.85
O2A HEM MG . -51.87 -52.97 25.60
C1B HEM MG . -55.37 -45.88 21.38
C2B HEM MG . -56.53 -45.08 21.13
C3B HEM MG . -56.33 -44.45 19.90
C4B HEM MG . -55.02 -44.95 19.45
CMB HEM MG . -57.67 -44.95 22.09
CAB HEM MG . -57.13 -43.45 19.17
CBB HEM MG . -58.13 -42.75 19.71
C1C HEM MG . -53.30 -45.05 17.70
C2C HEM MG . -52.86 -44.86 16.39
C3C HEM MG . -51.65 -45.53 16.27
C4C HEM MG . -51.40 -46.14 17.51
CMC HEM MG . -53.61 -44.03 15.37
CAC HEM MG . -50.74 -45.73 15.11
CBC HEM MG . -51.12 -45.64 13.86
C1D HEM MG . -50.12 -47.46 19.04
C2D HEM MG . -48.83 -48.14 19.31
C3D HEM MG . -49.02 -48.63 20.54
C4D HEM MG . -50.40 -48.25 21.01
CMD HEM MG . -47.58 -48.33 18.46
CAD HEM MG . -48.05 -49.41 21.36
CBD HEM MG . -47.09 -48.35 21.91
CGD HEM MG . -46.68 -47.99 23.34
O1D HEM MG . -46.27 -46.86 23.53
O2D HEM MG . -46.54 -48.79 24.30
NA HEM MG . -52.99 -47.52 22.05
NB HEM MG . -54.56 -45.79 20.36
NC HEM MG . -52.45 -45.89 18.31
ND HEM MG . -51.02 -47.56 20.05
FE HEM MG . -52.71 -46.74 20.20
C1 GOL NG . -63.59 -27.33 -14.42
O1 GOL NG . -63.44 -28.71 -14.74
C2 GOL NG . -65.04 -26.99 -14.29
O2 GOL NG . -65.54 -27.91 -13.31
C3 GOL NG . -65.19 -25.57 -13.82
O3 GOL NG . -65.06 -25.36 -12.38
C1B LMT OG . -67.25 -35.17 -4.06
C2B LMT OG . -67.54 -34.56 -5.45
C3B LMT OG . -66.39 -33.63 -5.91
C4B LMT OG . -66.05 -32.60 -4.81
C5B LMT OG . -65.72 -33.30 -3.44
C6B LMT OG . -65.48 -32.36 -2.21
O1B LMT OG . -66.25 -36.19 -4.15
O2B LMT OG . -67.73 -35.61 -6.42
O3B LMT OG . -66.72 -32.96 -7.16
O4' LMT OG . -65.10 -31.61 -5.34
O5B LMT OG . -66.82 -34.17 -3.12
O6B LMT OG . -65.08 -33.01 -0.95
C1' LMT OG . -65.22 -40.20 -3.47
C2' LMT OG . -66.19 -39.96 -4.64
C3' LMT OG . -66.28 -38.46 -4.98
C4' LMT OG . -66.52 -37.56 -3.77
C5' LMT OG . -65.58 -37.88 -2.59
C6' LMT OG . -65.97 -37.07 -1.34
O1' LMT OG . -65.33 -41.60 -3.08
O2' LMT OG . -65.86 -40.73 -5.83
O3' LMT OG . -67.30 -38.25 -5.98
O5' LMT OG . -65.54 -39.31 -2.37
O6' LMT OG . -65.16 -37.29 -0.18
C1 LMT OG . -64.24 -42.20 -2.38
C2 LMT OG . -63.57 -43.30 -3.23
C3 LMT OG . -62.79 -44.33 -2.39
C4 LMT OG . -61.32 -44.49 -2.83
C5 LMT OG . -60.56 -45.46 -1.90
C6 LMT OG . -60.33 -44.90 -0.49
C7 LMT OG . -58.85 -44.89 -0.04
C8 LMT OG . -58.62 -45.72 1.22
C9 LMT OG . -57.13 -45.88 1.50
C10 LMT OG . -56.88 -46.91 2.60
C11 LMT OG . -55.39 -47.08 2.92
C12 LMT OG . -54.98 -48.52 3.17
MG MG PG . -66.40 -27.11 -11.24
O6 SQD QG . -47.16 -44.46 34.76
C44 SQD QG . -47.57 -43.44 35.71
C45 SQD QG . -48.10 -42.26 34.92
C46 SQD QG . -48.90 -41.29 35.83
O47 SQD QG . -46.93 -41.66 34.32
C7 SQD QG . -47.06 -41.20 32.91
O49 SQD QG . -46.85 -41.96 31.92
C8 SQD QG . -47.34 -39.73 32.71
C9 SQD QG . -47.19 -39.30 31.25
C10 SQD QG . -47.64 -37.85 31.13
C11 SQD QG . -46.87 -37.08 30.08
C12 SQD QG . -46.46 -35.69 30.54
C13 SQD QG . -47.64 -34.70 30.50
C14 SQD QG . -47.30 -33.55 31.44
C15 SQD QG . -48.08 -32.26 31.18
C16 SQD QG . -49.61 -32.39 31.27
C17 SQD QG . -50.28 -31.05 31.53
C18 SQD QG . -49.98 -30.12 30.37
C19 SQD QG . -51.09 -29.11 30.18
C20 SQD QG . -50.71 -28.08 29.12
C21 SQD QG . -51.97 -27.62 28.41
C22 SQD QG . -52.28 -28.53 27.23
O48 SQD QG . -50.23 -41.03 35.32
C23 SQD QG . -51.01 -39.78 35.58
O10 SQD QG . -51.07 -39.35 36.73
C24 SQD QG . -51.79 -39.07 34.45
C25 SQD QG . -51.37 -37.60 34.22
C26 SQD QG . -52.25 -36.86 33.19
C27 SQD QG . -51.43 -36.26 32.03
C28 SQD QG . -52.17 -35.23 31.15
C29 SQD QG . -52.46 -35.74 29.74
C30 SQD QG . -51.26 -35.79 28.77
C31 SQD QG . -51.69 -35.93 27.29
C32 SQD QG . -51.91 -37.38 26.77
C33 SQD QG . -52.80 -37.53 25.51
C34 SQD QG . -52.23 -38.38 24.33
C35 SQD QG . -53.08 -38.37 23.05
C36 SQD QG . -52.82 -37.08 22.25
C37 SQD QG . -53.70 -36.88 21.00
C38 SQD QG . -53.27 -35.66 20.22
C1 SQD QG . -46.06 -45.29 35.11
C2 SQD QG . -46.26 -46.76 35.55
O2 SQD QG . -47.48 -46.92 36.28
C3 SQD QG . -44.95 -47.11 36.34
O3 SQD QG . -44.76 -48.42 36.98
C4 SQD QG . -43.74 -46.88 35.43
O4 SQD QG . -42.68 -46.63 36.35
C5 SQD QG . -43.81 -45.65 34.46
C6 SQD QG . -42.77 -45.56 33.31
O5 SQD QG . -45.17 -45.38 33.98
S SQD QG . -42.79 -43.99 32.64
O7 SQD QG . -42.36 -43.01 33.62
O8 SQD QG . -41.74 -43.80 31.42
O9 SQD QG . -44.13 -43.59 32.19
C1 HTG RG . -37.55 -25.39 49.76
S1 HTG RG . -37.53 -24.05 48.60
C2 HTG RG . -37.47 -24.85 51.20
O2 HTG RG . -36.35 -23.96 51.45
C3 HTG RG . -37.41 -26.06 52.11
O3 HTG RG . -37.23 -25.61 53.46
C4 HTG RG . -38.67 -26.92 51.97
O4 HTG RG . -38.47 -28.14 52.71
C5 HTG RG . -39.08 -27.25 50.51
O5 HTG RG . -38.72 -26.20 49.57
C6 HTG RG . -40.60 -27.53 50.36
O6 HTG RG . -41.04 -28.91 50.54
C1' HTG RG . -37.48 -24.90 47.06
C2' HTG RG . -36.91 -23.90 46.08
C3' HTG RG . -36.67 -24.51 44.72
C4' HTG RG . -36.59 -23.41 43.65
C5' HTG RG . -36.54 -23.98 42.23
C6' HTG RG . -37.70 -23.49 41.35
C7' HTG RG . -37.86 -24.30 40.06
C1 BCR SG . -30.91 -11.85 36.60
C2 BCR SG . -29.98 -13.00 36.89
C3 BCR SG . -30.65 -14.06 37.78
C4 BCR SG . -31.25 -13.50 39.08
C5 BCR SG . -31.87 -12.14 38.93
C6 BCR SG . -31.65 -11.33 37.86
C7 BCR SG . -32.18 -9.95 37.80
C8 BCR SG . -33.39 -9.60 38.22
C9 BCR SG . -33.91 -8.20 37.99
C10 BCR SG . -35.19 -7.94 38.23
C11 BCR SG . -35.92 -6.72 37.90
C33 BCR SG . -32.51 -11.69 40.25
C31 BCR SG . -32.01 -12.30 35.63
C32 BCR SG . -30.09 -10.80 35.86
C34 BCR SG . -32.97 -7.12 37.49
C12 BCR SG . -37.26 -6.77 37.77
C13 BCR SG . -38.09 -5.58 37.36
C14 BCR SG . -39.44 -5.73 37.23
C15 BCR SG . -40.46 -4.76 36.79
C16 BCR SG . -41.73 -5.20 36.59
C17 BCR SG . -42.77 -4.32 36.13
C18 BCR SG . -44.04 -4.75 35.81
C19 BCR SG . -44.96 -3.68 35.36
C20 BCR SG . -46.26 -3.85 35.16
C21 BCR SG . -47.08 -2.76 34.70
C22 BCR SG . -48.34 -2.91 34.27
C23 BCR SG . -49.08 -1.71 33.78
C24 BCR SG . -50.41 -1.74 33.58
C25 BCR SG . -51.24 -0.54 33.29
C26 BCR SG . -50.94 0.44 32.37
C27 BCR SG . -51.80 1.67 32.14
C28 BCR SG . -52.89 2.02 33.21
C29 BCR SG . -53.47 0.68 33.61
C30 BCR SG . -52.47 -0.37 34.17
C35 BCR SG . -37.39 -4.31 37.08
C36 BCR SG . -44.43 -6.19 35.87
C37 BCR SG . -48.95 -4.30 34.29
C38 BCR SG . -49.84 0.25 31.35
C39 BCR SG . -53.20 -1.72 34.34
C40 BCR SG . -51.93 0.16 35.52
C1A DGD TG . -38.48 -7.06 16.97
C2A DGD TG . -38.89 -8.44 17.37
C3A DGD TG . -37.79 -9.19 18.13
C4A DGD TG . -38.25 -10.64 18.40
C5A DGD TG . -37.22 -11.37 19.24
C6A DGD TG . -37.61 -12.80 19.56
C7A DGD TG . -36.67 -13.54 20.55
C8A DGD TG . -36.79 -15.09 20.51
C9A DGD TG . -35.72 -15.95 21.25
CAA DGD TG . -34.66 -16.62 20.37
CBA DGD TG . -33.40 -17.02 21.22
CCA DGD TG . -32.22 -17.57 20.42
CDA DGD TG . -31.11 -18.27 21.22
CEA DGD TG . -29.86 -17.40 21.44
CFA DGD TG . -29.02 -17.29 20.19
CGA DGD TG . -28.19 -16.05 20.13
O1A DGD TG . -37.40 -6.55 17.13
C1B DGD TG . -38.52 -4.44 18.68
C2B DGD TG . -37.37 -4.43 19.65
C3B DGD TG . -36.13 -3.77 19.06
C4B DGD TG . -35.05 -3.69 20.07
C5B DGD TG . -34.54 -4.99 20.64
C6B DGD TG . -34.19 -6.08 19.68
C7B DGD TG . -33.45 -7.21 20.38
C8B DGD TG . -33.57 -8.48 19.57
C9B DGD TG . -33.31 -8.36 18.05
CAB DGD TG . -31.84 -8.27 17.70
CBB DGD TG . -31.57 -8.43 16.20
CCB DGD TG . -31.63 -7.01 15.60
CDB DGD TG . -31.67 -6.98 14.09
CEB DGD TG . -30.50 -6.33 13.41
CFB DGD TG . -30.28 -6.91 12.00
CGB DGD TG . -28.76 -7.08 11.76
O1B DGD TG . -39.61 -5.02 18.91
O1G DGD TG . -39.40 -6.27 16.25
C1G DGD TG . -38.98 -5.05 15.62
C2G DGD TG . -39.34 -3.90 16.51
O2G DGD TG . -38.34 -3.69 17.49
C3G DGD TG . -39.42 -2.64 15.71
O3G DGD TG . -40.55 -2.67 14.84
C1D DGD TG . -40.21 -2.18 13.57
C2D DGD TG . -41.39 -2.59 12.73
O2D DGD TG . -41.48 -3.99 12.78
C3D DGD TG . -41.22 -2.03 11.35
O3D DGD TG . -42.35 -2.38 10.59
C4D DGD TG . -40.98 -0.52 11.31
O4D DGD TG . -42.20 0.11 11.81
C5D DGD TG . -39.77 -0.26 12.22
O5D DGD TG . -40.44 1.90 12.98
C6D DGD TG . -39.31 1.22 12.33
O6D DGD TG . -40.07 -0.72 13.57
C1E DGD TG . -40.13 3.27 13.36
C2E DGD TG . -41.31 3.82 14.14
O2E DGD TG . -41.69 2.87 15.19
C3E DGD TG . -42.51 4.10 13.20
O3E DGD TG . -43.63 4.66 13.96
C4E DGD TG . -42.07 5.05 12.05
O4E DGD TG . -41.74 6.39 12.58
C5E DGD TG . -40.91 4.31 11.31
O6E DGD TG . -39.82 4.13 12.22
C6E DGD TG . -40.43 4.90 10.00
O5E DGD TG . -39.96 6.16 10.39
O1 PG4 UG . -41.25 -9.50 46.04
C1 PG4 UG . -41.88 -10.76 46.27
C2 PG4 UG . -42.33 -10.98 47.72
O2 PG4 UG . -42.70 -12.36 47.91
C3 PG4 UG . -41.64 -13.21 48.41
C4 PG4 UG . -41.93 -14.70 48.22
O3 PG4 UG . -40.76 -15.51 48.37
C5 PG4 UG . -40.33 -15.63 49.74
C6 PG4 UG . -40.12 -17.10 50.06
O4 PG4 UG . -40.55 -17.39 51.39
C7 PG4 UG . -39.62 -17.11 52.44
C8 PG4 UG . -38.63 -18.27 52.60
O5 PG4 UG . -39.27 -19.54 52.70
O1 PG4 VG . -42.48 -25.31 49.00
C1 PG4 VG . -41.98 -23.99 49.28
C2 PG4 VG . -40.93 -23.56 48.26
O2 PG4 VG . -41.52 -22.82 47.18
C3 PG4 VG . -40.60 -22.41 46.16
C4 PG4 VG . -41.27 -21.87 44.88
O3 PG4 VG . -40.42 -21.02 44.04
C5 PG4 VG . -40.96 -19.74 43.68
C6 PG4 VG . -41.67 -19.84 42.34
O4 PG4 VG . -41.80 -18.53 41.70
C7 PG4 VG . -41.76 -18.59 40.26
C8 PG4 VG . -42.38 -17.35 39.62
O5 PG4 VG . -42.08 -17.28 38.21
O1 PG4 WG . -49.52 -4.47 38.69
C1 PG4 WG . -49.18 -3.22 39.22
C2 PG4 WG . -49.05 -3.22 40.74
O2 PG4 WG . -48.64 -1.91 41.15
C3 PG4 WG . -49.09 -1.50 42.44
C4 PG4 WG . -48.15 -0.39 42.87
O3 PG4 WG . -46.83 -0.89 43.18
C5 PG4 WG . -46.53 -2.21 42.67
C6 PG4 WG . -45.10 -2.66 42.98
O4 PG4 WG . -44.95 -4.10 42.85
C7 PG4 WG . -44.33 -4.64 41.64
C8 PG4 WG . -45.38 -4.83 40.54
O5 PG4 WG . -45.00 -5.82 39.53
O1 PG4 XG . -54.54 -6.19 36.45
C1 PG4 XG . -53.26 -5.59 36.68
C2 PG4 XG . -52.29 -6.55 37.38
O2 PG4 XG . -51.33 -7.10 36.46
C3 PG4 XG . -50.17 -7.74 37.04
C4 PG4 XG . -49.29 -8.46 35.98
O3 PG4 XG . -47.92 -8.71 36.39
C5 PG4 XG . -47.78 -9.74 37.38
C6 PG4 XG . -46.37 -10.31 37.33
O4 PG4 XG . -46.30 -11.61 37.96
C7 PG4 XG . -45.04 -11.94 38.58
C8 PG4 XG . -44.72 -13.43 38.52
O5 PG4 XG . -43.70 -13.80 39.44
C1 PGE YG . -17.03 -0.75 55.74
O1 PGE YG . -17.97 0.14 56.35
C2 PGE YG . -17.27 -2.22 56.14
O2 PGE YG . -16.24 -2.70 57.03
C3 PGE YG . -15.74 -4.04 56.87
C4 PGE YG . -14.36 -3.99 56.25
O4 PGE YG . -12.96 -1.02 52.94
C6 PGE YG . -12.73 -1.61 54.22
C5 PGE YG . -13.30 -3.03 54.29
O3 PGE YG . -14.43 -3.06 55.17
C1 PGE ZG . -0.10 4.78 55.98
O1 PGE ZG . -0.88 5.18 57.08
C2 PGE ZG . 0.79 3.62 56.43
O2 PGE ZG . 2.01 3.64 55.68
C3 PGE ZG . 1.88 3.29 54.31
C4 PGE ZG . 1.81 4.51 53.40
O4 PGE ZG . -0.47 5.70 49.54
C6 PGE ZG . -0.74 5.35 50.91
C5 PGE ZG . 0.29 4.37 51.47
O3 PGE ZG . 0.48 4.67 52.87
C1 PGE AH . -0.74 9.03 50.09
O1 PGE AH . 0.45 8.30 50.48
C2 PGE AH . -0.80 9.14 48.57
O2 PGE AH . -1.33 10.41 48.12
C3 PGE AH . -1.63 10.41 46.73
C4 PGE AH . -1.93 11.80 46.20
O4 PGE AH . -6.15 11.20 45.72
C6 PGE AH . -4.75 11.02 45.86
C5 PGE AH . -3.99 11.99 44.97
O3 PGE AH . -2.60 11.69 44.94
C1 PGE BH . -41.83 -6.12 44.12
O1 PGE BH . -41.55 -5.16 43.08
C2 PGE BH . -41.29 -5.66 45.47
O2 PGE BH . -40.91 -6.77 46.31
C3 PGE BH . -40.14 -6.47 47.49
C4 PGE BH . -39.74 -7.78 48.18
O4 PGE BH . -38.36 -8.75 52.57
C6 PGE BH . -37.79 -8.23 51.34
C5 PGE BH . -38.61 -8.67 50.12
O3 PGE BH . -38.72 -7.59 49.18
C1 EDO CH . -36.41 -15.94 52.77
O1 EDO CH . -36.32 -14.94 51.74
C2 EDO CH . -35.19 -16.03 53.67
O2 EDO CH . -34.25 -16.94 53.07
C1B LMT DH . 6.23 -60.71 -16.24
C2B LMT DH . 7.29 -59.76 -15.69
C3B LMT DH . 7.41 -59.96 -14.18
C4B LMT DH . 6.19 -60.71 -13.54
C5B LMT DH . 5.94 -62.09 -14.20
C6B LMT DH . 4.54 -62.77 -14.02
O1B LMT DH . 6.55 -60.82 -17.60
O2B LMT DH . 8.59 -59.90 -16.34
O3B LMT DH . 7.59 -58.63 -13.67
O4' LMT DH . 6.44 -60.93 -12.14
O5B LMT DH . 6.24 -62.01 -15.62
O6B LMT DH . 4.14 -63.19 -12.68
C1' LMT DH . 3.39 -61.10 -20.45
C2' LMT DH . 3.69 -62.32 -19.55
C3' LMT DH . 4.25 -61.88 -18.17
C4' LMT DH . 5.55 -61.14 -18.57
C5' LMT DH . 5.15 -59.89 -19.35
C6' LMT DH . 6.33 -58.98 -19.64
O1' LMT DH . 2.91 -61.48 -21.76
O2' LMT DH . 2.55 -63.09 -19.38
O3' LMT DH . 4.36 -62.96 -17.21
O5' LMT DH . 4.58 -60.30 -20.60
O6' LMT DH . 7.55 -59.73 -19.66
C1 LMT DH . 2.51 -60.35 -22.57
C2 LMT DH . 1.81 -60.88 -23.83
C3 LMT DH . 0.64 -60.00 -24.25
C4 LMT DH . -0.13 -60.72 -25.33
C5 LMT DH . -1.26 -59.92 -25.99
C6 LMT DH . -1.96 -60.83 -27.01
C7 LMT DH . -1.47 -60.76 -28.47
C8 LMT DH . -2.59 -60.31 -29.43
C9 LMT DH . -2.97 -58.83 -29.28
C10 LMT DH . -4.15 -58.43 -30.18
C11 LMT DH . -4.69 -57.02 -29.93
C12 LMT DH . -6.14 -56.92 -30.34
O1 PG4 EH . 6.54 -33.46 -40.40
C1 PG4 EH . 7.79 -34.08 -40.04
C2 PG4 EH . 8.13 -33.86 -38.56
O2 PG4 EH . 8.80 -35.00 -37.99
C3 PG4 EH . 9.32 -34.76 -36.67
C4 PG4 EH . 9.28 -36.06 -35.86
O3 PG4 EH . 9.08 -35.72 -34.46
C5 PG4 EH . 9.38 -36.83 -33.60
C6 PG4 EH . 9.50 -36.38 -32.16
O4 PG4 EH . 10.05 -37.43 -31.34
C7 PG4 EH . 9.22 -37.98 -30.30
C8 PG4 EH . 9.68 -37.56 -28.90
O5 PG4 EH . 9.65 -38.66 -27.98
O1 PG4 FH . 10.77 -30.42 -36.87
C1 PG4 FH . 11.63 -29.88 -35.85
C2 PG4 FH . 12.46 -30.98 -35.18
O2 PG4 FH . 11.63 -31.77 -34.29
C3 PG4 FH . 12.19 -32.27 -33.07
C4 PG4 FH . 11.12 -32.27 -31.96
O3 PG4 FH . 11.49 -33.07 -30.86
C5 PG4 FH . 10.73 -32.85 -29.65
C6 PG4 FH . 10.87 -34.03 -28.69
O4 PG4 FH . 10.44 -33.71 -27.33
C7 PG4 FH . 9.84 -34.80 -26.58
C8 PG4 FH . 9.84 -34.55 -25.05
O5 PG4 FH . 8.59 -34.87 -24.43
O1 PG4 GH . 11.36 -59.53 -21.61
C1 PG4 GH . 12.07 -58.31 -21.64
C2 PG4 GH . 11.45 -57.45 -22.72
O2 PG4 GH . 10.02 -57.67 -22.74
C3 PG4 GH . 9.35 -57.37 -21.50
C4 PG4 GH . 8.04 -56.62 -21.76
O3 PG4 GH . 8.34 -55.33 -22.32
C5 PG4 GH . 7.30 -54.35 -22.25
C6 PG4 GH . 7.90 -53.00 -22.54
O4 PG4 GH . 6.94 -52.13 -23.13
C7 PG4 GH . 7.45 -50.79 -23.17
C8 PG4 GH . 6.43 -49.86 -23.80
O5 PG4 GH . 6.84 -48.49 -23.65
C1 PGE HH . 8.34 -33.07 -20.97
O1 PGE HH . 7.66 -32.09 -20.20
C2 PGE HH . 7.59 -34.41 -20.89
O2 PGE HH . 8.33 -35.57 -21.38
C3 PGE HH . 7.85 -36.89 -21.01
C4 PGE HH . 8.85 -37.96 -21.45
O4 PGE HH . 8.94 -41.71 -24.67
C6 PGE HH . 8.30 -40.52 -24.04
C5 PGE HH . 8.90 -40.14 -22.68
O3 PGE HH . 8.15 -39.11 -21.96
O1 P6G IH . 8.14 -31.60 -25.64
C2 P6G IH . 7.35 -30.53 -26.16
C3 P6G IH . 6.85 -30.91 -27.54
O4 P6G IH . 7.60 -30.18 -28.52
C5 P6G IH . 6.83 -29.76 -29.64
C6 P6G IH . 7.72 -29.18 -30.71
O7 P6G IH . 6.98 -28.53 -31.75
C8 P6G IH . 7.82 -27.61 -32.45
C9 P6G IH . 7.48 -27.59 -33.93
O10 P6G IH . 8.68 -27.38 -34.67
C11 P6G IH . 8.56 -27.49 -36.09
C12 P6G IH . 7.85 -26.26 -36.67
O13 P6G IH . 7.51 -26.55 -38.02
C14 P6G IH . 6.21 -27.09 -38.34
C15 P6G IH . 6.16 -28.65 -38.20
O16 P6G IH . 5.52 -29.34 -39.31
C17 P6G IH . 5.98 -29.22 -40.67
C18 P6G IH . 4.77 -28.86 -41.56
O19 P6G IH . 3.52 -29.07 -40.86
C1 EDO JH . -1.92 -53.10 -27.08
O1 EDO JH . -1.72 -51.74 -26.69
C2 EDO JH . -0.93 -54.09 -26.43
O2 EDO JH . -1.18 -55.48 -26.79
C1 LMG KH . -51.48 -33.83 -3.07
O1 LMG KH . -50.94 -35.03 -2.58
C2 LMG KH . -51.31 -33.87 -4.58
O2 LMG KH . -49.90 -33.83 -4.86
C3 LMG KH . -52.02 -32.68 -5.22
O3 LMG KH . -51.99 -32.73 -6.68
C4 LMG KH . -53.45 -32.59 -4.71
O4 LMG KH . -54.19 -33.67 -5.22
C5 LMG KH . -53.48 -32.58 -3.18
O5 LMG KH . -55.66 -31.49 -3.14
C6 LMG KH . -54.89 -32.61 -2.64
O6 LMG KH . -52.81 -33.72 -2.63
C7 LMG KH . -50.83 -35.03 -1.15
C8 LMG KH . -49.39 -35.11 -0.72
C9 LMG KH . -49.29 -35.33 0.77
O7 LMG KH . -48.74 -36.23 -1.36
C10 LMG KH . -47.57 -36.05 -2.12
O9 LMG KH . -47.14 -34.93 -2.33
C11 LMG KH . -46.99 -37.32 -2.61
C12 LMG KH . -45.57 -37.47 -2.13
C13 LMG KH . -45.36 -37.71 -0.67
C14 LMG KH . -43.88 -38.10 -0.43
C15 LMG KH . -43.09 -37.32 0.64
C16 LMG KH . -41.58 -37.61 0.60
C17 LMG KH . -40.90 -37.11 1.87
C18 LMG KH . -39.38 -37.29 1.96
C19 LMG KH . -38.73 -36.28 2.96
C20 LMG KH . -39.28 -36.27 4.40
C21 LMG KH . -38.33 -35.62 5.41
O8 LMG KH . -47.91 -35.27 1.16
C28 LMG KH . -47.55 -35.55 2.47
O10 LMG KH . -48.49 -35.73 3.23
C29 LMG KH . -46.10 -35.64 2.78
C30 LMG KH . -45.80 -35.34 4.24
C31 LMG KH . -44.31 -35.60 4.53
C32 LMG KH . -43.88 -35.10 5.90
C33 LMG KH . -44.37 -36.05 6.98
C34 LMG KH . -43.66 -35.90 8.33
C35 LMG KH . -44.25 -36.79 9.47
C36 LMG KH . -43.78 -36.48 10.92
C37 LMG KH . -44.81 -37.03 11.98
C38 LMG KH . -44.67 -38.48 12.48
C39 LMG KH . -45.32 -39.63 11.69
C40 LMG KH . -45.15 -41.04 12.35
C41 LMG KH . -46.40 -41.85 12.84
C42 LMG KH . -46.77 -43.15 12.06
C43 LMG KH . -48.07 -43.88 12.50
MG MG LH . -55.76 -33.53 -6.99
C1B LMT MH . -59.23 -38.87 -17.52
C2B LMT MH . -60.37 -39.89 -17.40
C3B LMT MH . -59.91 -41.35 -17.63
C4B LMT MH . -59.02 -41.52 -18.90
C5B LMT MH . -58.06 -40.35 -19.21
C6B LMT MH . -57.75 -40.33 -20.72
O1B LMT MH . -58.41 -38.81 -16.31
O2B LMT MH . -61.06 -39.71 -16.14
O3B LMT MH . -61.07 -42.21 -17.71
O4' LMT MH . -58.21 -42.74 -18.82
O5B LMT MH . -58.50 -39.04 -18.77
O6B LMT MH . -57.21 -41.61 -21.13
C1' LMT MH . -54.79 -40.33 -14.58
C2' LMT MH . -54.70 -39.78 -16.02
C3' LMT MH . -55.93 -38.98 -16.49
C4' LMT MH . -57.26 -39.66 -16.06
C5' LMT MH . -57.16 -40.01 -14.55
C6' LMT MH . -58.44 -40.65 -13.98
O1' LMT MH . -53.81 -41.35 -14.34
O2' LMT MH . -53.61 -38.82 -16.07
O3' LMT MH . -55.76 -38.67 -17.91
O5' LMT MH . -56.06 -40.90 -14.29
O6' LMT MH . -59.17 -39.73 -13.15
C1 LMT MH . -53.65 -41.48 -12.94
C2 LMT MH . -52.18 -41.49 -12.72
C3 LMT MH . -51.61 -42.79 -12.30
C4 LMT MH . -50.81 -42.71 -11.02
C5 LMT MH . -50.47 -44.13 -10.57
C6 LMT MH . -50.13 -44.21 -9.10
C7 LMT MH . -49.53 -45.56 -8.81
C8 LMT MH . -49.04 -45.63 -7.37
C9 LMT MH . -47.72 -46.39 -7.17
C10 LMT MH . -47.18 -46.28 -5.73
C11 LMT MH . -45.88 -45.49 -5.59
C12 LMT MH . -45.22 -45.73 -4.24
O1 PG4 NH . -46.52 -71.14 12.07
C1 PG4 NH . -46.95 -69.82 11.93
C2 PG4 NH . -47.27 -69.55 10.46
O2 PG4 NH . -48.04 -68.34 10.32
C3 PG4 NH . -49.44 -68.49 10.60
C4 PG4 NH . -49.88 -67.46 11.63
O3 PG4 NH . -51.32 -67.48 11.74
C5 PG4 NH . -51.91 -66.24 12.18
C6 PG4 NH . -51.97 -65.26 11.00
O4 PG4 NH . -53.04 -64.31 11.10
C7 PG4 NH . -53.16 -63.48 9.93
C8 PG4 NH . -53.73 -62.12 10.30
O5 PG4 NH . -54.11 -61.39 9.11
O1 PG4 OH . -53.74 -56.66 2.13
C1 PG4 OH . -53.29 -55.47 1.47
C2 PG4 OH . -54.27 -54.31 1.65
O2 PG4 OH . -53.63 -53.13 2.17
C3 PG4 OH . -54.55 -52.14 2.59
C4 PG4 OH . -54.90 -52.36 4.06
O3 PG4 OH . -54.30 -51.33 4.87
C5 PG4 OH . -53.64 -51.82 6.06
C6 PG4 OH . -53.16 -50.66 6.94
O4 PG4 OH . -53.37 -50.92 8.33
C7 PG4 OH . -54.70 -50.64 8.83
C8 PG4 OH . -55.16 -51.67 9.91
O5 PG4 OH . -56.24 -51.21 10.75
C1 PGE PH . -44.07 -49.51 7.76
O1 PGE PH . -43.54 -49.83 6.45
C2 PGE PH . -44.71 -48.13 7.87
O2 PGE PH . -44.93 -47.77 9.25
C3 PGE PH . -45.79 -46.66 9.48
C4 PGE PH . -47.15 -47.13 9.98
O4 PGE PH . -51.31 -48.31 8.53
C6 PGE PH . -49.88 -48.09 8.55
C5 PGE PH . -49.51 -46.95 9.51
O3 PGE PH . -48.18 -46.45 9.26
C1 PGE QH . -37.47 -46.49 2.25
O1 PGE QH . -37.29 -45.14 2.61
C2 PGE QH . -37.60 -46.76 0.74
O2 PGE QH . -36.97 -45.77 -0.10
C3 PGE QH . -37.54 -45.68 -1.42
C4 PGE QH . -38.89 -44.93 -1.40
O4 PGE QH . -43.67 -45.97 -1.65
C6 PGE QH . -42.37 -46.31 -1.13
C5 PGE QH . -41.33 -45.24 -1.47
O3 PGE QH . -40.02 -45.83 -1.51
C1 PGE RH . -38.63 -50.34 8.28
O1 PGE RH . -37.82 -51.48 8.58
C2 PGE RH . -38.11 -49.72 7.00
O2 PGE RH . -38.83 -48.55 6.58
C3 PGE RH . -40.21 -48.77 6.23
C4 PGE RH . -40.63 -47.91 5.04
O4 PGE RH . -42.40 -49.80 1.77
C6 PGE RH . -43.10 -48.66 2.29
C5 PGE RH . -42.26 -47.86 3.30
O3 PGE RH . -41.48 -48.68 4.18
C1 EDO SH . -43.46 -51.76 10.71
O1 EDO SH . -44.55 -51.66 11.64
C2 EDO SH . -43.08 -53.22 10.53
O2 EDO SH . -42.49 -53.71 11.74
C1 BCR TH . -51.60 -63.89 -14.20
C2 BCR TH . -52.57 -64.30 -15.31
C3 BCR TH . -52.70 -63.21 -16.36
C4 BCR TH . -51.38 -62.84 -16.99
C5 BCR TH . -50.17 -63.06 -16.08
C6 BCR TH . -50.25 -63.51 -14.81
C7 BCR TH . -49.03 -63.57 -13.97
C8 BCR TH . -49.00 -63.31 -12.65
C9 BCR TH . -47.75 -63.26 -11.85
C10 BCR TH . -47.89 -62.83 -10.57
C11 BCR TH . -46.82 -62.60 -9.60
C33 BCR TH . -48.90 -62.71 -16.76
C31 BCR TH . -51.41 -65.17 -13.32
C32 BCR TH . -52.22 -62.72 -13.41
C34 BCR TH . -46.45 -63.70 -12.49
C12 BCR TH . -47.15 -61.94 -8.50
C13 BCR TH . -46.19 -61.58 -7.45
C14 BCR TH . -46.63 -60.82 -6.40
C15 BCR TH . -45.83 -60.32 -5.29
C16 BCR TH . -46.35 -59.45 -4.38
C17 BCR TH . -45.48 -58.95 -3.31
C18 BCR TH . -45.81 -57.98 -2.43
C19 BCR TH . -44.83 -57.53 -1.41
C20 BCR TH . -44.93 -56.41 -0.64
C21 BCR TH . -43.86 -56.21 0.32
C22 BCR TH . -43.86 -55.29 1.32
C23 BCR TH . -42.74 -55.34 2.30
C24 BCR TH . -42.69 -54.64 3.47
C25 BCR TH . -41.55 -54.79 4.42
C26 BCR TH . -41.05 -56.01 4.76
C27 BCR TH . -39.76 -56.18 5.52
C28 BCR TH . -39.04 -54.90 5.85
C29 BCR TH . -40.00 -53.77 6.12
C30 BCR TH . -40.90 -53.54 4.92
C35 BCR TH . -44.75 -61.95 -7.69
C36 BCR TH . -47.19 -57.46 -2.40
C37 BCR TH . -45.05 -54.36 1.44
C38 BCR TH . -41.85 -57.27 4.56
C39 BCR TH . -40.10 -52.98 3.72
C40 BCR TH . -41.98 -52.57 5.35
O1 PG4 UH . -40.01 -54.98 10.42
C1 PG4 UH . -39.17 -56.05 9.91
C2 PG4 UH . -39.91 -57.40 9.97
O2 PG4 UH . -39.05 -58.47 10.42
C3 PG4 UH . -39.66 -59.73 10.75
C4 PG4 UH . -38.58 -60.70 11.20
O3 PG4 UH . -38.07 -60.37 12.50
C5 PG4 UH . -37.16 -61.33 13.03
C6 PG4 UH . -37.92 -62.21 14.00
O4 PG4 UH . -37.02 -63.02 14.76
C7 PG4 UH . -36.56 -64.23 14.14
C8 PG4 UH . -37.67 -65.28 14.06
O5 PG4 UH . -38.09 -65.51 12.70
OH2 1PE VH . 6.23 -12.44 30.58
C12 1PE VH . 5.81 -13.82 30.81
C22 1PE VH . 6.76 -14.81 30.13
OH3 1PE VH . 6.37 -15.22 28.81
C13 1PE VH . 7.51 -13.57 27.41
C23 1PE VH . 6.17 -14.18 27.87
OH4 1PE VH . 7.41 -12.84 26.16
C14 1PE VH . 8.34 -12.29 24.04
C24 1PE VH . 8.64 -12.48 25.51
OH5 1PE VH . 8.13 -10.93 23.64
C15 1PE VH . 7.86 -9.38 21.77
C25 1PE VH . 8.08 -10.83 22.20
OH6 1PE VH . 6.88 -9.25 20.74
C16 1PE VH . 5.75 -7.86 19.02
C26 1PE VH . 6.72 -7.90 20.23
OH7 1PE VH . 5.66 -6.57 18.37
C1B LMT WH . 18.11 -27.36 19.18
C2B LMT WH . 17.47 -28.57 19.86
C3B LMT WH . 16.71 -28.29 21.20
C4B LMT WH . 17.62 -27.55 22.22
C5B LMT WH . 18.22 -26.35 21.45
C6B LMT WH . 19.20 -25.57 22.30
O1B LMT WH . 17.10 -26.48 18.62
O2B LMT WH . 16.63 -29.03 18.83
O3B LMT WH . 16.11 -29.48 21.76
O4' LMT WH . 17.00 -27.14 23.50
O5B LMT WH . 18.92 -26.73 20.21
O6B LMT WH . 20.36 -26.34 22.44
C1' LMT WH . 16.09 -23.78 15.61
C2' LMT WH . 15.61 -25.24 15.35
C3' LMT WH . 15.79 -26.06 16.65
C4' LMT WH . 17.16 -25.90 17.32
C5' LMT WH . 17.34 -24.38 17.48
C6' LMT WH . 18.47 -24.00 18.42
O1' LMT WH . 16.23 -23.01 14.45
O2' LMT WH . 14.21 -25.32 14.91
O3' LMT WH . 15.57 -27.47 16.50
O5' LMT WH . 17.40 -23.71 16.20
O6' LMT WH . 18.70 -22.58 18.32
C1 LMT WH . 16.21 -21.59 14.56
C2 LMT WH . 15.61 -21.23 13.19
C3 LMT WH . 15.34 -19.77 12.96
C4 LMT WH . 14.45 -19.68 11.72
C5 LMT WH . 14.44 -18.29 11.16
C6 LMT WH . 13.20 -17.94 10.32
C7 LMT WH . 13.22 -16.45 9.95
C8 LMT WH . 11.96 -16.11 9.16
C9 LMT WH . 11.77 -14.64 8.87
C10 LMT WH . 10.33 -14.43 8.43
C11 LMT WH . 10.17 -13.07 7.79
C12 LMT WH . 8.74 -12.57 7.65
C1B LMT XH . -1.69 4.36 -10.76
C2B LMT XH . -2.41 5.59 -10.14
C3B LMT XH . -3.69 5.19 -9.36
C4B LMT XH . -4.60 4.28 -10.21
C5B LMT XH . -3.78 3.10 -10.81
C6B LMT XH . -4.60 2.16 -11.68
O1B LMT XH . -1.11 3.49 -9.76
O2B LMT XH . -1.46 6.37 -9.34
O3B LMT XH . -4.47 6.32 -8.89
O4' LMT XH . -5.69 3.80 -9.42
O5B LMT XH . -2.61 3.57 -11.54
O6B LMT XH . -5.05 2.82 -12.88
C1' LMT XH . 2.32 1.43 -8.77
C2' LMT XH . 2.50 2.98 -8.74
C3' LMT XH . 1.10 3.63 -8.78
C4' LMT XH . 0.27 3.08 -9.94
C5' LMT XH . 0.36 1.56 -10.08
C6' LMT XH . -0.21 1.12 -11.45
O1' LMT XH . 3.53 0.70 -8.59
O2' LMT XH . 3.25 3.45 -7.58
O3' LMT XH . 1.18 5.09 -8.84
O5' LMT XH . 1.71 1.05 -9.98
O6' LMT XH . -1.52 0.58 -11.34
C1 LMT XH . 4.15 -0.21 -9.48
C2 LMT XH . 3.92 -1.57 -8.94
C3 LMT XH . 5.24 -2.19 -8.58
C4 LMT XH . 5.01 -3.63 -8.11
C5 LMT XH . 4.91 -3.75 -6.60
C6 LMT XH . 4.57 -5.20 -6.23
C7 LMT XH . 4.49 -5.50 -4.72
C8 LMT XH . 4.10 -6.97 -4.46
C9 LMT XH . 4.03 -7.46 -2.99
C10 LMT XH . 3.19 -8.76 -2.71
C11 LMT XH . 2.87 -8.86 -1.21
C12 LMT XH . 2.02 -10.01 -0.69
CA CA YH . -5.03 -9.58 -65.32
C1 GOL ZH . -16.99 -25.90 -57.77
O1 GOL ZH . -17.18 -25.27 -56.38
C2 GOL ZH . -18.09 -25.51 -58.79
O2 GOL ZH . -19.45 -26.02 -58.48
C3 GOL ZH . -17.82 -26.02 -60.20
O3 GOL ZH . -17.04 -25.06 -60.90
C1 HTG AI . 2.66 -12.26 -24.32
S1 HTG AI . 3.34 -13.95 -24.47
C2 HTG AI . 3.69 -11.13 -24.67
O2 HTG AI . 4.84 -11.16 -23.78
C3 HTG AI . 3.06 -9.73 -24.69
O3 HTG AI . 3.99 -8.79 -25.28
C4 HTG AI . 1.77 -9.72 -25.50
O4 HTG AI . 1.01 -8.48 -25.39
C5 HTG AI . 0.84 -10.86 -25.09
O5 HTG AI . 1.53 -12.08 -25.20
C6 HTG AI . -0.42 -10.92 -25.96
O6 HTG AI . -0.12 -11.25 -27.36
C1' HTG AI . 2.06 -14.97 -23.89
C2' HTG AI . 2.31 -15.18 -22.42
C3' HTG AI . 3.35 -16.21 -22.19
C4' HTG AI . 3.31 -16.61 -20.74
C5' HTG AI . 4.11 -17.84 -20.46
C6' HTG AI . 5.49 -17.52 -20.04
C7' HTG AI . 6.21 -18.84 -19.73
C1 GOL BI . -12.19 -0.35 -63.87
O1 GOL BI . -10.85 -0.55 -64.38
C2 GOL BI . -12.46 1.08 -63.36
O2 GOL BI . -12.08 2.02 -64.36
C3 GOL BI . -13.93 1.33 -63.09
O3 GOL BI . -14.19 2.73 -62.94
C1 GOL CI . -23.94 0.66 -53.49
O1 GOL CI . -24.77 1.62 -52.83
C2 GOL CI . -22.54 1.21 -53.75
O2 GOL CI . -21.89 1.55 -52.51
C3 GOL CI . -22.61 2.44 -54.64
O3 GOL CI . -21.44 2.55 -55.50
C1 GOL DI . -7.49 -9.00 -25.63
O1 GOL DI . -6.98 -10.12 -26.46
C2 GOL DI . -8.14 -7.99 -26.53
O2 GOL DI . -8.92 -6.98 -25.75
C3 GOL DI . -6.98 -7.42 -27.34
O3 GOL DI . -7.45 -6.76 -28.49
C1 GOL EI . -19.78 6.64 -78.09
O1 GOL EI . -19.27 5.81 -79.14
C2 GOL EI . -20.64 5.80 -77.12
O2 GOL EI . -19.83 4.78 -76.50
C3 GOL EI . -21.29 6.70 -76.05
O3 GOL EI . -20.49 6.75 -74.86
C1 PGE FI . -3.76 -13.88 -42.94
O1 PGE FI . -3.70 -12.49 -42.44
C2 PGE FI . -5.04 -14.73 -42.75
O2 PGE FI . -5.25 -15.82 -43.71
C3 PGE FI . -5.08 -17.19 -43.25
C4 PGE FI . -5.22 -18.19 -44.38
O4 PGE FI . -8.97 -16.37 -45.04
C6 PGE FI . -8.62 -17.59 -44.32
C5 PGE FI . -7.62 -18.57 -44.94
O3 PGE FI . -6.44 -18.96 -44.17
C1 PGE GI . -9.61 -3.30 -29.16
O1 PGE GI . -10.86 -2.61 -29.39
C2 PGE GI . -8.64 -3.20 -30.35
O2 PGE GI . -8.87 -1.99 -31.14
C3 PGE GI . -8.41 -0.76 -30.49
C4 PGE GI . -9.44 0.32 -30.42
O4 PGE GI . -7.04 4.25 -29.86
C6 PGE GI . -7.57 3.00 -30.35
C5 PGE GI . -7.91 1.97 -29.25
O3 PGE GI . -9.21 1.37 -29.45
C1 PGE HI . -10.50 5.64 -29.30
O1 PGE HI . -10.19 4.83 -30.44
C2 PGE HI . -10.65 4.83 -27.99
O2 PGE HI . -11.76 5.31 -27.21
C3 PGE HI . -11.56 6.67 -26.78
C4 PGE HI . -11.80 6.83 -25.30
O4 PGE HI . -11.31 10.47 -23.50
C6 PGE HI . -12.26 9.40 -23.53
C5 PGE HI . -12.62 9.09 -24.98
O3 PGE HI . -12.93 7.71 -25.11
C1 EDO II . -15.12 5.37 -25.05
O1 EDO II . -15.18 3.92 -25.16
C2 EDO II . -14.83 5.88 -23.62
O2 EDO II . -15.50 5.06 -22.66
C1 GOL JI . 2.25 -35.53 14.01
O1 GOL JI . 1.86 -34.15 14.31
C2 GOL JI . 2.45 -35.66 12.48
O2 GOL JI . 1.31 -35.18 11.81
C3 GOL JI . 2.73 -37.06 11.88
O3 GOL JI . 2.74 -36.99 10.41
C1 BCR KI . 3.90 -31.85 -4.64
C2 BCR KI . 3.15 -33.18 -4.48
C3 BCR KI . 3.24 -34.08 -5.70
C4 BCR KI . 4.67 -34.40 -6.09
C5 BCR KI . 5.60 -33.26 -5.87
C6 BCR KI . 5.22 -32.06 -5.37
C7 BCR KI . 6.16 -30.91 -5.57
C8 BCR KI . 6.05 -29.65 -5.08
C9 BCR KI . 7.10 -28.65 -5.39
C10 BCR KI . 6.85 -27.38 -5.03
C11 BCR KI . 7.69 -26.22 -5.25
C33 BCR KI . 7.05 -33.55 -6.23
C31 BCR KI . 4.04 -31.22 -3.25
C32 BCR KI . 3.00 -30.90 -5.44
C34 BCR KI . 8.35 -29.12 -6.10
C12 BCR KI . 7.29 -25.03 -4.73
C13 BCR KI . 8.06 -23.79 -5.04
C14 BCR KI . 7.44 -22.65 -4.82
C15 BCR KI . 7.98 -21.29 -5.11
C16 BCR KI . 7.46 -20.17 -4.61
C17 BCR KI . 8.07 -18.86 -5.00
C18 BCR KI . 7.62 -17.67 -4.52
C19 BCR KI . 8.27 -16.51 -5.14
C20 BCR KI . 7.88 -15.23 -5.03
C21 BCR KI . 8.57 -14.23 -5.86
C22 BCR KI . 8.16 -12.91 -5.85
C23 BCR KI . 8.82 -12.01 -6.79
C24 BCR KI . 8.37 -10.80 -7.09
C25 BCR KI . 9.00 -9.97 -8.14
C26 BCR KI . 10.28 -10.07 -8.51
C27 BCR KI . 10.87 -9.44 -9.78
C28 BCR KI . 9.77 -8.82 -10.62
C29 BCR KI . 8.80 -8.05 -9.77
C30 BCR KI . 8.06 -8.99 -8.81
C35 BCR KI . 9.36 -23.86 -5.74
C36 BCR KI . 6.47 -17.53 -3.55
C37 BCR KI . 7.10 -12.38 -4.93
C38 BCR KI . 11.30 -10.71 -7.69
C39 BCR KI . 7.08 -9.83 -9.62
C40 BCR KI . 7.35 -8.07 -7.83
C1 GOL LI . 0.63 -2.42 -11.66
O1 GOL LI . 0.37 -2.42 -10.21
C2 GOL LI . 2.05 -1.98 -12.05
O2 GOL LI . 2.94 -3.11 -12.10
C3 GOL LI . 2.17 -1.26 -13.40
O3 GOL LI . 3.30 -0.39 -13.44
O2 PGE MI . 4.64 -23.29 -8.64
C3 PGE MI . 4.33 -21.87 -8.54
C4 PGE MI . 3.23 -21.30 -9.48
O4 PGE MI . 6.20 -18.32 -12.05
C6 PGE MI . 5.25 -18.47 -10.95
C5 PGE MI . 4.50 -19.81 -10.96
O3 PGE MI . 3.61 -19.92 -9.84
O1 P6G NI . 4.96 -14.61 -7.10
C2 P6G NI . 5.65 -15.21 -8.19
C3 P6G NI . 5.88 -14.10 -9.18
O4 P6G NI . 5.59 -14.65 -10.46
C5 P6G NI . 5.94 -13.79 -11.57
C6 P6G NI . 4.73 -13.56 -12.50
O7 P6G NI . 4.07 -12.28 -12.32
C8 P6G NI . 4.17 -11.23 -13.31
C9 P6G NI . 3.02 -10.27 -12.95
O10 P6G NI . 3.10 -8.92 -13.46
C11 P6G NI . 2.06 -8.00 -13.07
C12 P6G NI . 1.99 -6.84 -14.05
O13 P6G NI . 1.22 -5.72 -13.57
C14 P6G NI . 0.21 -5.29 -14.48
C15 P6G NI . 0.50 -3.85 -14.73
O16 P6G NI . 0.76 -3.76 -16.12
C17 P6G NI . -0.24 -3.16 -16.93
C18 P6G NI . -0.48 -1.67 -16.55
O19 P6G NI . 0.75 -1.03 -16.13
C1 GOL OI . -47.30 1.79 -34.26
O1 GOL OI . -48.23 1.61 -35.34
C2 GOL OI . -47.85 2.14 -32.88
O2 GOL OI . -47.99 3.57 -32.76
C3 GOL OI . -49.11 1.30 -32.59
O3 GOL OI . -50.16 1.60 -33.50
O1 PG4 PI . -39.76 12.83 -43.63
C1 PG4 PI . -40.12 12.25 -44.90
C2 PG4 PI . -38.94 11.52 -45.52
O2 PG4 PI . -39.44 10.67 -46.53
C3 PG4 PI . -38.48 9.70 -46.95
C4 PG4 PI . -37.52 10.24 -48.00
O3 PG4 PI . -36.43 9.31 -48.19
C5 PG4 PI . -36.70 8.18 -49.05
C6 PG4 PI . -36.30 8.50 -50.50
O4 PG4 PI . -37.03 7.66 -51.44
C7 PG4 PI . -36.75 7.99 -52.84
C8 PG4 PI . -37.86 7.54 -53.82
O5 PG4 PI . -37.72 6.21 -54.32
C1 GOL QI . -44.82 -11.15 -31.40
O1 GOL QI . -46.25 -11.23 -31.53
C2 GOL QI . -44.26 -9.76 -31.78
O2 GOL QI . -44.82 -8.74 -30.92
C3 GOL QI . -44.48 -9.48 -33.27
O3 GOL QI . -43.64 -10.39 -34.12
CL CL RI . -49.31 -8.23 -30.01
FE HEC SI . -52.38 -23.02 -35.85
CHA HEC SI . -52.31 -19.91 -37.17
CHB HEC SI . -55.67 -22.58 -34.94
CHC HEC SI . -52.59 -26.28 -34.89
CHD HEC SI . -49.03 -23.33 -36.40
NA HEC SI . -53.73 -21.50 -35.98
C1A HEC SI . -53.50 -20.28 -36.55
C2A HEC SI . -54.70 -19.50 -36.44
C3A HEC SI . -55.66 -20.26 -35.82
C4A HEC SI . -55.02 -21.51 -35.55
CMA HEC SI . -57.11 -19.91 -35.46
CAA HEC SI . -54.89 -18.09 -36.89
CBA HEC SI . -54.36 -17.14 -35.85
CGA HEC SI . -54.80 -15.68 -36.15
O1A HEC SI . -55.46 -15.36 -37.16
O2A HEC SI . -54.51 -14.74 -35.30
NB HEC SI . -53.89 -24.24 -35.06
C1B HEC SI . -55.12 -23.83 -34.78
C2B HEC SI . -55.85 -24.95 -34.24
C3B HEC SI . -55.01 -26.03 -34.22
C4B HEC SI . -53.76 -25.53 -34.78
CMB HEC SI . -57.27 -24.88 -33.80
CAB HEC SI . -55.23 -27.41 -33.78
CBB HEC SI . -56.35 -28.12 -34.51
NC HEC SI . -51.04 -24.53 -35.66
C1C HEC SI . -51.31 -25.79 -35.25
C2C HEC SI . -50.09 -26.53 -35.12
C3C HEC SI . -49.07 -25.67 -35.56
C4C HEC SI . -49.70 -24.43 -35.88
CMC HEC SI . -49.86 -27.96 -34.61
CAC HEC SI . -47.58 -25.92 -35.58
CBC HEC SI . -47.07 -27.10 -36.32
ND HEC SI . -50.99 -21.87 -36.58
C1D HEC SI . -49.71 -22.18 -36.81
C2D HEC SI . -49.05 -21.09 -37.52
C3D HEC SI . -49.96 -20.14 -37.75
C4D HEC SI . -51.19 -20.66 -37.14
CMD HEC SI . -47.60 -21.11 -37.93
CAD HEC SI . -49.76 -18.87 -38.52
CBD HEC SI . -50.06 -19.24 -40.01
CGD HEC SI . -49.98 -18.08 -40.96
O1D HEC SI . -50.85 -17.17 -40.97
O2D HEC SI . -49.10 -18.08 -41.85
C1 HTG TI . -52.04 -31.32 -51.61
S1 HTG TI . -51.98 -30.79 -53.32
C2 HTG TI . -50.99 -32.21 -50.90
O2 HTG TI . -50.23 -33.07 -51.73
C3 HTG TI . -51.84 -33.02 -49.90
O3 HTG TI . -51.09 -33.97 -49.18
C4 HTG TI . -52.59 -32.11 -48.90
O4 HTG TI . -53.67 -32.74 -48.17
C5 HTG TI . -53.19 -30.95 -49.67
O5 HTG TI . -52.23 -30.31 -50.58
C6 HTG TI . -53.82 -29.97 -48.72
O6 HTG TI . -54.68 -29.06 -49.44
C1' HTG TI . -53.70 -30.42 -53.67
C2' HTG TI . -53.87 -30.12 -55.15
C3' HTG TI . -53.54 -31.31 -56.07
C4' HTG TI . -52.40 -31.08 -57.06
C5' HTG TI . -52.94 -30.51 -58.38
C6' HTG TI . -51.84 -30.04 -59.34
C7' HTG TI . -52.44 -29.13 -60.40
C1 GOL UI . -43.42 -17.82 -25.33
O1 GOL UI . -42.95 -16.62 -24.70
C2 GOL UI . -42.38 -18.89 -25.57
O2 GOL UI . -42.86 -19.84 -26.52
C3 GOL UI . -42.03 -19.51 -24.16
O3 GOL UI . -40.78 -20.29 -24.07
C1 GOL VI . -69.35 -32.77 -24.95
O1 GOL VI . -69.51 -32.36 -26.34
C2 GOL VI . -69.71 -34.24 -24.78
O2 GOL VI . -68.85 -35.04 -25.59
C3 GOL VI . -71.14 -34.54 -25.19
O3 GOL VI . -71.42 -35.95 -25.01
C1 GOL WI . -67.67 -11.98 -34.03
O1 GOL WI . -67.12 -11.99 -35.40
C2 GOL WI . -67.97 -10.57 -33.46
O2 GOL WI . -69.05 -9.97 -34.15
C3 GOL WI . -68.42 -10.58 -31.99
O3 GOL WI . -68.57 -9.28 -31.44
C1 GOL XI . -60.58 -37.64 -31.59
O1 GOL XI . -61.84 -37.19 -31.02
C2 GOL XI . -59.45 -37.62 -30.55
O2 GOL XI . -60.03 -37.86 -29.26
C3 GOL XI . -58.42 -38.70 -30.87
O3 GOL XI . -57.67 -39.14 -29.73
O1 PG4 YI . -60.58 -34.05 -47.52
C1 PG4 YI . -61.92 -34.00 -46.95
C2 PG4 YI . -62.11 -33.02 -45.81
O2 PG4 YI . -62.09 -31.64 -46.27
C3 PG4 YI . -62.39 -30.62 -45.30
C4 PG4 YI . -63.84 -30.11 -45.39
O3 PG4 YI . -64.57 -30.41 -44.16
C5 PG4 YI . -64.91 -31.80 -44.01
C6 PG4 YI . -66.16 -32.03 -43.17
O4 PG4 YI . -65.97 -31.60 -41.79
C7 PG4 YI . -66.21 -32.40 -40.61
C8 PG4 YI . -65.61 -33.84 -40.76
O5 PG4 YI . -65.04 -34.42 -39.57
O1 PG4 ZI . -77.80 -15.35 -30.04
C1 PG4 ZI . -78.61 -14.14 -30.14
C2 PG4 ZI . -77.97 -12.88 -29.49
O2 PG4 ZI . -78.72 -12.40 -28.36
C3 PG4 ZI . -78.01 -11.65 -27.36
C4 PG4 ZI . -77.71 -12.47 -26.09
O3 PG4 ZI . -76.42 -13.11 -26.18
C5 PG4 ZI . -75.67 -13.27 -24.94
C6 PG4 ZI . -74.59 -12.20 -24.70
O4 PG4 ZI . -73.26 -12.76 -24.48
C7 PG4 ZI . -72.10 -12.16 -25.09
C8 PG4 ZI . -70.89 -13.11 -25.06
O5 PG4 ZI . -70.38 -13.54 -26.37
O1 PG4 AJ . -77.48 -19.06 -20.09
C1 PG4 AJ . -76.93 -17.69 -19.82
C2 PG4 AJ . -76.53 -16.91 -21.09
O2 PG4 AJ . -75.55 -15.89 -20.81
C3 PG4 AJ . -75.63 -14.76 -21.72
C4 PG4 AJ . -74.76 -13.54 -21.33
O3 PG4 AJ . -73.40 -13.59 -21.79
C5 PG4 AJ . -72.61 -12.42 -21.54
C6 PG4 AJ . -71.12 -12.65 -21.82
O4 PG4 AJ . -70.45 -12.69 -20.55
C7 PG4 AJ . -69.01 -12.64 -20.50
C8 PG4 AJ . -68.58 -13.29 -19.14
O5 PG4 AJ . -67.19 -13.76 -18.99
O1 PG4 BJ . -61.21 -18.97 -53.85
C1 PG4 BJ . -60.19 -19.73 -54.50
C2 PG4 BJ . -58.83 -19.13 -54.23
O2 PG4 BJ . -57.80 -20.14 -54.20
C3 PG4 BJ . -56.92 -20.05 -53.06
C4 PG4 BJ . -55.58 -20.74 -53.29
O3 PG4 BJ . -54.56 -20.30 -52.35
C5 PG4 BJ . -53.27 -20.88 -52.68
C6 PG4 BJ . -52.10 -20.48 -51.75
O4 PG4 BJ . -50.93 -21.20 -52.12
C7 PG4 BJ . -50.83 -22.55 -51.59
C8 PG4 BJ . -50.51 -23.60 -52.67
O5 PG4 BJ . -51.71 -24.05 -53.35
O1 PG4 CJ . -76.82 -29.35 -21.05
C1 PG4 CJ . -76.19 -30.60 -21.44
C2 PG4 CJ . -75.06 -30.99 -20.48
O2 PG4 CJ . -74.03 -31.79 -21.09
C3 PG4 CJ . -74.39 -33.16 -21.36
C4 PG4 CJ . -73.58 -33.71 -22.54
O3 PG4 CJ . -73.68 -35.15 -22.63
C5 PG4 CJ . -72.67 -35.99 -22.05
C6 PG4 CJ . -72.70 -37.41 -22.59
O4 PG4 CJ . -71.33 -37.88 -22.63
C7 PG4 CJ . -71.10 -39.03 -23.48
C8 PG4 CJ . -69.60 -39.36 -23.61
O5 PG4 CJ . -69.34 -40.69 -23.37
C1 PGE DJ . -58.15 -35.57 -46.74
O1 PGE DJ . -56.80 -35.20 -46.42
C2 PGE DJ . -58.50 -37.01 -46.38
O2 PGE DJ . -57.96 -37.33 -45.07
C3 PGE DJ . -57.80 -38.73 -44.79
C4 PGE DJ . -56.67 -39.33 -45.65
O4 PGE DJ . -54.30 -43.33 -44.95
C6 PGE DJ . -55.39 -42.39 -44.94
C5 PGE DJ . -54.97 -41.05 -45.55
O3 PGE DJ . -55.69 -39.99 -44.85
C1 PGE EJ . -62.61 -6.63 -31.58
O1 PGE EJ . -61.80 -5.85 -30.67
C2 PGE EJ . -63.19 -5.72 -32.70
O2 PGE EJ . -64.42 -6.32 -33.16
C3 PGE EJ . -65.52 -5.45 -33.43
C4 PGE EJ . -66.75 -6.24 -33.97
O4 PGE EJ . -64.27 -9.07 -37.02
C6 PGE EJ . -65.14 -9.05 -35.84
C5 PGE EJ . -65.94 -7.76 -35.68
O3 PGE EJ . -66.49 -7.63 -34.35
O1 2PE FJ . -52.18 -26.87 -57.11
C2 2PE FJ . -53.02 -26.34 -56.08
C3 2PE FJ . -54.47 -26.39 -56.54
O4 2PE FJ . -55.35 -26.50 -55.40
C5 2PE FJ . -56.65 -25.91 -55.60
C6 2PE FJ . -57.33 -25.80 -54.25
O7 2PE FJ . -58.69 -25.34 -54.38
C8 2PE FJ . -59.17 -24.42 -53.38
C9 2PE FJ . -60.59 -24.78 -52.96
O10 2PE FJ . -61.03 -23.82 -52.00
C11 2PE FJ . -61.79 -22.73 -52.56
C12 2PE FJ . -63.30 -22.92 -52.37
O13 2PE FJ . -63.71 -22.19 -51.20
C14 2PE FJ . -65.07 -22.39 -50.76
C15 2PE FJ . -65.33 -22.00 -49.28
O16 2PE FJ . -64.56 -20.85 -48.86
C17 2PE FJ . -65.14 -20.04 -47.79
C18 2PE FJ . -64.15 -18.94 -47.34
O19 2PE FJ . -64.69 -18.02 -46.36
C20 2PE FJ . -64.57 -18.50 -45.01
C21 2PE FJ . -65.57 -17.84 -44.06
O22 2PE FJ . -65.25 -18.10 -42.65
C23 2PE FJ . -66.07 -17.31 -41.71
C24 2PE FJ . -65.36 -16.11 -41.01
O25 2PE FJ . -66.32 -15.18 -40.37
C26 2PE FJ . -67.40 -15.72 -39.52
C27 2PE FJ . -68.73 -16.04 -40.25
O28 2PE FJ . -69.99 -15.57 -39.63
OH2 1PE GJ . -60.47 -35.11 -43.60
C12 1PE GJ . -60.76 -36.13 -42.60
C22 1PE GJ . -61.02 -35.47 -41.22
OH3 1PE GJ . -61.31 -36.29 -40.07
C13 1PE GJ . -63.20 -37.72 -39.06
C23 1PE GJ . -62.74 -36.61 -40.05
OH4 1PE GJ . -64.64 -37.92 -39.01
C14 1PE GJ . -65.14 -40.19 -38.07
C24 1PE GJ . -65.10 -39.27 -39.30
OH5 1PE GJ . -63.85 -40.43 -37.46
C15 1PE GJ . -63.38 -40.81 -35.06
C25 1PE GJ . -63.79 -41.43 -36.42
OH6 1PE GJ . -63.17 -41.77 -33.99
C16 1PE GJ . -63.53 -40.24 -32.02
C26 1PE GJ . -62.62 -41.24 -32.74
OH7 1PE GJ . -63.60 -38.92 -32.65
C1 EDO HJ . -60.40 -41.26 -42.50
O1 EDO HJ . -59.11 -41.18 -41.81
C2 EDO HJ . -61.13 -39.90 -42.57
O2 EDO HJ . -60.60 -38.90 -41.64
C1B LMT IJ . -66.20 -41.59 -15.36
C2B LMT IJ . -65.65 -40.32 -16.07
C3B LMT IJ . -66.80 -39.35 -16.42
C4B LMT IJ . -68.21 -39.93 -16.18
C5B LMT IJ . -68.40 -40.72 -14.87
C6B LMT IJ . -69.37 -41.91 -14.99
O1B LMT IJ . -65.22 -42.47 -14.81
O2B LMT IJ . -64.68 -39.60 -15.29
O3B LMT IJ . -66.64 -38.91 -17.78
O4' LMT IJ . -69.13 -38.83 -16.18
O5B LMT IJ . -67.15 -41.23 -14.36
O6B LMT IJ . -70.65 -41.57 -14.46
C1' LMT IJ . -62.63 -42.67 -11.52
C2' LMT IJ . -63.69 -41.59 -11.43
C3' LMT IJ . -64.84 -41.98 -12.34
C4' LMT IJ . -64.28 -42.06 -13.79
C5' LMT IJ . -63.15 -43.09 -13.87
C6' LMT IJ . -62.49 -43.04 -15.25
O1' LMT IJ . -61.52 -42.29 -10.70
O2' LMT IJ . -64.14 -41.47 -10.06
O3' LMT IJ . -65.90 -41.03 -12.18
O5' LMT IJ . -62.14 -42.88 -12.87
O6' LMT IJ . -61.26 -43.75 -15.27
C1 LMT IJ . -60.89 -43.41 -10.07
C2 LMT IJ . -61.14 -43.33 -8.57
C3 LMT IJ . -59.79 -43.09 -7.92
C4 LMT IJ . -59.19 -44.33 -7.29
C5 LMT IJ . -57.69 -44.27 -7.50
C6 LMT IJ . -56.95 -45.11 -6.47
C7 LMT IJ . -55.51 -45.29 -6.95
C8 LMT IJ . -54.71 -46.01 -5.87
C9 LMT IJ . -53.39 -46.50 -6.46
C10 LMT IJ . -52.73 -47.49 -5.52
C11 LMT IJ . -52.18 -48.71 -6.27
C12 LMT IJ . -51.41 -49.57 -5.27
C1 PGE JJ . -49.45 -80.26 -0.54
O1 PGE JJ . -48.31 -80.68 0.25
C2 PGE JJ . -49.00 -79.52 -1.82
O2 PGE JJ . -50.05 -78.69 -2.42
C3 PGE JJ . -49.68 -78.06 -3.66
C4 PGE JJ . -50.88 -77.68 -4.54
O4 PGE JJ . -50.45 -77.48 -9.27
C6 PGE JJ . -51.07 -77.53 -7.99
C5 PGE JJ . -50.16 -78.11 -6.89
O3 PGE JJ . -50.94 -78.51 -5.73
O1 PG4 KJ . -49.19 -37.85 46.53
C1 PG4 KJ . -49.82 -36.63 46.92
C2 PG4 KJ . -48.97 -35.42 46.50
O2 PG4 KJ . -49.67 -34.54 45.60
C3 PG4 KJ . -49.07 -33.24 45.49
C4 PG4 KJ . -49.69 -32.36 44.39
O3 PG4 KJ . -48.86 -31.20 44.22
C5 PG4 KJ . -49.25 -30.25 43.22
C6 PG4 KJ . -48.66 -28.89 43.60
O4 PG4 KJ . -49.08 -27.83 42.72
C7 PG4 KJ . -48.02 -27.01 42.18
C8 PG4 KJ . -48.59 -25.87 41.35
O5 PG4 KJ . -47.62 -25.22 40.54
O1 PG4 LJ . -55.23 -21.64 28.53
C1 PG4 LJ . -55.75 -20.87 29.63
C2 PG4 LJ . -56.58 -19.63 29.20
O2 PG4 LJ . -56.93 -18.63 30.22
C3 PG4 LJ . -57.42 -17.31 29.79
C4 PG4 LJ . -58.30 -17.37 28.53
O3 PG4 LJ . -59.17 -16.24 28.37
C5 PG4 LJ . -59.71 -16.09 27.05
C6 PG4 LJ . -61.07 -15.41 27.06
O4 PG4 LJ . -61.02 -14.13 26.41
C7 PG4 LJ . -62.25 -13.70 25.78
C8 PG4 LJ . -62.24 -12.19 25.53
O5 PG4 LJ . -62.93 -11.47 26.56
O1 PG4 MJ . -45.58 -9.71 42.78
C1 PG4 MJ . -46.16 -11.02 42.73
C2 PG4 MJ . -45.21 -12.06 43.30
O2 PG4 MJ . -45.96 -13.12 43.90
C3 PG4 MJ . -45.33 -14.41 43.88
C4 PG4 MJ . -45.59 -15.15 42.56
O3 PG4 MJ . -46.83 -15.90 42.60
C5 PG4 MJ . -47.63 -15.85 41.40
C6 PG4 MJ . -47.14 -16.91 40.42
O4 PG4 MJ . -47.87 -16.92 39.18
C7 PG4 MJ . -47.95 -18.20 38.50
C8 PG4 MJ . -46.60 -18.77 38.00
O5 PG4 MJ . -46.69 -19.97 37.16
C1 EDO NJ . -57.93 -8.61 32.82
O1 EDO NJ . -58.17 -7.23 32.40
C2 EDO NJ . -57.95 -9.62 31.64
O2 EDO NJ . -57.52 -10.98 31.93
C1B LMT OJ . -4.88 20.55 6.20
C2B LMT OJ . -3.54 20.57 5.44
C3B LMT OJ . -2.84 21.87 5.72
C4B LMT OJ . -3.72 23.09 5.46
C5B LMT OJ . -5.09 23.00 6.16
C6B LMT OJ . -6.09 24.07 5.72
O1B LMT OJ . -4.58 20.59 7.59
O2B LMT OJ . -2.64 19.48 5.79
O3B LMT OJ . -1.66 21.88 4.90
O4' LMT OJ . -3.00 24.24 5.93
O5B LMT OJ . -5.68 21.70 5.92
O6B LMT OJ . -6.88 23.58 4.61
C1' LMT OJ . -5.38 18.41 10.90
C2' LMT OJ . -5.52 17.64 9.55
C3' LMT OJ . -4.77 18.46 8.52
C4' LMT OJ . -5.45 19.79 8.38
C5' LMT OJ . -5.56 20.56 9.68
C6' LMT OJ . -6.51 21.80 9.63
O1' LMT OJ . -6.14 17.84 11.97
O2' LMT OJ . -5.04 16.30 9.54
O3' LMT OJ . -4.74 17.83 7.25
O5' LMT OJ . -5.94 19.70 10.70
O6' LMT OJ . -7.71 21.61 8.82
C1 LMT OJ . -5.85 18.41 13.27
C2 LMT OJ . -6.67 17.65 14.27
C3 LMT OJ . -6.15 16.26 14.45
C4 LMT OJ . -5.51 16.10 15.82
C5 LMT OJ . -4.61 14.84 15.76
C6 LMT OJ . -3.44 15.08 16.72
C7 LMT OJ . -2.48 13.91 16.91
C8 LMT OJ . -1.29 14.25 17.80
C9 LMT OJ . -1.57 14.63 19.22
C10 LMT OJ . -1.04 13.59 20.23
C11 LMT OJ . -2.10 13.19 21.27
C12 LMT OJ . -1.65 13.39 22.70
O1 OEX PJ . 20.66 37.98 9.03
CA1 OEX PJ . 20.00 36.64 10.94
MN1 OEX PJ . 20.14 37.10 7.47
O2 OEX PJ . 18.06 38.17 10.18
MN2 OEX PJ . 19.21 39.24 8.99
O3 OEX PJ . 18.46 38.05 7.69
MN3 OEX PJ . 17.25 37.15 8.92
O4 OEX PJ . 16.15 36.25 10.28
MN4 OEX PJ . 16.96 34.46 10.14
O5 OEX PJ . 18.78 35.53 9.01
FE FE2 QJ . 38.50 1.54 27.05
CL CL RJ . 16.06 31.09 4.53
CL CL SJ . 15.73 45.14 6.31
C BCT TJ . 39.27 -0.16 28.68
O1 BCT TJ . 39.50 -1.14 29.56
O2 BCT TJ . 40.04 0.20 27.66
O3 BCT TJ . 38.16 0.41 28.86
MG CLA UJ . 29.71 22.27 10.86
CHA CLA UJ . 28.35 22.82 13.97
CHB CLA UJ . 31.19 19.43 12.11
CHC CLA UJ . 30.29 21.25 7.68
CHD CLA UJ . 27.87 25.01 9.55
NA CLA UJ . 29.82 21.31 12.68
C1A CLA UJ . 29.17 21.63 13.80
C2A CLA UJ . 29.31 20.65 14.96
C3A CLA UJ . 30.47 19.87 14.45
C4A CLA UJ . 30.50 20.20 12.97
CMA CLA UJ . 31.77 20.34 15.10
CAA CLA UJ . 28.07 19.79 15.05
CBA CLA UJ . 28.05 18.76 16.19
CGA CLA UJ . 27.75 19.51 17.43
O1A CLA UJ . 27.28 20.63 17.53
O2A CLA UJ . 28.04 18.83 18.60
NB CLA UJ . 30.64 20.69 10.06
C1B CLA UJ . 31.18 19.59 10.65
C2B CLA UJ . 31.81 18.60 9.75
C3B CLA UJ . 31.50 19.15 8.50
C4B CLA UJ . 30.75 20.38 8.76
CMB CLA UJ . 32.56 17.32 10.09
CAB CLA UJ . 31.84 18.62 7.13
CBB CLA UJ . 32.45 17.51 6.89
NC CLA UJ . 29.24 23.04 9.01
C1C CLA UJ . 29.50 22.44 7.83
C2C CLA UJ . 29.08 23.14 6.64
C3C CLA UJ . 28.36 24.26 7.19
C4C CLA UJ . 28.45 24.05 8.64
CMC CLA UJ . 29.29 22.84 5.22
CAC CLA UJ . 27.68 25.35 6.39
CBC CLA UJ . 26.61 24.77 5.51
ND CLA UJ . 28.49 23.66 11.60
C1D CLA UJ . 27.76 24.71 10.93
C2D CLA UJ . 26.90 25.45 11.92
C3D CLA UJ . 27.15 24.71 13.14
C4D CLA UJ . 27.98 23.65 12.83
CMD CLA UJ . 26.10 26.65 11.76
CAD CLA UJ . 26.82 24.53 14.54
OBD CLA UJ . 26.00 25.28 15.18
CBD CLA UJ . 27.56 23.34 15.09
CGD CLA UJ . 28.36 23.78 16.25
O1D CLA UJ . 29.52 24.07 16.22
O2D CLA UJ . 27.63 23.82 17.45
CED CLA UJ . 28.24 24.39 18.60
C1 CLA UJ . 27.61 19.38 19.85
C2 CLA UJ . 26.48 18.59 20.38
C3 CLA UJ . 25.24 18.95 20.40
C4 CLA UJ . 24.68 20.23 19.88
C5 CLA UJ . 24.24 17.96 20.99
C6 CLA UJ . 23.50 18.59 22.16
C7 CLA UJ . 22.71 17.51 22.85
C8 CLA UJ . 21.83 17.98 24.02
C9 CLA UJ . 22.61 18.44 25.20
C10 CLA UJ . 20.94 16.81 24.50
C11 CLA UJ . 19.91 16.44 23.47
C12 CLA UJ . 18.95 15.34 23.99
C13 CLA UJ . 18.01 14.82 22.89
C14 CLA UJ . 16.98 15.86 22.51
C15 CLA UJ . 17.34 13.50 23.29
C16 CLA UJ . 18.29 12.35 23.18
C17 CLA UJ . 17.65 10.97 22.95
C18 CLA UJ . 16.64 10.65 23.96
C19 CLA UJ . 17.31 10.75 25.30
C20 CLA UJ . 16.11 9.24 23.80
MG CLA VJ . 39.77 17.58 5.90
CHA CLA VJ . 39.80 19.95 8.43
CHB CLA VJ . 43.05 16.95 6.52
CHC CLA VJ . 39.70 15.05 3.60
CHD CLA VJ . 36.33 17.95 5.52
NA CLA VJ . 41.17 18.27 7.23
C1A CLA VJ . 40.99 19.16 8.23
C2A CLA VJ . 42.13 19.33 9.21
C3A CLA VJ . 43.22 18.69 8.34
C4A CLA VJ . 42.44 17.90 7.30
CMA CLA VJ . 44.14 19.75 7.70
CAA CLA VJ . 41.91 18.67 10.57
CBA CLA VJ . 41.63 17.18 10.42
CGA CLA VJ . 41.43 16.43 11.68
O1A CLA VJ . 41.67 16.78 12.79
O2A CLA VJ . 40.93 15.15 11.52
NB CLA VJ . 41.14 16.29 5.15
C1B CLA VJ . 42.42 16.10 5.50
C2B CLA VJ . 43.15 15.06 4.75
C3B CLA VJ . 42.16 14.52 3.88
C4B CLA VJ . 40.95 15.31 4.25
CMB CLA VJ . 44.56 14.67 4.89
CAB CLA VJ . 42.16 13.50 2.81
CBB CLA VJ . 43.18 12.94 2.31
NC CLA VJ . 38.32 16.72 4.76
C1C CLA VJ . 38.43 15.70 3.93
C2C CLA VJ . 37.20 15.25 3.26
C3C CLA VJ . 36.19 16.09 3.83
C4C CLA VJ . 37.00 16.91 4.74
CMC CLA VJ . 36.99 14.20 2.23
CAC CLA VJ . 34.72 16.16 3.51
CBC CLA VJ . 34.51 16.75 2.05
ND CLA VJ . 38.38 18.68 6.80
C1D CLA VJ . 36.98 18.78 6.49
C2D CLA VJ . 36.37 19.93 7.20
C3D CLA VJ . 37.49 20.42 8.02
C4D CLA VJ . 38.57 19.62 7.73
CMD CLA VJ . 34.99 20.45 7.27
CAD CLA VJ . 37.98 21.38 8.99
OBD CLA VJ . 37.29 22.33 9.48
CBD CLA VJ . 39.44 21.11 9.28
CGD CLA VJ . 40.26 22.28 8.83
O1D CLA VJ . 40.22 22.70 7.68
O2D CLA VJ . 41.09 22.89 9.77
CED CLA VJ . 42.00 23.95 9.37
C1 CLA VJ . 40.92 14.23 12.61
C2 CLA VJ . 42.22 13.56 12.68
C3 CLA VJ . 43.11 13.63 13.69
C4 CLA VJ . 42.85 14.39 14.92
C5 CLA VJ . 44.38 12.86 13.54
C6 CLA VJ . 45.56 13.79 13.22
C7 CLA VJ . 45.53 14.23 11.74
C8 CLA VJ . 46.74 15.09 11.31
C9 CLA VJ . 46.30 16.19 10.35
C10 CLA VJ . 47.89 14.20 10.77
C11 CLA VJ . 49.33 14.76 11.04
C12 CLA VJ . 50.48 14.02 10.29
C13 CLA VJ . 51.92 14.57 10.40
C14 CLA VJ . 51.97 16.11 10.32
C15 CLA VJ . 52.84 13.89 9.35
CHA PHO WJ . 25.20 12.75 26.40
CHB PHO WJ . 22.64 13.64 22.38
CHC PHO WJ . 26.86 14.94 20.24
CHD PHO WJ . 29.50 13.97 24.22
NA PHO WJ . 24.14 13.20 24.19
C1A PHO WJ . 24.07 12.83 25.47
C2A PHO WJ . 22.67 12.48 25.89
C3A PHO WJ . 21.98 12.46 24.54
C4A PHO WJ . 22.99 13.15 23.65
CMA PHO WJ . 21.77 11.01 24.00
CAA PHO WJ . 22.02 13.42 26.89
CBA PHO WJ . 20.63 12.84 27.28
CGA PHO WJ . 19.82 13.94 27.89
O1A PHO WJ . 20.14 15.13 27.94
O2A PHO WJ . 18.61 13.49 28.42
NB PHO WJ . 24.93 14.23 21.56
C1B PHO WJ . 23.58 14.16 21.37
C2B PHO WJ . 23.17 14.66 20.08
C3B PHO WJ . 24.45 15.04 19.44
C4B PHO WJ . 25.44 14.74 20.43
CMB PHO WJ . 21.81 14.78 19.52
CAB PHO WJ . 24.73 15.67 18.12
CBB PHO WJ . 23.83 16.22 17.39
NC PHO WJ . 27.82 14.35 22.44
C1C PHO WJ . 27.97 14.74 21.15
C2C PHO WJ . 29.36 15.04 20.71
C3C PHO WJ . 30.14 14.75 21.88
C4C PHO WJ . 29.11 14.41 22.90
CMC PHO WJ . 29.85 15.44 19.35
CAC PHO WJ . 31.60 14.85 22.13
CBC PHO WJ . 31.97 15.96 23.11
ND PHO WJ . 27.21 13.44 24.89
C1D PHO WJ . 28.50 13.59 25.22
C2D PHO WJ . 28.79 13.23 26.61
C3D PHO WJ . 27.46 12.89 27.09
C4D PHO WJ . 26.59 13.07 26.05
CMD PHO WJ . 30.04 13.16 27.38
CAD PHO WJ . 26.64 12.49 28.25
OBD PHO WJ . 27.11 12.25 29.41
CBD PHO WJ . 25.20 12.40 27.86
CGD PHO WJ . 24.68 11.04 28.19
O1D PHO WJ . 23.99 10.84 29.15
O2D PHO WJ . 24.99 9.99 27.32
CED PHO WJ . 24.50 8.62 27.54
C1 PHO WJ . 17.66 14.43 28.90
C2 PHO WJ . 16.63 14.71 27.84
C3 PHO WJ . 15.67 13.82 27.39
C4 PHO WJ . 15.56 12.45 27.94
C5 PHO WJ . 14.63 14.19 26.33
C6 PHO WJ . 14.69 15.65 25.84
C7 PHO WJ . 13.74 15.79 24.63
C8 PHO WJ . 13.63 17.21 24.16
C9 PHO WJ . 12.88 18.11 25.20
C10 PHO WJ . 12.98 17.23 22.81
C11 PHO WJ . 12.66 18.65 22.36
C12 PHO WJ . 13.91 19.56 22.29
C13 PHO WJ . 15.06 19.13 21.37
C14 PHO WJ . 16.31 19.99 21.57
C15 PHO WJ . 14.60 19.15 19.91
C16 PHO WJ . 15.67 18.68 18.92
C17 PHO WJ . 15.16 18.47 17.48
C18 PHO WJ . 16.31 18.06 16.58
C19 PHO WJ . 17.33 19.23 16.41
C20 PHO WJ . 15.79 17.60 15.21
MG CLA XJ . 7.02 25.61 33.07
CHA CLA XJ . 6.62 28.46 31.18
CHB CLA XJ . 10.04 26.84 34.19
CHC CLA XJ . 7.13 23.09 35.36
CHD CLA XJ . 3.75 24.60 32.21
NA CLA XJ . 8.16 27.26 32.73
C1A CLA XJ . 7.84 28.29 32.00
C2A CLA XJ . 8.92 29.37 31.95
C3A CLA XJ . 10.09 28.65 32.51
C4A CLA XJ . 9.39 27.49 33.21
CMA CLA XJ . 11.00 28.08 31.46
CAA CLA XJ . 8.57 30.63 32.72
CBA CLA XJ . 8.18 30.42 34.14
CGA CLA XJ . 7.96 31.73 34.88
O1A CLA XJ . 7.40 32.76 34.48
O2A CLA XJ . 8.37 31.70 36.22
NB CLA XJ . 8.38 25.02 34.45
C1B CLA XJ . 9.51 25.64 34.88
C2B CLA XJ . 10.20 24.94 36.00
C3B CLA XJ . 9.31 23.88 36.32
C4B CLA XJ . 8.24 24.01 35.35
CMB CLA XJ . 11.47 25.33 36.66
CAB CLA XJ . 9.42 22.78 37.33
CBB CLA XJ . 10.54 22.44 37.92
NC CLA XJ . 5.72 24.10 33.59
C1C CLA XJ . 5.88 23.18 34.55
C2C CLA XJ . 4.76 22.25 34.79
C3C CLA XJ . 3.77 22.70 33.84
C4C CLA XJ . 4.44 23.87 33.23
CMC CLA XJ . 4.67 21.10 35.75
CAC CLA XJ . 2.37 22.16 33.63
CBC CLA XJ . 1.42 22.95 34.56
ND CLA XJ . 5.52 26.36 31.95
C1D CLA XJ . 4.22 25.82 31.65
C2D CLA XJ . 3.55 26.65 30.63
C3D CLA XJ . 4.53 27.74 30.39
C4D CLA XJ . 5.57 27.51 31.24
CMD CLA XJ . 2.25 26.51 29.96
CAD CLA XJ . 4.89 28.97 29.68
OBD CLA XJ . 4.14 29.50 28.82
CBD CLA XJ . 6.23 29.49 30.11
CGD CLA XJ . 7.17 29.45 28.97
O1D CLA XJ . 7.74 28.45 28.62
O2D CLA XJ . 7.32 30.64 28.30
CED CLA XJ . 8.01 30.67 27.04
C1 CLA XJ . 7.46 32.23 37.13
C2 CLA XJ . 7.96 32.26 38.54
C3 CLA XJ . 8.83 33.16 38.92
C4 CLA XJ . 9.49 34.21 38.03
C5 CLA XJ . 9.20 33.10 40.40
C6 CLA XJ . 10.22 32.00 40.71
C7 CLA XJ . 10.18 31.44 42.15
C8 CLA XJ . 10.80 32.22 43.34
C9 CLA XJ . 9.78 33.17 44.00
C10 CLA XJ . 12.16 32.90 42.99
C11 CLA XJ . 13.32 31.93 42.63
C12 CLA XJ . 13.94 32.07 41.21
C13 CLA XJ . 15.25 32.91 41.05
C14 CLA XJ . 15.51 33.35 39.59
C15 CLA XJ . 16.51 32.26 41.69
C16 CLA XJ . 16.93 30.77 41.48
C17 CLA XJ . 17.70 30.25 42.73
C18 CLA XJ . 18.76 29.16 42.62
C19 CLA XJ . 20.04 29.59 41.89
C20 CLA XJ . 18.18 27.91 42.04
C1 BCR YJ . 9.47 14.51 41.21
C2 BCR YJ . 10.00 14.60 42.62
C3 BCR YJ . 9.63 15.88 43.30
C4 BCR YJ . 8.12 16.04 43.33
C5 BCR YJ . 7.43 15.69 42.07
C6 BCR YJ . 8.04 14.98 41.07
C7 BCR YJ . 7.37 14.73 39.74
C8 BCR YJ . 6.77 15.68 39.00
C9 BCR YJ . 6.26 15.35 37.60
C10 BCR YJ . 5.86 16.38 36.81
C11 BCR YJ . 5.34 16.27 35.47
C33 BCR YJ . 5.97 15.99 42.06
C31 BCR YJ . 9.64 13.05 40.85
C32 BCR YJ . 10.32 15.36 40.28
C34 BCR YJ . 6.29 13.92 37.20
C12 BCR YJ . 4.84 17.36 34.88
C13 BCR YJ . 4.32 17.32 33.51
C14 BCR YJ . 4.23 18.52 32.84
C15 BCR YJ . 3.85 18.65 31.43
C16 BCR YJ . 3.76 19.87 30.85
C17 BCR YJ . 3.35 20.00 29.47
C18 BCR YJ . 3.10 21.17 28.80
C19 BCR YJ . 2.63 21.07 27.41
C20 BCR YJ . 2.11 22.07 26.67
C21 BCR YJ . 1.65 21.90 25.25
C22 BCR YJ . 0.83 22.73 24.57
C23 BCR YJ . 0.41 22.43 23.17
C24 BCR YJ . -0.40 23.24 22.46
C25 BCR YJ . -0.81 22.85 21.13
C26 BCR YJ . 0.15 22.58 20.22
C27 BCR YJ . -0.15 22.25 18.73
C28 BCR YJ . -1.56 21.73 18.62
C29 BCR YJ . -2.53 22.63 19.35
C30 BCR YJ . -2.28 22.72 20.87
C35 BCR YJ . 4.01 15.96 32.92
C36 BCR YJ . 3.29 22.58 29.43
C37 BCR YJ . 0.40 24.01 25.21
C38 BCR YJ . 1.62 22.77 20.45
C39 BCR YJ . -2.77 21.48 21.67
C40 BCR YJ . -3.00 23.92 21.42
C2 PL9 ZJ . 46.33 3.55 21.85
C3 PL9 ZJ . 44.95 3.49 21.68
C4 PL9 ZJ . 44.29 2.34 22.41
C5 PL9 ZJ . 45.02 1.33 23.29
C6 PL9 ZJ . 46.50 1.52 23.42
C1 PL9 ZJ . 47.09 2.68 22.68
C7 PL9 ZJ . 44.14 4.47 20.73
C8 PL9 ZJ . 44.60 5.90 20.85
C9 PL9 ZJ . 45.05 6.74 19.94
C10 PL9 ZJ . 45.21 6.43 18.49
C11 PL9 ZJ . 45.50 8.11 20.40
C12 PL9 ZJ . 47.02 8.29 20.16
C13 PL9 ZJ . 47.25 9.07 18.86
C14 PL9 ZJ . 48.38 9.65 18.44
C15 PL9 ZJ . 49.68 9.66 19.20
C16 PL9 ZJ . 48.28 10.38 17.12
C17 PL9 ZJ . 48.30 9.43 15.93
C18 PL9 ZJ . 49.66 9.34 15.26
C19 PL9 ZJ . 50.10 10.20 14.32
C20 PL9 ZJ . 49.26 11.36 13.83
C21 PL9 ZJ . 51.46 9.96 13.71
C22 PL9 ZJ . 51.27 8.80 12.71
C23 PL9 ZJ . 52.24 8.81 11.53
C24 PL9 ZJ . 51.96 9.30 10.29
C25 PL9 ZJ . 50.67 9.89 9.91
C26 PL9 ZJ . 52.99 9.26 9.18
C27 PL9 ZJ . 53.48 10.65 8.75
C28 PL9 ZJ . 54.63 10.43 7.75
C29 PL9 ZJ . 54.49 10.21 6.46
C30 PL9 ZJ . 53.20 10.22 5.77
C31 PL9 ZJ . 55.68 9.99 5.56
C32 PL9 ZJ . 55.97 8.51 5.53
C33 PL9 ZJ . 57.27 8.14 4.86
C34 PL9 ZJ . 58.49 8.58 5.20
C35 PL9 ZJ . 58.78 9.56 6.30
C36 PL9 ZJ . 59.65 8.03 4.42
C37 PL9 ZJ . 60.28 6.98 5.34
C38 PL9 ZJ . 61.36 6.15 4.66
C39 PL9 ZJ . 61.81 5.02 5.24
C40 PL9 ZJ . 61.26 4.53 6.56
C41 PL9 ZJ . 62.88 4.20 4.60
C42 PL9 ZJ . 62.46 2.74 4.41
C43 PL9 ZJ . 61.78 2.53 3.06
C44 PL9 ZJ . 61.70 1.34 2.44
C45 PL9 ZJ . 62.27 0.10 3.03
C46 PL9 ZJ . 61.04 1.25 1.10
C47 PL9 ZJ . 61.92 1.77 -0.02
C48 PL9 ZJ . 61.11 1.82 -1.30
C49 PL9 ZJ . 61.42 2.52 -2.44
C50 PL9 ZJ . 60.47 2.44 -3.63
C51 PL9 ZJ . 62.62 3.38 -2.64
C52 PL9 ZJ . 44.25 0.20 23.99
C53 PL9 ZJ . 47.30 0.57 24.27
O1 PL9 ZJ . 43.11 2.24 22.28
O2 PL9 ZJ . 48.34 2.92 22.72
O6 SQD AK . 50.29 12.11 31.22
C44 SQD AK . 49.54 12.89 32.19
C45 SQD AK . 48.31 13.57 31.59
C46 SQD AK . 47.91 14.92 32.16
O47 SQD AK . 48.56 13.79 30.22
C7 SQD AK . 48.05 12.72 29.40
O49 SQD AK . 47.21 12.00 29.90
C8 SQD AK . 48.60 12.51 28.02
C9 SQD AK . 47.71 13.01 26.93
C10 SQD AK . 47.35 14.44 27.28
C11 SQD AK . 47.14 15.34 26.07
C12 SQD AK . 45.87 16.19 26.24
C13 SQD AK . 46.10 17.66 25.97
C14 SQD AK . 44.90 18.49 26.42
C15 SQD AK . 43.59 18.03 25.82
C16 SQD AK . 43.58 17.77 24.30
C17 SQD AK . 43.69 19.06 23.52
C18 SQD AK . 42.75 19.02 22.32
C19 SQD AK . 42.98 20.17 21.32
C20 SQD AK . 42.43 19.77 19.98
C21 SQD AK . 40.93 19.66 20.10
C22 SQD AK . 40.34 19.33 18.77
O48 SQD AK . 48.78 15.88 31.58
C23 SQD AK . 48.31 16.97 30.82
O10 SQD AK . 47.29 16.89 30.16
C24 SQD AK . 49.16 18.16 30.88
C25 SQD AK . 48.87 19.07 29.72
C26 SQD AK . 49.81 20.28 29.70
C27 SQD AK . 49.12 21.46 29.01
C28 SQD AK . 50.06 22.48 28.42
C29 SQD AK . 49.25 23.50 27.60
C30 SQD AK . 50.13 24.38 26.73
C31 SQD AK . 49.34 25.55 26.11
C32 SQD AK . 50.01 26.87 26.47
C33 SQD AK . 51.28 27.06 25.64
C34 SQD AK . 52.42 27.66 26.47
C35 SQD AK . 53.81 27.32 25.92
C36 SQD AK . 54.69 28.56 25.79
C37 SQD AK . 54.62 29.11 24.37
C38 SQD AK . 55.54 28.36 23.42
C1 SQD AK . 51.03 11.14 31.87
C2 SQD AK . 51.73 10.03 31.13
O2 SQD AK . 51.14 9.67 29.92
C3 SQD AK . 51.65 8.89 32.18
O3 SQD AK . 52.22 7.69 31.67
C4 SQD AK . 52.37 9.31 33.45
O4 SQD AK . 51.93 8.43 34.55
C5 SQD AK . 52.08 10.77 33.85
C6 SQD AK . 52.90 11.35 34.99
O5 SQD AK . 52.09 11.66 32.70
S SQD AK . 52.21 12.74 35.62
O7 SQD AK . 52.69 12.92 36.93
O8 SQD AK . 52.54 14.09 34.78
O9 SQD AK . 50.78 12.67 35.75
C1 LMG BK . 7.24 37.84 32.60
O1 LMG BK . 8.10 37.28 33.56
C2 LMG BK . 5.79 37.41 32.82
O2 LMG BK . 5.70 35.99 32.69
C3 LMG BK . 4.93 38.18 31.80
O3 LMG BK . 3.56 38.06 32.13
C4 LMG BK . 5.26 39.69 31.66
O4 LMG BK . 4.61 40.46 32.72
C5 LMG BK . 6.75 40.00 31.66
O5 LMG BK . 8.53 41.62 31.61
C6 LMG BK . 7.13 41.48 31.91
O6 LMG BK . 7.37 39.26 32.70
C7 LMG BK . 9.42 37.36 33.03
C8 LMG BK . 10.43 36.92 34.06
C9 LMG BK . 10.20 37.53 35.44
O7 LMG BK . 10.32 35.51 34.10
C10 LMG BK . 11.39 34.89 33.39
O9 LMG BK . 12.50 35.38 33.38
C11 LMG BK . 11.22 33.60 32.69
C12 LMG BK . 12.08 32.57 33.40
C13 LMG BK . 13.44 32.34 32.70
C14 LMG BK . 13.48 30.93 32.10
C15 LMG BK . 14.91 30.62 31.71
C16 LMG BK . 14.94 30.39 30.25
C17 LMG BK . 16.34 30.22 29.75
C18 LMG BK . 16.86 28.90 30.20
C19 LMG BK . 18.36 28.97 30.40
C20 LMG BK . 18.78 28.03 31.52
C21 LMG BK . 19.20 28.81 32.77
C22 LMG BK . 20.70 29.15 32.73
C23 LMG BK . 21.48 28.19 33.63
C24 LMG BK . 23.00 28.36 33.50
C25 LMG BK . 23.62 27.38 32.51
O8 LMG BK . 11.44 37.95 35.99
C28 LMG BK . 11.46 38.57 37.25
O10 LMG BK . 10.49 39.18 37.65
C29 LMG BK . 12.75 38.43 38.01
C30 LMG BK . 13.91 38.44 37.01
C31 LMG BK . 15.18 38.81 37.74
C32 LMG BK . 16.27 37.76 37.58
C33 LMG BK . 17.02 37.89 36.26
C34 LMG BK . 18.47 37.45 36.44
C35 LMG BK . 19.28 37.48 35.16
C36 LMG BK . 20.18 36.25 34.97
C37 LMG BK . 21.52 36.24 35.73
C38 LMG BK . 22.74 35.74 34.89
C39 LMG BK . 22.85 34.22 34.80
C40 LMG BK . 24.21 33.71 34.31
C41 LMG BK . 24.25 32.18 34.19
C42 LMG BK . 25.58 31.62 34.66
C43 LMG BK . 25.59 30.13 34.37
C1 GOL CK . -5.00 25.11 16.94
O1 GOL CK . -4.46 24.86 15.60
C2 GOL CK . -6.46 24.80 17.27
O2 GOL CK . -7.23 25.93 16.72
C3 GOL CK . -6.65 24.74 18.80
O3 GOL CK . -6.65 26.12 19.36
C1 GOL DK . 38.81 37.69 -11.30
O1 GOL DK . 37.53 37.73 -10.66
C2 GOL DK . 39.15 36.21 -11.38
O2 GOL DK . 38.30 35.62 -12.34
C3 GOL DK . 40.66 35.93 -11.60
O3 GOL DK . 41.08 34.77 -10.85
O6 SQD EK . 9.48 3.64 41.62
C44 SQD EK . 9.85 2.74 40.54
C45 SQD EK . 10.85 3.42 39.63
C46 SQD EK . 10.44 3.28 38.15
O47 SQD EK . 10.86 4.81 40.00
C7 SQD EK . 12.13 5.53 40.15
O49 SQD EK . 13.17 5.00 39.80
C8 SQD EK . 12.11 6.93 40.72
C9 SQD EK . 11.39 7.91 39.78
C10 SQD EK . 11.90 7.97 38.34
C11 SQD EK . 11.15 9.06 37.61
C12 SQD EK . 11.74 9.16 36.19
C13 SQD EK . 11.01 10.16 35.26
C14 SQD EK . 11.99 10.71 34.20
C15 SQD EK . 11.35 11.62 33.14
C16 SQD EK . 12.43 12.45 32.44
C17 SQD EK . 11.93 13.12 31.19
C18 SQD EK . 12.06 12.11 30.12
C19 SQD EK . 11.24 12.55 28.94
C20 SQD EK . 11.72 11.72 27.76
C21 SQD EK . 10.83 10.57 27.35
C22 SQD EK . 11.63 9.56 26.51
O48 SQD EK . 9.09 3.73 37.94
C23 SQD EK . 8.75 4.81 37.01
O10 SQD EK . 9.68 5.54 36.70
C24 SQD EK . 7.37 5.07 36.41
C25 SQD EK . 6.28 5.35 37.46
C26 SQD EK . 5.34 6.56 37.18
C27 SQD EK . 3.93 6.44 37.77
C28 SQD EK . 3.21 7.75 38.14
C29 SQD EK . 2.57 8.48 36.97
C30 SQD EK . 3.03 9.93 36.72
C31 SQD EK . 2.90 10.36 35.23
C32 SQD EK . 2.41 11.80 34.98
C33 SQD EK . 2.19 12.04 33.48
C34 SQD EK . 0.95 12.88 33.08
C35 SQD EK . 0.92 13.15 31.55
C36 SQD EK . 0.22 14.47 31.09
C37 SQD EK . 0.01 14.58 29.55
C38 SQD EK . -0.58 15.90 29.06
C1 SQD EK . 9.66 3.14 42.90
C2 SQD EK . 10.09 4.23 43.88
O2 SQD EK . 11.16 5.04 43.36
C3 SQD EK . 10.56 3.45 45.10
O3 SQD EK . 10.92 4.31 46.15
C4 SQD EK . 9.46 2.54 45.65
O4 SQD EK . 10.03 1.66 46.61
C5 SQD EK . 8.81 1.70 44.56
C6 SQD EK . 7.62 0.95 45.16
O5 SQD EK . 8.49 2.49 43.38
S SQD EK . 6.80 0.21 43.94
O7 SQD EK . 5.80 -0.67 44.50
O8 SQD EK . 6.13 1.41 43.10
O9 SQD EK . 7.76 -0.45 43.07
C1 HTG FK . 12.54 -0.35 42.68
S1 HTG FK . 11.61 -0.36 41.19
C2 HTG FK . 12.94 1.09 43.12
O2 HTG FK . 13.45 1.95 42.02
C3 HTG FK . 13.82 0.91 44.38
O3 HTG FK . 14.26 2.12 45.01
C4 HTG FK . 13.05 0.21 45.49
O4 HTG FK . 13.93 -0.07 46.60
C5 HTG FK . 12.26 -1.06 45.06
O5 HTG FK . 11.74 -0.98 43.70
C6 HTG FK . 11.11 -1.31 46.07
O6 HTG FK . 10.74 -2.68 46.27
C1' HTG FK . 12.69 -1.19 40.06
C2' HTG FK . 12.34 -0.78 38.62
C3' HTG FK . 13.13 -1.67 37.60
C4' HTG FK . 12.34 -2.76 36.81
C5' HTG FK . 12.05 -4.12 37.52
C6' HTG FK . 11.77 -5.29 36.53
C7' HTG FK . 10.70 -6.25 37.04
O1 LHG GK . 51.06 6.41 28.28
C1 LHG GK . 52.02 7.46 28.13
C2 LHG GK . 53.09 7.21 27.04
O2 LHG GK . 53.70 5.94 27.13
C3 LHG GK . 54.12 8.39 27.03
O3 LHG GK . 53.72 9.45 27.92
P LHG GK . 54.00 11.05 27.79
O4 LHG GK . 55.06 11.23 26.73
O5 LHG GK . 52.63 11.66 27.57
O6 LHG GK . 54.61 11.50 29.26
C4 LHG GK . 55.11 12.80 29.69
C5 LHG GK . 54.96 13.01 31.23
C6 LHG GK . 56.29 12.75 31.98
O7 LHG GK . 54.44 14.28 31.71
C7 LHG GK . 53.20 14.79 31.10
O9 LHG GK . 52.15 14.33 31.47
C8 LHG GK . 53.18 15.87 30.03
C9 LHG GK . 52.29 15.51 28.82
C10 LHG GK . 52.59 16.48 27.68
O8 LHG GK . 56.86 13.96 32.53
C23 LHG GK . 58.14 14.55 32.07
O10 LHG GK . 59.12 14.62 32.80
C24 LHG GK . 58.21 15.13 30.70
C11 LHG GK . 51.50 16.51 26.62
C12 LHG GK . 50.64 17.76 26.63
C13 LHG GK . 50.71 18.49 25.28
C14 LHG GK . 49.70 19.65 25.19
C15 LHG GK . 49.65 20.45 23.87
C16 LHG GK . 48.36 21.29 23.84
C17 LHG GK . 48.35 22.46 22.85
C25 LHG GK . 57.07 16.13 30.65
C26 LHG GK . 57.24 16.94 29.39
C27 LHG GK . 56.42 18.20 29.44
C28 LHG GK . 56.13 18.74 28.04
C29 LHG GK . 54.98 19.74 28.18
C30 LHG GK . 54.53 20.31 26.82
C31 LHG GK . 54.10 21.79 26.96
C32 LHG GK . 52.95 22.18 26.04
C33 LHG GK . 53.28 22.39 24.57
C34 LHG GK . 52.61 23.64 23.95
C35 LHG GK . 53.03 23.88 22.50
O1 PG4 HK . 46.61 19.31 20.77
C1 PG4 HK . 47.79 18.72 21.33
C2 PG4 HK . 47.99 17.30 20.84
O2 PG4 HK . 48.09 16.38 21.95
C3 PG4 HK . 48.77 15.17 21.60
C4 PG4 HK . 48.73 14.22 22.79
O3 PG4 HK . 49.81 13.29 22.79
C5 PG4 HK . 49.62 12.09 22.00
C6 PG4 HK . 50.86 11.21 22.17
O4 PG4 HK . 50.48 9.90 22.62
C7 PG4 HK . 51.55 8.97 22.76
C8 PG4 HK . 52.35 9.19 24.05
O5 PG4 HK . 51.54 9.33 25.24
O1 PG4 IK . -0.13 13.69 26.51
C1 PG4 IK . 0.33 12.78 25.51
C2 PG4 IK . 1.27 13.45 24.51
O2 PG4 IK . 2.24 12.49 24.06
C3 PG4 IK . 3.46 12.60 24.82
C4 PG4 IK . 4.57 11.59 24.46
O3 PG4 IK . 5.83 11.92 25.13
C5 PG4 IK . 6.64 10.81 25.49
C6 PG4 IK . 6.02 10.28 26.78
O4 PG4 IK . 6.76 9.18 27.29
C7 PG4 IK . 6.28 8.80 28.57
C8 PG4 IK . 6.97 9.63 29.66
O5 PG4 IK . 6.07 9.90 30.74
C1 PGE JK . 10.19 21.54 58.50
O1 PGE JK . 10.10 20.16 58.85
C2 PGE JK . 11.51 21.68 57.77
O2 PGE JK . 11.37 21.38 56.38
C3 PGE JK . 11.60 22.49 55.48
C4 PGE JK . 11.38 22.11 54.00
O4 PGE JK . 9.09 23.32 49.96
C6 PGE JK . 10.15 22.90 50.86
C5 PGE JK . 9.68 22.68 52.29
O3 PGE JK . 10.65 23.11 53.26
C1 PGE KK . 1.62 10.29 44.81
O1 PGE KK . 0.68 11.32 44.42
C2 PGE KK . 2.15 10.48 46.23
O2 PGE KK . 2.77 9.26 46.63
C3 PGE KK . 3.51 9.27 47.86
C4 PGE KK . 3.57 7.85 48.39
O4 PGE KK . 5.03 5.33 52.25
C6 PGE KK . 5.38 6.21 51.17
C5 PGE KK . 4.13 6.57 50.37
O3 PGE KK . 4.38 7.74 49.58
O6 SQD LK . 11.46 7.07 51.51
C44 SQD LK . 10.40 6.50 50.71
C45 SQD LK . 9.02 7.20 50.76
C46 SQD LK . 9.03 8.71 51.13
O47 SQD LK . 8.34 6.81 49.51
C7 SQD LK . 8.31 7.66 48.32
O49 SQD LK . 9.09 8.59 48.26
C8 SQD LK . 7.35 7.48 47.16
C9 SQD LK . 7.57 8.58 46.12
C10 SQD LK . 7.52 10.05 46.60
C11 SQD LK . 6.54 10.94 45.85
C12 SQD LK . 7.14 11.83 44.77
C13 SQD LK . 6.10 12.18 43.69
C14 SQD LK . 5.96 11.09 42.61
C15 SQD LK . 5.55 11.62 41.22
C16 SQD LK . 4.22 12.35 41.25
C17 SQD LK . 3.44 12.10 39.98
C18 SQD LK . 2.14 12.89 39.98
C19 SQD LK . 2.35 14.27 39.34
C20 SQD LK . 2.41 14.21 37.81
C21 SQD LK . 1.16 14.74 37.15
C22 SQD LK . 1.10 16.25 37.28
O48 SQD LK . 7.74 9.32 50.87
C23 SQD LK . 7.32 10.70 51.10
O10 SQD LK . 8.16 11.42 51.57
C24 SQD LK . 5.91 11.23 50.76
C25 SQD LK . 5.95 12.60 50.06
C26 SQD LK . 4.81 12.94 49.06
C27 SQD LK . 5.26 13.88 47.90
C28 SQD LK . 5.13 15.40 48.13
C29 SQD LK . 6.42 16.24 47.95
C30 SQD LK . 6.49 17.47 48.87
C31 SQD LK . 7.23 17.20 50.20
C32 SQD LK . 7.21 18.38 51.18
C33 SQD LK . 7.06 17.99 52.67
C34 SQD LK . 7.02 19.17 53.65
C35 SQD LK . 6.48 18.79 55.05
C36 SQD LK . 5.09 19.36 55.36
C37 SQD LK . 4.39 18.86 56.66
C38 SQD LK . 2.85 18.98 56.69
C1 SQD LK . 11.50 7.02 52.90
C2 SQD LK . 10.88 5.76 53.53
O2 SQD LK . 9.50 5.64 53.22
C3 SQD LK . 10.97 5.81 55.06
O3 SQD LK . 10.36 4.62 55.68
C4 SQD LK . 12.43 5.94 55.48
O4 SQD LK . 12.56 6.21 56.90
C5 SQD LK . 13.12 7.05 54.71
C6 SQD LK . 14.60 6.95 55.01
O5 SQD LK . 12.88 7.08 53.27
S SQD LK . 15.43 5.83 54.06
O7 SQD LK . 16.83 5.87 54.42
O8 SQD LK . 14.95 4.29 54.36
O9 SQD LK . 15.33 6.03 52.61
C1 EDO MK . 47.56 15.00 17.15
O1 EDO MK . 48.56 14.78 16.12
C2 EDO MK . 46.92 13.70 17.59
O2 EDO MK . 47.66 13.10 18.69
CA CA NK . -1.36 14.72 -13.25
MG CLA OK . 47.94 -9.20 -29.78
CHA CLA OK . 48.82 -9.46 -33.17
CHB CLA OK . 47.42 -12.55 -29.72
CHC CLA OK . 47.40 -8.92 -26.40
CHD CLA OK . 48.80 -5.75 -29.84
NA CLA OK . 47.97 -10.68 -31.15
C1A CLA OK . 48.34 -10.63 -32.41
C2A CLA OK . 48.41 -11.96 -33.10
C3A CLA OK . 47.71 -12.84 -32.12
C4A CLA OK . 47.69 -11.96 -30.90
CMA CLA OK . 46.30 -13.22 -32.58
CAA CLA OK . 49.82 -12.47 -33.47
CBA CLA OK . 50.80 -12.25 -32.34
CGA CLA OK . 52.17 -12.60 -32.82
O1A CLA OK . 52.75 -13.48 -32.21
O2A CLA OK . 52.73 -11.90 -34.00
NB CLA OK . 47.44 -10.52 -28.31
C1B CLA OK . 47.30 -11.87 -28.44
C2B CLA OK . 46.98 -12.59 -27.20
C3B CLA OK . 46.97 -11.52 -26.23
C4B CLA OK . 47.27 -10.28 -26.99
CMB CLA OK . 46.69 -14.02 -26.93
CAB CLA OK . 46.58 -11.71 -24.84
CBB CLA OK . 46.00 -10.72 -24.16
NC CLA OK . 48.05 -7.67 -28.42
C1C CLA OK . 47.82 -7.71 -27.10
C2C CLA OK . 47.99 -6.43 -26.35
C3C CLA OK . 48.38 -5.53 -27.40
C4C CLA OK . 48.43 -6.37 -28.58
CMC CLA OK . 47.76 -6.10 -24.91
CAC CLA OK . 48.68 -4.07 -27.25
CBC CLA OK . 47.52 -3.21 -27.67
ND CLA OK . 48.57 -7.89 -31.19
C1D CLA OK . 48.96 -6.52 -31.05
C2D CLA OK . 49.49 -6.03 -32.33
C3D CLA OK . 49.44 -7.22 -33.19
C4D CLA OK . 48.94 -8.22 -32.44
CMD CLA OK . 50.01 -4.73 -32.79
CAD CLA OK . 49.74 -7.81 -34.50
OBD CLA OK . 50.20 -7.11 -35.45
CBD CLA OK . 49.30 -9.25 -34.56
CGD CLA OK . 48.15 -9.42 -35.55
O1D CLA OK . 47.98 -10.46 -36.16
O2D CLA OK . 47.16 -8.35 -35.78
CED CLA OK . 46.12 -8.41 -36.79
C1 CLA OK . 54.05 -11.33 -34.07
C2 CLA OK . 54.20 -10.25 -35.16
C3 CLA OK . 54.28 -8.90 -34.93
C4 CLA OK . 54.49 -7.98 -36.14
C5 CLA OK . 54.23 -8.28 -33.52
C6 CLA OK . 52.92 -8.44 -32.72
C7 CLA OK . 53.17 -8.75 -31.21
C8 CLA OK . 51.92 -8.70 -30.27
C9 CLA OK . 51.99 -7.58 -29.25
C10 CLA OK . 51.53 -10.04 -29.59
C11 CLA OK . 51.96 -10.30 -28.14
C12 CLA OK . 50.90 -10.63 -27.07
C13 CLA OK . 51.05 -12.06 -26.42
C14 CLA OK . 50.46 -13.13 -27.38
C15 CLA OK . 50.51 -12.27 -24.96
C16 CLA OK . 51.11 -13.54 -24.29
C17 CLA OK . 50.77 -13.81 -22.81
C18 CLA OK . 49.96 -15.10 -22.55
C19 CLA OK . 48.64 -14.98 -23.27
C20 CLA OK . 49.74 -15.43 -21.06
MG CLA PK . 40.65 -9.66 -22.57
CHA CLA PK . 39.23 -7.18 -20.74
CHB CLA PK . 39.90 -7.87 -25.38
CHC CLA PK . 42.70 -11.78 -24.36
CHD CLA PK . 41.75 -11.24 -19.61
NA CLA PK . 39.62 -7.99 -23.03
C1A CLA PK . 39.15 -7.10 -22.17
C2A CLA PK . 38.52 -5.89 -22.81
C3A CLA PK . 38.37 -6.39 -24.24
C4A CLA PK . 39.38 -7.51 -24.25
CMA CLA PK . 36.98 -6.95 -24.62
CAA CLA PK . 39.38 -4.60 -22.70
CBA CLA PK . 38.52 -3.37 -23.03
CGA CLA PK . 37.72 -2.89 -21.81
O1A CLA PK . 36.52 -2.59 -21.72
O2A CLA PK . 38.47 -2.77 -20.62
NB CLA PK . 41.14 -9.85 -24.53
C1B CLA PK . 40.83 -9.00 -25.54
C2B CLA PK . 41.47 -9.36 -26.85
C3B CLA PK . 42.26 -10.53 -26.51
C4B CLA PK . 42.06 -10.69 -25.08
CMB CLA PK . 41.22 -8.66 -28.15
CAB CLA PK . 43.21 -11.33 -27.36
CBB CLA PK . 43.68 -10.97 -28.54
NC CLA PK . 41.90 -11.23 -22.06
C1C CLA PK . 42.68 -11.96 -22.89
C2C CLA PK . 43.46 -12.98 -22.24
C3C CLA PK . 43.16 -12.82 -20.84
C4C CLA PK . 42.26 -11.71 -20.87
CMC CLA PK . 44.37 -13.99 -22.82
CAC CLA PK . 43.68 -13.58 -19.66
CBC CLA PK . 42.65 -14.59 -19.15
ND CLA PK . 40.46 -9.37 -20.60
C1D CLA PK . 41.10 -9.99 -19.51
C2D CLA PK . 40.65 -9.31 -18.25
C3D CLA PK . 39.94 -8.12 -18.73
C4D CLA PK . 39.93 -8.24 -20.09
CMD CLA PK . 40.94 -9.57 -16.82
CAD CLA PK . 39.19 -6.88 -18.39
OBD CLA PK . 39.02 -6.42 -17.19
CBD CLA PK . 38.70 -6.26 -19.65
CGD CLA PK . 37.21 -6.37 -19.59
O1D CLA PK . 36.56 -7.35 -19.31
O2D CLA PK . 36.46 -5.24 -19.90
CED CLA PK . 35.04 -5.25 -19.86
C1 CLA PK . 37.77 -2.35 -19.42
C2 CLA PK . 38.57 -2.88 -18.27
C3 CLA PK . 39.72 -2.28 -17.87
C4 CLA PK . 40.27 -1.09 -18.60
C5 CLA PK . 40.52 -2.86 -16.74
C6 CLA PK . 40.50 -1.94 -15.56
C7 CLA PK . 41.59 -2.33 -14.59
C8 CLA PK . 41.34 -1.76 -13.19
C9 CLA PK . 41.48 -0.24 -13.17
C10 CLA PK . 42.23 -2.44 -12.15
C11 CLA PK . 42.04 -1.98 -10.71
C12 CLA PK . 40.65 -2.40 -10.20
C13 CLA PK . 40.55 -2.35 -8.70
C14 CLA PK . 39.33 -3.03 -8.10
C15 CLA PK . 40.52 -0.95 -8.27
C16 CLA PK . 39.37 -0.12 -8.72
C17 CLA PK . 39.40 1.14 -7.82
C18 CLA PK . 38.22 2.01 -8.28
C19 CLA PK . 38.50 3.51 -8.41
C20 CLA PK . 37.09 1.80 -7.34
MG CLA QK . 32.69 -12.82 -20.55
CHA CLA QK . 30.06 -10.71 -21.43
CHB CLA QK . 34.61 -10.05 -20.00
CHC CLA QK . 34.97 -14.75 -18.91
CHD CLA QK . 30.50 -15.57 -20.70
NA CLA QK . 32.45 -10.80 -20.82
C1A CLA QK . 31.37 -10.14 -21.13
C2A CLA QK . 31.51 -8.64 -20.99
C3A CLA QK . 32.97 -8.45 -20.93
C4A CLA QK . 33.39 -9.86 -20.57
CMA CLA QK . 33.52 -8.04 -22.29
CAA CLA QK . 30.85 -8.10 -19.74
CBA CLA QK . 31.29 -8.69 -18.37
CGA CLA QK . 32.51 -8.03 -17.76
O1A CLA QK . 32.85 -6.85 -17.90
O2A CLA QK . 33.32 -8.87 -16.98
NB CLA QK . 34.50 -12.48 -19.74
C1B CLA QK . 35.12 -11.30 -19.50
C2B CLA QK . 36.42 -11.42 -18.79
C3B CLA QK . 36.51 -12.83 -18.47
C4B CLA QK . 35.25 -13.36 -19.04
CMB CLA QK . 37.35 -10.34 -18.44
CAB CLA QK . 37.56 -13.62 -17.78
CBB CLA QK . 38.79 -13.17 -17.60
NC CLA QK . 32.77 -14.79 -20.02
C1C CLA QK . 33.71 -15.42 -19.26
C2C CLA QK . 33.46 -16.85 -18.93
C3C CLA QK . 32.12 -17.06 -19.45
C4C CLA QK . 31.79 -15.75 -20.07
CMC CLA QK . 34.26 -17.82 -18.14
CAC CLA QK . 31.29 -18.29 -19.40
CBC CLA QK . 30.41 -18.16 -18.15
ND CLA QK . 30.75 -13.11 -21.09
C1D CLA QK . 29.93 -14.27 -21.02
C2D CLA QK . 28.56 -14.01 -21.36
C3D CLA QK . 28.57 -12.55 -21.53
C4D CLA QK . 29.84 -12.13 -21.31
CMD CLA QK . 27.37 -14.87 -21.47
CAD CLA QK . 27.79 -11.28 -21.77
OBD CLA QK . 26.54 -11.26 -22.03
CBD CLA QK . 28.75 -10.08 -21.75
CGD CLA QK . 28.74 -9.48 -23.10
O1D CLA QK . 28.45 -8.33 -23.33
O2D CLA QK . 29.05 -10.30 -24.19
CED CLA QK . 28.56 -9.92 -25.50
C1 CLA QK . 34.41 -8.28 -16.19
C2 CLA QK . 35.26 -9.44 -15.76
C3 CLA QK . 36.42 -9.32 -15.09
C4 CLA QK . 37.00 -7.96 -14.71
C5 CLA QK . 37.18 -10.60 -14.80
C6 CLA QK . 37.40 -10.84 -13.38
C7 CLA QK . 38.18 -12.16 -13.27
C8 CLA QK . 39.69 -11.95 -13.22
C9 CLA QK . 40.40 -13.11 -13.83
C10 CLA QK . 40.18 -11.69 -11.77
C11 CLA QK . 41.53 -10.98 -11.68
C12 CLA QK . 41.82 -10.67 -10.25
C13 CLA QK . 43.20 -10.08 -10.03
C14 CLA QK . 43.55 -10.19 -8.57
C15 CLA QK . 43.35 -8.66 -10.55
C16 CLA QK . 44.74 -8.02 -10.25
C17 CLA QK . 45.86 -8.74 -10.96
C18 CLA QK . 47.21 -8.08 -10.66
C19 CLA QK . 47.37 -6.66 -11.25
C20 CLA QK . 48.37 -9.00 -11.03
MG CLA RK . 25.08 -7.93 -10.95
CHA CLA RK . 25.96 -8.59 -14.22
CHB CLA RK . 21.78 -8.09 -11.86
CHC CLA RK . 24.19 -7.96 -7.62
CHD CLA RK . 28.39 -8.16 -9.94
NA CLA RK . 24.02 -8.20 -12.72
C1A CLA RK . 24.53 -8.46 -13.93
C2A CLA RK . 23.51 -8.63 -15.03
C3A CLA RK . 22.19 -8.59 -14.21
C4A CLA RK . 22.68 -8.26 -12.83
CMA CLA RK . 21.20 -7.56 -14.76
CAA CLA RK . 23.56 -9.84 -15.98
CBA CLA RK . 23.71 -11.13 -15.16
CGA CLA RK . 23.58 -12.36 -15.99
O1A CLA RK . 23.12 -12.43 -17.11
O2A CLA RK . 24.09 -13.52 -15.37
NB CLA RK . 23.34 -7.92 -9.93
C1B CLA RK . 22.05 -8.03 -10.41
C2B CLA RK . 20.98 -8.03 -9.42
C3B CLA RK . 21.72 -8.04 -8.20
C4B CLA RK . 23.14 -7.96 -8.61
CMB CLA RK . 19.50 -8.15 -9.64
CAB CLA RK . 21.25 -7.96 -6.80
CBB CLA RK . 20.04 -7.56 -6.48
NC CLA RK . 26.10 -7.95 -9.17
C1C CLA RK . 25.63 -8.05 -7.92
C2C CLA RK . 26.62 -8.15 -6.82
C3C CLA RK . 27.86 -8.21 -7.52
C4C CLA RK . 27.42 -8.07 -8.92
CMC CLA RK . 26.45 -8.20 -5.33
CAC CLA RK . 29.23 -8.32 -6.91
CBC CLA RK . 29.72 -6.97 -6.33
ND CLA RK . 26.79 -8.21 -11.86
C1D CLA RK . 28.07 -8.34 -11.30
C2D CLA RK . 29.08 -8.61 -12.39
C3D CLA RK . 28.23 -8.67 -13.57
C4D CLA RK . 26.93 -8.50 -13.19
CMD CLA RK . 30.59 -8.74 -12.40
CAD CLA RK . 28.17 -8.95 -14.99
OBD CLA RK . 29.19 -9.17 -15.70
CBD CLA RK . 26.74 -8.91 -15.48
CGD CLA RK . 26.70 -7.98 -16.61
O1D CLA RK . 26.55 -8.38 -17.76
O2D CLA RK . 26.89 -6.60 -16.33
CED CLA RK . 27.03 -5.71 -17.41
C1 CLA RK . 24.14 -14.64 -16.19
C2 CLA RK . 24.42 -15.75 -15.29
C3 CLA RK . 25.62 -16.52 -15.61
C4 CLA RK . 26.85 -15.72 -15.39
C5 CLA RK . 25.69 -17.71 -14.62
C6 CLA RK . 26.72 -18.63 -15.28
C7 CLA RK . 26.18 -20.02 -15.32
C8 CLA RK . 26.97 -20.85 -16.26
C9 CLA RK . 26.15 -20.93 -17.50
C10 CLA RK . 27.23 -22.16 -15.53
C11 CLA RK . 27.95 -23.16 -16.39
C12 CLA RK . 28.40 -24.37 -15.56
C13 CLA RK . 28.83 -25.58 -16.41
C14 CLA RK . 29.34 -26.71 -15.53
C15 CLA RK . 29.94 -25.25 -17.41
C16 CLA RK . 30.31 -26.46 -18.30
C17 CLA RK . 30.66 -25.97 -19.67
C18 CLA RK . 30.95 -27.04 -20.71
C19 CLA RK . 31.30 -26.40 -22.03
C20 CLA RK . 29.73 -27.91 -20.93
MG CLA SK . 20.73 -16.80 -17.08
CHA CLA SK . 20.25 -13.40 -17.67
CHB CLA SK . 21.18 -17.18 -20.43
CHC CLA SK . 21.85 -19.97 -16.50
CHD CLA SK . 20.78 -16.21 -13.67
NA CLA SK . 20.61 -15.59 -18.77
C1A CLA SK . 20.42 -14.28 -18.83
C2A CLA SK . 20.59 -13.65 -20.20
C3A CLA SK . 20.61 -14.88 -21.05
C4A CLA SK . 20.84 -15.97 -20.02
CMA CLA SK . 19.31 -15.12 -21.80
CAA CLA SK . 21.83 -12.75 -20.43
CBA CLA SK . 23.12 -13.47 -20.08
CGA CLA SK . 24.23 -12.52 -19.69
O1A CLA SK . 24.26 -11.28 -19.82
O2A CLA SK . 25.34 -13.12 -19.00
NB CLA SK . 21.32 -18.31 -18.25
C1B CLA SK . 21.49 -18.31 -19.58
C2B CLA SK . 21.98 -19.59 -20.12
C3B CLA SK . 22.18 -20.40 -18.96
C4B CLA SK . 21.79 -19.53 -17.86
CMB CLA SK . 22.25 -20.06 -21.53
CAB CLA SK . 22.65 -21.82 -19.17
CBB CLA SK . 22.56 -22.76 -18.37
NC CLA SK . 21.14 -17.90 -15.41
C1C CLA SK . 21.66 -19.15 -15.33
C2C CLA SK . 21.90 -19.65 -13.96
C3C CLA SK . 21.53 -18.50 -13.11
C4C CLA SK . 21.15 -17.52 -14.12
CMC CLA SK . 22.38 -20.93 -13.45
CAC CLA SK . 21.56 -18.35 -11.64
CBC CLA SK . 22.91 -17.85 -11.15
ND CLA SK . 20.42 -15.22 -15.90
C1D CLA SK . 20.58 -15.07 -14.51
C2D CLA SK . 20.37 -13.68 -14.08
C3D CLA SK . 20.18 -13.01 -15.36
C4D CLA SK . 20.39 -13.93 -16.35
CMD CLA SK . 20.33 -12.93 -12.76
CAD CLA SK . 20.00 -11.70 -16.07
OBD CLA SK . 19.81 -10.64 -15.47
CBD CLA SK . 19.92 -11.94 -17.55
CGD CLA SK . 18.49 -11.80 -18.07
O1D CLA SK . 18.14 -11.20 -19.12
O2D CLA SK . 17.40 -12.39 -17.28
CED CLA SK . 16.11 -12.54 -17.84
C1 CLA SK . 26.36 -12.26 -18.53
C2 CLA SK . 27.37 -13.18 -17.99
C3 CLA SK . 28.58 -12.65 -17.39
C4 CLA SK . 29.09 -11.38 -18.10
C5 CLA SK . 29.68 -13.74 -17.37
C6 CLA SK . 30.73 -13.24 -16.38
C7 CLA SK . 31.82 -14.29 -16.07
C8 CLA SK . 32.89 -13.87 -15.09
C9 CLA SK . 33.59 -12.63 -15.60
C10 CLA SK . 33.86 -15.03 -14.93
C11 CLA SK . 34.81 -14.82 -13.72
C12 CLA SK . 35.29 -16.16 -13.23
C13 CLA SK . 36.03 -17.01 -14.29
C14 CLA SK . 36.36 -18.32 -13.64
C15 CLA SK . 37.26 -16.27 -14.72
C16 CLA SK . 38.30 -17.09 -15.49
C17 CLA SK . 37.81 -17.42 -16.83
C18 CLA SK . 38.85 -18.03 -17.80
C19 CLA SK . 40.11 -17.22 -18.07
C20 CLA SK . 38.12 -18.12 -19.12
MG CLA TK . 24.12 -19.09 -26.58
CHA CLA TK . 20.92 -18.93 -28.04
CHB CLA TK . 23.04 -17.20 -24.03
CHC CLA TK . 27.03 -20.04 -24.78
CHD CLA TK . 25.08 -21.44 -29.09
NA CLA TK . 22.37 -18.13 -26.14
C1A CLA TK . 21.22 -18.17 -26.82
C2A CLA TK . 20.05 -17.46 -26.15
C3A CLA TK . 20.81 -16.82 -25.00
C4A CLA TK . 22.16 -17.43 -25.02
CMA CLA TK . 20.91 -15.30 -25.18
CAA CLA TK . 18.86 -18.29 -25.65
CBA CLA TK . 19.21 -19.44 -24.74
CGA CLA TK . 18.80 -19.23 -23.32
O1A CLA TK . 18.33 -18.23 -22.83
O2A CLA TK . 18.92 -20.33 -22.47
NB CLA TK . 24.91 -18.63 -24.78
C1B CLA TK . 24.31 -17.87 -23.81
C2B CLA TK . 25.11 -17.75 -22.56
C3B CLA TK . 26.26 -18.60 -22.84
C4B CLA TK . 26.04 -19.14 -24.17
CMB CLA TK . 24.77 -16.94 -21.30
CAB CLA TK . 27.42 -18.96 -21.95
CBB CLA TK . 27.43 -18.74 -20.64
NC CLA TK . 25.71 -20.32 -26.93
C1C CLA TK . 26.74 -20.66 -26.05
C2C CLA TK . 27.65 -21.70 -26.52
C3C CLA TK . 27.08 -22.09 -27.77
C4C CLA TK . 25.92 -21.26 -27.92
CMC CLA TK . 28.88 -22.19 -25.83
CAC CLA TK . 27.62 -23.16 -28.68
CBC CLA TK . 26.95 -24.49 -28.32
ND CLA TK . 23.26 -19.85 -28.25
C1D CLA TK . 23.74 -20.90 -29.13
C2D CLA TK . 22.73 -21.27 -30.12
C3D CLA TK . 21.59 -20.47 -29.70
C4D CLA TK . 21.94 -19.80 -28.55
CMD CLA TK . 22.77 -22.25 -31.30
CAD CLA TK . 20.18 -20.15 -29.92
OBD CLA TK . 19.51 -20.61 -30.87
CBD CLA TK . 19.71 -19.17 -28.92
CGD CLA TK . 19.25 -17.95 -29.59
O1D CLA TK . 19.84 -17.52 -30.57
O2D CLA TK . 18.12 -17.31 -29.06
CED CLA TK . 17.52 -16.25 -29.76
C1 CLA TK . 18.61 -20.25 -21.09
C2 CLA TK . 18.81 -21.64 -20.52
C3 CLA TK . 18.54 -21.91 -19.25
C4 CLA TK . 18.05 -20.89 -18.29
C5 CLA TK . 18.72 -23.31 -18.75
C6 CLA TK . 17.40 -24.10 -18.76
C7 CLA TK . 17.61 -25.56 -18.34
C8 CLA TK . 16.32 -26.38 -18.12
C9 CLA TK . 16.56 -27.92 -18.18
C10 CLA TK . 15.49 -26.00 -19.26
MG CLA UK . 14.54 -3.50 -10.67
CHA CLA UK . 12.12 -1.28 -11.83
CHB CLA UK . 16.91 -1.41 -11.90
CHC CLA UK . 16.99 -5.27 -8.88
CHD CLA UK . 12.15 -5.34 -9.05
NA CLA UK . 14.55 -1.71 -11.76
C1A CLA UK . 13.53 -0.98 -12.10
C2A CLA UK . 13.90 0.40 -12.63
C3A CLA UK . 15.36 0.19 -12.94
C4A CLA UK . 15.63 -1.07 -12.16
CMA CLA UK . 15.69 -0.01 -14.42
CAA CLA UK . 13.67 1.47 -11.60
CBA CLA UK . 14.53 1.31 -10.37
CGA CLA UK . 14.20 2.26 -9.23
O1A CLA UK . 13.28 3.07 -9.19
O2A CLA UK . 15.05 2.09 -8.14
NB CLA UK . 16.59 -3.40 -10.48
C1B CLA UK . 17.43 -2.45 -11.01
C2B CLA UK . 18.87 -2.61 -10.62
C3B CLA UK . 18.85 -3.76 -9.74
C4B CLA UK . 17.41 -4.13 -9.67
CMB CLA UK . 20.03 -1.81 -11.03
CAB CLA UK . 19.90 -4.48 -9.02
CBB CLA UK . 21.15 -4.49 -9.39
NC CLA UK . 14.56 -5.07 -9.32
C1C CLA UK . 15.60 -5.59 -8.64
C2C CLA UK . 15.24 -6.61 -7.67
C3C CLA UK . 13.77 -6.67 -7.72
C4C CLA UK . 13.48 -5.66 -8.72
CMC CLA UK . 16.11 -7.42 -6.79
CAC CLA UK . 12.85 -7.45 -6.89
CBC CLA UK . 12.48 -6.59 -5.64
ND CLA UK . 12.56 -3.41 -10.55
C1D CLA UK . 11.70 -4.22 -9.78
C2D CLA UK . 10.28 -3.76 -9.91
C3D CLA UK . 10.43 -2.54 -10.74
C4D CLA UK . 11.78 -2.39 -10.99
CMD CLA UK . 9.00 -4.34 -9.39
CAD CLA UK . 9.78 -1.45 -11.41
OBD CLA UK . 8.56 -1.23 -11.39
CBD CLA UK . 10.82 -0.56 -12.07
CGD CLA UK . 10.46 -0.48 -13.48
O1D CLA UK . 10.43 0.58 -14.06
O2D CLA UK . 10.13 -1.70 -14.08
CED CLA UK . 9.68 -1.71 -15.44
C1 CLA UK . 14.79 2.86 -6.96
C2 CLA UK . 15.92 2.59 -5.99
C3 CLA UK . 15.91 3.02 -4.74
C4 CLA UK . 14.78 3.83 -4.13
C5 CLA UK . 17.13 2.75 -3.89
C6 CLA UK . 16.85 1.87 -2.68
C7 CLA UK . 17.87 2.14 -1.57
C8 CLA UK . 17.72 1.18 -0.41
C9 CLA UK . 16.28 1.17 0.18
C10 CLA UK . 18.77 1.48 0.67
C11 CLA UK . 18.77 0.55 1.86
C12 CLA UK . 19.65 1.11 2.99
C13 CLA UK . 19.88 0.15 4.18
C14 CLA UK . 18.50 -0.16 4.72
C15 CLA UK . 20.82 0.76 5.20
C16 CLA UK . 21.42 -0.26 6.17
C17 CLA UK . 22.27 0.43 7.22
C18 CLA UK . 22.94 -0.58 8.17
C19 CLA UK . 23.58 0.16 9.28
C20 CLA UK . 23.98 -1.50 7.54
MG CLA VK . 43.54 -8.03 -1.12
CHA CLA VK . 44.54 -11.28 -0.30
CHB CLA VK . 44.50 -7.08 2.02
CHC CLA VK . 42.99 -4.84 -2.03
CHD CLA VK . 43.07 -8.98 -4.48
NA CLA VK . 44.30 -8.97 0.57
C1A CLA VK . 44.71 -10.25 0.70
C2A CLA VK . 45.28 -10.62 2.05
C3A CLA VK . 44.90 -9.39 2.84
C4A CLA VK . 44.57 -8.39 1.74
CMA CLA VK . 43.66 -9.57 3.69
CAA CLA VK . 46.82 -10.87 2.10
CBA CLA VK . 47.66 -9.72 1.55
CGA CLA VK . 47.67 -9.63 0.06
O1A CLA VK . 47.61 -10.56 -0.73
O2A CLA VK . 47.76 -8.31 -0.44
NB CLA VK . 43.60 -6.28 -0.13
C1B CLA VK . 44.12 -6.01 1.09
C2B CLA VK . 44.10 -4.57 1.48
C3B CLA VK . 43.66 -3.92 0.26
C4B CLA VK . 43.45 -5.04 -0.67
CMB CLA VK . 44.50 -3.93 2.74
CAB CLA VK . 43.39 -2.50 -0.01
CBB CLA VK . 43.27 -1.57 0.93
NC CLA VK . 43.05 -7.10 -2.88
C1C CLA VK . 42.91 -5.80 -3.10
C2C CLA VK . 42.58 -5.37 -4.47
C3C CLA VK . 42.59 -6.62 -5.20
C4C CLA VK . 42.93 -7.58 -4.14
CMC CLA VK . 42.31 -4.01 -4.99
CAC CLA VK . 42.39 -6.88 -6.66
CBC CLA VK . 41.04 -7.44 -6.99
ND CLA VK . 43.79 -9.76 -2.19
C1D CLA VK . 43.48 -10.01 -3.54
C2D CLA VK . 43.56 -11.47 -3.79
C3D CLA VK . 44.03 -12.00 -2.50
C4D CLA VK . 44.14 -10.92 -1.65
CMD CLA VK . 43.25 -12.27 -5.00
CAD CLA VK . 44.29 -13.17 -1.68
OBD CLA VK . 44.32 -14.34 -2.16
CBD CLA VK . 44.74 -12.77 -0.30
CGD CLA VK . 43.97 -13.45 0.75
O1D CLA VK . 42.82 -13.11 1.05
O2D CLA VK . 44.61 -14.48 1.46
CED CLA VK . 43.75 -15.17 2.40
C1 CLA VK . 47.70 -8.15 -1.86
C2 CLA VK . 48.55 -6.96 -2.21
C3 CLA VK . 48.08 -5.73 -2.52
C4 CLA VK . 46.68 -5.32 -2.48
C5 CLA VK . 49.11 -4.70 -2.93
C6 CLA VK . 48.98 -4.35 -4.40
C7 CLA VK . 50.08 -3.35 -4.86
C8 CLA VK . 50.08 -3.26 -6.38
C9 CLA VK . 50.72 -4.52 -7.06
C10 CLA VK . 50.70 -1.94 -6.80
C11 CLA VK . 50.36 -1.63 -8.25
C12 CLA VK . 50.97 -0.30 -8.73
C13 CLA VK . 50.36 0.04 -10.10
C14 CLA VK . 50.83 -0.96 -11.16
C15 CLA VK . 50.63 1.45 -10.48
C16 CLA VK . 49.87 1.89 -11.75
C17 CLA VK . 48.57 2.63 -11.42
C18 CLA VK . 47.76 3.01 -12.66
C19 CLA VK . 48.53 3.94 -13.64
C20 CLA VK . 46.42 3.62 -12.22
MG CLA WK . 47.28 -19.69 -11.58
CHA CLA WK . 49.30 -20.62 -8.93
CHB CLA WK . 44.94 -18.74 -9.35
CHC CLA WK . 45.50 -18.21 -14.15
CHD CLA WK . 49.87 -20.25 -13.84
NA CLA WK . 47.05 -19.82 -9.56
C1A CLA WK . 47.94 -20.21 -8.66
C2A CLA WK . 47.44 -20.20 -7.24
C3A CLA WK . 45.99 -19.89 -7.45
C4A CLA WK . 45.96 -19.44 -8.87
CMA CLA WK . 45.10 -21.15 -7.28
CAA CLA WK . 48.19 -19.21 -6.29
CBA CLA WK . 48.08 -17.78 -6.72
CGA CLA WK . 48.89 -16.88 -5.83
O1A CLA WK . 49.82 -17.23 -5.09
O2A CLA WK . 48.51 -15.52 -5.84
NB CLA WK . 45.50 -18.76 -11.73
C1B CLA WK . 44.69 -18.34 -10.73
C2B CLA WK . 43.48 -17.58 -11.14
C3B CLA WK . 43.69 -17.44 -12.56
C4B CLA WK . 44.96 -18.16 -12.81
CMB CLA WK . 42.35 -17.11 -10.27
CAB CLA WK . 42.91 -16.86 -13.67
CBB CLA WK . 41.73 -16.46 -13.51
NC CLA WK . 47.60 -19.38 -13.60
C1C CLA WK . 46.82 -18.75 -14.49
C2C CLA WK . 47.36 -18.64 -15.86
C3C CLA WK . 48.64 -19.27 -15.80
C4C CLA WK . 48.68 -19.64 -14.37
CMC CLA WK . 46.75 -18.03 -17.03
CAC CLA WK . 49.68 -19.48 -16.88
CBC CLA WK . 49.58 -20.92 -17.39
ND CLA WK . 49.15 -20.37 -11.41
C1D CLA WK . 50.14 -20.50 -12.42
C2D CLA WK . 51.41 -21.00 -11.80
C3D CLA WK . 51.10 -21.10 -10.37
C4D CLA WK . 49.78 -20.65 -10.26
CMD CLA WK . 52.72 -21.37 -12.38
CAD CLA WK . 51.52 -21.41 -9.01
OBD CLA WK . 52.64 -21.94 -8.65
CBD CLA WK . 50.36 -21.22 -8.09
CGD CLA WK . 49.88 -22.65 -7.77
O1D CLA WK . 49.64 -23.10 -6.66
O2D CLA WK . 49.70 -23.60 -8.84
CED CLA WK . 49.09 -24.86 -8.63
C1 CLA WK . 49.39 -14.57 -5.25
C2 CLA WK . 48.63 -13.27 -5.26
C3 CLA WK . 47.98 -12.77 -4.25
C4 CLA WK . 47.83 -13.49 -2.99
C5 CLA WK . 47.23 -11.47 -4.38
C6 CLA WK . 47.46 -10.57 -5.60
C7 CLA WK . 46.83 -9.18 -5.38
C8 CLA WK . 47.00 -8.19 -6.53
C9 CLA WK . 48.46 -7.99 -6.90
C10 CLA WK . 46.43 -6.85 -6.07
C11 CLA WK . 46.48 -5.75 -7.15
C12 CLA WK . 45.64 -4.54 -6.78
C13 CLA WK . 45.97 -3.29 -7.55
C14 CLA WK . 45.04 -2.17 -7.07
C15 CLA WK . 45.81 -3.50 -9.05
C16 CLA WK . 46.14 -2.23 -9.82
C17 CLA WK . 46.23 -2.56 -11.33
C18 CLA WK . 46.63 -1.34 -12.15
C19 CLA WK . 45.62 -0.24 -12.09
C20 CLA WK . 46.87 -1.79 -13.58
MG CLA XK . 40.17 -18.80 -6.64
CHA CLA XK . 37.23 -19.70 -8.16
CHB CLA XK . 40.08 -15.74 -8.27
CHC CLA XK . 43.21 -18.08 -5.31
CHD CLA XK . 40.44 -22.04 -5.25
NA CLA XK . 38.88 -17.86 -7.89
C1A CLA XK . 37.72 -18.32 -8.37
C2A CLA XK . 36.89 -17.35 -9.23
C3A CLA XK . 37.95 -16.28 -9.46
C4A CLA XK . 39.04 -16.63 -8.46
CMA CLA XK . 38.48 -16.28 -10.87
CAA CLA XK . 35.69 -16.75 -8.41
CBA CLA XK . 34.72 -15.96 -9.24
CGA CLA XK . 33.72 -16.97 -9.82
O1A CLA XK . 33.67 -18.18 -9.56
O2A CLA XK . 32.75 -16.51 -10.69
NB CLA XK . 41.41 -17.19 -6.77
C1B CLA XK . 41.24 -16.05 -7.48
C2B CLA XK . 42.38 -15.11 -7.40
C3B CLA XK . 43.30 -15.82 -6.53
C4B CLA XK . 42.61 -17.07 -6.20
CMB CLA XK . 42.55 -13.73 -8.01
CAB CLA XK . 44.58 -15.21 -6.07
CBB CLA XK . 45.19 -15.49 -4.99
NC CLA XK . 41.52 -19.85 -5.49
C1C CLA XK . 42.69 -19.41 -5.01
C2C CLA XK . 43.48 -20.33 -4.20
C3C CLA XK . 42.64 -21.53 -4.19
C4C CLA XK . 41.54 -21.12 -5.05
CMC CLA XK . 44.80 -20.19 -3.55
CAC CLA XK . 43.02 -22.89 -3.61
CBC CLA XK . 42.79 -22.91 -2.18
ND CLA XK . 39.07 -20.45 -6.63
C1D CLA XK . 39.32 -21.73 -6.07
C2D CLA XK . 38.26 -22.70 -6.40
C3D CLA XK . 37.39 -21.87 -7.26
C4D CLA XK . 37.94 -20.62 -7.34
CMD CLA XK . 38.03 -24.12 -6.01
CAD CLA XK . 36.19 -21.82 -8.10
OBD CLA XK . 35.43 -22.82 -8.27
CBD CLA XK . 36.02 -20.46 -8.67
CGD CLA XK . 36.10 -20.62 -10.13
O1D CLA XK . 35.17 -20.58 -10.87
O2D CLA XK . 37.36 -20.80 -10.70
CED CLA XK . 37.61 -21.40 -11.93
C1 CLA XK . 31.75 -17.39 -11.17
C2 CLA XK . 32.23 -18.27 -12.28
C3 CLA XK . 31.64 -18.27 -13.49
C4 CLA XK . 30.46 -17.45 -13.87
C5 CLA XK . 32.18 -19.20 -14.57
C6 CLA XK . 31.21 -20.37 -14.83
C7 CLA XK . 31.08 -21.33 -13.62
C8 CLA XK . 32.36 -22.10 -13.20
C9 CLA XK . 32.81 -23.01 -14.31
C10 CLA XK . 32.19 -22.91 -11.93
C11 CLA XK . 31.83 -22.03 -10.69
C12 CLA XK . 32.24 -22.64 -9.33
C13 CLA XK . 31.60 -21.92 -8.11
C14 CLA XK . 31.72 -20.43 -8.23
C15 CLA XK . 32.26 -22.20 -6.71
C16 CLA XK . 32.46 -23.60 -6.39
C17 CLA XK . 32.51 -23.91 -4.89
C18 CLA XK . 33.49 -23.29 -3.96
C19 CLA XK . 34.47 -22.44 -4.63
C20 CLA XK . 34.43 -24.16 -3.11
MG CLA YK . 30.53 -12.66 4.56
CHA CLA YK . 30.25 -13.62 7.90
CHB CLA YK . 29.73 -15.85 3.67
CHC CLA YK . 30.20 -11.63 1.35
CHD CLA YK . 30.71 -9.27 5.56
NA CLA YK . 30.14 -14.42 5.60
C1A CLA YK . 30.07 -14.62 6.90
C2A CLA YK . 29.77 -16.06 7.35
C3A CLA YK . 29.81 -16.74 5.97
C4A CLA YK . 29.88 -15.61 5.00
CMA CLA YK . 31.04 -17.63 5.77
CAA CLA YK . 28.40 -16.20 8.07
CBA CLA YK . 27.28 -15.50 7.32
CGA CLA YK . 25.96 -15.58 8.06
O1A CLA YK . 25.62 -16.48 8.84
O2A CLA YK . 25.11 -14.48 7.84
NB CLA YK . 30.13 -13.59 2.80
C1B CLA YK . 29.74 -14.86 2.59
C2B CLA YK . 29.58 -15.24 1.15
C3B CLA YK . 29.71 -13.94 0.50
C4B CLA YK . 29.99 -13.03 1.60
CMB CLA YK . 29.28 -16.60 0.56
CAB CLA YK . 29.70 -13.62 -0.94
CBB CLA YK . 30.00 -14.55 -1.86
NC CLA YK . 30.60 -10.84 3.61
C1C CLA YK . 30.33 -10.58 2.33
C2C CLA YK . 30.23 -9.15 1.94
C3C CLA YK . 30.40 -8.49 3.20
C4C CLA YK . 30.53 -9.60 4.15
CMC CLA YK . 30.04 -8.46 0.63
CAC CLA YK . 30.37 -7.00 3.50
CBC CLA YK . 28.89 -6.66 3.49
ND CLA YK . 30.53 -11.68 6.29
C1D CLA YK . 30.67 -10.31 6.57
C2D CLA YK . 30.74 -10.07 8.04
C3D CLA YK . 30.56 -11.38 8.59
C4D CLA YK . 30.43 -12.25 7.51
CMD CLA YK . 30.99 -8.80 8.79
CAD CLA YK . 30.53 -12.23 9.77
OBD CLA YK . 30.63 -11.79 10.93
CBD CLA YK . 30.30 -13.66 9.39
CGD CLA YK . 31.42 -14.47 9.89
O1D CLA YK . 32.58 -14.29 9.53
O2D CLA YK . 31.15 -15.47 10.84
CED CLA YK . 32.31 -16.04 11.48
C1 CLA YK . 23.84 -14.51 8.44
C2 CLA YK . 23.07 -13.33 7.91
C3 CLA YK . 21.83 -13.15 8.24
C4 CLA YK . 21.09 -14.11 9.17
C5 CLA YK . 21.01 -11.97 7.73
C6 CLA YK . 21.75 -10.94 6.92
C7 CLA YK . 20.73 -9.93 6.40
C8 CLA YK . 21.36 -8.86 5.54
C9 CLA YK . 22.17 -7.96 6.39
C10 CLA YK . 20.28 -8.05 4.83
C11 CLA YK . 19.55 -8.86 3.74
C12 CLA YK . 20.48 -9.43 2.66
C13 CLA YK . 19.74 -9.75 1.37
C14 CLA YK . 18.71 -10.81 1.68
C15 CLA YK . 20.75 -10.24 0.37
C16 CLA YK . 20.58 -9.92 -1.06
C17 CLA YK . 21.90 -10.28 -1.77
C18 CLA YK . 22.76 -9.12 -2.17
C19 CLA YK . 21.93 -8.20 -3.03
C20 CLA YK . 24.05 -9.56 -2.83
MG CLA ZK . 29.12 -19.50 -0.53
CHA CLA ZK . 30.68 -18.49 -3.53
CHB CLA ZK . 26.16 -18.45 -1.78
CHC CLA ZK . 27.80 -19.98 2.57
CHD CLA ZK . 32.20 -20.43 0.76
NA CLA ZK . 28.49 -18.59 -2.29
C1A CLA ZK . 29.21 -18.28 -3.34
C2A CLA ZK . 28.40 -17.82 -4.53
C3A CLA ZK . 27.06 -17.52 -3.88
C4A CLA ZK . 27.23 -18.22 -2.57
CMA CLA ZK . 26.80 -16.01 -3.69
CAA CLA ZK . 28.32 -18.88 -5.63
CBA CLA ZK . 27.88 -20.26 -5.13
CGA CLA ZK . 27.86 -21.25 -6.24
O1A CLA ZK . 28.76 -22.08 -6.34
O2A CLA ZK . 26.82 -21.19 -7.19
NB CLA ZK . 27.28 -19.30 0.22
C1B CLA ZK . 26.17 -18.85 -0.38
C2B CLA ZK . 24.93 -18.93 0.49
C3B CLA ZK . 25.44 -19.38 1.76
C4B CLA ZK . 26.89 -19.53 1.49
CMB CLA ZK . 23.57 -18.56 0.11
CAB CLA ZK . 24.77 -19.65 3.03
CBB CLA ZK . 23.49 -19.91 3.09
NC CLA ZK . 29.84 -20.11 1.27
C1C CLA ZK . 29.23 -20.16 2.46
C2C CLA ZK . 30.04 -20.65 3.57
C3C CLA ZK . 31.36 -20.79 3.03
C4C CLA ZK . 31.10 -20.41 1.63
CMC CLA ZK . 29.67 -20.88 4.95
CAC CLA ZK . 32.63 -21.24 3.73
CBC CLA ZK . 33.58 -20.09 4.06
ND CLA ZK . 31.00 -19.50 -1.21
C1D CLA ZK . 32.16 -19.97 -0.57
C2D CLA ZK . 33.33 -19.84 -1.46
C3D CLA ZK . 32.76 -19.24 -2.67
C4D CLA ZK . 31.42 -19.04 -2.42
CMD CLA ZK . 34.77 -20.28 -1.28
CAD CLA ZK . 32.98 -18.73 -4.07
OBD CLA ZK . 34.13 -18.77 -4.67
CBD CLA ZK . 31.66 -18.27 -4.67
CGD CLA ZK . 31.75 -16.84 -5.13
O1D CLA ZK . 31.50 -16.43 -6.23
O2D CLA ZK . 32.18 -15.93 -4.11
CED CLA ZK . 32.38 -14.56 -4.38
C1 CLA ZK . 27.18 -21.82 -8.42
C2 CLA ZK . 27.90 -20.82 -9.25
C3 CLA ZK . 27.38 -20.19 -10.27
C4 CLA ZK . 26.00 -20.36 -10.71
C5 CLA ZK . 28.24 -19.18 -11.00
C6 CLA ZK . 27.75 -17.73 -10.79
C7 CLA ZK . 27.72 -17.36 -9.36
C8 CLA ZK . 27.12 -15.95 -9.09
C9 CLA ZK . 27.41 -15.63 -7.69
C10 CLA ZK . 25.67 -15.89 -9.41
C11 CLA ZK . 25.16 -14.57 -9.85
C12 CLA ZK . 25.59 -14.18 -11.32
C13 CLA ZK . 25.67 -12.66 -11.43
C14 CLA ZK . 24.29 -12.03 -11.38
C15 CLA ZK . 26.34 -12.21 -12.73
C16 CLA ZK . 27.78 -12.63 -12.91
C17 CLA ZK . 28.64 -12.26 -11.71
C18 CLA ZK . 30.11 -12.49 -11.98
C19 CLA ZK . 30.39 -13.98 -12.20
C20 CLA ZK . 30.99 -11.99 -10.84
MG CLA AL . 22.95 -13.27 -3.56
CHA CLA AL . 22.20 -14.07 -0.27
CHB CLA AL . 26.22 -13.09 -2.76
CHC CLA AL . 23.61 -12.08 -6.71
CHD CLA AL . 19.53 -13.04 -4.27
NA CLA AL . 24.04 -13.57 -1.83
C1A CLA AL . 23.62 -13.93 -0.62
C2A CLA AL . 24.68 -14.00 0.48
C3A CLA AL . 25.87 -13.41 -0.31
C4A CLA AL . 25.34 -13.32 -1.73
CMA CLA AL . 26.40 -12.12 0.28
CAA CLA AL . 24.89 -15.46 0.94
CBA CLA AL . 26.06 -15.74 1.89
CGA CLA AL . 25.88 -15.15 3.23
O1A CLA AL . 25.58 -15.82 4.22
O2A CLA AL . 26.07 -13.74 3.42
NB CLA AL . 24.64 -12.73 -4.57
C1B CLA AL . 25.91 -12.71 -4.12
C2B CLA AL . 26.92 -12.33 -5.13
C3B CLA AL . 26.14 -12.03 -6.30
C4B CLA AL . 24.75 -12.28 -5.84
CMB CLA AL . 28.38 -12.30 -4.97
CAB CLA AL . 26.54 -11.57 -7.66
CBB CLA AL . 27.75 -11.53 -8.11
NC CLA AL . 21.83 -12.70 -5.18
C1C CLA AL . 22.22 -12.23 -6.37
C2C CLA AL . 21.16 -11.92 -7.34
C3C CLA AL . 19.93 -12.21 -6.58
C4C CLA AL . 20.45 -12.66 -5.31
CMC CLA AL . 21.26 -11.41 -8.72
CAC CLA AL . 18.53 -12.04 -7.07
CBC CLA AL . 17.93 -10.73 -6.57
ND CLA AL . 21.26 -13.57 -2.51
C1D CLA AL . 19.90 -13.42 -2.95
C2D CLA AL . 18.96 -13.70 -1.83
C3D CLA AL . 19.89 -14.02 -0.75
C4D CLA AL . 21.18 -13.82 -1.22
CMD CLA AL . 17.49 -13.81 -1.73
CAD CLA AL . 20.04 -14.33 0.69
OBD CLA AL . 19.06 -14.57 1.52
CBD CLA AL . 21.50 -14.48 0.99
CGD CLA AL . 21.83 -13.75 2.25
O1D CLA AL . 22.25 -12.59 2.31
O2D CLA AL . 21.59 -14.50 3.44
CED CLA AL . 21.61 -13.86 4.71
C1 CLA AL . 25.66 -13.10 4.67
C2 CLA AL . 25.13 -11.70 4.39
C3 CLA AL . 25.96 -10.73 4.13
C4 CLA AL . 27.44 -10.91 4.13
C5 CLA AL . 25.44 -9.35 3.87
C6 CLA AL . 25.37 -8.98 2.38
C7 CLA AL . 24.93 -7.52 2.32
C8 CLA AL . 24.59 -7.10 0.89
C9 CLA AL . 25.85 -7.26 -0.04
C10 CLA AL . 24.08 -5.70 0.93
C11 CLA AL . 22.66 -5.67 1.49
C12 CLA AL . 22.28 -4.22 1.54
C13 CLA AL . 21.12 -3.84 2.45
C14 CLA AL . 21.38 -4.04 3.94
C15 CLA AL . 19.92 -4.60 1.95
C16 CLA AL . 18.65 -4.06 2.54
C17 CLA AL . 17.58 -4.84 1.79
C18 CLA AL . 16.26 -4.27 2.09
C19 CLA AL . 15.30 -5.24 1.44
C20 CLA AL . 16.16 -2.79 1.66
MG CLA BL . 19.83 -18.98 6.39
CHA CLA BL . 19.94 -21.25 9.03
CHB CLA BL . 20.54 -21.51 4.26
CHC CLA BL . 19.10 -16.88 3.81
CHD CLA BL . 18.65 -16.54 8.65
NA CLA BL . 20.27 -20.96 6.59
C1A CLA BL . 20.24 -21.69 7.68
C2A CLA BL . 20.45 -23.18 7.41
C3A CLA BL . 20.95 -23.18 5.98
C4A CLA BL . 20.59 -21.79 5.55
CMA CLA BL . 22.45 -23.42 5.88
CAA CLA BL . 19.17 -23.99 7.54
CBA CLA BL . 17.85 -23.41 6.91
CGA CLA BL . 17.13 -22.37 7.81
O1A CLA BL . 16.88 -22.53 9.01
O2A CLA BL . 16.67 -21.10 7.26
NB CLA BL . 19.88 -19.14 4.36
C1B CLA BL . 20.13 -20.24 3.62
C2B CLA BL . 20.09 -19.99 2.17
C3B CLA BL . 19.65 -18.64 2.10
C4B CLA BL . 19.56 -18.22 3.48
CMB CLA BL . 20.30 -20.96 1.07
CAB CLA BL . 19.48 -17.78 0.91
CBB CLA BL . 20.06 -18.05 -0.24
NC CLA BL . 19.12 -17.08 6.23
C1C CLA BL . 18.83 -16.38 5.12
C2C CLA BL . 18.26 -15.05 5.35
C3C CLA BL . 18.12 -14.97 6.77
C4C CLA BL . 18.61 -16.27 7.22
CMC CLA BL . 17.86 -13.96 4.40
CAC CLA BL . 17.54 -13.83 7.58
CBC CLA BL . 16.02 -13.96 7.71
ND CLA BL . 19.50 -18.88 8.38
C1D CLA BL . 18.95 -17.85 9.16
C2D CLA BL . 18.80 -18.25 10.57
C3D CLA BL . 19.19 -19.63 10.53
C4D CLA BL . 19.52 -19.92 9.22
CMD CLA BL . 18.36 -17.54 11.78
CAD CLA BL . 19.29 -20.91 11.28
OBD CLA BL . 19.04 -21.03 12.52
CBD CLA BL . 19.79 -21.99 10.37
CGD CLA BL . 21.04 -22.64 10.85
O1D CLA BL . 21.50 -23.70 10.42
O2D CLA BL . 21.81 -22.04 11.86
CED CLA BL . 22.97 -22.70 12.47
C1 CLA BL . 15.95 -20.14 8.04
C2 CLA BL . 15.85 -18.92 7.13
C3 CLA BL . 14.90 -18.75 6.25
C4 CLA BL . 13.79 -19.72 6.01
C5 CLA BL . 14.93 -17.52 5.45
C6 CLA BL . 13.63 -16.70 5.53
C7 CLA BL . 12.92 -16.49 4.16
C8 CLA BL . 12.56 -15.04 3.84
C9 CLA BL . 11.82 -14.36 4.97
C10 CLA BL . 11.74 -15.12 2.55
C11 CLA BL . 11.00 -13.83 2.18
C12 CLA BL . 9.46 -13.96 2.31
C13 CLA BL . 8.71 -13.92 0.96
C14 CLA BL . 9.18 -15.04 -0.01
C15 CLA BL . 8.71 -12.47 0.39
C16 CLA BL . 7.74 -11.55 1.15
C17 CLA BL . 7.75 -10.07 0.73
C18 CLA BL . 6.42 -9.51 0.21
C19 CLA BL . 5.17 -10.06 0.98
C20 CLA BL . 6.47 -9.59 -1.33
MG CLA CL . 32.34 -28.82 -9.01
CHA CLA CL . 30.06 -26.48 -7.88
CHB CLA CL . 30.88 -28.66 -12.16
CHC CLA CL . 34.06 -31.56 -9.92
CHD CLA CL . 33.38 -29.39 -5.65
NA CLA CL . 30.90 -27.69 -9.92
C1A CLA CL . 30.12 -26.76 -9.31
C2A CLA CL . 29.07 -26.13 -10.21
C3A CLA CL . 29.32 -26.88 -11.50
C4A CLA CL . 30.45 -27.82 -11.16
CMA CLA CL . 28.07 -27.61 -11.97
CAA CLA CL . 29.11 -24.61 -10.25
CBA CLA CL . 28.42 -23.90 -11.41
CGA CLA CL . 26.93 -23.96 -11.32
O1A CLA CL . 26.29 -24.32 -10.34
O2A CLA CL . 26.25 -23.53 -12.51
NB CLA CL . 32.50 -29.83 -10.72
C1B CLA CL . 31.77 -29.73 -11.89
C2B CLA CL . 32.11 -30.74 -12.95
C3B CLA CL . 33.05 -31.56 -12.20
C4B CLA CL . 33.21 -30.96 -10.89
CMB CLA CL . 31.57 -30.80 -14.35
CAB CLA CL . 33.81 -32.80 -12.63
CBB CLA CL . 33.72 -33.24 -13.81
NC CLA CL . 33.54 -30.16 -8.01
C1C CLA CL . 34.14 -31.25 -8.54
C2C CLA CL . 34.88 -32.12 -7.63
C3C CLA CL . 34.63 -31.44 -6.34
C4C CLA CL . 33.79 -30.31 -6.70
CMC CLA CL . 35.70 -33.36 -7.83
CAC CLA CL . 35.12 -31.84 -5.02
CBC CLA CL . 34.13 -32.84 -4.42
ND CLA CL . 31.95 -28.02 -7.21
C1D CLA CL . 32.39 -28.43 -5.90
C2D CLA CL . 31.70 -27.69 -4.83
C3D CLA CL . 30.76 -26.86 -5.65
C4D CLA CL . 30.93 -27.18 -6.97
CMD CLA CL . 31.84 -27.66 -3.33
CAD CLA CL . 29.67 -25.88 -5.64
OBD CLA CL . 29.18 -25.36 -4.54
CBD CLA CL . 29.21 -25.60 -7.03
CGD CLA CL . 27.76 -25.86 -7.14
O1D CLA CL . 27.31 -26.97 -7.34
O2D CLA CL . 26.91 -24.77 -7.01
CED CLA CL . 25.51 -25.01 -7.06
C1 CLA CL . 24.82 -23.51 -12.52
C2 CLA CL . 24.29 -24.88 -12.83
C3 CLA CL . 23.72 -25.31 -13.97
C4 CLA CL . 23.54 -24.46 -15.17
C5 CLA CL . 23.25 -26.75 -14.05
C6 CLA CL . 24.35 -27.52 -14.70
C7 CLA CL . 23.87 -28.92 -15.17
C8 CLA CL . 23.99 -29.92 -14.05
C9 CLA CL . 25.41 -30.01 -13.52
C10 CLA CL . 23.56 -31.33 -14.47
C11 CLA CL . 23.20 -32.10 -13.21
C12 CLA CL . 23.34 -33.60 -13.36
C13 CLA CL . 24.69 -34.14 -12.89
C14 CLA CL . 24.74 -35.58 -13.31
C15 CLA CL . 24.87 -34.04 -11.39
C16 CLA CL . 26.32 -34.11 -11.02
C17 CLA CL . 26.99 -32.76 -11.20
C18 CLA CL . 28.43 -32.77 -10.68
C19 CLA CL . 28.90 -31.37 -10.65
C20 CLA CL . 29.43 -33.63 -11.47
MG CLA DL . 24.82 -33.44 -7.51
CHA CLA DL . 23.63 -36.66 -7.45
CHB CLA DL . 21.99 -32.53 -9.27
CHC CLA DL . 26.22 -30.40 -7.93
CHD CLA DL . 27.94 -34.58 -6.35
NA CLA DL . 23.04 -34.32 -8.05
C1A CLA DL . 22.74 -35.60 -7.93
C2A CLA DL . 21.32 -35.97 -8.37
C3A CLA DL . 20.91 -34.70 -9.11
C4A CLA DL . 22.04 -33.77 -8.77
CMA CLA DL . 20.77 -34.90 -10.62
CAA CLA DL . 20.40 -36.31 -7.18
CBA CLA DL . 18.92 -36.59 -7.52
CGA CLA DL . 18.68 -37.88 -8.24
O1A CLA DL . 19.42 -38.77 -8.08
O2A CLA DL . 17.60 -38.20 -9.10
NB CLA DL . 24.18 -31.72 -8.33
C1B CLA DL . 23.07 -31.51 -9.12
C2B CLA DL . 22.96 -30.15 -9.71
C3B CLA DL . 24.22 -29.56 -9.29
C4B CLA DL . 24.90 -30.61 -8.52
CMB CLA DL . 21.81 -29.60 -10.50
CAB CLA DL . 24.81 -28.24 -9.50
CBB CLA DL . 24.31 -27.34 -10.26
NC CLA DL . 26.68 -32.64 -7.16
C1C CLA DL . 27.11 -31.41 -7.39
C2C CLA DL . 28.50 -31.12 -7.07
C3C CLA DL . 29.04 -32.38 -6.63
C4C CLA DL . 27.85 -33.23 -6.77
CMC CLA DL . 29.24 -29.83 -7.20
CAC CLA DL . 30.45 -32.71 -6.18
CBC CLA DL . 31.32 -33.04 -7.37
ND CLA DL . 25.60 -35.20 -6.93
C1D CLA DL . 26.89 -35.53 -6.54
C2D CLA DL . 27.05 -37.00 -6.32
C3D CLA DL . 25.70 -37.48 -6.67
C4D CLA DL . 24.99 -36.39 -7.11
CMD CLA DL . 28.15 -37.82 -5.78
CAD CLA DL . 24.78 -38.62 -6.80
OBD CLA DL . 25.10 -39.84 -6.57
CBD CLA DL . 23.45 -38.13 -7.32
CGD CLA DL . 23.18 -38.82 -8.61
O1D CLA DL . 22.41 -39.71 -8.66
O2D CLA DL . 23.87 -38.46 -9.79
CED CLA DL . 23.64 -39.15 -11.01
C1 CLA DL . 17.74 -38.28 -10.53
C2 CLA DL . 18.78 -39.27 -11.05
C3 CLA DL . 19.27 -39.35 -12.34
C4 CLA DL . 20.29 -40.42 -12.69
C5 CLA DL . 18.84 -38.40 -13.46
C6 CLA DL . 19.95 -37.38 -13.74
C7 CLA DL . 19.93 -36.84 -15.17
C8 CLA DL . 20.34 -35.35 -15.29
C9 CLA DL . 19.21 -34.48 -14.80
C10 CLA DL . 20.63 -35.05 -16.76
C11 CLA DL . 20.95 -33.58 -17.08
C12 CLA DL . 21.74 -33.49 -18.39
C13 CLA DL . 22.01 -32.06 -18.88
C14 CLA DL . 22.50 -32.06 -20.31
C15 CLA DL . 23.01 -31.35 -17.97
C1 BCR EL . 9.30 -3.14 -4.12
C2 BCR EL . 8.80 -1.74 -3.89
C3 BCR EL . 8.41 -1.45 -2.48
C4 BCR EL . 7.41 -2.40 -1.94
C5 BCR EL . 7.77 -3.83 -2.26
C6 BCR EL . 8.49 -4.12 -3.32
C7 BCR EL . 8.62 -5.54 -3.70
C8 BCR EL . 9.46 -6.25 -3.00
C9 BCR EL . 9.68 -7.70 -3.40
C10 BCR EL . 10.57 -8.47 -2.72
C11 BCR EL . 10.85 -9.90 -2.97
C33 BCR EL . 7.03 -4.83 -1.44
C31 BCR EL . 10.77 -3.21 -3.72
C32 BCR EL . 9.14 -3.43 -5.63
C34 BCR EL . 8.89 -8.30 -4.53
C12 BCR EL . 11.70 -10.57 -2.20
C13 BCR EL . 11.93 -12.05 -2.32
C14 BCR EL . 12.79 -12.59 -1.43
C15 BCR EL . 13.12 -14.00 -1.31
C16 BCR EL . 14.01 -14.49 -0.40
C17 BCR EL . 14.21 -15.95 -0.36
C18 BCR EL . 14.96 -16.58 0.60
C19 BCR EL . 15.07 -18.04 0.58
C20 BCR EL . 15.66 -18.81 1.53
C21 BCR EL . 15.63 -20.28 1.32
C22 BCR EL . 16.14 -21.19 2.21
C23 BCR EL . 16.04 -22.64 1.86
C24 BCR EL . 16.54 -23.62 2.62
C25 BCR EL . 16.52 -25.04 2.24
C26 BCR EL . 15.50 -25.64 1.63
C27 BCR EL . 15.64 -27.04 1.08
C28 BCR EL . 16.73 -27.81 1.79
C29 BCR EL . 18.00 -27.02 1.75
C30 BCR EL . 17.87 -25.70 2.45
C35 BCR EL . 11.19 -12.87 -3.32
C36 BCR EL . 15.78 -15.84 1.63
C37 BCR EL . 16.75 -20.81 3.52
C38 BCR EL . 14.16 -25.04 1.46
C39 BCR EL . 19.05 -24.90 1.86
C40 BCR EL . 18.07 -25.82 3.93
C1 BCR FL . 17.49 -4.53 -2.97
C2 BCR FL . 17.23 -3.04 -2.62
C3 BCR FL . 15.85 -2.58 -3.10
C4 BCR FL . 14.75 -3.38 -2.41
C5 BCR FL . 15.07 -4.86 -2.33
C6 BCR FL . 16.31 -5.41 -2.61
C7 BCR FL . 16.54 -6.90 -2.71
C8 BCR FL . 15.63 -7.76 -3.18
C9 BCR FL . 15.93 -9.20 -3.40
C10 BCR FL . 14.96 -9.89 -4.04
C11 BCR FL . 15.06 -11.29 -4.39
C33 BCR FL . 13.88 -5.63 -1.75
C31 BCR FL . 18.73 -4.87 -2.16
C32 BCR FL . 17.81 -4.68 -4.46
C34 BCR FL . 17.29 -9.76 -2.90
C12 BCR FL . 14.09 -11.88 -5.11
C13 BCR FL . 14.12 -13.32 -5.47
C14 BCR FL . 13.10 -13.88 -6.17
C15 BCR FL . 13.03 -15.30 -6.61
C16 BCR FL . 11.92 -15.70 -7.29
C17 BCR FL . 11.77 -17.10 -7.65
C18 BCR FL . 10.74 -17.71 -8.24
C19 BCR FL . 10.86 -19.19 -8.48
C20 BCR FL . 9.87 -19.97 -9.06
C21 BCR FL . 10.05 -21.44 -9.23
C22 BCR FL . 9.11 -22.32 -9.72
C23 BCR FL . 9.51 -23.76 -9.78
C24 BCR FL . 8.70 -24.72 -10.27
C25 BCR FL . 9.07 -26.20 -10.48
C26 BCR FL . 9.71 -27.02 -9.59
C27 BCR FL . 10.17 -28.41 -9.88
C28 BCR FL . 10.51 -28.46 -11.34
C29 BCR FL . 9.21 -28.19 -12.01
C30 BCR FL . 8.73 -26.75 -11.84
C35 BCR FL . 15.30 -14.16 -5.05
C36 BCR FL . 9.53 -17.01 -8.74
C37 BCR FL . 7.74 -21.77 -10.11
C38 BCR FL . 9.86 -26.63 -8.17
C39 BCR FL . 7.21 -26.67 -12.13
C40 BCR FL . 9.55 -25.88 -12.80
C1 BCR GL . 20.26 -25.86 -22.92
C2 BCR GL . 20.36 -26.07 -24.44
C3 BCR GL . 19.92 -27.43 -24.85
C4 BCR GL . 20.89 -28.42 -24.26
C5 BCR GL . 21.29 -28.10 -22.84
C6 BCR GL . 20.91 -26.99 -22.17
C7 BCR GL . 20.96 -26.81 -20.69
C8 BCR GL . 20.97 -27.82 -19.79
C9 BCR GL . 20.80 -27.53 -18.35
C10 BCR GL . 20.36 -28.55 -17.58
C11 BCR GL . 20.12 -28.46 -16.14
C33 BCR GL . 22.25 -29.12 -22.28
C31 BCR GL . 18.79 -25.75 -22.46
C32 BCR GL . 20.95 -24.54 -22.64
C34 BCR GL . 21.15 -26.16 -17.85
C12 BCR GL . 19.82 -29.57 -15.47
C13 BCR GL . 19.50 -29.56 -14.01
C14 BCR GL . 18.99 -30.73 -13.47
C15 BCR GL . 18.52 -30.96 -12.08
C16 BCR GL . 18.06 -32.14 -11.70
C17 BCR GL . 17.58 -32.34 -10.33
C18 BCR GL . 17.11 -33.52 -9.83
C19 BCR GL . 16.62 -33.57 -8.46
C20 BCR GL . 16.16 -34.65 -7.80
C21 BCR GL . 15.67 -34.46 -6.43
C22 BCR GL . 15.23 -35.44 -5.58
C23 BCR GL . 14.77 -35.09 -4.25
C24 BCR GL . 14.23 -35.96 -3.40
C25 BCR GL . 13.80 -35.49 -2.07
C26 BCR GL . 13.04 -34.39 -1.96
C27 BCR GL . 12.53 -33.95 -0.60
C28 BCR GL . 13.29 -34.54 0.59
C29 BCR GL . 13.52 -36.00 0.38
C30 BCR GL . 14.28 -36.33 -0.90
C35 BCR GL . 19.64 -28.31 -13.19
C36 BCR GL . 17.08 -34.79 -10.67
C37 BCR GL . 15.19 -36.87 -6.05
C38 BCR GL . 12.43 -33.63 -3.10
C39 BCR GL . 14.09 -37.87 -1.12
C40 BCR GL . 15.77 -35.91 -0.74
C1 LMG HL . 7.64 2.30 -9.55
O1 LMG HL . 8.96 2.14 -9.05
C2 LMG HL . 7.22 3.79 -9.36
O2 LMG HL . 7.30 4.19 -7.95
C3 LMG HL . 5.82 4.06 -9.86
O3 LMG HL . 5.53 5.47 -9.71
C4 LMG HL . 5.75 3.54 -11.34
O4 LMG HL . 6.59 4.38 -12.17
C5 LMG HL . 6.24 2.08 -11.43
O5 LMG HL . 6.56 0.15 -12.81
C6 LMG HL . 6.11 1.53 -12.83
O6 LMG HL . 7.62 1.93 -10.93
C7 LMG HL . 9.35 0.79 -8.71
C8 LMG HL . 10.14 0.88 -7.42
C9 LMG HL . 9.24 1.19 -6.24
O7 LMG HL . 10.67 -0.35 -7.10
C10 LMG HL . 11.95 -0.77 -7.60
O9 LMG HL . 12.30 -0.08 -8.50
C11 LMG HL . 12.68 -1.99 -7.07
C12 LMG HL . 14.14 -2.07 -7.48
C13 LMG HL . 15.12 -1.12 -6.83
C14 LMG HL . 16.52 -1.28 -7.47
C15 LMG HL . 17.60 -0.96 -6.48
C16 LMG HL . 18.96 -0.55 -7.03
C17 LMG HL . 20.09 -1.02 -6.11
C18 LMG HL . 20.05 -0.41 -4.71
C19 LMG HL . 21.31 -0.71 -3.92
C20 LMG HL . 21.08 -0.46 -2.45
C21 LMG HL . 22.38 -0.73 -1.67
C22 LMG HL . 22.21 -0.33 -0.21
C23 LMG HL . 23.41 -0.72 0.61
C24 LMG HL . 23.15 -0.15 1.98
C25 LMG HL . 24.07 -0.69 3.01
O8 LMG HL . 10.18 1.53 -5.16
C28 LMG HL . 9.65 2.17 -4.03
O10 LMG HL . 8.48 2.10 -4.00
C29 LMG HL . 10.39 2.90 -2.94
C30 LMG HL . 11.78 2.47 -2.81
C31 LMG HL . 11.83 1.00 -2.54
C32 LMG HL . 12.99 0.67 -1.64
C33 LMG HL . 12.48 0.15 -0.33
C34 LMG HL . 12.13 -1.28 -0.35
C35 LMG HL . 12.41 -1.90 1.01
C36 LMG HL . 11.17 -2.26 1.74
C37 LMG HL . 10.54 -3.51 1.21
C38 LMG HL . 11.00 -4.69 2.04
C39 LMG HL . 10.98 -5.86 1.07
C40 LMG HL . 10.87 -7.09 1.89
C41 LMG HL . 11.68 -8.22 1.35
C42 LMG HL . 10.85 -9.50 1.45
C43 LMG HL . 11.65 -10.66 2.05
C1B LMT IL . 58.52 -18.65 9.42
C2B LMT IL . 57.88 -17.91 10.60
C3B LMT IL . 58.62 -16.63 11.01
C4B LMT IL . 60.15 -16.78 10.99
C5B LMT IL . 60.69 -17.59 9.79
C6B LMT IL . 62.18 -17.94 9.92
O1B LMT IL . 58.24 -17.92 8.20
O2B LMT IL . 56.51 -17.59 10.25
O3B LMT IL . 58.05 -16.14 12.30
O4' LMT IL . 60.74 -15.47 10.94
O5B LMT IL . 59.94 -18.81 9.62
O6B LMT IL . 62.56 -18.99 9.00
C1' LMT IL . 57.21 -18.39 4.49
C2' LMT IL . 57.60 -19.77 5.06
C3' LMT IL . 57.90 -19.70 6.58
C4' LMT IL . 58.71 -18.45 6.95
C5' LMT IL . 58.52 -17.22 6.05
C6' LMT IL . 59.71 -16.25 6.02
O1' LMT IL . 57.06 -18.35 3.07
O2' LMT IL . 56.60 -20.80 4.85
O3' LMT IL . 58.57 -20.91 6.99
O5' LMT IL . 58.27 -17.46 4.69
O6' LMT IL . 60.95 -16.86 5.60
C1 LMT IL . 56.34 -17.20 2.63
C2 LMT IL . 55.75 -17.45 1.28
C3 LMT IL . 55.07 -16.16 0.89
C4 LMT IL . 54.35 -16.26 -0.44
C5 LMT IL . 54.49 -14.96 -1.23
C6 LMT IL . 54.03 -15.18 -2.67
C7 LMT IL . 54.39 -13.96 -3.49
C8 LMT IL . 53.73 -14.10 -4.85
C9 LMT IL . 54.53 -13.49 -5.95
C10 LMT IL . 54.33 -12.00 -6.01
C11 LMT IL . 55.27 -11.33 -7.01
C12 LMT IL . 54.67 -11.39 -8.38
C1 HTG JL . 5.30 21.11 -24.20
S1 HTG JL . 6.43 22.03 -25.30
C2 HTG JL . 4.66 19.82 -24.84
O2 HTG JL . 3.62 20.26 -25.77
C3 HTG JL . 4.15 18.78 -23.84
O3 HTG JL . 3.95 17.52 -24.46
C4 HTG JL . 5.09 18.58 -22.66
O4 HTG JL . 4.45 17.73 -21.63
C5 HTG JL . 5.43 19.98 -22.07
O5 HTG JL . 6.02 20.88 -23.00
C6 HTG JL . 6.43 19.98 -20.94
O6 HTG JL . 6.35 21.25 -20.22
C1' HTG JL . 6.51 23.63 -24.52
C2' HTG JL . 5.26 24.46 -24.28
C3' HTG JL . 4.66 25.21 -25.44
C4' HTG JL . 3.33 25.75 -24.93
C5' HTG JL . 2.95 27.00 -25.70
C6' HTG JL . 1.59 27.59 -25.27
C7' HTG JL . 0.43 27.28 -26.21
C1 HTG KL . 44.00 -16.41 -36.13
S1 HTG KL . 43.12 -17.04 -34.71
C2 HTG KL . 42.93 -15.82 -37.08
O2 HTG KL . 42.00 -16.85 -37.52
C3 HTG KL . 43.59 -15.04 -38.24
O3 HTG KL . 42.57 -14.46 -39.10
C4 HTG KL . 44.62 -14.02 -37.67
O4 HTG KL . 45.33 -13.19 -38.65
C5 HTG KL . 45.67 -14.80 -36.83
O5 HTG KL . 45.03 -15.47 -35.73
C6 HTG KL . 46.81 -13.91 -36.34
O6 HTG KL . 47.90 -13.92 -37.26
C1' HTG KL . 44.18 -16.57 -33.39
C2' HTG KL . 43.71 -17.34 -32.18
C3' HTG KL . 44.42 -16.76 -30.99
C4' HTG KL . 44.69 -17.85 -29.97
C5' HTG KL . 44.92 -17.17 -28.64
C6' HTG KL . 45.40 -18.21 -27.66
C7' HTG KL . 45.80 -17.54 -26.36
C1 GOL LL . 25.72 20.69 -22.36
O1 GOL LL . 25.48 21.47 -23.55
C2 GOL LL . 27.07 20.88 -21.64
O2 GOL LL . 28.26 20.26 -22.20
C3 GOL LL . 27.48 22.32 -21.67
O3 GOL LL . 26.73 23.00 -20.66
C1 GOL ML . 13.75 49.76 -18.88
O1 GOL ML . 14.74 49.46 -19.89
C2 GOL ML . 13.41 48.58 -17.97
O2 GOL ML . 14.60 47.88 -17.54
C3 GOL ML . 12.64 49.10 -16.76
O3 GOL ML . 12.14 47.88 -16.10
C1 GOL NL . 35.88 -29.15 3.95
O1 GOL NL . 34.68 -28.42 3.82
C2 GOL NL . 36.99 -28.24 3.42
O2 GOL NL . 38.19 -29.06 3.24
C3 GOL NL . 37.15 -27.03 4.39
O3 GOL NL . 38.30 -26.06 4.26
C1 GOL OL . 21.60 50.82 -7.66
O1 GOL OL . 22.59 51.58 -8.45
C2 GOL OL . 20.31 50.71 -8.47
O2 GOL OL . 20.64 50.25 -9.79
C3 GOL OL . 19.57 52.06 -8.51
O3 GOL OL . 19.00 52.46 -7.21
C1 GOL PL . 15.41 0.92 -30.96
O1 GOL PL . 15.94 1.67 -29.89
C2 GOL PL . 15.12 -0.54 -30.54
O2 GOL PL . 15.45 -1.34 -31.66
C3 GOL PL . 15.96 -1.12 -29.37
O3 GOL PL . 15.63 -0.70 -28.04
C1 GOL QL . 4.14 11.39 -7.88
O1 GOL QL . 5.17 10.83 -8.65
C2 GOL QL . 2.89 10.49 -7.95
O2 GOL QL . 2.42 10.52 -9.29
C3 GOL QL . 3.17 9.04 -7.56
O3 GOL QL . 1.90 8.31 -7.51
C1 HTG RL . 6.30 -21.15 -29.41
S1 HTG RL . 6.18 -22.57 -28.32
C2 HTG RL . 7.07 -21.52 -30.67
O2 HTG RL . 8.35 -22.01 -30.28
C3 HTG RL . 7.23 -20.31 -31.59
O3 HTG RL . 7.71 -20.87 -32.80
C4 HTG RL . 5.96 -19.46 -31.89
O4 HTG RL . 6.38 -18.19 -32.51
C5 HTG RL . 5.12 -19.32 -30.58
O5 HTG RL . 5.06 -20.60 -29.87
C6 HTG RL . 3.69 -18.73 -30.71
O6 HTG RL . 2.96 -18.55 -29.44
C1' HTG RL . 5.52 -21.87 -26.85
C2' HTG RL . 4.86 -22.97 -26.01
C3' HTG RL . 4.94 -22.63 -24.56
C4' HTG RL . 4.19 -23.62 -23.76
C5' HTG RL . 4.67 -23.58 -22.34
C6' HTG RL . 4.11 -24.76 -21.56
C7' HTG RL . 4.99 -25.20 -20.42
C1 HTG SL . 10.76 -24.29 -32.85
S1 HTG SL . 9.39 -24.17 -31.73
C2 HTG SL . 10.42 -23.39 -34.07
O2 HTG SL . 9.34 -23.96 -34.82
C3 HTG SL . 11.58 -23.10 -35.02
O3 HTG SL . 11.23 -21.93 -35.80
C4 HTG SL . 12.91 -22.81 -34.27
O4 HTG SL . 14.03 -22.92 -35.12
C5 HTG SL . 13.19 -23.70 -33.05
O5 HTG SL . 12.02 -23.92 -32.20
C6 HTG SL . 14.38 -23.05 -32.28
O6 HTG SL . 13.94 -22.57 -31.04
C1' HTG SL . 9.78 -25.25 -30.36
C2' HTG SL . 8.77 -25.20 -29.19
C3' HTG SL . 9.20 -26.16 -28.06
C4' HTG SL . 8.36 -26.08 -26.79
C5' HTG SL . 9.05 -26.69 -25.56
C6' HTG SL . 8.25 -26.44 -24.27
C7' HTG SL . 8.99 -26.79 -22.98
O6 SQD TL . 13.25 -31.58 7.96
C44 SQD TL . 14.12 -30.57 7.38
C45 SQD TL . 13.47 -29.22 6.98
C46 SQD TL . 12.82 -28.55 8.23
O47 SQD TL . 14.44 -28.48 6.16
C7 SQD TL . 15.38 -27.48 6.69
O49 SQD TL . 16.40 -27.81 7.31
C8 SQD TL . 15.15 -26.00 6.44
C9 SQD TL . 13.83 -25.60 5.79
C10 SQD TL . 13.80 -24.08 5.72
C11 SQD TL . 12.48 -23.45 5.36
C12 SQD TL . 12.56 -22.50 4.17
C13 SQD TL . 11.39 -21.54 4.06
C14 SQD TL . 11.51 -20.59 2.85
C15 SQD TL . 11.45 -21.39 1.55
C16 SQD TL . 11.02 -20.58 0.35
C17 SQD TL . 11.31 -21.35 -0.92
C18 SQD TL . 11.41 -20.34 -2.04
C19 SQD TL . 11.70 -21.07 -3.34
C20 SQD TL . 12.25 -20.13 -4.43
C21 SQD TL . 13.20 -20.88 -5.33
C22 SQD TL . 12.46 -21.94 -6.16
O48 SQD TL . 11.41 -28.81 8.27
C23 SQD TL . 10.55 -27.65 8.48
O10 SQD TL . 10.25 -27.41 9.62
C24 SQD TL . 10.02 -26.76 7.37
C25 SQD TL . 9.06 -25.64 7.81
C26 SQD TL . 8.87 -24.64 6.66
C27 SQD TL . 7.67 -23.69 6.69
C28 SQD TL . 6.83 -23.75 5.38
C29 SQD TL . 6.79 -22.44 4.60
C30 SQD TL . 6.20 -22.53 3.18
C31 SQD TL . 6.22 -21.18 2.50
C32 SQD TL . 5.06 -20.39 3.12
C33 SQD TL . 5.35 -18.89 3.38
C34 SQD TL . 4.18 -18.11 4.06
C35 SQD TL . 4.37 -16.59 4.13
C36 SQD TL . 5.02 -16.17 5.40
C37 SQD TL . 6.15 -15.23 5.02
C38 SQD TL . 6.99 -14.82 6.22
C1 SQD TL . 13.74 -32.08 9.22
C2 SQD TL . 13.28 -33.47 9.65
O2 SQD TL . 11.85 -33.67 9.63
C3 SQD TL . 13.97 -33.73 11.02
O3 SQD TL . 14.81 -34.90 10.91
C4 SQD TL . 14.99 -32.66 11.57
O4 SQD TL . 14.43 -31.67 12.44
C5 SQD TL . 15.74 -31.91 10.46
C6 SQD TL . 17.25 -32.14 10.54
O5 SQD TL . 15.17 -32.29 9.18
S SQD TL . 18.17 -31.30 9.42
O7 SQD TL . 19.54 -31.29 9.94
O8 SQD TL . 18.10 -32.09 7.98
O9 SQD TL . 17.72 -29.94 9.20
O1 PG4 UL . 50.40 -28.24 -18.45
C1 PG4 UL . 51.14 -28.66 -17.27
C2 PG4 UL . 51.95 -29.97 -17.47
O2 PG4 UL . 52.52 -30.54 -16.26
C3 PG4 UL . 53.35 -31.70 -16.48
C4 PG4 UL . 53.36 -32.70 -15.30
O3 PG4 UL . 52.10 -33.38 -15.21
C5 PG4 UL . 52.04 -34.65 -14.54
C6 PG4 UL . 51.17 -35.61 -15.36
O4 PG4 UL . 51.72 -35.81 -16.68
C7 PG4 UL . 51.57 -37.11 -17.30
C8 PG4 UL . 50.44 -37.08 -18.33
O5 PG4 UL . 49.26 -36.48 -17.77
O1 PG4 VL . 52.36 -23.66 -18.21
C1 PG4 VL . 53.17 -24.86 -18.17
C2 PG4 VL . 54.16 -24.91 -16.98
O2 PG4 VL . 54.69 -26.22 -16.64
C3 PG4 VL . 55.68 -26.26 -15.56
C4 PG4 VL . 55.33 -27.20 -14.35
O3 PG4 VL . 56.28 -28.30 -14.25
C5 PG4 VL . 57.12 -28.39 -13.09
C6 PG4 VL . 56.43 -29.27 -12.07
O4 PG4 VL . 56.10 -30.53 -12.68
C7 PG4 VL . 55.24 -31.38 -11.92
C8 PG4 VL . 55.64 -32.82 -12.26
O5 PG4 VL . 54.49 -33.66 -12.48
O1 PG4 WL . 36.90 -31.54 -16.35
C1 PG4 WL . 37.15 -32.66 -15.49
C2 PG4 WL . 38.33 -33.45 -16.04
O2 PG4 WL . 39.14 -34.05 -15.00
C3 PG4 WL . 40.32 -34.71 -15.54
C4 PG4 WL . 41.23 -35.45 -14.53
O3 PG4 WL . 42.49 -35.86 -15.16
C5 PG4 WL . 43.61 -36.15 -14.30
C6 PG4 WL . 44.22 -37.51 -14.68
O4 PG4 WL . 45.05 -38.04 -13.63
C7 PG4 WL . 44.36 -38.71 -12.55
C8 PG4 WL . 45.07 -38.47 -11.20
O5 PG4 WL . 44.19 -38.60 -10.09
O1 PG4 XL . 52.70 -33.92 -20.16
C1 PG4 XL . 51.64 -32.94 -20.13
C2 PG4 XL . 50.57 -33.15 -21.21
O2 PG4 XL . 49.32 -32.43 -20.95
C3 PG4 XL . 48.38 -32.42 -22.06
C4 PG4 XL . 46.93 -32.79 -21.67
O3 PG4 XL . 46.06 -32.85 -22.83
C5 PG4 XL . 44.65 -33.03 -22.54
C6 PG4 XL . 43.75 -32.81 -23.77
O4 PG4 XL . 43.34 -31.44 -23.85
C7 PG4 XL . 41.93 -31.18 -23.98
C8 PG4 XL . 41.72 -29.72 -24.36
O5 PG4 XL . 40.34 -29.48 -24.64
C1 PGE YL . 32.11 -26.02 -26.59
O1 PGE YL . 31.98 -25.81 -25.16
C2 PGE YL . 30.94 -26.84 -27.18
O2 PGE YL . 30.37 -26.30 -28.40
C3 PGE YL . 29.77 -27.24 -29.35
C4 PGE YL . 29.12 -26.58 -30.59
O4 PGE YL . 28.44 -26.44 -35.42
C6 PGE YL . 28.63 -27.21 -34.19
C5 PGE YL . 29.19 -26.41 -33.01
O3 PGE YL . 29.53 -27.21 -31.84
C1 PGE ZL . 25.50 -29.13 -31.32
O1 PGE ZL . 26.24 -29.95 -30.39
C2 PGE ZL . 25.25 -29.95 -32.57
O2 PGE ZL . 25.37 -29.13 -33.74
C3 PGE ZL . 25.46 -29.89 -34.96
C4 PGE ZL . 24.96 -29.04 -36.13
O4 PGE ZL . 23.31 -27.67 -38.45
C6 PGE ZL . 24.71 -27.35 -38.51
C5 PGE ZL . 25.30 -26.87 -37.17
O3 PGE ZL . 25.85 -27.94 -36.36
C1 PGE AM . 25.15 -26.97 -25.90
O1 PGE AM . 25.42 -27.53 -24.59
C2 PGE AM . 24.54 -28.01 -26.84
O2 PGE AM . 23.75 -27.40 -27.87
C3 PGE AM . 22.72 -28.25 -28.37
C4 PGE AM . 21.95 -27.64 -29.54
O4 PGE AM . 21.52 -28.77 -33.21
C6 PGE AM . 20.81 -29.35 -32.11
C5 PGE AM . 20.28 -28.24 -31.19
O3 PGE AM . 20.77 -28.40 -29.86
C1 PGE BM . 12.51 -31.21 -24.55
O1 PGE BM . 12.26 -30.16 -23.65
C2 PGE BM . 11.72 -30.83 -25.78
O2 PGE BM . 12.31 -29.67 -26.33
C3 PGE BM . 12.32 -29.78 -27.75
C4 PGE BM . 12.97 -28.57 -28.38
O4 PGE BM . 12.37 -27.90 -32.97
C6 PGE BM . 11.91 -28.81 -31.95
C5 PGE BM . 11.95 -28.25 -30.51
O3 PGE BM . 13.04 -28.83 -29.79
C1 PGE CM . 13.40 -25.00 -21.67
O1 PGE CM . 12.51 -25.71 -20.82
C2 PGE CM . 14.09 -25.93 -22.67
O2 PGE CM . 13.78 -25.47 -23.99
C3 PGE CM . 14.53 -26.12 -25.03
C4 PGE CM . 14.13 -25.57 -26.41
O4 PGE CM . 15.77 -25.88 -30.94
C6 PGE CM . 15.91 -25.33 -29.62
C5 PGE CM . 14.68 -25.60 -28.75
O3 PGE CM . 15.08 -26.00 -27.43
C1 PGE DM . 39.92 -20.64 -33.13
O1 PGE DM . 41.05 -20.31 -32.30
C2 PGE DM . 39.25 -19.46 -33.85
O2 PGE DM . 37.83 -19.67 -34.10
C3 PGE DM . 37.26 -19.00 -35.25
C4 PGE DM . 35.98 -18.20 -34.94
O4 PGE DM . 33.81 -15.56 -37.72
C6 PGE DM . 34.73 -16.60 -38.17
C5 PGE DM . 35.74 -17.03 -37.07
O3 PGE DM . 35.20 -18.00 -36.14
C1 PGE EM . 50.81 -16.81 -27.45
O1 PGE EM . 50.37 -16.63 -26.10
C2 PGE EM . 49.65 -16.51 -28.38
O2 PGE EM . 50.13 -16.25 -29.71
C3 PGE EM . 49.10 -16.44 -30.71
C4 PGE EM . 49.71 -16.60 -32.11
O4 PGE EM . 49.06 -18.12 -36.44
C6 PGE EM . 48.25 -17.40 -35.49
C5 PGE EM . 49.10 -16.70 -34.43
O3 PGE EM . 48.76 -17.08 -33.08
C1 PGE FM . 45.06 -34.96 -19.25
O1 PGE FM . 46.26 -35.72 -19.10
C2 PGE FM . 44.25 -35.03 -17.96
O2 PGE FM . 43.27 -33.99 -17.89
C3 PGE FM . 42.32 -33.97 -18.97
C4 PGE FM . 41.02 -33.25 -18.63
O4 PGE FM . 39.92 -34.25 -22.88
C6 PGE FM . 40.61 -34.13 -21.63
C5 PGE FM . 39.68 -33.52 -20.60
O3 PGE FM . 40.41 -32.63 -19.77
C1 PGE GM . 36.01 -22.88 -34.58
O1 PGE GM . 36.33 -23.84 -33.58
C2 PGE GM . 36.68 -23.18 -35.93
O2 PGE GM . 36.02 -22.48 -37.01
C3 PGE GM . 36.31 -22.89 -38.37
C4 PGE GM . 35.02 -23.39 -39.03
O4 PGE GM . 32.80 -21.67 -41.86
C6 PGE GM . 33.57 -22.78 -42.35
C5 PGE GM . 33.90 -23.70 -41.16
O3 PGE GM . 35.04 -23.18 -40.45
C1 PGE HM . 40.35 -24.69 -27.88
O1 PGE HM . 39.30 -25.65 -27.82
C2 PGE HM . 41.35 -25.09 -28.96
O2 PGE HM . 40.66 -25.32 -30.20
C3 PGE HM . 40.94 -24.42 -31.29
C4 PGE HM . 39.82 -24.44 -32.34
O4 PGE HM . 40.14 -25.45 -36.66
C6 PGE HM . 39.66 -26.27 -35.59
C5 PGE HM . 39.13 -25.40 -34.45
O3 PGE HM . 40.12 -25.32 -33.42
O1 P6G IM . 25.41 -27.56 -18.87
C2 P6G IM . 25.09 -26.60 -19.87
C3 P6G IM . 26.00 -25.38 -19.73
O4 P6G IM . 25.44 -24.21 -20.36
C5 P6G IM . 25.86 -23.99 -21.73
C6 P6G IM . 25.38 -22.67 -22.33
O7 P6G IM . 24.93 -22.90 -23.68
C8 P6G IM . 23.75 -22.23 -24.19
C9 P6G IM . 23.25 -23.02 -25.39
O10 P6G IM . 21.99 -22.62 -25.94
C11 P6G IM . 21.74 -23.39 -27.14
C12 P6G IM . 20.31 -23.41 -27.62
O13 P6G IM . 20.24 -24.27 -28.79
C14 P6G IM . 19.04 -24.06 -29.50
C15 P6G IM . 19.09 -24.87 -30.79
O16 P6G IM . 18.11 -24.41 -31.73
C17 P6G IM . 18.54 -23.33 -32.58
C18 P6G IM . 19.20 -23.88 -33.85
O19 P6G IM . 20.27 -23.01 -34.23
O1 P6G JM . 14.59 -34.72 -14.79
C2 P6G JM . 15.50 -33.66 -15.07
C3 P6G JM . 15.12 -32.97 -16.38
O4 P6G JM . 16.32 -32.60 -17.07
C5 P6G JM . 16.09 -31.75 -18.20
C6 P6G JM . 17.36 -31.74 -19.06
O7 P6G JM . 17.61 -30.42 -19.52
C8 P6G JM . 18.18 -30.34 -20.84
C9 P6G JM . 17.06 -30.32 -21.86
O10 P6G JM . 17.58 -30.16 -23.19
C11 P6G JM . 16.74 -30.69 -24.22
C12 P6G JM . 16.87 -29.86 -25.50
O13 P6G JM . 16.97 -30.70 -26.67
C14 P6G JM . 18.26 -30.74 -27.27
C15 P6G JM . 18.46 -29.54 -28.20
O16 P6G JM . 17.22 -28.84 -28.34
C17 P6G JM . 16.67 -28.63 -29.64
C18 P6G JM . 16.38 -29.90 -30.43
O19 P6G JM . 16.68 -29.63 -31.81
MG CLA KM . 30.43 49.20 38.79
CHA CLA KM . 31.15 51.05 35.94
CHB CLA KM . 27.74 47.90 37.25
CHC CLA KM . 29.95 47.13 41.46
CHD CLA KM . 33.45 50.21 40.22
NA CLA KM . 29.53 49.46 36.98
C1A CLA KM . 29.95 50.18 35.96
C2A CLA KM . 29.22 50.00 34.67
C3A CLA KM . 28.03 49.16 35.13
C4A CLA KM . 28.45 48.80 36.57
CMA CLA KM . 26.73 49.98 35.13
CAA CLA KM . 30.03 49.36 33.52
CBA CLA KM . 30.83 48.10 33.89
CGA CLA KM . 30.00 46.86 33.71
O1A CLA KM . 29.59 46.45 32.61
O2A CLA KM . 29.78 46.10 34.88
NB CLA KM . 29.04 47.79 39.31
C1B CLA KM . 28.02 47.31 38.57
C2B CLA KM . 27.17 46.28 39.21
C3B CLA KM . 27.90 46.05 40.47
C4B CLA KM . 29.00 47.02 40.39
CMB CLA KM . 25.95 45.61 38.67
CAB CLA KM . 27.66 45.19 41.67
CBB CLA KM . 26.53 44.65 41.90
NC CLA KM . 31.44 48.82 40.52
C1C CLA KM . 31.14 47.92 41.48
C2C CLA KM . 32.10 47.74 42.57
C3C CLA KM . 33.14 48.66 42.18
C4C CLA KM . 32.65 49.23 40.91
CMC CLA KM . 32.09 46.87 43.77
CAC CLA KM . 34.47 48.89 42.85
CBC CLA KM . 35.40 47.89 42.16
ND CLA KM . 31.92 50.44 38.24
C1D CLA KM . 33.14 50.75 38.93
C2D CLA KM . 33.95 51.69 38.16
C3D CLA KM . 33.15 51.85 36.94
C4D CLA KM . 32.05 51.06 37.06
CMD CLA KM . 35.25 52.38 38.41
CAD CLA KM . 33.01 52.45 35.61
OBD CLA KM . 33.88 53.20 35.12
CBD CLA KM . 31.74 51.97 34.97
CGD CLA KM . 30.80 53.11 34.74
O1D CLA KM . 29.75 53.35 35.28
O2D CLA KM . 31.14 54.09 33.84
CED CLA KM . 30.44 55.36 34.00
C1 CLA KM . 29.08 44.84 34.70
C2 CLA KM . 28.78 44.39 36.12
C3 CLA KM . 28.84 43.17 36.60
C4 CLA KM . 29.25 42.03 35.73
C5 CLA KM . 28.56 42.88 38.06
C6 CLA KM . 27.34 41.99 38.29
C7 CLA KM . 27.25 41.62 39.71
C8 CLA KM . 26.01 40.75 39.97
C9 CLA KM . 24.70 41.51 39.75
C10 CLA KM . 26.01 40.16 41.38
C11 CLA KM . 27.10 39.15 41.70
C12 CLA KM . 27.07 38.73 43.19
C13 CLA KM . 28.13 37.71 43.51
C14 CLA KM . 27.86 36.42 42.72
C15 CLA KM . 28.23 37.40 45.03
C16 CLA KM . 26.99 36.84 45.74
C17 CLA KM . 27.43 36.21 47.06
C18 CLA KM . 26.38 36.09 48.11
C19 CLA KM . 26.87 35.28 49.29
C20 CLA KM . 25.18 35.41 47.62
MG CLA LM . 37.55 41.37 31.78
CHA CLA LM . 35.63 44.17 31.82
CHB CLA LM . 40.05 43.19 30.30
CHC CLA LM . 39.53 38.57 31.86
CHD CLA LM . 35.23 39.66 33.81
NA CLA LM . 37.81 43.30 31.15
C1A CLA LM . 36.95 44.28 31.21
C2A CLA LM . 37.46 45.63 30.71
C3A CLA LM . 38.82 45.29 30.20
C4A CLA LM . 38.93 43.83 30.60
CMA CLA LM . 38.99 45.47 28.66
CAA CLA LM . 37.54 46.71 31.79
CBA CLA LM . 38.23 46.21 33.06
CGA CLA LM . 38.12 47.13 34.22
O1A CLA LM . 38.02 48.34 34.18
O2A CLA LM . 38.12 46.46 35.46
NB CLA LM . 39.43 40.93 31.12
C1B CLA LM . 40.34 41.76 30.57
C2B CLA LM . 41.64 41.13 30.22
C3B CLA LM . 41.46 39.78 30.69
C4B CLA LM . 40.11 39.77 31.25
CMB CLA LM . 42.83 41.72 29.54
CAB CLA LM . 42.34 38.62 30.56
CBB CLA LM . 43.30 38.52 29.68
NC CLA LM . 37.39 39.49 32.59
C1C CLA LM . 38.29 38.51 32.59
C2C CLA LM . 37.89 37.25 33.25
C3C CLA LM . 36.63 37.59 33.79
C4C CLA LM . 36.44 38.98 33.38
CMC CLA LM . 38.61 35.92 33.39
CAC CLA LM . 35.72 36.68 34.55
CBC CLA LM . 34.94 35.82 33.56
ND CLA LM . 35.78 41.81 32.63
C1D CLA LM . 34.94 41.02 33.47
C2D CLA LM . 33.70 41.76 33.75
C3D CLA LM . 33.96 43.04 33.08
C4D CLA LM . 35.20 43.01 32.54
CMD CLA LM . 32.47 41.38 34.52
CAD CLA LM . 33.52 44.40 32.74
OBD CLA LM . 32.38 44.86 33.09
CBD CLA LM . 34.53 45.13 31.92
CGD CLA LM . 33.95 45.35 30.52
O1D CLA LM . 34.24 46.28 29.78
O2D CLA LM . 33.03 44.34 30.06
CED CLA LM . 32.60 44.39 28.68
C1 CLA LM . 37.76 47.17 36.60
C2 CLA LM . 38.89 47.44 37.54
C3 CLA LM . 38.92 46.98 38.80
C4 CLA LM . 37.88 46.11 39.40
C5 CLA LM . 40.07 47.36 39.72
C6 CLA LM . 39.72 48.51 40.66
C7 CLA LM . 39.27 49.75 39.89
C8 CLA LM . 38.93 50.98 40.75
C9 CLA LM . 37.75 50.76 41.66
C10 CLA LM . 38.64 52.16 39.82
C11 CLA LM . 38.25 53.47 40.45
C12 CLA LM . 38.15 54.54 39.34
C13 CLA LM . 37.59 55.90 39.84
C14 CLA LM . 36.98 56.71 38.70
C15 CLA LM . 38.69 56.77 40.44
C16 CLA LM . 38.27 58.16 40.96
C17 CLA LM . 39.45 58.75 41.78
C18 CLA LM . 39.23 60.16 42.28
C19 CLA LM . 38.06 60.25 43.19
C20 CLA LM . 39.11 61.11 41.12
MG CLA MM . 42.59 50.27 37.67
CHA CLA MM . 41.12 50.32 34.56
CHB CLA MM . 41.75 53.48 38.11
CHC CLA MM . 43.49 49.95 40.98
CHD CLA MM . 43.32 46.81 37.23
NA CLA MM . 41.60 51.71 36.58
C1A CLA MM . 41.07 51.55 35.39
C2A CLA MM . 40.35 52.76 34.83
C3A CLA MM . 40.46 53.73 36.00
C4A CLA MM . 41.32 52.93 36.96
CMA CLA MM . 41.07 55.05 35.58
CAA CLA MM . 38.92 52.54 34.36
CBA CLA MM . 38.05 51.78 35.34
CGA CLA MM . 36.81 51.21 34.72
O1A CLA MM . 36.43 51.31 33.57
O2A CLA MM . 35.99 50.49 35.58
NB CLA MM . 42.68 51.54 39.26
C1B CLA MM . 42.27 52.81 39.31
C2B CLA MM . 42.43 53.47 40.64
C3B CLA MM . 42.93 52.36 41.45
C4B CLA MM . 43.03 51.26 40.54
CMB CLA MM . 42.12 54.87 41.02
CAB CLA MM . 43.29 52.35 42.89
CBB CLA MM . 43.07 53.38 43.73
NC CLA MM . 43.35 48.74 38.81
C1C CLA MM . 43.56 48.74 40.14
C2C CLA MM . 43.93 47.47 40.73
C3C CLA MM . 43.88 46.58 39.63
C4C CLA MM . 43.48 47.42 38.53
CMC CLA MM . 44.30 47.10 42.13
CAC CLA MM . 44.16 45.13 39.62
CBC CLA MM . 42.81 44.42 39.70
ND CLA MM . 42.34 48.90 36.19
C1D CLA MM . 42.68 47.51 36.16
C2D CLA MM . 42.31 46.91 34.87
C3D CLA MM . 41.70 48.06 34.19
C4D CLA MM . 41.69 49.12 35.06
CMD CLA MM . 42.47 45.57 34.24
CAD CLA MM . 41.04 48.57 32.99
OBD CLA MM . 40.84 47.85 31.96
CBD CLA MM . 40.65 50.02 33.18
CGD CLA MM . 41.32 50.90 32.18
O1D CLA MM . 40.73 51.43 31.25
O2D CLA MM . 42.74 51.03 32.40
CED CLA MM . 43.57 51.56 31.41
C1 CLA MM . 35.07 49.57 35.00
C2 CLA MM . 34.35 48.83 36.10
C3 CLA MM . 34.12 47.53 36.14
C4 CLA MM . 34.59 46.61 35.07
C5 CLA MM . 33.28 46.91 37.26
C6 CLA MM . 34.05 46.47 38.42
C7 CLA MM . 33.05 45.79 39.40
C8 CLA MM . 32.31 44.54 38.95
C9 CLA MM . 31.66 43.78 40.13
C10 CLA MM . 33.29 43.65 38.19
C11 CLA MM . 34.47 43.19 39.09
C12 CLA MM . 35.76 42.90 38.30
C13 CLA MM . 35.63 41.81 37.24
C14 CLA MM . 35.19 40.50 37.88
C15 CLA MM . 36.93 41.64 36.54
C16 CLA MM . 37.31 42.82 35.67
C17 CLA MM . 38.53 42.48 34.80
C18 CLA MM . 39.87 42.30 35.52
C19 CLA MM . 40.22 43.39 36.52
C20 CLA MM . 41.03 42.09 34.52
MG CLA NM . 44.20 43.33 22.76
CHA CLA NM . 44.82 44.81 19.70
CHB CLA NM . 40.85 43.42 22.13
CHC CLA NM . 43.56 41.38 25.48
CHD CLA NM . 47.66 42.94 23.33
NA CLA NM . 43.06 43.99 21.21
C1A CLA NM . 43.46 44.50 20.05
C2A CLA NM . 42.36 44.66 19.01
C3A CLA NM . 41.12 44.47 19.86
C4A CLA NM . 41.71 43.91 21.18
CMA CLA NM . 40.35 45.73 20.10
CAA CLA NM . 42.50 43.68 17.84
CBA CLA NM . 42.43 42.24 18.35
CGA CLA NM . 42.83 41.24 17.30
O1A CLA NM . 43.00 41.49 16.14
O2A CLA NM . 42.94 39.91 17.79
NB CLA NM . 42.48 42.59 23.68
C1B CLA NM . 41.21 42.67 23.33
C2B CLA NM . 40.20 42.03 24.23
C3B CLA NM . 41.06 41.40 25.17
C4B CLA NM . 42.40 41.85 24.76
CMB CLA NM . 38.70 42.03 24.09
CAB CLA NM . 40.77 40.72 26.44
CBB CLA NM . 39.67 40.92 27.11
NC CLA NM . 45.35 42.43 24.20
C1C CLA NM . 44.94 41.58 25.15
C2C CLA NM . 45.98 40.89 25.94
C3C CLA NM . 47.18 41.37 25.30
C4C CLA NM . 46.70 42.26 24.25
CMC CLA NM . 45.89 39.93 27.11
CAC CLA NM . 48.56 41.02 25.61
CBC CLA NM . 48.97 40.03 24.50
ND CLA NM . 45.84 43.84 21.80
C1D CLA NM . 47.20 43.63 22.16
C2D CLA NM . 48.08 44.20 21.08
C3D CLA NM . 47.11 44.71 20.07
C4D CLA NM . 45.87 44.39 20.55
CMD CLA NM . 49.57 44.34 20.96
CAD CLA NM . 46.95 45.33 18.76
OBD CLA NM . 47.92 45.74 18.04
CBD CLA NM . 45.46 45.42 18.48
CGD CLA NM . 45.00 46.82 18.35
O1D CLA NM . 44.19 47.14 17.52
O2D CLA NM . 45.62 47.80 19.16
CED CLA NM . 45.11 49.14 19.08
C1 CLA NM . 43.18 38.83 16.92
C2 CLA NM . 42.67 37.53 17.55
C3 CLA NM . 43.44 36.62 18.14
C4 CLA NM . 44.92 36.72 18.28
C5 CLA NM . 42.75 35.41 18.66
C6 CLA NM . 43.20 35.00 20.00
C7 CLA NM . 42.51 33.61 20.19
C8 CLA NM . 42.76 33.12 21.60
C9 CLA NM . 44.20 32.58 21.67
C10 CLA NM . 41.67 32.09 21.97
C11 CLA NM . 41.87 31.54 23.38
C12 CLA NM . 40.57 31.20 24.12
C13 CLA NM . 40.75 30.83 25.60
C14 CLA NM . 41.27 32.01 26.44
C15 CLA NM . 41.67 29.62 25.75
MG CLA OM . 27.26 25.66 41.21
CHA CLA OM . 27.88 24.15 44.25
CHB CLA OM . 26.54 22.63 39.90
CHC CLA OM . 26.28 27.22 38.36
CHD CLA OM . 27.62 28.79 42.71
NA CLA OM . 27.42 23.73 41.85
C1A CLA OM . 27.72 23.30 43.06
C2A CLA OM . 27.84 21.81 43.24
C3A CLA OM . 27.48 21.37 41.84
C4A CLA OM . 27.10 22.65 41.13
CMA CLA OM . 28.67 20.74 41.16
CAA CLA OM . 26.99 21.10 44.30
CBA CLA OM . 25.50 21.06 44.10
CGA CLA OM . 24.92 22.40 44.40
O1A CLA OM . 24.92 22.91 45.51
O2A CLA OM . 24.35 23.12 43.34
NB CLA OM . 26.58 25.04 39.41
C1B CLA OM . 26.26 23.77 39.04
C2B CLA OM . 25.65 23.62 37.69
C3B CLA OM . 25.64 25.01 37.24
C4B CLA OM . 26.15 25.78 38.38
CMB CLA OM . 25.26 22.36 36.99
CAB CLA OM . 25.15 25.58 35.97
CBB CLA OM . 24.76 24.83 35.01
NC CLA OM . 27.00 27.60 40.65
C1C CLA OM . 26.66 28.07 39.45
C2C CLA OM . 26.67 29.56 39.32
C3C CLA OM . 27.07 30.05 40.63
C4C CLA OM . 27.22 28.77 41.33
CMC CLA OM . 26.36 30.43 38.12
CAC CLA OM . 27.27 31.51 41.06
CBC CLA OM . 26.09 32.02 41.80
ND CLA OM . 27.75 26.31 43.05
C1D CLA OM . 27.73 27.64 43.59
C2D CLA OM . 27.98 27.63 45.05
C3D CLA OM . 28.01 26.22 45.33
C4D CLA OM . 27.81 25.55 44.14
CMD CLA OM . 28.08 28.70 46.04
CAD CLA OM . 28.15 25.17 46.36
OBD CLA OM . 28.37 25.34 47.60
CBD CLA OM . 28.08 23.80 45.72
CGD CLA OM . 29.34 23.06 46.00
O1D CLA OM . 29.45 22.00 46.56
O2D CLA OM . 30.51 23.70 45.58
CED CLA OM . 31.75 23.20 46.02
C1 CLA OM . 23.94 24.45 43.59
C2 CLA OM . 23.50 24.95 42.24
C3 CLA OM . 23.50 26.25 41.85
C4 CLA OM . 23.96 27.32 42.76
C5 CLA OM . 23.08 26.69 40.44
C6 CLA OM . 22.35 25.61 39.64
C7 CLA OM . 21.82 26.19 38.33
C8 CLA OM . 21.14 25.24 37.37
C9 CLA OM . 20.74 26.00 36.10
C10 CLA OM . 19.88 24.85 38.04
C11 CLA OM . 18.80 25.93 38.07
C12 CLA OM . 17.73 25.54 39.11
C13 CLA OM . 16.74 26.65 39.35
C14 CLA OM . 15.89 26.24 40.59
C15 CLA OM . 15.86 26.94 38.13
C16 CLA OM . 15.09 28.30 38.36
C17 CLA OM . 14.17 28.58 37.15
C18 CLA OM . 13.51 29.92 36.98
C19 CLA OM . 12.70 30.38 38.20
C20 CLA OM . 12.63 29.93 35.75
MG CLA PM . 27.46 37.50 53.22
CHA CLA PM . 25.89 35.19 55.28
CHB CLA PM . 29.29 35.02 51.90
CHC CLA PM . 28.62 39.63 50.84
CHD CLA PM . 25.32 40.07 54.44
NA CLA PM . 27.68 35.51 53.61
C1A CLA PM . 26.98 34.74 54.39
C2A CLA PM . 27.30 33.27 54.32
C3A CLA PM . 28.55 33.31 53.49
C4A CLA PM . 28.52 34.73 52.96
CMA CLA PM . 29.83 33.08 54.29
CAA CLA PM . 26.25 32.36 53.66
CBA CLA PM . 25.73 32.97 52.36
CGA CLA PM . 24.78 32.10 51.58
O1A CLA PM . 24.22 31.10 51.94
O2A CLA PM . 24.57 32.55 50.24
NB CLA PM . 28.81 37.37 51.67
C1B CLA PM . 29.41 36.30 51.18
C2B CLA PM . 30.26 36.51 49.97
C3B CLA PM . 30.02 37.89 49.67
C4B CLA PM . 29.10 38.30 50.73
CMB CLA PM . 31.17 35.54 49.28
CAB CLA PM . 30.61 38.72 48.61
CBB CLA PM . 31.56 38.36 47.77
NC CLA PM . 27.10 39.45 52.75
C1C CLA PM . 27.64 40.16 51.78
C2C CLA PM . 27.20 41.59 51.71
C3C CLA PM . 26.22 41.70 52.76
C4C CLA PM . 26.22 40.35 53.30
CMC CLA PM . 27.60 42.69 50.79
CAC CLA PM . 25.37 42.89 53.19
CBC CLA PM . 23.94 42.77 52.67
ND CLA PM . 26.03 37.60 54.57
C1D CLA PM . 25.17 38.72 54.95
C2D CLA PM . 24.20 38.26 55.93
C3D CLA PM . 24.50 36.86 56.08
C4D CLA PM . 25.48 36.55 55.19
CMD CLA PM . 23.16 38.93 56.73
CAD CLA PM . 24.13 35.59 56.74
OBD CLA PM . 23.21 35.46 57.60
CBD CLA PM . 25.03 34.49 56.30
CGD CLA PM . 25.87 34.15 57.53
O1D CLA PM . 26.20 33.02 57.94
O2D CLA PM . 26.31 35.28 58.24
CED CLA PM . 27.19 35.21 59.37
C1 CLA PM . 23.66 31.83 49.41
C2 CLA PM . 22.24 32.38 49.54
C3 CLA PM . 21.17 31.69 50.02
C4 CLA PM . 21.22 30.28 50.59
C5 CLA PM . 19.79 32.34 50.06
C6 CLA PM . 18.89 31.79 48.90
C7 CLA PM . 19.46 32.23 47.55
C8 CLA PM . 18.50 32.70 46.45
C9 CLA PM . 17.60 31.51 46.13
C10 CLA PM . 19.31 33.29 45.25
C11 CLA PM . 18.60 34.13 44.12
C12 CLA PM . 19.45 35.19 43.35
C13 CLA PM . 19.78 34.99 41.84
C14 CLA PM . 20.35 33.58 41.57
C15 CLA PM . 20.72 36.06 41.17
C16 CLA PM . 20.43 37.55 41.41
C17 CLA PM . 19.12 38.03 40.77
C18 CLA PM . 18.02 38.89 41.47
C19 CLA PM . 18.49 39.64 42.70
C20 CLA PM . 16.65 38.19 41.73
MG CLA QM . 33.40 33.57 48.40
CHA CLA QM . 35.65 36.15 47.71
CHB CLA QM . 31.73 34.31 45.56
CHC CLA QM . 30.82 31.63 49.53
CHD CLA QM . 35.25 32.73 51.30
NA CLA QM . 33.64 34.92 46.88
C1A CLA QM . 34.53 35.91 46.79
C2A CLA QM . 34.32 36.91 45.64
C3A CLA QM . 33.21 36.18 44.88
C4A CLA QM . 32.80 35.07 45.84
CMA CLA QM . 32.11 37.10 44.46
CAA CLA QM . 35.51 37.15 44.75
CBA CLA QM . 35.28 37.92 43.48
CGA CLA QM . 34.79 39.32 43.79
O1A CLA QM . 35.11 40.01 44.74
O2A CLA QM . 33.87 39.87 42.91
NB CLA QM . 31.61 33.00 47.65
C1B CLA QM . 31.02 33.37 46.49
C2B CLA QM . 29.62 32.86 46.28
C3B CLA QM . 29.43 32.09 47.47
C4B CLA QM . 30.66 32.27 48.24
CMB CLA QM . 28.73 33.01 45.09
CAB CLA QM . 28.21 31.40 47.94
CBB CLA QM . 27.01 31.71 47.45
NC CLA QM . 33.11 32.37 50.04
C1C CLA QM . 32.02 31.68 50.38
C2C CLA QM . 32.07 30.94 51.67
C3C CLA QM . 33.39 31.28 52.19
C4C CLA QM . 33.92 32.15 51.12
CMC CLA QM . 31.05 30.06 52.34
CAC CLA QM . 34.02 30.84 53.48
CBC CLA QM . 33.69 31.92 54.53
ND CLA QM . 35.09 34.25 49.28
C1D CLA QM . 35.72 33.85 50.51
C2D CLA QM . 36.91 34.70 50.82
C3D CLA QM . 36.88 35.65 49.68
C4D CLA QM . 35.79 35.33 48.88
CMD CLA QM . 37.90 34.65 51.91
CAD CLA QM . 37.52 36.80 49.05
OBD CLA QM . 38.55 37.43 49.56
CBD CLA QM . 36.78 37.15 47.79
CGD CLA QM . 36.39 38.57 47.86
O1D CLA QM . 37.22 39.44 47.63
O2D CLA QM . 35.06 38.89 48.27
CED CLA QM . 34.62 40.24 48.18
C1 CLA QM . 33.34 41.17 43.25
C2 CLA QM . 32.26 41.11 44.31
C3 CLA QM . 30.94 41.29 44.10
C4 CLA QM . 30.37 41.53 42.69
C5 CLA QM . 30.00 41.22 45.29
C6 CLA QM . 29.26 42.53 45.48
C7 CLA QM . 28.30 42.40 46.67
C8 CLA QM . 27.09 41.53 46.48
C9 CLA QM . 26.24 42.12 45.37
C10 CLA QM . 26.28 41.50 47.77
C11 CLA QM . 25.29 40.37 47.85
C12 CLA QM . 24.68 40.38 49.22
C13 CLA QM . 23.87 39.10 49.45
C14 CLA QM . 22.57 39.10 48.65
C15 CLA QM . 23.55 38.89 50.92
C16 CLA QM . 22.94 37.49 51.15
C17 CLA QM . 22.64 37.27 52.62
C18 CLA QM . 21.71 36.10 52.87
C19 CLA QM . 21.42 36.02 54.36
C20 CLA QM . 22.27 34.82 52.34
MG CLA RM . 41.86 25.56 37.82
CHA CLA RM . 43.58 22.69 38.53
CHB CLA RM . 43.60 27.17 40.25
CHC CLA RM . 40.42 28.54 36.87
CHD CLA RM . 40.41 24.09 35.00
NA CLA RM . 43.32 25.03 39.17
C1A CLA RM . 43.89 23.87 39.30
C2A CLA RM . 45.08 23.90 40.22
C3A CLA RM . 44.93 25.22 40.93
C4A CLA RM . 43.91 25.89 40.04
CMA CLA RM . 44.29 25.10 42.32
CAA CLA RM . 46.42 23.77 39.51
CBA CLA RM . 46.54 24.70 38.31
CGA CLA RM . 47.92 24.69 37.64
O1A CLA RM . 49.01 24.47 38.18
O2A CLA RM . 47.91 24.99 36.24
NB CLA RM . 41.92 27.49 38.51
C1B CLA RM . 42.70 28.01 39.47
C2B CLA RM . 42.52 29.47 39.71
C3B CLA RM . 41.56 29.86 38.68
C4B CLA RM . 41.33 28.57 37.98
CMB CLA RM . 43.19 30.31 40.74
CAB CLA RM . 40.94 31.15 38.41
CBB CLA RM . 40.93 32.13 39.29
NC CLA RM . 40.59 26.15 36.30
C1C CLA RM . 40.16 27.41 35.99
C2C CLA RM . 39.33 27.57 34.79
C3C CLA RM . 39.33 26.22 34.25
C4C CLA RM . 40.16 25.47 35.21
CMC CLA RM . 38.69 28.84 34.25
CAC CLA RM . 38.63 25.64 33.04
CBC CLA RM . 39.52 25.51 31.88
ND CLA RM . 41.97 23.76 36.97
C1D CLA RM . 41.33 23.28 35.79
C2D CLA RM . 41.65 21.85 35.56
C3D CLA RM . 42.56 21.60 36.69
C4D CLA RM . 42.73 22.77 37.41
CMD CLA RM . 41.24 20.90 34.53
CAD CLA RM . 43.42 20.66 37.42
OBD CLA RM . 43.58 19.45 37.07
CBD CLA RM . 44.07 21.30 38.60
CGD CLA RM . 43.41 20.71 39.81
O1D CLA RM . 42.27 20.22 39.85
O2D CLA RM . 44.15 20.76 41.00
CED CLA RM . 43.48 20.53 42.25
C1 CLA RM . 49.16 25.15 35.57
C2 CLA RM . 48.94 25.83 34.24
C3 CLA RM . 49.03 25.25 33.06
C4 CLA RM . 49.35 23.80 32.89
C5 CLA RM . 48.82 26.08 31.82
C6 CLA RM . 47.49 25.81 31.15
C7 CLA RM . 47.44 26.64 29.83
C8 CLA RM . 46.03 26.81 29.27
C9 CLA RM . 45.34 25.46 29.10
C10 CLA RM . 46.05 27.56 27.94
C11 CLA RM . 46.11 29.07 28.04
C12 CLA RM . 46.01 29.65 26.59
C13 CLA RM . 46.33 31.12 26.54
C14 CLA RM . 45.36 31.84 27.44
C15 CLA RM . 46.33 31.66 25.10
MG CLA SM . 43.77 32.19 43.49
CHA CLA SM . 40.98 34.33 43.38
CHB CLA SM . 45.25 34.05 41.06
CHC CLA SM . 46.22 29.85 43.34
CHD CLA SM . 42.16 30.21 45.89
NA CLA SM . 43.24 33.83 42.39
C1A CLA SM . 42.13 34.55 42.46
C2A CLA SM . 42.07 35.73 41.50
C3A CLA SM . 43.34 35.52 40.71
C4A CLA SM . 43.98 34.36 41.39
CMA CLA SM . 43.09 35.34 39.22
CAA CLA SM . 42.05 37.10 42.15
CBA CLA SM . 42.11 38.33 41.25
CGA CLA SM . 40.80 38.59 40.60
O1A CLA SM . 39.82 37.86 40.70
O2A CLA SM . 40.70 39.81 39.85
NB CLA SM . 45.46 32.01 42.41
C1B CLA SM . 45.98 32.84 41.46
C2B CLA SM . 47.30 32.44 40.88
C3B CLA SM . 47.55 31.20 41.61
C4B CLA SM . 46.36 31.02 42.47
CMB CLA SM . 48.16 33.13 39.89
CAB CLA SM . 48.69 30.27 41.56
CBB CLA SM . 49.80 30.46 40.91
NC CLA SM . 44.14 30.43 44.45
C1C CLA SM . 45.13 29.56 44.22
C2C CLA SM . 45.12 28.32 45.05
C3C CLA SM . 43.91 28.45 45.83
C4C CLA SM . 43.39 29.75 45.36
CMC CLA SM . 46.09 27.21 45.09
CAC CLA SM . 43.37 27.45 46.81
CBC CLA SM . 42.61 26.35 46.05
ND CLA SM . 41.99 32.26 44.45
C1D CLA SM . 41.48 31.40 45.45
C2D CLA SM . 40.19 31.89 45.93
C3D CLA SM . 39.96 33.10 45.11
C4D CLA SM . 41.02 33.20 44.28
CMD CLA SM . 39.23 31.42 46.97
CAD CLA SM . 39.08 34.23 44.78
OBD CLA SM . 37.93 34.47 45.33
CBD CLA SM . 39.69 35.03 43.66
CGD CLA SM . 38.75 34.87 42.49
O1D CLA SM . 37.83 35.62 42.18
O2D CLA SM . 38.96 33.68 41.74
CED CLA SM . 38.05 33.22 40.75
C1 CLA SM . 39.46 40.17 39.25
C2 CLA SM . 38.42 40.50 40.30
C3 CLA SM . 38.42 41.63 40.98
C4 CLA SM . 39.41 42.70 40.79
C5 CLA SM . 37.36 41.86 42.01
C6 CLA SM . 37.96 41.82 43.41
C7 CLA SM . 39.01 40.74 43.51
C8 CLA SM . 39.29 40.41 44.95
C9 CLA SM . 40.03 41.52 45.63
C10 CLA SM . 40.05 39.07 44.92
C11 CLA SM . 40.84 38.80 46.21
C12 CLA SM . 40.57 37.42 46.71
C13 CLA SM . 41.74 36.80 47.37
C14 CLA SM . 42.81 36.47 46.34
C15 CLA SM . 41.14 35.56 47.96
C16 CLA SM . 42.21 34.96 48.81
C17 CLA SM . 41.72 34.43 50.10
C18 CLA SM . 42.69 34.59 51.28
C19 CLA SM . 44.15 34.26 51.01
C20 CLA SM . 42.12 33.82 52.46
MG CLA TM . 45.37 35.66 34.78
CHA CLA TM . 47.28 32.75 34.86
CHB CLA TM . 42.85 33.99 36.33
CHC CLA TM . 43.36 38.46 34.37
CHD CLA TM . 47.85 37.31 32.91
NA CLA TM . 45.12 33.75 35.48
C1A CLA TM . 45.96 32.74 35.49
C2A CLA TM . 45.46 31.48 36.16
C3A CLA TM . 44.01 31.82 36.40
C4A CLA TM . 43.96 33.27 36.01
CMA CLA TM . 43.06 31.02 35.53
CAA CLA TM . 46.25 31.25 37.40
CBA CLA TM . 45.78 30.13 38.31
CGA CLA TM . 46.00 28.82 37.67
O1A CLA TM . 46.88 28.04 38.00
O2A CLA TM . 45.12 28.45 36.65
NB CLA TM . 43.43 36.14 35.30
C1B CLA TM . 42.52 35.36 35.93
C2B CLA TM . 41.22 36.02 36.25
C3B CLA TM . 41.41 37.34 35.64
C4B CLA TM . 42.78 37.32 35.09
CMB CLA TM . 40.05 35.50 36.97
CAB CLA TM . 40.50 38.48 35.57
CBB CLA TM . 39.28 38.56 36.05
NC CLA TM . 45.56 37.53 33.86
C1C CLA TM . 44.65 38.51 33.74
C2C CLA TM . 45.11 39.73 33.02
C3C CLA TM . 46.45 39.39 32.59
C4C CLA TM . 46.59 38.03 33.15
CMC CLA TM . 44.40 40.96 32.78
CAC CLA TM . 47.42 40.22 31.85
CBC CLA TM . 47.20 40.09 30.38
ND CLA TM . 47.18 35.16 34.12
C1D CLA TM . 48.10 35.95 33.31
C2D CLA TM . 49.30 35.15 33.01
C3D CLA TM . 48.99 33.83 33.62
C4D CLA TM . 47.75 33.94 34.19
CMD CLA TM . 50.50 35.52 32.25
CAD CLA TM . 49.43 32.45 33.92
OBD CLA TM . 50.56 31.95 33.54
CBD CLA TM . 48.36 31.76 34.71
CGD CLA TM . 47.92 30.61 33.92
O1D CLA TM . 48.01 29.50 34.35
O2D CLA TM . 47.40 30.81 32.61
CED CLA TM . 46.77 29.70 31.93
C1 CLA TM . 45.30 27.18 35.96
C2 CLA TM . 44.49 27.47 34.69
C3 CLA TM . 43.96 26.59 33.87
C4 CLA TM . 44.19 25.15 34.09
C5 CLA TM . 43.12 26.98 32.64
C6 CLA TM . 42.60 28.41 32.58
C7 CLA TM . 41.75 28.63 31.33
C8 CLA TM . 41.44 30.12 31.08
C9 CLA TM . 40.15 30.34 30.32
C10 CLA TM . 42.60 30.74 30.29
C11 CLA TM . 42.73 32.23 30.44
C12 CLA TM . 43.50 32.62 31.69
C13 CLA TM . 43.50 34.15 31.97
C14 CLA TM . 42.12 34.68 32.23
C15 CLA TM . 44.18 34.98 30.90
C16 CLA TM . 45.63 34.54 30.68
C17 CLA TM . 46.23 35.53 29.69
C18 CLA TM . 47.72 35.38 29.59
C19 CLA TM . 48.31 36.64 29.05
C20 CLA TM . 48.13 34.27 28.68
MG CLA UM . 53.31 28.29 39.49
CHA CLA UM . 55.05 26.74 42.13
CHB CLA UM . 53.37 31.26 41.25
CHC CLA UM . 51.88 29.83 36.83
CHD CLA UM . 53.55 25.32 37.60
NA CLA UM . 54.04 28.90 41.32
C1A CLA UM . 54.71 28.17 42.21
C2A CLA UM . 55.28 28.99 43.37
C3A CLA UM . 54.88 30.42 42.98
C4A CLA UM . 54.01 30.20 41.78
CMA CLA UM . 54.23 31.16 44.13
CAA CLA UM . 56.76 28.99 43.71
CBA CLA UM . 57.69 29.14 42.50
CGA CLA UM . 59.16 28.94 42.78
O1A CLA UM . 59.66 28.34 43.73
O2A CLA UM . 60.02 29.50 41.81
NB CLA UM . 52.68 30.20 39.12
C1B CLA UM . 52.80 31.31 39.90
C2B CLA UM . 52.23 32.54 39.33
C3B CLA UM . 51.83 32.08 38.02
C4B CLA UM . 52.14 30.66 38.00
CMB CLA UM . 52.18 33.87 39.91
CAB CLA UM . 51.12 32.80 36.95
CBB CLA UM . 50.52 33.97 37.11
NC CLA UM . 52.76 27.70 37.64
C1C CLA UM . 52.24 28.47 36.64
C2C CLA UM . 52.03 27.80 35.33
C3C CLA UM . 52.51 26.49 35.61
C4C CLA UM . 52.99 26.55 37.00
CMC CLA UM . 51.41 28.23 34.08
CAC CLA UM . 52.58 25.30 34.68
CBC CLA UM . 53.92 25.35 33.95
ND CLA UM . 54.09 26.45 39.81
C1D CLA UM . 54.11 25.32 38.91
C2D CLA UM . 54.74 24.20 39.63
C3D CLA UM . 55.17 24.76 40.92
C4D CLA UM . 54.75 26.04 40.92
CMD CLA UM . 55.03 22.84 39.20
CAD CLA UM . 55.80 24.51 42.23
OBD CLA UM . 56.35 23.40 42.60
CBD CLA UM . 55.80 25.78 43.02
CGD CLA UM . 55.22 25.62 44.36
O1D CLA UM . 54.06 25.38 44.51
O2D CLA UM . 56.09 25.80 45.45
CED CLA UM . 55.70 25.33 46.73
C1 CLA UM . 61.33 29.00 41.59
C2 CLA UM . 61.79 29.76 40.36
C3 CLA UM . 62.77 30.67 40.30
C4 CLA UM . 63.61 31.11 41.49
C5 CLA UM . 63.03 31.30 38.95
C6 CLA UM . 62.68 32.80 38.92
C7 CLA UM . 61.24 33.07 39.36
C8 CLA UM . 60.84 34.54 39.46
C9 CLA UM . 59.51 34.74 40.22
C10 CLA UM . 60.81 35.22 38.09
C11 CLA UM . 60.41 36.69 38.27
C12 CLA UM . 60.59 37.48 37.00
C13 CLA UM . 60.10 38.93 37.07
C14 CLA UM . 60.29 39.51 35.65
C15 CLA UM . 60.90 39.69 38.13
C16 CLA UM . 60.61 41.19 38.15
C17 CLA UM . 61.23 41.82 39.38
C18 CLA UM . 60.90 43.30 39.52
C19 CLA UM . 61.91 43.93 40.46
C20 CLA UM . 59.50 43.63 40.03
MG CLA VM . 43.91 41.32 51.24
CHA CLA VM . 44.30 41.42 47.85
CHB CLA VM . 43.16 44.61 51.21
CHC CLA VM . 43.87 41.35 54.76
CHD CLA VM . 45.28 38.09 51.36
NA CLA VM . 43.64 42.72 49.81
C1A CLA VM . 43.80 42.61 48.53
C2A CLA VM . 43.65 43.91 47.77
C3A CLA VM . 43.46 44.91 48.86
C4A CLA VM . 43.40 44.03 50.05
CMA CLA VM . 44.62 45.90 48.93
CAA CLA VM . 42.54 44.00 46.75
CBA CLA VM . 42.89 45.15 45.80
CGA CLA VM . 41.71 45.43 44.95
O1A CLA VM . 41.42 44.62 44.12
O2A CLA VM . 40.91 46.61 45.10
NB CLA VM . 43.49 42.72 52.70
C1B CLA VM . 43.26 44.03 52.55
C2B CLA VM . 43.08 44.81 53.80
C3B CLA VM . 43.30 43.80 54.83
C4B CLA VM . 43.57 42.59 54.06
CMB CLA VM . 42.72 46.26 53.98
CAB CLA VM . 43.28 43.88 56.31
CBB CLA VM . 43.15 44.98 56.97
NC CLA VM . 44.39 39.98 52.73
C1C CLA VM . 44.38 40.16 54.07
C2C CLA VM . 44.84 39.04 54.91
C3C CLA VM . 45.27 38.07 53.91
C4C CLA VM . 45.01 38.79 52.62
CMC CLA VM . 44.88 38.90 56.38
CAC CLA VM . 45.89 36.73 54.10
CBC CLA VM . 47.36 36.91 53.80
ND CLA VM . 44.54 40.03 49.89
C1D CLA VM . 45.13 38.73 50.09
C2D CLA VM . 45.51 38.15 48.79
C3D CLA VM . 45.14 39.26 47.86
C4D CLA VM . 44.68 40.29 48.60
CMD CLA VM . 46.06 36.82 48.36
CAD CLA VM . 45.10 39.72 46.46
OBD CLA VM . 45.48 39.03 45.45
CBD CLA VM . 44.55 41.10 46.40
CGD CLA VM . 45.53 42.00 45.78
O1D CLA VM . 45.27 42.48 44.72
O2D CLA VM . 46.74 42.31 46.44
CED CLA VM . 47.77 43.04 45.78
C1 CLA VM . 39.72 46.88 44.32
C2 CLA VM . 39.24 48.20 44.82
C3 CLA VM . 40.02 49.29 44.62
C4 CLA VM . 41.34 49.28 43.86
C5 CLA VM . 39.59 50.63 45.16
C6 CLA VM . 40.70 51.22 46.04
C7 CLA VM . 40.62 50.68 47.40
C8 CLA VM . 41.33 51.51 48.44
C9 CLA VM . 42.71 51.87 47.95
C10 CLA VM . 41.42 50.63 49.67
C11 CLA VM . 41.93 51.31 50.94
C12 CLA VM . 41.83 50.46 52.23
C13 CLA VM . 41.78 51.37 53.47
C14 CLA VM . 42.98 52.34 53.49
C15 CLA VM . 41.68 50.57 54.79
C16 CLA VM . 40.46 49.65 54.85
C17 CLA VM . 39.88 49.45 56.27
C18 CLA VM . 39.51 48.01 56.70
C19 CLA VM . 40.57 47.33 57.57
C20 CLA VM . 39.14 47.11 55.54
MG CLA WM . 53.83 42.02 51.97
CHA CLA WM . 56.02 41.48 54.56
CHB CLA WM . 51.34 40.59 53.75
CHC CLA WM . 51.64 43.01 49.46
CHD CLA WM . 56.41 43.67 50.20
NA CLA WM . 53.68 41.21 53.79
C1A CLA WM . 54.60 41.15 54.71
C2A CLA WM . 54.10 40.69 56.05
C3A CLA WM . 52.76 40.07 55.67
C4A CLA WM . 52.55 40.66 54.30
CMA CLA WM . 52.81 38.55 55.58
CAA CLA WM . 54.01 41.81 57.10
CBA CLA WM . 53.28 43.03 56.58
CGA CLA WM . 53.28 44.10 57.62
O1A CLA WM . 54.06 44.08 58.54
O2A CLA WM . 52.35 45.18 57.52
NB CLA WM . 51.86 41.78 51.65
C1B CLA WM . 50.97 41.21 52.49
C2B CLA WM . 49.58 41.18 51.97
C3B CLA WM . 49.73 41.91 50.71
C4B CLA WM . 51.13 42.23 50.61
CMB CLA WM . 48.38 40.59 52.63
CAB CLA WM . 48.77 42.21 49.63
CBB CLA WM . 47.61 41.66 49.60
NC CLA WM . 53.99 43.04 50.16
C1C CLA WM . 53.02 43.44 49.30
C2C CLA WM . 53.45 44.27 48.15
C3C CLA WM . 54.86 44.45 48.44
C4C CLA WM . 55.05 43.69 49.67
CMC CLA WM . 52.73 44.88 46.99
CAC CLA WM . 55.91 45.20 47.67
CBC CLA WM . 56.06 46.60 48.26
ND CLA WM . 55.80 42.47 52.32
C1D CLA WM . 56.76 43.12 51.48
C2D CLA WM . 58.09 43.04 52.08
C3D CLA WM . 57.79 42.37 53.38
C4D CLA WM . 56.48 42.12 53.41
CMD CLA WM . 59.48 43.46 51.72
CAD CLA WM . 58.33 41.85 54.65
OBD CLA WM . 59.57 41.91 54.99
CBD CLA WM . 57.21 41.27 55.44
CGD CLA WM . 57.49 39.81 55.70
O1D CLA WM . 57.05 38.89 55.02
O2D CLA WM . 58.33 39.54 56.82
CED CLA WM . 58.87 38.21 56.93
C1 CLA WM . 52.15 46.08 58.60
C2 CLA WM . 51.55 47.37 58.08
C3 CLA WM . 52.26 48.36 57.50
C4 CLA WM . 53.75 48.35 57.26
C5 CLA WM . 51.50 49.57 57.05
C6 CLA WM . 51.52 49.48 55.53
C7 CLA WM . 50.49 50.43 54.96
C8 CLA WM . 50.09 50.07 53.55
C9 CLA WM . 51.24 50.20 52.54
C10 CLA WM . 48.96 51.04 53.23
C11 CLA WM . 48.52 50.86 51.79
C12 CLA WM . 47.24 51.61 51.45
C13 CLA WM . 46.33 50.80 50.50
C14 CLA WM . 45.56 49.72 51.26
C15 CLA WM . 47.10 50.26 49.27
C16 CLA WM . 46.16 49.74 48.17
C17 CLA WM . 46.94 49.03 47.06
C18 CLA WM . 46.06 48.48 45.95
C19 CLA WM . 46.84 47.67 44.91
C20 CLA WM . 45.31 49.61 45.26
C1 BCR XM . 53.39 61.63 35.53
C2 BCR XM . 53.93 62.31 34.32
C3 BCR XM . 54.36 61.36 33.25
C4 BCR XM . 55.34 60.31 33.69
C5 BCR XM . 55.26 60.04 35.17
C6 BCR XM . 54.40 60.64 36.02
C7 BCR XM . 54.28 60.28 37.45
C8 BCR XM . 54.13 58.98 37.83
C9 BCR XM . 53.88 58.66 39.29
C10 BCR XM . 53.64 57.37 39.63
C11 BCR XM . 53.34 56.91 41.00
C33 BCR XM . 56.39 59.19 35.66
C31 BCR XM . 52.12 60.83 35.24
C32 BCR XM . 53.03 62.73 36.56
C34 BCR XM . 53.91 59.76 40.34
C12 BCR XM . 52.98 55.63 41.23
C13 BCR XM . 52.72 55.14 42.62
C14 BCR XM . 52.50 53.80 42.74
C15 BCR XM . 52.26 53.12 44.00
C16 BCR XM . 51.86 51.84 44.03
C17 BCR XM . 51.60 51.15 45.31
C18 BCR XM . 51.14 49.89 45.48
C19 BCR XM . 50.98 49.41 46.89
C20 BCR XM . 50.38 48.26 47.22
C21 BCR XM . 50.26 47.87 48.64
C22 BCR XM . 49.62 46.74 49.05
C23 BCR XM . 49.61 46.46 50.53
C24 BCR XM . 49.10 45.30 51.01
C25 BCR XM . 49.03 45.14 52.47
C26 BCR XM . 50.10 45.31 53.25
C27 BCR XM . 50.00 45.55 54.73
C28 BCR XM . 48.71 45.08 55.35
C29 BCR XM . 47.80 44.35 54.42
C30 BCR XM . 47.67 45.00 53.07
C35 BCR XM . 52.87 56.09 43.82
C36 BCR XM . 50.84 49.01 44.32
C37 BCR XM . 49.04 45.82 48.06
C38 BCR XM . 51.51 45.22 52.72
C39 BCR XM . 47.14 46.44 53.24
C40 BCR XM . 46.77 44.12 52.17
C1 BCR YM . 23.83 26.51 47.96
C2 BCR YM . 23.12 25.23 48.35
C3 BCR YM . 21.76 25.46 48.98
C4 BCR YM . 20.99 26.58 48.39
C5 BCR YM . 21.63 27.15 47.18
C6 BCR YM . 22.96 27.34 47.10
C7 BCR YM . 23.53 28.42 46.34
C8 BCR YM . 23.02 29.64 46.45
C9 BCR YM . 23.61 30.81 45.70
C10 BCR YM . 23.01 32.04 45.75
C11 BCR YM . 23.49 33.24 45.04
C33 BCR YM . 20.64 27.49 46.12
C31 BCR YM . 25.09 26.14 47.24
C32 BCR YM . 24.12 27.43 49.14
C34 BCR YM . 24.81 30.51 44.83
C12 BCR YM . 22.83 34.41 45.15
C13 BCR YM . 23.27 35.65 44.45
C14 BCR YM . 22.80 36.86 44.87
C15 BCR YM . 23.14 38.19 44.30
C16 BCR YM . 22.63 39.35 44.77
C17 BCR YM . 23.02 40.61 44.12
C18 BCR YM . 22.65 41.85 44.49
C19 BCR YM . 23.19 42.91 43.62
C20 BCR YM . 22.78 44.16 43.76
C21 BCR YM . 23.27 45.20 42.83
C22 BCR YM . 22.83 46.46 42.77
C23 BCR YM . 23.39 47.32 41.69
C24 BCR YM . 22.77 48.43 41.32
C25 BCR YM . 23.16 49.24 40.11
C26 BCR YM . 24.42 49.55 39.82
C27 BCR YM . 24.89 50.24 38.53
C28 BCR YM . 23.82 50.18 37.42
C29 BCR YM . 22.47 50.53 38.07
C30 BCR YM . 22.03 49.55 39.16
C35 BCR YM . 24.22 35.47 43.27
C36 BCR YM . 21.74 42.17 45.66
C37 BCR YM . 21.82 46.96 43.77
C38 BCR YM . 25.53 49.35 40.83
C39 BCR YM . 21.62 48.21 38.51
C40 BCR YM . 20.83 50.16 39.87
C1A DGD ZM . 18.92 37.60 27.59
C2A DGD ZM . 18.95 36.38 28.52
C3A DGD ZM . 17.68 35.62 28.51
C4A DGD ZM . 17.66 34.35 29.38
C5A DGD ZM . 18.70 34.25 30.46
C6A DGD ZM . 18.51 33.11 31.49
C7A DGD ZM . 18.80 33.67 32.89
C8A DGD ZM . 18.76 32.61 34.01
C9A DGD ZM . 17.36 32.17 34.46
CAA DGD ZM . 17.34 31.66 35.90
CBA DGD ZM . 18.02 30.30 36.06
CCA DGD ZM . 18.83 30.25 37.35
CDA DGD ZM . 20.31 30.63 37.20
CEA DGD ZM . 20.92 31.13 38.52
CFA DGD ZM . 22.37 30.72 38.74
CGA DGD ZM . 22.69 30.82 40.25
O1A DGD ZM . 18.17 37.79 26.62
C1B DGD ZM . 20.75 40.40 30.65
C2B DGD ZM . 21.80 39.79 31.53
C3B DGD ZM . 22.25 38.64 30.69
C4B DGD ZM . 22.08 37.32 31.30
C5B DGD ZM . 23.32 36.49 30.93
C6B DGD ZM . 23.27 35.80 29.58
C7B DGD ZM . 22.94 34.30 29.72
C8B DGD ZM . 24.18 33.45 29.61
C9B DGD ZM . 23.92 31.97 29.82
CAB DGD ZM . 25.17 31.24 29.42
CBB DGD ZM . 24.97 29.81 29.68
CCB DGD ZM . 26.14 28.97 29.13
CDB DGD ZM . 25.91 27.60 29.82
CEB DGD ZM . 26.87 26.54 29.40
CFB DGD ZM . 26.40 25.23 30.07
CGB DGD ZM . 27.50 24.19 29.94
O1B DGD ZM . 19.68 40.68 31.09
O1G DGD ZM . 19.95 38.52 27.94
C1G DGD ZM . 20.02 39.82 27.35
C2G DGD ZM . 19.87 40.77 28.46
O2G DGD ZM . 21.03 40.62 29.27
C3G DGD ZM . 19.82 42.20 27.90
O3G DGD ZM . 18.54 42.34 27.31
C1D DGD ZM . 18.41 43.46 26.46
C2D DGD ZM . 17.06 43.31 25.72
O2D DGD ZM . 17.06 42.14 24.90
C3D DGD ZM . 16.77 44.59 24.91
O3D DGD ZM . 15.51 44.55 24.25
C4D DGD ZM . 16.91 45.77 25.83
O4D DGD ZM . 16.01 45.73 26.90
C5D DGD ZM . 18.33 45.78 26.42
O5D DGD ZM . 18.97 48.05 26.38
C6D DGD ZM . 18.52 47.01 27.28
O6D DGD ZM . 18.49 44.66 27.25
C1E DGD ZM . 18.17 49.26 26.38
C2E DGD ZM . 18.02 49.77 24.93
O2E DGD ZM . 17.36 48.74 24.17
C3E DGD ZM . 19.43 50.07 24.42
O3E DGD ZM . 19.39 50.52 23.07
C4E DGD ZM . 20.06 51.12 25.34
O4E DGD ZM . 19.28 52.35 25.35
C5E DGD ZM . 20.09 50.57 26.79
O6E DGD ZM . 18.77 50.20 27.23
C6E DGD ZM . 20.57 51.66 27.77
O5E DGD ZM . 21.83 52.22 27.31
C1A DGD AN . 47.89 38.84 15.52
C2A DGD AN . 49.00 37.86 15.23
C3A DGD AN . 49.06 36.77 16.31
C4A DGD AN . 49.26 35.38 15.75
C5A DGD AN . 49.22 34.38 16.92
C6A DGD AN . 47.85 33.71 17.11
C7A DGD AN . 47.53 33.31 18.57
C8A DGD AN . 47.60 31.81 18.82
C9A DGD AN . 47.48 31.45 20.30
CAA DGD AN . 48.17 30.11 20.68
CBA DGD AN . 48.46 29.98 22.19
O1A DGD AN . 47.06 38.76 16.41
C1B DGD AN . 46.74 41.65 18.01
C2B DGD AN . 47.07 41.03 19.36
C3B DGD AN . 46.03 40.03 19.82
C4B DGD AN . 45.75 40.06 21.32
C5B DGD AN . 44.64 39.07 21.79
C6B DGD AN . 43.21 39.26 21.28
C7B DGD AN . 42.24 38.80 22.33
C8B DGD AN . 40.78 39.11 22.05
C9B DGD AN . 40.18 38.12 21.10
CAB DGD AN . 38.75 37.71 21.43
CBB DGD AN . 38.81 36.29 21.93
CCB DGD AN . 37.61 35.43 21.63
CDB DGD AN . 37.36 35.12 20.18
CEB DGD AN . 38.49 34.37 19.52
CFB DGD AN . 38.03 33.67 18.26
CGB DGD AN . 39.26 33.00 17.68
O1B DGD AN . 45.75 42.27 17.80
O1G DGD AN . 47.77 39.98 14.67
C1G DGD AN . 46.68 40.88 14.83
C2G DGD AN . 47.18 42.06 15.65
O2G DGD AN . 47.62 41.54 16.89
C3G DGD AN . 48.36 42.76 14.94
O3G DGD AN . 48.06 43.06 13.57
C1D DGD AN . 47.23 44.18 13.40
C2D DGD AN . 47.43 44.68 12.01
O2D DGD AN . 48.80 45.14 11.93
C3D DGD AN . 46.46 45.83 11.82
O3D DGD AN . 46.61 46.30 10.45
C4D DGD AN . 45.01 45.44 12.10
O4D DGD AN . 44.54 44.46 11.16
C5D DGD AN . 44.95 44.91 13.51
O5D DGD AN . 42.58 45.30 13.66
C6D DGD AN . 43.60 44.37 13.86
O6D DGD AN . 45.84 43.80 13.57
C1E DGD AN . 42.43 46.24 14.72
C2E DGD AN . 40.94 46.46 15.01
O2E DGD AN . 40.31 45.15 15.17
C3E DGD AN . 40.29 47.19 13.84
O3E DGD AN . 38.94 47.61 14.13
C4E DGD AN . 41.12 48.43 13.48
O4E DGD AN . 40.94 49.43 14.49
C5E DGD AN . 42.60 48.08 13.24
O6E DGD AN . 43.11 47.45 14.39
C6E DGD AN . 43.49 49.30 12.87
O5E DGD AN . 43.56 50.27 13.92
C1A DGD BN . 46.50 33.53 8.52
C2A DGD BN . 45.76 32.20 8.55
C3A DGD BN . 46.25 31.54 9.75
C4A DGD BN . 45.78 30.10 9.80
C5A DGD BN . 45.18 29.83 11.17
C6A DGD BN . 45.01 28.33 11.31
C7A DGD BN . 43.82 28.06 12.20
C8A DGD BN . 43.69 26.57 12.50
C9A DGD BN . 43.19 26.32 13.93
CAA DGD BN . 42.47 24.97 14.00
CBA DGD BN . 43.20 23.77 13.37
CCA DGD BN . 42.46 22.48 13.26
CDA DGD BN . 43.50 21.46 12.83
CEA DGD BN . 43.79 20.44 13.95
CFA DGD BN . 44.79 19.36 13.51
CGA DGD BN . 44.87 18.20 14.49
O1A DGD BN . 47.61 33.66 8.04
C1B DGD BN . 45.18 37.37 11.69
C2B DGD BN . 45.86 37.38 12.99
C3B DGD BN . 44.93 37.27 14.15
C4B DGD BN . 44.12 36.02 14.14
C5B DGD BN . 44.91 34.76 14.17
C6B DGD BN . 44.09 33.85 15.07
C7B DGD BN . 44.54 32.41 15.17
C8B DGD BN . 43.46 31.69 16.02
C9B DGD BN . 43.92 30.34 16.52
CAB DGD BN . 42.97 29.74 17.55
CBB DGD BN . 43.61 28.59 18.34
CCB DGD BN . 43.32 28.76 19.83
CDB DGD BN . 43.81 27.60 20.71
CEB DGD BN . 43.85 27.94 22.22
CFB DGD BN . 45.27 28.22 22.77
CGB DGD BN . 46.01 26.97 23.26
O1B DGD BN . 44.02 37.66 11.52
O1G DGD BN . 45.86 34.69 9.07
C1G DGD BN . 46.30 35.94 8.59
C2G DGD BN . 45.47 36.96 9.32
O2G DGD BN . 46.02 36.93 10.61
C3G DGD BN . 45.61 38.36 8.72
O3G DGD BN . 45.10 38.25 7.39
C1D DGD BN . 45.16 39.43 6.59
C2D DGD BN . 45.08 38.96 5.16
O2D DGD BN . 46.27 38.17 4.88
C3D DGD BN . 44.94 40.21 4.26
O3D DGD BN . 44.73 39.86 2.90
C4D DGD BN . 43.76 41.06 4.74
O4D DGD BN . 42.55 40.26 4.66
C5D DGD BN . 43.98 41.46 6.20
O5D DGD BN . 42.50 43.31 5.87
C6D DGD BN . 42.86 42.27 6.78
O6D DGD BN . 44.10 40.29 7.01
C1E DGD BN . 41.92 44.44 6.47
C2E DGD BN . 41.36 45.29 5.35
O2E DGD BN . 40.35 44.56 4.62
C3E DGD BN . 42.51 45.77 4.45
O3E DGD BN . 42.02 46.73 3.53
C4E DGD BN . 43.64 46.41 5.28
O4E DGD BN . 43.19 47.64 5.83
C5E DGD BN . 44.09 45.46 6.42
O6E DGD BN . 42.93 45.10 7.22
C6E DGD BN . 45.21 46.08 7.25
O5E DGD BN . 45.50 45.24 8.38
C1 LMG CN . 48.84 47.92 14.84
O1 LMG CN . 49.77 47.26 15.65
C2 LMG CN . 47.46 48.00 15.59
O2 LMG CN . 46.96 46.69 15.85
C3 LMG CN . 46.45 48.85 14.78
O3 LMG CN . 45.28 49.23 15.57
C4 LMG CN . 47.10 50.14 14.29
O4 LMG CN . 47.25 51.05 15.38
C5 LMG CN . 48.48 49.94 13.65
O5 LMG CN . 50.06 51.10 12.40
C6 LMG CN . 49.05 51.32 13.34
O6 LMG CN . 49.36 49.21 14.51
C7 LMG CN . 50.87 46.62 15.02
C8 LMG CN . 51.62 45.96 16.19
C9 LMG CN . 51.07 44.57 16.51
O7 LMG CN . 52.95 45.71 15.80
C10 LMG CN . 54.01 46.29 16.58
O9 LMG CN . 53.84 47.40 16.99
C11 LMG CN . 55.26 45.51 16.83
C12 LMG CN . 55.15 44.69 18.12
C13 LMG CN . 55.48 43.22 17.85
C14 LMG CN . 55.79 42.41 19.10
C15 LMG CN . 56.43 41.05 18.76
C16 LMG CN . 55.59 39.83 19.15
C17 LMG CN . 56.28 38.88 20.14
C18 LMG CN . 55.63 37.49 20.15
C19 LMG CN . 55.44 36.88 21.57
C20 LMG CN . 55.23 35.35 21.58
C21 LMG CN . 53.78 34.94 21.83
C22 LMG CN . 53.55 33.41 21.78
C23 LMG CN . 52.05 33.05 21.86
C24 LMG CN . 51.72 31.87 22.77
C25 LMG CN . 51.75 30.57 21.98
O8 LMG CN . 51.96 43.76 17.25
C28 LMG CN . 51.49 42.48 17.74
O10 LMG CN . 50.50 42.07 17.23
C29 LMG CN . 52.11 41.61 18.80
C30 LMG CN . 51.07 40.74 19.50
C31 LMG CN . 51.12 39.23 19.16
C32 LMG CN . 50.56 38.52 20.40
C33 LMG CN . 50.15 37.08 20.14
C34 LMG CN . 49.78 36.33 21.43
C35 LMG CN . 48.29 36.31 21.82
C36 LMG CN . 48.07 35.31 22.97
C37 LMG CN . 46.61 35.15 23.39
C38 LMG CN . 46.05 36.35 24.16
C39 LMG CN . 44.91 36.02 25.14
C40 LMG CN . 43.55 36.71 24.87
C41 LMG CN . 42.58 36.62 26.07
C42 LMG CN . 41.14 36.48 25.61
C43 LMG CN . 40.77 35.01 25.38
C1 LMG DN . 47.85 68.78 32.19
O1 LMG DN . 47.15 69.27 33.36
C2 LMG DN . 46.98 68.74 30.94
O2 LMG DN . 45.93 67.78 31.18
C3 LMG DN . 47.80 68.33 29.68
O3 LMG DN . 47.12 68.60 28.45
C4 LMG DN . 49.21 68.89 29.55
O4 LMG DN . 49.10 70.18 28.91
C5 LMG DN . 49.88 69.00 30.93
O5 LMG DN . 52.20 68.97 31.23
C6 LMG DN . 51.12 69.86 30.93
O6 LMG DN . 49.00 69.57 31.89
C7 LMG DN . 47.81 69.01 34.63
C8 LMG DN . 47.53 67.58 35.13
C9 LMG DN . 48.10 67.34 36.56
O7 LMG DN . 46.10 67.36 35.08
C10 LMG DN . 45.60 66.02 34.75
O9 LMG DN . 46.38 65.16 34.36
C11 LMG DN . 44.12 65.74 34.91
C12 LMG DN . 43.79 64.30 34.54
C13 LMG DN . 43.74 63.39 35.76
C14 LMG DN . 44.03 61.92 35.48
C15 LMG DN . 43.98 61.12 36.80
C16 LMG DN . 44.35 59.65 36.58
C17 LMG DN . 43.74 58.71 37.63
C18 LMG DN . 44.76 57.89 38.45
C19 LMG DN . 44.96 56.42 38.07
C20 LMG DN . 45.52 55.62 39.25
C21 LMG DN . 45.83 54.16 38.95
C22 LMG DN . 46.33 53.37 40.17
C23 LMG DN . 46.81 51.93 39.91
C24 LMG DN . 47.08 51.19 41.24
C25 LMG DN . 47.44 49.70 41.08
O8 LMG DN . 47.73 66.03 37.09
C28 LMG DN . 48.71 64.98 37.41
O10 LMG DN . 49.65 64.81 36.66
C29 LMG DN . 48.55 64.12 38.65
C30 LMG DN . 48.83 62.61 38.44
C31 LMG DN . 49.42 62.00 39.71
C32 LMG DN . 49.37 60.45 39.82
C33 LMG DN . 48.54 59.86 41.00
C34 LMG DN . 49.16 58.61 41.67
C35 LMG DN . 48.22 57.76 42.56
C36 LMG DN . 48.80 56.35 42.88
C37 LMG DN . 47.99 55.56 43.94
C38 LMG DN . 48.25 54.03 44.03
C39 LMG DN . 47.90 53.47 45.42
C40 LMG DN . 49.10 53.19 46.38
C41 LMG DN . 49.10 53.77 47.84
C42 LMG DN . 50.33 53.38 48.69
C43 LMG DN . 51.42 54.46 48.74
C1B LMT EN . 17.59 19.10 57.55
C2B LMT EN . 16.60 17.91 57.36
C3B LMT EN . 17.35 16.57 57.13
C4B LMT EN . 18.86 16.84 56.91
C5B LMT EN . 19.51 17.66 58.07
C6B LMT EN . 20.92 18.18 57.72
O1B LMT EN . 16.96 20.29 58.04
O2B LMT EN . 15.67 17.72 58.45
O3B LMT EN . 16.72 15.85 56.01
O4' LMT EN . 19.67 15.70 56.63
O5B LMT EN . 18.66 18.77 58.46
O6B LMT EN . 21.53 19.16 58.61
C1' LMT EN . 18.16 24.25 57.09
C2' LMT EN . 19.00 23.49 58.15
C3' LMT EN . 18.95 21.99 57.75
C4' LMT EN . 17.45 21.64 57.83
C5' LMT EN . 16.81 22.27 56.60
C6' LMT EN . 15.35 21.87 56.43
O1' LMT EN . 17.86 25.57 57.54
O2' LMT EN . 20.34 23.94 58.27
O3' LMT EN . 19.85 21.22 58.56
O5' LMT EN . 16.87 23.66 56.81
O6' LMT EN . 14.76 21.51 57.70
C1 LMT EN . 17.11 26.33 56.56
C2 LMT EN . 17.34 27.82 56.81
C3 LMT EN . 17.91 28.57 55.61
C4 LMT EN . 18.07 30.06 55.94
C5 LMT EN . 18.23 31.04 54.77
C6 LMT EN . 18.00 32.46 55.30
C7 LMT EN . 18.41 33.58 54.33
C8 LMT EN . 17.48 34.81 54.38
C9 LMT EN . 16.50 34.89 53.21
C10 LMT EN . 17.05 35.66 52.01
C11 LMT EN . 16.20 35.37 50.78
C12 LMT EN . 15.96 36.63 49.97
C1 HTG FN . 39.97 66.07 39.07
S1 HTG FN . 40.56 64.70 40.05
C2 HTG FN . 39.51 65.60 37.72
O2 HTG FN . 40.61 64.91 37.16
C3 HTG FN . 39.05 66.80 36.88
O3 HTG FN . 38.45 66.36 35.67
C4 HTG FN . 38.02 67.66 37.65
O4 HTG FN . 37.67 68.85 36.96
C5 HTG FN . 38.58 68.00 39.00
O5 HTG FN . 38.86 66.76 39.65
C6 HTG FN . 37.60 68.85 39.82
O6 HTG FN . 38.00 68.87 41.20
C1' HTG FN . 42.34 64.72 39.89
C2' HTG FN . 43.00 63.31 39.87
C3' HTG FN . 42.81 62.49 41.16
C4' HTG FN . 43.84 61.35 41.23
C5' HTG FN . 43.24 60.13 41.93
C6' HTG FN . 44.30 59.15 42.45
C7' HTG FN . 43.68 57.95 43.15
C1 HTG GN . 22.15 63.73 47.61
S1 HTG GN . 23.63 62.74 47.48
C2 HTG GN . 22.27 65.09 46.91
O2 HTG GN . 23.36 65.85 47.45
C3 HTG GN . 20.98 65.89 47.06
O3 HTG GN . 21.01 67.15 46.34
C4 HTG GN . 19.78 65.09 46.55
O4 HTG GN . 18.57 65.67 47.05
C5 HTG GN . 19.82 63.60 46.93
O5 HTG GN . 21.15 63.02 46.92
C6 HTG GN . 18.93 62.79 45.99
O6 HTG GN . 19.59 62.60 44.73
C1' HTG GN . 23.89 61.97 49.05
C2' HTG GN . 24.93 60.84 48.97
C3' HTG GN . 26.34 61.29 48.52
C4' HTG GN . 27.41 60.22 48.88
C5' HTG GN . 28.79 60.52 48.30
C6' HTG GN . 29.88 59.55 48.78
C7' HTG GN . 31.20 59.67 48.03
CA CA HN . 60.58 16.28 47.15
C1 GOL IN . 21.15 60.53 -0.50
O1 GOL IN . 22.32 60.78 -1.21
C2 GOL IN . 20.60 61.44 0.60
O2 GOL IN . 19.40 62.10 0.22
C3 GOL IN . 20.31 60.57 1.85
O3 GOL IN . 19.69 61.25 2.92
C1 GOL JN . 28.25 47.50 8.15
O1 GOL JN . 28.78 48.65 8.81
C2 GOL JN . 29.01 47.14 6.88
O2 GOL JN . 28.85 48.22 5.93
C3 GOL JN . 28.38 45.83 6.37
O3 GOL JN . 29.06 45.31 5.24
C1 BCR KN . 58.09 54.49 29.52
C2 BCR KN . 57.57 55.70 28.75
C3 BCR KN . 56.27 56.24 29.34
C4 BCR KN . 56.50 56.71 30.76
C5 BCR KN . 57.41 55.81 31.56
C6 BCR KN . 58.16 54.79 31.01
C7 BCR KN . 58.91 53.77 31.81
C8 BCR KN . 58.32 53.14 32.86
C9 BCR KN . 58.97 51.96 33.51
C10 BCR KN . 58.19 51.06 34.19
C11 BCR KN . 58.66 49.77 34.72
C33 BCR KN . 57.47 56.25 32.99
C31 BCR KN . 59.45 54.11 28.94
C32 BCR KN . 57.16 53.25 29.34
C34 BCR KN . 60.45 51.73 33.29
C12 BCR KN . 57.79 48.81 35.13
C13 BCR KN . 58.18 47.47 35.64
C14 BCR KN . 57.20 46.57 35.94
C15 BCR KN . 57.40 45.18 36.44
C16 BCR KN . 56.36 44.34 36.66
C17 BCR KN . 56.64 42.97 37.15
C18 BCR KN . 55.70 42.02 37.39
C19 BCR KN . 56.10 40.68 37.87
C20 BCR KN . 55.31 39.61 37.88
C21 BCR KN . 55.83 38.30 38.29
C22 BCR KN . 55.16 37.12 38.11
C23 BCR KN . 55.81 35.86 38.47
C24 BCR KN . 55.29 34.70 38.10
C25 BCR KN . 56.01 33.44 38.35
C26 BCR KN . 56.43 33.13 39.59
C27 BCR KN . 57.11 31.82 39.90
C28 BCR KN . 57.49 30.96 38.68
C29 BCR KN . 56.53 31.07 37.49
C30 BCR KN . 56.26 32.53 37.13
C35 BCR KN . 59.63 47.20 35.76
C36 BCR KN . 54.26 42.34 37.15
C37 BCR KN . 53.75 37.14 37.51
C38 BCR KN . 56.04 33.92 40.83
C39 BCR KN . 55.06 32.54 36.23
C40 BCR KN . 57.44 33.09 36.35
C1 GOL LN . 61.63 30.57 53.04
O1 GOL LN . 60.27 30.28 53.48
C2 GOL LN . 61.74 30.55 51.50
O2 GOL LN . 60.89 29.47 51.09
C3 GOL LN . 63.13 30.26 50.95
O3 GOL LN . 63.86 31.49 50.79
C1 GOL MN . 8.61 45.87 5.79
O1 GOL MN . 7.97 45.33 4.65
C2 GOL MN . 8.25 45.30 7.13
O2 GOL MN . 8.28 46.19 8.18
C3 GOL MN . 9.06 44.06 7.50
O3 GOL MN . 8.93 43.30 6.24
C1 HTG NN . 57.73 43.54 59.15
S1 HTG NN . 58.22 44.38 57.64
C2 HTG NN . 58.92 42.69 59.73
O2 HTG NN . 59.52 41.71 58.70
C3 HTG NN . 58.47 42.01 61.05
O3 HTG NN . 59.52 41.19 61.66
C4 HTG NN . 58.03 43.10 62.03
O4 HTG NN . 57.48 42.49 63.23
C5 HTG NN . 56.98 44.07 61.42
O5 HTG NN . 57.32 44.54 60.10
C6 HTG NN . 56.78 45.31 62.29
O6 HTG NN . 55.40 45.74 62.18
C1' HTG NN . 56.85 45.41 57.19
C2' HTG NN . 56.53 45.14 55.74
C3' HTG NN . 55.62 46.20 55.12
C4' HTG NN . 55.59 46.08 53.60
C5' HTG NN . 54.75 47.23 53.01
C6' HTG NN . 54.60 47.16 51.50
C7' HTG NN . 53.70 48.27 50.95
C1 HTG ON . 49.56 42.17 63.61
S1 HTG ON . 49.92 43.62 62.62
C2 HTG ON . 50.73 41.14 63.61
O2 HTG ON . 51.18 40.82 62.27
C3 HTG ON . 50.29 39.93 64.49
O3 HTG ON . 51.14 38.77 64.41
C4 HTG ON . 50.18 40.44 65.94
O4 HTG ON . 49.94 39.35 66.84
C5 HTG ON . 49.09 41.52 66.00
O5 HTG ON . 49.32 42.56 65.00
C6 HTG ON . 49.00 42.11 67.43
O6 HTG ON . 48.20 43.31 67.52
C1' HTG ON . 48.85 43.73 61.21
C2' HTG ON . 48.15 45.08 61.09
C3' HTG ON . 48.06 45.51 59.61
C4' HTG ON . 46.82 46.37 59.32
C5' HTG ON . 47.02 47.50 58.27
C6' HTG ON . 45.77 47.71 57.38
C7' HTG ON . 45.87 48.82 56.34
O1 PG4 PN . 16.34 59.71 44.91
C1 PG4 PN . 15.81 60.52 45.98
C2 PG4 PN . 14.42 60.02 46.39
O2 PG4 PN . 14.41 59.54 47.76
C3 PG4 PN . 13.51 58.45 48.05
C4 PG4 PN . 13.94 57.68 49.29
O3 PG4 PN . 15.34 57.33 49.32
C5 PG4 PN . 15.89 57.18 50.66
C6 PG4 PN . 16.87 56.01 50.84
O4 PG4 PN . 18.20 56.49 51.25
C7 PG4 PN . 19.25 55.49 51.43
C8 PG4 PN . 20.69 55.88 50.95
O5 PG4 PN . 21.52 54.76 50.51
O1 PG4 QN . 61.82 18.96 27.58
C1 PG4 QN . 62.68 19.09 28.73
C2 PG4 QN . 62.71 17.81 29.58
O2 PG4 QN . 63.25 18.08 30.89
C3 PG4 QN . 64.29 17.20 31.34
C4 PG4 QN . 63.71 15.87 31.76
O3 PG4 QN . 64.68 15.21 32.58
C5 PG4 QN . 64.29 13.91 33.02
C6 PG4 QN . 63.45 14.08 34.28
O4 PG4 QN . 64.27 13.83 35.43
C7 PG4 QN . 63.55 13.45 36.61
C8 PG4 QN . 62.87 14.68 37.26
O5 PG4 QN . 61.45 14.81 37.06
O1 PG4 RN . 27.87 46.91 59.57
C1 PG4 RN . 26.49 46.77 59.89
C2 PG4 RN . 26.31 45.40 60.50
O2 PG4 RN . 26.61 45.39 61.91
C3 PG4 RN . 27.24 44.19 62.38
C4 PG4 RN . 26.75 43.78 63.77
O3 PG4 RN . 27.37 42.55 64.24
C5 PG4 RN . 26.62 41.91 65.29
C6 PG4 RN . 27.55 41.15 66.20
O4 PG4 RN . 26.94 39.89 66.49
C7 PG4 RN . 27.85 38.82 66.77
C8 PG4 RN . 27.23 37.89 67.80
O5 PG4 RN . 28.04 37.83 68.99
O1 PG4 SN . 20.10 33.43 60.09
C1 PG4 SN . 19.86 33.38 61.52
C2 PG4 SN . 20.31 32.01 62.08
O2 PG4 SN . 20.31 31.94 63.52
C3 PG4 SN . 21.56 32.28 64.14
C4 PG4 SN . 21.49 32.48 65.68
O3 PG4 SN . 22.75 32.87 66.28
C5 PG4 SN . 23.02 34.30 66.32
C6 PG4 SN . 24.45 34.68 66.75
O4 PG4 SN . 24.64 36.11 66.94
C7 PG4 SN . 24.59 36.96 65.77
C8 PG4 SN . 23.26 37.75 65.69
O5 PG4 SN . 23.31 38.77 64.69
C1 PGE TN . 12.13 46.83 44.95
O1 PGE TN . 11.92 47.53 46.18
C2 PGE TN . 10.80 46.56 44.26
O2 PGE TN . 10.84 47.00 42.89
C3 PGE TN . 9.62 46.84 42.17
C4 PGE TN . 8.73 48.07 42.44
O4 PGE TN . 5.27 46.49 40.21
C6 PGE TN . 5.26 47.64 41.07
C5 PGE TN . 6.39 47.60 42.10
O3 PGE TN . 7.62 48.10 41.54
C1 PGE UN . 16.50 42.61 46.58
O1 PGE UN . 15.57 43.25 45.69
C2 PGE UN . 17.70 42.12 45.78
O2 PGE UN . 17.61 40.71 45.55
C3 PGE UN . 18.70 39.91 46.05
C4 PGE UN . 18.28 38.44 46.22
O4 PGE UN . 20.65 35.58 48.73
C6 PGE UN . 19.36 36.18 48.92
C5 PGE UN . 18.73 36.52 47.58
O3 PGE UN . 19.13 37.83 47.19
C1 PGE VN . 24.33 43.33 57.72
O1 PGE VN . 24.46 44.09 56.49
C2 PGE VN . 22.89 43.33 58.27
O2 PGE VN . 22.66 42.35 59.30
C3 PGE VN . 21.31 41.81 59.44
C4 PGE VN . 21.18 40.73 60.55
O4 PGE VN . 19.91 35.99 59.44
C6 PGE VN . 19.69 37.42 59.38
C5 PGE VN . 20.69 38.28 60.18
O3 PGE VN . 20.24 39.67 60.22
C1 PGE WN . 35.30 52.89 55.57
O1 PGE WN . 36.43 52.19 55.00
C2 PGE WN . 34.56 52.05 56.61
O2 PGE WN . 35.45 51.50 57.59
C3 PGE WN . 34.80 51.18 58.82
C4 PGE WN . 35.79 50.52 59.78
O4 PGE WN . 35.89 46.73 62.23
C6 PGE WN . 35.92 48.11 61.82
C5 PGE WN . 36.61 48.33 60.46
O3 PGE WN . 35.83 49.10 59.53
C1 PGE XN . 14.65 -5.26 43.87
O1 PGE XN . 16.04 -4.95 43.72
C2 PGE XN . 14.43 -6.77 44.09
O2 PGE XN . 14.84 -7.52 42.93
C3 PGE XN . 15.84 -8.54 43.12
C4 PGE XN . 17.25 -7.94 43.13
O4 PGE XN . 20.67 -11.19 43.38
C6 PGE XN . 20.50 -9.88 42.82
C5 PGE XN . 19.36 -9.14 43.53
O3 PGE XN . 18.22 -8.93 42.68
O1 P6G YN . 17.83 39.39 50.43
C2 P6G YN . 18.46 39.13 51.69
C3 P6G YN . 19.53 40.16 52.02
O4 P6G YN . 19.52 40.47 53.41
C5 P6G YN . 20.77 41.00 53.84
C6 P6G YN . 20.55 41.83 55.10
O7 P6G YN . 19.96 43.09 54.76
C8 P6G YN . 19.44 43.74 55.92
C9 P6G YN . 19.55 45.26 55.77
O10 P6G YN . 20.93 45.66 55.83
C11 P6G YN . 21.49 45.85 54.54
C12 P6G YN . 22.71 46.74 54.62
O13 P6G YN . 22.57 47.85 53.72
C14 P6G YN . 23.49 48.89 54.06
C15 P6G YN . 23.12 50.18 53.33
O16 P6G YN . 21.88 50.59 53.89
C17 P6G YN . 21.45 49.66 54.90
C18 P6G YN . 19.96 49.40 54.70
O19 P6G YN . 19.27 50.66 54.65
C1 EDO ZN . 44.31 71.35 26.14
O1 EDO ZN . 44.44 69.96 25.78
C2 EDO ZN . 45.22 71.63 27.33
O2 EDO ZN . 46.36 70.76 27.30
CHA PHO AO . 44.29 6.09 11.09
CHB PHO AO . 44.07 10.67 9.48
CHC PHO AO . 39.22 10.44 9.86
CHD PHO AO . 39.36 5.88 11.51
NA PHO AO . 43.88 8.34 10.22
C1A PHO AO . 44.72 7.33 10.54
C2A PHO AO . 46.15 7.66 10.31
C3A PHO AO . 46.05 9.16 10.16
C4A PHO AO . 44.58 9.39 9.95
CMA PHO AO . 46.53 9.90 11.36
CAA PHO AO . 46.60 7.00 8.99
CBA PHO AO . 48.06 7.21 8.82
CGA PHO AO . 48.47 6.90 7.40
O1A PHO AO . 47.78 6.48 6.48
O2A PHO AO . 49.79 7.20 7.11
NB PHO AO . 41.65 10.19 9.75
C1B PHO AO . 42.66 11.02 9.40
C2B PHO AO . 42.20 12.38 8.99
C3B PHO AO . 40.81 12.29 9.10
C4B PHO AO . 40.56 10.92 9.59
CMB PHO AO . 43.04 13.50 8.52
CAB PHO AO . 39.80 13.25 8.75
CBB PHO AO . 40.07 14.24 7.97
NC PHO AO . 39.73 8.12 10.55
C1C PHO AO . 38.84 9.12 10.41
C2C PHO AO . 37.46 8.90 10.87
C3C PHO AO . 37.48 7.52 11.34
C4C PHO AO . 38.88 7.17 11.08
CMC PHO AO . 36.34 9.85 10.83
CAC PHO AO . 36.37 6.66 11.97
CBC PHO AO . 36.05 5.37 11.32
ND PHO AO . 41.68 6.40 11.08
C1D PHO AO . 40.75 5.52 11.44
C2D PHO AO . 41.34 4.31 12.05
C3D PHO AO . 42.77 4.51 11.88
C4D PHO AO . 42.88 5.75 11.29
CMD PHO AO . 40.73 3.05 12.67
CAD PHO AO . 44.13 3.95 12.00
OBD PHO AO . 44.40 2.81 12.53
CBD PHO AO . 45.15 4.95 11.53
CGD PHO AO . 46.01 5.32 12.70
O1D PHO AO . 47.04 4.77 12.99
O2D PHO AO . 45.63 6.40 13.50
CED PHO AO . 46.37 6.77 14.65
C1 PHO AO . 50.32 6.81 5.83
C2 PHO AO . 50.04 7.96 4.88
C3 PHO AO . 49.45 7.86 3.71
C4 PHO AO . 48.98 6.53 3.18
C5 PHO AO . 49.29 9.16 2.92
C6 PHO AO . 47.83 9.40 2.62
C7 PHO AO . 47.62 10.46 1.56
C8 PHO AO . 46.19 11.00 1.52
C9 PHO AO . 45.23 9.83 1.44
C10 PHO AO . 46.00 12.02 0.34
C11 PHO AO . 46.87 13.27 0.41
C12 PHO AO . 46.60 14.14 1.59
C13 PHO AO . 47.49 15.39 1.58
C14 PHO AO . 48.94 14.97 1.87
C15 PHO AO . 47.02 16.39 2.61
C16 PHO AO . 45.75 17.06 2.17
C17 PHO AO . 45.28 18.13 3.17
C18 PHO AO . 44.18 19.01 2.61
C19 PHO AO . 43.75 20.07 3.69
C20 PHO AO . 42.95 18.19 2.16
C1 GOL BO . 3.08 14.11 3.05
O1 GOL BO . 2.11 14.32 4.10
C2 GOL BO . 4.38 14.70 3.53
O2 GOL BO . 4.68 13.82 4.57
C3 GOL BO . 5.47 14.65 2.44
O3 GOL BO . 5.74 15.95 1.97
MG CLA CO . 21.49 17.57 14.62
CHA CLA CO . 21.45 14.98 12.37
CHB CLA CO . 19.51 15.75 16.66
CHC CLA CO . 22.00 19.92 17.11
CHD CLA CO . 23.65 19.37 12.52
NA CLA CO . 20.62 15.70 14.55
C1A CLA CO . 20.77 14.79 13.62
C2A CLA CO . 20.17 13.45 13.96
C3A CLA CO . 19.22 13.87 15.09
C4A CLA CO . 19.83 15.20 15.49
CMA CLA CO . 17.75 14.00 14.61
CAA CLA CO . 21.22 12.43 14.35
CBA CLA CO . 22.20 12.95 15.44
CGA CLA CO . 23.18 11.98 15.97
O1A CLA CO . 23.19 10.79 15.71
O2A CLA CO . 24.11 12.57 16.87
NB CLA CO . 20.83 17.81 16.56
C1B CLA CO . 20.03 16.99 17.26
C2B CLA CO . 19.71 17.45 18.62
C3B CLA CO . 20.42 18.71 18.70
C4B CLA CO . 21.14 18.79 17.42
CMB CLA CO . 18.81 16.81 19.64
CAB CLA CO . 20.61 19.73 19.73
CBB CLA CO . 20.06 19.60 20.92
NC CLA CO . 22.54 19.31 14.79
C1C CLA CO . 22.71 20.07 15.83
C2C CLA CO . 23.49 21.29 15.59
C3C CLA CO . 23.97 21.15 14.25
C4C CLA CO . 23.38 19.88 13.88
CMC CLA CO . 23.79 22.37 16.59
CAC CLA CO . 24.77 22.08 13.39
CBC CLA CO . 23.91 23.33 13.37
ND CLA CO . 22.35 17.28 12.85
C1D CLA CO . 23.23 18.09 12.08
C2D CLA CO . 23.46 17.51 10.76
C3D CLA CO . 22.77 16.24 10.86
C4D CLA CO . 22.19 16.18 12.11
CMD CLA CO . 24.30 17.92 9.57
CAD CLA CO . 22.42 14.99 10.21
OBD CLA CO . 22.76 14.66 9.01
CBD CLA CO . 21.57 14.14 11.13
CGD CLA CO . 20.21 14.02 10.54
O1D CLA CO . 19.59 14.97 10.08
O2D CLA CO . 19.66 12.73 10.59
CED CLA CO . 18.30 12.52 10.15
C1 CLA CO . 25.03 11.73 17.66
C2 CLA CO . 24.22 11.32 18.88
C3 CLA CO . 23.72 10.13 19.16
C4 CLA CO . 23.98 8.95 18.31
C5 CLA CO . 22.91 10.01 20.44
C6 CLA CO . 21.43 9.91 20.14
C7 CLA CO . 20.76 11.24 19.73
C8 CLA CO . 19.34 11.06 19.14
C9 CLA CO . 19.39 10.39 17.79
C10 CLA CO . 18.60 12.38 19.11
C11 CLA CO . 17.13 12.24 18.84
C12 CLA CO . 16.43 13.62 18.85
C13 CLA CO . 14.92 13.57 18.69
C14 CLA CO . 14.42 14.89 18.19
C15 CLA CO . 14.30 13.29 20.07
C16 CLA CO . 12.89 12.73 20.05
C17 CLA CO . 12.58 11.95 21.35
C18 CLA CO . 12.35 12.91 22.42
C19 CLA CO . 12.04 12.13 23.66
C20 CLA CO . 11.20 13.81 22.04
MG CLA DO . 29.52 16.01 5.94
CHA CLA DO . 31.61 13.88 4.13
CHB CLA DO . 30.40 14.33 8.76
CHC CLA DO . 27.94 18.39 7.80
CHD CLA DO . 29.09 18.02 3.14
NA CLA DO . 30.61 14.34 6.36
C1A CLA DO . 31.42 13.61 5.54
C2A CLA DO . 32.14 12.43 6.19
C3A CLA DO . 31.45 12.46 7.54
C4A CLA DO . 30.78 13.82 7.57
CMA CLA DO . 30.40 11.34 7.68
CAA CLA DO . 33.63 12.66 6.32
CBA CLA DO . 34.40 11.46 6.89
CGA CLA DO . 35.82 11.77 7.02
O1A CLA DO . 36.42 11.75 8.11
O2A CLA DO . 36.52 12.07 5.82
NB CLA DO . 29.20 16.27 7.90
C1B CLA DO . 29.65 15.54 8.93
C2B CLA DO . 29.26 16.05 10.26
C3B CLA DO . 28.58 17.28 9.99
C4B CLA DO . 28.64 17.33 8.52
CMB CLA DO . 29.62 15.49 11.57
CAB CLA DO . 27.81 18.26 10.82
CBB CLA DO . 27.26 17.97 11.94
NC CLA DO . 28.68 17.83 5.52
C1C CLA DO . 28.01 18.65 6.34
C2C CLA DO . 27.30 19.80 5.75
C3C CLA DO . 27.68 19.65 4.39
C4C CLA DO . 28.48 18.44 4.36
CMC CLA DO . 26.48 20.86 6.40
CAC CLA DO . 27.26 20.45 3.21
CBC CLA DO . 26.44 19.54 2.27
ND CLA DO . 30.15 15.95 4.02
C1D CLA DO . 30.01 16.93 3.04
C2D CLA DO . 30.69 16.47 1.80
C3D CLA DO . 31.37 15.24 2.24
C4D CLA DO . 31.08 15.11 3.59
CMD CLA DO . 30.73 17.05 0.40
CAD CLA DO . 32.24 14.13 1.92
OBD CLA DO . 32.71 13.91 0.79
CBD CLA DO . 32.39 13.21 3.07
CGD CLA DO . 31.74 11.89 2.74
O1D CLA DO . 30.54 11.65 2.81
O2D CLA DO . 32.56 10.90 2.26
CED CLA DO . 32.03 9.65 1.80
C1 CLA DO . 37.93 12.43 5.89
C2 CLA DO . 38.74 11.68 4.86
C3 CLA DO . 39.08 10.46 5.00
C4 CLA DO . 38.62 9.64 6.18
C5 CLA DO . 39.88 9.86 3.91
C6 CLA DO . 41.16 9.14 4.42
C7 CLA DO . 42.09 10.07 5.13
C8 CLA DO . 43.50 9.53 5.38
C9 CLA DO . 43.54 8.40 6.41
C10 CLA DO . 44.37 10.74 5.82
C11 CLA DO . 45.87 10.45 5.99
C12 CLA DO . 46.58 11.78 6.15
C13 CLA DO . 48.07 11.67 6.15
C14 CLA DO . 48.53 11.11 7.48
C15 CLA DO . 48.72 13.01 5.89
C16 CLA DO . 48.24 14.22 6.67
C17 CLA DO . 49.13 15.44 6.22
C18 CLA DO . 48.84 16.79 6.86
C19 CLA DO . 47.51 17.38 6.46
C20 CLA DO . 49.90 17.86 6.66
MG CLA EO . 55.27 6.60 -8.57
CHA CLA EO . 53.54 8.02 -11.27
CHB CLA EO . 52.97 4.26 -8.37
CHC CLA EO . 57.25 4.94 -6.36
CHD CLA EO . 57.84 8.93 -9.04
NA CLA EO . 53.55 6.17 -9.60
C1A CLA EO . 53.02 6.79 -10.63
C2A CLA EO . 51.76 6.16 -11.21
C3A CLA EO . 51.47 5.16 -10.15
C4A CLA EO . 52.75 5.15 -9.33
CMA CLA EO . 50.33 5.67 -9.27
CAA CLA EO . 51.97 5.49 -12.51
CBA CLA EO . 53.08 4.47 -12.48
CGA CLA EO . 53.19 3.68 -13.78
O1A CLA EO . 52.49 3.78 -14.82
O2A CLA EO . 54.19 2.68 -13.72
NB CLA EO . 55.09 4.92 -7.47
C1B CLA EO . 54.10 4.04 -7.51
C2B CLA EO . 54.25 2.85 -6.63
C3B CLA EO . 55.56 3.08 -6.05
C4B CLA EO . 55.98 4.34 -6.68
CMB CLA EO . 53.34 1.71 -6.37
CAB CLA EO . 56.34 2.28 -5.08
CBB CLA EO . 55.99 1.06 -4.67
NC CLA EO . 57.13 6.93 -7.77
C1C CLA EO . 57.81 6.13 -6.97
C2C CLA EO . 59.16 6.57 -6.63
C3C CLA EO . 59.33 7.76 -7.42
C4C CLA EO . 58.05 7.83 -8.14
CMC CLA EO . 60.14 5.98 -5.71
CAC CLA EO . 60.55 8.66 -7.48
CBC CLA EO . 61.50 8.14 -8.50
ND CLA EO . 55.60 8.15 -9.84
C1D CLA EO . 56.70 9.03 -9.91
C2D CLA EO . 56.46 10.07 -10.97
C3D CLA EO . 55.14 9.67 -11.52
C4D CLA EO . 54.78 8.53 -10.86
CMD CLA EO . 57.21 11.27 -11.42
CAD CLA EO . 54.08 9.94 -12.48
OBD CLA EO . 54.09 10.95 -13.26
CBD CLA EO . 53.00 8.93 -12.32
CGD CLA EO . 51.85 9.71 -11.77
O1D CLA EO . 51.60 9.73 -10.58
O2D CLA EO . 51.09 10.49 -12.63
CED CLA EO . 49.98 11.28 -12.10
C1 CLA EO . 54.52 1.91 -14.92
C2 CLA EO . 55.45 0.82 -14.57
C3 CLA EO . 55.16 -0.29 -13.87
C4 CLA EO . 53.78 -0.54 -13.28
C5 CLA EO . 56.33 -1.25 -13.65
C6 CLA EO . 55.97 -2.63 -14.04
C7 CLA EO . 57.15 -3.58 -13.89
C8 CLA EO . 56.82 -4.87 -14.65
C9 CLA EO . 55.94 -5.75 -13.77
C10 CLA EO . 58.07 -5.59 -15.16
C11 CLA EO . 58.87 -4.79 -16.23
C12 CLA EO . 59.03 -5.44 -17.62
C13 CLA EO . 60.40 -5.22 -18.32
C14 CLA EO . 61.54 -5.89 -17.53
C15 CLA EO . 60.65 -3.74 -18.66
C16 CLA EO . 59.96 -3.26 -19.97
C17 CLA EO . 60.50 -1.95 -20.60
C18 CLA EO . 60.67 -2.01 -22.14
C19 CLA EO . 61.52 -0.86 -22.72
C20 CLA EO . 59.36 -2.10 -22.90
C1 BCR FO . 59.10 13.66 -7.10
C2 BCR FO . 58.45 13.47 -8.49
C3 BCR FO . 58.00 14.76 -9.06
C4 BCR FO . 57.15 15.59 -8.13
C5 BCR FO . 57.34 15.29 -6.70
C6 BCR FO . 58.30 14.50 -6.18
C7 BCR FO . 58.57 14.46 -4.70
C8 BCR FO . 58.54 15.53 -3.88
C9 BCR FO . 58.84 15.48 -2.41
C10 BCR FO . 58.74 16.60 -1.69
C11 BCR FO . 58.91 16.67 -0.25
C33 BCR FO . 56.19 15.80 -5.83
C31 BCR FO . 60.44 14.32 -7.14
C32 BCR FO . 59.35 12.27 -6.64
C34 BCR FO . 59.13 14.17 -1.74
C12 BCR FO . 58.57 17.83 0.33
C13 BCR FO . 58.56 18.09 1.81
C14 BCR FO . 58.23 19.33 2.23
C15 BCR FO . 58.06 19.71 3.63
C16 BCR FO . 57.63 20.95 3.93
C17 BCR FO . 57.36 21.29 5.32
C18 BCR FO . 56.78 22.44 5.73
C19 BCR FO . 56.49 22.56 7.18
C20 BCR FO . 55.84 23.60 7.75
C21 BCR FO . 55.62 23.57 9.17
C22 BCR FO . 55.04 24.53 9.89
C23 BCR FO . 54.85 24.28 11.35
C24 BCR FO . 54.01 24.97 12.11
C25 BCR FO . 53.82 24.63 13.56
C26 BCR FO . 54.66 23.88 14.29
C27 BCR FO . 54.13 22.75 15.14
C28 BCR FO . 52.99 23.31 16.04
C29 BCR FO . 52.64 24.79 15.72
C30 BCR FO . 52.60 25.06 14.23
C35 BCR FO . 58.82 16.90 2.74
C36 BCR FO . 56.40 23.56 4.77
C37 BCR FO . 54.61 25.82 9.33
C38 BCR FO . 56.12 24.17 14.29
C39 BCR FO . 52.49 26.58 14.08
C40 BCR FO . 51.64 24.10 13.52
C2 PL9 GO . 30.35 4.41 29.33
C3 PL9 GO . 29.03 4.09 29.59
C4 PL9 GO . 28.72 2.93 30.43
C5 PL9 GO . 29.86 2.16 31.02
C6 PL9 GO . 31.23 2.53 30.67
C1 PL9 GO . 31.43 3.69 29.81
C7 PL9 GO . 27.87 4.94 29.07
C8 PL9 GO . 27.58 4.89 27.61
C9 PL9 GO . 26.45 4.53 27.06
C10 PL9 GO . 25.24 4.07 27.83
C11 PL9 GO . 26.42 4.57 25.56
C12 PL9 GO . 25.48 5.66 25.12
C13 PL9 GO . 25.54 5.74 23.63
C14 PL9 GO . 24.88 6.70 22.93
C15 PL9 GO . 24.08 7.70 23.58
C16 PL9 GO . 24.99 6.78 21.44
C17 PL9 GO . 25.80 5.66 20.76
C18 PL9 GO . 25.83 5.85 19.21
C19 PL9 GO . 24.90 5.52 18.32
C20 PL9 GO . 23.60 4.90 18.74
C21 PL9 GO . 25.11 5.90 16.85
C22 PL9 GO . 25.02 4.75 15.90
C23 PL9 GO . 25.38 5.13 14.49
C24 PL9 GO . 25.69 4.27 13.51
C25 PL9 GO . 25.69 2.79 13.67
C26 PL9 GO . 26.01 4.77 12.13
C27 PL9 GO . 24.98 4.39 11.06
C28 PL9 GO . 23.71 5.11 11.34
C29 PL9 GO . 22.50 4.54 11.48
C30 PL9 GO . 22.32 3.01 11.30
C31 PL9 GO . 21.22 5.32 11.76
C32 PL9 GO . 21.39 6.79 12.13
C33 PL9 GO . 20.06 7.39 12.38
C34 PL9 GO . 19.67 8.56 11.90
C35 PL9 GO . 20.50 9.39 10.99
C36 PL9 GO . 18.25 9.01 12.13
C37 PL9 GO . 18.24 10.01 13.12
C38 PL9 GO . 16.84 10.52 13.13
C39 PL9 GO . 15.93 10.38 13.99
C40 PL9 GO . 16.25 9.57 15.22
C41 PL9 GO . 14.53 11.07 13.79
C42 PL9 GO . 14.37 12.05 14.92
C43 PL9 GO . 12.93 12.36 15.27
C44 PL9 GO . 12.32 13.52 15.07
C45 PL9 GO . 13.00 14.68 14.29
C46 PL9 GO . 10.86 13.70 15.44
C47 PL9 GO . 10.19 12.68 16.28
C48 PL9 GO . 8.77 13.10 16.66
C49 PL9 GO . 7.65 12.64 16.14
C50 PL9 GO . 6.43 13.21 16.68
C51 PL9 GO . 7.45 11.64 15.06
C52 PL9 GO . 29.58 1.02 31.96
C53 PL9 GO . 32.40 1.86 31.23
O1 PL9 GO . 27.53 2.60 30.65
O2 PL9 GO . 32.61 4.00 29.50
C1A DGD HO . 62.97 19.66 -12.57
C2A DGD HO . 62.23 19.74 -11.24
C3A DGD HO . 62.68 18.70 -10.21
C4A DGD HO . 61.56 18.31 -9.24
C5A DGD HO . 61.45 19.24 -8.04
C6A DGD HO . 60.35 18.80 -7.06
C7A DGD HO . 60.79 18.83 -5.58
C8A DGD HO . 60.46 20.13 -4.81
C9A DGD HO . 61.58 20.73 -3.98
CAA DGD HO . 62.46 21.79 -4.70
CBA DGD HO . 63.54 21.22 -5.66
CCA DGD HO . 64.83 22.07 -5.78
CDA DGD HO . 65.65 21.68 -7.01
CEA DGD HO . 65.22 22.39 -8.30
CFA DGD HO . 65.60 21.63 -9.59
CGA DGD HO . 66.18 22.47 -10.73
CHA DGD HO . 66.90 21.55 -11.72
CIA DGD HO . 67.27 22.20 -13.05
O1A DGD HO . 63.24 18.58 -13.04
C1B DGD HO . 61.35 20.64 -17.06
C2B DGD HO . 62.24 19.46 -17.57
C3B DGD HO . 61.47 18.13 -17.77
C4B DGD HO . 62.47 16.95 -17.87
C5B DGD HO . 62.10 15.80 -16.89
C6B DGD HO . 62.30 16.07 -15.39
C7B DGD HO . 61.60 15.06 -14.47
C8B DGD HO . 61.59 15.48 -12.98
C9B DGD HO . 60.94 14.53 -11.97
CAB DGD HO . 61.43 13.09 -12.12
CBB DGD HO . 61.48 12.30 -10.81
CCB DGD HO . 62.75 12.65 -10.01
CDB DGD HO . 63.25 11.47 -9.18
CEB DGD HO . 64.31 11.82 -8.12
CFB DGD HO . 64.17 10.95 -6.86
CGB DGD HO . 63.43 11.69 -5.73
CHB DGD HO . 63.06 10.82 -4.53
CIB DGD HO . 63.61 11.38 -3.23
O1B DGD HO . 60.17 20.56 -17.16
O1G DGD HO . 63.30 20.88 -13.34
C1G DGD HO . 62.27 21.48 -14.13
C2G DGD HO . 62.80 22.10 -15.42
O2G DGD HO . 61.89 21.93 -16.53
C3G DGD HO . 62.95 23.60 -15.13
O3G DGD HO . 63.69 24.21 -16.17
C1D DGD HO . 63.08 25.08 -17.16
C2D DGD HO . 61.58 24.94 -17.59
O2D DGD HO . 61.29 23.67 -18.20
C3D DGD HO . 61.12 26.04 -18.58
O3D DGD HO . 59.66 26.05 -18.68
C4D DGD HO . 61.72 27.46 -18.32
O4D DGD HO . 60.83 28.32 -17.54
C5D DGD HO . 63.12 27.41 -17.66
O5D DGD HO . 64.48 29.43 -17.98
C6D DGD HO . 63.61 28.76 -17.08
O6D DGD HO . 63.19 26.37 -16.65
C1E DGD HO . 65.20 30.55 -17.42
C2E DGD HO . 64.80 31.83 -18.14
O2E DGD HO . 63.37 31.97 -18.07
C3E DGD HO . 65.32 31.78 -19.57
O3E DGD HO . 64.83 32.90 -20.32
C4E DGD HO . 66.87 31.65 -19.62
O4E DGD HO . 67.57 32.88 -19.32
C5E DGD HO . 67.33 30.46 -18.74
O6E DGD HO . 66.64 30.40 -17.48
C6E DGD HO . 68.84 30.40 -18.42
O5E DGD HO . 69.67 30.12 -19.58
O1 LHG IO . 30.78 -7.58 19.70
C1 LHG IO . 29.89 -8.10 18.72
C2 LHG IO . 30.54 -9.30 18.16
O2 LHG IO . 31.05 -10.05 19.25
C3 LHG IO . 31.72 -8.99 17.27
O3 LHG IO . 31.88 -10.19 16.54
P LHG IO . 33.06 -10.33 15.53
O4 LHG IO . 34.26 -9.88 16.20
O5 LHG IO . 32.98 -11.67 14.99
O6 LHG IO . 32.70 -9.25 14.42
C4 LHG IO . 31.67 -9.45 13.48
C5 LHG IO . 31.30 -8.11 12.98
C6 LHG IO . 32.40 -7.39 12.16
O7 LHG IO . 30.28 -8.37 12.07
C7 LHG IO . 28.97 -8.04 12.39
O9 LHG IO . 28.81 -7.47 13.44
C8 LHG IO . 27.97 -8.38 11.33
C9 LHG IO . 26.67 -7.66 11.57
C10 LHG IO . 26.67 -6.28 11.04
O8 LHG IO . 31.94 -6.02 12.04
C23 LHG IO . 32.69 -4.89 11.72
O10 LHG IO . 33.83 -5.17 11.52
C24 LHG IO . 32.13 -3.47 11.58
C11 LHG IO . 25.21 -6.03 10.67
C12 LHG IO . 24.85 -4.57 10.56
C13 LHG IO . 23.35 -4.25 10.54
C14 LHG IO . 22.54 -4.74 9.35
C15 LHG IO . 21.11 -4.18 9.35
C16 LHG IO . 20.33 -4.41 8.09
C17 LHG IO . 18.90 -3.84 8.04
C18 LHG IO . 18.13 -4.61 6.96
C19 LHG IO . 16.66 -4.20 6.78
C20 LHG IO . 15.97 -5.30 5.92
C21 LHG IO . 14.56 -4.93 5.46
C22 LHG IO . 13.82 -6.10 4.77
C25 LHG IO . 31.21 -3.48 10.40
C26 LHG IO . 31.42 -2.42 9.32
C27 LHG IO . 30.38 -2.75 8.26
C28 LHG IO . 30.42 -1.93 6.95
C29 LHG IO . 29.90 -2.73 5.76
C30 LHG IO . 28.52 -2.29 5.23
C31 LHG IO . 27.25 -2.65 6.03
C32 LHG IO . 26.49 -3.96 5.66
C33 LHG IO . 26.90 -5.10 6.60
C34 LHG IO . 26.01 -6.37 6.61
C35 LHG IO . 26.85 -7.55 7.10
C36 LHG IO . 26.07 -8.79 7.49
C37 LHG IO . 27.06 -9.82 7.88
C38 LHG IO . 26.51 -11.12 8.36
O1 LHG JO . 25.42 -9.45 23.74
C1 LHG JO . 25.65 -8.04 23.92
C2 LHG JO . 25.88 -7.92 25.40
O2 LHG JO . 24.59 -8.29 25.87
C3 LHG JO . 26.14 -6.48 25.74
O3 LHG JO . 25.25 -5.88 26.62
P LHG JO . 25.55 -4.54 27.56
O4 LHG JO . 24.83 -4.79 28.85
O5 LHG JO . 27.02 -4.27 27.64
O6 LHG JO . 24.83 -3.34 26.89
C4 LHG JO . 23.46 -3.02 27.21
C5 LHG JO . 22.90 -2.22 26.01
C6 LHG JO . 21.41 -2.10 26.11
O7 LHG JO . 23.43 -0.87 25.95
C7 LHG JO . 24.30 -0.59 24.88
O9 LHG JO . 24.48 -1.42 24.00
C8 LHG JO . 24.92 0.80 24.91
C9 LHG JO . 25.07 1.29 23.50
C10 LHG JO . 23.78 1.52 22.70
O8 LHG JO . 21.01 -1.48 24.91
C23 LHG JO . 19.66 -1.44 24.57
O10 LHG JO . 18.92 -1.81 25.43
C24 LHG JO . 19.24 -0.89 23.23
C11 LHG JO . 23.13 2.77 23.07
C12 LHG JO . 21.98 3.25 22.14
C13 LHG JO . 21.52 4.60 22.71
C14 LHG JO . 20.34 5.04 21.86
C15 LHG JO . 19.92 6.50 21.94
C16 LHG JO . 18.61 6.71 21.21
C17 LHG JO . 18.67 6.77 19.73
C18 LHG JO . 17.32 6.88 19.02
C19 LHG JO . 16.49 8.10 19.30
C20 LHG JO . 15.26 8.05 18.41
C21 LHG JO . 14.38 9.20 18.68
C22 LHG JO . 13.06 9.11 17.95
C25 LHG JO . 17.98 -0.02 23.32
C26 LHG JO . 18.16 1.19 24.20
C27 LHG JO . 16.98 2.09 24.16
C28 LHG JO . 17.02 3.16 25.27
C29 LHG JO . 17.89 4.28 24.88
C30 LHG JO . 17.77 5.30 26.05
C31 LHG JO . 16.42 6.00 26.20
C32 LHG JO . 16.60 7.12 27.23
C33 LHG JO . 15.27 7.55 27.76
C34 LHG JO . 15.45 8.79 28.60
C35 LHG JO . 15.94 8.48 29.99
C36 LHG JO . 16.35 9.82 30.65
C37 LHG JO . 16.28 9.71 32.15
C38 LHG JO . 16.48 11.07 32.75
O1 LHG KO . 45.66 16.15 40.20
C1 LHG KO . 44.85 17.25 39.80
C2 LHG KO . 43.39 16.88 39.50
O2 LHG KO . 42.97 16.03 40.55
C3 LHG KO . 43.23 16.26 38.15
O3 LHG KO . 44.02 15.09 38.08
P LHG KO . 43.38 13.65 38.30
O4 LHG KO . 44.46 12.59 38.13
O5 LHG KO . 42.54 13.68 39.53
O6 LHG KO . 42.36 13.46 37.08
C4 LHG KO . 42.93 13.15 35.79
C5 LHG KO . 42.08 13.85 34.71
C6 LHG KO . 40.59 13.62 34.85
O7 LHG KO . 42.28 15.26 34.76
C7 LHG KO . 43.45 15.78 34.08
O9 LHG KO . 44.26 15.00 33.62
C8 LHG KO . 43.56 17.29 34.01
C9 LHG KO . 44.77 17.76 33.19
C10 LHG KO . 44.80 19.31 33.28
O8 LHG KO . 39.98 14.00 33.65
C23 LHG KO . 38.60 13.71 33.45
O10 LHG KO . 37.98 13.25 34.39
C24 LHG KO . 38.05 14.05 32.06
C11 LHG KO . 45.94 19.79 32.41
C12 LHG KO . 46.30 21.24 32.74
C13 LHG KO . 45.19 22.25 32.49
C14 LHG KO . 44.68 22.22 31.04
C15 LHG KO . 45.68 21.93 29.86
C16 LHG KO . 45.02 21.35 28.59
C17 LHG KO . 45.69 21.78 27.28
C18 LHG KO . 44.66 22.27 26.24
C19 LHG KO . 45.29 22.78 24.94
C20 LHG KO . 44.30 23.57 24.06
C21 LHG KO . 44.63 23.39 22.55
C22 LHG KO . 43.59 23.86 21.54
C25 LHG KO . 36.82 14.95 32.16
C26 LHG KO . 36.29 15.45 30.80
C27 LHG KO . 37.38 16.05 29.89
C28 LHG KO . 37.92 17.41 30.36
C29 LHG KO . 39.16 17.98 29.62
C30 LHG KO . 39.84 19.03 30.54
C31 LHG KO . 41.28 19.37 30.18
C32 LHG KO . 41.33 20.71 29.42
C33 LHG KO . 41.16 21.99 30.30
C34 LHG KO . 41.65 23.26 29.61
C35 LHG KO . 40.73 23.74 28.46
C36 LHG KO . 40.95 25.22 28.09
C37 LHG KO . 41.65 25.34 26.76
C38 LHG KO . 41.67 26.79 26.41
C1 LMG LO . 50.86 -17.49 11.36
O1 LMG LO . 51.39 -16.80 10.20
C2 LMG LO . 50.50 -18.94 11.05
O2 LMG LO . 49.75 -19.10 9.85
C3 LMG LO . 49.64 -19.46 12.20
O3 LMG LO . 49.06 -20.74 11.82
C4 LMG LO . 50.50 -19.46 13.47
O4 LMG LO . 51.47 -20.51 13.40
C5 LMG LO . 51.22 -18.10 13.72
O5 LMG LO . 52.02 -18.87 15.91
C6 LMG LO . 52.40 -18.19 14.70
O6 LMG LO . 51.73 -17.48 12.52
C7 LMG LO . 52.80 -16.93 10.02
C8 LMG LO . 53.35 -15.95 8.96
C9 LMG LO . 52.30 -15.60 7.92
O7 LMG LO . 53.88 -14.79 9.62
C10 LMG LO . 54.59 -13.91 8.75
O9 LMG LO . 54.32 -12.72 8.88
C11 LMG LO . 55.63 -14.50 7.79
C12 LMG LO . 55.27 -14.45 6.31
C13 LMG LO . 56.47 -14.68 5.39
C14 LMG LO . 56.60 -13.68 4.26
C15 LMG LO . 55.41 -13.65 3.34
C16 LMG LO . 54.65 -12.35 3.47
C17 LMG LO . 54.22 -11.90 2.10
C18 LMG LO . 55.28 -11.10 1.39
C19 LMG LO . 55.14 -11.23 -0.11
C20 LMG LO . 55.40 -9.92 -0.84
C21 LMG LO . 55.84 -10.14 -2.28
C22 LMG LO . 56.25 -8.80 -2.87
C23 LMG LO . 56.16 -8.77 -4.37
C24 LMG LO . 56.88 -7.57 -4.98
C25 LMG LO . 56.91 -7.65 -6.51
C26 LMG LO . 57.77 -6.57 -7.18
C27 LMG LO . 59.05 -7.11 -7.83
O8 LMG LO . 52.00 -16.83 7.28
C28 LMG LO . 52.53 -17.18 5.96
O10 LMG LO . 53.14 -18.29 5.80
C29 LMG LO . 52.30 -16.11 4.87
C30 LMG LO . 50.99 -15.31 4.94
C31 LMG LO . 51.00 -14.13 4.00
C32 LMG LO . 50.06 -14.27 2.84
C33 LMG LO . 50.13 -12.99 2.04
C34 LMG LO . 50.45 -13.27 0.57
C35 LMG LO . 50.78 -11.93 -0.08
C36 LMG LO . 51.12 -11.96 -1.57
C37 LMG LO . 51.30 -10.54 -2.07
C38 LMG LO . 51.57 -10.46 -3.56
C39 LMG LO . 51.65 -8.99 -3.95
C40 LMG LO . 52.15 -8.91 -5.33
C41 LMG LO . 52.55 -7.52 -5.79
C42 LMG LO . 52.30 -7.31 -7.33
C43 LMG LO . 52.75 -8.45 -8.25
C44 LMG LO . 52.80 -8.10 -9.71
C45 LMG LO . 53.94 -8.85 -10.35
C1 GOL MO . 60.96 7.40 0.48
O1 GOL MO . 61.00 6.26 1.38
C2 GOL MO . 61.66 7.19 -0.90
O2 GOL MO . 61.66 5.78 -1.17
C3 GOL MO . 61.00 7.94 -2.09
O3 GOL MO . 61.85 8.83 -2.84
O1 PG4 NO . 62.96 -9.96 -7.82
C1 PG4 NO . 64.20 -10.18 -7.12
C2 PG4 NO . 65.09 -11.24 -7.82
O2 PG4 NO . 66.11 -11.71 -6.92
C3 PG4 NO . 67.17 -12.49 -7.53
C4 PG4 NO . 67.87 -13.40 -6.49
O3 PG4 NO . 69.15 -12.89 -6.04
C5 PG4 NO . 69.84 -13.73 -5.11
C6 PG4 NO . 70.89 -12.95 -4.30
O4 PG4 NO . 71.67 -13.90 -3.54
C7 PG4 NO . 72.98 -13.45 -3.18
C8 PG4 NO . 73.77 -14.55 -2.46
O5 PG4 NO . 75.13 -14.07 -2.21
O1 P6G OO . 54.45 -3.63 -9.20
C2 P6G OO . 54.56 -2.72 -8.07
C3 P6G OO . 55.26 -3.31 -6.81
O4 P6G OO . 55.10 -2.51 -5.59
C5 P6G OO . 55.64 -3.06 -4.37
C6 P6G OO . 54.65 -4.10 -3.89
O7 P6G OO . 54.91 -4.57 -2.56
C8 P6G OO . 53.65 -4.82 -1.94
C9 P6G OO . 53.79 -5.33 -0.54
O10 P6G OO . 53.31 -6.65 -0.49
C11 P6G OO . 52.08 -6.90 0.22
C12 P6G OO . 52.33 -7.00 1.73
O13 P6G OO . 51.85 -8.18 2.39
C14 P6G OO . 52.05 -8.23 3.84
C15 P6G OO . 50.69 -8.46 4.54
O16 P6G OO . 50.59 -9.82 4.97
C17 P6G OO . 49.44 -10.14 5.74
C18 P6G OO . 50.06 -11.10 6.70
O19 P6G OO . 49.10 -11.82 7.44
O1 P6G PO . 62.21 11.59 -23.34
C2 P6G PO . 61.70 11.44 -22.00
C3 P6G PO . 60.38 12.20 -21.89
O4 P6G PO . 59.60 11.79 -20.77
C5 P6G PO . 60.19 12.12 -19.50
C6 P6G PO . 59.52 11.25 -18.44
O7 P6G PO . 60.43 10.95 -17.36
C8 P6G PO . 60.05 9.78 -16.59
C9 P6G PO . 60.13 10.13 -15.11
O10 P6G PO . 60.30 8.95 -14.35
C11 P6G PO . 59.64 8.99 -13.11
C12 P6G PO . 59.73 7.64 -12.46
O13 P6G PO . 58.46 6.91 -12.54
C14 P6G PO . 58.39 5.92 -11.47
C15 P6G PO . 57.22 4.95 -11.48
O16 P6G PO . 57.36 3.93 -10.45
C17 P6G PO . 56.27 2.95 -10.52
C18 P6G PO . 56.44 1.81 -9.52
O19 P6G PO . 55.35 0.87 -9.58
C1 EDO QO . 15.16 32.86 -13.65
O1 EDO QO . 14.61 33.89 -14.49
C2 EDO QO . 16.69 32.79 -13.70
O2 EDO QO . 17.36 32.80 -12.41
O1 LHG RO . 65.46 4.02 20.29
C1 LHG RO . 64.30 4.86 20.49
C2 LHG RO . 64.56 6.07 21.42
O2 LHG RO . 64.14 5.83 22.76
C3 LHG RO . 63.82 7.32 20.94
O3 LHG RO . 64.29 8.49 21.63
P LHG RO . 63.61 9.23 22.91
O4 LHG RO . 63.32 8.18 23.98
O5 LHG RO . 64.44 10.47 23.25
O6 LHG RO . 62.20 9.71 22.30
C4 LHG RO . 61.18 10.33 23.07
C5 LHG RO . 59.96 10.44 22.18
C6 LHG RO . 58.87 11.19 22.91
O7 LHG RO . 60.29 11.09 20.92
C7 LHG RO . 60.22 10.22 19.75
O9 LHG RO . 60.76 9.12 19.80
C8 LHG RO . 59.48 10.62 18.48
C9 LHG RO . 60.35 11.52 17.60
C10 LHG RO . 59.90 11.52 16.14
O8 LHG RO . 57.62 10.58 22.58
C23 LHG RO . 56.41 11.18 23.12
O10 LHG RO . 56.06 10.88 24.26
C24 LHG RO . 55.61 12.19 22.32
C11 LHG RO . 60.48 10.36 15.30
C12 LHG RO . 60.57 10.69 13.80
C13 LHG RO . 60.34 9.48 12.87
C14 LHG RO . 59.44 9.86 11.70
C15 LHG RO . 59.22 8.70 10.72
C16 LHG RO . 57.79 8.63 10.18
C17 LHG RO . 56.84 7.82 11.09
C18 LHG RO . 56.52 6.44 10.51
C19 LHG RO . 55.13 5.91 10.86
C20 LHG RO . 54.76 4.69 9.99
C21 LHG RO . 53.52 4.98 9.12
C22 LHG RO . 53.75 5.97 7.98
C25 LHG RO . 54.94 11.50 21.12
C26 LHG RO . 54.73 12.43 19.92
C27 LHG RO . 54.42 11.57 18.70
C28 LHG RO . 54.44 12.35 17.38
C29 LHG RO . 53.37 11.82 16.42
C30 LHG RO . 52.14 12.71 16.48
C31 LHG RO . 51.59 12.92 17.90
C1 GOL SO . 68.30 38.34 -3.14
O1 GOL SO . 68.31 37.10 -3.92
C2 GOL SO . 69.18 38.36 -1.87
O2 GOL SO . 69.23 39.68 -1.31
C3 GOL SO . 68.65 37.50 -0.74
O3 GOL SO . 67.45 38.06 -0.17
O1 PG4 TO . 62.63 9.69 27.49
C1 PG4 TO . 63.11 10.29 26.29
C2 PG4 TO . 63.40 11.80 26.41
O2 PG4 TO . 62.40 12.57 27.09
C3 PG4 TO . 61.26 12.94 26.31
C4 PG4 TO . 61.53 14.26 25.58
O3 PG4 TO . 62.00 13.96 24.26
C5 PG4 TO . 62.40 15.10 23.50
C6 PG4 TO . 63.31 14.64 22.37
O4 PG4 TO . 62.73 14.96 21.12
C7 PG4 TO . 63.39 14.35 20.00
C8 PG4 TO . 62.78 14.74 18.65
O5 PG4 TO . 63.77 15.16 17.68
O1 PG4 UO . 79.15 25.39 17.56
C1 PG4 UO . 78.59 24.06 17.48
C2 PG4 UO . 78.25 23.52 18.85
O2 PG4 UO . 77.56 24.55 19.56
C3 PG4 UO . 77.11 24.15 20.87
C4 PG4 UO . 76.07 25.14 21.45
O3 PG4 UO . 74.88 25.25 20.63
C5 PG4 UO . 73.66 24.68 21.13
C6 PG4 UO . 72.55 25.11 20.17
O4 PG4 UO . 71.26 25.04 20.79
C7 PG4 UO . 70.28 24.32 20.04
C8 PG4 UO . 69.04 25.16 19.77
O5 PG4 UO . 68.13 24.59 18.80
OH2 1PE VO . 69.53 31.56 8.85
C12 1PE VO . 68.90 31.08 10.04
C22 1PE VO . 68.54 29.60 9.89
OH3 1PE VO . 67.49 29.28 10.80
C13 1PE VO . 65.35 28.25 11.20
C23 1PE VO . 66.73 28.08 10.56
OH4 1PE VO . 64.60 27.02 11.31
C14 1PE VO . 62.90 26.37 12.95
C24 1PE VO . 63.24 27.26 11.76
OH5 1PE VO . 61.86 25.44 12.63
C15 1PE VO . 61.02 23.09 12.67
C25 1PE VO . 62.01 24.13 13.22
OH6 1PE VO . 61.63 21.78 12.74
C16 1PE VO . 61.65 19.36 12.50
C26 1PE VO . 60.81 20.65 12.42
OH7 1PE VO . 61.84 18.75 11.22
C1 EDO WO . 69.09 36.15 3.47
O1 EDO WO . 69.65 35.77 2.21
C2 EDO WO . 68.86 34.89 4.29
O2 EDO WO . 67.83 35.15 5.24
CHA HEM XO . 71.25 13.05 12.82
CHB HEM XO . 73.51 14.81 8.92
CHC HEM XO . 69.79 17.80 8.22
CHD HEM XO . 67.76 16.27 12.25
C1A HEM XO . 72.21 13.30 11.87
C2A HEM XO . 73.54 12.79 11.87
C3A HEM XO . 74.16 13.28 10.75
C4A HEM XO . 73.23 14.10 10.07
CMA HEM XO . 75.58 12.99 10.32
CAA HEM XO . 74.14 11.87 12.92
CBA HEM XO . 74.39 12.80 14.15
CGA HEM XO . 75.48 12.31 15.05
O1A HEM XO . 75.26 12.04 16.26
O2A HEM XO . 76.64 12.19 14.56
C1B HEM XO . 72.68 15.76 8.33
C2B HEM XO . 72.96 16.47 7.11
C3B HEM XO . 71.91 17.32 6.87
C4B HEM XO . 70.99 17.10 8.02
CMB HEM XO . 74.18 16.28 6.24
CAB HEM XO . 71.63 18.24 5.71
CBB HEM XO . 72.24 18.22 4.49
C1C HEM XO . 68.92 17.72 9.29
C2C HEM XO . 67.87 18.60 9.57
C3C HEM XO . 67.28 18.16 10.76
C4C HEM XO . 68.00 17.01 11.17
CMC HEM XO . 67.47 19.75 8.68
CAC HEM XO . 66.16 18.69 11.57
CBC HEM XO . 65.68 19.91 11.44
C1D HEM XO . 68.55 15.23 12.67
C2D HEM XO . 68.17 14.42 13.84
C3D HEM XO . 69.14 13.50 13.98
C4D HEM XO . 70.10 13.79 12.91
CMD HEM XO . 66.97 14.51 14.75
CAD HEM XO . 69.25 12.44 15.06
CBD HEM XO . 68.25 11.29 15.03
CGD HEM XO . 68.58 10.04 14.27
O1D HEM XO . 68.54 10.21 13.09
O2D HEM XO . 68.79 8.93 14.75
NA HEM XO . 72.08 14.17 10.83
NB HEM XO . 71.54 16.19 8.85
NC HEM XO . 69.02 16.83 10.31
ND HEM XO . 69.71 14.82 12.15
FE HEM XO . 70.58 15.46 10.60
C1B LMT YO . 63.16 41.91 -2.82
C2B LMT YO . 62.40 43.15 -3.34
C3B LMT YO . 60.88 42.93 -3.46
C4B LMT YO . 60.63 41.63 -4.27
C5B LMT YO . 61.36 40.38 -3.69
C6B LMT YO . 61.31 39.13 -4.59
O1B LMT YO . 62.96 41.81 -1.40
O2B LMT YO . 62.66 44.28 -2.50
O3B LMT YO . 60.28 44.13 -4.06
O4' LMT YO . 59.25 41.51 -4.57
O5B LMT YO . 62.77 40.69 -3.47
O6B LMT YO . 62.08 38.00 -4.10
C1' LMT YO . 64.65 41.35 2.29
C2' LMT YO . 64.74 42.76 1.69
C3' LMT YO . 63.77 42.86 0.51
C4' LMT YO . 64.08 41.81 -0.53
C5' LMT YO . 64.19 40.42 0.09
C6' LMT YO . 64.56 39.43 -1.03
O1' LMT YO . 65.44 41.24 3.51
O2' LMT YO . 64.41 43.78 2.65
O3' LMT YO . 63.81 44.17 -0.09
O5' LMT YO . 65.08 40.42 1.25
O6' LMT YO . 64.85 38.13 -0.56
C1 LMT YO . 64.94 40.43 4.60
C2 LMT YO . 66.05 39.75 5.44
C3 LMT YO . 65.98 40.06 6.95
C4 LMT YO . 64.79 39.48 7.70
C5 LMT YO . 64.94 37.96 7.78
C6 LMT YO . 64.18 37.21 8.89
C7 LMT YO . 64.46 35.69 8.76
C8 LMT YO . 64.18 34.88 10.02
C9 LMT YO . 64.90 33.54 10.11
C10 LMT YO . 64.92 33.03 11.57
C11 LMT YO . 64.72 31.52 11.75
C12 LMT YO . 64.19 31.18 13.14
MG MG ZO . 54.95 46.56 -8.22
C1 GOL AP . 51.57 48.16 -5.92
O1 GOL AP . 51.97 48.25 -4.54
C2 GOL AP . 52.57 48.62 -6.99
O2 GOL AP . 53.91 48.11 -6.82
C3 GOL AP . 52.12 48.20 -8.40
O3 GOL AP . 52.59 46.86 -8.68
C1 GOL BP . 57.18 21.50 12.50
O1 GOL BP . 58.00 22.54 11.89
C2 GOL BP . 56.62 20.48 11.47
O2 GOL BP . 57.47 19.33 11.49
C3 GOL BP . 55.15 20.00 11.63
O3 GOL BP . 54.51 20.06 12.88
C1 PGE CP . 66.41 46.62 -0.26
O1 PGE CP . 66.42 45.33 -0.90
C2 PGE CP . 66.42 46.46 1.26
O2 PGE CP . 67.55 45.68 1.67
C3 PGE CP . 67.69 45.48 3.09
C4 PGE CP . 69.15 45.13 3.42
O4 PGE CP . 69.88 42.64 6.94
C6 PGE CP . 69.94 43.82 6.14
C5 PGE CP . 70.34 43.48 4.71
O3 PGE CP . 69.26 43.75 3.81
C1 HTG DP . 63.36 -20.14 -5.06
S1 HTG DP . 62.54 -18.83 -5.90
C2 HTG DP . 63.69 -21.38 -5.95
O2 HTG DP . 62.55 -22.23 -6.27
C3 HTG DP . 64.73 -22.25 -5.25
O3 HTG DP . 65.16 -23.29 -6.14
C4 HTG DP . 65.92 -21.38 -4.82
O4 HTG DP . 66.95 -22.14 -4.17
C5 HTG DP . 65.49 -20.23 -3.90
O5 HTG DP . 64.49 -19.45 -4.51
C6 HTG DP . 66.66 -19.29 -3.71
O6 HTG DP . 67.43 -19.71 -2.59
C1' HTG DP . 62.05 -17.75 -4.57
C2' HTG DP . 60.71 -17.27 -5.03
C3' HTG DP . 60.31 -15.96 -4.45
C4' HTG DP . 59.29 -15.32 -5.39
C5' HTG DP . 58.77 -14.01 -4.80
C6' HTG DP . 59.20 -12.80 -5.64
C7' HTG DP . 59.09 -11.48 -4.87
CA CA EP . 48.46 -34.57 -9.10
C1 BCR FP . 46.03 -14.07 -10.98
C2 BCR FP . 46.13 -14.60 -9.55
C3 BCR FP . 47.56 -14.96 -9.16
C4 BCR FP . 48.24 -15.85 -10.17
C5 BCR FP . 47.89 -15.59 -11.57
C6 BCR FP . 46.85 -14.84 -11.98
C7 BCR FP . 46.51 -14.63 -13.38
C8 BCR FP . 47.40 -14.53 -14.43
C9 BCR FP . 46.95 -14.17 -15.81
C10 BCR FP . 47.90 -13.83 -16.73
C11 BCR FP . 47.58 -13.33 -18.06
C33 BCR FP . 48.74 -16.43 -12.44
C31 BCR FP . 46.59 -12.66 -10.98
C32 BCR FP . 44.58 -13.99 -11.39
C34 BCR FP . 45.46 -14.28 -16.15
C12 BCR FP . 48.54 -12.66 -18.71
C13 BCR FP . 48.32 -12.02 -20.03
C14 BCR FP . 49.26 -11.14 -20.45
C15 BCR FP . 49.25 -10.37 -21.70
C16 BCR FP . 50.26 -9.51 -21.99
C17 BCR FP . 50.28 -8.70 -23.23
C18 BCR FP . 51.24 -7.75 -23.50
C19 BCR FP . 51.13 -7.01 -24.81
C20 BCR FP . 52.01 -6.07 -25.23
C21 BCR FP . 51.85 -5.35 -26.50
C22 BCR FP . 52.66 -4.40 -26.96
C23 BCR FP . 52.33 -3.81 -28.27
C24 BCR FP . 53.19 -3.01 -28.91
C25 BCR FP . 52.99 -2.49 -30.33
C26 BCR FP . 51.83 -2.00 -30.81
C27 BCR FP . 51.59 -1.53 -32.28
C28 BCR FP . 52.67 -1.87 -33.30
C29 BCR FP . 53.98 -1.72 -32.56
C30 BCR FP . 54.18 -2.60 -31.27
C35 BCR FP . 47.04 -12.34 -20.77
C36 BCR FP . 52.33 -7.48 -22.51
C37 BCR FP . 53.78 -3.96 -26.11
C38 BCR FP . 50.70 -1.73 -29.88
C39 BCR FP . 55.47 -2.23 -30.55
C40 BCR FP . 54.24 -4.08 -31.66
C1A DGD GP . 39.10 5.85 -15.78
C2A DGD GP . 40.34 5.80 -14.91
C3A DGD GP . 40.33 4.73 -13.83
C4A DGD GP . 41.45 4.90 -12.81
C5A DGD GP . 41.64 3.69 -11.90
C6A DGD GP . 42.69 3.93 -10.80
C7A DGD GP . 42.81 2.74 -9.81
C8A DGD GP . 43.92 2.90 -8.75
C9A DGD GP . 43.89 1.92 -7.56
CAA DGD GP . 42.98 2.27 -6.32
CBA DGD GP . 42.74 1.05 -5.42
CCA DGD GP . 42.00 1.30 -4.08
CDA DGD GP . 41.70 0.01 -3.22
CEA DGD GP . 40.40 -0.73 -3.60
CFA DGD GP . 39.17 -0.28 -2.82
CGA DGD GP . 37.83 -0.76 -3.33
O1A DGD GP . 38.19 5.05 -15.71
C1B DGD GP . 38.68 3.99 -18.34
C2B DGD GP . 38.42 2.58 -17.93
C3B DGD GP . 36.94 2.36 -17.74
C4B DGD GP . 36.66 0.91 -17.34
C5B DGD GP . 37.33 0.36 -16.12
C6B DGD GP . 36.91 1.14 -14.92
C7B DGD GP . 37.35 0.41 -13.67
C8B DGD GP . 37.75 1.32 -12.53
C9B DGD GP . 36.73 2.39 -12.19
CAB DGD GP . 35.56 1.89 -11.44
CBB DGD GP . 34.65 3.08 -11.05
CCB DGD GP . 33.58 3.40 -12.13
CDB DGD GP . 33.02 4.78 -11.79
CEB DGD GP . 31.59 4.97 -12.20
CFB DGD GP . 30.93 5.99 -11.28
CGB DGD GP . 30.17 5.29 -10.19
O1B DGD GP . 39.83 4.40 -18.41
O1G DGD GP . 38.96 6.87 -16.79
C1G DGD GP . 37.73 6.99 -17.53
C2G DGD GP . 37.89 6.21 -18.82
O2G DGD GP . 37.55 4.85 -18.57
C3G DGD GP . 36.83 6.70 -19.79
O3G DGD GP . 37.27 7.97 -20.29
C1D DGD GP . 36.22 8.92 -20.28
C2D DGD GP . 36.82 10.34 -20.35
O2D DGD GP . 37.61 10.53 -19.19
C3D DGD GP . 35.72 11.43 -20.48
O3D DGD GP . 36.36 12.73 -20.67
C4D DGD GP . 34.77 11.03 -21.61
O4D DGD GP . 35.56 11.09 -22.81
C5D DGD GP . 34.21 9.60 -21.40
O5D DGD GP . 33.97 9.00 -23.65
C6D DGD GP . 33.20 9.09 -22.46
O6D DGD GP . 35.34 8.68 -21.38
C1E DGD GP . 33.29 8.27 -24.73
C2E DGD GP . 34.25 8.09 -25.91
O2E DGD GP . 35.54 7.48 -25.49
C3E DGD GP . 34.45 9.45 -26.56
O3E DGD GP . 35.38 9.26 -27.61
C4E DGD GP . 33.11 10.09 -27.01
O4E DGD GP . 32.46 9.35 -28.10
C5E DGD GP . 32.29 10.26 -25.68
O6E DGD GP . 32.07 8.92 -25.18
C6E DGD GP . 30.96 11.00 -25.78
O5E DGD GP . 30.29 10.41 -26.87
O6 SQD HP . 62.37 -23.83 -13.97
C44 SQD HP . 62.44 -22.57 -14.66
C45 SQD HP . 61.02 -22.28 -15.15
C46 SQD HP . 60.49 -20.86 -14.75
O47 SQD HP . 60.97 -22.57 -16.56
C7 SQD HP . 60.55 -23.94 -16.94
O49 SQD HP . 61.02 -24.95 -16.42
C8 SQD HP . 59.52 -24.10 -18.03
C9 SQD HP . 58.97 -22.73 -18.47
C10 SQD HP . 57.90 -22.93 -19.55
C11 SQD HP . 56.99 -21.72 -19.69
C12 SQD HP . 55.96 -21.95 -20.80
C13 SQD HP . 54.71 -21.13 -20.54
C14 SQD HP . 53.78 -21.09 -21.74
C15 SQD HP . 52.38 -21.64 -21.40
C16 SQD HP . 51.30 -21.03 -22.28
C17 SQD HP . 50.79 -19.66 -21.81
C18 SQD HP . 49.29 -19.58 -21.78
C19 SQD HP . 48.69 -19.90 -23.17
C20 SQD HP . 49.29 -19.24 -24.44
C21 SQD HP . 48.48 -19.55 -25.72
C22 SQD HP . 49.10 -20.59 -26.65
O48 SQD HP . 61.41 -19.75 -14.79
C23 SQD HP . 60.97 -18.36 -15.00
O10 SQD HP . 61.32 -17.50 -14.21
C24 SQD HP . 60.10 -18.01 -16.20
C25 SQD HP . 60.91 -17.75 -17.48
C26 SQD HP . 60.42 -18.53 -18.70
C27 SQD HP . 59.49 -17.74 -19.63
C28 SQD HP . 58.02 -17.82 -19.25
C29 SQD HP . 57.09 -17.55 -20.45
C30 SQD HP . 55.95 -16.63 -20.03
C31 SQD HP . 54.74 -16.73 -20.97
C32 SQD HP . 55.00 -16.10 -22.34
C33 SQD HP . 53.73 -15.83 -23.17
C34 SQD HP . 53.38 -16.96 -24.13
C35 SQD HP . 53.99 -16.82 -25.53
C36 SQD HP . 53.95 -18.17 -26.27
C37 SQD HP . 54.48 -18.09 -27.71
C38 SQD HP . 54.89 -19.47 -28.23
C1 SQD HP . 61.75 -23.71 -12.68
C2 SQD HP . 60.69 -24.82 -12.39
O2 SQD HP . 59.44 -24.73 -13.16
C3 SQD HP . 60.31 -24.81 -10.90
O3 SQD HP . 59.48 -26.00 -10.70
C4 SQD HP . 61.59 -24.69 -10.00
O4 SQD HP . 61.30 -24.65 -8.59
C5 SQD HP . 62.39 -23.43 -10.39
C6 SQD HP . 63.61 -23.10 -9.52
O5 SQD HP . 62.85 -23.64 -11.74
S SQD HP . 64.28 -21.59 -9.85
O7 SQD HP . 63.47 -20.48 -9.39
O8 SQD HP . 65.74 -21.52 -9.13
O9 SQD HP . 64.48 -21.43 -11.27
O1 PG4 IP . 28.47 -35.48 -14.47
C1 PG4 IP . 29.72 -36.13 -14.23
C2 PG4 IP . 30.77 -35.51 -15.12
O2 PG4 IP . 31.88 -36.39 -15.05
C3 PG4 IP . 32.75 -36.33 -16.19
C4 PG4 IP . 33.84 -37.40 -16.10
O3 PG4 IP . 34.96 -36.91 -15.33
C5 PG4 IP . 35.28 -37.63 -14.13
C6 PG4 IP . 36.29 -38.75 -14.40
O4 PG4 IP . 37.39 -38.67 -13.49
C7 PG4 IP . 38.51 -39.42 -13.96
C8 PG4 IP . 39.61 -39.52 -12.89
O5 PG4 IP . 40.93 -39.53 -13.49
C1 PGE JP . 65.12 -16.85 -8.93
O1 PGE JP . 66.08 -16.69 -7.85
C2 PGE JP . 63.70 -16.54 -8.45
O2 PGE JP . 63.24 -15.34 -9.06
C3 PGE JP . 61.86 -15.05 -8.80
C4 PGE JP . 61.55 -13.58 -9.11
O4 PGE JP . 58.60 -11.12 -11.95
C6 PGE JP . 59.82 -11.48 -11.23
C5 PGE JP . 60.03 -13.01 -11.01
O3 PGE JP . 60.21 -13.41 -9.63
C1 PGE KP . 28.08 -50.15 -9.91
O1 PGE KP . 28.19 -51.59 -9.86
C2 PGE KP . 27.44 -49.67 -11.22
O2 PGE KP . 26.10 -49.21 -10.98
C3 PGE KP . 25.23 -49.20 -12.11
C4 PGE KP . 24.05 -48.29 -11.78
O4 PGE KP . 22.66 -43.78 -12.68
C6 PGE KP . 23.00 -45.12 -13.06
C5 PGE KP . 23.47 -45.95 -11.85
O3 PGE KP . 24.32 -47.00 -12.32
C1 PGE LP . 35.44 -43.64 -15.05
O1 PGE LP . 36.51 -42.96 -15.76
C2 PGE LP . 34.81 -44.73 -15.90
O2 PGE LP . 33.54 -44.31 -16.46
C3 PGE LP . 32.70 -45.34 -17.02
C4 PGE LP . 31.44 -45.55 -16.18
O4 PGE LP . 30.05 -48.34 -13.18
C6 PGE LP . 31.39 -47.82 -13.15
C5 PGE LP . 31.48 -46.47 -13.90
O3 PGE LP . 31.59 -46.69 -15.32
C1 PGE MP . 56.48 -5.11 -22.09
O1 PGE MP . 56.39 -6.37 -21.41
C2 PGE MP . 56.64 -5.24 -23.60
O2 PGE MP . 55.92 -6.36 -24.16
C3 PGE MP . 56.36 -6.75 -25.48
C4 PGE MP . 55.38 -7.69 -26.18
O4 PGE MP . 54.26 -11.92 -24.02
C6 PGE MP . 54.05 -10.73 -24.81
C5 PGE MP . 55.13 -9.62 -24.61
O3 PGE MP . 55.66 -9.07 -25.86
O1 PG4 NP . 3.36 18.32 38.63
C1 PG4 NP . 2.21 19.02 39.07
C2 PG4 NP . 1.58 19.69 37.87
O2 PG4 NP . 0.17 19.92 38.09
C3 PG4 NP . -0.21 21.30 38.26
C4 PG4 NP . -1.58 21.37 38.92
O3 PG4 NP . -2.50 21.99 38.00
C5 PG4 NP . -3.86 22.09 38.52
C6 PG4 NP . -4.34 23.55 38.63
O4 PG4 NP . -5.70 23.73 38.21
C7 PG4 NP . -6.28 24.99 38.55
C8 PG4 NP . -7.23 25.41 37.42
O5 PG4 NP . -8.34 26.15 37.94
O1 PG4 OP . -0.62 23.74 41.82
C1 PG4 OP . -1.88 24.23 41.41
C2 PG4 OP . -2.19 25.56 42.07
O2 PG4 OP . -3.21 26.14 41.28
C3 PG4 OP . -4.04 27.18 41.88
C4 PG4 OP . -4.48 28.18 40.79
O3 PG4 OP . -5.63 28.93 41.20
C5 PG4 OP . -5.79 30.18 40.50
C6 PG4 OP . -6.67 31.12 41.32
O4 PG4 OP . -7.47 31.90 40.43
C7 PG4 OP . -6.94 33.20 40.12
C8 PG4 OP . -7.45 33.60 38.74
O5 PG4 OP . -7.78 34.99 38.70
O1 PG4 PP . 2.84 20.82 41.69
C1 PG4 PP . 1.86 21.73 42.22
C2 PG4 PP . 2.11 21.85 43.71
O2 PG4 PP . 1.68 23.13 44.22
C3 PG4 PP . 1.52 23.08 45.64
C4 PG4 PP . 1.58 24.45 46.31
O3 PG4 PP . 0.33 24.80 46.93
C5 PG4 PP . -0.42 25.82 46.23
C6 PG4 PP . -1.71 26.21 46.96
O4 PG4 PP . -2.43 27.21 46.21
C7 PG4 PP . -3.65 27.61 46.88
C8 PG4 PP . -4.89 27.03 46.19
O5 PG4 PP . -5.40 27.96 45.21
O1 PG4 QP . -2.93 23.06 34.05
C1 PG4 QP . -3.25 24.43 34.33
C2 PG4 QP . -4.32 24.89 33.37
O2 PG4 QP . -5.21 25.86 33.96
C3 PG4 QP . -5.77 26.74 32.97
C4 PG4 QP . -7.15 27.26 33.34
O3 PG4 QP . -7.40 28.51 32.67
C5 PG4 QP . -8.75 28.73 32.24
C6 PG4 QP . -9.68 28.90 33.44
O4 PG4 QP . -10.63 29.90 33.17
C7 PG4 QP . -10.18 31.23 33.43
C8 PG4 QP . -10.63 31.63 34.83
O5 PG4 QP . -12.00 32.07 34.80
C1 PGE RP . 3.99 33.15 43.45
O1 PGE RP . 4.06 32.31 44.60
C2 PGE RP . 2.54 33.18 42.97
O2 PGE RP . 2.28 34.44 42.35
C3 PGE RP . 1.43 34.51 41.19
C4 PGE RP . 1.25 35.96 40.69
O4 PGE RP . -0.05 39.31 38.33
C6 PGE RP . 0.17 37.88 38.32
C5 PGE RP . 1.55 37.53 38.85
O3 PGE RP . 1.53 36.16 39.29
C1 PGE SP . 3.33 35.77 46.82
O1 PGE SP . 3.29 37.21 46.70
C2 PGE SP . 4.61 35.31 47.57
O2 PGE SP . 4.93 33.90 47.39
C3 PGE SP . 5.88 33.36 48.36
C4 PGE SP . 6.88 32.35 47.77
O4 PGE SP . 10.44 31.63 51.12
C6 PGE SP . 9.69 32.49 50.23
C5 PGE SP . 8.61 31.74 49.41
O3 PGE SP . 8.22 32.52 48.27
O1 PE8 TP . 1.27 17.93 34.97
C2 PE8 TP . 0.01 18.28 34.38
C3 PE8 TP . 0.14 18.12 32.86
O4 PE8 TP . -0.66 19.09 32.14
C5 PE8 TP . -0.02 19.84 31.07
C6 PE8 TP . -0.59 21.26 31.06
O7 PE8 TP . -0.40 22.05 29.87
C8 PE8 TP . -0.79 23.41 30.11
C9 PE8 TP . -1.26 24.06 28.82
O10 PE8 TP . -2.53 24.67 29.03
C11 PE8 TP . -2.86 25.76 28.19
C12 PE8 TP . -4.21 26.26 28.66
O13 PE8 TP . -4.74 27.31 27.84
C14 PE8 TP . -5.68 28.17 28.52
C15 PE8 TP . -6.26 29.23 27.55
O16 PE8 TP . -7.36 30.03 28.10
C17 PE8 TP . -7.82 30.91 27.06
C18 PE8 TP . -9.31 31.12 27.18
O19 PE8 TP . -9.53 32.52 27.40
C20 PE8 TP . -9.00 33.07 28.65
C21 PE8 TP . -8.05 34.26 28.38
O22 PE8 TP . -8.79 35.45 28.42
C23 PE8 TP . -9.63 35.69 27.27
C24 PE8 TP . -11.08 35.45 27.66
O25 PE8 TP . -11.27 35.71 29.06
C1 EDO UP . 4.27 28.90 46.71
O1 EDO UP . 2.86 29.12 46.64
C2 EDO UP . 4.51 27.61 47.47
O2 EDO UP . 3.84 26.53 46.81
C1 LMG VP . 51.79 33.07 3.79
O1 LMG VP . 52.33 32.57 5.00
C2 LMG VP . 51.01 34.31 4.18
O2 LMG VP . 49.88 33.83 4.90
C3 LMG VP . 50.57 35.04 2.94
O3 LMG VP . 49.87 36.26 3.24
C4 LMG VP . 51.77 35.30 2.04
O4 LMG VP . 52.62 36.25 2.68
C5 LMG VP . 52.54 34.00 1.72
O5 LMG VP . 53.53 34.82 -0.23
C6 LMG VP . 53.88 34.20 0.98
O6 LMG VP . 52.91 33.31 2.92
C7 LMG VP . 52.97 31.30 4.86
C8 LMG VP . 52.15 30.22 5.61
C9 LMG VP . 52.94 28.93 5.55
O7 LMG VP . 51.96 30.60 6.95
C10 LMG VP . 50.62 30.68 7.48
O9 LMG VP . 49.66 30.50 6.74
C11 LMG VP . 50.44 30.94 8.95
C12 LMG VP . 50.95 29.72 9.73
C13 LMG VP . 49.95 28.60 9.65
C14 LMG VP . 50.32 27.38 10.53
C15 LMG VP . 49.58 26.08 10.15
C16 LMG VP . 48.55 25.54 11.14
C17 LMG VP . 48.75 24.07 11.51
C18 LMG VP . 47.68 23.01 11.13
C19 LMG VP . 48.27 21.65 10.63
C20 LMG VP . 47.24 20.53 10.41
C21 LMG VP . 47.87 19.13 10.43
O8 LMG VP . 52.14 27.96 6.22
C28 LMG VP . 52.68 26.66 6.35
O10 LMG VP . 53.78 26.47 5.90
C29 LMG VP . 51.81 25.62 6.99
C30 LMG VP . 52.24 24.18 6.72
C31 LMG VP . 51.27 23.26 7.53
C32 LMG VP . 51.51 21.81 7.17
C33 LMG VP . 52.71 21.22 7.86
C34 LMG VP . 52.85 19.69 7.66
C35 LMG VP . 54.27 19.16 7.96
C36 LMG VP . 54.60 17.68 7.54
C37 LMG VP . 56.12 17.39 7.50
C38 LMG VP . 56.84 17.76 8.81
C39 LMG VP . 58.10 16.89 9.09
C40 LMG VP . 58.98 17.10 10.38
C41 LMG VP . 60.21 16.13 10.57
C42 LMG VP . 60.65 15.73 12.00
C43 LMG VP . 61.00 14.24 12.09
MG MG WP . 52.74 38.55 2.08
C1B LMT XP . 59.16 49.69 1.49
C2B LMT XP . 57.65 49.87 1.25
C3B LMT XP . 57.49 50.65 -0.07
C4B LMT XP . 58.34 50.07 -1.22
C5B LMT XP . 59.71 49.45 -0.84
C6B LMT XP . 60.91 50.42 -0.93
O1B LMT XP . 59.55 49.33 2.84
O2B LMT XP . 56.92 48.63 1.19
O3B LMT XP . 57.77 52.05 0.15
O4' LMT XP . 57.52 49.08 -1.86
O5B LMT XP . 59.69 48.84 0.46
O6B LMT XP . 61.80 49.99 -1.97
C1' LMT XP . 60.65 46.34 5.49
C2' LMT XP . 60.64 45.89 4.02
C3' LMT XP . 60.68 47.15 3.13
C4' LMT XP . 59.43 48.02 3.42
C5' LMT XP . 59.23 48.26 4.93
C6' LMT XP . 57.84 48.85 5.20
O1' LMT XP . 60.76 45.16 6.29
O2' LMT XP . 61.71 44.98 3.68
O3' LMT XP . 60.75 46.74 1.76
O5' LMT XP . 59.45 47.08 5.74
O6' LMT XP . 57.46 48.79 6.58
C1 LMT XP . 60.09 45.05 7.56
C2 LMT XP . 60.49 43.68 8.14
C3 LMT XP . 59.98 43.49 9.56
C4 LMT XP . 59.36 42.10 9.78
C5 LMT XP . 60.34 41.01 10.21
C6 LMT XP . 59.59 39.79 10.76
C7 LMT XP . 59.07 39.93 12.20
C8 LMT XP . 58.75 38.55 12.85
C9 LMT XP . 58.18 38.66 14.28
C10 LMT XP . 58.90 37.79 15.32
C11 LMT XP . 58.54 38.19 16.76
C12 LMT XP . 58.87 37.12 17.78
O1 PG4 YP . 66.30 31.89 17.77
C1 PG4 YP . 65.89 30.87 16.85
C2 PG4 YP . 67.05 30.16 16.16
O2 PG4 YP . 67.12 28.76 16.51
C3 PG4 YP . 66.11 27.86 16.00
C4 PG4 YP . 66.68 26.74 15.12
O3 PG4 YP . 66.42 25.42 15.64
C5 PG4 YP . 65.68 24.49 14.82
C6 PG4 YP . 66.07 23.06 15.19
O4 PG4 YP . 65.01 22.08 15.11
C7 PG4 YP . 64.79 21.30 16.30
C8 PG4 YP . 66.06 20.56 16.74
O5 PG4 YP . 65.77 19.17 16.88
C1 PGE ZP . 60.62 21.63 19.62
O1 PGE ZP . 60.71 20.94 20.88
C2 PGE ZP . 59.40 22.53 19.65
O2 PGE ZP . 58.71 22.47 18.40
C3 PGE ZP . 57.30 22.77 18.45
C4 PGE ZP . 56.98 24.06 19.21
O4 PGE ZP . 56.61 27.00 21.02
C6 PGE ZP . 55.44 26.69 20.25
C5 PGE ZP . 55.11 25.19 20.31
O3 PGE ZP . 55.59 24.42 19.17
O1 P6G AQ . 53.71 46.66 7.10
C2 P6G AQ . 53.13 47.32 8.24
C3 P6G AQ . 52.09 46.41 8.86
O4 P6G AQ . 52.66 45.51 9.82
C5 P6G AQ . 51.63 44.78 10.55
C6 P6G AQ . 52.03 43.33 10.76
O7 P6G AQ . 51.55 42.86 12.06
C8 P6G AQ . 52.32 41.70 12.39
C9 P6G AQ . 51.77 40.83 13.51
O10 P6G AQ . 52.74 39.81 13.83
C11 P6G AQ . 52.85 39.39 15.23
C12 P6G AQ . 53.59 38.04 15.40
O13 P6G AQ . 53.27 37.35 16.64
C14 P6G AQ . 53.90 36.06 16.89
C15 P6G AQ . 52.98 34.83 16.67
O16 P6G AQ . 53.30 33.74 17.57
C17 P6G AQ . 52.89 32.45 17.08
C18 P6G AQ . 52.72 31.40 18.20
O19 P6G AQ . 52.95 30.03 17.78
OH2 1PE BQ . 48.90 29.58 13.65
C12 1PE BQ . 47.88 29.61 14.64
C22 1PE BQ . 48.50 29.85 16.01
OH3 1PE BQ . 49.14 28.65 16.51
C13 1PE BQ . 50.85 27.74 18.13
C23 1PE BQ . 50.40 28.86 17.18
OH4 1PE BQ . 51.28 28.26 19.41
C14 1PE BQ . 50.76 26.29 20.84
C24 1PE BQ . 51.80 27.33 20.36
OH5 1PE BQ . 51.13 25.04 20.25
C15 1PE BQ . 50.74 22.71 20.02
C25 1PE BQ . 50.09 24.10 20.02
OH6 1PE BQ . 51.35 22.42 18.75
C16 1PE BQ . 51.34 19.99 18.91
C26 1PE BQ . 52.18 21.26 18.74
OH7 1PE BQ . 51.58 19.11 17.82
C1 BCR CQ . 61.40 46.95 30.98
C2 BCR CQ . 61.72 48.47 30.86
C3 BCR CQ . 60.62 49.26 30.16
C4 BCR CQ . 59.33 49.14 30.98
C5 BCR CQ . 59.07 47.73 31.51
C6 BCR CQ . 59.99 46.72 31.51
C7 BCR CQ . 59.55 45.36 32.04
C8 BCR CQ . 60.17 44.21 31.70
C9 BCR CQ . 59.71 42.86 32.08
C10 BCR CQ . 60.25 41.82 31.42
C11 BCR CQ . 59.87 40.41 31.54
C33 BCR CQ . 57.65 47.59 32.02
C31 BCR CQ . 62.44 46.43 31.98
C32 BCR CQ . 61.68 46.34 29.61
C34 BCR CQ . 58.68 42.77 33.15
C12 BCR CQ . 60.32 39.51 30.63
C13 BCR CQ . 59.95 38.06 30.66
C14 BCR CQ . 60.42 37.29 29.69
C15 BCR CQ . 60.13 35.85 29.49
C16 BCR CQ . 60.46 35.23 28.34
C17 BCR CQ . 60.11 33.83 28.13
C18 BCR CQ . 60.32 33.14 26.98
C19 BCR CQ . 59.91 31.70 26.93
C20 BCR CQ . 59.80 30.88 25.88
C21 BCR CQ . 59.40 29.49 26.15
C22 BCR CQ . 59.45 28.52 25.22
C23 BCR CQ . 59.16 27.13 25.68
C24 BCR CQ . 59.40 26.03 24.94
C25 BCR CQ . 59.08 24.72 25.50
C26 BCR CQ . 59.39 24.42 26.79
C27 BCR CQ . 58.75 23.29 27.55
C28 BCR CQ . 58.24 22.17 26.69
C29 BCR CQ . 58.34 22.32 25.22
C30 BCR CQ . 58.28 23.76 24.66
C35 BCR CQ . 59.05 37.54 31.76
C36 BCR CQ . 61.07 33.74 25.86
C37 BCR CQ . 59.87 28.83 23.81
C38 BCR CQ . 60.49 25.17 27.52
C39 BCR CQ . 56.87 24.37 24.75
C40 BCR CQ . 58.78 23.71 23.21
O1 LHG DQ . 22.80 -13.21 18.11
C1 LHG DQ . 23.52 -12.29 19.00
C2 LHG DQ . 24.02 -12.89 20.36
O2 LHG DQ . 22.90 -13.12 21.24
C3 LHG DQ . 24.98 -11.99 21.13
O3 LHG DQ . 26.22 -11.99 20.44
P LHG DQ . 27.13 -10.66 20.39
O4 LHG DQ . 27.19 -10.07 21.77
O5 LHG DQ . 28.36 -11.17 19.69
O6 LHG DQ . 26.38 -9.65 19.42
C4 LHG DQ . 25.74 -8.47 19.82
C5 LHG DQ . 24.99 -7.90 18.60
C6 LHG DQ . 24.01 -6.87 19.08
O7 LHG DQ . 25.97 -7.29 17.78
C7 LHG DQ . 25.79 -7.28 16.36
O9 LHG DQ . 24.86 -7.88 15.89
C8 LHG DQ . 26.75 -6.47 15.54
C9 LHG DQ . 25.94 -5.36 14.78
C10 LHG DQ . 25.65 -4.26 15.79
O8 LHG DQ . 23.21 -6.22 18.06
C23 LHG DQ . 22.28 -6.99 17.28
O10 LHG DQ . 22.16 -8.19 17.61
C24 LHG DQ . 21.62 -6.26 16.11
C11 LHG DQ . 24.60 -3.30 15.36
C12 LHG DQ . 24.09 -2.52 16.53
C13 LHG DQ . 23.74 -1.10 16.13
C14 LHG DQ . 22.70 -0.58 17.05
C15 LHG DQ . 22.78 0.89 17.23
C16 LHG DQ . 21.39 1.54 17.22
C17 LHG DQ . 21.32 2.34 15.95
C18 LHG DQ . 20.07 3.15 15.88
C19 LHG DQ . 20.18 4.39 16.70
C20 LHG DQ . 20.90 5.43 15.90
C21 LHG DQ . 20.68 6.80 16.53
C22 LHG DQ . 21.37 7.92 15.75
C25 LHG DQ . 20.85 -7.05 15.07
C26 LHG DQ . 20.61 -6.34 13.74
C27 LHG DQ . 19.63 -7.14 12.91
C28 LHG DQ . 19.57 -6.99 11.38
C29 LHG DQ . 18.84 -8.21 10.82
C30 LHG DQ . 18.29 -8.05 9.44
C31 LHG DQ . 17.44 -9.24 9.01
C32 LHG DQ . 17.11 -9.10 7.52
C33 LHG DQ . 16.07 -10.07 6.95
C34 LHG DQ . 15.65 -9.57 5.55
C35 LHG DQ . 15.38 -10.61 4.46
C36 LHG DQ . 15.28 -9.79 3.16
C37 LHG DQ . 15.17 -10.59 1.86
C38 LHG DQ . 15.06 -9.68 0.63
O6 SQD EQ . 9.06 -8.90 32.52
C44 SQD EQ . 7.81 -9.34 31.97
C45 SQD EQ . 7.75 -8.99 30.48
C46 SQD EQ . 8.81 -9.74 29.64
O47 SQD EQ . 6.41 -9.34 30.06
C7 SQD EQ . 5.90 -8.44 29.05
O49 SQD EQ . 5.82 -7.25 29.32
C8 SQD EQ . 5.45 -8.98 27.71
C9 SQD EQ . 5.92 -8.07 26.61
C10 SQD EQ . 4.92 -7.91 25.51
C11 SQD EQ . 5.51 -7.16 24.33
C12 SQD EQ . 4.97 -5.76 24.20
C13 SQD EQ . 3.79 -5.64 23.23
C14 SQD EQ . 3.53 -4.14 22.96
C15 SQD EQ . 2.65 -3.38 23.98
C16 SQD EQ . 2.83 -1.86 23.91
C17 SQD EQ . 1.55 -1.11 24.12
C18 SQD EQ . 0.94 -0.77 22.74
C19 SQD EQ . -0.52 -0.44 22.84
C20 SQD EQ . -0.68 0.84 23.68
C21 SQD EQ . -1.29 0.54 25.05
C22 SQD EQ . -1.02 1.77 25.93
O48 SQD EQ . 10.18 -9.22 29.53
C23 SQD EQ . 10.70 -8.88 28.23
O10 SQD EQ . 11.71 -9.39 27.83
C24 SQD EQ . 10.04 -7.89 27.33
C25 SQD EQ . 10.46 -8.09 25.88
C26 SQD EQ . 9.80 -6.93 25.13
C27 SQD EQ . 10.17 -6.97 23.67
C28 SQD EQ . 10.22 -5.58 23.07
C29 SQD EQ . 9.18 -5.38 22.00
C30 SQD EQ . 8.43 -4.07 22.18
C31 SQD EQ . 9.01 -2.97 21.34
C32 SQD EQ . 7.89 -2.08 20.79
C33 SQD EQ . 7.24 -2.69 19.56
C34 SQD EQ . 8.11 -2.82 18.29
C35 SQD EQ . 7.41 -3.78 17.30
C36 SQD EQ . 7.82 -3.63 15.85
C37 SQD EQ . 6.75 -4.26 14.97
C38 SQD EQ . 6.27 -5.64 15.43
C1 SQD EQ . 10.05 -9.90 32.79
C2 SQD EQ . 11.51 -9.44 33.04
O2 SQD EQ . 12.15 -8.55 32.09
C3 SQD EQ . 12.32 -10.75 33.11
O3 SQD EQ . 13.71 -10.47 33.40
C4 SQD EQ . 11.71 -11.82 34.06
O4 SQD EQ . 12.37 -13.08 33.75
C5 SQD EQ . 10.18 -11.98 33.92
C6 SQD EQ . 9.39 -12.87 34.91
O5 SQD EQ . 9.59 -10.70 33.94
S SQD EQ . 7.92 -13.44 34.28
O7 SQD EQ . 7.11 -14.14 35.26
O8 SQD EQ . 7.08 -12.22 33.55
O9 SQD EQ . 8.20 -14.40 33.24
O1 PG4 FQ . 8.28 -17.63 5.47
C1 PG4 FQ . 9.22 -18.01 6.50
C2 PG4 FQ . 9.13 -19.50 6.82
O2 PG4 FQ . 10.07 -19.77 7.87
C3 PG4 FQ . 9.84 -21.02 8.56
C4 PG4 FQ . 10.90 -21.29 9.62
O3 PG4 FQ . 11.31 -22.67 9.58
C5 PG4 FQ . 12.56 -22.92 10.20
C6 PG4 FQ . 12.66 -24.36 10.71
O4 PG4 FQ . 13.82 -24.63 11.54
C7 PG4 FQ . 15.07 -24.66 10.80
C8 PG4 FQ . 16.22 -25.37 11.54
O5 PG4 FQ . 17.09 -25.95 10.56
C1B LMT GQ . -6.45 9.36 -2.78
C2B LMT GQ . -6.16 9.05 -4.28
C3B LMT GQ . -4.66 9.25 -4.63
C4B LMT GQ . -4.20 10.66 -4.15
C5B LMT GQ . -4.61 10.99 -2.68
C6B LMT GQ . -4.31 12.46 -2.35
O1B LMT GQ . -5.85 8.40 -1.87
O2B LMT GQ . -6.65 7.72 -4.61
O3B LMT GQ . -4.36 9.03 -6.04
O4' LMT GQ . -2.78 10.81 -4.29
O5B LMT GQ . -6.01 10.68 -2.40
O6B LMT GQ . -4.76 12.78 -1.02
C1' LMT GQ . -6.81 6.05 1.45
C2' LMT GQ . -7.53 5.66 0.11
C3' LMT GQ . -6.98 6.44 -1.09
C4' LMT GQ . -6.67 7.92 -0.78
C5' LMT GQ . -5.97 8.13 0.58
C6' LMT GQ . -5.75 9.62 0.91
O1' LMT GQ . -7.49 5.49 2.59
O2' LMT GQ . -7.52 4.26 -0.26
O3' LMT GQ . -7.89 6.35 -2.21
O5' LMT GQ . -6.73 7.49 1.61
O6' LMT GQ . -4.74 9.75 1.92
C1 LMT GQ . -7.44 6.23 3.82
C2 LMT GQ . -6.31 5.77 4.70
C3 LMT GQ . -6.79 4.97 5.88
C4 LMT GQ . -5.71 4.88 6.94
C5 LMT GQ . -4.76 3.71 6.71
C6 LMT GQ . -3.63 3.75 7.71
C7 LMT GQ . -2.69 2.54 7.78
C8 LMT GQ . -1.48 2.74 8.73
C9 LMT GQ . -0.49 1.54 8.82
C10 LMT GQ . 0.76 1.70 9.74
C11 LMT GQ . 1.77 0.56 9.57
C12 LMT GQ . 3.23 0.97 9.36
C1B LMT HQ . 10.55 -21.72 29.39
C2B LMT HQ . 11.97 -21.77 29.98
C3B LMT HQ . 13.00 -22.61 29.19
C4B LMT HQ . 12.44 -24.05 28.89
C5B LMT HQ . 10.99 -23.91 28.34
C6B LMT HQ . 10.40 -25.28 28.12
O1B LMT HQ . 10.49 -20.98 28.14
O2B LMT HQ . 12.43 -20.41 30.11
O3B LMT HQ . 14.30 -22.62 29.84
O4' LMT HQ . 13.30 -24.86 27.98
O5B LMT HQ . 10.08 -23.09 29.16
O6B LMT HQ . 10.13 -25.84 29.42
C1' LMT HQ . 8.40 -18.23 25.92
C2' LMT HQ . 9.39 -17.61 26.94
C3' LMT HQ . 10.30 -18.67 27.58
C4' LMT HQ . 9.55 -19.95 27.91
C5' LMT HQ . 8.80 -20.36 26.65
C6' LMT HQ . 8.26 -21.77 26.68
O1' LMT HQ . 7.29 -17.45 25.54
O2' LMT HQ . 10.23 -16.64 26.29
O3' LMT HQ . 10.94 -18.16 28.77
O5' LMT HQ . 7.75 -19.40 26.39
O6' LMT HQ . 7.27 -21.94 25.63
C1 LMT HQ . 6.78 -17.67 24.21
C2 LMT HQ . 6.38 -16.24 23.80
C3 LMT HQ . 5.53 -16.09 22.57
C4 LMT HQ . 5.51 -14.64 22.06
C5 LMT HQ . 4.60 -14.51 20.88
C6 LMT HQ . 4.79 -13.17 20.15
C7 LMT HQ . 4.02 -13.12 18.83
C8 LMT HQ . 4.25 -11.76 18.12
C9 LMT HQ . 3.39 -11.50 16.86
C10 LMT HQ . 4.15 -10.54 15.93
C11 LMT HQ . 3.40 -9.85 14.79
C12 LMT HQ . 4.23 -8.72 14.19
C1 GOL IQ . 11.11 -12.57 28.75
O1 GOL IQ . 11.02 -12.41 27.34
C2 GOL IQ . 10.64 -13.93 29.27
O2 GOL IQ . 11.64 -14.88 28.92
C3 GOL IQ . 10.40 -13.87 30.77
O3 GOL IQ . 10.08 -15.17 31.27
C BCT JQ . -0.63 0.23 -0.01
C BCT JQ . 0.65 0.70 -0.22
O1 BCT JQ . 0.66 0.04 -0.30
O1 BCT JQ . 0.02 0.53 0.88
O2 BCT JQ . -1.46 -0.75 0.09
O2 BCT JQ . 1.78 1.04 -0.08
O3 BCT JQ . -1.15 1.54 0.19
O3 BCT JQ . 0.03 0.48 -1.46
C1 HTG KQ . -7.86 21.11 15.67
S1 HTG KQ . -7.46 21.08 17.45
C2 HTG KQ . -9.33 20.71 15.28
O2 HTG KQ . -9.54 19.33 15.67
C3 HTG KQ . -9.50 20.80 13.78
O3 HTG KQ . -10.88 20.74 13.48
C4 HTG KQ . -8.98 22.16 13.24
O4 HTG KQ . -9.15 22.23 11.84
C5 HTG KQ . -7.54 22.40 13.67
O5 HTG KQ . -7.48 22.34 15.09
C6 HTG KQ . -7.07 23.80 13.24
O6 HTG KQ . -7.84 24.85 13.85
C1' HTG KQ . -5.78 21.34 17.56
C2' HTG KQ . -5.05 20.04 17.56
C3' HTG KQ . -5.19 19.45 18.95
C4' HTG KQ . -4.11 18.40 19.17
C5' HTG KQ . -4.07 17.92 20.58
C6' HTG KQ . -5.12 16.97 20.89
C7' HTG KQ . -4.61 16.16 22.12
CA CA LQ . -24.11 59.56 16.18
C1 GOL MQ . -6.91 60.82 25.19
O1 GOL MQ . -6.05 59.79 24.66
C2 GOL MQ . -6.62 62.25 24.68
O2 GOL MQ . -6.32 63.09 25.81
C3 GOL MQ . -7.79 62.90 23.90
O3 GOL MQ . -7.63 64.32 23.63
C1 GOL NQ . -3.65 57.47 22.09
O1 GOL NQ . -3.29 57.04 20.75
C2 GOL NQ . -2.68 56.73 22.99
O2 GOL NQ . -1.49 57.52 23.17
C3 GOL NQ . -3.29 56.33 24.34
O3 GOL NQ . -3.83 55.05 24.09
C1 GOL OQ . 12.64 31.57 -15.57
O1 GOL OQ . 12.10 32.50 -14.60
C2 GOL OQ . 12.34 30.18 -15.04
O2 GOL OQ . 11.20 29.81 -15.75
C3 GOL OQ . 13.54 29.26 -15.28
O3 GOL OQ . 14.71 29.59 -14.48
C1 PGE PQ . 9.46 52.14 30.38
O1 PGE PQ . 10.83 52.57 30.29
C2 PGE PQ . 9.38 50.67 30.80
O2 PGE PQ . 8.05 50.31 31.16
C3 PGE PQ . 7.90 48.98 31.67
C4 PGE PQ . 7.92 47.98 30.51
O4 PGE PQ . 3.41 46.67 30.50
C6 PGE PQ . 4.40 47.58 31.03
C5 PGE PQ . 5.56 47.80 30.04
O3 PGE PQ . 6.76 47.16 30.52
C1 PGE QQ . 9.04 55.70 34.99
O1 PGE QQ . 10.05 54.87 34.33
C2 PGE QQ . 8.08 56.41 34.01
O2 PGE QQ . 7.54 55.55 32.99
C3 PGE QQ . 6.67 54.49 33.48
C4 PGE QQ . 7.31 53.10 33.38
O4 PGE QQ . 7.94 49.57 36.72
C6 PGE QQ . 7.65 50.93 36.33
C5 PGE QQ . 7.70 51.13 34.81
O3 PGE QQ . 6.89 52.26 34.47
C1 PGE RQ . 5.69 28.46 -17.09
O1 PGE RQ . 5.63 27.00 -16.91
C2 PGE RQ . 4.36 29.24 -17.25
O2 PGE RQ . 4.33 29.98 -18.43
C3 PGE RQ . 3.33 31.01 -18.42
C4 PGE RQ . 2.33 30.64 -19.50
O4 PGE RQ . 0.71 35.06 -20.24
C6 PGE RQ . 1.59 34.12 -19.59
C5 PGE RQ . 1.07 32.68 -19.71
O3 PGE RQ . 2.06 31.82 -20.28
C1 PGE SQ . -11.80 49.56 23.36
O1 PGE SQ . -10.50 50.20 23.50
C2 PGE SQ . -12.86 50.43 22.62
O2 PGE SQ . -14.22 50.09 22.95
C3 PGE SQ . -14.93 49.12 22.13
C4 PGE SQ . -16.08 49.70 21.28
O4 PGE SQ . -18.26 49.32 17.02
C6 PGE SQ . -17.24 49.68 17.96
C5 PGE SQ . -17.53 49.22 19.38
O3 PGE SQ . -16.29 48.91 20.05
C1 EDO TQ . -9.19 53.77 25.65
O1 EDO TQ . -9.93 52.84 24.82
C2 EDO TQ . -7.73 53.36 25.81
O2 EDO TQ . -6.98 54.26 26.67
C1 EDO UQ . -4.22 49.17 29.51
O1 EDO UQ . -5.29 49.23 28.54
C2 EDO UQ . -4.22 50.39 30.40
O2 EDO UQ . -2.88 50.63 30.86
C1 GOL VQ . 23.31 -8.29 29.36
O1 GOL VQ . 23.24 -8.60 27.94
C2 GOL VQ . 22.45 -7.04 29.72
O2 GOL VQ . 22.69 -6.06 28.78
C3 GOL VQ . 22.63 -6.36 31.09
O3 GOL VQ . 21.72 -5.19 31.33
C1 BCR WQ . 11.03 6.26 29.83
C2 BCR WQ . 12.28 6.60 30.66
C3 BCR WQ . 12.09 7.76 31.58
C4 BCR WQ . 10.97 7.57 32.55
C5 BCR WQ . 9.89 6.67 32.06
C6 BCR WQ . 9.82 6.24 30.76
C7 BCR WQ . 8.49 5.82 30.30
C8 BCR WQ . 8.19 5.21 29.15
C9 BCR WQ . 6.81 4.83 28.81
C10 BCR WQ . 6.57 4.45 27.54
C11 BCR WQ . 5.23 4.11 27.03
C33 BCR WQ . 8.88 6.30 33.15
C31 BCR WQ . 11.44 5.00 29.11
C32 BCR WQ . 10.73 7.28 28.71
C34 BCR WQ . 5.71 4.94 29.86
C12 BCR WQ . 5.09 3.76 25.74
C13 BCR WQ . 3.76 3.51 25.14
C14 BCR WQ . 3.75 3.46 23.79
C15 BCR WQ . 2.57 3.28 22.92
C16 BCR WQ . 2.69 2.95 21.60
C17 BCR WQ . 1.42 2.79 20.82
C18 BCR WQ . 1.28 2.39 19.52
C19 BCR WQ . -0.10 2.45 18.99
C20 BCR WQ . -0.43 2.37 17.68
C21 BCR WQ . -1.79 2.63 17.21
C22 BCR WQ . -2.18 2.67 15.89
C23 BCR WQ . -3.61 3.05 15.70
C24 BCR WQ . -4.09 3.35 14.51
C25 BCR WQ . -5.47 3.83 14.30
C26 BCR WQ . -6.50 3.50 15.08
C27 BCR WQ . -7.87 4.18 15.00
C28 BCR WQ . -7.77 5.39 14.14
C29 BCR WQ . -7.03 5.03 12.85
C30 BCR WQ . -5.61 4.73 13.08
C35 BCR WQ . 2.48 3.50 25.97
C36 BCR WQ . 2.45 2.10 18.69
C37 BCR WQ . -1.27 2.33 14.77
C38 BCR WQ . -6.41 2.32 15.98
C39 BCR WQ . -4.87 6.01 13.51
C40 BCR WQ . -5.03 4.14 11.78
C1B LMT XQ . -7.43 14.74 1.70
C2B LMT XQ . -7.00 15.73 0.61
C3B LMT XQ . -7.95 16.97 0.54
C4B LMT XQ . -8.90 17.20 1.73
C5B LMT XQ . -9.61 15.89 2.08
C6B LMT XQ . -11.00 15.87 1.44
O1B LMT XQ . -6.77 15.07 2.96
O2B LMT XQ . -5.60 16.08 0.78
O3B LMT XQ . -8.81 16.89 -0.62
O4' LMT XQ . -8.25 17.73 2.91
O5B LMT XQ . -8.88 14.68 1.74
O6B LMT XQ . -11.82 16.85 2.11
C1' LMT XQ . -5.06 13.05 6.25
C2' LMT XQ . -4.55 12.60 4.84
C3' LMT XQ . -4.95 13.51 3.66
C4' LMT XQ . -6.40 13.97 3.84
C5' LMT XQ . -6.78 14.36 5.29
C6' LMT XQ . -8.28 14.60 5.37
O1' LMT XQ . -4.92 11.99 7.15
O2' LMT XQ . -3.11 12.39 4.77
O3' LMT XQ . -4.72 12.78 2.41
O5' LMT XQ . -6.44 13.31 6.23
O6' LMT XQ . -8.57 15.91 5.91
C1 LMT XQ . -5.03 12.27 8.51
C2 LMT XQ . -4.24 11.21 9.26
C3 LMT XQ . -4.41 11.49 10.72
C4 LMT XQ . -3.59 10.75 11.72
C5 LMT XQ . -4.02 11.15 13.12
C6 LMT XQ . -2.94 10.82 14.16
C7 LMT XQ . -3.53 9.91 15.24
C8 LMT XQ . -2.49 9.47 16.29
C9 LMT XQ . -2.64 8.02 16.78
C10 LMT XQ . -1.70 7.05 16.08
C11 LMT XQ . -0.63 6.58 17.05
C12 LMT XQ . 0.30 5.69 16.26
C1 PGE YQ . 3.00 -1.87 20.03
O1 PGE YQ . 4.31 -1.86 20.66
C2 PGE YQ . 2.97 -2.49 18.64
O2 PGE YQ . 1.62 -2.74 18.26
C3 PGE YQ . 1.56 -3.42 16.98
C4 PGE YQ . 0.50 -2.77 16.08
O4 PGE YQ . -0.67 -1.49 11.46
C6 PGE YQ . 0.09 -2.44 12.26
C5 PGE YQ . -0.25 -2.28 13.76
O3 PGE YQ . 0.59 -3.08 14.65
O2 PGE ZQ . 4.23 8.36 23.75
C3 PGE ZQ . 4.16 7.97 22.37
C4 PGE ZQ . 3.86 9.15 21.43
O4 PGE ZQ . -0.45 9.89 20.91
C6 PGE ZQ . 0.66 9.63 20.04
C5 PGE ZQ . 1.94 10.34 20.52
O3 PGE ZQ . 2.49 9.52 21.57
C1 GOL AR . -2.68 67.07 -23.42
O1 GOL AR . -1.56 66.28 -23.15
C2 GOL AR . -2.79 68.07 -22.27
O2 GOL AR . -1.72 69.08 -22.26
C3 GOL AR . -4.16 68.68 -22.43
O3 GOL AR . -4.38 69.49 -21.28
C1 GOL BR . 2.20 68.72 -14.94
O1 GOL BR . 1.52 69.23 -13.76
C2 GOL BR . 1.31 67.79 -15.80
O2 GOL BR . 0.28 68.55 -16.40
C3 GOL BR . 0.66 66.66 -14.95
O3 GOL BR . -0.01 65.66 -15.76
C1B LMT CR . 3.67 51.30 -26.64
C2B LMT CR . 3.08 49.88 -27.01
C3B LMT CR . 4.14 48.94 -27.67
C4B LMT CR . 5.22 49.73 -28.47
C5B LMT CR . 5.95 50.89 -27.71
C6B LMT CR . 6.71 51.91 -28.65
O1B LMT CR . 3.27 51.83 -25.39
O2B LMT CR . 2.29 49.24 -25.98
O3B LMT CR . 3.48 47.92 -28.49
O4' LMT CR . 6.24 48.82 -28.99
O5B LMT CR . 5.09 51.49 -26.65
O6B LMT CR . 8.08 51.48 -28.77
C1' LMT CR . 0.27 54.34 -23.90
C2' LMT CR . 0.09 52.81 -23.61
C3' LMT CR . 1.37 52.01 -23.99
C4' LMT CR . 1.96 52.43 -25.36
C5' LMT CR . 2.00 53.96 -25.55
C6' LMT CR . 2.33 54.47 -26.95
O1' LMT CR . -0.88 55.16 -23.58
O2' LMT CR . -0.21 52.47 -22.24
O3' LMT CR . 1.20 50.58 -23.90
O5' LMT CR . 0.71 54.51 -25.27
O6' LMT CR . 1.38 54.00 -27.93
C1 LMT CR . -0.73 56.59 -23.73
C2 LMT CR . -0.23 57.19 -22.44
C3 LMT CR . -1.28 57.96 -21.65
C4 LMT CR . -0.76 58.19 -20.22
C5 LMT CR . -1.74 57.79 -19.05
C6 LMT CR . -2.83 58.82 -18.75
C7 LMT CR . -2.86 59.40 -17.32
C8 LMT CR . -2.60 60.92 -17.35
C9 LMT CR . -3.72 61.83 -16.87
C10 LMT CR . -3.13 63.25 -16.68
C11 LMT CR . -3.53 63.91 -15.37
C12 LMT CR . -4.98 64.38 -15.46
CL CL DR . 24.05 51.60 -12.76
FE HEC ER . 30.86 60.03 -0.86
CHA HEC ER . 28.59 60.74 -3.24
CHB HEC ER . 33.40 60.79 -3.05
CHC HEC ER . 33.09 59.73 1.71
CHD HEC ER . 28.30 58.91 1.21
NA HEC ER . 31.02 60.64 -2.79
C1A HEC ER . 29.93 60.88 -3.59
C2A HEC ER . 30.40 61.24 -4.92
C3A HEC ER . 31.76 61.26 -4.86
C4A HEC ER . 32.12 60.90 -3.53
CMA HEC ER . 32.77 61.57 -5.92
CAA HEC ER . 29.52 61.53 -6.11
CBA HEC ER . 29.45 60.28 -6.97
CGA HEC ER . 28.75 60.51 -8.26
O1A HEC ER . 28.40 61.64 -8.60
O2A HEC ER . 28.53 59.55 -9.05
NB HEC ER . 32.93 60.25 -0.73
C1B HEC ER . 33.73 60.55 -1.75
C2B HEC ER . 35.07 60.61 -1.22
C3B HEC ER . 35.03 60.33 0.16
C4B HEC ER . 33.60 60.11 0.43
CMB HEC ER . 36.35 60.85 -1.95
CAB HEC ER . 36.16 60.27 1.13
CBB HEC ER . 36.94 61.58 1.29
NC HEC ER . 30.71 59.45 1.10
C1C HEC ER . 31.77 59.36 1.99
C2C HEC ER . 31.30 58.68 3.13
C3C HEC ER . 29.95 58.44 3.00
C4C HEC ER . 29.57 58.97 1.70
CMC HEC ER . 32.20 58.34 4.30
CAC HEC ER . 29.03 57.76 4.00
CBC HEC ER . 28.79 58.49 5.31
ND HEC ER . 28.92 59.82 -1.00
C1D HEC ER . 28.03 59.40 -0.06
C2D HEC ER . 26.67 59.54 -0.54
C3D HEC ER . 26.75 60.04 -1.77
C4D HEC ER . 28.16 60.23 -2.03
CMD HEC ER . 25.41 59.16 0.20
CAD HEC ER . 25.60 60.43 -2.67
CBD HEC ER . 25.29 61.92 -2.28
CGD HEC ER . 24.14 62.55 -3.04
O1D HEC ER . 24.26 62.92 -4.24
O2D HEC ER . 23.06 62.76 -2.45
C1 GOL FR . 34.91 71.61 -11.09
O1 GOL FR . 35.85 72.37 -10.33
C2 GOL FR . 35.58 70.96 -12.31
O2 GOL FR . 36.55 71.85 -12.98
C3 GOL FR . 34.50 70.45 -13.29
O3 GOL FR . 35.06 69.43 -14.15
C1 GOL GR . 27.14 45.81 -2.44
O1 GOL GR . 26.53 44.89 -3.35
C2 GOL GR . 26.78 45.54 -0.99
O2 GOL GR . 27.04 46.73 -0.34
C3 GOL GR . 27.57 44.36 -0.35
O3 GOL GR . 27.02 43.82 0.93
C1 GOL HR . 52.89 61.10 -3.48
O1 GOL HR . 51.80 61.12 -2.53
C2 GOL HR . 53.17 62.48 -4.07
O2 GOL HR . 54.37 62.96 -3.48
C3 GOL HR . 52.11 63.54 -3.79
O3 GOL HR . 52.42 64.73 -4.54
C1 GOL IR . 36.85 64.57 -18.33
O1 GOL IR . 35.92 65.53 -17.81
C2 GOL IR . 36.53 64.20 -19.77
O2 GOL IR . 36.26 65.42 -20.47
C3 GOL IR . 37.77 63.59 -20.39
O3 GOL IR . 37.50 62.35 -21.00
C1 GOL JR . 28.67 73.62 7.36
O1 GOL JR . 28.54 72.98 6.08
C2 GOL JR . 29.03 72.58 8.43
O2 GOL JR . 30.45 72.39 8.53
C3 GOL JR . 28.50 73.00 9.82
O3 GOL JR . 28.88 72.06 10.85
C1 GOL KR . 75.39 23.56 32.13
O1 GOL KR . 74.88 24.44 31.10
C2 GOL KR . 74.83 23.85 33.55
O2 GOL KR . 73.77 24.83 33.58
C3 GOL KR . 74.32 22.55 34.18
O3 GOL KR . 73.73 22.79 35.47
O6 SQD LR . 72.11 -0.84 8.50
C44 SQD LR . 72.99 -0.75 7.36
C45 SQD LR . 72.38 0.24 6.39
C46 SQD LR . 73.14 0.26 5.05
O47 SQD LR . 71.01 -0.17 6.23
C7 SQD LR . 69.98 0.85 6.22
O49 SQD LR . 69.87 1.56 7.17
C8 SQD LR . 69.02 0.99 5.04
C9 SQD LR . 68.13 2.21 5.23
C10 SQD LR . 67.51 2.66 3.92
C11 SQD LR . 66.50 1.66 3.42
C12 SQD LR . 65.73 2.24 2.24
C13 SQD LR . 66.54 2.34 0.93
C14 SQD LR . 65.94 1.54 -0.25
C15 SQD LR . 65.58 2.39 -1.47
C16 SQD LR . 66.78 2.75 -2.38
C17 SQD LR . 66.40 2.83 -3.87
C18 SQD LR . 65.69 4.13 -4.23
C19 SQD LR . 64.82 4.05 -5.49
C20 SQD LR . 64.39 5.44 -5.96
C21 SQD LR . 65.16 5.96 -7.19
C22 SQD LR . 65.47 7.44 -7.07
O48 SQD LR . 73.89 1.47 4.90
C23 SQD LR . 74.41 1.98 3.61
O10 SQD LR . 75.61 1.79 3.35
C24 SQD LR . 73.58 2.76 2.59
C25 SQD LR . 72.07 2.51 2.54
C26 SQD LR . 71.36 3.52 1.63
C27 SQD LR . 70.93 4.76 2.42
C28 SQD LR . 70.90 6.07 1.61
C29 SQD LR . 69.76 6.98 2.11
C30 SQD LR . 69.92 8.46 1.72
C31 SQD LR . 68.63 9.25 1.91
C32 SQD LR . 68.86 10.69 2.36
C33 SQD LR . 67.59 11.37 2.85
C34 SQD LR . 67.67 12.89 2.81
C35 SQD LR . 67.46 13.49 1.40
C36 SQD LR . 66.11 14.19 1.24
C37 SQD LR . 65.78 14.41 -0.21
C38 SQD LR . 64.56 13.58 -0.60
C1 SQD LR . 72.33 -1.89 9.39
C2 SQD LR . 73.35 -1.49 10.46
O2 SQD LR . 74.60 -1.23 9.80
C3 SQD LR . 73.38 -2.64 11.46
O3 SQD LR . 74.49 -2.60 12.41
C4 SQD LR . 72.03 -2.69 12.20
O4 SQD LR . 71.83 -4.02 12.67
C5 SQD LR . 70.79 -2.35 11.35
C6 SQD LR . 70.04 -1.11 11.84
O5 SQD LR . 71.03 -2.22 9.92
S SQD LR . 68.79 -0.82 10.76
O7 SQD LR . 68.24 -2.09 10.39
O8 SQD LR . 67.53 0.06 11.32
O9 SQD LR . 69.25 -0.21 9.52
O1 PG4 MR . 76.65 -8.39 -0.82
C1 PG4 MR . 75.26 -8.45 -1.13
C2 PG4 MR . 75.07 -8.86 -2.60
O2 PG4 MR . 73.69 -9.21 -2.83
C3 PG4 MR . 73.25 -9.09 -4.20
C4 PG4 MR . 72.43 -7.80 -4.38
O3 PG4 MR . 71.99 -7.60 -5.73
C5 PG4 MR . 70.84 -8.37 -6.12
C6 PG4 MR . 70.43 -8.00 -7.53
O4 PG4 MR . 69.35 -8.84 -7.97
C7 PG4 MR . 68.03 -8.31 -7.71
C8 PG4 MR . 67.53 -7.37 -8.83
O5 PG4 MR . 66.15 -6.99 -8.66
C1 PGE NR . 62.63 2.55 -24.03
O1 PGE NR . 62.36 2.14 -22.68
C2 PGE NR . 61.71 3.72 -24.40
O2 PGE NR . 61.81 4.09 -25.80
C3 PGE NR . 60.89 3.34 -26.64
C4 PGE NR . 61.15 3.48 -28.14
O4 PGE NR . 62.19 3.80 -31.56
C6 PGE NR . 62.36 2.57 -30.83
C5 PGE NR . 61.02 2.19 -30.20
O3 PGE NR . 61.07 2.19 -28.77
OH2 1PE OR . 75.92 -11.66 7.48
C12 1PE OR . 76.99 -11.14 8.28
C22 1PE OR . 76.65 -11.33 9.76
OH3 1PE OR . 77.28 -10.33 10.56
C13 1PE OR . 77.38 -7.92 10.32
C23 1PE OR . 76.56 -9.10 10.81
OH4 1PE OR . 76.80 -6.68 10.79
C14 1PE OR . 78.05 -5.17 9.34
C24 1PE OR . 76.67 -5.64 9.82
OH5 1PE OR . 78.00 -3.83 8.81
C15 1PE OR . 79.27 -3.75 6.68
C25 1PE OR . 79.22 -3.40 8.18
OH6 1PE OR . 79.02 -2.58 5.88
C16 1PE OR . 77.53 -0.69 6.28
C26 1PE OR . 77.63 -2.16 5.89
OH7 1PE OR . 77.20 0.09 5.12
C1 LMG PR . 63.48 40.11 55.76
O1 LMG PR . 62.32 40.90 56.01
C2 LMG PR . 63.99 39.43 57.01
O2 LMG PR . 63.87 40.31 58.16
C3 LMG PR . 65.43 39.02 56.67
O3 LMG PR . 65.83 37.95 57.51
C4 LMG PR . 65.63 38.66 55.17
O4 LMG PR . 66.64 37.66 54.98
C5 LMG PR . 64.32 38.25 54.41
O5 LMG PR . 62.55 36.52 54.23
C6 LMG PR . 63.97 36.75 54.52
O6 LMG PR . 63.19 39.07 54.80
C7 LMG PR . 62.57 42.32 55.89
C8 LMG PR . 62.95 42.85 54.47
C9 LMG PR . 62.71 41.89 53.33
O7 LMG PR . 62.24 44.04 54.09
C10 LMG PR . 62.27 45.11 55.08
O9 LMG PR . 63.33 45.60 55.40
C11 LMG PR . 60.98 45.57 55.70
C12 LMG PR . 60.65 46.94 55.15
C13 LMG PR . 59.95 46.77 53.80
C14 LMG PR . 60.02 48.08 53.05
C15 LMG PR . 58.73 48.47 52.31
C16 LMG PR . 58.00 49.63 53.02
C17 LMG PR . 57.33 50.62 52.05
C18 LMG PR . 58.18 51.86 51.71
C19 LMG PR . 57.87 52.35 50.29
C20 LMG PR . 56.44 52.88 50.13
C21 LMG PR . 55.37 51.96 49.49
C22 LMG PR . 55.56 51.66 48.00
C23 LMG PR . 55.28 52.84 47.06
C24 LMG PR . 56.29 52.91 45.90
C25 LMG PR . 55.79 53.66 44.67
C26 LMG PR . 56.57 54.93 44.33
C27 LMG PR . 56.84 55.08 42.83
O8 LMG PR . 63.98 41.48 52.82
C28 LMG PR . 64.31 41.93 51.49
O10 LMG PR . 64.44 41.17 50.56
C29 LMG PR . 64.52 43.40 51.28
C30 LMG PR . 64.25 43.74 49.84
C31 LMG PR . 64.15 45.24 49.70
C32 LMG PR . 62.82 45.72 50.22
C33 LMG PR . 62.64 47.21 49.99
C34 LMG PR . 61.15 47.54 49.92
C35 LMG PR . 60.67 47.64 48.49
C36 LMG PR . 59.16 47.89 48.42
C37 LMG PR . 58.82 49.32 47.98
C38 LMG PR . 58.67 49.48 46.47
C39 LMG PR . 59.80 48.86 45.65
C40 LMG PR . 59.56 49.05 44.18
C41 LMG PR . 60.82 48.88 43.34
C42 LMG PR . 60.38 48.49 41.96
C43 LMG PR . 61.57 48.13 41.15
C44 LMG PR . 61.06 47.71 39.78
C45 LMG PR . 62.18 47.27 38.86
#